data_2MY1
#
_entry.id   2MY1
#
_cell.length_a   1.000
_cell.length_b   1.000
_cell.length_c   1.000
_cell.angle_alpha   90.00
_cell.angle_beta   90.00
_cell.angle_gamma   90.00
#
_symmetry.space_group_name_H-M   'P 1'
#
loop_
_entity.id
_entity.type
_entity.pdbx_description
1 polymer 'Pre-mRNA-splicing factor BUD31'
2 non-polymer 'ZINC ION'
#
_entity_poly.entity_id   1
_entity_poly.type   'polypeptide(L)'
_entity_poly.pdbx_seq_one_letter_code
;GGSPRIKTRRSKPAPDGFEKIKPTLTDFEIQLRDAQKDKSSKLAAKSNEQLWEIMQLHHQRSRYIYTLYYKRKAISKDLY
DWLIKEKYADKLLIAKWRKTGYEKLCCLRCIQKNETNNGSTCICRVPRAQLEEEARKKGTQVSFHQCVHCGCRGCASTD
;
_entity_poly.pdbx_strand_id   A
#
loop_
_chem_comp.id
_chem_comp.type
_chem_comp.name
_chem_comp.formula
ZN non-polymer 'ZINC ION' 'Zn 2'
#
# COMPACT_ATOMS: atom_id res chain seq x y z
N GLY A 1 9.37 35.61 -2.37
CA GLY A 1 9.80 34.48 -1.51
C GLY A 1 11.22 34.76 -0.98
N GLY A 2 12.25 34.30 -1.68
CA GLY A 2 13.64 34.55 -1.21
C GLY A 2 14.47 33.27 -1.38
N SER A 3 13.98 32.13 -0.93
CA SER A 3 14.75 30.86 -1.08
C SER A 3 13.96 29.85 -1.91
N PRO A 4 14.66 28.97 -2.60
CA PRO A 4 13.97 27.95 -3.44
C PRO A 4 13.32 26.88 -2.54
N ARG A 5 12.48 26.03 -3.10
CA ARG A 5 11.83 24.98 -2.27
C ARG A 5 11.72 23.67 -3.07
N ILE A 6 12.77 22.87 -3.10
CA ILE A 6 12.71 21.58 -3.87
C ILE A 6 13.68 20.55 -3.26
N LYS A 7 13.18 19.40 -2.85
CA LYS A 7 14.08 18.36 -2.25
C LYS A 7 13.58 16.96 -2.61
N THR A 8 14.06 16.38 -3.70
CA THR A 8 13.61 15.02 -4.08
C THR A 8 14.82 14.11 -4.36
N ARG A 9 14.64 12.81 -4.38
CA ARG A 9 15.78 11.89 -4.63
C ARG A 9 15.51 11.05 -5.89
N ARG A 10 16.38 11.12 -6.89
CA ARG A 10 16.18 10.33 -8.13
C ARG A 10 17.48 9.63 -8.55
N SER A 11 17.39 8.51 -9.24
CA SER A 11 18.63 7.80 -9.67
C SER A 11 18.73 7.76 -11.20
N LYS A 12 17.73 7.23 -11.87
CA LYS A 12 17.77 7.17 -13.37
C LYS A 12 16.64 8.02 -13.97
N PRO A 13 16.87 8.54 -15.16
CA PRO A 13 15.85 9.39 -15.82
C PRO A 13 14.69 8.52 -16.35
N ALA A 14 13.54 9.11 -16.57
CA ALA A 14 12.38 8.31 -17.08
C ALA A 14 12.22 8.54 -18.59
N PRO A 15 11.76 7.53 -19.29
CA PRO A 15 11.58 7.65 -20.76
C PRO A 15 10.41 8.59 -21.10
N ASP A 16 10.35 9.09 -22.32
CA ASP A 16 9.22 10.02 -22.71
C ASP A 16 7.85 9.44 -22.30
N GLY A 17 7.70 8.12 -22.30
CA GLY A 17 6.38 7.52 -21.91
C GLY A 17 5.91 8.07 -20.55
N PHE A 18 6.81 8.37 -19.64
CA PHE A 18 6.38 8.91 -18.30
C PHE A 18 5.50 10.17 -18.48
N GLU A 19 5.76 10.98 -19.50
CA GLU A 19 4.93 12.21 -19.71
C GLU A 19 3.43 11.84 -19.78
N LYS A 20 3.11 10.71 -20.37
CA LYS A 20 1.65 10.30 -20.46
C LYS A 20 1.05 10.20 -19.05
N ILE A 21 1.81 9.74 -18.07
CA ILE A 21 1.26 9.64 -16.68
C ILE A 21 2.02 10.57 -15.72
N LYS A 22 2.43 11.74 -16.18
CA LYS A 22 3.19 12.67 -15.27
C LYS A 22 2.27 13.53 -14.37
N PRO A 23 1.20 14.08 -14.93
CA PRO A 23 0.31 14.95 -14.09
C PRO A 23 -0.58 14.11 -13.15
N THR A 24 -1.03 12.95 -13.57
CA THR A 24 -1.90 12.12 -12.65
C THR A 24 -1.15 11.80 -11.35
N LEU A 25 0.11 11.42 -11.44
CA LEU A 25 0.88 11.11 -10.19
C LEU A 25 1.04 12.39 -9.36
N THR A 26 1.28 13.51 -9.98
CA THR A 26 1.42 14.80 -9.20
C THR A 26 0.15 15.06 -8.38
N ASP A 27 -1.02 14.72 -8.91
CA ASP A 27 -2.29 14.95 -8.13
C ASP A 27 -2.22 14.25 -6.76
N PHE A 28 -1.60 13.08 -6.68
CA PHE A 28 -1.51 12.37 -5.35
C PHE A 28 -0.85 13.28 -4.30
N GLU A 29 0.17 14.02 -4.69
CA GLU A 29 0.86 14.90 -3.67
C GLU A 29 -0.14 15.88 -3.04
N ILE A 30 -1.06 16.43 -3.81
CA ILE A 30 -2.05 17.38 -3.21
C ILE A 30 -2.95 16.61 -2.22
N GLN A 31 -3.36 15.41 -2.57
CA GLN A 31 -4.21 14.62 -1.61
C GLN A 31 -3.35 14.21 -0.41
N LEU A 32 -2.19 13.63 -0.66
CA LEU A 32 -1.30 13.25 0.50
C LEU A 32 -0.93 14.51 1.31
N ARG A 33 -0.76 15.64 0.65
CA ARG A 33 -0.41 16.90 1.42
C ARG A 33 -1.48 17.19 2.48
N ASP A 34 -2.74 16.94 2.18
CA ASP A 34 -3.82 17.24 3.20
C ASP A 34 -3.59 16.36 4.44
N ALA A 35 -3.45 15.06 4.26
CA ALA A 35 -3.21 14.18 5.46
C ALA A 35 -1.81 14.46 5.99
N GLN A 36 -0.83 14.63 5.12
CA GLN A 36 0.57 14.92 5.60
C GLN A 36 0.58 16.26 6.36
N LYS A 37 -0.21 17.23 5.96
CA LYS A 37 -0.21 18.54 6.69
C LYS A 37 -0.86 18.38 8.07
N ASP A 38 -1.92 17.60 8.17
CA ASP A 38 -2.58 17.42 9.52
C ASP A 38 -1.57 16.87 10.53
N LYS A 39 -0.69 15.96 10.12
CA LYS A 39 0.31 15.40 11.10
C LYS A 39 1.14 16.54 11.73
N SER A 40 1.47 17.58 10.99
CA SER A 40 2.28 18.69 11.57
C SER A 40 1.35 19.82 12.07
N SER A 41 0.28 20.12 11.36
CA SER A 41 -0.63 21.21 11.82
C SER A 41 -2.01 20.62 12.21
N LYS A 42 -2.63 21.15 13.24
CA LYS A 42 -3.97 20.61 13.68
C LYS A 42 -3.90 19.09 13.90
N LEU A 43 -3.68 18.65 15.13
CA LEU A 43 -3.61 17.19 15.40
C LEU A 43 -4.26 16.85 16.75
N ALA A 44 -5.56 17.07 16.88
CA ALA A 44 -6.24 16.76 18.18
C ALA A 44 -7.26 15.63 17.98
N ALA A 45 -8.19 15.78 17.06
CA ALA A 45 -9.21 14.71 16.84
C ALA A 45 -9.05 14.12 15.43
N LYS A 46 -9.55 12.92 15.20
CA LYS A 46 -9.44 12.30 13.83
C LYS A 46 -7.97 12.30 13.36
N SER A 47 -7.15 11.43 13.90
CA SER A 47 -5.71 11.39 13.47
C SER A 47 -5.40 10.08 12.74
N ASN A 48 -5.68 8.94 13.34
CA ASN A 48 -5.40 7.64 12.65
C ASN A 48 -6.12 7.58 11.30
N GLU A 49 -7.35 8.08 11.23
CA GLU A 49 -8.09 8.06 9.91
C GLU A 49 -7.31 8.87 8.86
N GLN A 50 -6.69 9.98 9.24
CA GLN A 50 -5.91 10.78 8.24
C GLN A 50 -4.79 9.92 7.65
N LEU A 51 -4.05 9.21 8.48
CA LEU A 51 -2.94 8.36 7.92
C LEU A 51 -3.51 7.23 7.05
N TRP A 52 -4.65 6.67 7.41
CA TRP A 52 -5.24 5.58 6.56
C TRP A 52 -5.50 6.11 5.14
N GLU A 53 -5.95 7.34 5.01
CA GLU A 53 -6.17 7.90 3.63
C GLU A 53 -4.83 7.96 2.88
N ILE A 54 -3.72 8.17 3.58
CA ILE A 54 -2.40 8.23 2.86
C ILE A 54 -2.02 6.81 2.42
N MET A 55 -1.90 5.86 3.34
CA MET A 55 -1.56 4.46 2.90
C MET A 55 -2.64 3.93 1.93
N GLN A 56 -3.88 4.39 2.04
CA GLN A 56 -4.92 3.91 1.07
C GLN A 56 -4.62 4.49 -0.32
N LEU A 57 -4.16 5.72 -0.41
CA LEU A 57 -3.83 6.31 -1.76
C LEU A 57 -2.87 5.38 -2.53
N HIS A 58 -1.98 4.69 -1.83
CA HIS A 58 -1.03 3.76 -2.55
C HIS A 58 -1.81 2.75 -3.41
N HIS A 59 -2.96 2.30 -2.95
CA HIS A 59 -3.76 1.32 -3.78
C HIS A 59 -4.11 1.97 -5.12
N GLN A 60 -4.64 3.18 -5.11
CA GLN A 60 -4.97 3.86 -6.41
C GLN A 60 -3.71 3.98 -7.28
N ARG A 61 -2.54 4.19 -6.68
CA ARG A 61 -1.29 4.29 -7.50
C ARG A 61 -1.02 2.96 -8.21
N SER A 62 -1.04 1.84 -7.49
CA SER A 62 -0.80 0.52 -8.16
C SER A 62 -1.93 0.26 -9.17
N ARG A 63 -3.15 0.58 -8.83
CA ARG A 63 -4.27 0.36 -9.83
C ARG A 63 -4.03 1.23 -11.06
N TYR A 64 -3.58 2.46 -10.89
CA TYR A 64 -3.33 3.35 -12.08
C TYR A 64 -2.23 2.73 -12.95
N ILE A 65 -1.09 2.40 -12.37
CA ILE A 65 0.01 1.78 -13.20
C ILE A 65 -0.41 0.35 -13.62
N TYR A 66 -1.08 -0.37 -12.75
CA TYR A 66 -1.52 -1.75 -13.13
C TYR A 66 -2.57 -1.66 -14.24
N THR A 67 -3.51 -0.74 -14.14
CA THR A 67 -4.56 -0.63 -15.21
C THR A 67 -3.90 -0.29 -16.55
N LEU A 68 -2.91 0.59 -16.58
CA LEU A 68 -2.29 0.94 -17.91
C LEU A 68 -1.22 -0.09 -18.35
N TYR A 69 -0.48 -0.69 -17.43
CA TYR A 69 0.57 -1.68 -17.86
C TYR A 69 -0.01 -3.10 -18.03
N TYR A 70 -1.01 -3.49 -17.26
CA TYR A 70 -1.56 -4.88 -17.41
C TYR A 70 -2.84 -4.92 -18.28
N LYS A 71 -3.54 -3.81 -18.48
CA LYS A 71 -4.78 -3.87 -19.32
C LYS A 71 -4.64 -2.92 -20.53
N ARG A 72 -4.44 -1.64 -20.31
CA ARG A 72 -4.32 -0.69 -21.47
C ARG A 72 -3.09 -1.03 -22.33
N LYS A 73 -2.03 -1.57 -21.75
CA LYS A 73 -0.81 -1.92 -22.53
C LYS A 73 -0.29 -0.66 -23.26
N ALA A 74 -0.27 0.47 -22.59
CA ALA A 74 0.24 1.71 -23.23
C ALA A 74 1.55 2.16 -22.55
N ILE A 75 2.38 1.23 -22.12
CA ILE A 75 3.66 1.60 -21.45
C ILE A 75 4.70 0.48 -21.63
N SER A 76 5.97 0.76 -21.42
CA SER A 76 7.00 -0.31 -21.60
C SER A 76 7.56 -0.74 -20.23
N LYS A 77 7.92 -2.00 -20.08
CA LYS A 77 8.47 -2.48 -18.75
C LYS A 77 9.54 -1.52 -18.20
N ASP A 78 10.30 -0.85 -19.05
CA ASP A 78 11.35 0.10 -18.53
C ASP A 78 10.66 1.22 -17.73
N LEU A 79 9.64 1.84 -18.28
CA LEU A 79 8.94 2.92 -17.50
C LEU A 79 8.20 2.27 -16.33
N TYR A 80 7.52 1.16 -16.56
CA TYR A 80 6.80 0.48 -15.44
C TYR A 80 7.83 0.07 -14.35
N ASP A 81 9.01 -0.36 -14.73
CA ASP A 81 10.03 -0.73 -13.70
C ASP A 81 10.59 0.56 -13.07
N TRP A 82 10.87 1.57 -13.87
CA TRP A 82 11.39 2.87 -13.30
C TRP A 82 10.39 3.43 -12.27
N LEU A 83 9.10 3.26 -12.50
CA LEU A 83 8.10 3.78 -11.51
C LEU A 83 8.17 2.91 -10.24
N ILE A 84 8.14 1.59 -10.38
CA ILE A 84 8.23 0.70 -9.17
C ILE A 84 9.52 1.02 -8.37
N LYS A 85 10.59 1.41 -9.03
CA LYS A 85 11.86 1.72 -8.28
C LYS A 85 11.92 3.19 -7.83
N GLU A 86 11.14 4.09 -8.40
CA GLU A 86 11.21 5.52 -7.96
C GLU A 86 10.00 5.92 -7.06
N LYS A 87 9.35 4.95 -6.42
CA LYS A 87 8.18 5.24 -5.51
C LYS A 87 6.92 5.61 -6.30
N TYR A 88 6.29 4.62 -6.90
CA TYR A 88 5.04 4.89 -7.69
C TYR A 88 3.99 3.82 -7.36
N ALA A 89 4.27 2.57 -7.67
CA ALA A 89 3.31 1.49 -7.37
C ALA A 89 4.00 0.43 -6.50
N ASP A 90 3.36 -0.71 -6.27
CA ASP A 90 4.01 -1.76 -5.42
C ASP A 90 3.94 -3.12 -6.11
N LYS A 91 5.07 -3.73 -6.39
CA LYS A 91 5.05 -5.09 -7.06
C LYS A 91 4.68 -6.17 -6.02
N LEU A 92 5.20 -6.07 -4.81
CA LEU A 92 4.85 -7.11 -3.77
C LEU A 92 3.34 -7.11 -3.52
N LEU A 93 2.71 -5.95 -3.47
CA LEU A 93 1.22 -5.91 -3.24
C LEU A 93 0.52 -6.47 -4.49
N ILE A 94 0.86 -5.98 -5.66
CA ILE A 94 0.22 -6.54 -6.90
C ILE A 94 0.50 -8.05 -6.99
N ALA A 95 1.65 -8.51 -6.51
CA ALA A 95 1.95 -9.98 -6.56
C ALA A 95 1.02 -10.72 -5.56
N LYS A 96 0.86 -10.19 -4.35
CA LYS A 96 -0.05 -10.88 -3.36
C LYS A 96 -1.47 -10.99 -3.95
N TRP A 97 -1.95 -9.99 -4.65
CA TRP A 97 -3.33 -10.10 -5.24
C TRP A 97 -3.33 -11.14 -6.37
N ARG A 98 -2.29 -11.18 -7.17
CA ARG A 98 -2.25 -12.20 -8.29
C ARG A 98 -2.12 -13.61 -7.71
N LYS A 99 -1.41 -13.78 -6.60
CA LYS A 99 -1.26 -15.16 -6.01
C LYS A 99 -2.64 -15.80 -5.78
N THR A 100 -2.68 -17.00 -5.21
CA THR A 100 -4.00 -17.65 -4.96
C THR A 100 -4.31 -17.62 -3.45
N GLY A 101 -5.51 -17.21 -3.09
CA GLY A 101 -5.86 -17.14 -1.63
C GLY A 101 -5.78 -15.69 -1.10
N TYR A 102 -5.47 -14.70 -1.95
CA TYR A 102 -5.40 -13.29 -1.44
C TYR A 102 -6.64 -12.51 -1.92
N GLU A 103 -7.82 -12.90 -1.48
CA GLU A 103 -9.05 -12.15 -1.92
C GLU A 103 -9.34 -10.99 -0.96
N LYS A 104 -9.09 -11.17 0.33
CA LYS A 104 -9.36 -10.06 1.30
C LYS A 104 -8.02 -9.48 1.80
N LEU A 105 -7.31 -8.77 0.96
CA LEU A 105 -6.00 -8.19 1.37
C LEU A 105 -6.07 -6.64 1.30
N CYS A 106 -5.61 -5.95 2.33
CA CYS A 106 -5.67 -4.45 2.29
C CYS A 106 -4.27 -3.81 2.15
N CYS A 107 -3.23 -4.34 2.78
CA CYS A 107 -1.87 -3.72 2.61
C CYS A 107 -0.79 -4.82 2.51
N LEU A 108 0.48 -4.45 2.58
CA LEU A 108 1.56 -5.49 2.50
C LEU A 108 2.03 -5.87 3.92
N ARG A 109 2.13 -4.92 4.84
CA ARG A 109 2.54 -5.27 6.23
C ARG A 109 1.29 -5.33 7.15
N CYS A 110 0.15 -5.69 6.60
CA CYS A 110 -1.11 -5.76 7.40
C CYS A 110 -1.75 -7.17 7.22
N ILE A 111 -1.01 -8.16 6.69
CA ILE A 111 -1.58 -9.53 6.46
C ILE A 111 -0.44 -10.59 6.36
N GLN A 112 0.62 -10.47 7.12
CA GLN A 112 1.74 -11.46 6.99
C GLN A 112 2.08 -12.11 8.34
N LYS A 113 2.30 -13.41 8.36
CA LYS A 113 2.65 -14.10 9.64
C LYS A 113 3.88 -15.00 9.44
N ASN A 114 4.63 -15.29 10.50
CA ASN A 114 5.82 -16.17 10.35
C ASN A 114 5.77 -17.32 11.35
N GLU A 115 6.60 -18.34 11.18
CA GLU A 115 6.58 -19.48 12.14
C GLU A 115 8.01 -19.94 12.45
N THR A 116 8.93 -19.01 12.61
CA THR A 116 10.34 -19.40 12.93
C THR A 116 10.78 -18.82 14.28
N ASN A 117 10.69 -17.51 14.46
CA ASN A 117 11.09 -16.91 15.76
C ASN A 117 9.92 -16.14 16.38
N ASN A 118 9.38 -15.16 15.68
CA ASN A 118 8.24 -14.38 16.24
C ASN A 118 7.12 -14.25 15.19
N GLY A 119 6.01 -13.62 15.53
CA GLY A 119 4.90 -13.47 14.54
C GLY A 119 4.63 -11.98 14.29
N SER A 120 4.76 -11.52 13.06
CA SER A 120 4.51 -10.09 12.76
C SER A 120 3.32 -9.94 11.80
N THR A 121 2.11 -10.10 12.29
CA THR A 121 0.92 -9.99 11.38
C THR A 121 -0.08 -8.97 11.94
N CYS A 122 -1.11 -8.65 11.20
CA CYS A 122 -2.12 -7.67 11.72
C CYS A 122 -3.40 -8.43 12.13
N ILE A 123 -4.18 -7.88 13.04
CA ILE A 123 -5.43 -8.61 13.46
C ILE A 123 -6.49 -8.60 12.34
N CYS A 124 -6.60 -7.53 11.57
CA CYS A 124 -7.64 -7.52 10.49
C CYS A 124 -7.49 -8.73 9.54
N ARG A 125 -6.27 -9.18 9.29
CA ARG A 125 -6.11 -10.39 8.40
C ARG A 125 -6.81 -11.59 9.04
N VAL A 126 -6.79 -11.71 10.35
CA VAL A 126 -7.47 -12.89 11.00
C VAL A 126 -9.00 -12.65 11.05
N PRO A 127 -9.74 -13.59 10.51
CA PRO A 127 -11.23 -13.45 10.51
C PRO A 127 -11.78 -13.48 11.94
N ARG A 128 -13.08 -13.35 12.12
CA ARG A 128 -13.66 -13.37 13.52
C ARG A 128 -13.67 -14.81 14.07
N ALA A 129 -13.94 -15.80 13.25
CA ALA A 129 -13.96 -17.22 13.78
C ALA A 129 -12.62 -17.56 14.41
N GLN A 130 -11.52 -17.16 13.79
CA GLN A 130 -10.17 -17.46 14.41
C GLN A 130 -10.00 -16.61 15.67
N LEU A 131 -10.40 -15.35 15.64
CA LEU A 131 -10.26 -14.48 16.86
C LEU A 131 -11.16 -15.04 17.98
N GLU A 132 -12.36 -15.50 17.65
CA GLU A 132 -13.26 -16.06 18.73
C GLU A 132 -12.58 -17.26 19.40
N GLU A 133 -11.91 -18.11 18.65
CA GLU A 133 -11.22 -19.29 19.29
C GLU A 133 -10.20 -18.82 20.33
N GLU A 134 -9.49 -17.73 20.06
CA GLU A 134 -8.48 -17.23 21.07
C GLU A 134 -9.17 -16.92 22.40
N ALA A 135 -10.34 -16.30 22.38
CA ALA A 135 -11.03 -15.99 23.68
C ALA A 135 -11.38 -17.30 24.41
N ARG A 136 -11.95 -18.27 23.73
CA ARG A 136 -12.28 -19.56 24.41
C ARG A 136 -11.00 -20.23 24.95
N LYS A 137 -9.90 -20.13 24.22
CA LYS A 137 -8.63 -20.77 24.71
C LYS A 137 -8.10 -20.05 25.96
N LYS A 138 -8.28 -18.74 26.06
CA LYS A 138 -7.77 -18.02 27.27
C LYS A 138 -8.91 -17.68 28.26
N GLY A 139 -10.02 -18.40 28.23
CA GLY A 139 -11.14 -18.12 29.19
C GLY A 139 -11.52 -16.63 29.16
N THR A 140 -11.67 -16.04 27.99
CA THR A 140 -12.04 -14.60 27.92
C THR A 140 -12.92 -14.34 26.68
N GLN A 141 -13.14 -13.08 26.33
CA GLN A 141 -13.99 -12.77 25.14
C GLN A 141 -13.20 -11.91 24.14
N VAL A 142 -13.76 -11.63 22.98
CA VAL A 142 -13.04 -10.80 21.97
C VAL A 142 -14.03 -10.14 20.99
N SER A 143 -13.63 -9.08 20.32
CA SER A 143 -14.56 -8.41 19.35
C SER A 143 -13.81 -7.36 18.50
N PHE A 144 -13.20 -7.76 17.41
CA PHE A 144 -12.45 -6.78 16.57
C PHE A 144 -13.32 -6.32 15.37
N HIS A 145 -12.96 -5.20 14.77
CA HIS A 145 -13.73 -4.69 13.59
C HIS A 145 -12.75 -4.13 12.56
N GLN A 146 -11.99 -3.11 12.93
CA GLN A 146 -10.98 -2.52 11.99
C GLN A 146 -9.64 -2.40 12.70
N CYS A 147 -8.53 -2.46 11.99
CA CYS A 147 -7.20 -2.36 12.68
C CYS A 147 -6.67 -0.91 12.64
N VAL A 148 -5.86 -0.54 13.60
CA VAL A 148 -5.32 0.87 13.63
C VAL A 148 -4.28 1.10 12.51
N HIS A 149 -3.59 0.06 12.05
CA HIS A 149 -2.56 0.27 10.96
C HIS A 149 -3.16 1.08 9.80
N CYS A 150 -4.21 0.58 9.17
CA CYS A 150 -4.85 1.33 8.04
C CYS A 150 -6.36 1.51 8.30
N GLY A 151 -7.11 1.91 7.28
CA GLY A 151 -8.58 2.07 7.47
C GLY A 151 -9.28 0.80 6.94
N CYS A 152 -8.94 -0.36 7.50
CA CYS A 152 -9.57 -1.63 7.02
C CYS A 152 -10.64 -2.09 8.02
N ARG A 153 -11.73 -2.67 7.53
CA ARG A 153 -12.80 -3.16 8.47
C ARG A 153 -12.64 -4.67 8.70
N GLY A 154 -11.44 -5.12 9.03
CA GLY A 154 -11.22 -6.56 9.26
C GLY A 154 -11.32 -7.33 7.93
N CYS A 155 -10.20 -7.62 7.30
CA CYS A 155 -10.25 -8.37 6.01
C CYS A 155 -9.72 -9.81 6.20
N ALA A 156 -10.49 -10.80 5.86
CA ALA A 156 -10.04 -12.21 6.03
C ALA A 156 -10.49 -13.05 4.83
N SER A 157 -9.57 -13.67 4.12
CA SER A 157 -10.00 -14.49 2.94
C SER A 157 -10.29 -15.93 3.36
N THR A 158 -9.52 -16.49 4.28
CA THR A 158 -9.79 -17.92 4.71
C THR A 158 -11.23 -18.04 5.25
N ASP A 159 -11.69 -17.08 6.00
CA ASP A 159 -13.09 -17.15 6.55
C ASP A 159 -13.68 -15.76 6.70
ZN ZN B . -4.30 -2.85 6.07
ZN ZN C . -7.04 -5.58 6.45
ZN ZN D . -4.68 -4.57 9.35
N GLY A 1 29.25 20.01 -20.99
CA GLY A 1 28.56 21.11 -20.27
C GLY A 1 29.25 21.34 -18.91
N GLY A 2 28.88 20.61 -17.89
CA GLY A 2 29.53 20.80 -16.55
C GLY A 2 28.46 21.21 -15.52
N SER A 3 28.82 21.99 -14.53
CA SER A 3 27.83 22.41 -13.50
C SER A 3 27.76 23.94 -13.42
N PRO A 4 26.93 24.54 -14.24
CA PRO A 4 26.80 26.02 -14.24
C PRO A 4 26.03 26.48 -12.98
N ARG A 5 25.00 25.77 -12.59
CA ARG A 5 24.23 26.17 -11.38
C ARG A 5 24.11 24.99 -10.40
N ILE A 6 23.53 23.90 -10.83
CA ILE A 6 23.38 22.72 -9.92
C ILE A 6 23.50 21.41 -10.72
N LYS A 7 24.03 20.37 -10.12
CA LYS A 7 24.16 19.07 -10.85
C LYS A 7 23.57 17.92 -10.02
N THR A 8 22.71 17.11 -10.61
CA THR A 8 22.11 15.97 -9.85
C THR A 8 22.31 14.65 -10.60
N ARG A 9 22.85 13.64 -9.94
CA ARG A 9 23.07 12.33 -10.63
C ARG A 9 22.66 11.17 -9.71
N ARG A 10 21.48 10.62 -9.89
CA ARG A 10 21.04 9.49 -9.01
C ARG A 10 20.22 8.47 -9.81
N SER A 11 19.11 8.91 -10.40
CA SER A 11 18.27 7.96 -11.19
C SER A 11 18.26 8.36 -12.68
N LYS A 12 17.35 7.83 -13.47
CA LYS A 12 17.31 8.20 -14.91
C LYS A 12 16.01 8.97 -15.23
N PRO A 13 16.00 9.67 -16.34
CA PRO A 13 14.80 10.44 -16.74
C PRO A 13 13.67 9.50 -17.20
N ALA A 14 12.44 9.95 -17.18
CA ALA A 14 11.31 9.08 -17.64
C ALA A 14 11.07 9.28 -19.14
N PRO A 15 10.67 8.23 -19.82
CA PRO A 15 10.42 8.32 -21.29
C PRO A 15 9.16 9.15 -21.57
N ASP A 16 9.00 9.62 -22.79
CA ASP A 16 7.79 10.45 -23.14
C ASP A 16 6.49 9.78 -22.65
N GLY A 17 6.43 8.46 -22.61
CA GLY A 17 5.19 7.77 -22.14
C GLY A 17 4.76 8.31 -20.76
N PHE A 18 5.69 8.67 -19.91
CA PHE A 18 5.30 9.21 -18.55
C PHE A 18 4.37 10.43 -18.71
N GLU A 19 4.54 11.23 -19.74
CA GLU A 19 3.64 12.43 -19.93
C GLU A 19 2.16 11.99 -19.92
N LYS A 20 1.86 10.85 -20.51
CA LYS A 20 0.42 10.39 -20.51
C LYS A 20 -0.08 10.22 -19.07
N ILE A 21 0.76 9.76 -18.17
CA ILE A 21 0.31 9.59 -16.75
C ILE A 21 1.10 10.54 -15.83
N LYS A 22 1.43 11.73 -16.30
CA LYS A 22 2.23 12.68 -15.42
C LYS A 22 1.34 13.50 -14.46
N PRO A 23 0.21 14.02 -14.93
CA PRO A 23 -0.65 14.84 -14.05
C PRO A 23 -1.45 13.96 -13.07
N THR A 24 -1.91 12.79 -13.48
CA THR A 24 -2.69 11.93 -12.53
C THR A 24 -1.82 11.57 -11.32
N LEU A 25 -0.59 11.20 -11.53
CA LEU A 25 0.29 10.85 -10.36
C LEU A 25 0.53 12.11 -9.50
N THR A 26 0.72 13.26 -10.12
CA THR A 26 0.92 14.51 -9.31
C THR A 26 -0.28 14.76 -8.38
N ASP A 27 -1.48 14.42 -8.81
CA ASP A 27 -2.69 14.63 -7.92
C ASP A 27 -2.49 13.88 -6.59
N PHE A 28 -1.89 12.71 -6.60
CA PHE A 28 -1.68 11.95 -5.32
C PHE A 28 -0.87 12.79 -4.32
N GLU A 29 0.14 13.51 -4.79
CA GLU A 29 0.97 14.33 -3.84
C GLU A 29 0.10 15.36 -3.10
N ILE A 30 -0.86 15.96 -3.78
CA ILE A 30 -1.72 16.98 -3.09
C ILE A 30 -2.58 16.27 -2.02
N GLN A 31 -3.10 15.10 -2.32
CA GLN A 31 -3.92 14.37 -1.29
C GLN A 31 -3.00 13.91 -0.16
N LEU A 32 -1.88 13.31 -0.49
CA LEU A 32 -0.92 12.87 0.60
C LEU A 32 -0.41 14.11 1.34
N ARG A 33 -0.20 15.23 0.65
CA ARG A 33 0.29 16.47 1.34
C ARG A 33 -0.68 16.86 2.47
N ASP A 34 -1.97 16.74 2.25
CA ASP A 34 -2.94 17.11 3.34
C ASP A 34 -2.73 16.19 4.55
N ALA A 35 -2.69 14.90 4.34
CA ALA A 35 -2.46 13.97 5.51
C ALA A 35 -1.04 14.19 6.05
N GLN A 36 -0.05 14.36 5.18
CA GLN A 36 1.35 14.60 5.67
C GLN A 36 1.41 15.92 6.47
N LYS A 37 0.65 16.92 6.07
CA LYS A 37 0.69 18.23 6.84
C LYS A 37 -0.25 18.16 8.05
N ASP A 38 -1.40 17.51 7.92
CA ASP A 38 -2.34 17.43 9.10
C ASP A 38 -1.64 16.77 10.29
N LYS A 39 -0.82 15.77 10.06
CA LYS A 39 -0.10 15.10 11.22
C LYS A 39 0.69 16.14 12.02
N SER A 40 1.27 17.13 11.38
CA SER A 40 2.05 18.16 12.13
C SER A 40 1.23 19.46 12.24
N SER A 41 -0.06 19.36 12.46
CA SER A 41 -0.91 20.58 12.58
C SER A 41 -2.00 20.38 13.64
N LYS A 42 -2.86 19.39 13.46
CA LYS A 42 -3.93 19.14 14.47
C LYS A 42 -3.69 17.78 15.15
N LEU A 43 -3.21 17.77 16.37
CA LEU A 43 -2.97 16.48 17.07
C LEU A 43 -3.94 16.30 18.26
N ALA A 44 -5.22 16.48 18.04
CA ALA A 44 -6.20 16.33 19.15
C ALA A 44 -7.15 15.15 18.87
N ALA A 45 -7.84 15.16 17.74
CA ALA A 45 -8.77 14.04 17.42
C ALA A 45 -8.77 13.76 15.91
N LYS A 46 -9.26 12.61 15.49
CA LYS A 46 -9.29 12.26 14.03
C LYS A 46 -7.90 12.44 13.40
N SER A 47 -6.88 11.81 13.96
CA SER A 47 -5.50 11.95 13.37
C SER A 47 -5.06 10.62 12.74
N ASN A 48 -5.14 9.52 13.46
CA ASN A 48 -4.72 8.20 12.87
C ASN A 48 -5.50 7.92 11.57
N GLU A 49 -6.76 8.30 11.51
CA GLU A 49 -7.56 8.06 10.25
C GLU A 49 -6.89 8.77 9.07
N GLN A 50 -6.38 9.97 9.26
CA GLN A 50 -5.72 10.70 8.11
C GLN A 50 -4.51 9.88 7.62
N LEU A 51 -3.72 9.32 8.52
CA LEU A 51 -2.53 8.52 8.07
C LEU A 51 -2.98 7.35 7.18
N TRP A 52 -4.09 6.71 7.48
CA TRP A 52 -4.55 5.56 6.62
C TRP A 52 -4.79 6.03 5.19
N GLU A 53 -5.29 7.23 5.00
CA GLU A 53 -5.51 7.72 3.59
C GLU A 53 -4.17 7.77 2.83
N ILE A 54 -3.06 8.00 3.51
CA ILE A 54 -1.74 8.03 2.79
C ILE A 54 -1.36 6.60 2.39
N MET A 55 -1.23 5.69 3.33
CA MET A 55 -0.88 4.28 2.93
C MET A 55 -1.99 3.71 2.02
N GLN A 56 -3.23 4.14 2.19
CA GLN A 56 -4.31 3.63 1.27
C GLN A 56 -4.09 4.17 -0.14
N LEU A 57 -3.63 5.41 -0.27
CA LEU A 57 -3.38 5.97 -1.66
C LEU A 57 -2.45 5.03 -2.45
N HIS A 58 -1.54 4.33 -1.79
CA HIS A 58 -0.63 3.38 -2.53
C HIS A 58 -1.47 2.39 -3.36
N HIS A 59 -2.59 1.92 -2.83
CA HIS A 59 -3.44 0.96 -3.63
C HIS A 59 -3.90 1.64 -4.92
N GLN A 60 -4.48 2.82 -4.82
CA GLN A 60 -4.93 3.53 -6.07
C GLN A 60 -3.72 3.75 -7.00
N ARG A 61 -2.54 4.00 -6.46
CA ARG A 61 -1.34 4.20 -7.35
C ARG A 61 -1.00 2.87 -8.06
N SER A 62 -0.89 1.78 -7.32
CA SER A 62 -0.59 0.47 -7.98
C SER A 62 -1.73 0.10 -8.93
N ARG A 63 -2.97 0.37 -8.54
CA ARG A 63 -4.12 0.04 -9.46
C ARG A 63 -4.02 0.89 -10.74
N TYR A 64 -3.64 2.16 -10.61
CA TYR A 64 -3.51 3.01 -11.84
C TYR A 64 -2.41 2.45 -12.74
N ILE A 65 -1.23 2.19 -12.22
CA ILE A 65 -0.14 1.60 -13.08
C ILE A 65 -0.51 0.15 -13.45
N TYR A 66 -1.08 -0.60 -12.53
CA TYR A 66 -1.47 -2.02 -12.87
C TYR A 66 -2.57 -1.99 -13.94
N THR A 67 -3.55 -1.12 -13.79
CA THR A 67 -4.65 -1.08 -14.81
C THR A 67 -4.09 -0.74 -16.19
N LEU A 68 -3.16 0.19 -16.30
CA LEU A 68 -2.62 0.55 -17.66
C LEU A 68 -1.51 -0.41 -18.12
N TYR A 69 -0.70 -0.95 -17.24
CA TYR A 69 0.39 -1.88 -17.70
C TYR A 69 -0.10 -3.33 -17.81
N TYR A 70 -1.02 -3.76 -16.98
CA TYR A 70 -1.48 -5.19 -17.06
C TYR A 70 -2.81 -5.34 -17.85
N LYS A 71 -3.56 -4.28 -18.09
CA LYS A 71 -4.84 -4.43 -18.86
C LYS A 71 -4.85 -3.49 -20.08
N ARG A 72 -4.75 -2.20 -19.88
CA ARG A 72 -4.77 -1.25 -21.06
C ARG A 72 -3.58 -1.51 -22.00
N LYS A 73 -2.46 -1.97 -21.47
CA LYS A 73 -1.27 -2.22 -22.36
C LYS A 73 -0.87 -0.94 -23.09
N ALA A 74 -0.88 0.19 -22.42
CA ALA A 74 -0.50 1.47 -23.09
C ALA A 74 0.81 2.00 -22.47
N ILE A 75 1.73 1.13 -22.11
CA ILE A 75 3.01 1.60 -21.50
C ILE A 75 4.13 0.55 -21.74
N SER A 76 5.38 0.92 -21.60
CA SER A 76 6.48 -0.07 -21.83
C SER A 76 7.14 -0.42 -20.49
N LYS A 77 7.61 -1.65 -20.33
CA LYS A 77 8.28 -2.07 -19.04
C LYS A 77 9.28 -1.01 -18.55
N ASP A 78 9.94 -0.29 -19.45
CA ASP A 78 10.92 0.76 -18.98
C ASP A 78 10.17 1.83 -18.17
N LEU A 79 9.09 2.37 -18.70
CA LEU A 79 8.32 3.40 -17.91
C LEU A 79 7.71 2.71 -16.68
N TYR A 80 7.12 1.53 -16.86
CA TYR A 80 6.52 0.81 -15.68
C TYR A 80 7.63 0.52 -14.64
N ASP A 81 8.83 0.18 -15.08
CA ASP A 81 9.93 -0.08 -14.09
C ASP A 81 10.43 1.26 -13.53
N TRP A 82 10.56 2.26 -14.37
CA TRP A 82 11.02 3.61 -13.86
C TRP A 82 10.03 4.12 -12.80
N LEU A 83 8.74 3.90 -12.99
CA LEU A 83 7.74 4.36 -11.96
C LEU A 83 7.96 3.57 -10.66
N ILE A 84 7.93 2.25 -10.74
CA ILE A 84 8.12 1.43 -9.48
C ILE A 84 9.46 1.81 -8.79
N LYS A 85 10.46 2.27 -9.54
CA LYS A 85 11.76 2.65 -8.89
C LYS A 85 11.76 4.12 -8.42
N GLU A 86 10.87 4.96 -8.93
CA GLU A 86 10.87 6.40 -8.48
C GLU A 86 9.72 6.68 -7.48
N LYS A 87 9.21 5.67 -6.79
CA LYS A 87 8.09 5.84 -5.79
C LYS A 87 6.73 6.02 -6.48
N TYR A 88 6.22 4.97 -7.09
CA TYR A 88 4.89 5.06 -7.76
C TYR A 88 4.03 3.86 -7.35
N ALA A 89 4.47 2.66 -7.68
CA ALA A 89 3.70 1.44 -7.29
C ALA A 89 4.65 0.41 -6.66
N ASP A 90 4.12 -0.61 -6.02
CA ASP A 90 5.02 -1.63 -5.38
C ASP A 90 4.77 -3.02 -5.99
N LYS A 91 5.78 -3.63 -6.56
CA LYS A 91 5.58 -5.01 -7.16
C LYS A 91 5.32 -6.03 -6.04
N LEU A 92 5.94 -5.89 -4.88
CA LEU A 92 5.69 -6.89 -3.78
C LEU A 92 4.20 -6.92 -3.42
N LEU A 93 3.54 -5.78 -3.37
CA LEU A 93 2.08 -5.78 -3.05
C LEU A 93 1.31 -6.39 -4.23
N ILE A 94 1.55 -5.91 -5.44
CA ILE A 94 0.85 -6.50 -6.63
C ILE A 94 1.19 -8.01 -6.71
N ALA A 95 2.40 -8.39 -6.34
CA ALA A 95 2.74 -9.87 -6.36
C ALA A 95 1.91 -10.60 -5.30
N LYS A 96 1.71 -10.00 -4.13
CA LYS A 96 0.88 -10.69 -3.07
C LYS A 96 -0.51 -10.99 -3.64
N TRP A 97 -1.11 -10.04 -4.32
CA TRP A 97 -2.48 -10.29 -4.90
C TRP A 97 -2.41 -11.41 -5.96
N ARG A 98 -1.32 -11.49 -6.71
CA ARG A 98 -1.21 -12.59 -7.75
C ARG A 98 -0.81 -13.92 -7.09
N LYS A 99 -0.04 -13.89 -6.02
CA LYS A 99 0.36 -15.19 -5.35
C LYS A 99 -0.88 -16.03 -4.99
N THR A 100 -0.69 -17.16 -4.35
CA THR A 100 -1.86 -18.01 -3.97
C THR A 100 -2.17 -17.83 -2.47
N GLY A 101 -3.42 -17.67 -2.11
CA GLY A 101 -3.78 -17.48 -0.67
C GLY A 101 -3.91 -15.97 -0.32
N TYR A 102 -3.95 -15.08 -1.31
CA TYR A 102 -4.08 -13.63 -1.00
C TYR A 102 -5.36 -13.07 -1.65
N GLU A 103 -6.52 -13.42 -1.13
CA GLU A 103 -7.79 -12.91 -1.73
C GLU A 103 -8.31 -11.68 -0.96
N LYS A 104 -8.13 -11.62 0.35
CA LYS A 104 -8.64 -10.45 1.11
C LYS A 104 -7.51 -9.78 1.92
N LEU A 105 -6.50 -9.25 1.26
CA LEU A 105 -5.40 -8.58 2.02
C LEU A 105 -5.44 -7.06 1.76
N CYS A 106 -4.95 -6.25 2.69
CA CYS A 106 -5.00 -4.77 2.46
C CYS A 106 -3.60 -4.13 2.30
N CYS A 107 -2.54 -4.66 2.91
CA CYS A 107 -1.19 -4.02 2.72
C CYS A 107 -0.09 -5.11 2.67
N LEU A 108 1.17 -4.73 2.74
CA LEU A 108 2.27 -5.75 2.72
C LEU A 108 2.70 -6.08 4.16
N ARG A 109 2.75 -5.10 5.05
CA ARG A 109 3.13 -5.39 6.47
C ARG A 109 1.87 -5.41 7.36
N CYS A 110 0.73 -5.79 6.82
CA CYS A 110 -0.54 -5.83 7.60
C CYS A 110 -1.19 -7.24 7.43
N ILE A 111 -0.43 -8.24 6.97
CA ILE A 111 -1.00 -9.62 6.76
C ILE A 111 0.12 -10.67 6.77
N GLN A 112 1.12 -10.53 7.62
CA GLN A 112 2.24 -11.54 7.63
C GLN A 112 2.04 -12.57 8.74
N LYS A 113 1.62 -13.78 8.39
CA LYS A 113 1.41 -14.83 9.44
C LYS A 113 2.53 -15.89 9.35
N ASN A 114 2.81 -16.42 8.18
CA ASN A 114 3.88 -17.45 8.06
C ASN A 114 5.07 -16.89 7.28
N GLU A 115 6.03 -17.72 6.91
CA GLU A 115 7.21 -17.24 6.14
C GLU A 115 7.88 -16.05 6.85
N THR A 116 8.19 -16.19 8.13
CA THR A 116 8.84 -15.07 8.88
C THR A 116 9.88 -15.62 9.87
N ASN A 117 10.69 -14.77 10.45
CA ASN A 117 11.72 -15.26 11.42
C ASN A 117 11.45 -14.67 12.82
N ASN A 118 11.50 -13.36 12.96
CA ASN A 118 11.24 -12.74 14.29
C ASN A 118 10.27 -11.56 14.14
N GLY A 119 9.16 -11.75 13.48
CA GLY A 119 8.18 -10.63 13.30
C GLY A 119 6.78 -11.09 13.76
N SER A 120 5.74 -10.40 13.36
CA SER A 120 4.36 -10.81 13.78
C SER A 120 3.35 -10.51 12.67
N THR A 121 2.07 -10.74 12.91
CA THR A 121 1.04 -10.46 11.87
C THR A 121 0.09 -9.36 12.33
N CYS A 122 -0.76 -8.86 11.47
CA CYS A 122 -1.72 -7.79 11.90
C CYS A 122 -3.05 -8.47 12.32
N ILE A 123 -3.82 -7.85 13.18
CA ILE A 123 -5.11 -8.50 13.62
C ILE A 123 -6.19 -8.42 12.52
N CYS A 124 -6.19 -7.40 11.69
CA CYS A 124 -7.27 -7.32 10.63
C CYS A 124 -7.21 -8.56 9.71
N ARG A 125 -6.03 -9.08 9.41
CA ARG A 125 -5.96 -10.32 8.54
C ARG A 125 -6.79 -11.45 9.16
N VAL A 126 -6.88 -11.51 10.48
CA VAL A 126 -7.69 -12.60 11.12
C VAL A 126 -9.18 -12.23 11.13
N PRO A 127 -10.01 -13.09 10.57
CA PRO A 127 -11.48 -12.80 10.54
C PRO A 127 -12.07 -12.82 11.96
N ARG A 128 -13.35 -12.50 12.11
CA ARG A 128 -13.96 -12.50 13.49
C ARG A 128 -14.20 -13.95 13.96
N ALA A 129 -14.61 -14.83 13.06
CA ALA A 129 -14.86 -16.26 13.50
C ALA A 129 -13.57 -16.85 14.12
N GLN A 130 -12.42 -16.56 13.55
CA GLN A 130 -11.15 -17.11 14.14
C GLN A 130 -10.89 -16.45 15.50
N LEU A 131 -11.10 -15.16 15.61
CA LEU A 131 -10.88 -14.48 16.93
C LEU A 131 -11.90 -15.01 17.96
N GLU A 132 -13.14 -15.22 17.54
CA GLU A 132 -14.17 -15.76 18.51
C GLU A 132 -13.71 -17.11 19.08
N GLU A 133 -13.09 -17.95 18.29
CA GLU A 133 -12.63 -19.28 18.82
C GLU A 133 -11.66 -19.08 20.00
N GLU A 134 -10.79 -18.09 19.92
CA GLU A 134 -9.84 -17.86 21.06
C GLU A 134 -10.62 -17.50 22.34
N ALA A 135 -11.58 -16.61 22.25
CA ALA A 135 -12.38 -16.24 23.48
C ALA A 135 -13.07 -17.48 24.06
N ARG A 136 -13.58 -18.37 23.21
CA ARG A 136 -14.26 -19.60 23.75
C ARG A 136 -13.23 -20.51 24.44
N LYS A 137 -12.04 -20.64 23.90
CA LYS A 137 -11.01 -21.53 24.55
C LYS A 137 -10.48 -20.88 25.84
N LYS A 138 -10.36 -19.56 25.88
CA LYS A 138 -9.85 -18.91 27.13
C LYS A 138 -11.00 -18.58 28.12
N GLY A 139 -12.23 -18.52 27.66
CA GLY A 139 -13.35 -18.19 28.58
C GLY A 139 -13.56 -16.67 28.63
N THR A 140 -13.33 -15.96 27.53
CA THR A 140 -13.51 -14.48 27.54
C THR A 140 -14.31 -14.06 26.30
N GLN A 141 -14.26 -12.79 25.91
CA GLN A 141 -15.01 -12.35 24.71
C GLN A 141 -14.12 -11.47 23.81
N VAL A 142 -14.28 -11.57 22.51
CA VAL A 142 -13.43 -10.73 21.59
C VAL A 142 -14.31 -10.04 20.54
N SER A 143 -13.81 -8.99 19.92
CA SER A 143 -14.63 -8.27 18.89
C SER A 143 -13.76 -7.25 18.11
N PHE A 144 -13.23 -7.63 16.96
CA PHE A 144 -12.38 -6.70 16.17
C PHE A 144 -13.20 -6.04 15.03
N HIS A 145 -12.73 -4.93 14.53
CA HIS A 145 -13.44 -4.25 13.40
C HIS A 145 -12.40 -3.74 12.40
N GLN A 146 -11.51 -2.86 12.83
CA GLN A 146 -10.45 -2.33 11.92
C GLN A 146 -9.12 -2.25 12.69
N CYS A 147 -7.99 -2.39 12.03
CA CYS A 147 -6.68 -2.33 12.77
C CYS A 147 -6.11 -0.89 12.75
N VAL A 148 -5.31 -0.54 13.73
CA VAL A 148 -4.74 0.86 13.76
C VAL A 148 -3.63 1.04 12.70
N HIS A 149 -2.99 -0.02 12.24
CA HIS A 149 -1.90 0.15 11.20
C HIS A 149 -2.43 1.00 10.02
N CYS A 150 -3.43 0.53 9.32
CA CYS A 150 -3.99 1.32 8.17
C CYS A 150 -5.50 1.55 8.37
N GLY A 151 -6.20 1.94 7.33
CA GLY A 151 -7.67 2.15 7.44
C GLY A 151 -8.38 0.91 6.88
N CYS A 152 -8.19 -0.23 7.49
CA CYS A 152 -8.84 -1.49 6.97
C CYS A 152 -10.08 -1.81 7.81
N ARG A 153 -11.14 -2.30 7.20
CA ARG A 153 -12.37 -2.64 7.99
C ARG A 153 -12.43 -4.15 8.22
N GLY A 154 -11.31 -4.77 8.57
CA GLY A 154 -11.31 -6.24 8.80
C GLY A 154 -11.24 -6.99 7.46
N CYS A 155 -10.06 -7.37 7.03
CA CYS A 155 -9.94 -8.11 5.74
C CYS A 155 -9.58 -9.59 6.00
N ALA A 156 -10.39 -10.52 5.51
CA ALA A 156 -10.12 -11.96 5.75
C ALA A 156 -10.49 -12.78 4.50
N SER A 157 -9.71 -13.79 4.15
CA SER A 157 -10.04 -14.61 2.95
C SER A 157 -10.63 -15.96 3.39
N THR A 158 -11.50 -15.96 4.38
CA THR A 158 -12.11 -17.24 4.86
C THR A 158 -13.41 -16.96 5.62
N ASP A 159 -13.37 -16.14 6.65
CA ASP A 159 -14.61 -15.85 7.42
C ASP A 159 -14.90 -14.34 7.41
ZN ZN B . -3.64 -2.90 6.16
ZN ZN C . -6.54 -5.57 6.60
ZN ZN D . -4.12 -4.58 9.48
N GLY A 1 32.35 11.31 0.22
CA GLY A 1 33.84 11.42 0.22
C GLY A 1 34.46 10.04 0.43
N GLY A 2 35.64 9.80 -0.11
CA GLY A 2 36.29 8.46 0.06
C GLY A 2 36.82 7.97 -1.30
N SER A 3 36.50 6.75 -1.67
CA SER A 3 36.98 6.22 -2.98
C SER A 3 35.82 5.57 -3.75
N PRO A 4 36.02 5.36 -5.04
CA PRO A 4 34.96 4.74 -5.88
C PRO A 4 34.82 3.24 -5.54
N ARG A 5 33.75 2.61 -5.95
CA ARG A 5 33.57 1.16 -5.65
C ARG A 5 32.94 0.45 -6.86
N ILE A 6 32.82 -0.88 -6.81
CA ILE A 6 32.22 -1.62 -7.95
C ILE A 6 30.91 -2.29 -7.50
N LYS A 7 29.79 -1.61 -7.62
CA LYS A 7 28.49 -2.23 -7.21
C LYS A 7 27.42 -2.00 -8.29
N THR A 8 26.16 -2.18 -7.96
CA THR A 8 25.08 -1.95 -8.99
C THR A 8 24.23 -0.73 -8.60
N ARG A 9 24.61 0.46 -9.03
CA ARG A 9 23.81 1.66 -8.68
C ARG A 9 23.75 2.61 -9.88
N ARG A 10 22.70 2.53 -10.67
CA ARG A 10 22.59 3.44 -11.86
C ARG A 10 21.19 4.06 -11.94
N SER A 11 21.08 5.29 -12.40
CA SER A 11 19.73 5.93 -12.50
C SER A 11 19.49 6.43 -13.92
N LYS A 12 18.25 6.54 -14.34
CA LYS A 12 17.96 7.02 -15.73
C LYS A 12 16.68 7.87 -15.76
N PRO A 13 16.58 8.75 -16.74
CA PRO A 13 15.38 9.61 -16.86
C PRO A 13 14.17 8.79 -17.33
N ALA A 14 12.97 9.29 -17.13
CA ALA A 14 11.75 8.53 -17.57
C ALA A 14 11.55 8.72 -19.09
N PRO A 15 11.06 7.69 -19.75
CA PRO A 15 10.83 7.77 -21.22
C PRO A 15 9.64 8.69 -21.53
N ASP A 16 9.54 9.15 -22.77
CA ASP A 16 8.39 10.06 -23.14
C ASP A 16 7.03 9.48 -22.68
N GLY A 17 6.89 8.17 -22.64
CA GLY A 17 5.60 7.55 -22.19
C GLY A 17 5.18 8.13 -20.82
N PHE A 18 6.12 8.44 -19.94
CA PHE A 18 5.73 9.01 -18.60
C PHE A 18 4.86 10.26 -18.77
N GLU A 19 5.06 11.03 -19.82
CA GLU A 19 4.20 12.26 -20.03
C GLU A 19 2.71 11.88 -20.02
N LYS A 20 2.35 10.76 -20.61
CA LYS A 20 0.91 10.34 -20.62
C LYS A 20 0.38 10.21 -19.18
N ILE A 21 1.21 9.72 -18.26
CA ILE A 21 0.75 9.59 -16.85
C ILE A 21 1.56 10.52 -15.93
N LYS A 22 1.94 11.70 -16.41
CA LYS A 22 2.76 12.64 -15.55
C LYS A 22 1.89 13.52 -14.61
N PRO A 23 0.79 14.07 -15.11
CA PRO A 23 -0.04 14.96 -14.26
C PRO A 23 -0.87 14.14 -13.24
N THR A 24 -1.37 12.98 -13.61
CA THR A 24 -2.18 12.18 -12.62
C THR A 24 -1.33 11.84 -11.39
N LEU A 25 -0.10 11.43 -11.58
CA LEU A 25 0.77 11.11 -10.39
C LEU A 25 1.01 12.37 -9.56
N THR A 26 1.20 13.52 -10.20
CA THR A 26 1.42 14.78 -9.40
C THR A 26 0.21 15.05 -8.48
N ASP A 27 -1.00 14.76 -8.94
CA ASP A 27 -2.20 15.01 -8.06
C ASP A 27 -2.06 14.23 -6.73
N PHE A 28 -1.49 13.05 -6.76
CA PHE A 28 -1.34 12.27 -5.47
C PHE A 28 -0.54 13.08 -4.44
N GLU A 29 0.48 13.80 -4.87
CA GLU A 29 1.29 14.59 -3.88
C GLU A 29 0.44 15.68 -3.19
N ILE A 30 -0.66 16.12 -3.77
CA ILE A 30 -1.47 17.18 -3.10
C ILE A 30 -2.39 16.53 -2.02
N GLN A 31 -2.87 15.33 -2.24
CA GLN A 31 -3.72 14.68 -1.19
C GLN A 31 -2.82 14.06 -0.10
N LEU A 32 -1.66 13.53 -0.47
CA LEU A 32 -0.76 12.94 0.57
C LEU A 32 -0.06 14.07 1.36
N ARG A 33 0.23 15.20 0.73
CA ARG A 33 0.90 16.31 1.50
C ARG A 33 -0.08 16.88 2.56
N ASP A 34 -1.36 16.95 2.26
CA ASP A 34 -2.33 17.50 3.27
C ASP A 34 -2.43 16.53 4.46
N ALA A 35 -2.47 15.24 4.21
CA ALA A 35 -2.55 14.27 5.35
C ALA A 35 -1.25 14.31 6.16
N GLN A 36 -0.11 14.35 5.49
CA GLN A 36 1.19 14.40 6.25
C GLN A 36 1.25 15.69 7.07
N LYS A 37 0.77 16.80 6.55
CA LYS A 37 0.82 18.09 7.35
C LYS A 37 -0.02 17.95 8.63
N ASP A 38 -1.14 17.26 8.58
CA ASP A 38 -1.99 17.11 9.83
C ASP A 38 -1.16 16.46 10.95
N LYS A 39 -0.35 15.46 10.63
CA LYS A 39 0.46 14.79 11.71
C LYS A 39 1.38 15.82 12.41
N SER A 40 1.88 16.81 11.69
CA SER A 40 2.77 17.83 12.34
C SER A 40 2.00 19.09 12.76
N SER A 41 0.95 19.45 12.06
CA SER A 41 0.18 20.69 12.45
C SER A 41 -1.05 20.31 13.29
N LYS A 42 -1.81 19.33 12.87
CA LYS A 42 -3.02 18.93 13.66
C LYS A 42 -2.84 17.51 14.22
N LEU A 43 -2.29 17.37 15.41
CA LEU A 43 -2.10 16.01 15.99
C LEU A 43 -2.93 15.87 17.28
N ALA A 44 -4.23 16.04 17.20
CA ALA A 44 -5.09 15.91 18.42
C ALA A 44 -6.34 15.08 18.10
N ALA A 45 -7.19 15.55 17.21
CA ALA A 45 -8.43 14.78 16.87
C ALA A 45 -8.39 14.36 15.39
N LYS A 46 -9.00 13.25 15.05
CA LYS A 46 -9.01 12.78 13.61
C LYS A 46 -7.56 12.74 13.06
N SER A 47 -6.67 12.02 13.72
CA SER A 47 -5.27 11.94 13.21
C SER A 47 -5.01 10.57 12.57
N ASN A 48 -5.31 9.49 13.27
CA ASN A 48 -5.08 8.12 12.67
C ASN A 48 -5.87 7.99 11.36
N GLU A 49 -7.08 8.51 11.30
CA GLU A 49 -7.88 8.40 10.03
C GLU A 49 -7.13 9.10 8.88
N GLN A 50 -6.48 10.22 9.14
CA GLN A 50 -5.73 10.92 8.03
C GLN A 50 -4.66 9.98 7.45
N LEU A 51 -3.94 9.26 8.29
CA LEU A 51 -2.90 8.33 7.75
C LEU A 51 -3.53 7.30 6.81
N TRP A 52 -4.73 6.83 7.12
CA TRP A 52 -5.39 5.82 6.22
C TRP A 52 -5.59 6.44 4.82
N GLU A 53 -5.88 7.72 4.73
CA GLU A 53 -6.04 8.34 3.37
C GLU A 53 -4.69 8.30 2.63
N ILE A 54 -3.57 8.41 3.34
CA ILE A 54 -2.24 8.37 2.63
C ILE A 54 -1.97 6.93 2.16
N MET A 55 -2.01 5.95 3.04
CA MET A 55 -1.76 4.54 2.57
C MET A 55 -2.84 4.16 1.52
N GLN A 56 -4.05 4.67 1.63
CA GLN A 56 -5.10 4.33 0.60
C GLN A 56 -4.63 4.82 -0.77
N LEU A 57 -4.04 6.00 -0.84
CA LEU A 57 -3.53 6.51 -2.18
C LEU A 57 -2.59 5.47 -2.80
N HIS A 58 -1.83 4.74 -1.99
CA HIS A 58 -0.90 3.70 -2.57
C HIS A 58 -1.71 2.71 -3.42
N HIS A 59 -2.89 2.32 -2.97
CA HIS A 59 -3.72 1.36 -3.79
C HIS A 59 -4.05 2.01 -5.13
N GLN A 60 -4.54 3.23 -5.13
CA GLN A 60 -4.86 3.93 -6.43
C GLN A 60 -3.57 4.05 -7.26
N ARG A 61 -2.44 4.33 -6.63
CA ARG A 61 -1.16 4.44 -7.42
C ARG A 61 -0.84 3.08 -8.05
N SER A 62 -0.88 2.01 -7.27
CA SER A 62 -0.59 0.67 -7.86
C SER A 62 -1.71 0.31 -8.85
N ARG A 63 -2.95 0.61 -8.53
CA ARG A 63 -4.06 0.28 -9.49
C ARG A 63 -3.88 1.12 -10.77
N TYR A 64 -3.43 2.36 -10.66
CA TYR A 64 -3.24 3.20 -11.90
C TYR A 64 -2.19 2.52 -12.81
N ILE A 65 -1.05 2.14 -12.27
CA ILE A 65 -0.02 1.46 -13.13
C ILE A 65 -0.47 0.00 -13.39
N TYR A 66 -0.96 -0.68 -12.37
CA TYR A 66 -1.43 -2.09 -12.56
C TYR A 66 -2.54 -2.14 -13.63
N THR A 67 -3.30 -1.07 -13.81
CA THR A 67 -4.39 -1.10 -14.84
C THR A 67 -3.84 -0.69 -16.22
N LEU A 68 -2.88 0.22 -16.28
CA LEU A 68 -2.36 0.64 -17.63
C LEU A 68 -1.28 -0.34 -18.16
N TYR A 69 -0.46 -0.93 -17.31
CA TYR A 69 0.61 -1.87 -17.82
C TYR A 69 0.07 -3.31 -17.97
N TYR A 70 -0.79 -3.77 -17.09
CA TYR A 70 -1.29 -5.19 -17.20
C TYR A 70 -2.64 -5.29 -17.94
N LYS A 71 -3.42 -4.23 -18.02
CA LYS A 71 -4.74 -4.34 -18.74
C LYS A 71 -4.80 -3.38 -19.94
N ARG A 72 -4.63 -2.09 -19.73
CA ARG A 72 -4.69 -1.14 -20.90
C ARG A 72 -3.54 -1.41 -21.88
N LYS A 73 -2.39 -1.87 -21.41
CA LYS A 73 -1.24 -2.14 -22.32
C LYS A 73 -0.84 -0.86 -23.06
N ALA A 74 -0.77 0.25 -22.36
CA ALA A 74 -0.37 1.53 -23.02
C ALA A 74 0.96 2.03 -22.43
N ILE A 75 1.88 1.13 -22.13
CA ILE A 75 3.19 1.56 -21.55
C ILE A 75 4.28 0.50 -21.83
N SER A 76 5.54 0.84 -21.70
CA SER A 76 6.61 -0.16 -21.96
C SER A 76 7.28 -0.57 -20.64
N LYS A 77 7.72 -1.81 -20.53
CA LYS A 77 8.39 -2.27 -19.25
C LYS A 77 9.42 -1.25 -18.73
N ASP A 78 10.09 -0.52 -19.61
CA ASP A 78 11.09 0.50 -19.13
C ASP A 78 10.36 1.56 -18.28
N LEU A 79 9.28 2.12 -18.77
CA LEU A 79 8.54 3.13 -17.95
C LEU A 79 7.93 2.43 -16.73
N TYR A 80 7.33 1.27 -16.93
CA TYR A 80 6.73 0.54 -15.75
C TYR A 80 7.84 0.20 -14.74
N ASP A 81 9.03 -0.16 -15.21
CA ASP A 81 10.14 -0.47 -14.24
C ASP A 81 10.66 0.85 -13.64
N TRP A 82 10.82 1.88 -14.45
CA TRP A 82 11.31 3.20 -13.92
C TRP A 82 10.35 3.70 -12.82
N LEU A 83 9.05 3.48 -12.98
CA LEU A 83 8.09 3.95 -11.92
C LEU A 83 8.29 3.09 -10.66
N ILE A 84 8.33 1.77 -10.80
CA ILE A 84 8.54 0.91 -9.59
C ILE A 84 9.86 1.29 -8.88
N LYS A 85 10.86 1.76 -9.60
CA LYS A 85 12.15 2.14 -8.93
C LYS A 85 12.13 3.60 -8.44
N GLU A 86 11.29 4.47 -8.98
CA GLU A 86 11.27 5.89 -8.51
C GLU A 86 10.09 6.15 -7.53
N LYS A 87 9.54 5.13 -6.90
CA LYS A 87 8.40 5.30 -5.92
C LYS A 87 7.09 5.61 -6.65
N TYR A 88 6.45 4.61 -7.19
CA TYR A 88 5.15 4.84 -7.91
C TYR A 88 4.15 3.73 -7.53
N ALA A 89 4.44 2.50 -7.90
CA ALA A 89 3.51 1.38 -7.55
C ALA A 89 4.22 0.42 -6.59
N ASP A 90 3.52 -0.56 -6.05
CA ASP A 90 4.19 -1.51 -5.11
C ASP A 90 4.17 -2.93 -5.70
N LYS A 91 5.30 -3.41 -6.20
CA LYS A 91 5.32 -4.81 -6.77
C LYS A 91 4.93 -5.82 -5.68
N LEU A 92 5.38 -5.63 -4.45
CA LEU A 92 5.02 -6.61 -3.37
C LEU A 92 3.50 -6.63 -3.17
N LEU A 93 2.83 -5.49 -3.23
CA LEU A 93 1.34 -5.50 -3.06
C LEU A 93 0.70 -6.12 -4.31
N ILE A 94 1.09 -5.69 -5.49
CA ILE A 94 0.51 -6.31 -6.73
C ILE A 94 0.90 -7.81 -6.77
N ALA A 95 2.06 -8.18 -6.24
CA ALA A 95 2.44 -9.63 -6.24
C ALA A 95 1.57 -10.39 -5.22
N LYS A 96 1.35 -9.81 -4.05
CA LYS A 96 0.48 -10.52 -3.04
C LYS A 96 -0.93 -10.74 -3.60
N TRP A 97 -1.47 -9.77 -4.32
CA TRP A 97 -2.86 -9.98 -4.89
C TRP A 97 -2.83 -11.09 -5.95
N ARG A 98 -1.79 -11.16 -6.75
CA ARG A 98 -1.71 -12.24 -7.79
C ARG A 98 -1.41 -13.60 -7.13
N LYS A 99 -0.60 -13.62 -6.08
CA LYS A 99 -0.27 -14.93 -5.41
C LYS A 99 -1.56 -15.68 -5.02
N THR A 100 -1.45 -16.84 -4.39
CA THR A 100 -2.67 -17.59 -3.99
C THR A 100 -2.84 -17.50 -2.46
N GLY A 101 -4.06 -17.38 -1.97
CA GLY A 101 -4.26 -17.26 -0.50
C GLY A 101 -4.53 -15.79 -0.10
N TYR A 102 -4.08 -14.83 -0.88
CA TYR A 102 -4.33 -13.39 -0.51
C TYR A 102 -5.63 -12.90 -1.17
N GLU A 103 -6.75 -13.55 -0.92
CA GLU A 103 -8.04 -13.09 -1.54
C GLU A 103 -8.49 -11.76 -0.91
N LYS A 104 -8.29 -11.59 0.39
CA LYS A 104 -8.71 -10.31 1.04
C LYS A 104 -7.49 -9.61 1.64
N LEU A 105 -6.80 -8.78 0.88
CA LEU A 105 -5.61 -8.08 1.41
C LEU A 105 -5.81 -6.55 1.31
N CYS A 106 -5.53 -5.82 2.38
CA CYS A 106 -5.72 -4.32 2.33
C CYS A 106 -4.38 -3.56 2.25
N CYS A 107 -3.32 -4.03 2.88
CA CYS A 107 -2.01 -3.29 2.76
C CYS A 107 -0.87 -4.31 2.66
N LEU A 108 0.38 -3.87 2.75
CA LEU A 108 1.53 -4.85 2.67
C LEU A 108 2.02 -5.24 4.07
N ARG A 109 2.02 -4.31 5.02
CA ARG A 109 2.46 -4.66 6.41
C ARG A 109 1.21 -4.80 7.32
N CYS A 110 0.12 -5.30 6.76
CA CYS A 110 -1.14 -5.46 7.55
C CYS A 110 -1.66 -6.91 7.39
N ILE A 111 -0.82 -7.85 6.96
CA ILE A 111 -1.26 -9.28 6.76
C ILE A 111 -0.05 -10.24 6.82
N GLN A 112 0.90 -9.99 7.70
CA GLN A 112 2.10 -10.91 7.75
C GLN A 112 1.72 -12.28 8.30
N LYS A 113 1.02 -13.09 7.54
CA LYS A 113 0.63 -14.45 8.03
C LYS A 113 0.74 -15.48 6.90
N ASN A 114 0.62 -16.76 7.21
CA ASN A 114 0.72 -17.81 6.14
C ASN A 114 0.40 -19.20 6.72
N GLU A 115 1.15 -19.64 7.71
CA GLU A 115 0.88 -20.98 8.32
C GLU A 115 0.96 -20.89 9.85
N THR A 116 2.10 -20.50 10.39
CA THR A 116 2.22 -20.39 11.87
C THR A 116 2.27 -18.91 12.29
N ASN A 117 2.58 -18.61 13.53
CA ASN A 117 2.64 -17.17 13.96
C ASN A 117 4.10 -16.72 14.12
N ASN A 118 4.62 -15.99 13.15
CA ASN A 118 6.04 -15.52 13.26
C ASN A 118 6.17 -14.08 12.74
N GLY A 119 7.16 -13.34 13.20
CA GLY A 119 7.32 -11.94 12.73
C GLY A 119 6.20 -11.07 13.33
N SER A 120 5.67 -10.12 12.57
CA SER A 120 4.59 -9.25 13.11
C SER A 120 3.40 -9.22 12.12
N THR A 121 2.23 -9.66 12.55
CA THR A 121 1.05 -9.66 11.63
C THR A 121 -0.02 -8.68 12.15
N CYS A 122 -1.02 -8.38 11.35
CA CYS A 122 -2.09 -7.45 11.82
C CYS A 122 -3.34 -8.26 12.23
N ILE A 123 -4.16 -7.72 13.11
CA ILE A 123 -5.39 -8.49 13.54
C ILE A 123 -6.45 -8.51 12.42
N CYS A 124 -6.61 -7.43 11.66
CA CYS A 124 -7.67 -7.43 10.59
C CYS A 124 -7.52 -8.66 9.66
N ARG A 125 -6.31 -9.14 9.43
CA ARG A 125 -6.15 -10.35 8.56
C ARG A 125 -6.91 -11.55 9.16
N VAL A 126 -6.98 -11.64 10.49
CA VAL A 126 -7.72 -12.79 11.12
C VAL A 126 -9.24 -12.50 11.13
N PRO A 127 -10.02 -13.41 10.58
CA PRO A 127 -11.49 -13.22 10.56
C PRO A 127 -12.07 -13.29 11.99
N ARG A 128 -13.36 -13.05 12.14
CA ARG A 128 -13.96 -13.11 13.52
C ARG A 128 -14.12 -14.56 14.00
N ALA A 129 -14.45 -15.48 13.11
CA ALA A 129 -14.61 -16.92 13.55
C ALA A 129 -13.30 -17.43 14.19
N GLN A 130 -12.17 -17.09 13.61
CA GLN A 130 -10.87 -17.55 14.23
C GLN A 130 -10.66 -16.84 15.57
N LEU A 131 -10.95 -15.56 15.64
CA LEU A 131 -10.77 -14.83 16.94
C LEU A 131 -11.71 -15.42 18.00
N GLU A 132 -12.93 -15.78 17.63
CA GLU A 132 -13.88 -16.37 18.64
C GLU A 132 -13.26 -17.65 19.24
N GLU A 133 -12.62 -18.47 18.43
CA GLU A 133 -12.01 -19.73 19.00
C GLU A 133 -10.97 -19.39 20.07
N GLU A 134 -10.19 -18.35 19.88
CA GLU A 134 -9.16 -17.97 20.91
C GLU A 134 -9.87 -17.61 22.23
N ALA A 135 -10.92 -16.81 22.19
CA ALA A 135 -11.64 -16.45 23.47
C ALA A 135 -12.19 -17.71 24.13
N ARG A 136 -12.76 -18.63 23.36
CA ARG A 136 -13.31 -19.88 23.98
C ARG A 136 -12.18 -20.72 24.59
N LYS A 137 -11.00 -20.72 23.99
CA LYS A 137 -9.87 -21.54 24.58
C LYS A 137 -9.26 -20.85 25.81
N LYS A 138 -9.26 -19.53 25.88
CA LYS A 138 -8.67 -18.85 27.08
C LYS A 138 -9.76 -18.39 28.07
N GLY A 139 -10.94 -19.00 28.06
CA GLY A 139 -12.02 -18.59 29.01
C GLY A 139 -12.23 -17.07 28.98
N THR A 140 -12.34 -16.48 27.81
CA THR A 140 -12.55 -14.99 27.75
C THR A 140 -13.42 -14.65 26.52
N GLN A 141 -13.45 -13.39 26.11
CA GLN A 141 -14.28 -13.01 24.94
C GLN A 141 -13.50 -12.05 24.02
N VAL A 142 -13.78 -12.05 22.74
CA VAL A 142 -13.05 -11.14 21.79
C VAL A 142 -14.06 -10.43 20.87
N SER A 143 -13.66 -9.34 20.25
CA SER A 143 -14.62 -8.61 19.34
C SER A 143 -13.89 -7.52 18.53
N PHE A 144 -13.14 -7.90 17.51
CA PHE A 144 -12.42 -6.87 16.69
C PHE A 144 -13.29 -6.46 15.49
N HIS A 145 -12.99 -5.33 14.89
CA HIS A 145 -13.78 -4.87 13.70
C HIS A 145 -12.82 -4.27 12.66
N GLN A 146 -12.10 -3.23 13.02
CA GLN A 146 -11.13 -2.61 12.08
C GLN A 146 -9.79 -2.41 12.79
N CYS A 147 -8.69 -2.42 12.06
CA CYS A 147 -7.36 -2.23 12.74
C CYS A 147 -6.89 -0.77 12.60
N VAL A 148 -6.04 -0.31 13.51
CA VAL A 148 -5.57 1.12 13.44
C VAL A 148 -4.53 1.33 12.33
N HIS A 149 -3.83 0.31 11.88
CA HIS A 149 -2.81 0.52 10.78
C HIS A 149 -3.48 1.23 9.58
N CYS A 150 -4.67 0.81 9.20
CA CYS A 150 -5.38 1.45 8.07
C CYS A 150 -6.88 1.57 8.38
N GLY A 151 -7.69 1.93 7.39
CA GLY A 151 -9.15 2.03 7.61
C GLY A 151 -9.78 0.74 7.08
N CYS A 152 -9.36 -0.40 7.58
CA CYS A 152 -9.91 -1.70 7.09
C CYS A 152 -10.94 -2.24 8.09
N ARG A 153 -12.01 -2.84 7.62
CA ARG A 153 -13.03 -3.39 8.56
C ARG A 153 -12.79 -4.89 8.77
N GLY A 154 -11.58 -5.26 9.15
CA GLY A 154 -11.27 -6.71 9.36
C GLY A 154 -11.36 -7.45 8.02
N CYS A 155 -10.23 -7.67 7.36
CA CYS A 155 -10.27 -8.40 6.06
C CYS A 155 -9.69 -9.82 6.23
N ALA A 156 -10.40 -10.84 5.78
CA ALA A 156 -9.91 -12.24 5.92
C ALA A 156 -10.15 -13.03 4.63
N SER A 157 -9.23 -13.87 4.24
CA SER A 157 -9.43 -14.67 2.98
C SER A 157 -9.80 -16.11 3.33
N THR A 158 -10.64 -16.30 4.34
CA THR A 158 -11.03 -17.70 4.72
C THR A 158 -12.34 -17.69 5.53
N ASP A 159 -12.39 -16.94 6.62
CA ASP A 159 -13.64 -16.89 7.43
C ASP A 159 -14.01 -15.44 7.76
ZN ZN B . -4.54 -2.69 6.18
ZN ZN C . -7.15 -5.53 6.52
ZN ZN D . -4.79 -4.48 9.42
N GLY A 1 44.56 25.48 -22.01
CA GLY A 1 43.79 24.67 -21.04
C GLY A 1 42.50 24.16 -21.69
N GLY A 2 42.30 22.86 -21.76
CA GLY A 2 41.06 22.32 -22.39
C GLY A 2 39.91 22.40 -21.38
N SER A 3 38.73 21.92 -21.74
CA SER A 3 37.57 21.98 -20.81
C SER A 3 36.88 20.61 -20.74
N PRO A 4 36.62 20.13 -19.52
CA PRO A 4 35.94 18.82 -19.37
C PRO A 4 34.45 18.94 -19.73
N ARG A 5 34.12 18.96 -21.00
CA ARG A 5 32.68 19.06 -21.40
C ARG A 5 32.30 17.92 -22.35
N ILE A 6 31.48 16.98 -21.90
CA ILE A 6 31.08 15.85 -22.79
C ILE A 6 29.76 15.22 -22.32
N LYS A 7 28.68 15.99 -22.29
CA LYS A 7 27.37 15.44 -21.83
C LYS A 7 26.21 16.12 -22.58
N THR A 8 25.03 15.52 -22.58
CA THR A 8 23.87 16.15 -23.28
C THR A 8 22.57 15.87 -22.53
N ARG A 9 22.55 16.05 -21.22
CA ARG A 9 21.31 15.79 -20.44
C ARG A 9 21.10 16.88 -19.38
N ARG A 10 19.93 17.46 -19.30
CA ARG A 10 19.69 18.54 -18.28
C ARG A 10 18.55 18.12 -17.34
N SER A 11 17.35 17.93 -17.85
CA SER A 11 16.21 17.53 -16.96
C SER A 11 15.13 16.78 -17.76
N LYS A 12 15.32 15.50 -18.00
CA LYS A 12 14.30 14.72 -18.77
C LYS A 12 14.16 13.30 -18.21
N PRO A 13 13.72 13.20 -16.97
CA PRO A 13 13.56 11.87 -16.33
C PRO A 13 12.35 11.14 -16.92
N ALA A 14 12.32 9.82 -16.82
CA ALA A 14 11.16 9.03 -17.36
C ALA A 14 11.04 9.21 -18.89
N PRO A 15 10.61 8.17 -19.56
CA PRO A 15 10.46 8.25 -21.05
C PRO A 15 9.23 9.09 -21.42
N ASP A 16 9.16 9.55 -22.65
CA ASP A 16 7.97 10.39 -23.08
C ASP A 16 6.64 9.74 -22.67
N GLY A 17 6.57 8.41 -22.64
CA GLY A 17 5.30 7.73 -22.24
C GLY A 17 4.81 8.25 -20.88
N PHE A 18 5.71 8.58 -19.97
CA PHE A 18 5.26 9.09 -18.61
C PHE A 18 4.31 10.29 -18.78
N GLU A 19 4.48 11.10 -19.81
CA GLU A 19 3.57 12.29 -20.00
C GLU A 19 2.10 11.84 -20.01
N LYS A 20 1.82 10.69 -20.60
CA LYS A 20 0.38 10.21 -20.64
C LYS A 20 -0.15 10.04 -19.20
N ILE A 21 0.68 9.57 -18.28
CA ILE A 21 0.21 9.40 -16.87
C ILE A 21 1.00 10.33 -15.92
N LYS A 22 1.37 11.51 -16.36
CA LYS A 22 2.16 12.44 -15.47
C LYS A 22 1.27 13.29 -14.53
N PRO A 23 0.18 13.85 -15.03
CA PRO A 23 -0.67 14.71 -14.16
C PRO A 23 -1.50 13.89 -13.16
N THR A 24 -1.95 12.70 -13.53
CA THR A 24 -2.76 11.90 -12.55
C THR A 24 -1.92 11.57 -11.31
N LEU A 25 -0.70 11.10 -11.50
CA LEU A 25 0.16 10.79 -10.30
C LEU A 25 0.42 12.07 -9.51
N THR A 26 0.64 13.19 -10.18
CA THR A 26 0.89 14.47 -9.42
C THR A 26 -0.30 14.77 -8.49
N ASP A 27 -1.51 14.45 -8.89
CA ASP A 27 -2.70 14.72 -7.99
C ASP A 27 -2.49 14.04 -6.61
N PHE A 28 -1.91 12.86 -6.58
CA PHE A 28 -1.68 12.18 -5.26
C PHE A 28 -0.87 13.08 -4.32
N GLU A 29 0.10 13.81 -4.85
CA GLU A 29 0.92 14.70 -3.96
C GLU A 29 0.03 15.70 -3.20
N ILE A 30 -1.12 16.06 -3.74
CA ILE A 30 -2.01 17.02 -3.00
C ILE A 30 -2.76 16.26 -1.87
N GLN A 31 -3.14 15.02 -2.09
CA GLN A 31 -3.83 14.26 -0.99
C GLN A 31 -2.77 13.75 -0.01
N LEU A 32 -1.63 13.28 -0.51
CA LEU A 32 -0.56 12.79 0.43
C LEU A 32 0.06 13.96 1.21
N ARG A 33 0.18 15.14 0.60
CA ARG A 33 0.77 16.29 1.37
C ARG A 33 -0.22 16.77 2.45
N ASP A 34 -1.51 16.74 2.18
CA ASP A 34 -2.50 17.19 3.23
C ASP A 34 -2.45 16.24 4.42
N ALA A 35 -2.33 14.94 4.19
CA ALA A 35 -2.25 13.99 5.36
C ALA A 35 -0.88 14.13 6.03
N GLN A 36 0.18 14.24 5.26
CA GLN A 36 1.55 14.40 5.88
C GLN A 36 1.61 15.72 6.68
N LYS A 37 0.92 16.76 6.24
CA LYS A 37 0.96 18.05 7.01
C LYS A 37 -0.08 18.04 8.14
N ASP A 38 -1.21 17.38 7.96
CA ASP A 38 -2.25 17.36 9.06
C ASP A 38 -1.63 16.84 10.37
N LYS A 39 -0.72 15.88 10.30
CA LYS A 39 -0.08 15.35 11.56
C LYS A 39 0.53 16.50 12.38
N SER A 40 1.12 17.48 11.73
CA SER A 40 1.75 18.63 12.48
C SER A 40 2.72 18.13 13.55
N SER A 41 3.14 18.98 14.47
CA SER A 41 4.08 18.55 15.54
C SER A 41 3.38 18.54 16.90
N LYS A 42 2.77 19.64 17.29
CA LYS A 42 2.05 19.67 18.61
C LYS A 42 0.54 19.70 18.38
N LEU A 43 -0.04 18.58 17.96
CA LEU A 43 -1.51 18.55 17.72
C LEU A 43 -2.02 17.10 17.57
N ALA A 44 -2.46 16.50 18.65
CA ALA A 44 -2.96 15.09 18.56
C ALA A 44 -4.49 15.06 18.57
N ALA A 45 -5.11 14.81 17.42
CA ALA A 45 -6.61 14.77 17.37
C ALA A 45 -7.09 14.21 16.02
N LYS A 46 -7.65 13.02 16.00
CA LYS A 46 -8.13 12.41 14.71
C LYS A 46 -7.00 12.42 13.67
N SER A 47 -5.79 12.10 14.06
CA SER A 47 -4.65 12.09 13.08
C SER A 47 -4.42 10.68 12.52
N ASN A 48 -4.60 9.65 13.32
CA ASN A 48 -4.37 8.24 12.81
C ASN A 48 -5.25 7.99 11.56
N GLU A 49 -6.48 8.48 11.57
CA GLU A 49 -7.36 8.26 10.37
C GLU A 49 -6.74 8.93 9.14
N GLN A 50 -6.19 10.12 9.27
CA GLN A 50 -5.56 10.79 8.08
C GLN A 50 -4.39 9.95 7.57
N LEU A 51 -3.60 9.38 8.46
CA LEU A 51 -2.44 8.54 7.98
C LEU A 51 -2.95 7.37 7.12
N TRP A 52 -4.07 6.78 7.48
CA TRP A 52 -4.60 5.64 6.65
C TRP A 52 -4.86 6.12 5.21
N GLU A 53 -5.31 7.35 5.03
CA GLU A 53 -5.53 7.85 3.63
C GLU A 53 -4.20 7.85 2.86
N ILE A 54 -3.07 8.03 3.54
CA ILE A 54 -1.76 8.01 2.81
C ILE A 54 -1.45 6.57 2.38
N MET A 55 -1.33 5.64 3.31
CA MET A 55 -1.06 4.21 2.88
C MET A 55 -2.22 3.72 1.99
N GLN A 56 -3.43 4.22 2.18
CA GLN A 56 -4.56 3.76 1.29
C GLN A 56 -4.37 4.37 -0.11
N LEU A 57 -3.92 5.62 -0.20
CA LEU A 57 -3.70 6.24 -1.56
C LEU A 57 -2.77 5.35 -2.40
N HIS A 58 -1.81 4.67 -1.78
CA HIS A 58 -0.88 3.80 -2.58
C HIS A 58 -1.67 2.75 -3.38
N HIS A 59 -2.78 2.24 -2.83
CA HIS A 59 -3.58 1.22 -3.61
C HIS A 59 -4.07 1.85 -4.92
N GLN A 60 -4.68 3.02 -4.85
CA GLN A 60 -5.17 3.67 -6.12
C GLN A 60 -3.98 3.90 -7.07
N ARG A 61 -2.81 4.22 -6.54
CA ARG A 61 -1.62 4.42 -7.45
C ARG A 61 -1.23 3.08 -8.08
N SER A 62 -1.08 2.03 -7.27
CA SER A 62 -0.71 0.70 -7.86
C SER A 62 -1.82 0.24 -8.81
N ARG A 63 -3.08 0.48 -8.48
CA ARG A 63 -4.17 0.05 -9.41
C ARG A 63 -4.07 0.85 -10.73
N TYR A 64 -3.72 2.12 -10.66
CA TYR A 64 -3.60 2.94 -11.93
C TYR A 64 -2.52 2.30 -12.83
N ILE A 65 -1.36 1.99 -12.29
CA ILE A 65 -0.30 1.35 -13.15
C ILE A 65 -0.65 -0.12 -13.35
N TYR A 66 -1.07 -0.81 -12.31
CA TYR A 66 -1.46 -2.26 -12.46
C TYR A 66 -2.60 -2.40 -13.47
N THR A 67 -3.41 -1.38 -13.68
CA THR A 67 -4.52 -1.52 -14.68
C THR A 67 -4.03 -1.15 -16.08
N LEU A 68 -3.15 -0.17 -16.21
CA LEU A 68 -2.68 0.21 -17.59
C LEU A 68 -1.54 -0.70 -18.09
N TYR A 69 -0.67 -1.20 -17.22
CA TYR A 69 0.45 -2.08 -17.71
C TYR A 69 0.03 -3.55 -17.81
N TYR A 70 -0.83 -4.04 -16.93
CA TYR A 70 -1.22 -5.49 -16.99
C TYR A 70 -2.53 -5.73 -17.76
N LYS A 71 -3.40 -4.74 -17.88
CA LYS A 71 -4.69 -4.99 -18.61
C LYS A 71 -4.73 -4.18 -19.92
N ARG A 72 -4.61 -2.88 -19.86
CA ARG A 72 -4.66 -2.07 -21.14
C ARG A 72 -3.38 -2.27 -21.97
N LYS A 73 -2.25 -2.54 -21.34
CA LYS A 73 -0.98 -2.74 -22.11
C LYS A 73 -0.66 -1.47 -22.92
N ALA A 74 -0.81 -0.31 -22.32
CA ALA A 74 -0.49 0.96 -23.06
C ALA A 74 0.79 1.59 -22.48
N ILE A 75 1.74 0.79 -22.05
CA ILE A 75 3.00 1.35 -21.46
C ILE A 75 4.16 0.35 -21.67
N SER A 76 5.40 0.79 -21.54
CA SER A 76 6.53 -0.16 -21.75
C SER A 76 7.20 -0.49 -20.40
N LYS A 77 7.71 -1.69 -20.23
CA LYS A 77 8.38 -2.08 -18.93
C LYS A 77 9.35 -0.99 -18.45
N ASP A 78 10.00 -0.26 -19.36
CA ASP A 78 10.94 0.81 -18.90
C ASP A 78 10.16 1.87 -18.11
N LEU A 79 9.06 2.37 -18.64
CA LEU A 79 8.27 3.38 -17.87
C LEU A 79 7.66 2.70 -16.63
N TYR A 80 7.13 1.51 -16.78
CA TYR A 80 6.55 0.79 -15.59
C TYR A 80 7.65 0.55 -14.55
N ASP A 81 8.86 0.21 -14.98
CA ASP A 81 9.97 -0.01 -13.99
C ASP A 81 10.40 1.35 -13.42
N TRP A 82 10.53 2.37 -14.25
CA TRP A 82 10.93 3.72 -13.72
C TRP A 82 9.93 4.19 -12.65
N LEU A 83 8.65 3.89 -12.82
CA LEU A 83 7.65 4.31 -11.78
C LEU A 83 7.87 3.51 -10.50
N ILE A 84 8.05 2.20 -10.61
CA ILE A 84 8.29 1.37 -9.37
C ILE A 84 9.54 1.88 -8.64
N LYS A 85 10.55 2.38 -9.35
CA LYS A 85 11.79 2.88 -8.65
C LYS A 85 11.68 4.37 -8.25
N GLU A 86 10.66 5.10 -8.69
CA GLU A 86 10.55 6.55 -8.31
C GLU A 86 9.35 6.82 -7.38
N LYS A 87 8.85 5.80 -6.68
CA LYS A 87 7.69 5.97 -5.74
C LYS A 87 6.37 6.16 -6.49
N TYR A 88 5.81 5.07 -6.99
CA TYR A 88 4.53 5.16 -7.74
C TYR A 88 3.60 4.00 -7.31
N ALA A 89 4.01 2.78 -7.56
CA ALA A 89 3.18 1.61 -7.15
C ALA A 89 4.01 0.66 -6.30
N ASP A 90 3.42 -0.40 -5.78
CA ASP A 90 4.21 -1.36 -4.96
C ASP A 90 4.26 -2.74 -5.63
N LYS A 91 5.39 -3.11 -6.20
CA LYS A 91 5.47 -4.47 -6.86
C LYS A 91 5.24 -5.57 -5.82
N LEU A 92 5.77 -5.42 -4.62
CA LEU A 92 5.55 -6.48 -3.57
C LEU A 92 4.04 -6.63 -3.29
N LEU A 93 3.32 -5.53 -3.19
CA LEU A 93 1.83 -5.65 -2.93
C LEU A 93 1.16 -6.27 -4.15
N ILE A 94 1.43 -5.76 -5.34
CA ILE A 94 0.80 -6.36 -6.56
C ILE A 94 1.20 -7.86 -6.65
N ALA A 95 2.37 -8.23 -6.15
CA ALA A 95 2.77 -9.68 -6.21
C ALA A 95 1.88 -10.49 -5.24
N LYS A 96 1.69 -10.01 -4.02
CA LYS A 96 0.81 -10.77 -3.05
C LYS A 96 -0.60 -10.94 -3.65
N TRP A 97 -1.12 -9.94 -4.33
CA TRP A 97 -2.49 -10.09 -4.94
C TRP A 97 -2.45 -11.15 -6.05
N ARG A 98 -1.39 -11.17 -6.84
CA ARG A 98 -1.30 -12.20 -7.94
C ARG A 98 -1.05 -13.60 -7.33
N LYS A 99 -0.32 -13.68 -6.24
CA LYS A 99 -0.05 -15.05 -5.63
C LYS A 99 -1.37 -15.80 -5.37
N THR A 100 -1.30 -16.97 -4.78
CA THR A 100 -2.56 -17.74 -4.49
C THR A 100 -2.86 -17.68 -2.99
N GLY A 101 -4.09 -17.41 -2.62
CA GLY A 101 -4.45 -17.33 -1.17
C GLY A 101 -4.49 -15.86 -0.68
N TYR A 102 -4.30 -14.88 -1.54
CA TYR A 102 -4.35 -13.45 -1.07
C TYR A 102 -5.63 -12.77 -1.59
N GLU A 103 -6.77 -13.40 -1.44
CA GLU A 103 -8.05 -12.76 -1.94
C GLU A 103 -8.32 -11.48 -1.15
N LYS A 104 -8.08 -11.47 0.15
CA LYS A 104 -8.34 -10.24 0.95
C LYS A 104 -7.01 -9.69 1.51
N LEU A 105 -6.50 -8.62 0.94
CA LEU A 105 -5.21 -8.06 1.42
C LEU A 105 -5.26 -6.51 1.38
N CYS A 106 -4.86 -5.84 2.44
CA CYS A 106 -4.92 -4.33 2.45
C CYS A 106 -3.51 -3.70 2.36
N CYS A 107 -2.50 -4.26 3.00
CA CYS A 107 -1.13 -3.64 2.90
C CYS A 107 -0.06 -4.75 2.79
N LEU A 108 1.20 -4.41 2.91
CA LEU A 108 2.28 -5.47 2.84
C LEU A 108 2.71 -5.90 4.25
N ARG A 109 2.77 -4.99 5.21
CA ARG A 109 3.14 -5.38 6.61
C ARG A 109 1.87 -5.43 7.48
N CYS A 110 0.74 -5.80 6.91
CA CYS A 110 -0.55 -5.86 7.68
C CYS A 110 -1.22 -7.24 7.45
N ILE A 111 -0.47 -8.24 6.95
CA ILE A 111 -1.07 -9.60 6.67
C ILE A 111 0.03 -10.68 6.62
N GLN A 112 1.05 -10.60 7.46
CA GLN A 112 2.14 -11.63 7.40
C GLN A 112 2.21 -12.47 8.67
N LYS A 113 2.27 -13.79 8.55
CA LYS A 113 2.36 -14.67 9.75
C LYS A 113 3.45 -15.72 9.55
N ASN A 114 3.60 -16.64 10.49
CA ASN A 114 4.65 -17.70 10.34
C ASN A 114 4.18 -19.01 10.97
N GLU A 115 4.88 -20.11 10.72
CA GLU A 115 4.46 -21.42 11.31
C GLU A 115 5.55 -21.95 12.24
N THR A 116 5.22 -22.25 13.49
CA THR A 116 6.26 -22.77 14.45
C THR A 116 7.48 -21.84 14.48
N ASN A 117 7.28 -20.54 14.44
CA ASN A 117 8.43 -19.59 14.47
C ASN A 117 8.06 -18.34 15.28
N ASN A 118 8.91 -17.32 15.28
CA ASN A 118 8.58 -16.08 16.05
C ASN A 118 8.35 -14.91 15.08
N GLY A 119 7.24 -14.88 14.38
CA GLY A 119 6.98 -13.77 13.43
C GLY A 119 5.88 -12.85 14.00
N SER A 120 5.36 -11.93 13.21
CA SER A 120 4.29 -11.03 13.73
C SER A 120 3.29 -10.70 12.62
N THR A 121 2.00 -10.80 12.90
CA THR A 121 0.98 -10.49 11.84
C THR A 121 0.01 -9.42 12.35
N CYS A 122 -0.81 -8.87 11.48
CA CYS A 122 -1.80 -7.84 11.95
C CYS A 122 -3.12 -8.53 12.30
N ILE A 123 -3.92 -7.96 13.18
CA ILE A 123 -5.22 -8.63 13.55
C ILE A 123 -6.23 -8.57 12.38
N CYS A 124 -6.26 -7.50 11.62
CA CYS A 124 -7.27 -7.42 10.49
C CYS A 124 -7.11 -8.64 9.55
N ARG A 125 -5.92 -9.14 9.34
CA ARG A 125 -5.76 -10.34 8.45
C ARG A 125 -6.56 -11.52 9.01
N VAL A 126 -6.64 -11.65 10.33
CA VAL A 126 -7.43 -12.78 10.93
C VAL A 126 -8.93 -12.45 10.89
N PRO A 127 -9.72 -13.31 10.30
CA PRO A 127 -11.18 -13.07 10.23
C PRO A 127 -11.80 -13.09 11.63
N ARG A 128 -13.09 -12.79 11.75
CA ARG A 128 -13.73 -12.79 13.11
C ARG A 128 -13.97 -14.24 13.60
N ALA A 129 -14.32 -15.15 12.72
CA ALA A 129 -14.56 -16.57 13.18
C ALA A 129 -13.31 -17.12 13.88
N GLN A 130 -12.13 -16.84 13.37
CA GLN A 130 -10.89 -17.34 14.05
C GLN A 130 -10.69 -16.60 15.37
N LEU A 131 -10.93 -15.31 15.40
CA LEU A 131 -10.77 -14.54 16.69
C LEU A 131 -11.82 -15.03 17.71
N GLU A 132 -13.05 -15.30 17.26
CA GLU A 132 -14.10 -15.78 18.23
C GLU A 132 -13.64 -17.11 18.87
N GLU A 133 -13.04 -18.00 18.10
CA GLU A 133 -12.58 -19.31 18.69
C GLU A 133 -11.59 -19.06 19.84
N GLU A 134 -10.73 -18.07 19.71
CA GLU A 134 -9.74 -17.79 20.81
C GLU A 134 -10.49 -17.44 22.12
N ALA A 135 -11.49 -16.59 22.05
CA ALA A 135 -12.24 -16.22 23.31
C ALA A 135 -12.87 -17.48 23.92
N ARG A 136 -13.44 -18.35 23.12
CA ARG A 136 -14.06 -19.60 23.69
C ARG A 136 -13.01 -20.42 24.44
N LYS A 137 -11.78 -20.46 23.95
CA LYS A 137 -10.72 -21.27 24.67
C LYS A 137 -10.41 -20.66 26.05
N LYS A 138 -10.47 -19.34 26.19
CA LYS A 138 -10.16 -18.73 27.52
C LYS A 138 -11.44 -18.25 28.25
N GLY A 139 -12.60 -18.77 27.92
CA GLY A 139 -13.86 -18.34 28.62
C GLY A 139 -13.99 -16.81 28.60
N THR A 140 -13.78 -16.18 27.47
CA THR A 140 -13.90 -14.69 27.40
C THR A 140 -14.61 -14.27 26.11
N GLN A 141 -14.52 -13.02 25.71
CA GLN A 141 -15.20 -12.56 24.46
C GLN A 141 -14.28 -11.60 23.67
N VAL A 142 -14.35 -11.64 22.35
CA VAL A 142 -13.50 -10.72 21.54
C VAL A 142 -14.35 -10.02 20.48
N SER A 143 -13.88 -8.92 19.92
CA SER A 143 -14.70 -8.20 18.89
C SER A 143 -13.86 -7.15 18.14
N PHE A 144 -13.13 -7.57 17.12
CA PHE A 144 -12.30 -6.59 16.34
C PHE A 144 -13.08 -6.11 15.10
N HIS A 145 -12.67 -5.00 14.53
CA HIS A 145 -13.35 -4.47 13.31
C HIS A 145 -12.30 -3.91 12.33
N GLN A 146 -11.54 -2.92 12.76
CA GLN A 146 -10.48 -2.35 11.88
C GLN A 146 -9.16 -2.27 12.66
N CYS A 147 -8.03 -2.36 12.00
CA CYS A 147 -6.73 -2.29 12.74
C CYS A 147 -6.14 -0.87 12.72
N VAL A 148 -5.33 -0.52 13.70
CA VAL A 148 -4.75 0.86 13.73
C VAL A 148 -3.63 1.03 12.68
N HIS A 149 -2.99 -0.05 12.23
CA HIS A 149 -1.89 0.12 11.19
C HIS A 149 -2.42 0.95 10.00
N CYS A 150 -3.54 0.57 9.44
CA CYS A 150 -4.10 1.33 8.29
C CYS A 150 -5.60 1.59 8.48
N GLY A 151 -6.31 1.97 7.44
CA GLY A 151 -7.77 2.20 7.57
C GLY A 151 -8.49 0.96 6.99
N CYS A 152 -8.19 -0.21 7.52
CA CYS A 152 -8.85 -1.45 6.98
C CYS A 152 -9.98 -1.90 7.93
N ARG A 153 -11.06 -2.43 7.40
CA ARG A 153 -12.18 -2.89 8.27
C ARG A 153 -12.08 -4.41 8.48
N GLY A 154 -10.92 -4.89 8.87
CA GLY A 154 -10.76 -6.36 9.09
C GLY A 154 -10.82 -7.10 7.75
N CYS A 155 -9.68 -7.45 7.18
CA CYS A 155 -9.70 -8.18 5.88
C CYS A 155 -9.20 -9.63 6.08
N ALA A 156 -9.95 -10.61 5.61
CA ALA A 156 -9.53 -12.03 5.78
C ALA A 156 -9.94 -12.86 4.56
N SER A 157 -9.07 -13.73 4.08
CA SER A 157 -9.45 -14.56 2.88
C SER A 157 -9.97 -15.94 3.32
N THR A 158 -9.38 -16.53 4.35
CA THR A 158 -9.87 -17.89 4.80
C THR A 158 -11.38 -17.84 5.12
N ASP A 159 -11.85 -16.77 5.71
CA ASP A 159 -13.30 -16.67 6.04
C ASP A 159 -13.89 -15.38 5.47
ZN ZN B . -3.62 -2.83 6.30
ZN ZN C . -6.44 -5.51 6.52
ZN ZN D . -4.14 -4.60 9.51
N GLY A 1 36.66 13.99 -27.84
CA GLY A 1 36.64 15.47 -28.00
C GLY A 1 37.24 16.15 -26.76
N GLY A 2 37.85 17.31 -26.91
CA GLY A 2 38.45 17.99 -25.74
C GLY A 2 37.75 19.34 -25.52
N SER A 3 36.46 19.34 -25.25
CA SER A 3 35.74 20.63 -25.03
C SER A 3 35.11 20.65 -23.63
N PRO A 4 34.68 21.82 -23.20
CA PRO A 4 34.05 21.94 -21.86
C PRO A 4 32.65 21.32 -21.87
N ARG A 5 32.15 20.89 -20.73
CA ARG A 5 30.78 20.27 -20.68
C ARG A 5 30.00 20.80 -19.47
N ILE A 6 28.73 21.06 -19.61
CA ILE A 6 27.92 21.57 -18.47
C ILE A 6 26.56 20.86 -18.40
N LYS A 7 26.05 20.60 -17.21
CA LYS A 7 24.73 19.91 -17.09
C LYS A 7 23.95 20.44 -15.88
N THR A 8 22.79 19.89 -15.59
CA THR A 8 21.99 20.37 -14.42
C THR A 8 21.59 19.19 -13.53
N ARG A 9 20.74 18.30 -14.02
CA ARG A 9 20.32 17.14 -13.18
C ARG A 9 20.10 15.90 -14.06
N ARG A 10 20.73 14.78 -13.74
CA ARG A 10 20.55 13.55 -14.56
C ARG A 10 20.56 12.31 -13.66
N SER A 11 19.39 11.82 -13.27
CA SER A 11 19.34 10.61 -12.40
C SER A 11 18.18 9.70 -12.82
N LYS A 12 18.44 8.72 -13.68
CA LYS A 12 17.35 7.80 -14.13
C LYS A 12 16.15 8.60 -14.68
N PRO A 13 16.31 9.13 -15.88
CA PRO A 13 15.21 9.93 -16.49
C PRO A 13 14.07 9.00 -16.96
N ALA A 14 12.88 9.55 -17.10
CA ALA A 14 11.74 8.71 -17.57
C ALA A 14 11.49 8.92 -19.07
N PRO A 15 11.05 7.89 -19.75
CA PRO A 15 10.80 8.00 -21.21
C PRO A 15 9.58 8.89 -21.49
N ASP A 16 9.45 9.37 -22.72
CA ASP A 16 8.27 10.26 -23.05
C ASP A 16 6.95 9.66 -22.56
N GLY A 17 6.82 8.34 -22.53
CA GLY A 17 5.55 7.70 -22.05
C GLY A 17 5.16 8.25 -20.67
N PHE A 18 6.11 8.57 -19.81
CA PHE A 18 5.75 9.11 -18.45
C PHE A 18 4.85 10.35 -18.58
N GLU A 19 5.04 11.16 -19.62
CA GLU A 19 4.17 12.39 -19.78
C GLU A 19 2.69 12.00 -19.75
N LYS A 20 2.33 10.87 -20.33
CA LYS A 20 0.88 10.45 -20.31
C LYS A 20 0.39 10.31 -18.87
N ILE A 21 1.23 9.81 -17.97
CA ILE A 21 0.79 9.67 -16.54
C ILE A 21 1.64 10.57 -15.62
N LYS A 22 2.05 11.73 -16.09
CA LYS A 22 2.90 12.63 -15.22
C LYS A 22 2.06 13.49 -14.24
N PRO A 23 0.96 14.08 -14.69
CA PRO A 23 0.15 14.92 -13.79
C PRO A 23 -0.70 14.08 -12.83
N THR A 24 -1.22 12.94 -13.26
CA THR A 24 -2.05 12.09 -12.34
C THR A 24 -1.24 11.71 -11.10
N LEU A 25 0.02 11.35 -11.27
CA LEU A 25 0.86 10.98 -10.08
C LEU A 25 1.08 12.21 -9.20
N THR A 26 1.33 13.36 -9.80
CA THR A 26 1.54 14.61 -8.97
C THR A 26 0.28 14.88 -8.12
N ASP A 27 -0.90 14.60 -8.63
CA ASP A 27 -2.14 14.86 -7.81
C ASP A 27 -2.07 14.10 -6.48
N PHE A 28 -1.53 12.90 -6.47
CA PHE A 28 -1.44 12.13 -5.18
C PHE A 28 -0.66 12.94 -4.11
N GLU A 29 0.38 13.63 -4.51
CA GLU A 29 1.18 14.41 -3.50
C GLU A 29 0.30 15.47 -2.81
N ILE A 30 -0.57 16.13 -3.55
CA ILE A 30 -1.45 17.16 -2.90
C ILE A 30 -2.40 16.46 -1.90
N GLN A 31 -2.96 15.33 -2.26
CA GLN A 31 -3.87 14.61 -1.30
C GLN A 31 -3.03 14.11 -0.11
N LEU A 32 -1.91 13.47 -0.38
CA LEU A 32 -1.04 12.99 0.75
C LEU A 32 -0.53 14.21 1.54
N ARG A 33 -0.24 15.31 0.87
CA ARG A 33 0.25 16.53 1.60
C ARG A 33 -0.79 16.96 2.65
N ASP A 34 -2.06 16.91 2.32
CA ASP A 34 -3.10 17.33 3.33
C ASP A 34 -3.05 16.40 4.54
N ALA A 35 -2.96 15.09 4.33
CA ALA A 35 -2.90 14.16 5.51
C ALA A 35 -1.56 14.34 6.23
N GLN A 36 -0.47 14.51 5.51
CA GLN A 36 0.85 14.70 6.19
C GLN A 36 0.91 16.05 6.93
N LYS A 37 0.22 17.07 6.44
CA LYS A 37 0.27 18.40 7.14
C LYS A 37 -0.95 18.61 8.06
N ASP A 38 -2.10 18.02 7.75
CA ASP A 38 -3.30 18.23 8.65
C ASP A 38 -2.98 17.75 10.08
N LYS A 39 -2.23 16.68 10.23
CA LYS A 39 -1.91 16.19 11.62
C LYS A 39 -1.27 17.32 12.46
N SER A 40 -0.43 18.15 11.87
CA SER A 40 0.20 19.27 12.63
C SER A 40 0.87 18.75 13.92
N SER A 41 1.23 19.63 14.83
CA SER A 41 1.88 19.18 16.11
C SER A 41 0.84 19.05 17.23
N LYS A 42 -0.11 19.97 17.31
CA LYS A 42 -1.15 19.88 18.39
C LYS A 42 -2.49 19.42 17.79
N LEU A 43 -2.67 18.13 17.59
CA LEU A 43 -3.95 17.64 17.00
C LEU A 43 -4.22 16.18 17.41
N ALA A 44 -4.87 15.96 18.54
CA ALA A 44 -5.15 14.55 18.98
C ALA A 44 -6.62 14.17 18.71
N ALA A 45 -7.19 14.66 17.62
CA ALA A 45 -8.62 14.32 17.32
C ALA A 45 -8.72 13.77 15.89
N LYS A 46 -9.20 12.55 15.72
CA LYS A 46 -9.33 11.95 14.35
C LYS A 46 -7.98 12.02 13.60
N SER A 47 -6.94 11.45 14.16
CA SER A 47 -5.61 11.49 13.47
C SER A 47 -5.30 10.16 12.76
N ASN A 48 -5.56 9.04 13.40
CA ASN A 48 -5.28 7.71 12.73
C ASN A 48 -6.05 7.60 11.40
N GLU A 49 -7.29 8.07 11.38
CA GLU A 49 -8.08 7.98 10.10
C GLU A 49 -7.36 8.77 8.98
N GLN A 50 -6.79 9.91 9.30
CA GLN A 50 -6.08 10.72 8.23
C GLN A 50 -4.90 9.90 7.68
N LEU A 51 -4.11 9.29 8.55
CA LEU A 51 -2.94 8.49 8.04
C LEU A 51 -3.42 7.36 7.12
N TRP A 52 -4.56 6.75 7.42
CA TRP A 52 -5.06 5.63 6.53
C TRP A 52 -5.25 6.15 5.10
N GLU A 53 -5.73 7.38 4.93
CA GLU A 53 -5.88 7.92 3.53
C GLU A 53 -4.51 7.95 2.83
N ILE A 54 -3.44 8.20 3.56
CA ILE A 54 -2.09 8.23 2.91
C ILE A 54 -1.70 6.80 2.50
N MET A 55 -1.60 5.88 3.45
CA MET A 55 -1.26 4.46 3.06
C MET A 55 -2.34 3.90 2.11
N GLN A 56 -3.58 4.35 2.22
CA GLN A 56 -4.64 3.84 1.27
C GLN A 56 -4.35 4.39 -0.14
N LEU A 57 -3.90 5.63 -0.24
CA LEU A 57 -3.59 6.20 -1.61
C LEU A 57 -2.64 5.25 -2.38
N HIS A 58 -1.73 4.57 -1.69
CA HIS A 58 -0.79 3.64 -2.41
C HIS A 58 -1.59 2.63 -3.25
N HIS A 59 -2.72 2.15 -2.76
CA HIS A 59 -3.53 1.17 -3.57
C HIS A 59 -3.97 1.84 -4.88
N GLN A 60 -4.50 3.04 -4.80
CA GLN A 60 -4.93 3.75 -6.07
C GLN A 60 -3.71 3.91 -7.00
N ARG A 61 -2.54 4.17 -6.46
CA ARG A 61 -1.33 4.34 -7.34
C ARG A 61 -1.05 3.01 -8.07
N SER A 62 -1.00 1.90 -7.35
CA SER A 62 -0.75 0.59 -8.04
C SER A 62 -1.90 0.29 -9.00
N ARG A 63 -3.13 0.56 -8.60
CA ARG A 63 -4.28 0.30 -9.54
C ARG A 63 -4.13 1.18 -10.79
N TYR A 64 -3.69 2.42 -10.64
CA TYR A 64 -3.51 3.30 -11.85
C TYR A 64 -2.46 2.68 -12.79
N ILE A 65 -1.29 2.36 -12.27
CA ILE A 65 -0.24 1.75 -13.16
C ILE A 65 -0.68 0.32 -13.55
N TYR A 66 -1.28 -0.42 -12.64
CA TYR A 66 -1.74 -1.80 -13.01
C TYR A 66 -2.86 -1.69 -14.06
N THR A 67 -3.78 -0.78 -13.90
CA THR A 67 -4.88 -0.65 -14.92
C THR A 67 -4.31 -0.33 -16.30
N LEU A 68 -3.31 0.53 -16.38
CA LEU A 68 -2.77 0.87 -17.74
C LEU A 68 -1.73 -0.16 -18.23
N TYR A 69 -0.91 -0.74 -17.36
CA TYR A 69 0.12 -1.73 -17.84
C TYR A 69 -0.46 -3.16 -17.92
N TYR A 70 -1.37 -3.54 -17.04
CA TYR A 70 -1.91 -4.94 -17.10
C TYR A 70 -3.27 -5.05 -17.84
N LYS A 71 -3.90 -3.96 -18.25
CA LYS A 71 -5.20 -4.08 -18.97
C LYS A 71 -5.18 -3.26 -20.27
N ARG A 72 -4.94 -1.96 -20.17
CA ARG A 72 -4.92 -1.12 -21.43
C ARG A 72 -3.65 -1.40 -22.25
N LYS A 73 -2.56 -1.79 -21.62
CA LYS A 73 -1.30 -2.08 -22.39
C LYS A 73 -0.87 -0.82 -23.16
N ALA A 74 -0.92 0.33 -22.54
CA ALA A 74 -0.49 1.59 -23.23
C ALA A 74 0.82 2.10 -22.63
N ILE A 75 1.70 1.22 -22.20
CA ILE A 75 2.99 1.66 -21.59
C ILE A 75 4.08 0.58 -21.84
N SER A 76 5.34 0.92 -21.70
CA SER A 76 6.41 -0.10 -21.93
C SER A 76 7.04 -0.51 -20.60
N LYS A 77 7.42 -1.78 -20.46
CA LYS A 77 8.06 -2.25 -19.17
C LYS A 77 9.14 -1.26 -18.67
N ASP A 78 9.84 -0.59 -19.56
CA ASP A 78 10.90 0.38 -19.10
C ASP A 78 10.23 1.49 -18.26
N LEU A 79 9.17 2.09 -18.75
CA LEU A 79 8.49 3.16 -17.94
C LEU A 79 7.85 2.50 -16.72
N TYR A 80 7.15 1.39 -16.90
CA TYR A 80 6.52 0.69 -15.72
C TYR A 80 7.63 0.31 -14.71
N ASP A 81 8.78 -0.12 -15.18
CA ASP A 81 9.89 -0.46 -14.21
C ASP A 81 10.43 0.84 -13.60
N TRP A 82 10.62 1.86 -14.41
CA TRP A 82 11.12 3.18 -13.86
C TRP A 82 10.17 3.66 -12.74
N LEU A 83 8.88 3.47 -12.90
CA LEU A 83 7.93 3.91 -11.83
C LEU A 83 8.16 3.07 -10.57
N ILE A 84 8.19 1.75 -10.69
CA ILE A 84 8.42 0.88 -9.49
C ILE A 84 9.76 1.24 -8.82
N LYS A 85 10.76 1.65 -9.58
CA LYS A 85 12.09 2.01 -8.95
C LYS A 85 12.16 3.49 -8.54
N GLU A 86 11.18 4.32 -8.86
CA GLU A 86 11.25 5.76 -8.46
C GLU A 86 10.14 6.14 -7.45
N LYS A 87 9.59 5.19 -6.72
CA LYS A 87 8.50 5.45 -5.70
C LYS A 87 7.15 5.74 -6.38
N TYR A 88 6.53 4.71 -6.92
CA TYR A 88 5.20 4.90 -7.58
C TYR A 88 4.23 3.81 -7.10
N ALA A 89 4.55 2.56 -7.37
CA ALA A 89 3.67 1.45 -6.93
C ALA A 89 4.51 0.35 -6.26
N ASP A 90 3.90 -0.59 -5.58
CA ASP A 90 4.69 -1.67 -4.91
C ASP A 90 4.47 -3.01 -5.64
N LYS A 91 5.45 -3.49 -6.38
CA LYS A 91 5.28 -4.81 -7.09
C LYS A 91 4.96 -5.91 -6.08
N LEU A 92 5.57 -5.90 -4.91
CA LEU A 92 5.28 -6.97 -3.90
C LEU A 92 3.79 -6.97 -3.55
N LEU A 93 3.16 -5.82 -3.44
CA LEU A 93 1.70 -5.80 -3.11
C LEU A 93 0.91 -6.30 -4.32
N ILE A 94 1.24 -5.83 -5.52
CA ILE A 94 0.50 -6.34 -6.74
C ILE A 94 0.70 -7.87 -6.83
N ALA A 95 1.89 -8.37 -6.50
CA ALA A 95 2.10 -9.86 -6.54
C ALA A 95 1.24 -10.53 -5.46
N LYS A 96 1.11 -9.92 -4.29
CA LYS A 96 0.26 -10.54 -3.22
C LYS A 96 -1.18 -10.73 -3.74
N TRP A 97 -1.70 -9.75 -4.46
CA TRP A 97 -3.11 -9.90 -5.00
C TRP A 97 -3.15 -11.01 -6.07
N ARG A 98 -2.11 -11.15 -6.87
CA ARG A 98 -2.12 -12.22 -7.93
C ARG A 98 -1.70 -13.58 -7.34
N LYS A 99 -0.83 -13.59 -6.34
CA LYS A 99 -0.40 -14.92 -5.74
C LYS A 99 -1.62 -15.78 -5.37
N THR A 100 -1.40 -16.99 -4.89
CA THR A 100 -2.56 -17.85 -4.49
C THR A 100 -2.69 -17.87 -2.97
N GLY A 101 -3.90 -17.84 -2.45
CA GLY A 101 -4.06 -17.83 -0.96
C GLY A 101 -4.37 -16.41 -0.46
N TYR A 102 -3.99 -15.37 -1.19
CA TYR A 102 -4.29 -13.97 -0.72
C TYR A 102 -5.64 -13.49 -1.29
N GLU A 103 -6.71 -14.20 -1.01
CA GLU A 103 -8.05 -13.75 -1.55
C GLU A 103 -8.47 -12.43 -0.89
N LYS A 104 -8.12 -12.19 0.36
CA LYS A 104 -8.53 -10.91 1.02
C LYS A 104 -7.33 -10.28 1.75
N LEU A 105 -6.73 -9.25 1.17
CA LEU A 105 -5.56 -8.61 1.85
C LEU A 105 -5.61 -7.07 1.66
N CYS A 106 -5.01 -6.32 2.55
CA CYS A 106 -5.04 -4.83 2.42
C CYS A 106 -3.63 -4.20 2.26
N CYS A 107 -2.60 -4.70 2.91
CA CYS A 107 -1.25 -4.08 2.73
C CYS A 107 -0.15 -5.17 2.72
N LEU A 108 1.11 -4.76 2.76
CA LEU A 108 2.22 -5.78 2.77
C LEU A 108 2.73 -6.01 4.22
N ARG A 109 2.76 -4.97 5.05
CA ARG A 109 3.20 -5.17 6.47
C ARG A 109 1.97 -5.17 7.41
N CYS A 110 0.86 -5.71 6.95
CA CYS A 110 -0.40 -5.76 7.76
C CYS A 110 -0.84 -7.24 7.76
N ILE A 111 -1.10 -7.81 6.59
CA ILE A 111 -1.47 -9.27 6.52
C ILE A 111 -0.25 -10.16 6.89
N GLN A 112 0.97 -9.69 6.68
CA GLN A 112 2.16 -10.53 7.00
C GLN A 112 3.11 -9.76 7.95
N LYS A 113 3.91 -10.46 8.71
CA LYS A 113 4.85 -9.75 9.64
C LYS A 113 6.31 -10.08 9.27
N ASN A 114 6.68 -11.34 9.26
CA ASN A 114 8.08 -11.71 8.90
C ASN A 114 8.12 -13.09 8.21
N GLU A 115 9.30 -13.62 7.97
CA GLU A 115 9.38 -14.95 7.30
C GLU A 115 10.05 -15.97 8.23
N THR A 116 9.35 -16.42 9.26
CA THR A 116 9.95 -17.41 10.21
C THR A 116 8.90 -18.46 10.61
N ASN A 117 9.15 -19.21 11.67
CA ASN A 117 8.15 -20.25 12.10
C ASN A 117 7.22 -19.67 13.19
N ASN A 118 7.76 -18.89 14.11
CA ASN A 118 6.89 -18.31 15.19
C ASN A 118 6.77 -16.80 15.01
N GLY A 119 5.80 -16.16 15.65
CA GLY A 119 5.64 -14.69 15.52
C GLY A 119 4.15 -14.34 15.42
N SER A 120 3.82 -13.11 15.07
CA SER A 120 2.38 -12.72 14.96
C SER A 120 2.17 -11.77 13.78
N THR A 121 0.94 -11.41 13.47
CA THR A 121 0.69 -10.49 12.32
C THR A 121 -0.42 -9.50 12.69
N CYS A 122 -0.72 -8.53 11.84
CA CYS A 122 -1.82 -7.55 12.18
C CYS A 122 -3.11 -8.32 12.52
N ILE A 123 -4.00 -7.74 13.31
CA ILE A 123 -5.26 -8.47 13.67
C ILE A 123 -6.24 -8.52 12.49
N CYS A 124 -6.30 -7.48 11.67
CA CYS A 124 -7.29 -7.51 10.52
C CYS A 124 -7.08 -8.77 9.65
N ARG A 125 -5.87 -9.25 9.50
CA ARG A 125 -5.67 -10.50 8.68
C ARG A 125 -6.50 -11.65 9.27
N VAL A 126 -6.65 -11.70 10.58
CA VAL A 126 -7.47 -12.81 11.21
C VAL A 126 -8.96 -12.46 11.11
N PRO A 127 -9.75 -13.36 10.52
CA PRO A 127 -11.21 -13.11 10.41
C PRO A 127 -11.87 -13.10 11.79
N ARG A 128 -13.17 -12.87 11.86
CA ARG A 128 -13.86 -12.85 13.21
C ARG A 128 -14.03 -14.30 13.73
N ALA A 129 -14.33 -15.24 12.87
CA ALA A 129 -14.50 -16.66 13.36
C ALA A 129 -13.21 -17.14 14.04
N GLN A 130 -12.06 -16.87 13.44
CA GLN A 130 -10.77 -17.31 14.09
C GLN A 130 -10.56 -16.53 15.40
N LEU A 131 -10.85 -15.24 15.39
CA LEU A 131 -10.68 -14.44 16.67
C LEU A 131 -11.64 -14.97 17.74
N GLU A 132 -12.86 -15.32 17.37
CA GLU A 132 -13.82 -15.84 18.40
C GLU A 132 -13.25 -17.11 19.06
N GLU A 133 -12.59 -17.96 18.30
CA GLU A 133 -12.01 -19.22 18.91
C GLU A 133 -11.04 -18.86 20.06
N GLU A 134 -10.29 -17.78 19.93
CA GLU A 134 -9.34 -17.40 21.03
C GLU A 134 -10.13 -17.09 22.32
N ALA A 135 -11.15 -16.26 22.22
CA ALA A 135 -11.95 -15.94 23.47
C ALA A 135 -12.53 -17.22 24.07
N ARG A 136 -12.97 -18.15 23.24
CA ARG A 136 -13.55 -19.44 23.80
C ARG A 136 -12.50 -20.17 24.64
N LYS A 137 -11.25 -20.16 24.22
CA LYS A 137 -10.19 -20.87 25.03
C LYS A 137 -9.63 -19.93 26.10
N LYS A 138 -9.39 -18.67 25.77
CA LYS A 138 -8.83 -17.72 26.78
C LYS A 138 -9.83 -17.51 27.94
N GLY A 139 -11.12 -17.70 27.72
CA GLY A 139 -12.11 -17.49 28.82
C GLY A 139 -12.58 -16.03 28.82
N THR A 140 -12.68 -15.40 27.66
CA THR A 140 -13.13 -13.97 27.61
C THR A 140 -13.95 -13.72 26.32
N GLN A 141 -14.10 -12.48 25.91
CA GLN A 141 -14.88 -12.19 24.67
C GLN A 141 -14.09 -11.25 23.75
N VAL A 142 -14.17 -11.44 22.44
CA VAL A 142 -13.41 -10.53 21.53
C VAL A 142 -14.35 -9.88 20.51
N SER A 143 -13.93 -8.79 19.89
CA SER A 143 -14.80 -8.11 18.88
C SER A 143 -14.00 -7.10 18.05
N PHE A 144 -13.39 -7.54 16.97
CA PHE A 144 -12.57 -6.60 16.13
C PHE A 144 -13.36 -6.13 14.89
N HIS A 145 -12.94 -5.04 14.29
CA HIS A 145 -13.63 -4.52 13.07
C HIS A 145 -12.57 -4.04 12.07
N GLN A 146 -11.77 -3.06 12.45
CA GLN A 146 -10.69 -2.55 11.55
C GLN A 146 -9.40 -2.40 12.37
N CYS A 147 -8.25 -2.54 11.74
CA CYS A 147 -6.96 -2.40 12.52
C CYS A 147 -6.47 -0.95 12.51
N VAL A 148 -5.73 -0.55 13.54
CA VAL A 148 -5.21 0.86 13.59
C VAL A 148 -4.10 1.09 12.54
N HIS A 149 -3.38 0.06 12.14
CA HIS A 149 -2.28 0.27 11.11
C HIS A 149 -2.83 1.03 9.90
N CYS A 150 -3.83 0.52 9.23
CA CYS A 150 -4.41 1.22 8.05
C CYS A 150 -5.94 1.35 8.19
N GLY A 151 -6.63 1.70 7.13
CA GLY A 151 -8.12 1.83 7.20
C GLY A 151 -8.73 0.55 6.60
N CYS A 152 -8.44 -0.60 7.19
CA CYS A 152 -8.98 -1.88 6.64
C CYS A 152 -10.22 -2.31 7.44
N ARG A 153 -11.20 -2.91 6.81
CA ARG A 153 -12.41 -3.36 7.57
C ARG A 153 -12.29 -4.86 7.89
N GLY A 154 -11.17 -5.27 8.45
CA GLY A 154 -11.00 -6.71 8.79
C GLY A 154 -10.90 -7.53 7.49
N CYS A 155 -9.70 -7.85 7.04
CA CYS A 155 -9.56 -8.66 5.79
C CYS A 155 -9.05 -10.07 6.10
N ALA A 156 -9.72 -11.09 5.61
CA ALA A 156 -9.28 -12.49 5.89
C ALA A 156 -9.67 -13.42 4.73
N SER A 157 -8.81 -14.35 4.35
CA SER A 157 -9.17 -15.26 3.22
C SER A 157 -9.25 -16.71 3.72
N THR A 158 -8.19 -17.22 4.31
CA THR A 158 -8.22 -18.63 4.81
C THR A 158 -7.48 -18.73 6.15
N ASP A 159 -7.82 -17.88 7.11
CA ASP A 159 -7.13 -17.94 8.44
C ASP A 159 -8.13 -18.29 9.54
ZN ZN B . -3.69 -3.03 6.14
ZN ZN C . -6.42 -5.83 6.52
ZN ZN D . -4.18 -4.62 9.46
N GLY A 1 32.66 15.64 -25.21
CA GLY A 1 34.11 15.97 -25.13
C GLY A 1 34.30 17.32 -24.41
N GLY A 2 35.48 17.89 -24.45
CA GLY A 2 35.70 19.19 -23.77
C GLY A 2 35.52 19.01 -22.25
N SER A 3 36.58 18.69 -21.53
CA SER A 3 36.44 18.50 -20.05
C SER A 3 36.02 19.83 -19.38
N PRO A 4 36.82 20.86 -19.57
CA PRO A 4 36.49 22.18 -18.97
C PRO A 4 35.33 22.84 -19.72
N ARG A 5 34.17 22.96 -19.10
CA ARG A 5 33.01 23.58 -19.79
C ARG A 5 32.30 24.57 -18.85
N ILE A 6 31.33 25.33 -19.36
CA ILE A 6 30.62 26.30 -18.49
C ILE A 6 29.13 26.34 -18.83
N LYS A 7 28.47 25.19 -18.90
CA LYS A 7 27.02 25.16 -19.23
C LYS A 7 26.21 24.64 -18.04
N THR A 8 24.99 25.12 -17.85
CA THR A 8 24.17 24.65 -16.71
C THR A 8 22.83 24.10 -17.21
N ARG A 9 22.83 22.95 -17.86
CA ARG A 9 21.55 22.37 -18.37
C ARG A 9 21.38 20.92 -17.88
N ARG A 10 20.31 20.26 -18.27
CA ARG A 10 20.11 18.84 -17.81
C ARG A 10 19.11 18.11 -18.73
N SER A 11 18.72 16.90 -18.38
CA SER A 11 17.75 16.15 -19.25
C SER A 11 16.44 15.92 -18.49
N LYS A 12 15.59 15.03 -18.97
CA LYS A 12 14.29 14.78 -18.26
C LYS A 12 14.24 13.34 -17.74
N PRO A 13 13.74 13.16 -16.54
CA PRO A 13 13.66 11.79 -15.95
C PRO A 13 12.53 10.99 -16.61
N ALA A 14 12.59 9.68 -16.54
CA ALA A 14 11.52 8.82 -17.16
C ALA A 14 11.45 9.05 -18.69
N PRO A 15 11.07 8.02 -19.41
CA PRO A 15 10.97 8.13 -20.88
C PRO A 15 9.75 8.98 -21.29
N ASP A 16 9.69 9.42 -22.52
CA ASP A 16 8.50 10.27 -22.97
C ASP A 16 7.17 9.62 -22.56
N GLY A 17 7.09 8.31 -22.50
CA GLY A 17 5.80 7.64 -22.11
C GLY A 17 5.31 8.19 -20.75
N PHE A 18 6.21 8.52 -19.84
CA PHE A 18 5.76 9.06 -18.51
C PHE A 18 4.83 10.28 -18.70
N GLU A 19 5.05 11.08 -19.73
CA GLU A 19 4.15 12.27 -19.95
C GLU A 19 2.68 11.84 -19.99
N LYS A 20 2.38 10.69 -20.57
CA LYS A 20 0.95 10.23 -20.62
C LYS A 20 0.38 10.11 -19.20
N ILE A 21 1.18 9.69 -18.24
CA ILE A 21 0.67 9.56 -16.83
C ILE A 21 1.41 10.52 -15.89
N LYS A 22 1.77 11.70 -16.36
CA LYS A 22 2.53 12.66 -15.47
C LYS A 22 1.61 13.48 -14.53
N PRO A 23 0.51 14.01 -15.05
CA PRO A 23 -0.39 14.83 -14.20
C PRO A 23 -1.22 13.97 -13.25
N THR A 24 -1.65 12.80 -13.66
CA THR A 24 -2.47 11.94 -12.72
C THR A 24 -1.67 11.61 -11.46
N LEU A 25 -0.41 11.27 -11.60
CA LEU A 25 0.41 10.94 -10.39
C LEU A 25 0.58 12.21 -9.54
N THR A 26 0.81 13.35 -10.17
CA THR A 26 0.97 14.62 -9.37
C THR A 26 -0.29 14.87 -8.50
N ASP A 27 -1.46 14.49 -8.99
CA ASP A 27 -2.71 14.71 -8.18
C ASP A 27 -2.59 14.02 -6.82
N PHE A 28 -1.97 12.85 -6.77
CA PHE A 28 -1.84 12.13 -5.44
C PHE A 28 -1.07 13.00 -4.43
N GLU A 29 -0.06 13.72 -4.87
CA GLU A 29 0.71 14.58 -3.90
C GLU A 29 -0.22 15.61 -3.24
N ILE A 30 -1.13 16.19 -3.98
CA ILE A 30 -2.06 17.20 -3.36
C ILE A 30 -2.94 16.49 -2.31
N GLN A 31 -3.41 15.29 -2.59
CA GLN A 31 -4.25 14.56 -1.58
C GLN A 31 -3.36 14.16 -0.39
N LEU A 32 -2.23 13.53 -0.64
CA LEU A 32 -1.32 13.17 0.50
C LEU A 32 -0.87 14.45 1.23
N ARG A 33 -0.66 15.54 0.51
CA ARG A 33 -0.23 16.81 1.19
C ARG A 33 -1.24 17.18 2.29
N ASP A 34 -2.52 16.99 2.05
CA ASP A 34 -3.54 17.34 3.11
C ASP A 34 -3.37 16.39 4.31
N ALA A 35 -3.14 15.11 4.07
CA ALA A 35 -2.95 14.17 5.22
C ALA A 35 -1.59 14.45 5.87
N GLN A 36 -0.56 14.68 5.08
CA GLN A 36 0.78 14.98 5.69
C GLN A 36 0.70 16.25 6.56
N LYS A 37 -0.11 17.22 6.19
CA LYS A 37 -0.22 18.47 7.02
C LYS A 37 -1.15 18.25 8.23
N ASP A 38 -2.14 17.38 8.12
CA ASP A 38 -3.06 17.14 9.30
C ASP A 38 -2.24 16.80 10.56
N LYS A 39 -1.14 16.08 10.41
CA LYS A 39 -0.30 15.73 11.62
C LYS A 39 0.04 17.00 12.43
N SER A 40 0.24 18.13 11.78
CA SER A 40 0.58 19.40 12.55
C SER A 40 -0.46 19.65 13.66
N SER A 41 -0.30 20.71 14.42
CA SER A 41 -1.28 21.00 15.51
C SER A 41 -2.14 22.22 15.15
N LYS A 42 -3.27 22.42 15.81
CA LYS A 42 -4.15 23.59 15.50
C LYS A 42 -4.48 23.64 14.00
N LEU A 43 -4.69 22.50 13.37
CA LEU A 43 -5.01 22.50 11.91
C LEU A 43 -6.33 21.76 11.65
N ALA A 44 -6.43 20.50 12.04
CA ALA A 44 -7.70 19.74 11.81
C ALA A 44 -7.86 18.61 12.85
N ALA A 45 -8.83 17.75 12.67
CA ALA A 45 -9.03 16.63 13.65
C ALA A 45 -8.72 15.28 12.98
N LYS A 46 -8.97 14.17 13.65
CA LYS A 46 -8.68 12.83 13.04
C LYS A 46 -7.24 12.76 12.51
N SER A 47 -6.31 12.27 13.30
CA SER A 47 -4.89 12.18 12.81
C SER A 47 -4.58 10.75 12.36
N ASN A 48 -4.85 9.77 13.20
CA ASN A 48 -4.58 8.34 12.79
C ASN A 48 -5.44 8.00 11.57
N GLU A 49 -6.68 8.44 11.53
CA GLU A 49 -7.55 8.12 10.35
C GLU A 49 -6.98 8.81 9.10
N GLN A 50 -6.51 10.05 9.22
CA GLN A 50 -5.94 10.75 8.01
C GLN A 50 -4.71 9.99 7.51
N LEU A 51 -3.86 9.51 8.41
CA LEU A 51 -2.65 8.76 7.94
C LEU A 51 -3.08 7.53 7.11
N TRP A 52 -4.14 6.85 7.53
CA TRP A 52 -4.60 5.65 6.74
C TRP A 52 -4.91 6.07 5.29
N GLU A 53 -5.46 7.25 5.09
CA GLU A 53 -5.74 7.70 3.68
C GLU A 53 -4.42 7.80 2.89
N ILE A 54 -3.30 8.10 3.55
CA ILE A 54 -2.01 8.18 2.79
C ILE A 54 -1.58 6.78 2.36
N MET A 55 -1.39 5.85 3.30
CA MET A 55 -1.00 4.46 2.85
C MET A 55 -2.10 3.88 1.95
N GLN A 56 -3.35 4.26 2.15
CA GLN A 56 -4.44 3.72 1.24
C GLN A 56 -4.24 4.28 -0.18
N LEU A 57 -3.82 5.53 -0.31
CA LEU A 57 -3.60 6.11 -1.69
C LEU A 57 -2.66 5.20 -2.50
N HIS A 58 -1.72 4.52 -1.86
CA HIS A 58 -0.80 3.62 -2.63
C HIS A 58 -1.61 2.58 -3.43
N HIS A 59 -2.72 2.10 -2.89
CA HIS A 59 -3.54 1.09 -3.65
C HIS A 59 -4.03 1.73 -4.96
N GLN A 60 -4.60 2.91 -4.89
CA GLN A 60 -5.09 3.58 -6.15
C GLN A 60 -3.92 3.75 -7.14
N ARG A 61 -2.73 4.06 -6.64
CA ARG A 61 -1.54 4.22 -7.57
C ARG A 61 -1.27 2.88 -8.27
N SER A 62 -1.19 1.78 -7.53
CA SER A 62 -0.92 0.46 -8.19
C SER A 62 -2.05 0.14 -9.17
N ARG A 63 -3.29 0.43 -8.83
CA ARG A 63 -4.41 0.15 -9.80
C ARG A 63 -4.22 0.99 -11.07
N TYR A 64 -3.81 2.25 -10.93
CA TYR A 64 -3.59 3.10 -12.15
C TYR A 64 -2.47 2.50 -13.01
N ILE A 65 -1.34 2.19 -12.41
CA ILE A 65 -0.22 1.58 -13.23
C ILE A 65 -0.60 0.15 -13.63
N TYR A 66 -1.28 -0.59 -12.77
CA TYR A 66 -1.67 -1.99 -13.16
C TYR A 66 -2.73 -1.91 -14.27
N THR A 67 -3.67 -1.00 -14.17
CA THR A 67 -4.72 -0.90 -15.25
C THR A 67 -4.05 -0.56 -16.59
N LEU A 68 -3.07 0.32 -16.61
CA LEU A 68 -2.42 0.67 -17.93
C LEU A 68 -1.33 -0.35 -18.33
N TYR A 69 -0.56 -0.88 -17.40
CA TYR A 69 0.51 -1.87 -17.81
C TYR A 69 -0.03 -3.31 -17.90
N TYR A 70 -0.96 -3.70 -17.05
CA TYR A 70 -1.47 -5.11 -17.10
C TYR A 70 -2.80 -5.25 -17.88
N LYS A 71 -3.41 -4.17 -18.34
CA LYS A 71 -4.70 -4.32 -19.10
C LYS A 71 -4.73 -3.38 -20.32
N ARG A 72 -4.60 -2.08 -20.11
CA ARG A 72 -4.63 -1.14 -21.29
C ARG A 72 -3.45 -1.42 -22.24
N LYS A 73 -2.32 -1.91 -21.73
CA LYS A 73 -1.14 -2.20 -22.60
C LYS A 73 -0.68 -0.90 -23.29
N ALA A 74 -0.60 0.20 -22.57
CA ALA A 74 -0.16 1.48 -23.18
C ALA A 74 1.14 1.95 -22.50
N ILE A 75 2.03 1.04 -22.17
CA ILE A 75 3.31 1.45 -21.51
C ILE A 75 4.39 0.37 -21.71
N SER A 76 5.66 0.70 -21.50
CA SER A 76 6.72 -0.33 -21.68
C SER A 76 7.32 -0.69 -20.32
N LYS A 77 7.79 -1.93 -20.15
CA LYS A 77 8.39 -2.35 -18.83
C LYS A 77 9.39 -1.30 -18.30
N ASP A 78 10.09 -0.59 -19.17
CA ASP A 78 11.06 0.45 -18.67
C ASP A 78 10.30 1.53 -17.89
N LEU A 79 9.27 2.10 -18.48
CA LEU A 79 8.49 3.15 -17.73
C LEU A 79 7.81 2.50 -16.51
N TYR A 80 7.23 1.32 -16.70
CA TYR A 80 6.57 0.64 -15.53
C TYR A 80 7.63 0.33 -14.46
N ASP A 81 8.82 -0.10 -14.85
CA ASP A 81 9.88 -0.38 -13.83
C ASP A 81 10.37 0.95 -13.23
N TRP A 82 10.55 1.96 -14.06
CA TRP A 82 11.00 3.30 -13.52
C TRP A 82 10.01 3.80 -12.45
N LEU A 83 8.72 3.54 -12.62
CA LEU A 83 7.73 3.99 -11.58
C LEU A 83 7.92 3.17 -10.30
N ILE A 84 8.00 1.85 -10.43
CA ILE A 84 8.21 1.00 -9.20
C ILE A 84 9.50 1.42 -8.47
N LYS A 85 10.51 1.90 -9.18
CA LYS A 85 11.78 2.31 -8.48
C LYS A 85 11.75 3.80 -8.05
N GLU A 86 10.85 4.61 -8.58
CA GLU A 86 10.82 6.05 -8.15
C GLU A 86 9.64 6.37 -7.22
N LYS A 87 9.07 5.37 -6.54
CA LYS A 87 7.93 5.59 -5.59
C LYS A 87 6.61 5.83 -6.33
N TYR A 88 6.02 4.80 -6.89
CA TYR A 88 4.74 4.96 -7.62
C TYR A 88 3.77 3.83 -7.21
N ALA A 89 4.13 2.60 -7.49
CA ALA A 89 3.25 1.45 -7.11
C ALA A 89 4.07 0.45 -6.29
N ASP A 90 3.52 -0.70 -5.96
CA ASP A 90 4.28 -1.69 -5.15
C ASP A 90 4.20 -3.08 -5.80
N LYS A 91 5.26 -3.51 -6.47
CA LYS A 91 5.24 -4.88 -7.11
C LYS A 91 5.00 -5.95 -6.04
N LEU A 92 5.61 -5.81 -4.86
CA LEU A 92 5.39 -6.83 -3.78
C LEU A 92 3.89 -6.92 -3.43
N LEU A 93 3.20 -5.80 -3.36
CA LEU A 93 1.73 -5.86 -3.05
C LEU A 93 0.99 -6.45 -4.26
N ILE A 94 1.28 -5.97 -5.45
CA ILE A 94 0.61 -6.55 -6.66
C ILE A 94 0.94 -8.05 -6.76
N ALA A 95 2.13 -8.47 -6.34
CA ALA A 95 2.47 -9.94 -6.39
C ALA A 95 1.59 -10.70 -5.38
N LYS A 96 1.47 -10.20 -4.15
CA LYS A 96 0.61 -10.91 -3.14
C LYS A 96 -0.82 -11.05 -3.68
N TRP A 97 -1.35 -10.02 -4.32
CA TRP A 97 -2.75 -10.14 -4.87
C TRP A 97 -2.84 -11.28 -5.90
N ARG A 98 -1.75 -11.61 -6.57
CA ARG A 98 -1.81 -12.73 -7.59
C ARG A 98 -1.62 -14.09 -6.89
N LYS A 99 -0.79 -14.18 -5.86
CA LYS A 99 -0.59 -15.49 -5.15
C LYS A 99 -1.94 -16.10 -4.73
N THR A 100 -1.92 -17.27 -4.12
CA THR A 100 -3.21 -17.89 -3.68
C THR A 100 -3.36 -17.71 -2.16
N GLY A 101 -4.55 -17.38 -1.69
CA GLY A 101 -4.73 -17.17 -0.23
C GLY A 101 -4.80 -15.66 0.09
N TYR A 102 -4.17 -14.82 -0.72
CA TYR A 102 -4.22 -13.34 -0.45
C TYR A 102 -5.40 -12.72 -1.21
N GLU A 103 -6.62 -13.16 -0.96
CA GLU A 103 -7.79 -12.57 -1.69
C GLU A 103 -8.30 -11.32 -0.95
N LYS A 104 -8.23 -11.29 0.37
CA LYS A 104 -8.72 -10.08 1.11
C LYS A 104 -7.57 -9.44 1.89
N LEU A 105 -6.54 -8.96 1.22
CA LEU A 105 -5.41 -8.31 1.95
C LEU A 105 -5.45 -6.78 1.73
N CYS A 106 -4.94 -6.00 2.67
CA CYS A 106 -4.98 -4.51 2.49
C CYS A 106 -3.58 -3.87 2.32
N CYS A 107 -2.52 -4.42 2.89
CA CYS A 107 -1.17 -3.78 2.70
C CYS A 107 -0.09 -4.87 2.57
N LEU A 108 1.18 -4.49 2.65
CA LEU A 108 2.27 -5.52 2.56
C LEU A 108 2.73 -5.92 3.97
N ARG A 109 2.83 -4.98 4.91
CA ARG A 109 3.24 -5.35 6.30
C ARG A 109 1.98 -5.39 7.23
N CYS A 110 0.83 -5.74 6.68
CA CYS A 110 -0.43 -5.79 7.49
C CYS A 110 -1.09 -7.19 7.28
N ILE A 111 -0.35 -8.19 6.77
CA ILE A 111 -0.93 -9.56 6.52
C ILE A 111 0.20 -10.60 6.45
N GLN A 112 1.22 -10.51 7.28
CA GLN A 112 2.34 -11.51 7.20
C GLN A 112 2.24 -12.54 8.34
N LYS A 113 1.75 -13.73 8.06
CA LYS A 113 1.64 -14.77 9.13
C LYS A 113 2.60 -15.93 8.83
N ASN A 114 2.63 -16.94 9.67
CA ASN A 114 3.55 -18.10 9.40
C ASN A 114 2.90 -19.40 9.87
N GLU A 115 3.42 -20.54 9.45
CA GLU A 115 2.82 -21.85 9.87
C GLU A 115 3.82 -22.64 10.72
N THR A 116 4.56 -21.98 11.59
CA THR A 116 5.55 -22.72 12.44
C THR A 116 5.94 -21.89 13.68
N ASN A 117 6.42 -20.67 13.48
CA ASN A 117 6.80 -19.83 14.65
C ASN A 117 5.92 -18.56 14.69
N ASN A 118 6.23 -17.62 15.55
CA ASN A 118 5.40 -16.37 15.63
C ASN A 118 6.20 -15.17 15.08
N GLY A 119 6.18 -14.96 13.77
CA GLY A 119 6.93 -13.81 13.19
C GLY A 119 6.22 -12.50 13.54
N SER A 120 5.68 -11.81 12.56
CA SER A 120 4.97 -10.52 12.85
C SER A 120 3.80 -10.32 11.87
N THR A 121 2.57 -10.54 12.32
CA THR A 121 1.40 -10.36 11.42
C THR A 121 0.47 -9.27 11.97
N CYS A 122 -0.54 -8.87 11.22
CA CYS A 122 -1.48 -7.84 11.74
C CYS A 122 -2.79 -8.53 12.17
N ILE A 123 -3.53 -7.93 13.08
CA ILE A 123 -4.82 -8.59 13.54
C ILE A 123 -5.94 -8.46 12.48
N CYS A 124 -5.96 -7.40 11.69
CA CYS A 124 -7.07 -7.27 10.67
C CYS A 124 -7.08 -8.48 9.72
N ARG A 125 -5.93 -9.01 9.36
CA ARG A 125 -5.92 -10.21 8.45
C ARG A 125 -6.77 -11.35 9.06
N VAL A 126 -6.79 -11.47 10.37
CA VAL A 126 -7.62 -12.56 11.01
C VAL A 126 -9.10 -12.12 11.09
N PRO A 127 -9.98 -12.92 10.52
CA PRO A 127 -11.43 -12.57 10.56
C PRO A 127 -11.97 -12.63 12.01
N ARG A 128 -13.21 -12.22 12.22
CA ARG A 128 -13.77 -12.26 13.61
C ARG A 128 -14.14 -13.70 14.00
N ALA A 129 -14.63 -14.51 13.08
CA ALA A 129 -14.99 -15.93 13.45
C ALA A 129 -13.75 -16.66 13.99
N GLN A 130 -12.59 -16.45 13.39
CA GLN A 130 -11.36 -17.14 13.91
C GLN A 130 -10.99 -16.55 15.28
N LEU A 131 -11.07 -15.24 15.43
CA LEU A 131 -10.73 -14.62 16.76
C LEU A 131 -11.75 -15.08 17.81
N GLU A 132 -13.01 -15.19 17.45
CA GLU A 132 -14.04 -15.65 18.47
C GLU A 132 -13.68 -17.06 18.96
N GLU A 133 -13.24 -17.93 18.08
CA GLU A 133 -12.89 -19.33 18.53
C GLU A 133 -11.77 -19.28 19.58
N GLU A 134 -10.80 -18.41 19.40
CA GLU A 134 -9.68 -18.32 20.42
C GLU A 134 -10.26 -17.94 21.79
N ALA A 135 -11.20 -17.02 21.85
CA ALA A 135 -11.78 -16.62 23.18
C ALA A 135 -12.42 -17.83 23.86
N ARG A 136 -13.13 -18.66 23.12
CA ARG A 136 -13.77 -19.87 23.76
C ARG A 136 -12.69 -20.76 24.39
N LYS A 137 -11.54 -20.90 23.76
CA LYS A 137 -10.46 -21.77 24.36
C LYS A 137 -10.08 -21.26 25.76
N LYS A 138 -10.08 -19.96 25.99
CA LYS A 138 -9.72 -19.45 27.35
C LYS A 138 -10.95 -18.94 28.13
N GLY A 139 -12.16 -19.32 27.76
CA GLY A 139 -13.36 -18.85 28.50
C GLY A 139 -13.39 -17.31 28.55
N THR A 140 -13.13 -16.65 27.45
CA THR A 140 -13.16 -15.15 27.46
C THR A 140 -13.94 -14.63 26.24
N GLN A 141 -13.79 -13.38 25.88
CA GLN A 141 -14.53 -12.84 24.70
C GLN A 141 -13.62 -11.89 23.88
N VAL A 142 -13.76 -11.89 22.57
CA VAL A 142 -12.90 -10.99 21.73
C VAL A 142 -13.77 -10.24 20.72
N SER A 143 -13.28 -9.16 20.16
CA SER A 143 -14.10 -8.40 19.16
C SER A 143 -13.24 -7.37 18.40
N PHE A 144 -12.82 -7.69 17.19
CA PHE A 144 -11.99 -6.73 16.40
C PHE A 144 -12.83 -6.02 15.33
N HIS A 145 -12.36 -4.89 14.84
CA HIS A 145 -13.10 -4.15 13.79
C HIS A 145 -12.09 -3.65 12.74
N GLN A 146 -11.17 -2.80 13.16
CA GLN A 146 -10.13 -2.28 12.22
C GLN A 146 -8.78 -2.21 12.94
N CYS A 147 -7.67 -2.35 12.23
CA CYS A 147 -6.34 -2.29 12.91
C CYS A 147 -5.76 -0.87 12.88
N VAL A 148 -4.91 -0.53 13.83
CA VAL A 148 -4.31 0.86 13.85
C VAL A 148 -3.27 1.05 12.73
N HIS A 149 -2.63 -0.01 12.26
CA HIS A 149 -1.58 0.16 11.17
C HIS A 149 -2.15 1.02 10.02
N CYS A 150 -3.24 0.60 9.40
CA CYS A 150 -3.84 1.40 8.30
C CYS A 150 -5.34 1.63 8.56
N GLY A 151 -6.09 2.04 7.56
CA GLY A 151 -7.55 2.26 7.75
C GLY A 151 -8.29 1.04 7.18
N CYS A 152 -8.07 -0.14 7.74
CA CYS A 152 -8.74 -1.37 7.21
C CYS A 152 -9.93 -1.74 8.11
N ARG A 153 -11.02 -2.20 7.54
CA ARG A 153 -12.20 -2.59 8.38
C ARG A 153 -12.22 -4.11 8.56
N GLY A 154 -11.08 -4.71 8.89
CA GLY A 154 -11.04 -6.18 9.09
C GLY A 154 -11.06 -6.89 7.72
N CYS A 155 -9.90 -7.25 7.20
CA CYS A 155 -9.87 -7.95 5.87
C CYS A 155 -9.49 -9.44 6.07
N ALA A 156 -10.30 -10.34 5.57
CA ALA A 156 -10.00 -11.80 5.74
C ALA A 156 -10.47 -12.59 4.50
N SER A 157 -9.80 -13.67 4.17
CA SER A 157 -10.22 -14.47 2.97
C SER A 157 -10.69 -15.87 3.39
N THR A 158 -9.87 -16.61 4.12
CA THR A 158 -10.30 -18.00 4.54
C THR A 158 -11.69 -17.97 5.20
N ASP A 159 -12.00 -16.95 5.97
CA ASP A 159 -13.33 -16.89 6.63
C ASP A 159 -13.85 -15.44 6.62
ZN ZN B . -3.54 -2.79 6.22
ZN ZN C . -6.44 -5.44 6.66
ZN ZN D . -3.93 -4.56 9.49
N GLY A 1 29.52 -2.99 0.55
CA GLY A 1 29.80 -1.71 1.27
C GLY A 1 30.89 -0.93 0.53
N GLY A 2 30.57 -0.36 -0.62
CA GLY A 2 31.60 0.41 -1.37
C GLY A 2 31.01 1.77 -1.78
N SER A 3 30.65 2.61 -0.83
CA SER A 3 30.08 3.95 -1.18
C SER A 3 30.61 5.02 -0.22
N PRO A 4 31.76 5.57 -0.52
CA PRO A 4 32.35 6.61 0.36
C PRO A 4 31.57 7.93 0.21
N ARG A 5 31.17 8.28 -0.99
CA ARG A 5 30.41 9.55 -1.19
C ARG A 5 29.22 9.31 -2.12
N ILE A 6 28.52 8.20 -1.99
CA ILE A 6 27.35 7.92 -2.88
C ILE A 6 26.09 7.74 -2.03
N LYS A 7 25.00 8.38 -2.41
CA LYS A 7 23.74 8.24 -1.62
C LYS A 7 22.53 8.10 -2.56
N THR A 8 22.28 9.09 -3.41
CA THR A 8 21.11 8.99 -4.35
C THR A 8 21.53 9.41 -5.76
N ARG A 9 20.77 9.05 -6.77
CA ARG A 9 21.15 9.43 -8.17
C ARG A 9 20.03 10.30 -8.78
N ARG A 10 20.38 11.21 -9.67
CA ARG A 10 19.33 12.08 -10.30
C ARG A 10 19.60 12.23 -11.80
N SER A 11 19.79 11.12 -12.51
CA SER A 11 20.04 11.21 -13.98
C SER A 11 19.18 10.19 -14.73
N LYS A 12 17.94 10.00 -14.34
CA LYS A 12 17.06 9.04 -15.04
C LYS A 12 15.68 9.66 -15.31
N PRO A 13 15.57 10.40 -16.39
CA PRO A 13 14.28 11.04 -16.73
C PRO A 13 13.26 10.00 -17.23
N ALA A 14 11.99 10.32 -17.16
CA ALA A 14 10.95 9.34 -17.64
C ALA A 14 10.73 9.53 -19.16
N PRO A 15 10.41 8.45 -19.84
CA PRO A 15 10.18 8.53 -21.30
C PRO A 15 8.89 9.29 -21.62
N ASP A 16 8.73 9.74 -22.85
CA ASP A 16 7.48 10.52 -23.23
C ASP A 16 6.20 9.80 -22.74
N GLY A 17 6.20 8.48 -22.69
CA GLY A 17 4.98 7.75 -22.21
C GLY A 17 4.51 8.30 -20.85
N PHE A 18 5.42 8.71 -19.99
CA PHE A 18 4.99 9.26 -18.65
C PHE A 18 4.00 10.42 -18.83
N GLU A 19 4.14 11.21 -19.89
CA GLU A 19 3.18 12.36 -20.09
C GLU A 19 1.72 11.85 -20.07
N LYS A 20 1.46 10.69 -20.63
CA LYS A 20 0.05 10.15 -20.61
C LYS A 20 -0.44 10.01 -19.17
N ILE A 21 0.43 9.64 -18.25
CA ILE A 21 -0.01 9.49 -16.82
C ILE A 21 0.71 10.52 -15.93
N LYS A 22 0.96 11.72 -16.43
CA LYS A 22 1.68 12.75 -15.60
C LYS A 22 0.74 13.54 -14.65
N PRO A 23 -0.42 13.96 -15.12
CA PRO A 23 -1.33 14.75 -14.25
C PRO A 23 -2.04 13.85 -13.22
N THR A 24 -2.41 12.63 -13.56
CA THR A 24 -3.10 11.76 -12.56
C THR A 24 -2.18 11.51 -11.35
N LEU A 25 -0.94 11.17 -11.60
CA LEU A 25 0.01 10.94 -10.44
C LEU A 25 0.15 12.24 -9.62
N THR A 26 0.22 13.38 -10.27
CA THR A 26 0.35 14.67 -9.50
C THR A 26 -0.82 14.82 -8.51
N ASP A 27 -2.00 14.37 -8.86
CA ASP A 27 -3.17 14.50 -7.90
C ASP A 27 -2.85 13.79 -6.57
N PHE A 28 -2.17 12.65 -6.63
CA PHE A 28 -1.84 11.93 -5.35
C PHE A 28 -1.00 12.83 -4.42
N GLU A 29 -0.08 13.60 -4.96
CA GLU A 29 0.76 14.49 -4.09
C GLU A 29 -0.14 15.45 -3.28
N ILE A 30 -1.19 15.97 -3.89
CA ILE A 30 -2.08 16.90 -3.11
C ILE A 30 -2.82 16.08 -2.02
N GLN A 31 -3.27 14.89 -2.34
CA GLN A 31 -3.96 14.05 -1.29
C GLN A 31 -2.93 13.67 -0.22
N LEU A 32 -1.78 13.17 -0.63
CA LEU A 32 -0.73 12.82 0.39
C LEU A 32 -0.28 14.11 1.11
N ARG A 33 -0.21 15.22 0.41
CA ARG A 33 0.20 16.51 1.09
C ARG A 33 -0.73 16.83 2.26
N ASP A 34 -2.02 16.57 2.12
CA ASP A 34 -2.95 16.88 3.27
C ASP A 34 -2.60 16.01 4.47
N ALA A 35 -2.49 14.71 4.29
CA ALA A 35 -2.12 13.83 5.46
C ALA A 35 -0.66 14.07 5.85
N GLN A 36 0.22 14.31 4.89
CA GLN A 36 1.65 14.57 5.24
C GLN A 36 1.80 15.96 5.87
N LYS A 37 0.98 16.93 5.51
CA LYS A 37 1.10 18.30 6.12
C LYS A 37 0.15 18.46 7.32
N ASP A 38 -1.01 17.83 7.29
CA ASP A 38 -1.96 17.99 8.45
C ASP A 38 -1.30 17.45 9.74
N LYS A 39 -0.57 16.36 9.66
CA LYS A 39 0.10 15.81 10.91
C LYS A 39 1.00 16.88 11.54
N SER A 40 1.71 17.66 10.73
CA SER A 40 2.60 18.72 11.32
C SER A 40 1.74 19.81 11.98
N SER A 41 2.36 20.82 12.58
CA SER A 41 1.58 21.92 13.24
C SER A 41 0.77 21.38 14.43
N LYS A 42 -0.28 20.61 14.19
CA LYS A 42 -1.09 20.07 15.32
C LYS A 42 -1.01 18.53 15.32
N LEU A 43 -0.60 17.93 16.42
CA LEU A 43 -0.51 16.44 16.47
C LEU A 43 -1.09 15.92 17.80
N ALA A 44 -2.37 16.09 18.03
CA ALA A 44 -2.98 15.60 19.30
C ALA A 44 -4.01 14.51 19.02
N ALA A 45 -4.99 14.78 18.19
CA ALA A 45 -6.03 13.73 17.88
C ALA A 45 -6.08 13.49 16.36
N LYS A 46 -6.85 12.50 15.92
CA LYS A 46 -6.94 12.21 14.45
C LYS A 46 -5.54 12.02 13.84
N SER A 47 -4.80 11.02 14.27
CA SER A 47 -3.43 10.80 13.71
C SER A 47 -3.39 9.47 12.94
N ASN A 48 -3.72 8.38 13.58
CA ASN A 48 -3.69 7.05 12.87
C ASN A 48 -4.64 7.11 11.66
N GLU A 49 -5.82 7.70 11.82
CA GLU A 49 -6.77 7.78 10.64
C GLU A 49 -6.13 8.61 9.51
N GLN A 50 -5.39 9.66 9.83
CA GLN A 50 -4.76 10.48 8.74
C GLN A 50 -3.70 9.63 8.00
N LEU A 51 -2.89 8.88 8.73
CA LEU A 51 -1.85 8.04 8.05
C LEU A 51 -2.52 6.96 7.19
N TRP A 52 -3.66 6.42 7.60
CA TRP A 52 -4.34 5.38 6.76
C TRP A 52 -4.62 5.93 5.36
N GLU A 53 -5.05 7.17 5.25
CA GLU A 53 -5.32 7.75 3.90
C GLU A 53 -4.03 7.73 3.06
N ILE A 54 -2.87 7.93 3.66
CA ILE A 54 -1.60 7.89 2.86
C ILE A 54 -1.31 6.45 2.46
N MET A 55 -1.18 5.53 3.41
CA MET A 55 -0.91 4.10 3.00
C MET A 55 -2.09 3.57 2.14
N GLN A 56 -3.29 4.09 2.30
CA GLN A 56 -4.42 3.59 1.43
C GLN A 56 -4.23 4.16 0.01
N LEU A 57 -3.82 5.41 -0.11
CA LEU A 57 -3.59 6.00 -1.48
C LEU A 57 -2.64 5.10 -2.30
N HIS A 58 -1.73 4.40 -1.66
CA HIS A 58 -0.79 3.50 -2.43
C HIS A 58 -1.59 2.47 -3.25
N HIS A 59 -2.65 1.92 -2.70
CA HIS A 59 -3.46 0.92 -3.48
C HIS A 59 -4.00 1.59 -4.75
N GLN A 60 -4.58 2.78 -4.63
CA GLN A 60 -5.10 3.47 -5.85
C GLN A 60 -3.95 3.74 -6.84
N ARG A 61 -2.77 4.07 -6.34
CA ARG A 61 -1.63 4.31 -7.28
C ARG A 61 -1.23 2.99 -7.97
N SER A 62 -1.07 1.92 -7.21
CA SER A 62 -0.71 0.61 -7.85
C SER A 62 -1.82 0.18 -8.81
N ARG A 63 -3.09 0.41 -8.46
CA ARG A 63 -4.19 0.03 -9.41
C ARG A 63 -4.10 0.86 -10.69
N TYR A 64 -3.73 2.13 -10.58
CA TYR A 64 -3.62 2.97 -11.83
C TYR A 64 -2.54 2.38 -12.76
N ILE A 65 -1.37 2.06 -12.24
CA ILE A 65 -0.32 1.45 -13.11
C ILE A 65 -0.67 -0.02 -13.37
N TYR A 66 -1.09 -0.74 -12.35
CA TYR A 66 -1.47 -2.18 -12.55
C TYR A 66 -2.62 -2.29 -13.56
N THR A 67 -3.43 -1.26 -13.74
CA THR A 67 -4.54 -1.36 -14.73
C THR A 67 -4.06 -0.93 -16.13
N LEU A 68 -3.18 0.05 -16.23
CA LEU A 68 -2.72 0.49 -17.59
C LEU A 68 -1.60 -0.43 -18.14
N TYR A 69 -0.74 -0.97 -17.30
CA TYR A 69 0.37 -1.85 -17.85
C TYR A 69 -0.08 -3.32 -18.00
N TYR A 70 -0.89 -3.82 -17.10
CA TYR A 70 -1.32 -5.28 -17.22
C TYR A 70 -2.64 -5.46 -17.98
N LYS A 71 -3.47 -4.45 -18.12
CA LYS A 71 -4.76 -4.64 -18.86
C LYS A 71 -4.82 -3.77 -20.12
N ARG A 72 -4.70 -2.46 -19.98
CA ARG A 72 -4.76 -1.58 -21.21
C ARG A 72 -3.52 -1.79 -22.10
N LYS A 73 -2.38 -2.15 -21.52
CA LYS A 73 -1.14 -2.36 -22.34
C LYS A 73 -0.79 -1.06 -23.10
N ALA A 74 -0.89 0.07 -22.44
CA ALA A 74 -0.55 1.36 -23.12
C ALA A 74 0.74 1.95 -22.52
N ILE A 75 1.68 1.11 -22.12
CA ILE A 75 2.95 1.62 -21.54
C ILE A 75 4.09 0.59 -21.76
N SER A 76 5.33 1.00 -21.65
CA SER A 76 6.44 0.02 -21.86
C SER A 76 7.11 -0.34 -20.53
N LYS A 77 7.62 -1.55 -20.39
CA LYS A 77 8.29 -1.97 -19.11
C LYS A 77 9.28 -0.89 -18.61
N ASP A 78 9.92 -0.16 -19.51
CA ASP A 78 10.88 0.91 -19.04
C ASP A 78 10.12 1.96 -18.23
N LEU A 79 9.03 2.49 -18.76
CA LEU A 79 8.25 3.50 -17.97
C LEU A 79 7.65 2.81 -16.74
N TYR A 80 7.10 1.63 -16.91
CA TYR A 80 6.52 0.90 -15.72
C TYR A 80 7.63 0.63 -14.69
N ASP A 81 8.83 0.28 -15.12
CA ASP A 81 9.94 0.05 -14.14
C ASP A 81 10.38 1.41 -13.56
N TRP A 82 10.50 2.42 -14.41
CA TRP A 82 10.90 3.78 -13.88
C TRP A 82 9.93 4.23 -12.78
N LEU A 83 8.64 3.94 -12.92
CA LEU A 83 7.67 4.34 -11.86
C LEU A 83 7.94 3.52 -10.58
N ILE A 84 8.08 2.22 -10.71
CA ILE A 84 8.36 1.37 -9.49
C ILE A 84 9.65 1.87 -8.78
N LYS A 85 10.63 2.37 -9.52
CA LYS A 85 11.89 2.85 -8.85
C LYS A 85 11.81 4.34 -8.46
N GLU A 86 10.82 5.10 -8.91
CA GLU A 86 10.75 6.55 -8.52
C GLU A 86 9.60 6.83 -7.53
N LYS A 87 9.12 5.83 -6.81
CA LYS A 87 8.01 6.02 -5.81
C LYS A 87 6.64 6.18 -6.49
N TYR A 88 6.10 5.09 -7.00
CA TYR A 88 4.77 5.16 -7.67
C TYR A 88 3.91 3.98 -7.19
N ALA A 89 4.33 2.77 -7.45
CA ALA A 89 3.55 1.58 -7.00
C ALA A 89 4.51 0.57 -6.34
N ASP A 90 4.00 -0.35 -5.54
CA ASP A 90 4.91 -1.34 -4.88
C ASP A 90 4.78 -2.71 -5.56
N LYS A 91 5.85 -3.23 -6.12
CA LYS A 91 5.76 -4.58 -6.78
C LYS A 91 5.36 -5.64 -5.74
N LEU A 92 5.86 -5.55 -4.52
CA LEU A 92 5.46 -6.57 -3.48
C LEU A 92 3.94 -6.54 -3.27
N LEU A 93 3.33 -5.36 -3.29
CA LEU A 93 1.83 -5.30 -3.11
C LEU A 93 1.15 -5.99 -4.30
N ILE A 94 1.44 -5.55 -5.51
CA ILE A 94 0.82 -6.22 -6.71
C ILE A 94 1.26 -7.70 -6.74
N ALA A 95 2.49 -7.99 -6.36
CA ALA A 95 2.93 -9.43 -6.36
C ALA A 95 2.13 -10.22 -5.31
N LYS A 96 1.87 -9.63 -4.16
CA LYS A 96 1.07 -10.37 -3.11
C LYS A 96 -0.30 -10.75 -3.70
N TRP A 97 -0.96 -9.83 -4.38
CA TRP A 97 -2.30 -10.17 -4.97
C TRP A 97 -2.15 -11.30 -6.01
N ARG A 98 -1.06 -11.34 -6.74
CA ARG A 98 -0.88 -12.43 -7.77
C ARG A 98 -0.38 -13.73 -7.10
N LYS A 99 0.41 -13.63 -6.03
CA LYS A 99 0.91 -14.88 -5.35
C LYS A 99 -0.26 -15.81 -4.98
N THR A 100 0.01 -16.92 -4.32
CA THR A 100 -1.10 -17.84 -3.92
C THR A 100 -1.40 -17.67 -2.42
N GLY A 101 -2.67 -17.58 -2.06
CA GLY A 101 -3.02 -17.40 -0.61
C GLY A 101 -3.25 -15.92 -0.29
N TYR A 102 -3.41 -15.04 -1.27
CA TYR A 102 -3.63 -13.60 -0.98
C TYR A 102 -4.94 -13.13 -1.62
N GLU A 103 -6.08 -13.54 -1.10
CA GLU A 103 -7.38 -13.11 -1.71
C GLU A 103 -7.90 -11.84 -1.00
N LYS A 104 -7.72 -11.72 0.30
CA LYS A 104 -8.21 -10.50 1.01
C LYS A 104 -7.08 -9.86 1.84
N LEU A 105 -6.18 -9.14 1.20
CA LEU A 105 -5.07 -8.50 1.97
C LEU A 105 -5.11 -6.96 1.77
N CYS A 106 -4.66 -6.20 2.74
CA CYS A 106 -4.69 -4.70 2.58
C CYS A 106 -3.27 -4.08 2.47
N CYS A 107 -2.26 -4.62 3.11
CA CYS A 107 -0.88 -4.00 2.98
C CYS A 107 0.18 -5.11 2.94
N LEU A 108 1.45 -4.75 3.06
CA LEU A 108 2.54 -5.79 3.03
C LEU A 108 2.93 -6.17 4.47
N ARG A 109 2.98 -5.21 5.39
CA ARG A 109 3.33 -5.55 6.81
C ARG A 109 2.05 -5.60 7.67
N CYS A 110 0.92 -5.93 7.08
CA CYS A 110 -0.38 -5.98 7.82
C CYS A 110 -1.03 -7.38 7.57
N ILE A 111 -0.27 -8.37 7.10
CA ILE A 111 -0.85 -9.72 6.80
C ILE A 111 0.23 -10.82 6.84
N GLN A 112 1.24 -10.71 7.70
CA GLN A 112 2.30 -11.76 7.73
C GLN A 112 2.94 -11.86 9.13
N LYS A 113 3.41 -13.04 9.50
CA LYS A 113 4.04 -13.19 10.85
C LYS A 113 5.58 -13.19 10.73
N ASN A 114 6.29 -13.34 11.83
CA ASN A 114 7.78 -13.35 11.76
C ASN A 114 8.34 -14.34 12.79
N GLU A 115 8.06 -14.15 14.07
CA GLU A 115 8.60 -15.09 15.10
C GLU A 115 7.44 -15.84 15.77
N THR A 116 7.71 -16.61 16.81
CA THR A 116 6.62 -17.36 17.50
C THR A 116 6.61 -17.03 19.00
N ASN A 117 6.67 -15.76 19.35
CA ASN A 117 6.67 -15.38 20.80
C ASN A 117 5.91 -14.06 21.01
N ASN A 118 6.42 -12.97 20.49
CA ASN A 118 5.72 -11.66 20.67
C ASN A 118 5.28 -11.10 19.31
N GLY A 119 4.09 -10.53 19.22
CA GLY A 119 3.62 -9.98 17.92
C GLY A 119 3.40 -11.14 16.92
N SER A 120 2.21 -11.26 16.37
CA SER A 120 1.94 -12.35 15.40
C SER A 120 1.01 -11.87 14.28
N THR A 121 1.55 -11.43 13.15
CA THR A 121 0.69 -10.95 12.04
C THR A 121 -0.22 -9.80 12.51
N CYS A 122 -0.92 -9.15 11.61
CA CYS A 122 -1.84 -8.05 12.06
C CYS A 122 -3.20 -8.66 12.43
N ILE A 123 -3.95 -8.03 13.30
CA ILE A 123 -5.28 -8.63 13.70
C ILE A 123 -6.32 -8.50 12.57
N CYS A 124 -6.26 -7.48 11.74
CA CYS A 124 -7.29 -7.37 10.65
C CYS A 124 -7.23 -8.61 9.72
N ARG A 125 -6.06 -9.15 9.47
CA ARG A 125 -5.98 -10.37 8.59
C ARG A 125 -6.85 -11.50 9.19
N VAL A 126 -6.97 -11.58 10.51
CA VAL A 126 -7.81 -12.67 11.12
C VAL A 126 -9.30 -12.26 11.07
N PRO A 127 -10.13 -13.11 10.48
CA PRO A 127 -11.57 -12.80 10.38
C PRO A 127 -12.23 -12.83 11.77
N ARG A 128 -13.52 -12.58 11.85
CA ARG A 128 -14.21 -12.60 13.19
C ARG A 128 -14.39 -14.05 13.68
N ALA A 129 -14.71 -14.97 12.79
CA ALA A 129 -14.91 -16.40 13.25
C ALA A 129 -13.64 -16.92 13.94
N GLN A 130 -12.47 -16.60 13.42
CA GLN A 130 -11.22 -17.07 14.09
C GLN A 130 -11.04 -16.34 15.43
N LEU A 131 -11.31 -15.06 15.48
CA LEU A 131 -11.18 -14.31 16.77
C LEU A 131 -12.23 -14.83 17.77
N GLU A 132 -13.43 -15.13 17.32
CA GLU A 132 -14.47 -15.65 18.27
C GLU A 132 -14.00 -16.97 18.90
N GLU A 133 -13.34 -17.82 18.14
CA GLU A 133 -12.87 -19.13 18.74
C GLU A 133 -11.92 -18.86 19.93
N GLU A 134 -11.08 -17.85 19.83
CA GLU A 134 -10.15 -17.56 20.98
C GLU A 134 -10.94 -17.16 22.23
N ALA A 135 -11.99 -16.37 22.08
CA ALA A 135 -12.80 -15.97 23.28
C ALA A 135 -13.51 -17.20 23.87
N ARG A 136 -14.05 -18.06 23.03
CA ARG A 136 -14.74 -19.29 23.57
C ARG A 136 -13.72 -20.19 24.31
N LYS A 137 -12.49 -20.25 23.85
CA LYS A 137 -11.48 -21.13 24.55
C LYS A 137 -11.02 -20.49 25.88
N LYS A 138 -10.97 -19.17 25.97
CA LYS A 138 -10.53 -18.53 27.25
C LYS A 138 -11.72 -18.04 28.10
N GLY A 139 -12.91 -18.58 27.91
CA GLY A 139 -14.08 -18.15 28.72
C GLY A 139 -14.24 -16.62 28.69
N THR A 140 -14.15 -16.01 27.53
CA THR A 140 -14.29 -14.52 27.45
C THR A 140 -14.99 -14.11 26.15
N GLN A 141 -14.91 -12.86 25.76
CA GLN A 141 -15.58 -12.42 24.49
C GLN A 141 -14.61 -11.59 23.64
N VAL A 142 -14.97 -11.28 22.41
CA VAL A 142 -14.06 -10.47 21.54
C VAL A 142 -14.84 -9.79 20.40
N SER A 143 -14.28 -8.77 19.79
CA SER A 143 -15.01 -8.07 18.68
C SER A 143 -14.07 -7.10 17.93
N PHE A 144 -13.50 -7.53 16.82
CA PHE A 144 -12.58 -6.62 16.06
C PHE A 144 -13.34 -5.94 14.91
N HIS A 145 -12.81 -4.83 14.41
CA HIS A 145 -13.45 -4.11 13.28
C HIS A 145 -12.36 -3.65 12.30
N GLN A 146 -11.47 -2.81 12.76
CA GLN A 146 -10.35 -2.34 11.89
C GLN A 146 -9.04 -2.29 12.70
N CYS A 147 -7.90 -2.47 12.07
CA CYS A 147 -6.61 -2.43 12.85
C CYS A 147 -6.02 -1.02 12.87
N VAL A 148 -5.21 -0.70 13.87
CA VAL A 148 -4.60 0.68 13.92
C VAL A 148 -3.46 0.85 12.90
N HIS A 149 -2.84 -0.23 12.44
CA HIS A 149 -1.73 -0.07 11.42
C HIS A 149 -2.20 0.80 10.24
N CYS A 150 -3.27 0.40 9.58
CA CYS A 150 -3.79 1.20 8.43
C CYS A 150 -5.30 1.46 8.59
N GLY A 151 -5.98 1.87 7.54
CA GLY A 151 -7.44 2.10 7.63
C GLY A 151 -8.15 0.90 7.00
N CYS A 152 -7.98 -0.28 7.55
CA CYS A 152 -8.62 -1.51 6.96
C CYS A 152 -9.90 -1.84 7.75
N ARG A 153 -10.92 -2.36 7.09
CA ARG A 153 -12.17 -2.73 7.83
C ARG A 153 -12.20 -4.24 8.07
N GLY A 154 -11.10 -4.82 8.49
CA GLY A 154 -11.07 -6.29 8.74
C GLY A 154 -10.99 -7.05 7.41
N CYS A 155 -9.80 -7.45 6.99
CA CYS A 155 -9.69 -8.19 5.71
C CYS A 155 -9.30 -9.67 5.98
N ALA A 156 -10.07 -10.60 5.46
CA ALA A 156 -9.76 -12.05 5.70
C ALA A 156 -10.06 -12.86 4.44
N SER A 157 -9.19 -13.78 4.07
CA SER A 157 -9.45 -14.60 2.85
C SER A 157 -9.89 -16.02 3.25
N THR A 158 -10.75 -16.13 4.26
CA THR A 158 -11.22 -17.48 4.70
C THR A 158 -12.56 -17.37 5.43
N ASP A 159 -12.63 -16.58 6.48
CA ASP A 159 -13.92 -16.44 7.23
C ASP A 159 -14.20 -14.96 7.51
ZN ZN B . -3.43 -2.99 6.38
ZN ZN C . -6.36 -5.62 6.65
ZN ZN D . -4.02 -4.72 9.63
N GLY A 1 27.16 42.89 -12.40
CA GLY A 1 27.01 42.21 -13.72
C GLY A 1 26.72 40.72 -13.49
N GLY A 2 26.04 40.07 -14.42
CA GLY A 2 25.73 38.62 -14.24
C GLY A 2 26.82 37.78 -14.92
N SER A 3 26.73 36.47 -14.85
CA SER A 3 27.77 35.60 -15.49
C SER A 3 27.12 34.63 -16.48
N PRO A 4 27.83 34.29 -17.53
CA PRO A 4 27.29 33.35 -18.54
C PRO A 4 27.24 31.92 -17.98
N ARG A 5 26.08 31.30 -17.93
CA ARG A 5 25.99 29.91 -17.39
C ARG A 5 24.90 29.13 -18.13
N ILE A 6 25.25 28.04 -18.80
CA ILE A 6 24.21 27.24 -19.52
C ILE A 6 24.68 25.78 -19.69
N LYS A 7 24.96 25.10 -18.60
CA LYS A 7 25.40 23.68 -18.71
C LYS A 7 24.39 22.75 -18.04
N THR A 8 24.11 22.93 -16.77
CA THR A 8 23.13 22.05 -16.07
C THR A 8 21.94 22.88 -15.55
N ARG A 9 20.86 22.94 -16.30
CA ARG A 9 19.68 23.73 -15.84
C ARG A 9 18.43 22.83 -15.74
N ARG A 10 18.05 22.17 -16.82
CA ARG A 10 16.84 21.29 -16.77
C ARG A 10 17.22 19.85 -17.16
N SER A 11 16.47 18.87 -16.71
CA SER A 11 16.81 17.46 -17.05
C SER A 11 15.55 16.73 -17.58
N LYS A 12 15.66 15.46 -17.92
CA LYS A 12 14.48 14.72 -18.43
C LYS A 12 14.42 13.31 -17.81
N PRO A 13 13.94 13.22 -16.60
CA PRO A 13 13.85 11.91 -15.91
C PRO A 13 12.71 11.07 -16.52
N ALA A 14 12.77 9.76 -16.35
CA ALA A 14 11.69 8.86 -16.91
C ALA A 14 11.64 8.99 -18.45
N PRO A 15 11.26 7.90 -19.10
CA PRO A 15 11.18 7.91 -20.59
C PRO A 15 9.97 8.73 -21.06
N ASP A 16 9.94 9.11 -22.32
CA ASP A 16 8.78 9.93 -22.84
C ASP A 16 7.42 9.32 -22.43
N GLY A 17 7.34 8.01 -22.30
CA GLY A 17 6.05 7.37 -21.90
C GLY A 17 5.53 7.99 -20.58
N PHE A 18 6.40 8.37 -19.68
CA PHE A 18 5.92 8.99 -18.38
C PHE A 18 5.00 10.19 -18.66
N GLU A 19 5.22 10.93 -19.74
CA GLU A 19 4.32 12.10 -20.04
C GLU A 19 2.85 11.67 -20.08
N LYS A 20 2.58 10.49 -20.61
CA LYS A 20 1.15 10.01 -20.65
C LYS A 20 0.55 9.95 -19.23
N ILE A 21 1.34 9.57 -18.24
CA ILE A 21 0.82 9.51 -16.83
C ILE A 21 1.57 10.51 -15.93
N LYS A 22 1.94 11.66 -16.44
CA LYS A 22 2.69 12.66 -15.59
C LYS A 22 1.76 13.55 -14.74
N PRO A 23 0.66 14.05 -15.31
CA PRO A 23 -0.23 14.95 -14.52
C PRO A 23 -1.09 14.15 -13.53
N THR A 24 -1.57 12.98 -13.90
CA THR A 24 -2.42 12.18 -12.94
C THR A 24 -1.63 11.90 -11.66
N LEU A 25 -0.38 11.50 -11.78
CA LEU A 25 0.43 11.21 -10.54
C LEU A 25 0.59 12.49 -9.70
N THR A 26 0.75 13.64 -10.34
CA THR A 26 0.89 14.92 -9.55
C THR A 26 -0.34 15.13 -8.64
N ASP A 27 -1.53 14.77 -9.10
CA ASP A 27 -2.74 14.96 -8.25
C ASP A 27 -2.58 14.20 -6.91
N PHE A 28 -1.96 13.04 -6.92
CA PHE A 28 -1.77 12.27 -5.64
C PHE A 28 -0.99 13.11 -4.61
N GLU A 29 0.01 13.85 -5.06
CA GLU A 29 0.81 14.67 -4.08
C GLU A 29 -0.06 15.70 -3.37
N ILE A 30 -1.01 16.31 -4.06
CA ILE A 30 -1.88 17.32 -3.37
C ILE A 30 -2.75 16.62 -2.31
N GLN A 31 -3.25 15.43 -2.59
CA GLN A 31 -4.08 14.72 -1.55
C GLN A 31 -3.15 14.23 -0.43
N LEU A 32 -2.04 13.62 -0.76
CA LEU A 32 -1.10 13.17 0.32
C LEU A 32 -0.54 14.40 1.04
N ARG A 33 -0.33 15.51 0.35
CA ARG A 33 0.20 16.75 1.03
C ARG A 33 -0.73 17.14 2.19
N ASP A 34 -2.03 17.03 2.02
CA ASP A 34 -2.96 17.42 3.14
C ASP A 34 -2.72 16.50 4.34
N ALA A 35 -2.70 15.20 4.15
CA ALA A 35 -2.44 14.28 5.31
C ALA A 35 -0.98 14.43 5.77
N GLN A 36 -0.05 14.58 4.85
CA GLN A 36 1.39 14.74 5.26
C GLN A 36 1.61 16.11 5.93
N LYS A 37 0.85 17.13 5.54
CA LYS A 37 1.04 18.48 6.19
C LYS A 37 0.06 18.68 7.36
N ASP A 38 -1.13 18.12 7.31
CA ASP A 38 -2.10 18.32 8.44
C ASP A 38 -1.47 17.86 9.77
N LYS A 39 -0.67 16.80 9.76
CA LYS A 39 -0.03 16.33 11.04
C LYS A 39 0.73 17.48 11.72
N SER A 40 1.37 18.35 10.95
CA SER A 40 2.12 19.48 11.57
C SER A 40 1.35 20.80 11.36
N SER A 41 0.04 20.78 11.47
CA SER A 41 -0.76 22.03 11.28
C SER A 41 -2.04 21.99 12.11
N LYS A 42 -2.89 21.00 11.89
CA LYS A 42 -4.15 20.91 12.68
C LYS A 42 -4.23 19.55 13.40
N LEU A 43 -3.90 19.51 14.67
CA LEU A 43 -3.95 18.21 15.42
C LEU A 43 -4.98 18.31 16.55
N ALA A 44 -6.26 18.37 16.23
CA ALA A 44 -7.31 18.45 17.31
C ALA A 44 -8.14 17.16 17.34
N ALA A 45 -8.71 16.76 16.23
CA ALA A 45 -9.53 15.51 16.22
C ALA A 45 -9.20 14.66 14.98
N LYS A 46 -9.49 13.38 15.01
CA LYS A 46 -9.20 12.50 13.82
C LYS A 46 -7.73 12.63 13.40
N SER A 47 -6.87 11.75 13.87
CA SER A 47 -5.42 11.83 13.49
C SER A 47 -4.98 10.53 12.80
N ASN A 48 -5.10 9.40 13.47
CA ASN A 48 -4.69 8.10 12.83
C ASN A 48 -5.43 7.92 11.49
N GLU A 49 -6.69 8.30 11.42
CA GLU A 49 -7.45 8.14 10.13
C GLU A 49 -6.73 8.92 9.01
N GLN A 50 -6.11 10.05 9.30
CA GLN A 50 -5.40 10.82 8.22
C GLN A 50 -4.34 9.94 7.55
N LEU A 51 -3.61 9.16 8.33
CA LEU A 51 -2.57 8.26 7.71
C LEU A 51 -3.24 7.22 6.81
N TRP A 52 -4.38 6.69 7.21
CA TRP A 52 -5.07 5.66 6.35
C TRP A 52 -5.37 6.26 4.96
N GLU A 53 -5.63 7.56 4.87
CA GLU A 53 -5.89 8.16 3.51
C GLU A 53 -4.59 8.17 2.69
N ILE A 54 -3.44 8.34 3.33
CA ILE A 54 -2.16 8.33 2.53
C ILE A 54 -1.84 6.90 2.08
N MET A 55 -1.85 5.93 2.98
CA MET A 55 -1.57 4.52 2.53
C MET A 55 -2.62 4.08 1.50
N GLN A 56 -3.87 4.52 1.63
CA GLN A 56 -4.91 4.12 0.62
C GLN A 56 -4.51 4.62 -0.77
N LEU A 57 -3.95 5.82 -0.87
CA LEU A 57 -3.53 6.35 -2.23
C LEU A 57 -2.62 5.32 -2.93
N HIS A 58 -1.78 4.61 -2.18
CA HIS A 58 -0.89 3.59 -2.84
C HIS A 58 -1.73 2.58 -3.63
N HIS A 59 -2.89 2.18 -3.12
CA HIS A 59 -3.74 1.20 -3.88
C HIS A 59 -4.15 1.84 -5.21
N GLN A 60 -4.67 3.06 -5.19
CA GLN A 60 -5.07 3.71 -6.48
C GLN A 60 -3.82 3.88 -7.37
N ARG A 61 -2.67 4.20 -6.79
CA ARG A 61 -1.43 4.34 -7.63
C ARG A 61 -1.11 2.99 -8.29
N SER A 62 -1.11 1.91 -7.54
CA SER A 62 -0.82 0.58 -8.17
C SER A 62 -1.93 0.23 -9.15
N ARG A 63 -3.17 0.53 -8.83
CA ARG A 63 -4.29 0.22 -9.80
C ARG A 63 -4.11 1.08 -11.06
N TYR A 64 -3.72 2.34 -10.90
CA TYR A 64 -3.53 3.20 -12.12
C TYR A 64 -2.41 2.62 -13.00
N ILE A 65 -1.26 2.32 -12.42
CA ILE A 65 -0.15 1.73 -13.24
C ILE A 65 -0.50 0.29 -13.62
N TYR A 66 -1.10 -0.47 -12.71
CA TYR A 66 -1.47 -1.88 -13.05
C TYR A 66 -2.55 -1.86 -14.15
N THR A 67 -3.52 -0.97 -14.05
CA THR A 67 -4.60 -0.93 -15.10
C THR A 67 -3.98 -0.59 -16.47
N LEU A 68 -3.05 0.33 -16.55
CA LEU A 68 -2.47 0.68 -17.89
C LEU A 68 -1.34 -0.30 -18.31
N TYR A 69 -0.57 -0.84 -17.39
CA TYR A 69 0.54 -1.77 -17.80
C TYR A 69 0.03 -3.23 -17.95
N TYR A 70 -0.93 -3.65 -17.16
CA TYR A 70 -1.41 -5.07 -17.27
C TYR A 70 -2.69 -5.20 -18.14
N LYS A 71 -3.44 -4.13 -18.36
CA LYS A 71 -4.68 -4.26 -19.21
C LYS A 71 -4.59 -3.35 -20.44
N ARG A 72 -4.43 -2.05 -20.24
CA ARG A 72 -4.35 -1.12 -21.43
C ARG A 72 -3.08 -1.40 -22.26
N LYS A 73 -2.01 -1.85 -21.64
CA LYS A 73 -0.74 -2.13 -22.41
C LYS A 73 -0.30 -0.86 -23.15
N ALA A 74 -0.36 0.28 -22.51
CA ALA A 74 0.08 1.54 -23.17
C ALA A 74 1.37 2.06 -22.51
N ILE A 75 2.25 1.17 -22.07
CA ILE A 75 3.51 1.62 -21.41
C ILE A 75 4.60 0.53 -21.58
N SER A 76 5.85 0.87 -21.38
CA SER A 76 6.92 -0.16 -21.54
C SER A 76 7.50 -0.54 -20.16
N LYS A 77 7.93 -1.77 -19.99
CA LYS A 77 8.51 -2.20 -18.66
C LYS A 77 9.53 -1.17 -18.13
N ASP A 78 10.25 -0.48 -18.99
CA ASP A 78 11.24 0.54 -18.47
C ASP A 78 10.49 1.63 -17.71
N LEU A 79 9.45 2.22 -18.29
CA LEU A 79 8.68 3.26 -17.54
C LEU A 79 7.98 2.60 -16.36
N TYR A 80 7.38 1.44 -16.56
CA TYR A 80 6.70 0.74 -15.42
C TYR A 80 7.73 0.43 -14.31
N ASP A 81 8.93 0.02 -14.68
CA ASP A 81 9.98 -0.27 -13.62
C ASP A 81 10.43 1.07 -13.02
N TRP A 82 10.64 2.08 -13.84
CA TRP A 82 11.08 3.41 -13.28
C TRP A 82 10.05 3.90 -12.25
N LEU A 83 8.77 3.65 -12.46
CA LEU A 83 7.76 4.10 -11.46
C LEU A 83 7.92 3.27 -10.17
N ILE A 84 7.98 1.95 -10.30
CA ILE A 84 8.16 1.09 -9.06
C ILE A 84 9.44 1.51 -8.30
N LYS A 85 10.47 1.95 -9.00
CA LYS A 85 11.73 2.37 -8.28
C LYS A 85 11.71 3.87 -7.88
N GLU A 86 10.81 4.67 -8.42
CA GLU A 86 10.80 6.13 -8.02
C GLU A 86 9.62 6.47 -7.08
N LYS A 87 9.06 5.48 -6.39
CA LYS A 87 7.91 5.72 -5.43
C LYS A 87 6.59 5.93 -6.17
N TYR A 88 6.04 4.89 -6.76
CA TYR A 88 4.75 5.00 -7.48
C TYR A 88 3.83 3.85 -7.06
N ALA A 89 4.23 2.63 -7.34
CA ALA A 89 3.40 1.45 -6.96
C ALA A 89 4.32 0.38 -6.32
N ASP A 90 3.75 -0.57 -5.61
CA ASP A 90 4.61 -1.62 -4.98
C ASP A 90 4.37 -2.98 -5.63
N LYS A 91 5.35 -3.50 -6.36
CA LYS A 91 5.16 -4.85 -7.01
C LYS A 91 4.82 -5.92 -5.95
N LEU A 92 5.42 -5.84 -4.78
CA LEU A 92 5.12 -6.86 -3.71
C LEU A 92 3.61 -6.87 -3.40
N LEU A 93 2.97 -5.72 -3.40
CA LEU A 93 1.49 -5.71 -3.11
C LEU A 93 0.75 -6.28 -4.33
N ILE A 94 1.08 -5.81 -5.53
CA ILE A 94 0.41 -6.38 -6.75
C ILE A 94 0.71 -7.89 -6.83
N ALA A 95 1.90 -8.32 -6.45
CA ALA A 95 2.20 -9.79 -6.48
C ALA A 95 1.36 -10.52 -5.42
N LYS A 96 1.18 -9.92 -4.25
CA LYS A 96 0.34 -10.59 -3.20
C LYS A 96 -1.07 -10.84 -3.75
N TRP A 97 -1.64 -9.88 -4.45
CA TRP A 97 -3.02 -10.10 -5.01
C TRP A 97 -2.97 -11.16 -6.12
N ARG A 98 -1.94 -11.15 -6.94
CA ARG A 98 -1.85 -12.19 -8.03
C ARG A 98 -1.54 -13.58 -7.43
N LYS A 99 -0.79 -13.65 -6.34
CA LYS A 99 -0.48 -14.99 -5.73
C LYS A 99 -1.76 -15.79 -5.46
N THR A 100 -1.66 -16.96 -4.87
CA THR A 100 -2.89 -17.76 -4.57
C THR A 100 -3.21 -17.68 -3.07
N GLY A 101 -4.46 -17.45 -2.73
CA GLY A 101 -4.84 -17.35 -1.29
C GLY A 101 -4.90 -15.87 -0.83
N TYR A 102 -4.82 -14.90 -1.73
CA TYR A 102 -4.88 -13.48 -1.30
C TYR A 102 -6.17 -12.81 -1.82
N GLU A 103 -7.31 -13.20 -1.31
CA GLU A 103 -8.59 -12.59 -1.80
C GLU A 103 -8.94 -11.36 -0.94
N LYS A 104 -8.70 -11.42 0.36
CA LYS A 104 -9.00 -10.25 1.24
C LYS A 104 -7.70 -9.66 1.78
N LEU A 105 -7.05 -8.79 1.03
CA LEU A 105 -5.77 -8.19 1.49
C LEU A 105 -5.86 -6.64 1.43
N CYS A 106 -5.38 -5.95 2.45
CA CYS A 106 -5.45 -4.45 2.42
C CYS A 106 -4.05 -3.79 2.28
N CYS A 107 -3.02 -4.31 2.92
CA CYS A 107 -1.66 -3.67 2.75
C CYS A 107 -0.58 -4.78 2.61
N LEU A 108 0.70 -4.42 2.70
CA LEU A 108 1.77 -5.46 2.58
C LEU A 108 2.25 -5.89 3.98
N ARG A 109 2.37 -4.97 4.92
CA ARG A 109 2.79 -5.37 6.31
C ARG A 109 1.56 -5.42 7.24
N CYS A 110 0.40 -5.79 6.70
CA CYS A 110 -0.84 -5.86 7.51
C CYS A 110 -1.50 -7.26 7.33
N ILE A 111 -0.76 -8.25 6.81
CA ILE A 111 -1.34 -9.62 6.58
C ILE A 111 -0.21 -10.68 6.49
N GLN A 112 0.85 -10.56 7.27
CA GLN A 112 1.95 -11.56 7.17
C GLN A 112 2.17 -12.31 8.49
N LYS A 113 2.37 -13.62 8.42
CA LYS A 113 2.59 -14.40 9.68
C LYS A 113 3.73 -15.42 9.47
N ASN A 114 4.02 -16.24 10.46
CA ASN A 114 5.12 -17.24 10.30
C ASN A 114 4.78 -18.53 11.06
N GLU A 115 4.58 -18.45 12.36
CA GLU A 115 4.24 -19.68 13.14
C GLU A 115 2.88 -19.53 13.83
N THR A 116 2.52 -20.44 14.71
CA THR A 116 1.19 -20.33 15.40
C THR A 116 1.36 -19.68 16.79
N ASN A 117 2.44 -19.97 17.49
CA ASN A 117 2.63 -19.35 18.85
C ASN A 117 3.57 -18.13 18.75
N ASN A 118 4.65 -18.23 18.00
CA ASN A 118 5.58 -17.06 17.89
C ASN A 118 5.58 -16.52 16.45
N GLY A 119 4.69 -15.60 16.13
CA GLY A 119 4.65 -15.04 14.75
C GLY A 119 4.33 -13.54 14.81
N SER A 120 4.46 -12.84 13.70
CA SER A 120 4.16 -11.37 13.71
C SER A 120 3.20 -11.01 12.57
N THR A 121 1.94 -10.79 12.87
CA THR A 121 0.96 -10.44 11.79
C THR A 121 -0.04 -9.39 12.30
N CYS A 122 -0.78 -8.78 11.40
CA CYS A 122 -1.79 -7.76 11.87
C CYS A 122 -3.07 -8.49 12.31
N ILE A 123 -3.85 -7.91 13.20
CA ILE A 123 -5.10 -8.60 13.66
C ILE A 123 -6.18 -8.60 12.55
N CYS A 124 -6.30 -7.52 11.78
CA CYS A 124 -7.37 -7.49 10.72
C CYS A 124 -7.24 -8.72 9.79
N ARG A 125 -6.05 -9.22 9.54
CA ARG A 125 -5.92 -10.44 8.66
C ARG A 125 -6.75 -11.60 9.27
N VAL A 126 -6.82 -11.69 10.58
CA VAL A 126 -7.63 -12.80 11.20
C VAL A 126 -9.12 -12.43 11.21
N PRO A 127 -9.95 -13.27 10.65
CA PRO A 127 -11.41 -12.98 10.62
C PRO A 127 -12.00 -13.00 12.04
N ARG A 128 -13.25 -12.62 12.19
CA ARG A 128 -13.86 -12.60 13.58
C ARG A 128 -14.19 -14.03 14.05
N ALA A 129 -14.61 -14.91 13.16
CA ALA A 129 -14.94 -16.31 13.60
C ALA A 129 -13.70 -16.97 14.24
N GLN A 130 -12.54 -16.81 13.62
CA GLN A 130 -11.30 -17.43 14.23
C GLN A 130 -11.01 -16.76 15.57
N LEU A 131 -11.16 -15.45 15.66
CA LEU A 131 -10.88 -14.76 16.97
C LEU A 131 -11.84 -15.29 18.06
N GLU A 132 -13.10 -15.50 17.73
CA GLU A 132 -14.06 -16.02 18.76
C GLU A 132 -13.56 -17.36 19.32
N GLU A 133 -13.02 -18.23 18.48
CA GLU A 133 -12.51 -19.54 19.00
C GLU A 133 -11.40 -19.30 20.04
N GLU A 134 -10.57 -18.31 19.84
CA GLU A 134 -9.47 -18.05 20.84
C GLU A 134 -10.09 -17.69 22.20
N ALA A 135 -11.05 -16.79 22.24
CA ALA A 135 -11.67 -16.43 23.56
C ALA A 135 -12.35 -17.66 24.18
N ARG A 136 -13.05 -18.45 23.39
CA ARG A 136 -13.73 -19.67 23.95
C ARG A 136 -12.68 -20.67 24.48
N LYS A 137 -11.51 -20.75 23.86
CA LYS A 137 -10.47 -21.72 24.36
C LYS A 137 -9.69 -21.13 25.56
N LYS A 138 -9.53 -19.82 25.65
CA LYS A 138 -8.77 -19.25 26.81
C LYS A 138 -9.73 -18.73 27.91
N GLY A 139 -10.95 -19.24 28.00
CA GLY A 139 -11.90 -18.77 29.07
C GLY A 139 -11.98 -17.23 29.10
N THR A 140 -12.12 -16.59 27.95
CA THR A 140 -12.22 -15.10 27.96
C THR A 140 -13.13 -14.61 26.81
N GLN A 141 -13.07 -13.34 26.47
CA GLN A 141 -13.94 -12.82 25.36
C GLN A 141 -13.11 -11.96 24.40
N VAL A 142 -13.58 -11.77 23.18
CA VAL A 142 -12.82 -10.94 22.19
C VAL A 142 -13.78 -10.20 21.26
N SER A 143 -13.33 -9.15 20.60
CA SER A 143 -14.24 -8.39 19.67
C SER A 143 -13.45 -7.36 18.85
N PHE A 144 -12.86 -7.78 17.74
CA PHE A 144 -12.09 -6.81 16.90
C PHE A 144 -12.97 -6.28 15.75
N HIS A 145 -12.62 -5.14 15.19
CA HIS A 145 -13.42 -4.57 14.07
C HIS A 145 -12.45 -4.08 12.97
N GLN A 146 -11.58 -3.15 13.30
CA GLN A 146 -10.60 -2.63 12.30
C GLN A 146 -9.23 -2.45 12.98
N CYS A 147 -8.15 -2.55 12.23
CA CYS A 147 -6.79 -2.39 12.86
C CYS A 147 -6.31 -0.93 12.74
N VAL A 148 -5.42 -0.50 13.62
CA VAL A 148 -4.93 0.92 13.54
C VAL A 148 -3.94 1.11 12.38
N HIS A 149 -3.25 0.08 11.92
CA HIS A 149 -2.28 0.26 10.76
C HIS A 149 -2.99 1.00 9.60
N CYS A 150 -4.19 0.57 9.27
CA CYS A 150 -4.95 1.24 8.17
C CYS A 150 -6.46 1.29 8.50
N GLY A 151 -7.26 1.89 7.65
CA GLY A 151 -8.74 1.93 7.92
C GLY A 151 -9.35 0.67 7.31
N CYS A 152 -9.00 -0.49 7.82
CA CYS A 152 -9.54 -1.78 7.28
C CYS A 152 -10.58 -2.35 8.25
N ARG A 153 -11.68 -2.88 7.75
CA ARG A 153 -12.71 -3.47 8.67
C ARG A 153 -12.44 -4.97 8.86
N GLY A 154 -11.26 -5.33 9.32
CA GLY A 154 -10.94 -6.77 9.52
C GLY A 154 -11.04 -7.52 8.18
N CYS A 155 -9.93 -7.71 7.50
CA CYS A 155 -9.99 -8.44 6.18
C CYS A 155 -9.43 -9.87 6.34
N ALA A 156 -10.16 -10.87 5.90
CA ALA A 156 -9.67 -12.28 6.03
C ALA A 156 -10.08 -13.09 4.80
N SER A 157 -9.21 -13.93 4.28
CA SER A 157 -9.57 -14.73 3.07
C SER A 157 -9.89 -16.19 3.47
N THR A 158 -9.05 -16.82 4.28
CA THR A 158 -9.34 -18.25 4.69
C THR A 158 -10.74 -18.36 5.33
N ASP A 159 -11.13 -17.39 6.14
CA ASP A 159 -12.47 -17.46 6.78
C ASP A 159 -13.06 -16.05 6.91
ZN ZN B . -4.05 -2.92 6.24
ZN ZN C . -6.82 -5.62 6.60
ZN ZN D . -4.38 -4.66 9.48
N GLY A 1 22.49 -16.21 -30.85
CA GLY A 1 21.59 -15.68 -29.79
C GLY A 1 22.44 -15.19 -28.60
N GLY A 2 22.62 -13.89 -28.46
CA GLY A 2 23.45 -13.36 -27.33
C GLY A 2 22.56 -13.21 -26.10
N SER A 3 23.15 -13.00 -24.93
CA SER A 3 22.32 -12.84 -23.69
C SER A 3 22.61 -11.47 -23.05
N PRO A 4 21.99 -10.44 -23.55
CA PRO A 4 22.20 -9.07 -22.99
C PRO A 4 21.51 -8.95 -21.62
N ARG A 5 22.18 -9.30 -20.54
CA ARG A 5 21.55 -9.19 -19.19
C ARG A 5 22.34 -8.20 -18.33
N ILE A 6 21.68 -7.19 -17.78
CA ILE A 6 22.41 -6.20 -16.92
C ILE A 6 21.84 -6.23 -15.49
N LYS A 7 22.68 -6.40 -14.50
CA LYS A 7 22.18 -6.45 -13.09
C LYS A 7 22.87 -5.36 -12.25
N THR A 8 22.36 -4.14 -12.28
CA THR A 8 23.00 -3.05 -11.48
C THR A 8 21.92 -2.12 -10.89
N ARG A 9 22.32 -1.11 -10.15
CA ARG A 9 21.31 -0.19 -9.54
C ARG A 9 21.64 1.27 -9.91
N ARG A 10 20.98 1.82 -10.92
CA ARG A 10 21.27 3.23 -11.30
C ARG A 10 19.96 4.02 -11.49
N SER A 11 20.02 5.33 -11.54
CA SER A 11 18.77 6.14 -11.71
C SER A 11 18.81 6.89 -13.05
N LYS A 12 17.69 7.00 -13.74
CA LYS A 12 17.69 7.73 -15.04
C LYS A 12 16.38 8.51 -15.21
N PRO A 13 16.33 9.34 -16.23
CA PRO A 13 15.10 10.14 -16.49
C PRO A 13 13.96 9.25 -17.01
N ALA A 14 12.74 9.72 -16.93
CA ALA A 14 11.59 8.89 -17.44
C ALA A 14 11.40 9.13 -18.95
N PRO A 15 11.00 8.10 -19.66
CA PRO A 15 10.80 8.25 -21.13
C PRO A 15 9.56 9.10 -21.43
N ASP A 16 9.44 9.60 -22.65
CA ASP A 16 8.25 10.46 -23.00
C ASP A 16 6.93 9.79 -22.57
N GLY A 17 6.85 8.48 -22.57
CA GLY A 17 5.59 7.78 -22.15
C GLY A 17 5.12 8.30 -20.78
N PHE A 18 6.03 8.65 -19.88
CA PHE A 18 5.60 9.16 -18.53
C PHE A 18 4.64 10.37 -18.69
N GLU A 19 4.84 11.18 -19.71
CA GLU A 19 3.91 12.37 -19.89
C GLU A 19 2.45 11.91 -19.93
N LYS A 20 2.17 10.77 -20.53
CA LYS A 20 0.74 10.27 -20.57
C LYS A 20 0.19 10.12 -19.14
N ILE A 21 1.00 9.73 -18.18
CA ILE A 21 0.50 9.59 -16.78
C ILE A 21 1.22 10.58 -15.85
N LYS A 22 1.51 11.78 -16.32
CA LYS A 22 2.22 12.78 -15.46
C LYS A 22 1.28 13.59 -14.53
N PRO A 23 0.16 14.06 -15.06
CA PRO A 23 -0.76 14.88 -14.23
C PRO A 23 -1.57 14.01 -13.23
N THR A 24 -2.01 12.83 -13.62
CA THR A 24 -2.81 11.99 -12.66
C THR A 24 -1.96 11.69 -11.41
N LEU A 25 -0.70 11.36 -11.57
CA LEU A 25 0.15 11.08 -10.37
C LEU A 25 0.31 12.37 -9.55
N THR A 26 0.45 13.51 -10.19
CA THR A 26 0.59 14.80 -9.41
C THR A 26 -0.63 14.99 -8.50
N ASP A 27 -1.82 14.59 -8.92
CA ASP A 27 -3.03 14.77 -8.05
C ASP A 27 -2.81 14.09 -6.68
N PHE A 28 -2.14 12.95 -6.65
CA PHE A 28 -1.89 12.27 -5.33
C PHE A 28 -1.18 13.21 -4.35
N GLU A 29 -0.28 14.04 -4.84
CA GLU A 29 0.43 15.00 -3.92
C GLU A 29 -0.58 15.89 -3.16
N ILE A 30 -1.74 16.15 -3.72
CA ILE A 30 -2.73 17.02 -2.99
C ILE A 30 -3.41 16.19 -1.88
N GLN A 31 -3.69 14.93 -2.12
CA GLN A 31 -4.32 14.11 -1.04
C GLN A 31 -3.23 13.67 -0.05
N LEU A 32 -2.06 13.32 -0.54
CA LEU A 32 -0.95 12.91 0.40
C LEU A 32 -0.44 14.12 1.19
N ARG A 33 -0.42 15.31 0.61
CA ARG A 33 0.07 16.48 1.39
C ARG A 33 -0.96 16.88 2.45
N ASP A 34 -2.25 16.75 2.16
CA ASP A 34 -3.28 17.11 3.19
C ASP A 34 -3.15 16.18 4.41
N ALA A 35 -2.88 14.90 4.19
CA ALA A 35 -2.73 13.98 5.36
C ALA A 35 -1.37 14.24 6.02
N GLN A 36 -0.32 14.44 5.24
CA GLN A 36 1.03 14.70 5.86
C GLN A 36 1.02 16.07 6.57
N LYS A 37 0.24 17.03 6.12
CA LYS A 37 0.23 18.38 6.81
C LYS A 37 -0.78 18.39 7.96
N ASP A 38 -1.88 17.67 7.86
CA ASP A 38 -2.89 17.67 8.99
C ASP A 38 -2.21 17.25 10.30
N LYS A 39 -1.29 16.30 10.26
CA LYS A 39 -0.61 15.88 11.54
C LYS A 39 0.07 17.08 12.22
N SER A 40 0.66 17.97 11.45
CA SER A 40 1.32 19.17 12.06
C SER A 40 2.32 18.75 13.16
N SER A 41 2.78 19.69 13.97
CA SER A 41 3.75 19.33 15.05
C SER A 41 3.08 19.45 16.43
N LYS A 42 2.44 20.57 16.73
CA LYS A 42 1.76 20.72 18.06
C LYS A 42 0.25 20.50 17.89
N LEU A 43 -0.18 19.28 17.65
CA LEU A 43 -1.65 19.03 17.47
C LEU A 43 -1.94 17.51 17.49
N ALA A 44 -2.29 16.96 18.64
CA ALA A 44 -2.58 15.49 18.70
C ALA A 44 -4.10 15.25 18.63
N ALA A 45 -4.60 14.77 17.51
CA ALA A 45 -6.06 14.52 17.39
C ALA A 45 -6.37 13.71 16.12
N LYS A 46 -6.77 12.44 16.26
CA LYS A 46 -7.08 11.61 15.05
C LYS A 46 -5.90 11.63 14.05
N SER A 47 -4.78 11.03 14.41
CA SER A 47 -3.60 11.03 13.47
C SER A 47 -3.54 9.71 12.70
N ASN A 48 -3.76 8.59 13.35
CA ASN A 48 -3.70 7.27 12.61
C ASN A 48 -4.74 7.27 11.47
N GLU A 49 -5.92 7.81 11.69
CA GLU A 49 -6.95 7.82 10.58
C GLU A 49 -6.40 8.60 9.38
N GLN A 50 -5.77 9.74 9.60
CA GLN A 50 -5.22 10.52 8.44
C GLN A 50 -4.14 9.69 7.73
N LEU A 51 -3.25 9.07 8.48
CA LEU A 51 -2.18 8.24 7.81
C LEU A 51 -2.81 7.12 6.97
N TRP A 52 -3.94 6.57 7.39
CA TRP A 52 -4.58 5.47 6.57
C TRP A 52 -4.87 5.98 5.16
N GLU A 53 -5.33 7.22 5.03
CA GLU A 53 -5.58 7.76 3.65
C GLU A 53 -4.26 7.81 2.87
N ILE A 54 -3.13 8.06 3.53
CA ILE A 54 -1.83 8.09 2.79
C ILE A 54 -1.46 6.67 2.36
N MET A 55 -1.33 5.73 3.29
CA MET A 55 -0.99 4.32 2.85
C MET A 55 -2.13 3.77 1.96
N GLN A 56 -3.36 4.21 2.15
CA GLN A 56 -4.46 3.70 1.26
C GLN A 56 -4.29 4.28 -0.15
N LEU A 57 -3.88 5.54 -0.26
CA LEU A 57 -3.67 6.14 -1.64
C LEU A 57 -2.71 5.26 -2.46
N HIS A 58 -1.75 4.61 -1.82
CA HIS A 58 -0.78 3.74 -2.59
C HIS A 58 -1.57 2.69 -3.39
N HIS A 59 -2.65 2.15 -2.86
CA HIS A 59 -3.44 1.12 -3.63
C HIS A 59 -3.92 1.73 -4.96
N GLN A 60 -4.48 2.93 -4.92
CA GLN A 60 -4.95 3.57 -6.20
C GLN A 60 -3.75 3.74 -7.16
N ARG A 61 -2.58 4.05 -6.65
CA ARG A 61 -1.39 4.22 -7.56
C ARG A 61 -1.09 2.88 -8.26
N SER A 62 -1.03 1.79 -7.51
CA SER A 62 -0.75 0.46 -8.16
C SER A 62 -1.89 0.13 -9.13
N ARG A 63 -3.13 0.37 -8.75
CA ARG A 63 -4.26 0.07 -9.70
C ARG A 63 -4.12 0.93 -10.96
N TYR A 64 -3.73 2.19 -10.82
CA TYR A 64 -3.56 3.05 -12.04
C TYR A 64 -2.45 2.48 -12.93
N ILE A 65 -1.28 2.21 -12.37
CA ILE A 65 -0.17 1.64 -13.21
C ILE A 65 -0.53 0.20 -13.62
N TYR A 66 -1.18 -0.56 -12.76
CA TYR A 66 -1.56 -1.96 -13.14
C TYR A 66 -2.63 -1.90 -14.25
N THR A 67 -3.59 -0.99 -14.13
CA THR A 67 -4.65 -0.91 -15.20
C THR A 67 -4.01 -0.56 -16.55
N LEU A 68 -3.05 0.33 -16.59
CA LEU A 68 -2.42 0.69 -17.91
C LEU A 68 -1.33 -0.31 -18.33
N TYR A 69 -0.54 -0.84 -17.42
CA TYR A 69 0.55 -1.80 -17.84
C TYR A 69 0.02 -3.25 -17.92
N TYR A 70 -0.89 -3.65 -17.06
CA TYR A 70 -1.38 -5.07 -17.11
C TYR A 70 -2.73 -5.23 -17.86
N LYS A 71 -3.35 -4.16 -18.32
CA LYS A 71 -4.64 -4.32 -19.05
C LYS A 71 -4.70 -3.39 -20.27
N ARG A 72 -4.59 -2.08 -20.07
CA ARG A 72 -4.65 -1.14 -21.25
C ARG A 72 -3.48 -1.42 -22.21
N LYS A 73 -2.35 -1.89 -21.73
CA LYS A 73 -1.17 -2.16 -22.63
C LYS A 73 -0.75 -0.86 -23.33
N ALA A 74 -0.68 0.24 -22.61
CA ALA A 74 -0.26 1.52 -23.24
C ALA A 74 1.04 2.03 -22.58
N ILE A 75 1.95 1.14 -22.24
CA ILE A 75 3.23 1.57 -21.59
C ILE A 75 4.33 0.52 -21.81
N SER A 76 5.58 0.88 -21.62
CA SER A 76 6.67 -0.12 -21.83
C SER A 76 7.30 -0.50 -20.48
N LYS A 77 7.76 -1.73 -20.33
CA LYS A 77 8.39 -2.16 -19.01
C LYS A 77 9.40 -1.11 -18.50
N ASP A 78 10.09 -0.40 -19.39
CA ASP A 78 11.07 0.63 -18.90
C ASP A 78 10.32 1.70 -18.10
N LEU A 79 9.24 2.25 -18.63
CA LEU A 79 8.48 3.29 -17.85
C LEU A 79 7.83 2.61 -16.64
N TYR A 80 7.24 1.44 -16.82
CA TYR A 80 6.61 0.74 -15.65
C TYR A 80 7.69 0.42 -14.60
N ASP A 81 8.89 0.04 -15.03
CA ASP A 81 9.97 -0.26 -14.03
C ASP A 81 10.47 1.07 -13.44
N TRP A 82 10.67 2.08 -14.27
CA TRP A 82 11.13 3.42 -13.74
C TRP A 82 10.14 3.92 -12.66
N LEU A 83 8.86 3.70 -12.86
CA LEU A 83 7.87 4.17 -11.82
C LEU A 83 8.04 3.33 -10.54
N ILE A 84 8.09 2.02 -10.67
CA ILE A 84 8.27 1.15 -9.45
C ILE A 84 9.58 1.56 -8.71
N LYS A 85 10.59 2.03 -9.41
CA LYS A 85 11.86 2.43 -8.71
C LYS A 85 11.81 3.89 -8.23
N GLU A 86 10.97 4.73 -8.81
CA GLU A 86 10.90 6.16 -8.35
C GLU A 86 9.71 6.41 -7.40
N LYS A 87 9.17 5.38 -6.77
CA LYS A 87 8.01 5.52 -5.81
C LYS A 87 6.70 5.81 -6.54
N TYR A 88 6.11 4.79 -7.14
CA TYR A 88 4.82 4.99 -7.87
C TYR A 88 3.85 3.86 -7.51
N ALA A 89 4.17 2.64 -7.87
CA ALA A 89 3.27 1.50 -7.55
C ALA A 89 3.99 0.50 -6.63
N ASP A 90 3.31 -0.52 -6.15
CA ASP A 90 3.98 -1.51 -5.26
C ASP A 90 4.05 -2.88 -5.95
N LYS A 91 5.19 -3.25 -6.47
CA LYS A 91 5.29 -4.60 -7.15
C LYS A 91 5.12 -5.72 -6.12
N LEU A 92 5.70 -5.58 -4.94
CA LEU A 92 5.54 -6.66 -3.91
C LEU A 92 4.06 -6.82 -3.54
N LEU A 93 3.31 -5.74 -3.42
CA LEU A 93 1.85 -5.88 -3.07
C LEU A 93 1.12 -6.44 -4.29
N ILE A 94 1.41 -5.94 -5.48
CA ILE A 94 0.73 -6.49 -6.71
C ILE A 94 1.03 -8.00 -6.81
N ALA A 95 2.22 -8.44 -6.42
CA ALA A 95 2.53 -9.91 -6.47
C ALA A 95 1.67 -10.63 -5.43
N LYS A 96 1.49 -10.05 -4.24
CA LYS A 96 0.63 -10.73 -3.20
C LYS A 96 -0.77 -10.98 -3.77
N TRP A 97 -1.33 -10.02 -4.48
CA TRP A 97 -2.71 -10.23 -5.07
C TRP A 97 -2.66 -11.35 -6.12
N ARG A 98 -1.58 -11.45 -6.88
CA ARG A 98 -1.50 -12.54 -7.92
C ARG A 98 -1.09 -13.88 -7.27
N LYS A 99 -0.30 -13.86 -6.21
CA LYS A 99 0.11 -15.15 -5.54
C LYS A 99 -1.12 -16.00 -5.18
N THR A 100 -0.93 -17.13 -4.54
CA THR A 100 -2.10 -17.98 -4.16
C THR A 100 -2.38 -17.84 -2.65
N GLY A 101 -3.62 -17.69 -2.26
CA GLY A 101 -3.95 -17.53 -0.81
C GLY A 101 -4.08 -16.04 -0.43
N TYR A 102 -4.14 -15.13 -1.38
CA TYR A 102 -4.28 -13.69 -1.03
C TYR A 102 -5.57 -13.12 -1.63
N GLU A 103 -6.71 -13.49 -1.09
CA GLU A 103 -8.00 -12.94 -1.64
C GLU A 103 -8.44 -11.69 -0.87
N LYS A 104 -8.20 -11.63 0.42
CA LYS A 104 -8.61 -10.43 1.21
C LYS A 104 -7.42 -9.81 1.95
N LEU A 105 -6.59 -9.05 1.27
CA LEU A 105 -5.42 -8.42 1.95
C LEU A 105 -5.45 -6.89 1.75
N CYS A 106 -4.99 -6.13 2.72
CA CYS A 106 -5.01 -4.63 2.58
C CYS A 106 -3.61 -4.02 2.42
N CYS A 107 -2.56 -4.60 2.98
CA CYS A 107 -1.19 -3.99 2.80
C CYS A 107 -0.13 -5.10 2.73
N LEU A 108 1.14 -4.74 2.78
CA LEU A 108 2.22 -5.78 2.74
C LEU A 108 2.75 -6.06 4.17
N ARG A 109 2.83 -5.04 5.02
CA ARG A 109 3.30 -5.28 6.44
C ARG A 109 2.08 -5.27 7.39
N CYS A 110 0.94 -5.74 6.94
CA CYS A 110 -0.30 -5.77 7.78
C CYS A 110 -0.77 -7.24 7.75
N ILE A 111 -1.08 -7.78 6.58
CA ILE A 111 -1.46 -9.24 6.50
C ILE A 111 -0.24 -10.15 6.78
N GLN A 112 0.98 -9.65 6.62
CA GLN A 112 2.18 -10.50 6.88
C GLN A 112 3.16 -9.75 7.78
N LYS A 113 3.96 -10.44 8.56
CA LYS A 113 4.92 -9.74 9.46
C LYS A 113 6.37 -10.09 9.06
N ASN A 114 6.72 -11.36 9.03
CA ASN A 114 8.11 -11.74 8.65
C ASN A 114 8.11 -13.09 7.90
N GLU A 115 8.91 -13.23 6.85
CA GLU A 115 8.94 -14.52 6.08
C GLU A 115 7.52 -14.93 5.65
N THR A 116 7.36 -16.10 5.08
CA THR A 116 5.99 -16.55 4.64
C THR A 116 5.48 -17.64 5.59
N ASN A 117 5.01 -17.27 6.77
CA ASN A 117 4.50 -18.29 7.73
C ASN A 117 3.25 -17.76 8.45
N ASN A 118 2.67 -18.52 9.35
CA ASN A 118 1.46 -18.04 10.08
C ASN A 118 1.72 -18.04 11.60
N GLY A 119 2.28 -16.98 12.14
CA GLY A 119 2.54 -16.94 13.61
C GLY A 119 2.16 -15.56 14.16
N SER A 120 2.95 -14.53 13.89
CA SER A 120 2.62 -13.17 14.40
C SER A 120 2.33 -12.21 13.23
N THR A 121 1.18 -11.55 13.25
CA THR A 121 0.86 -10.61 12.13
C THR A 121 -0.20 -9.58 12.58
N CYS A 122 -0.57 -8.65 11.72
CA CYS A 122 -1.61 -7.65 12.14
C CYS A 122 -2.91 -8.37 12.52
N ILE A 123 -3.74 -7.78 13.36
CA ILE A 123 -5.01 -8.47 13.76
C ILE A 123 -6.08 -8.41 12.65
N CYS A 124 -6.10 -7.37 11.83
CA CYS A 124 -7.17 -7.31 10.75
C CYS A 124 -7.09 -8.54 9.83
N ARG A 125 -5.90 -9.05 9.54
CA ARG A 125 -5.81 -10.27 8.65
C ARG A 125 -6.63 -11.43 9.27
N VAL A 126 -6.75 -11.49 10.58
CA VAL A 126 -7.53 -12.61 11.22
C VAL A 126 -9.04 -12.26 11.23
N PRO A 127 -9.85 -13.11 10.62
CA PRO A 127 -11.32 -12.86 10.60
C PRO A 127 -11.92 -12.95 12.01
N ARG A 128 -13.21 -12.73 12.15
CA ARG A 128 -13.85 -12.81 13.51
C ARG A 128 -13.99 -14.27 13.96
N ALA A 129 -14.32 -15.18 13.06
CA ALA A 129 -14.47 -16.63 13.47
C ALA A 129 -13.18 -17.13 14.12
N GLN A 130 -12.02 -16.76 13.59
CA GLN A 130 -10.74 -17.22 14.21
C GLN A 130 -10.55 -16.50 15.56
N LEU A 131 -10.84 -15.21 15.62
CA LEU A 131 -10.69 -14.48 16.92
C LEU A 131 -11.70 -15.03 17.94
N GLU A 132 -12.91 -15.34 17.51
CA GLU A 132 -13.93 -15.88 18.48
C GLU A 132 -13.41 -17.19 19.10
N GLU A 133 -12.74 -18.03 18.33
CA GLU A 133 -12.22 -19.32 18.93
C GLU A 133 -11.29 -19.03 20.11
N GLU A 134 -10.48 -17.99 20.02
CA GLU A 134 -9.55 -17.68 21.17
C GLU A 134 -10.36 -17.33 22.42
N ALA A 135 -11.38 -16.49 22.28
CA ALA A 135 -12.21 -16.12 23.49
C ALA A 135 -12.87 -17.38 24.06
N ARG A 136 -13.38 -18.26 23.22
CA ARG A 136 -14.03 -19.51 23.75
C ARG A 136 -13.03 -20.33 24.57
N LYS A 137 -11.77 -20.36 24.18
CA LYS A 137 -10.75 -21.15 24.97
C LYS A 137 -10.47 -20.48 26.33
N LYS A 138 -10.51 -19.15 26.40
CA LYS A 138 -10.23 -18.48 27.72
C LYS A 138 -11.54 -18.06 28.43
N GLY A 139 -12.67 -18.66 28.12
CA GLY A 139 -13.94 -18.29 28.81
C GLY A 139 -14.18 -16.76 28.74
N THR A 140 -13.99 -16.16 27.58
CA THR A 140 -14.19 -14.68 27.47
C THR A 140 -14.81 -14.33 26.11
N GLN A 141 -14.80 -13.08 25.72
CA GLN A 141 -15.40 -12.69 24.42
C GLN A 141 -14.46 -11.74 23.65
N VAL A 142 -14.47 -11.78 22.34
CA VAL A 142 -13.57 -10.88 21.55
C VAL A 142 -14.38 -10.16 20.46
N SER A 143 -13.87 -9.07 19.92
CA SER A 143 -14.63 -8.34 18.85
C SER A 143 -13.74 -7.32 18.12
N PHE A 144 -13.24 -7.67 16.95
CA PHE A 144 -12.36 -6.71 16.20
C PHE A 144 -13.17 -6.01 15.08
N HIS A 145 -12.67 -4.89 14.60
CA HIS A 145 -13.38 -4.17 13.49
C HIS A 145 -12.33 -3.66 12.49
N GLN A 146 -11.43 -2.81 12.93
CA GLN A 146 -10.37 -2.28 12.03
C GLN A 146 -9.03 -2.19 12.79
N CYS A 147 -7.91 -2.36 12.14
CA CYS A 147 -6.60 -2.27 12.86
C CYS A 147 -6.05 -0.83 12.84
N VAL A 148 -5.18 -0.48 13.77
CA VAL A 148 -4.63 0.92 13.80
C VAL A 148 -3.52 1.11 12.75
N HIS A 149 -2.85 0.05 12.29
CA HIS A 149 -1.75 0.25 11.26
C HIS A 149 -2.30 1.07 10.07
N CYS A 150 -3.34 0.60 9.42
CA CYS A 150 -3.91 1.35 8.27
C CYS A 150 -5.43 1.58 8.47
N GLY A 151 -6.14 1.97 7.43
CA GLY A 151 -7.60 2.17 7.56
C GLY A 151 -8.31 0.93 6.99
N CYS A 152 -8.12 -0.22 7.61
CA CYS A 152 -8.77 -1.47 7.09
C CYS A 152 -10.01 -1.80 7.92
N ARG A 153 -11.07 -2.28 7.29
CA ARG A 153 -12.30 -2.64 8.07
C ARG A 153 -12.35 -4.15 8.31
N GLY A 154 -11.24 -4.76 8.66
CA GLY A 154 -11.23 -6.24 8.90
C GLY A 154 -11.14 -6.98 7.57
N CYS A 155 -9.94 -7.37 7.14
CA CYS A 155 -9.81 -8.11 5.86
C CYS A 155 -9.44 -9.58 6.13
N ALA A 156 -10.18 -10.52 5.59
CA ALA A 156 -9.86 -11.97 5.83
C ALA A 156 -10.39 -12.83 4.68
N SER A 157 -9.72 -13.91 4.36
CA SER A 157 -10.20 -14.78 3.24
C SER A 157 -10.94 -16.02 3.79
N THR A 158 -10.40 -16.68 4.79
CA THR A 158 -11.10 -17.89 5.36
C THR A 158 -12.50 -17.52 5.83
N ASP A 159 -12.67 -16.36 6.44
CA ASP A 159 -14.02 -15.95 6.92
C ASP A 159 -14.24 -14.46 6.69
ZN ZN B . -3.54 -2.91 6.29
ZN ZN C . -6.43 -5.54 6.75
ZN ZN D . -4.00 -4.53 9.62
N GLY A 1 24.19 3.33 -24.31
CA GLY A 1 25.01 2.41 -25.14
C GLY A 1 26.07 1.72 -24.26
N GLY A 2 26.05 0.40 -24.16
CA GLY A 2 27.06 -0.30 -23.33
C GLY A 2 26.36 -1.38 -22.48
N SER A 3 26.22 -1.17 -21.19
CA SER A 3 25.55 -2.19 -20.33
C SER A 3 24.63 -1.50 -19.30
N PRO A 4 23.36 -1.40 -19.64
CA PRO A 4 22.40 -0.75 -18.70
C PRO A 4 22.11 -1.67 -17.50
N ARG A 5 23.01 -1.72 -16.54
CA ARG A 5 22.77 -2.61 -15.35
C ARG A 5 23.11 -1.85 -14.05
N ILE A 6 24.36 -1.49 -13.87
CA ILE A 6 24.75 -0.75 -12.62
C ILE A 6 25.64 0.45 -12.97
N LYS A 7 25.34 1.17 -14.04
CA LYS A 7 26.17 2.35 -14.41
C LYS A 7 25.28 3.56 -14.69
N THR A 8 25.13 4.46 -13.73
CA THR A 8 24.28 5.66 -13.96
C THR A 8 25.02 6.94 -13.52
N ARG A 9 24.62 8.09 -14.02
CA ARG A 9 25.30 9.36 -13.63
C ARG A 9 24.26 10.46 -13.33
N ARG A 10 23.41 10.27 -12.34
CA ARG A 10 22.38 11.30 -12.01
C ARG A 10 21.54 11.64 -13.24
N SER A 11 21.05 10.64 -13.95
CA SER A 11 20.23 10.92 -15.18
C SER A 11 19.16 9.83 -15.35
N LYS A 12 18.01 9.98 -14.73
CA LYS A 12 16.94 8.95 -14.88
C LYS A 12 15.66 9.59 -15.47
N PRO A 13 15.75 10.03 -16.71
CA PRO A 13 14.58 10.68 -17.36
C PRO A 13 13.53 9.63 -17.73
N ALA A 14 12.29 10.05 -17.91
CA ALA A 14 11.21 9.08 -18.28
C ALA A 14 10.86 9.23 -19.77
N PRO A 15 10.45 8.15 -20.40
CA PRO A 15 10.09 8.21 -21.83
C PRO A 15 8.81 9.01 -22.05
N ASP A 16 8.55 9.43 -23.28
CA ASP A 16 7.30 10.24 -23.56
C ASP A 16 6.05 9.57 -22.96
N GLY A 17 6.02 8.26 -22.88
CA GLY A 17 4.82 7.56 -22.30
C GLY A 17 4.46 8.17 -20.92
N PHE A 18 5.44 8.57 -20.13
CA PHE A 18 5.10 9.15 -18.78
C PHE A 18 4.17 10.37 -18.93
N GLU A 19 4.30 11.13 -20.01
CA GLU A 19 3.40 12.34 -20.18
C GLU A 19 1.92 11.91 -20.08
N LYS A 20 1.58 10.75 -20.62
CA LYS A 20 0.15 10.29 -20.54
C LYS A 20 -0.27 10.14 -19.07
N ILE A 21 0.63 9.68 -18.21
CA ILE A 21 0.27 9.52 -16.77
C ILE A 21 1.07 10.49 -15.88
N LYS A 22 1.39 11.67 -16.38
CA LYS A 22 2.20 12.64 -15.55
C LYS A 22 1.32 13.47 -14.57
N PRO A 23 0.21 14.00 -15.03
CA PRO A 23 -0.64 14.83 -14.14
C PRO A 23 -1.45 13.97 -13.17
N THR A 24 -1.92 12.81 -13.60
CA THR A 24 -2.72 11.95 -12.64
C THR A 24 -1.88 11.60 -11.41
N LEU A 25 -0.62 11.27 -11.60
CA LEU A 25 0.24 10.94 -10.41
C LEU A 25 0.44 12.20 -9.55
N THR A 26 0.63 13.35 -10.17
CA THR A 26 0.80 14.61 -9.36
C THR A 26 -0.42 14.82 -8.45
N ASP A 27 -1.61 14.45 -8.90
CA ASP A 27 -2.83 14.65 -8.03
C ASP A 27 -2.64 13.94 -6.68
N PHE A 28 -1.97 12.80 -6.64
CA PHE A 28 -1.76 12.08 -5.34
C PHE A 28 -1.05 13.00 -4.33
N GLU A 29 -0.09 13.78 -4.76
CA GLU A 29 0.65 14.68 -3.81
C GLU A 29 -0.31 15.67 -3.13
N ILE A 30 -1.33 16.12 -3.83
CA ILE A 30 -2.29 17.09 -3.19
C ILE A 30 -3.14 16.33 -2.14
N GLN A 31 -3.56 15.12 -2.43
CA GLN A 31 -4.38 14.36 -1.41
C GLN A 31 -3.46 13.97 -0.25
N LEU A 32 -2.26 13.49 -0.54
CA LEU A 32 -1.31 13.13 0.58
C LEU A 32 -0.91 14.40 1.33
N ARG A 33 -0.77 15.53 0.63
CA ARG A 33 -0.38 16.80 1.34
C ARG A 33 -1.41 17.13 2.43
N ASP A 34 -2.69 16.93 2.17
CA ASP A 34 -3.72 17.24 3.23
C ASP A 34 -3.50 16.34 4.45
N ALA A 35 -3.31 15.05 4.25
CA ALA A 35 -3.06 14.15 5.43
C ALA A 35 -1.71 14.49 6.06
N GLN A 36 -0.70 14.76 5.25
CA GLN A 36 0.64 15.11 5.82
C GLN A 36 0.54 16.36 6.71
N LYS A 37 -0.29 17.31 6.36
CA LYS A 37 -0.41 18.55 7.21
C LYS A 37 -1.57 18.42 8.21
N ASP A 38 -2.67 17.83 7.81
CA ASP A 38 -3.84 17.69 8.76
C ASP A 38 -3.40 16.91 10.02
N LYS A 39 -2.56 15.90 9.87
CA LYS A 39 -2.11 15.13 11.07
C LYS A 39 -1.39 16.06 12.06
N SER A 40 -0.45 16.85 11.59
CA SER A 40 0.29 17.79 12.51
C SER A 40 0.83 17.04 13.74
N SER A 41 1.23 17.75 14.78
CA SER A 41 1.75 17.07 16.00
C SER A 41 0.79 17.27 17.18
N LYS A 42 0.48 18.51 17.51
CA LYS A 42 -0.45 18.76 18.65
C LYS A 42 -1.38 19.95 18.33
N LEU A 43 -2.09 19.91 17.22
CA LEU A 43 -2.99 21.04 16.87
C LEU A 43 -4.45 20.56 16.83
N ALA A 44 -4.76 19.56 16.04
CA ALA A 44 -6.17 19.07 15.97
C ALA A 44 -6.24 17.61 16.45
N ALA A 45 -7.33 16.92 16.19
CA ALA A 45 -7.44 15.49 16.63
C ALA A 45 -7.45 14.56 15.42
N LYS A 46 -7.75 13.27 15.62
CA LYS A 46 -7.77 12.32 14.46
C LYS A 46 -6.44 12.37 13.68
N SER A 47 -5.41 11.72 14.16
CA SER A 47 -4.10 11.74 13.43
C SER A 47 -3.82 10.38 12.80
N ASN A 48 -3.85 9.32 13.58
CA ASN A 48 -3.58 7.95 13.01
C ASN A 48 -4.57 7.66 11.86
N GLU A 49 -5.82 8.06 12.00
CA GLU A 49 -6.81 7.81 10.90
C GLU A 49 -6.37 8.55 9.63
N GLN A 50 -5.90 9.78 9.75
CA GLN A 50 -5.46 10.54 8.53
C GLN A 50 -4.30 9.79 7.84
N LEU A 51 -3.37 9.26 8.60
CA LEU A 51 -2.22 8.53 7.97
C LEU A 51 -2.73 7.31 7.19
N TRP A 52 -3.75 6.62 7.67
CA TRP A 52 -4.29 5.42 6.93
C TRP A 52 -4.64 5.83 5.48
N GLU A 53 -5.21 7.00 5.30
CA GLU A 53 -5.55 7.45 3.91
C GLU A 53 -4.27 7.61 3.08
N ILE A 54 -3.20 8.10 3.67
CA ILE A 54 -1.92 8.25 2.88
C ILE A 54 -1.41 6.86 2.47
N MET A 55 -1.41 5.90 3.38
CA MET A 55 -0.94 4.53 2.97
C MET A 55 -1.94 3.90 1.98
N GLN A 56 -3.22 4.23 2.08
CA GLN A 56 -4.21 3.66 1.10
C GLN A 56 -3.93 4.22 -0.30
N LEU A 57 -3.54 5.49 -0.40
CA LEU A 57 -3.22 6.07 -1.76
C LEU A 57 -2.21 5.17 -2.50
N HIS A 58 -1.30 4.52 -1.78
CA HIS A 58 -0.31 3.62 -2.46
C HIS A 58 -1.07 2.55 -3.28
N HIS A 59 -2.15 2.02 -2.75
CA HIS A 59 -2.95 0.99 -3.53
C HIS A 59 -3.44 1.64 -4.83
N GLN A 60 -4.05 2.81 -4.76
CA GLN A 60 -4.54 3.48 -6.01
C GLN A 60 -3.35 3.73 -6.95
N ARG A 61 -2.20 4.12 -6.43
CA ARG A 61 -1.02 4.34 -7.32
C ARG A 61 -0.65 3.02 -8.01
N SER A 62 -0.54 1.94 -7.25
CA SER A 62 -0.22 0.62 -7.89
C SER A 62 -1.39 0.21 -8.79
N ARG A 63 -2.62 0.41 -8.35
CA ARG A 63 -3.78 0.03 -9.23
C ARG A 63 -3.75 0.88 -10.52
N TYR A 64 -3.38 2.14 -10.42
CA TYR A 64 -3.32 2.99 -11.66
C TYR A 64 -2.31 2.39 -12.65
N ILE A 65 -1.10 2.09 -12.21
CA ILE A 65 -0.09 1.48 -13.15
C ILE A 65 -0.49 0.01 -13.40
N TYR A 66 -0.90 -0.70 -12.38
CA TYR A 66 -1.32 -2.13 -12.56
C TYR A 66 -2.47 -2.22 -13.60
N THR A 67 -3.33 -1.22 -13.66
CA THR A 67 -4.45 -1.29 -14.65
C THR A 67 -3.97 -0.88 -16.06
N LEU A 68 -3.08 0.09 -16.15
CA LEU A 68 -2.61 0.52 -17.52
C LEU A 68 -1.48 -0.39 -18.05
N TYR A 69 -0.63 -0.94 -17.21
CA TYR A 69 0.48 -1.81 -17.74
C TYR A 69 0.03 -3.28 -17.90
N TYR A 70 -0.81 -3.79 -17.03
CA TYR A 70 -1.24 -5.23 -17.17
C TYR A 70 -2.61 -5.40 -17.86
N LYS A 71 -3.45 -4.38 -17.89
CA LYS A 71 -4.79 -4.55 -18.56
C LYS A 71 -4.97 -3.59 -19.74
N ARG A 72 -4.84 -2.29 -19.53
CA ARG A 72 -5.02 -1.33 -20.68
C ARG A 72 -3.89 -1.51 -21.71
N LYS A 73 -2.70 -1.92 -21.31
CA LYS A 73 -1.58 -2.09 -22.28
C LYS A 73 -1.27 -0.76 -22.98
N ALA A 74 -1.22 0.33 -22.24
CA ALA A 74 -0.92 1.65 -22.86
C ALA A 74 0.45 2.15 -22.36
N ILE A 75 1.40 1.27 -22.16
CA ILE A 75 2.74 1.70 -21.66
C ILE A 75 3.80 0.63 -21.97
N SER A 76 5.08 0.96 -21.92
CA SER A 76 6.12 -0.06 -22.21
C SER A 76 6.85 -0.44 -20.92
N LYS A 77 7.32 -1.68 -20.81
CA LYS A 77 8.05 -2.12 -19.57
C LYS A 77 9.10 -1.08 -19.12
N ASP A 78 9.72 -0.36 -20.05
CA ASP A 78 10.74 0.67 -19.64
C ASP A 78 10.07 1.73 -18.77
N LEU A 79 8.96 2.29 -19.22
CA LEU A 79 8.26 3.32 -18.38
C LEU A 79 7.71 2.64 -17.13
N TYR A 80 7.13 1.46 -17.27
CA TYR A 80 6.58 0.75 -16.05
C TYR A 80 7.74 0.45 -15.09
N ASP A 81 8.91 0.07 -15.59
CA ASP A 81 10.06 -0.20 -14.67
C ASP A 81 10.55 1.14 -14.09
N TRP A 82 10.64 2.17 -14.91
CA TRP A 82 11.09 3.52 -14.38
C TRP A 82 10.16 3.96 -13.24
N LEU A 83 8.89 3.66 -13.30
CA LEU A 83 7.97 4.07 -12.18
C LEU A 83 8.30 3.22 -10.94
N ILE A 84 8.37 1.92 -11.07
CA ILE A 84 8.71 1.05 -9.89
C ILE A 84 10.07 1.46 -9.29
N LYS A 85 11.01 1.92 -10.11
CA LYS A 85 12.35 2.33 -9.55
C LYS A 85 12.36 3.81 -9.12
N GLU A 86 11.42 4.63 -9.55
CA GLU A 86 11.45 6.08 -9.13
C GLU A 86 10.38 6.39 -8.06
N LYS A 87 9.88 5.40 -7.33
CA LYS A 87 8.85 5.61 -6.25
C LYS A 87 7.47 5.92 -6.85
N TYR A 88 6.78 4.90 -7.33
CA TYR A 88 5.43 5.11 -7.92
C TYR A 88 4.46 4.04 -7.40
N ALA A 89 4.71 2.79 -7.70
CA ALA A 89 3.81 1.70 -7.22
C ALA A 89 4.61 0.72 -6.35
N ASP A 90 4.00 -0.38 -5.92
CA ASP A 90 4.73 -1.36 -5.07
C ASP A 90 4.69 -2.76 -5.72
N LYS A 91 5.81 -3.27 -6.17
CA LYS A 91 5.81 -4.64 -6.79
C LYS A 91 5.40 -5.68 -5.74
N LEU A 92 5.87 -5.56 -4.51
CA LEU A 92 5.48 -6.55 -3.45
C LEU A 92 3.95 -6.52 -3.26
N LEU A 93 3.34 -5.35 -3.28
CA LEU A 93 1.85 -5.29 -3.12
C LEU A 93 1.18 -5.97 -4.33
N ILE A 94 1.53 -5.57 -5.53
CA ILE A 94 0.92 -6.24 -6.74
C ILE A 94 1.32 -7.73 -6.75
N ALA A 95 2.52 -8.06 -6.31
CA ALA A 95 2.93 -9.50 -6.30
C ALA A 95 2.06 -10.30 -5.30
N LYS A 96 1.76 -9.72 -4.14
CA LYS A 96 0.90 -10.48 -3.16
C LYS A 96 -0.50 -10.69 -3.74
N TRP A 97 -1.10 -9.69 -4.37
CA TRP A 97 -2.46 -9.91 -4.97
C TRP A 97 -2.41 -11.01 -6.05
N ARG A 98 -1.32 -11.12 -6.78
CA ARG A 98 -1.23 -12.19 -7.83
C ARG A 98 -0.89 -13.55 -7.19
N LYS A 99 -0.07 -13.57 -6.15
CA LYS A 99 0.30 -14.88 -5.49
C LYS A 99 -0.97 -15.67 -5.12
N THR A 100 -0.81 -16.84 -4.52
CA THR A 100 -2.02 -17.63 -4.11
C THR A 100 -2.18 -17.57 -2.59
N GLY A 101 -3.40 -17.47 -2.09
CA GLY A 101 -3.60 -17.38 -0.62
C GLY A 101 -3.84 -15.92 -0.19
N TYR A 102 -3.39 -14.94 -0.95
CA TYR A 102 -3.63 -13.51 -0.55
C TYR A 102 -4.94 -12.99 -1.18
N GLU A 103 -6.06 -13.64 -0.91
CA GLU A 103 -7.36 -13.15 -1.51
C GLU A 103 -7.78 -11.82 -0.86
N LYS A 104 -7.57 -11.68 0.44
CA LYS A 104 -7.97 -10.40 1.11
C LYS A 104 -6.77 -9.77 1.83
N LEU A 105 -5.96 -9.00 1.15
CA LEU A 105 -4.79 -8.36 1.82
C LEU A 105 -4.88 -6.82 1.70
N CYS A 106 -4.52 -6.10 2.75
CA CYS A 106 -4.60 -4.60 2.67
C CYS A 106 -3.21 -3.94 2.58
N CYS A 107 -2.16 -4.52 3.14
CA CYS A 107 -0.80 -3.88 3.03
C CYS A 107 0.29 -4.96 2.94
N LEU A 108 1.55 -4.58 3.05
CA LEU A 108 2.65 -5.59 3.00
C LEU A 108 3.15 -5.94 4.42
N ARG A 109 3.17 -4.99 5.34
CA ARG A 109 3.61 -5.30 6.74
C ARG A 109 2.37 -5.35 7.66
N CYS A 110 1.26 -5.86 7.16
CA CYS A 110 -0.01 -5.94 7.95
C CYS A 110 -0.46 -7.42 7.84
N ILE A 111 -0.71 -7.91 6.63
CA ILE A 111 -1.09 -9.36 6.45
C ILE A 111 0.10 -10.28 6.78
N GLN A 112 1.33 -9.82 6.64
CA GLN A 112 2.50 -10.71 6.94
C GLN A 112 3.41 -10.04 7.97
N LYS A 113 4.28 -10.79 8.62
CA LYS A 113 5.18 -10.18 9.64
C LYS A 113 6.65 -10.49 9.31
N ASN A 114 7.02 -11.76 9.20
CA ASN A 114 8.43 -12.10 8.88
C ASN A 114 8.50 -12.83 7.52
N GLU A 115 9.66 -13.33 7.15
CA GLU A 115 9.77 -14.04 5.84
C GLU A 115 10.10 -15.52 6.06
N THR A 116 9.34 -16.21 6.88
CA THR A 116 9.62 -17.67 7.12
C THR A 116 8.30 -18.45 7.31
N ASN A 117 7.49 -18.07 8.28
CA ASN A 117 6.21 -18.80 8.51
C ASN A 117 5.12 -17.82 8.97
N ASN A 118 4.00 -18.33 9.44
CA ASN A 118 2.90 -17.42 9.91
C ASN A 118 2.64 -17.64 11.41
N GLY A 119 3.39 -16.98 12.27
CA GLY A 119 3.18 -17.15 13.74
C GLY A 119 2.51 -15.90 14.31
N SER A 120 3.11 -14.73 14.12
CA SER A 120 2.50 -13.48 14.65
C SER A 120 2.33 -12.44 13.53
N THR A 121 1.12 -12.00 13.27
CA THR A 121 0.91 -10.98 12.19
C THR A 121 -0.15 -9.97 12.63
N CYS A 122 -0.44 -8.97 11.83
CA CYS A 122 -1.49 -7.95 12.23
C CYS A 122 -2.81 -8.67 12.55
N ILE A 123 -3.64 -8.09 13.39
CA ILE A 123 -4.95 -8.77 13.75
C ILE A 123 -5.96 -8.68 12.59
N CYS A 124 -5.98 -7.59 11.85
CA CYS A 124 -7.00 -7.48 10.73
C CYS A 124 -6.94 -8.70 9.78
N ARG A 125 -5.78 -9.31 9.60
CA ARG A 125 -5.74 -10.52 8.70
C ARG A 125 -6.64 -11.62 9.27
N VAL A 126 -6.69 -11.77 10.58
CA VAL A 126 -7.56 -12.85 11.18
C VAL A 126 -9.04 -12.42 11.13
N PRO A 127 -9.88 -13.23 10.53
CA PRO A 127 -11.33 -12.90 10.45
C PRO A 127 -11.96 -12.92 11.84
N ARG A 128 -13.21 -12.49 11.96
CA ARG A 128 -13.87 -12.50 13.32
C ARG A 128 -14.26 -13.93 13.74
N ALA A 129 -14.68 -14.76 12.81
CA ALA A 129 -15.07 -16.17 13.19
C ALA A 129 -13.89 -16.87 13.89
N GLN A 130 -12.68 -16.67 13.41
CA GLN A 130 -11.50 -17.34 14.09
C GLN A 130 -11.29 -16.69 15.48
N LEU A 131 -11.41 -15.39 15.57
CA LEU A 131 -11.22 -14.72 16.91
C LEU A 131 -12.33 -15.18 17.87
N GLU A 132 -13.56 -15.33 17.38
CA GLU A 132 -14.67 -15.78 18.30
C GLU A 132 -14.33 -17.16 18.90
N GLU A 133 -13.72 -18.05 18.13
CA GLU A 133 -13.38 -19.40 18.69
C GLU A 133 -12.47 -19.25 19.93
N GLU A 134 -11.57 -18.30 19.93
CA GLU A 134 -10.66 -18.13 21.13
C GLU A 134 -11.50 -17.77 22.36
N ALA A 135 -12.39 -16.81 22.25
CA ALA A 135 -13.23 -16.43 23.44
C ALA A 135 -14.07 -17.64 23.89
N ARG A 136 -14.61 -18.41 22.97
CA ARG A 136 -15.43 -19.61 23.39
C ARG A 136 -14.57 -20.58 24.21
N LYS A 137 -13.30 -20.75 23.88
CA LYS A 137 -12.44 -21.68 24.68
C LYS A 137 -11.82 -20.95 25.87
N LYS A 138 -11.41 -19.71 25.70
CA LYS A 138 -10.80 -18.95 26.85
C LYS A 138 -11.86 -18.60 27.91
N GLY A 139 -13.12 -18.48 27.54
CA GLY A 139 -14.18 -18.14 28.53
C GLY A 139 -14.36 -16.61 28.61
N THR A 140 -14.17 -15.89 27.51
CA THR A 140 -14.34 -14.42 27.54
C THR A 140 -15.06 -13.95 26.25
N GLN A 141 -14.95 -12.69 25.89
CA GLN A 141 -15.61 -12.22 24.64
C GLN A 141 -14.64 -11.34 23.82
N VAL A 142 -14.57 -11.54 22.52
CA VAL A 142 -13.65 -10.71 21.69
C VAL A 142 -14.45 -9.97 20.60
N SER A 143 -13.90 -8.92 20.04
CA SER A 143 -14.66 -8.16 18.98
C SER A 143 -13.74 -7.15 18.26
N PHE A 144 -12.95 -7.60 17.30
CA PHE A 144 -12.06 -6.64 16.56
C PHE A 144 -12.82 -6.06 15.36
N HIS A 145 -12.37 -4.93 14.84
CA HIS A 145 -13.04 -4.31 13.67
C HIS A 145 -11.96 -3.83 12.67
N GLN A 146 -11.11 -2.93 13.09
CA GLN A 146 -10.02 -2.44 12.17
C GLN A 146 -8.70 -2.38 12.94
N CYS A 147 -7.57 -2.50 12.26
CA CYS A 147 -6.26 -2.45 12.99
C CYS A 147 -5.67 -1.02 12.96
N VAL A 148 -4.83 -0.69 13.92
CA VAL A 148 -4.23 0.70 13.94
C VAL A 148 -3.16 0.88 12.85
N HIS A 149 -2.51 -0.18 12.39
CA HIS A 149 -1.45 -0.01 11.32
C HIS A 149 -2.03 0.81 10.13
N CYS A 150 -3.20 0.44 9.66
CA CYS A 150 -3.81 1.19 8.52
C CYS A 150 -5.32 1.40 8.74
N GLY A 151 -6.04 1.84 7.73
CA GLY A 151 -7.51 2.04 7.88
C GLY A 151 -8.21 0.81 7.28
N CYS A 152 -7.90 -0.36 7.78
CA CYS A 152 -8.53 -1.60 7.22
C CYS A 152 -9.72 -2.02 8.10
N ARG A 153 -10.80 -2.50 7.51
CA ARG A 153 -11.98 -2.92 8.33
C ARG A 153 -11.93 -4.45 8.54
N GLY A 154 -10.81 -4.97 8.99
CA GLY A 154 -10.70 -6.44 9.21
C GLY A 154 -10.72 -7.17 7.85
N CYS A 155 -9.56 -7.53 7.33
CA CYS A 155 -9.52 -8.25 6.02
C CYS A 155 -9.11 -9.72 6.22
N ALA A 156 -9.85 -10.66 5.68
CA ALA A 156 -9.49 -12.10 5.86
C ALA A 156 -9.86 -12.89 4.59
N SER A 157 -9.10 -13.92 4.28
CA SER A 157 -9.42 -14.72 3.05
C SER A 157 -10.01 -16.10 3.42
N THR A 158 -9.39 -16.82 4.34
CA THR A 158 -9.94 -18.17 4.73
C THR A 158 -11.43 -18.08 5.09
N ASP A 159 -11.86 -17.01 5.72
CA ASP A 159 -13.30 -16.88 6.10
C ASP A 159 -13.90 -15.64 5.43
ZN ZN B . -3.28 -3.03 6.51
ZN ZN C . -6.15 -5.68 6.78
ZN ZN D . -3.76 -4.77 9.73
N GLY A 1 38.31 21.51 -3.66
CA GLY A 1 37.68 20.24 -4.13
C GLY A 1 36.22 20.19 -3.67
N GLY A 2 35.30 20.73 -4.45
CA GLY A 2 33.87 20.71 -4.04
C GLY A 2 33.27 19.32 -4.34
N SER A 3 32.39 19.23 -5.32
CA SER A 3 31.78 17.90 -5.65
C SER A 3 32.12 17.51 -7.10
N PRO A 4 32.20 16.22 -7.35
CA PRO A 4 32.52 15.75 -8.73
C PRO A 4 31.32 15.96 -9.66
N ARG A 5 31.47 15.69 -10.94
CA ARG A 5 30.33 15.89 -11.89
C ARG A 5 30.17 14.66 -12.79
N ILE A 6 29.05 13.99 -12.75
CA ILE A 6 28.85 12.78 -13.61
C ILE A 6 27.52 12.90 -14.38
N LYS A 7 27.44 13.79 -15.35
CA LYS A 7 26.17 13.94 -16.13
C LYS A 7 26.43 14.59 -17.50
N THR A 8 25.43 14.69 -18.35
CA THR A 8 25.64 15.31 -19.69
C THR A 8 24.40 16.11 -20.12
N ARG A 9 24.00 17.10 -19.34
CA ARG A 9 22.79 17.92 -19.69
C ARG A 9 21.54 17.04 -19.79
N ARG A 10 20.59 17.21 -18.90
CA ARG A 10 19.35 16.37 -18.95
C ARG A 10 18.16 17.22 -19.44
N SER A 11 17.10 16.59 -19.93
CA SER A 11 15.93 17.38 -20.42
C SER A 11 14.69 17.06 -19.57
N LYS A 12 14.25 15.82 -19.55
CA LYS A 12 13.04 15.47 -18.73
C LYS A 12 13.19 14.06 -18.14
N PRO A 13 12.72 13.87 -16.92
CA PRO A 13 12.81 12.54 -16.27
C PRO A 13 11.79 11.58 -16.88
N ALA A 14 12.00 10.29 -16.75
CA ALA A 14 11.05 9.28 -17.32
C ALA A 14 10.93 9.44 -18.85
N PRO A 15 10.61 8.35 -19.52
CA PRO A 15 10.47 8.39 -21.00
C PRO A 15 9.22 9.16 -21.40
N ASP A 16 9.14 9.57 -22.66
CA ASP A 16 7.92 10.36 -23.13
C ASP A 16 6.61 9.67 -22.69
N GLY A 17 6.59 8.36 -22.61
CA GLY A 17 5.34 7.64 -22.18
C GLY A 17 4.84 8.19 -20.83
N PHE A 18 5.74 8.59 -19.94
CA PHE A 18 5.28 9.12 -18.61
C PHE A 18 4.29 10.29 -18.81
N GLU A 19 4.43 11.07 -19.87
CA GLU A 19 3.47 12.21 -20.09
C GLU A 19 2.02 11.71 -20.08
N LYS A 20 1.77 10.53 -20.63
CA LYS A 20 0.35 10.00 -20.62
C LYS A 20 -0.17 9.89 -19.18
N ILE A 21 0.68 9.55 -18.23
CA ILE A 21 0.21 9.43 -16.81
C ILE A 21 0.94 10.44 -15.91
N LYS A 22 1.24 11.63 -16.42
CA LYS A 22 1.98 12.64 -15.58
C LYS A 22 1.06 13.46 -14.64
N PRO A 23 -0.08 13.92 -15.15
CA PRO A 23 -0.99 14.73 -14.30
C PRO A 23 -1.78 13.87 -13.28
N THR A 24 -2.17 12.67 -13.66
CA THR A 24 -2.95 11.82 -12.69
C THR A 24 -2.09 11.53 -11.45
N LEU A 25 -0.85 11.12 -11.63
CA LEU A 25 0.01 10.84 -10.44
C LEU A 25 0.18 12.12 -9.59
N THR A 26 0.30 13.27 -10.23
CA THR A 26 0.45 14.55 -9.43
C THR A 26 -0.74 14.71 -8.47
N ASP A 27 -1.93 14.31 -8.86
CA ASP A 27 -3.11 14.46 -7.94
C ASP A 27 -2.83 13.74 -6.60
N PHE A 28 -2.18 12.60 -6.63
CA PHE A 28 -1.89 11.87 -5.34
C PHE A 28 -1.08 12.76 -4.39
N GLU A 29 -0.11 13.50 -4.92
CA GLU A 29 0.72 14.38 -4.02
C GLU A 29 -0.15 15.43 -3.31
N ILE A 30 -1.31 15.78 -3.83
CA ILE A 30 -2.17 16.80 -3.12
C ILE A 30 -2.96 16.11 -1.99
N GLN A 31 -3.38 14.87 -2.15
CA GLN A 31 -4.11 14.19 -1.04
C GLN A 31 -3.10 13.65 -0.02
N LEU A 32 -1.95 13.16 -0.47
CA LEU A 32 -0.93 12.66 0.51
C LEU A 32 -0.26 13.83 1.23
N ARG A 33 -0.09 14.98 0.58
CA ARG A 33 0.56 16.13 1.29
C ARG A 33 -0.38 16.67 2.38
N ASP A 34 -1.69 16.69 2.12
CA ASP A 34 -2.63 17.21 3.17
C ASP A 34 -2.60 16.28 4.40
N ALA A 35 -2.53 14.98 4.20
CA ALA A 35 -2.46 14.05 5.38
C ALA A 35 -1.12 14.22 6.09
N GLN A 36 -0.04 14.34 5.34
CA GLN A 36 1.31 14.50 6.01
C GLN A 36 1.33 15.81 6.84
N LYS A 37 0.65 16.85 6.40
CA LYS A 37 0.67 18.13 7.20
C LYS A 37 -0.54 18.19 8.16
N ASP A 38 -1.69 17.69 7.75
CA ASP A 38 -2.90 17.74 8.65
C ASP A 38 -2.59 17.03 9.98
N LYS A 39 -1.86 15.93 9.95
CA LYS A 39 -1.54 15.20 11.23
C LYS A 39 -0.85 16.15 12.22
N SER A 40 0.06 16.99 11.75
CA SER A 40 0.77 17.94 12.67
C SER A 40 1.38 17.19 13.86
N SER A 41 1.92 17.91 14.83
CA SER A 41 2.53 17.23 16.00
C SER A 41 1.75 17.56 17.28
N LYS A 42 1.02 16.60 17.85
CA LYS A 42 0.23 16.87 19.09
C LYS A 42 -0.68 18.09 18.90
N LEU A 43 -1.84 17.91 18.30
CA LEU A 43 -2.76 19.07 18.09
C LEU A 43 -4.22 18.63 18.23
N ALA A 44 -4.69 17.68 17.44
CA ALA A 44 -6.09 17.23 17.54
C ALA A 44 -6.14 15.72 17.87
N ALA A 45 -7.29 15.09 17.72
CA ALA A 45 -7.38 13.63 18.01
C ALA A 45 -7.75 12.86 16.74
N LYS A 46 -7.15 13.20 15.62
CA LYS A 46 -7.46 12.49 14.35
C LYS A 46 -6.19 12.36 13.49
N SER A 47 -5.19 11.64 13.96
CA SER A 47 -3.93 11.50 13.16
C SER A 47 -3.87 10.11 12.50
N ASN A 48 -4.12 9.05 13.26
CA ASN A 48 -4.06 7.67 12.65
C ASN A 48 -5.04 7.57 11.47
N GLU A 49 -6.21 8.17 11.57
CA GLU A 49 -7.19 8.08 10.44
C GLU A 49 -6.62 8.82 9.21
N GLN A 50 -6.04 9.99 9.39
CA GLN A 50 -5.46 10.72 8.21
C GLN A 50 -4.29 9.90 7.63
N LEU A 51 -3.46 9.32 8.47
CA LEU A 51 -2.31 8.51 7.93
C LEU A 51 -2.84 7.33 7.11
N TRP A 52 -3.94 6.72 7.51
CA TRP A 52 -4.49 5.56 6.71
C TRP A 52 -4.79 6.01 5.27
N GLU A 53 -5.29 7.21 5.08
CA GLU A 53 -5.56 7.68 3.67
C GLU A 53 -4.24 7.73 2.88
N ILE A 54 -3.12 8.00 3.53
CA ILE A 54 -1.82 8.05 2.77
C ILE A 54 -1.43 6.63 2.35
N MET A 55 -1.28 5.70 3.28
CA MET A 55 -0.91 4.30 2.85
C MET A 55 -2.03 3.72 1.96
N GLN A 56 -3.29 4.12 2.15
CA GLN A 56 -4.37 3.59 1.25
C GLN A 56 -4.16 4.12 -0.17
N LEU A 57 -3.74 5.37 -0.31
CA LEU A 57 -3.50 5.93 -1.69
C LEU A 57 -2.55 5.01 -2.49
N HIS A 58 -1.64 4.33 -1.82
CA HIS A 58 -0.69 3.41 -2.57
C HIS A 58 -1.50 2.38 -3.37
N HIS A 59 -2.60 1.88 -2.85
CA HIS A 59 -3.42 0.88 -3.63
C HIS A 59 -3.90 1.54 -4.93
N GLN A 60 -4.50 2.71 -4.84
CA GLN A 60 -4.96 3.40 -6.10
C GLN A 60 -3.74 3.64 -7.03
N ARG A 61 -2.58 3.91 -6.47
CA ARG A 61 -1.37 4.13 -7.35
C ARG A 61 -1.01 2.81 -8.06
N SER A 62 -0.87 1.72 -7.31
CA SER A 62 -0.54 0.42 -7.97
C SER A 62 -1.69 0.01 -8.90
N ARG A 63 -2.93 0.26 -8.50
CA ARG A 63 -4.08 -0.10 -9.41
C ARG A 63 -3.99 0.75 -10.69
N TYR A 64 -3.67 2.03 -10.56
CA TYR A 64 -3.56 2.89 -11.80
C TYR A 64 -2.45 2.33 -12.71
N ILE A 65 -1.27 2.10 -12.19
CA ILE A 65 -0.17 1.55 -13.05
C ILE A 65 -0.50 0.09 -13.42
N TYR A 66 -1.05 -0.68 -12.51
CA TYR A 66 -1.41 -2.10 -12.84
C TYR A 66 -2.52 -2.10 -13.90
N THR A 67 -3.51 -1.25 -13.76
CA THR A 67 -4.62 -1.24 -14.77
C THR A 67 -4.06 -0.89 -16.17
N LEU A 68 -3.16 0.06 -16.26
CA LEU A 68 -2.63 0.42 -17.62
C LEU A 68 -1.49 -0.52 -18.08
N TYR A 69 -0.66 -1.02 -17.19
CA TYR A 69 0.46 -1.94 -17.64
C TYR A 69 0.00 -3.40 -17.75
N TYR A 70 -0.93 -3.85 -16.93
CA TYR A 70 -1.36 -5.29 -17.02
C TYR A 70 -2.66 -5.47 -17.83
N LYS A 71 -3.46 -4.44 -18.02
CA LYS A 71 -4.73 -4.62 -18.81
C LYS A 71 -4.74 -3.69 -20.05
N ARG A 72 -4.64 -2.39 -19.85
CA ARG A 72 -4.66 -1.46 -21.03
C ARG A 72 -3.44 -1.69 -21.93
N LYS A 73 -2.30 -2.09 -21.38
CA LYS A 73 -1.08 -2.32 -22.22
C LYS A 73 -0.71 -1.03 -22.97
N ALA A 74 -0.77 0.11 -22.31
CA ALA A 74 -0.41 1.39 -23.00
C ALA A 74 0.88 1.96 -22.38
N ILE A 75 1.81 1.10 -22.00
CA ILE A 75 3.09 1.60 -21.40
C ILE A 75 4.22 0.57 -21.62
N SER A 76 5.46 0.97 -21.47
CA SER A 76 6.57 -0.01 -21.68
C SER A 76 7.24 -0.35 -20.35
N LYS A 77 7.72 -1.58 -20.18
CA LYS A 77 8.38 -1.98 -18.87
C LYS A 77 9.37 -0.90 -18.39
N ASP A 78 10.03 -0.18 -19.28
CA ASP A 78 10.99 0.88 -18.83
C ASP A 78 10.22 1.95 -18.02
N LEU A 79 9.13 2.47 -18.55
CA LEU A 79 8.35 3.48 -17.78
C LEU A 79 7.73 2.79 -16.56
N TYR A 80 7.18 1.60 -16.74
CA TYR A 80 6.58 0.87 -15.57
C TYR A 80 7.66 0.62 -14.51
N ASP A 81 8.89 0.30 -14.92
CA ASP A 81 9.97 0.07 -13.91
C ASP A 81 10.43 1.42 -13.34
N TRP A 82 10.56 2.44 -14.19
CA TRP A 82 10.97 3.79 -13.66
C TRP A 82 9.94 4.27 -12.62
N LEU A 83 8.66 4.02 -12.85
CA LEU A 83 7.63 4.46 -11.86
C LEU A 83 7.83 3.68 -10.55
N ILE A 84 7.83 2.36 -10.61
CA ILE A 84 8.02 1.56 -9.35
C ILE A 84 9.32 1.97 -8.63
N LYS A 85 10.32 2.45 -9.35
CA LYS A 85 11.60 2.85 -8.67
C LYS A 85 11.55 4.32 -8.20
N GLU A 86 10.69 5.16 -8.76
CA GLU A 86 10.62 6.59 -8.30
C GLU A 86 9.44 6.83 -7.33
N LYS A 87 8.96 5.80 -6.65
CA LYS A 87 7.81 5.93 -5.66
C LYS A 87 6.47 6.08 -6.38
N TYR A 88 5.97 5.01 -6.97
CA TYR A 88 4.66 5.09 -7.68
C TYR A 88 3.82 3.86 -7.28
N ALA A 89 4.28 2.67 -7.60
CA ALA A 89 3.52 1.44 -7.24
C ALA A 89 4.46 0.45 -6.53
N ASP A 90 3.97 -0.72 -6.14
CA ASP A 90 4.85 -1.70 -5.45
C ASP A 90 4.71 -3.09 -6.09
N LYS A 91 5.81 -3.72 -6.46
CA LYS A 91 5.71 -5.09 -7.07
C LYS A 91 5.42 -6.13 -5.97
N LEU A 92 5.99 -5.97 -4.79
CA LEU A 92 5.72 -6.97 -3.69
C LEU A 92 4.22 -6.99 -3.37
N LEU A 93 3.58 -5.84 -3.30
CA LEU A 93 2.10 -5.85 -3.00
C LEU A 93 1.35 -6.44 -4.19
N ILE A 94 1.62 -5.95 -5.40
CA ILE A 94 0.92 -6.55 -6.60
C ILE A 94 1.27 -8.06 -6.68
N ALA A 95 2.47 -8.45 -6.33
CA ALA A 95 2.82 -9.91 -6.35
C ALA A 95 1.99 -10.64 -5.29
N LYS A 96 1.79 -10.04 -4.12
CA LYS A 96 0.97 -10.72 -3.06
C LYS A 96 -0.43 -11.03 -3.62
N TRP A 97 -1.04 -10.07 -4.30
CA TRP A 97 -2.41 -10.32 -4.89
C TRP A 97 -2.33 -11.46 -5.93
N ARG A 98 -1.26 -11.54 -6.70
CA ARG A 98 -1.15 -12.63 -7.72
C ARG A 98 -0.81 -13.98 -7.04
N LYS A 99 -0.04 -13.96 -5.97
CA LYS A 99 0.30 -15.27 -5.27
C LYS A 99 -0.97 -16.07 -4.93
N THR A 100 -0.83 -17.19 -4.28
CA THR A 100 -2.04 -18.00 -3.91
C THR A 100 -2.37 -17.79 -2.42
N GLY A 101 -3.61 -17.55 -2.08
CA GLY A 101 -3.98 -17.34 -0.66
C GLY A 101 -4.05 -15.82 -0.32
N TYR A 102 -4.02 -14.94 -1.30
CA TYR A 102 -4.09 -13.49 -1.00
C TYR A 102 -5.34 -12.87 -1.65
N GLU A 103 -6.51 -13.18 -1.15
CA GLU A 103 -7.77 -12.62 -1.77
C GLU A 103 -8.26 -11.39 -0.99
N LYS A 104 -8.10 -11.35 0.32
CA LYS A 104 -8.59 -10.18 1.09
C LYS A 104 -7.46 -9.53 1.91
N LEU A 105 -6.42 -9.06 1.26
CA LEU A 105 -5.30 -8.40 2.02
C LEU A 105 -5.33 -6.88 1.77
N CYS A 106 -4.86 -6.08 2.70
CA CYS A 106 -4.89 -4.59 2.48
C CYS A 106 -3.49 -3.96 2.34
N CYS A 107 -2.44 -4.52 2.93
CA CYS A 107 -1.08 -3.89 2.76
C CYS A 107 -0.01 -4.99 2.68
N LEU A 108 1.26 -4.63 2.76
CA LEU A 108 2.34 -5.67 2.71
C LEU A 108 2.76 -6.07 4.15
N ARG A 109 2.83 -5.11 5.06
CA ARG A 109 3.19 -5.46 6.48
C ARG A 109 1.93 -5.49 7.37
N CYS A 110 0.78 -5.81 6.80
CA CYS A 110 -0.50 -5.84 7.57
C CYS A 110 -1.19 -7.22 7.35
N ILE A 111 -0.46 -8.23 6.86
CA ILE A 111 -1.06 -9.58 6.59
C ILE A 111 0.03 -10.66 6.57
N GLN A 112 1.02 -10.58 7.44
CA GLN A 112 2.12 -11.62 7.41
C GLN A 112 1.82 -12.75 8.41
N LYS A 113 1.25 -13.85 7.95
CA LYS A 113 0.96 -14.97 8.89
C LYS A 113 1.88 -16.16 8.59
N ASN A 114 1.88 -16.67 7.36
CA ASN A 114 2.77 -17.82 7.00
C ASN A 114 2.59 -18.98 8.01
N GLU A 115 3.39 -20.03 7.89
CA GLU A 115 3.25 -21.17 8.84
C GLU A 115 4.54 -21.34 9.66
N THR A 116 5.13 -20.25 10.11
CA THR A 116 6.39 -20.36 10.91
C THR A 116 6.27 -19.50 12.18
N ASN A 117 7.33 -19.39 12.95
CA ASN A 117 7.27 -18.56 14.20
C ASN A 117 8.23 -17.38 14.11
N ASN A 118 8.26 -16.69 12.99
CA ASN A 118 9.18 -15.53 12.84
C ASN A 118 8.39 -14.25 12.53
N GLY A 119 8.78 -13.12 13.08
CA GLY A 119 8.03 -11.85 12.81
C GLY A 119 6.62 -11.96 13.40
N SER A 120 5.71 -11.10 12.98
CA SER A 120 4.32 -11.17 13.53
C SER A 120 3.29 -10.80 12.44
N THR A 121 2.02 -10.99 12.70
CA THR A 121 0.98 -10.66 11.68
C THR A 121 0.07 -9.53 12.18
N CYS A 122 -0.78 -8.99 11.34
CA CYS A 122 -1.71 -7.91 11.81
C CYS A 122 -3.04 -8.55 12.22
N ILE A 123 -3.79 -7.93 13.11
CA ILE A 123 -5.09 -8.55 13.55
C ILE A 123 -6.18 -8.41 12.47
N CYS A 124 -6.17 -7.35 11.67
CA CYS A 124 -7.25 -7.21 10.63
C CYS A 124 -7.25 -8.42 9.67
N ARG A 125 -6.09 -8.96 9.35
CA ARG A 125 -6.06 -10.16 8.43
C ARG A 125 -6.92 -11.30 9.03
N VAL A 126 -6.96 -11.42 10.35
CA VAL A 126 -7.78 -12.52 10.98
C VAL A 126 -9.26 -12.13 11.00
N PRO A 127 -10.12 -12.94 10.42
CA PRO A 127 -11.58 -12.63 10.41
C PRO A 127 -12.16 -12.70 11.84
N ARG A 128 -13.43 -12.41 11.99
CA ARG A 128 -14.05 -12.47 13.38
C ARG A 128 -14.25 -13.93 13.82
N ALA A 129 -14.63 -14.82 12.90
CA ALA A 129 -14.84 -16.26 13.30
C ALA A 129 -13.56 -16.83 13.93
N GLN A 130 -12.40 -16.51 13.37
CA GLN A 130 -11.14 -17.04 13.98
C GLN A 130 -10.90 -16.36 15.33
N LEU A 131 -11.12 -15.07 15.42
CA LEU A 131 -10.92 -14.37 16.74
C LEU A 131 -11.96 -14.88 17.75
N GLU A 132 -13.19 -15.10 17.32
CA GLU A 132 -14.23 -15.61 18.29
C GLU A 132 -13.80 -16.97 18.86
N GLU A 133 -13.20 -17.83 18.05
CA GLU A 133 -12.77 -19.17 18.58
C GLU A 133 -11.76 -18.99 19.73
N GLU A 134 -10.86 -18.02 19.62
CA GLU A 134 -9.87 -17.82 20.74
C GLU A 134 -10.61 -17.46 22.03
N ALA A 135 -11.56 -16.55 21.97
CA ALA A 135 -12.31 -16.18 23.23
C ALA A 135 -13.06 -17.41 23.77
N ARG A 136 -13.71 -18.17 22.92
CA ARG A 136 -14.43 -19.39 23.41
C ARG A 136 -13.46 -20.36 24.10
N LYS A 137 -12.22 -20.42 23.66
CA LYS A 137 -11.24 -21.36 24.32
C LYS A 137 -10.67 -20.75 25.62
N LYS A 138 -10.55 -19.43 25.72
CA LYS A 138 -10.00 -18.83 26.97
C LYS A 138 -11.12 -18.31 27.90
N GLY A 139 -12.33 -18.86 27.81
CA GLY A 139 -13.44 -18.39 28.70
C GLY A 139 -13.57 -16.87 28.66
N THR A 140 -13.58 -16.26 27.49
CA THR A 140 -13.70 -14.78 27.41
C THR A 140 -14.43 -14.36 26.11
N GLN A 141 -14.36 -13.09 25.74
CA GLN A 141 -15.04 -12.65 24.50
C GLN A 141 -14.10 -11.75 23.67
N VAL A 142 -14.28 -11.69 22.36
CA VAL A 142 -13.39 -10.84 21.52
C VAL A 142 -14.24 -10.01 20.53
N SER A 143 -13.69 -8.95 19.98
CA SER A 143 -14.48 -8.13 19.02
C SER A 143 -13.57 -7.14 18.25
N PHE A 144 -13.18 -7.47 17.04
CA PHE A 144 -12.30 -6.54 16.26
C PHE A 144 -13.10 -5.79 15.18
N HIS A 145 -12.59 -4.68 14.70
CA HIS A 145 -13.29 -3.90 13.64
C HIS A 145 -12.25 -3.43 12.61
N GLN A 146 -11.29 -2.64 13.04
CA GLN A 146 -10.23 -2.16 12.09
C GLN A 146 -8.88 -2.09 12.83
N CYS A 147 -7.77 -2.31 12.15
CA CYS A 147 -6.45 -2.27 12.88
C CYS A 147 -5.86 -0.85 12.86
N VAL A 148 -5.03 -0.52 13.83
CA VAL A 148 -4.42 0.86 13.86
C VAL A 148 -3.35 1.03 12.78
N HIS A 149 -2.71 -0.05 12.31
CA HIS A 149 -1.66 0.11 11.23
C HIS A 149 -2.20 0.98 10.07
N CYS A 150 -3.26 0.55 9.42
CA CYS A 150 -3.83 1.36 8.30
C CYS A 150 -5.34 1.62 8.55
N GLY A 151 -6.06 2.04 7.53
CA GLY A 151 -7.53 2.27 7.70
C GLY A 151 -8.26 1.06 7.09
N CYS A 152 -8.10 -0.11 7.67
CA CYS A 152 -8.77 -1.32 7.09
C CYS A 152 -9.99 -1.70 7.95
N ARG A 153 -11.06 -2.15 7.33
CA ARG A 153 -12.26 -2.55 8.14
C ARG A 153 -12.27 -4.07 8.33
N GLY A 154 -11.16 -4.64 8.75
CA GLY A 154 -11.10 -6.11 8.96
C GLY A 154 -11.10 -6.83 7.60
N CYS A 155 -9.94 -7.23 7.11
CA CYS A 155 -9.89 -7.94 5.80
C CYS A 155 -9.52 -9.42 6.00
N ALA A 156 -10.32 -10.34 5.49
CA ALA A 156 -10.03 -11.79 5.66
C ALA A 156 -10.48 -12.58 4.42
N SER A 157 -9.78 -13.62 4.06
CA SER A 157 -10.19 -14.42 2.85
C SER A 157 -10.88 -15.71 3.28
N THR A 158 -10.32 -16.45 4.22
CA THR A 158 -10.98 -17.74 4.66
C THR A 158 -12.35 -17.43 5.30
N ASP A 159 -12.44 -16.39 6.09
CA ASP A 159 -13.74 -16.04 6.73
C ASP A 159 -13.88 -14.53 6.91
ZN ZN B . -3.54 -2.82 6.22
ZN ZN C . -6.49 -5.41 6.60
ZN ZN D . -4.02 -4.55 9.50
N GLY A 1 39.28 25.12 -25.67
CA GLY A 1 40.61 25.30 -25.04
C GLY A 1 40.86 24.17 -24.03
N GLY A 2 40.91 22.92 -24.48
CA GLY A 2 41.13 21.80 -23.53
C GLY A 2 39.95 20.83 -23.59
N SER A 3 39.05 20.87 -22.63
CA SER A 3 37.88 19.95 -22.64
C SER A 3 36.58 20.74 -22.43
N PRO A 4 35.46 20.12 -22.76
CA PRO A 4 34.15 20.81 -22.59
C PRO A 4 33.78 20.89 -21.10
N ARG A 5 33.66 22.08 -20.56
CA ARG A 5 33.30 22.22 -19.11
C ARG A 5 32.00 23.03 -18.96
N ILE A 6 30.94 22.66 -19.66
CA ILE A 6 29.66 23.42 -19.55
C ILE A 6 28.56 22.53 -18.97
N LYS A 7 27.49 23.11 -18.46
CA LYS A 7 26.39 22.29 -17.88
C LYS A 7 25.03 22.76 -18.41
N THR A 8 24.17 21.86 -18.83
CA THR A 8 22.84 22.28 -19.37
C THR A 8 21.77 21.20 -19.08
N ARG A 9 20.59 21.34 -19.63
CA ARG A 9 19.53 20.31 -19.39
C ARG A 9 19.17 19.60 -20.72
N ARG A 10 19.89 18.57 -21.08
CA ARG A 10 19.58 17.85 -22.36
C ARG A 10 18.77 16.57 -22.09
N SER A 11 19.09 15.83 -21.04
CA SER A 11 18.33 14.58 -20.74
C SER A 11 17.50 14.75 -19.47
N LYS A 12 16.45 13.95 -19.29
CA LYS A 12 15.61 14.07 -18.06
C LYS A 12 15.30 12.68 -17.49
N PRO A 13 14.88 12.63 -16.25
CA PRO A 13 14.55 11.33 -15.62
C PRO A 13 13.26 10.75 -16.21
N ALA A 14 13.08 9.44 -16.10
CA ALA A 14 11.85 8.79 -16.66
C ALA A 14 11.78 8.97 -18.19
N PRO A 15 11.32 7.94 -18.88
CA PRO A 15 11.22 8.02 -20.36
C PRO A 15 10.04 8.92 -20.78
N ASP A 16 10.03 9.37 -22.01
CA ASP A 16 8.89 10.26 -22.49
C ASP A 16 7.52 9.66 -22.12
N GLY A 17 7.39 8.34 -22.09
CA GLY A 17 6.08 7.72 -21.75
C GLY A 17 5.54 8.27 -20.41
N PHE A 18 6.41 8.60 -19.46
CA PHE A 18 5.92 9.15 -18.14
C PHE A 18 5.02 10.38 -18.38
N GLU A 19 5.28 11.17 -19.40
CA GLU A 19 4.42 12.38 -19.66
C GLU A 19 2.94 11.97 -19.76
N LYS A 20 2.66 10.84 -20.37
CA LYS A 20 1.22 10.38 -20.48
C LYS A 20 0.59 10.26 -19.09
N ILE A 21 1.35 9.84 -18.09
CA ILE A 21 0.77 9.71 -16.71
C ILE A 21 1.48 10.65 -15.73
N LYS A 22 1.88 11.84 -16.17
CA LYS A 22 2.59 12.79 -15.25
C LYS A 22 1.63 13.62 -14.36
N PRO A 23 0.55 14.14 -14.92
CA PRO A 23 -0.37 14.98 -14.12
C PRO A 23 -1.24 14.12 -13.18
N THR A 24 -1.68 12.95 -13.61
CA THR A 24 -2.53 12.10 -12.70
C THR A 24 -1.75 11.75 -11.43
N LEU A 25 -0.50 11.35 -11.55
CA LEU A 25 0.29 11.01 -10.32
C LEU A 25 0.43 12.27 -9.44
N THR A 26 0.62 13.43 -10.03
CA THR A 26 0.76 14.68 -9.19
C THR A 26 -0.48 14.86 -8.30
N ASP A 27 -1.65 14.49 -8.75
CA ASP A 27 -2.88 14.65 -7.88
C ASP A 27 -2.69 13.89 -6.56
N PHE A 28 -2.07 12.73 -6.60
CA PHE A 28 -1.86 11.95 -5.32
C PHE A 28 -1.04 12.79 -4.33
N GLU A 29 -0.04 13.50 -4.81
CA GLU A 29 0.81 14.33 -3.87
C GLU A 29 -0.04 15.40 -3.16
N ILE A 30 -1.17 15.80 -3.70
CA ILE A 30 -2.00 16.85 -3.00
C ILE A 30 -2.82 16.18 -1.88
N GLN A 31 -3.31 14.97 -2.08
CA GLN A 31 -4.09 14.30 -0.98
C GLN A 31 -3.10 13.69 0.03
N LEU A 32 -1.98 13.15 -0.44
CA LEU A 32 -0.99 12.58 0.52
C LEU A 32 -0.27 13.70 1.29
N ARG A 33 -0.04 14.85 0.68
CA ARG A 33 0.65 15.96 1.44
C ARG A 33 -0.31 16.52 2.51
N ASP A 34 -1.60 16.63 2.22
CA ASP A 34 -2.55 17.16 3.26
C ASP A 34 -2.61 16.19 4.44
N ALA A 35 -2.58 14.90 4.20
CA ALA A 35 -2.64 13.92 5.34
C ALA A 35 -1.33 14.03 6.16
N GLN A 36 -0.20 14.17 5.50
CA GLN A 36 1.10 14.28 6.26
C GLN A 36 1.06 15.49 7.21
N LYS A 37 0.43 16.58 6.82
CA LYS A 37 0.37 17.79 7.73
C LYS A 37 -0.92 17.79 8.55
N ASP A 38 -2.02 17.36 8.00
CA ASP A 38 -3.31 17.35 8.78
C ASP A 38 -3.15 16.52 10.07
N LYS A 39 -2.42 15.43 10.02
CA LYS A 39 -2.23 14.59 11.27
C LYS A 39 -1.65 15.44 12.40
N SER A 40 -0.71 16.32 12.10
CA SER A 40 -0.10 17.19 13.18
C SER A 40 0.41 16.32 14.35
N SER A 41 0.72 16.92 15.47
CA SER A 41 1.22 16.12 16.63
C SER A 41 0.67 16.69 17.95
N LYS A 42 -0.05 15.90 18.73
CA LYS A 42 -0.60 16.40 20.03
C LYS A 42 -1.41 17.70 19.82
N LEU A 43 -2.51 17.63 19.11
CA LEU A 43 -3.33 18.86 18.87
C LEU A 43 -4.82 18.52 18.87
N ALA A 44 -5.26 17.64 17.98
CA ALA A 44 -6.71 17.28 17.93
C ALA A 44 -6.87 15.75 17.93
N ALA A 45 -8.04 15.25 17.59
CA ALA A 45 -8.24 13.76 17.57
C ALA A 45 -8.48 13.28 16.13
N LYS A 46 -8.87 12.03 15.94
CA LYS A 46 -9.11 11.51 14.56
C LYS A 46 -7.89 11.76 13.64
N SER A 47 -6.70 11.46 14.11
CA SER A 47 -5.49 11.67 13.27
C SER A 47 -5.07 10.38 12.55
N ASN A 48 -5.15 9.24 13.21
CA ASN A 48 -4.76 7.95 12.54
C ASN A 48 -5.59 7.74 11.26
N GLU A 49 -6.85 8.12 11.26
CA GLU A 49 -7.69 7.93 10.02
C GLU A 49 -7.05 8.66 8.83
N GLN A 50 -6.51 9.84 9.03
CA GLN A 50 -5.87 10.59 7.89
C GLN A 50 -4.67 9.79 7.37
N LEU A 51 -3.86 9.24 8.25
CA LEU A 51 -2.66 8.44 7.77
C LEU A 51 -3.14 7.27 6.90
N TRP A 52 -4.24 6.64 7.24
CA TRP A 52 -4.72 5.48 6.40
C TRP A 52 -4.99 5.95 4.97
N GLU A 53 -5.51 7.16 4.79
CA GLU A 53 -5.74 7.65 3.38
C GLU A 53 -4.39 7.72 2.63
N ILE A 54 -3.29 7.95 3.32
CA ILE A 54 -1.97 8.00 2.60
C ILE A 54 -1.60 6.57 2.15
N MET A 55 -1.45 5.63 3.06
CA MET A 55 -1.11 4.24 2.62
C MET A 55 -2.24 3.70 1.72
N GLN A 56 -3.48 4.11 1.91
CA GLN A 56 -4.59 3.62 1.01
C GLN A 56 -4.37 4.18 -0.41
N LEU A 57 -3.92 5.43 -0.53
CA LEU A 57 -3.69 6.01 -1.90
C LEU A 57 -2.77 5.08 -2.73
N HIS A 58 -1.83 4.39 -2.09
CA HIS A 58 -0.93 3.46 -2.86
C HIS A 58 -1.77 2.45 -3.67
N HIS A 59 -2.88 1.98 -3.12
CA HIS A 59 -3.73 1.01 -3.91
C HIS A 59 -4.19 1.66 -5.21
N GLN A 60 -4.73 2.86 -5.15
CA GLN A 60 -5.16 3.55 -6.41
C GLN A 60 -3.94 3.75 -7.33
N ARG A 61 -2.78 4.06 -6.76
CA ARG A 61 -1.56 4.23 -7.62
C ARG A 61 -1.25 2.91 -8.32
N SER A 62 -1.21 1.81 -7.60
CA SER A 62 -0.92 0.49 -8.27
C SER A 62 -2.04 0.18 -9.27
N ARG A 63 -3.28 0.47 -8.92
CA ARG A 63 -4.39 0.18 -9.90
C ARG A 63 -4.21 1.06 -11.14
N TYR A 64 -3.82 2.31 -10.98
CA TYR A 64 -3.62 3.20 -12.18
C TYR A 64 -2.48 2.64 -13.04
N ILE A 65 -1.33 2.34 -12.45
CA ILE A 65 -0.20 1.76 -13.26
C ILE A 65 -0.56 0.33 -13.70
N TYR A 66 -1.21 -0.43 -12.84
CA TYR A 66 -1.60 -1.82 -13.24
C TYR A 66 -2.65 -1.75 -14.36
N THR A 67 -3.61 -0.86 -14.24
CA THR A 67 -4.65 -0.76 -15.32
C THR A 67 -4.02 -0.41 -16.67
N LEU A 68 -3.05 0.49 -16.69
CA LEU A 68 -2.43 0.86 -18.02
C LEU A 68 -1.33 -0.13 -18.45
N TYR A 69 -0.56 -0.70 -17.54
CA TYR A 69 0.53 -1.65 -17.97
C TYR A 69 0.02 -3.10 -18.11
N TYR A 70 -0.97 -3.52 -17.32
CA TYR A 70 -1.45 -4.94 -17.44
C TYR A 70 -2.72 -5.08 -18.29
N LYS A 71 -3.47 -4.03 -18.53
CA LYS A 71 -4.71 -4.18 -19.36
C LYS A 71 -4.61 -3.38 -20.67
N ARG A 72 -4.38 -2.08 -20.60
CA ARG A 72 -4.28 -1.27 -21.87
C ARG A 72 -2.92 -1.51 -22.55
N LYS A 73 -1.87 -1.80 -21.80
CA LYS A 73 -0.53 -2.03 -22.42
C LYS A 73 -0.08 -0.77 -23.19
N ALA A 74 -0.24 0.39 -22.59
CA ALA A 74 0.21 1.64 -23.28
C ALA A 74 1.48 2.19 -22.60
N ILE A 75 2.34 1.32 -22.12
CA ILE A 75 3.58 1.78 -21.44
C ILE A 75 4.70 0.73 -21.61
N SER A 76 5.94 1.09 -21.39
CA SER A 76 7.04 0.08 -21.55
C SER A 76 7.58 -0.32 -20.18
N LYS A 77 7.99 -1.57 -20.00
CA LYS A 77 8.53 -2.02 -18.66
C LYS A 77 9.53 -1.00 -18.08
N ASP A 78 10.28 -0.31 -18.91
CA ASP A 78 11.25 0.70 -18.35
C ASP A 78 10.48 1.78 -17.58
N LEU A 79 9.43 2.32 -18.17
CA LEU A 79 8.64 3.36 -17.42
C LEU A 79 7.92 2.67 -16.25
N TYR A 80 7.32 1.51 -16.50
CA TYR A 80 6.62 0.79 -15.38
C TYR A 80 7.64 0.47 -14.26
N ASP A 81 8.87 0.13 -14.60
CA ASP A 81 9.88 -0.15 -13.52
C ASP A 81 10.34 1.18 -12.92
N TRP A 82 10.57 2.19 -13.74
CA TRP A 82 11.01 3.52 -13.17
C TRP A 82 9.94 4.03 -12.20
N LEU A 83 8.66 3.82 -12.50
CA LEU A 83 7.59 4.28 -11.56
C LEU A 83 7.68 3.45 -10.26
N ILE A 84 7.57 2.14 -10.36
CA ILE A 84 7.65 1.30 -9.11
C ILE A 84 8.98 1.56 -8.35
N LYS A 85 10.03 1.98 -9.03
CA LYS A 85 11.33 2.25 -8.32
C LYS A 85 11.41 3.71 -7.82
N GLU A 86 10.59 4.62 -8.32
CA GLU A 86 10.67 6.04 -7.83
C GLU A 86 9.50 6.40 -6.89
N LYS A 87 8.91 5.43 -6.22
CA LYS A 87 7.76 5.68 -5.25
C LYS A 87 6.45 5.93 -6.00
N TYR A 88 5.91 4.91 -6.65
CA TYR A 88 4.61 5.06 -7.38
C TYR A 88 3.69 3.90 -6.98
N ALA A 89 4.07 2.69 -7.29
CA ALA A 89 3.24 1.51 -6.93
C ALA A 89 4.13 0.41 -6.33
N ASP A 90 3.55 -0.61 -5.74
CA ASP A 90 4.40 -1.69 -5.14
C ASP A 90 4.15 -3.02 -5.86
N LYS A 91 5.12 -3.50 -6.63
CA LYS A 91 4.92 -4.81 -7.35
C LYS A 91 4.63 -5.94 -6.33
N LEU A 92 5.28 -5.92 -5.19
CA LEU A 92 5.03 -7.01 -4.17
C LEU A 92 3.54 -7.01 -3.77
N LEU A 93 2.91 -5.85 -3.66
CA LEU A 93 1.45 -5.84 -3.29
C LEU A 93 0.64 -6.39 -4.47
N ILE A 94 0.91 -5.92 -5.67
CA ILE A 94 0.15 -6.47 -6.86
C ILE A 94 0.40 -7.99 -6.95
N ALA A 95 1.62 -8.44 -6.68
CA ALA A 95 1.89 -9.92 -6.72
C ALA A 95 1.09 -10.61 -5.61
N LYS A 96 0.99 -10.01 -4.43
CA LYS A 96 0.19 -10.67 -3.34
C LYS A 96 -1.24 -10.91 -3.81
N TRP A 97 -1.84 -9.96 -4.51
CA TRP A 97 -3.24 -10.17 -5.01
C TRP A 97 -3.28 -11.34 -6.03
N ARG A 98 -2.24 -11.53 -6.81
CA ARG A 98 -2.25 -12.66 -7.80
C ARG A 98 -1.86 -13.98 -7.11
N LYS A 99 -0.96 -13.94 -6.14
CA LYS A 99 -0.55 -15.23 -5.44
C LYS A 99 -1.79 -16.02 -4.98
N THR A 100 -1.60 -17.21 -4.44
CA THR A 100 -2.78 -18.01 -3.96
C THR A 100 -2.90 -17.89 -2.44
N GLY A 101 -4.11 -17.80 -1.92
CA GLY A 101 -4.28 -17.65 -0.44
C GLY A 101 -4.56 -16.18 -0.07
N TYR A 102 -4.14 -15.22 -0.89
CA TYR A 102 -4.41 -13.78 -0.53
C TYR A 102 -5.73 -13.32 -1.17
N GLU A 103 -6.83 -13.98 -0.86
CA GLU A 103 -8.15 -13.54 -1.45
C GLU A 103 -8.61 -12.23 -0.81
N LYS A 104 -8.39 -12.03 0.47
CA LYS A 104 -8.81 -10.76 1.13
C LYS A 104 -7.62 -10.08 1.82
N LEU A 105 -6.84 -9.29 1.10
CA LEU A 105 -5.67 -8.61 1.75
C LEU A 105 -5.74 -7.09 1.50
N CYS A 106 -5.22 -6.29 2.41
CA CYS A 106 -5.28 -4.80 2.21
C CYS A 106 -3.87 -4.17 2.02
N CYS A 107 -2.81 -4.69 2.63
CA CYS A 107 -1.46 -4.06 2.43
C CYS A 107 -0.38 -5.15 2.34
N LEU A 108 0.89 -4.79 2.40
CA LEU A 108 1.97 -5.83 2.36
C LEU A 108 2.42 -6.20 3.79
N ARG A 109 2.52 -5.23 4.68
CA ARG A 109 2.91 -5.55 6.09
C ARG A 109 1.67 -5.55 7.01
N CYS A 110 0.50 -5.88 6.48
CA CYS A 110 -0.75 -5.91 7.29
C CYS A 110 -1.42 -7.31 7.14
N ILE A 111 -0.69 -8.31 6.65
CA ILE A 111 -1.31 -9.67 6.46
C ILE A 111 -0.21 -10.77 6.47
N GLN A 112 0.84 -10.62 7.27
CA GLN A 112 1.92 -11.66 7.29
C GLN A 112 2.69 -11.62 8.61
N LYS A 113 3.39 -12.69 8.94
CA LYS A 113 4.17 -12.71 10.22
C LYS A 113 5.67 -12.85 9.93
N ASN A 114 6.49 -13.00 10.95
CA ASN A 114 7.97 -13.14 10.71
C ASN A 114 8.49 -14.41 11.40
N GLU A 115 8.32 -14.54 12.70
CA GLU A 115 8.82 -15.76 13.40
C GLU A 115 7.82 -16.21 14.47
N THR A 116 8.21 -17.05 15.40
CA THR A 116 7.25 -17.50 16.47
C THR A 116 7.41 -16.62 17.71
N ASN A 117 8.63 -16.30 18.10
CA ASN A 117 8.82 -15.44 19.30
C ASN A 117 9.53 -14.13 18.92
N ASN A 118 9.20 -13.55 17.78
CA ASN A 118 9.87 -12.28 17.35
C ASN A 118 9.09 -11.61 16.20
N GLY A 119 7.79 -11.43 16.35
CA GLY A 119 6.99 -10.80 15.26
C GLY A 119 5.66 -11.54 15.10
N SER A 120 4.64 -10.88 14.59
CA SER A 120 3.32 -11.56 14.43
C SER A 120 2.61 -11.04 13.16
N THR A 121 1.33 -11.34 13.01
CA THR A 121 0.59 -10.85 11.80
C THR A 121 -0.44 -9.78 12.21
N CYS A 122 -0.82 -8.91 11.29
CA CYS A 122 -1.84 -7.86 11.67
C CYS A 122 -3.15 -8.58 12.05
N ILE A 123 -3.97 -7.98 12.89
CA ILE A 123 -5.25 -8.67 13.30
C ILE A 123 -6.31 -8.59 12.17
N CYS A 124 -6.37 -7.51 11.43
CA CYS A 124 -7.43 -7.42 10.35
C CYS A 124 -7.36 -8.64 9.41
N ARG A 125 -6.19 -9.21 9.17
CA ARG A 125 -6.12 -10.42 8.27
C ARG A 125 -6.97 -11.56 8.88
N VAL A 126 -7.04 -11.66 10.20
CA VAL A 126 -7.87 -12.74 10.83
C VAL A 126 -9.34 -12.30 10.89
N PRO A 127 -10.23 -13.10 10.34
CA PRO A 127 -11.67 -12.74 10.36
C PRO A 127 -12.21 -12.73 11.81
N ARG A 128 -13.48 -12.43 11.99
CA ARG A 128 -14.05 -12.41 13.40
C ARG A 128 -14.26 -13.84 13.93
N ALA A 129 -14.64 -14.77 13.09
CA ALA A 129 -14.86 -16.18 13.60
C ALA A 129 -13.55 -16.73 14.17
N GLN A 130 -12.45 -16.59 13.47
CA GLN A 130 -11.15 -17.11 14.01
C GLN A 130 -10.78 -16.33 15.28
N LEU A 131 -10.98 -15.02 15.29
CA LEU A 131 -10.65 -14.22 16.53
C LEU A 131 -11.53 -14.69 17.69
N GLU A 132 -12.80 -14.98 17.44
CA GLU A 132 -13.70 -15.44 18.56
C GLU A 132 -13.12 -16.72 19.20
N GLU A 133 -12.59 -17.63 18.40
CA GLU A 133 -12.02 -18.90 19.00
C GLU A 133 -10.91 -18.56 20.01
N GLU A 134 -10.12 -17.54 19.76
CA GLU A 134 -9.02 -17.19 20.73
C GLU A 134 -9.63 -16.85 22.11
N ALA A 135 -10.75 -16.16 22.15
CA ALA A 135 -11.35 -15.82 23.50
C ALA A 135 -11.71 -17.10 24.25
N ARG A 136 -12.31 -18.07 23.59
CA ARG A 136 -12.66 -19.35 24.30
C ARG A 136 -11.39 -20.02 24.86
N LYS A 137 -10.29 -19.97 24.11
CA LYS A 137 -9.02 -20.61 24.62
C LYS A 137 -8.59 -19.97 25.95
N LYS A 138 -8.79 -18.68 26.13
CA LYS A 138 -8.38 -18.05 27.43
C LYS A 138 -9.60 -17.68 28.31
N GLY A 139 -10.75 -18.31 28.10
CA GLY A 139 -11.95 -17.99 28.94
C GLY A 139 -12.22 -16.47 28.94
N THR A 140 -12.19 -15.83 27.80
CA THR A 140 -12.45 -14.36 27.75
C THR A 140 -13.31 -14.01 26.52
N GLN A 141 -13.38 -12.75 26.16
CA GLN A 141 -14.20 -12.36 24.97
C GLN A 141 -13.35 -11.51 24.00
N VAL A 142 -13.88 -11.20 22.83
CA VAL A 142 -13.10 -10.37 21.86
C VAL A 142 -14.04 -9.70 20.84
N SER A 143 -13.58 -8.65 20.17
CA SER A 143 -14.45 -7.97 19.16
C SER A 143 -13.65 -6.97 18.32
N PHE A 144 -13.02 -7.44 17.26
CA PHE A 144 -12.21 -6.50 16.40
C PHE A 144 -13.06 -6.01 15.20
N HIS A 145 -12.64 -4.92 14.59
CA HIS A 145 -13.38 -4.37 13.41
C HIS A 145 -12.35 -3.87 12.38
N GLN A 146 -11.54 -2.90 12.76
CA GLN A 146 -10.51 -2.37 11.83
C GLN A 146 -9.16 -2.29 12.56
N CYS A 147 -8.05 -2.41 11.85
CA CYS A 147 -6.72 -2.35 12.56
C CYS A 147 -6.14 -0.93 12.52
N VAL A 148 -5.31 -0.58 13.48
CA VAL A 148 -4.72 0.80 13.51
C VAL A 148 -3.67 1.00 12.39
N HIS A 149 -3.03 -0.07 11.92
CA HIS A 149 -1.99 0.10 10.83
C HIS A 149 -2.56 0.93 9.67
N CYS A 150 -3.61 0.46 9.02
CA CYS A 150 -4.21 1.25 7.89
C CYS A 150 -5.71 1.48 8.14
N GLY A 151 -6.45 1.87 7.13
CA GLY A 151 -7.92 2.09 7.29
C GLY A 151 -8.65 0.86 6.76
N CYS A 152 -8.39 -0.31 7.33
CA CYS A 152 -9.07 -1.56 6.84
C CYS A 152 -10.21 -1.94 7.80
N ARG A 153 -11.32 -2.43 7.29
CA ARG A 153 -12.44 -2.83 8.18
C ARG A 153 -12.41 -4.35 8.41
N GLY A 154 -11.27 -4.90 8.76
CA GLY A 154 -11.17 -6.36 8.99
C GLY A 154 -11.23 -7.11 7.65
N CYS A 155 -10.09 -7.47 7.08
CA CYS A 155 -10.11 -8.21 5.78
C CYS A 155 -9.69 -9.67 5.99
N ALA A 156 -10.49 -10.61 5.55
CA ALA A 156 -10.14 -12.06 5.75
C ALA A 156 -10.77 -12.92 4.64
N SER A 157 -10.14 -14.01 4.26
CA SER A 157 -10.74 -14.87 3.18
C SER A 157 -11.50 -16.05 3.81
N THR A 158 -11.02 -16.64 4.89
CA THR A 158 -11.74 -17.80 5.50
C THR A 158 -13.20 -17.41 5.84
N ASP A 159 -13.43 -16.19 6.30
CA ASP A 159 -14.81 -15.76 6.62
C ASP A 159 -15.07 -14.34 6.10
ZN ZN B . -3.86 -2.97 5.90
ZN ZN C . -6.73 -5.62 6.37
ZN ZN D . -4.27 -4.66 9.21
N GLY A 1 5.72 32.04 -18.22
CA GLY A 1 6.79 31.32 -17.46
C GLY A 1 6.38 31.21 -15.99
N GLY A 2 6.97 32.01 -15.11
CA GLY A 2 6.61 31.94 -13.67
C GLY A 2 7.10 30.62 -13.07
N SER A 3 8.40 30.44 -12.97
CA SER A 3 8.94 29.16 -12.39
C SER A 3 10.18 29.44 -11.53
N PRO A 4 10.66 28.42 -10.85
CA PRO A 4 11.85 28.60 -9.98
C PRO A 4 13.12 28.78 -10.83
N ARG A 5 13.24 28.06 -11.93
CA ARG A 5 14.46 28.19 -12.79
C ARG A 5 15.74 27.98 -11.98
N ILE A 6 16.20 26.76 -11.84
CA ILE A 6 17.45 26.50 -11.05
C ILE A 6 18.33 25.45 -11.76
N LYS A 7 19.39 25.00 -11.13
CA LYS A 7 20.27 23.99 -11.77
C LYS A 7 20.53 22.82 -10.80
N THR A 8 19.90 21.68 -11.02
CA THR A 8 20.12 20.52 -10.10
C THR A 8 20.68 19.32 -10.89
N ARG A 9 20.87 18.20 -10.24
CA ARG A 9 21.42 17.01 -10.97
C ARG A 9 20.43 15.82 -10.87
N ARG A 10 20.36 14.99 -11.89
CA ARG A 10 19.42 13.84 -11.85
C ARG A 10 20.19 12.52 -11.91
N SER A 11 19.50 11.39 -11.99
CA SER A 11 20.21 10.08 -12.05
C SER A 11 19.51 9.14 -13.05
N LYS A 12 18.26 8.79 -12.81
CA LYS A 12 17.54 7.89 -13.75
C LYS A 12 16.18 8.49 -14.13
N PRO A 13 16.18 9.38 -15.09
CA PRO A 13 14.92 10.02 -15.54
C PRO A 13 14.07 9.04 -16.36
N ALA A 14 12.78 9.29 -16.48
CA ALA A 14 11.92 8.34 -17.28
C ALA A 14 12.31 8.44 -18.76
N PRO A 15 12.42 7.32 -19.43
CA PRO A 15 12.83 7.32 -20.86
C PRO A 15 11.65 7.55 -21.80
N ASP A 16 11.26 8.80 -22.01
CA ASP A 16 10.14 9.10 -22.96
C ASP A 16 8.91 8.22 -22.69
N GLY A 17 7.99 8.67 -21.88
CA GLY A 17 6.76 7.85 -21.60
C GLY A 17 6.11 8.30 -20.29
N PHE A 18 6.89 8.62 -19.27
CA PHE A 18 6.25 9.07 -17.97
C PHE A 18 5.34 10.28 -18.21
N GLU A 19 5.62 11.12 -19.20
CA GLU A 19 4.72 12.31 -19.45
C GLU A 19 3.27 11.84 -19.59
N LYS A 20 3.03 10.67 -20.17
CA LYS A 20 1.61 10.18 -20.32
C LYS A 20 0.93 10.08 -18.94
N ILE A 21 1.65 9.66 -17.92
CA ILE A 21 1.04 9.55 -16.57
C ILE A 21 1.74 10.50 -15.58
N LYS A 22 2.15 11.67 -16.03
CA LYS A 22 2.86 12.63 -15.09
C LYS A 22 1.91 13.49 -14.23
N PRO A 23 0.85 14.02 -14.81
CA PRO A 23 -0.06 14.89 -14.02
C PRO A 23 -0.94 14.09 -13.05
N THR A 24 -1.35 12.88 -13.41
CA THR A 24 -2.22 12.09 -12.47
C THR A 24 -1.46 11.82 -11.16
N LEU A 25 -0.20 11.46 -11.23
CA LEU A 25 0.58 11.20 -9.97
C LEU A 25 0.68 12.49 -9.15
N THR A 26 0.88 13.63 -9.79
CA THR A 26 0.97 14.93 -9.01
C THR A 26 -0.30 15.14 -8.17
N ASP A 27 -1.46 14.74 -8.67
CA ASP A 27 -2.72 14.92 -7.86
C ASP A 27 -2.60 14.23 -6.50
N PHE A 28 -1.93 13.09 -6.44
CA PHE A 28 -1.78 12.37 -5.10
C PHE A 28 -1.12 13.30 -4.07
N GLU A 29 -0.12 14.07 -4.48
CA GLU A 29 0.57 14.97 -3.49
C GLU A 29 -0.44 15.93 -2.85
N ILE A 30 -1.37 16.46 -3.61
CA ILE A 30 -2.37 17.41 -3.00
C ILE A 30 -3.23 16.63 -1.99
N GLN A 31 -3.64 15.42 -2.31
CA GLN A 31 -4.46 14.64 -1.33
C GLN A 31 -3.56 14.23 -0.15
N LEU A 32 -2.40 13.66 -0.43
CA LEU A 32 -1.48 13.27 0.71
C LEU A 32 -1.11 14.54 1.52
N ARG A 33 -0.98 15.69 0.87
CA ARG A 33 -0.62 16.94 1.63
C ARG A 33 -1.66 17.19 2.74
N ASP A 34 -2.93 16.97 2.47
CA ASP A 34 -3.97 17.21 3.54
C ASP A 34 -3.74 16.25 4.71
N ALA A 35 -3.55 14.97 4.44
CA ALA A 35 -3.32 14.02 5.58
C ALA A 35 -1.93 14.28 6.19
N GLN A 36 -0.94 14.60 5.36
CA GLN A 36 0.43 14.87 5.93
C GLN A 36 0.40 16.15 6.78
N LYS A 37 -0.42 17.13 6.44
CA LYS A 37 -0.45 18.39 7.26
C LYS A 37 -1.58 18.34 8.31
N ASP A 38 -2.71 17.72 7.99
CA ASP A 38 -3.83 17.65 9.00
C ASP A 38 -3.34 17.00 10.30
N LYS A 39 -2.48 16.01 10.22
CA LYS A 39 -1.97 15.34 11.48
C LYS A 39 -1.28 16.38 12.38
N SER A 40 -0.36 17.16 11.83
CA SER A 40 0.35 18.18 12.66
C SER A 40 0.93 17.56 13.94
N SER A 41 1.35 18.37 14.89
CA SER A 41 1.92 17.81 16.16
C SER A 41 1.05 18.21 17.36
N LYS A 42 0.24 17.31 17.88
CA LYS A 42 -0.63 17.65 19.05
C LYS A 42 -1.45 18.93 18.78
N LEU A 43 -2.31 18.91 17.78
CA LEU A 43 -3.12 20.13 17.48
C LEU A 43 -4.62 19.80 17.55
N ALA A 44 -5.08 18.84 16.77
CA ALA A 44 -6.53 18.49 16.80
C ALA A 44 -6.70 16.98 17.07
N ALA A 45 -7.88 16.43 16.84
CA ALA A 45 -8.10 14.97 17.08
C ALA A 45 -8.32 14.25 15.75
N LYS A 46 -8.73 12.99 15.78
CA LYS A 46 -8.97 12.22 14.52
C LYS A 46 -7.74 12.29 13.60
N SER A 47 -6.56 12.00 14.12
CA SER A 47 -5.33 12.05 13.26
C SER A 47 -4.97 10.65 12.73
N ASN A 48 -5.10 9.63 13.57
CA ASN A 48 -4.77 8.24 13.08
C ASN A 48 -5.64 7.87 11.88
N GLU A 49 -6.91 8.24 11.89
CA GLU A 49 -7.80 7.90 10.72
C GLU A 49 -7.27 8.59 9.45
N GLN A 50 -6.87 9.85 9.55
CA GLN A 50 -6.34 10.55 8.32
C GLN A 50 -5.11 9.81 7.78
N LEU A 51 -4.25 9.31 8.65
CA LEU A 51 -3.03 8.58 8.15
C LEU A 51 -3.46 7.39 7.27
N TRP A 52 -4.52 6.70 7.63
CA TRP A 52 -4.97 5.52 6.79
C TRP A 52 -5.26 6.00 5.36
N GLU A 53 -5.80 7.19 5.18
CA GLU A 53 -6.06 7.69 3.79
C GLU A 53 -4.73 7.79 3.02
N ILE A 54 -3.62 8.04 3.69
CA ILE A 54 -2.31 8.14 2.96
C ILE A 54 -1.88 6.74 2.51
N MET A 55 -1.70 5.80 3.43
CA MET A 55 -1.30 4.42 2.96
C MET A 55 -2.38 3.86 2.02
N GLN A 56 -3.63 4.27 2.15
CA GLN A 56 -4.68 3.76 1.20
C GLN A 56 -4.43 4.36 -0.20
N LEU A 57 -4.01 5.62 -0.28
CA LEU A 57 -3.72 6.23 -1.63
C LEU A 57 -2.75 5.34 -2.43
N HIS A 58 -1.83 4.66 -1.76
CA HIS A 58 -0.86 3.76 -2.50
C HIS A 58 -1.63 2.74 -3.36
N HIS A 59 -2.75 2.23 -2.88
CA HIS A 59 -3.54 1.24 -3.70
C HIS A 59 -3.95 1.90 -5.03
N GLN A 60 -4.52 3.09 -4.98
CA GLN A 60 -4.91 3.78 -6.26
C GLN A 60 -3.67 3.94 -7.16
N ARG A 61 -2.50 4.18 -6.59
CA ARG A 61 -1.27 4.32 -7.44
C ARG A 61 -0.99 3.00 -8.16
N SER A 62 -0.91 1.89 -7.43
CA SER A 62 -0.65 0.58 -8.11
C SER A 62 -1.83 0.26 -9.04
N ARG A 63 -3.05 0.53 -8.61
CA ARG A 63 -4.23 0.25 -9.50
C ARG A 63 -4.12 1.12 -10.76
N TYR A 64 -3.72 2.37 -10.62
CA TYR A 64 -3.58 3.25 -11.84
C TYR A 64 -2.50 2.66 -12.77
N ILE A 65 -1.31 2.42 -12.26
CA ILE A 65 -0.24 1.83 -13.13
C ILE A 65 -0.65 0.41 -13.56
N TYR A 66 -1.29 -0.35 -12.69
CA TYR A 66 -1.73 -1.73 -13.08
C TYR A 66 -2.81 -1.60 -14.17
N THR A 67 -3.73 -0.67 -14.03
CA THR A 67 -4.81 -0.53 -15.07
C THR A 67 -4.20 -0.24 -16.45
N LEU A 68 -3.19 0.61 -16.54
CA LEU A 68 -2.62 0.91 -17.89
C LEU A 68 -1.59 -0.14 -18.36
N TYR A 69 -0.80 -0.73 -17.48
CA TYR A 69 0.21 -1.75 -17.96
C TYR A 69 -0.40 -3.16 -18.04
N TYR A 70 -1.36 -3.51 -17.19
CA TYR A 70 -1.93 -4.90 -17.26
C TYR A 70 -3.25 -4.96 -18.08
N LYS A 71 -3.92 -3.83 -18.32
CA LYS A 71 -5.19 -3.90 -19.12
C LYS A 71 -5.12 -2.98 -20.34
N ARG A 72 -4.93 -1.68 -20.14
CA ARG A 72 -4.88 -0.74 -21.33
C ARG A 72 -3.74 -1.12 -22.28
N LYS A 73 -2.65 -1.70 -21.78
CA LYS A 73 -1.51 -2.07 -22.67
C LYS A 73 -1.00 -0.84 -23.43
N ALA A 74 -0.92 0.29 -22.77
CA ALA A 74 -0.43 1.53 -23.46
C ALA A 74 0.89 1.99 -22.80
N ILE A 75 1.74 1.06 -22.41
CA ILE A 75 3.04 1.44 -21.76
C ILE A 75 4.09 0.34 -21.99
N SER A 76 5.36 0.64 -21.80
CA SER A 76 6.40 -0.41 -22.00
C SER A 76 7.01 -0.82 -20.66
N LYS A 77 7.46 -2.06 -20.52
CA LYS A 77 8.07 -2.53 -19.22
C LYS A 77 9.10 -1.50 -18.67
N ASP A 78 9.79 -0.78 -19.53
CA ASP A 78 10.78 0.24 -19.01
C ASP A 78 10.02 1.35 -18.27
N LEU A 79 8.96 1.88 -18.85
CA LEU A 79 8.18 2.96 -18.12
C LEU A 79 7.51 2.35 -16.90
N TYR A 80 6.95 1.16 -17.02
CA TYR A 80 6.29 0.51 -15.83
C TYR A 80 7.37 0.15 -14.79
N ASP A 81 8.52 -0.36 -15.22
CA ASP A 81 9.60 -0.70 -14.23
C ASP A 81 10.22 0.61 -13.71
N TRP A 82 10.42 1.59 -14.58
CA TRP A 82 11.00 2.91 -14.10
C TRP A 82 10.14 3.47 -12.96
N LEU A 83 8.83 3.32 -13.03
CA LEU A 83 7.96 3.84 -11.92
C LEU A 83 8.19 2.97 -10.68
N ILE A 84 8.14 1.64 -10.83
CA ILE A 84 8.37 0.75 -9.64
C ILE A 84 9.76 1.04 -9.02
N LYS A 85 10.74 1.44 -9.82
CA LYS A 85 12.10 1.73 -9.24
C LYS A 85 12.21 3.19 -8.77
N GLU A 86 11.42 4.10 -9.30
CA GLU A 86 11.51 5.54 -8.84
C GLU A 86 10.44 5.87 -7.76
N LYS A 87 9.87 4.88 -7.10
CA LYS A 87 8.82 5.12 -6.03
C LYS A 87 7.49 5.55 -6.64
N TYR A 88 6.71 4.59 -7.13
CA TYR A 88 5.40 4.94 -7.74
C TYR A 88 4.34 3.93 -7.27
N ALA A 89 4.48 2.68 -7.63
CA ALA A 89 3.49 1.65 -7.21
C ALA A 89 4.18 0.60 -6.33
N ASP A 90 3.50 -0.48 -5.98
CA ASP A 90 4.14 -1.52 -5.14
C ASP A 90 4.09 -2.88 -5.85
N LYS A 91 5.20 -3.32 -6.42
CA LYS A 91 5.20 -4.66 -7.11
C LYS A 91 4.94 -5.77 -6.09
N LEU A 92 5.51 -5.68 -4.91
CA LEU A 92 5.27 -6.76 -3.88
C LEU A 92 3.77 -6.85 -3.55
N LEU A 93 3.07 -5.73 -3.50
CA LEU A 93 1.59 -5.80 -3.20
C LEU A 93 0.87 -6.40 -4.42
N ILE A 94 1.15 -5.89 -5.62
CA ILE A 94 0.48 -6.48 -6.84
C ILE A 94 0.84 -7.98 -6.92
N ALA A 95 2.05 -8.36 -6.55
CA ALA A 95 2.40 -9.83 -6.58
C ALA A 95 1.58 -10.57 -5.51
N LYS A 96 1.40 -9.99 -4.34
CA LYS A 96 0.57 -10.68 -3.28
C LYS A 96 -0.83 -10.96 -3.82
N TRP A 97 -1.44 -10.01 -4.49
CA TRP A 97 -2.83 -10.24 -5.05
C TRP A 97 -2.76 -11.32 -6.14
N ARG A 98 -1.74 -11.27 -6.99
CA ARG A 98 -1.63 -12.32 -8.07
C ARG A 98 -1.38 -13.71 -7.45
N LYS A 99 -0.66 -13.78 -6.35
CA LYS A 99 -0.40 -15.13 -5.71
C LYS A 99 -1.73 -15.88 -5.47
N THR A 100 -1.67 -17.05 -4.86
CA THR A 100 -2.93 -17.81 -4.58
C THR A 100 -3.28 -17.74 -3.09
N GLY A 101 -4.51 -17.43 -2.76
CA GLY A 101 -4.90 -17.34 -1.32
C GLY A 101 -4.92 -15.86 -0.85
N TYR A 102 -4.82 -14.89 -1.75
CA TYR A 102 -4.84 -13.46 -1.31
C TYR A 102 -6.08 -12.75 -1.87
N GLU A 103 -7.25 -13.09 -1.39
CA GLU A 103 -8.50 -12.41 -1.90
C GLU A 103 -8.84 -11.19 -1.02
N LYS A 104 -8.66 -11.30 0.28
CA LYS A 104 -8.96 -10.14 1.17
C LYS A 104 -7.64 -9.57 1.74
N LEU A 105 -6.92 -8.80 0.95
CA LEU A 105 -5.62 -8.23 1.44
C LEU A 105 -5.67 -6.68 1.37
N CYS A 106 -5.17 -5.99 2.37
CA CYS A 106 -5.19 -4.50 2.33
C CYS A 106 -3.77 -3.89 2.19
N CYS A 107 -2.76 -4.43 2.85
CA CYS A 107 -1.38 -3.84 2.68
C CYS A 107 -0.34 -4.96 2.56
N LEU A 108 0.94 -4.65 2.65
CA LEU A 108 2.00 -5.72 2.55
C LEU A 108 2.45 -6.14 3.97
N ARG A 109 2.56 -5.22 4.90
CA ARG A 109 2.97 -5.61 6.29
C ARG A 109 1.73 -5.62 7.21
N CYS A 110 0.57 -5.95 6.68
CA CYS A 110 -0.69 -5.98 7.48
C CYS A 110 -1.37 -7.38 7.31
N ILE A 111 -0.63 -8.38 6.81
CA ILE A 111 -1.23 -9.75 6.60
C ILE A 111 -0.12 -10.81 6.52
N GLN A 112 0.93 -10.71 7.32
CA GLN A 112 2.04 -11.71 7.24
C GLN A 112 2.20 -12.49 8.56
N LYS A 113 2.35 -13.80 8.49
CA LYS A 113 2.53 -14.60 9.73
C LYS A 113 3.59 -15.68 9.51
N ASN A 114 4.23 -16.15 10.57
CA ASN A 114 5.27 -17.21 10.40
C ASN A 114 5.10 -18.30 11.48
N GLU A 115 5.75 -19.45 11.32
CA GLU A 115 5.62 -20.53 12.33
C GLU A 115 4.13 -20.86 12.59
N THR A 116 3.83 -21.58 13.65
CA THR A 116 2.40 -21.91 13.95
C THR A 116 1.91 -21.12 15.17
N ASN A 117 1.02 -20.16 14.99
CA ASN A 117 0.52 -19.36 16.14
C ASN A 117 1.69 -18.77 16.96
N ASN A 118 2.73 -18.33 16.29
CA ASN A 118 3.90 -17.75 17.04
C ASN A 118 4.75 -16.85 16.12
N GLY A 119 4.14 -15.94 15.41
CA GLY A 119 4.92 -15.05 14.50
C GLY A 119 4.42 -13.60 14.63
N SER A 120 4.65 -12.76 13.64
CA SER A 120 4.19 -11.35 13.73
C SER A 120 3.22 -11.03 12.58
N THR A 121 1.94 -10.89 12.87
CA THR A 121 0.96 -10.58 11.80
C THR A 121 -0.04 -9.52 12.28
N CYS A 122 -0.81 -8.93 11.39
CA CYS A 122 -1.82 -7.91 11.83
C CYS A 122 -3.13 -8.62 12.21
N ILE A 123 -3.93 -8.05 13.08
CA ILE A 123 -5.21 -8.72 13.48
C ILE A 123 -6.24 -8.68 12.34
N CYS A 124 -6.31 -7.61 11.57
CA CYS A 124 -7.33 -7.56 10.47
C CYS A 124 -7.20 -8.77 9.53
N ARG A 125 -6.00 -9.26 9.28
CA ARG A 125 -5.85 -10.47 8.40
C ARG A 125 -6.64 -11.65 8.99
N VAL A 126 -6.67 -11.78 10.30
CA VAL A 126 -7.44 -12.91 10.92
C VAL A 126 -8.95 -12.61 10.87
N PRO A 127 -9.72 -13.52 10.30
CA PRO A 127 -11.20 -13.31 10.22
C PRO A 127 -11.83 -13.27 11.62
N ARG A 128 -13.12 -13.06 11.72
CA ARG A 128 -13.77 -13.00 13.08
C ARG A 128 -13.90 -14.43 13.67
N ALA A 129 -14.20 -15.42 12.85
CA ALA A 129 -14.34 -16.81 13.41
C ALA A 129 -13.04 -17.23 14.10
N GLN A 130 -11.90 -16.93 13.53
CA GLN A 130 -10.61 -17.33 14.20
C GLN A 130 -10.43 -16.48 15.47
N LEU A 131 -10.74 -15.19 15.41
CA LEU A 131 -10.59 -14.34 16.64
C LEU A 131 -11.53 -14.86 17.75
N GLU A 132 -12.73 -15.29 17.40
CA GLU A 132 -13.66 -15.81 18.47
C GLU A 132 -13.04 -17.01 19.18
N GLU A 133 -12.37 -17.89 18.46
CA GLU A 133 -11.74 -19.09 19.12
C GLU A 133 -10.74 -18.63 20.21
N GLU A 134 -10.03 -17.55 19.98
CA GLU A 134 -9.05 -17.07 21.03
C GLU A 134 -9.77 -16.78 22.35
N ALA A 135 -10.95 -16.16 22.30
CA ALA A 135 -11.68 -15.86 23.58
C ALA A 135 -12.01 -17.17 24.31
N ARG A 136 -12.50 -18.17 23.60
CA ARG A 136 -12.83 -19.48 24.30
C ARG A 136 -11.57 -20.05 24.97
N LYS A 137 -10.41 -19.93 24.33
CA LYS A 137 -9.15 -20.47 24.96
C LYS A 137 -8.92 -19.83 26.34
N LYS A 138 -9.24 -18.55 26.51
CA LYS A 138 -9.02 -17.90 27.84
C LYS A 138 -10.35 -17.64 28.57
N GLY A 139 -11.42 -18.33 28.24
CA GLY A 139 -12.72 -18.10 28.94
C GLY A 139 -13.11 -16.60 28.90
N THR A 140 -13.00 -15.97 27.75
CA THR A 140 -13.35 -14.52 27.67
C THR A 140 -14.06 -14.22 26.33
N GLN A 141 -14.17 -12.98 25.95
CA GLN A 141 -14.84 -12.64 24.66
C GLN A 141 -13.97 -11.69 23.82
N VAL A 142 -14.13 -11.69 22.51
CA VAL A 142 -13.31 -10.79 21.65
C VAL A 142 -14.20 -10.02 20.67
N SER A 143 -13.72 -8.93 20.11
CA SER A 143 -14.57 -8.16 19.14
C SER A 143 -13.72 -7.16 18.34
N PHE A 144 -13.12 -7.59 17.24
CA PHE A 144 -12.29 -6.65 16.42
C PHE A 144 -13.10 -6.09 15.24
N HIS A 145 -12.67 -4.97 14.69
CA HIS A 145 -13.39 -4.37 13.53
C HIS A 145 -12.36 -3.87 12.50
N GLN A 146 -11.51 -2.94 12.89
CA GLN A 146 -10.47 -2.44 11.96
C GLN A 146 -9.13 -2.39 12.70
N CYS A 147 -8.02 -2.54 12.00
CA CYS A 147 -6.69 -2.50 12.72
C CYS A 147 -6.12 -1.08 12.74
N VAL A 148 -5.31 -0.76 13.74
CA VAL A 148 -4.72 0.63 13.82
C VAL A 148 -3.68 0.85 12.71
N HIS A 149 -3.04 -0.18 12.20
CA HIS A 149 -2.01 0.02 11.11
C HIS A 149 -2.61 0.88 9.97
N CYS A 150 -3.66 0.41 9.34
CA CYS A 150 -4.29 1.20 8.24
C CYS A 150 -5.80 1.40 8.49
N GLY A 151 -6.53 1.84 7.50
CA GLY A 151 -8.00 2.03 7.67
C GLY A 151 -8.71 0.80 7.06
N CYS A 152 -8.40 -0.39 7.54
CA CYS A 152 -9.04 -1.62 6.98
C CYS A 152 -10.18 -2.07 7.90
N ARG A 153 -11.24 -2.63 7.35
CA ARG A 153 -12.37 -3.09 8.20
C ARG A 153 -12.24 -4.60 8.45
N GLY A 154 -11.07 -5.05 8.87
CA GLY A 154 -10.87 -6.51 9.11
C GLY A 154 -10.96 -7.28 7.79
N CYS A 155 -9.83 -7.59 7.18
CA CYS A 155 -9.86 -8.34 5.89
C CYS A 155 -9.35 -9.78 6.10
N ALA A 156 -10.10 -10.77 5.67
CA ALA A 156 -9.66 -12.19 5.85
C ALA A 156 -10.05 -13.03 4.63
N SER A 157 -9.13 -13.78 4.06
CA SER A 157 -9.48 -14.61 2.86
C SER A 157 -9.84 -16.06 3.28
N THR A 158 -9.14 -16.61 4.25
CA THR A 158 -9.45 -18.02 4.68
C THR A 158 -10.95 -18.16 5.05
N ASP A 159 -11.52 -17.16 5.69
CA ASP A 159 -12.95 -17.24 6.06
C ASP A 159 -13.71 -16.01 5.56
ZN ZN B . -3.79 -2.95 6.15
ZN ZN C . -6.62 -5.64 6.45
ZN ZN D . -4.24 -4.73 9.39
N GLY A 1 48.11 -3.33 -18.48
CA GLY A 1 47.16 -4.47 -18.29
C GLY A 1 46.51 -4.83 -19.63
N GLY A 2 45.20 -5.01 -19.66
CA GLY A 2 44.53 -5.37 -20.94
C GLY A 2 43.72 -4.17 -21.45
N SER A 3 42.43 -4.13 -21.17
CA SER A 3 41.60 -2.97 -21.64
C SER A 3 41.02 -2.21 -20.44
N PRO A 4 40.83 -0.92 -20.61
CA PRO A 4 40.28 -0.10 -19.50
C PRO A 4 38.77 -0.39 -19.32
N ARG A 5 38.30 -0.49 -18.10
CA ARG A 5 36.85 -0.77 -17.87
C ARG A 5 36.20 0.39 -17.10
N ILE A 6 34.89 0.41 -17.01
CA ILE A 6 34.20 1.50 -16.26
C ILE A 6 32.98 0.96 -15.50
N LYS A 7 32.53 1.66 -14.47
CA LYS A 7 31.34 1.17 -13.71
C LYS A 7 30.20 2.20 -13.78
N THR A 8 28.97 1.74 -13.80
CA THR A 8 27.82 2.71 -13.88
C THR A 8 26.79 2.39 -12.78
N ARG A 9 26.54 3.33 -11.89
CA ARG A 9 25.55 3.08 -10.80
C ARG A 9 24.71 4.35 -10.55
N ARG A 10 23.76 4.65 -11.41
CA ARG A 10 22.91 5.87 -11.21
C ARG A 10 21.47 5.59 -11.66
N SER A 11 20.67 6.63 -11.84
CA SER A 11 19.26 6.41 -12.29
C SER A 11 19.06 6.94 -13.72
N LYS A 12 17.85 6.92 -14.23
CA LYS A 12 17.62 7.42 -15.62
C LYS A 12 16.30 8.21 -15.68
N PRO A 13 16.20 9.11 -16.65
CA PRO A 13 14.98 9.93 -16.80
C PRO A 13 13.82 9.08 -17.34
N ALA A 14 12.59 9.54 -17.20
CA ALA A 14 11.43 8.75 -17.73
C ALA A 14 11.23 9.03 -19.23
N PRO A 15 10.86 8.02 -19.98
CA PRO A 15 10.65 8.21 -21.44
C PRO A 15 9.38 9.03 -21.71
N ASP A 16 9.21 9.51 -22.92
CA ASP A 16 7.99 10.33 -23.27
C ASP A 16 6.70 9.66 -22.77
N GLY A 17 6.65 8.34 -22.74
CA GLY A 17 5.41 7.64 -22.25
C GLY A 17 4.98 8.18 -20.88
N PHE A 18 5.90 8.57 -20.03
CA PHE A 18 5.51 9.12 -18.67
C PHE A 18 4.55 10.31 -18.84
N GLU A 19 4.70 11.10 -19.89
CA GLU A 19 3.76 12.27 -20.08
C GLU A 19 2.30 11.80 -20.06
N LYS A 20 2.02 10.65 -20.63
CA LYS A 20 0.59 10.14 -20.62
C LYS A 20 0.08 10.03 -19.16
N ILE A 21 0.93 9.64 -18.24
CA ILE A 21 0.48 9.52 -16.81
C ILE A 21 1.29 10.49 -15.92
N LYS A 22 1.65 11.66 -16.42
CA LYS A 22 2.46 12.62 -15.58
C LYS A 22 1.59 13.49 -14.64
N PRO A 23 0.47 14.00 -15.11
CA PRO A 23 -0.37 14.86 -14.25
C PRO A 23 -1.19 14.03 -13.24
N THR A 24 -1.65 12.86 -13.62
CA THR A 24 -2.45 12.03 -12.64
C THR A 24 -1.60 11.71 -11.40
N LEU A 25 -0.34 11.36 -11.59
CA LEU A 25 0.52 11.04 -10.40
C LEU A 25 0.70 12.30 -9.55
N THR A 26 0.88 13.45 -10.17
CA THR A 26 1.05 14.72 -9.35
C THR A 26 -0.18 14.94 -8.45
N ASP A 27 -1.36 14.57 -8.89
CA ASP A 27 -2.59 14.77 -8.02
C ASP A 27 -2.40 14.05 -6.67
N PHE A 28 -1.72 12.91 -6.65
CA PHE A 28 -1.53 12.18 -5.34
C PHE A 28 -0.80 13.07 -4.32
N GLU A 29 0.18 13.83 -4.76
CA GLU A 29 0.93 14.71 -3.78
C GLU A 29 -0.02 15.71 -3.13
N ILE A 30 -0.95 16.29 -3.87
CA ILE A 30 -1.89 17.27 -3.24
C ILE A 30 -2.78 16.54 -2.22
N GLN A 31 -3.24 15.33 -2.53
CA GLN A 31 -4.09 14.59 -1.53
C GLN A 31 -3.21 14.16 -0.36
N LEU A 32 -2.07 13.56 -0.62
CA LEU A 32 -1.16 13.16 0.52
C LEU A 32 -0.70 14.44 1.25
N ARG A 33 -0.53 15.54 0.55
CA ARG A 33 -0.09 16.81 1.24
C ARG A 33 -1.08 17.17 2.36
N ASP A 34 -2.37 17.01 2.13
CA ASP A 34 -3.36 17.35 3.21
C ASP A 34 -3.12 16.44 4.43
N ALA A 35 -3.07 15.14 4.23
CA ALA A 35 -2.81 14.23 5.39
C ALA A 35 -1.41 14.50 5.94
N GLN A 36 -0.43 14.70 5.08
CA GLN A 36 0.96 14.98 5.58
C GLN A 36 0.98 16.28 6.39
N LYS A 37 0.23 17.29 5.97
CA LYS A 37 0.22 18.58 6.74
C LYS A 37 -0.30 18.33 8.16
N ASP A 38 -1.29 17.48 8.34
CA ASP A 38 -1.82 17.21 9.72
C ASP A 38 -0.70 16.68 10.62
N LYS A 39 0.19 15.84 10.09
CA LYS A 39 1.30 15.31 10.95
C LYS A 39 2.13 16.46 11.56
N SER A 40 2.33 17.54 10.81
CA SER A 40 3.12 18.69 11.37
C SER A 40 2.19 19.89 11.64
N SER A 41 0.99 19.65 12.13
CA SER A 41 0.06 20.78 12.41
C SER A 41 -0.85 20.44 13.61
N LYS A 42 -1.62 19.38 13.51
CA LYS A 42 -2.51 19.00 14.65
C LYS A 42 -2.47 17.48 14.87
N LEU A 43 -1.73 17.02 15.86
CA LEU A 43 -1.65 15.54 16.10
C LEU A 43 -2.31 15.19 17.45
N ALA A 44 -3.52 15.66 17.68
CA ALA A 44 -4.21 15.34 18.98
C ALA A 44 -5.49 14.55 18.72
N ALA A 45 -6.41 15.09 17.92
CA ALA A 45 -7.67 14.35 17.64
C ALA A 45 -7.84 14.14 16.12
N LYS A 46 -8.49 13.06 15.71
CA LYS A 46 -8.67 12.80 14.25
C LYS A 46 -7.32 12.85 13.51
N SER A 47 -6.32 12.16 14.01
CA SER A 47 -4.98 12.19 13.33
C SER A 47 -4.66 10.82 12.70
N ASN A 48 -4.75 9.76 13.48
CA ASN A 48 -4.45 8.39 12.91
C ASN A 48 -5.35 8.11 11.69
N GLU A 49 -6.60 8.54 11.73
CA GLU A 49 -7.51 8.29 10.55
C GLU A 49 -6.94 8.99 9.30
N GLN A 50 -6.43 10.18 9.44
CA GLN A 50 -5.84 10.89 8.24
C GLN A 50 -4.66 10.09 7.68
N LEU A 51 -3.83 9.54 8.55
CA LEU A 51 -2.65 8.75 8.04
C LEU A 51 -3.13 7.56 7.20
N TRP A 52 -4.22 6.91 7.56
CA TRP A 52 -4.72 5.75 6.75
C TRP A 52 -4.99 6.20 5.30
N GLU A 53 -5.49 7.40 5.11
CA GLU A 53 -5.75 7.87 3.70
C GLU A 53 -4.42 7.94 2.92
N ILE A 54 -3.31 8.21 3.58
CA ILE A 54 -2.01 8.26 2.84
C ILE A 54 -1.59 6.84 2.42
N MET A 55 -1.45 5.91 3.36
CA MET A 55 -1.07 4.52 2.94
C MET A 55 -2.15 3.95 2.01
N GLN A 56 -3.42 4.35 2.16
CA GLN A 56 -4.47 3.83 1.23
C GLN A 56 -4.22 4.38 -0.18
N LEU A 57 -3.77 5.62 -0.32
CA LEU A 57 -3.49 6.18 -1.69
C LEU A 57 -2.55 5.24 -2.47
N HIS A 58 -1.64 4.55 -1.78
CA HIS A 58 -0.71 3.61 -2.51
C HIS A 58 -1.52 2.61 -3.34
N HIS A 59 -2.64 2.13 -2.83
CA HIS A 59 -3.46 1.16 -3.65
C HIS A 59 -3.89 1.83 -4.96
N GLN A 60 -4.38 3.05 -4.88
CA GLN A 60 -4.80 3.75 -6.15
C GLN A 60 -3.58 3.87 -7.09
N ARG A 61 -2.39 4.07 -6.55
CA ARG A 61 -1.18 4.16 -7.45
C ARG A 61 -0.95 2.81 -8.15
N SER A 62 -0.88 1.73 -7.40
CA SER A 62 -0.68 0.39 -8.06
C SER A 62 -1.86 0.09 -8.98
N ARG A 63 -3.07 0.44 -8.59
CA ARG A 63 -4.25 0.18 -9.48
C ARG A 63 -4.10 1.03 -10.76
N TYR A 64 -3.69 2.28 -10.63
CA TYR A 64 -3.53 3.13 -11.86
C TYR A 64 -2.46 2.52 -12.78
N ILE A 65 -1.30 2.19 -12.24
CA ILE A 65 -0.24 1.58 -13.12
C ILE A 65 -0.64 0.14 -13.49
N TYR A 66 -1.22 -0.60 -12.58
CA TYR A 66 -1.66 -2.00 -12.92
C TYR A 66 -2.77 -1.94 -13.97
N THR A 67 -3.71 -1.02 -13.81
CA THR A 67 -4.83 -0.94 -14.82
C THR A 67 -4.26 -0.62 -16.21
N LEU A 68 -3.30 0.28 -16.31
CA LEU A 68 -2.75 0.62 -17.67
C LEU A 68 -1.67 -0.38 -18.13
N TYR A 69 -0.87 -0.94 -17.24
CA TYR A 69 0.20 -1.90 -17.70
C TYR A 69 -0.33 -3.34 -17.80
N TYR A 70 -1.27 -3.75 -16.98
CA TYR A 70 -1.77 -5.16 -17.07
C TYR A 70 -3.08 -5.28 -17.88
N LYS A 71 -3.84 -4.21 -18.04
CA LYS A 71 -5.11 -4.33 -18.84
C LYS A 71 -5.07 -3.42 -20.07
N ARG A 72 -4.91 -2.12 -19.89
CA ARG A 72 -4.88 -1.20 -21.09
C ARG A 72 -3.67 -1.53 -22.00
N LYS A 73 -2.58 -2.03 -21.43
CA LYS A 73 -1.38 -2.36 -22.27
C LYS A 73 -0.92 -1.12 -23.05
N ALA A 74 -0.90 0.03 -22.40
CA ALA A 74 -0.45 1.28 -23.10
C ALA A 74 0.86 1.78 -22.47
N ILE A 75 1.73 0.89 -22.05
CA ILE A 75 3.02 1.33 -21.43
C ILE A 75 4.09 0.23 -21.62
N SER A 76 5.35 0.57 -21.47
CA SER A 76 6.42 -0.46 -21.64
C SER A 76 7.06 -0.80 -20.30
N LYS A 77 7.51 -2.03 -20.10
CA LYS A 77 8.15 -2.41 -18.78
C LYS A 77 9.19 -1.36 -18.33
N ASP A 78 9.87 -0.69 -19.25
CA ASP A 78 10.87 0.34 -18.81
C ASP A 78 10.15 1.46 -18.06
N LEU A 79 9.11 2.04 -18.63
CA LEU A 79 8.37 3.12 -17.90
C LEU A 79 7.73 2.51 -16.64
N TYR A 80 7.09 1.37 -16.78
CA TYR A 80 6.46 0.71 -15.58
C TYR A 80 7.55 0.44 -14.51
N ASP A 81 8.73 -0.02 -14.92
CA ASP A 81 9.81 -0.27 -13.92
C ASP A 81 10.33 1.08 -13.42
N TRP A 82 10.53 2.04 -14.30
CA TRP A 82 11.01 3.40 -13.84
C TRP A 82 10.01 3.96 -12.80
N LEU A 83 8.74 3.69 -12.95
CA LEU A 83 7.75 4.21 -11.94
C LEU A 83 7.99 3.51 -10.60
N ILE A 84 7.89 2.19 -10.55
CA ILE A 84 8.13 1.49 -9.24
C ILE A 84 9.56 1.80 -8.73
N LYS A 85 10.50 2.12 -9.61
CA LYS A 85 11.88 2.47 -9.11
C LYS A 85 11.93 3.94 -8.61
N GLU A 86 10.99 4.78 -8.99
CA GLU A 86 11.02 6.21 -8.51
C GLU A 86 9.90 6.50 -7.49
N LYS A 87 9.39 5.48 -6.80
CA LYS A 87 8.30 5.66 -5.76
C LYS A 87 6.93 5.89 -6.41
N TYR A 88 6.37 4.85 -7.02
CA TYR A 88 5.03 4.98 -7.66
C TYR A 88 4.15 3.80 -7.20
N ALA A 89 4.54 2.59 -7.54
CA ALA A 89 3.74 1.40 -7.13
C ALA A 89 4.64 0.38 -6.42
N ASP A 90 4.06 -0.61 -5.77
CA ASP A 90 4.90 -1.62 -5.06
C ASP A 90 4.71 -3.00 -5.70
N LYS A 91 5.72 -3.51 -6.40
CA LYS A 91 5.56 -4.86 -7.04
C LYS A 91 5.22 -5.92 -5.98
N LEU A 92 5.81 -5.83 -4.79
CA LEU A 92 5.50 -6.84 -3.72
C LEU A 92 3.99 -6.83 -3.40
N LEU A 93 3.37 -5.67 -3.37
CA LEU A 93 1.89 -5.64 -3.06
C LEU A 93 1.13 -6.27 -4.22
N ILE A 94 1.39 -5.86 -5.46
CA ILE A 94 0.67 -6.49 -6.62
C ILE A 94 1.00 -8.00 -6.64
N ALA A 95 2.23 -8.38 -6.33
CA ALA A 95 2.56 -9.85 -6.32
C ALA A 95 1.79 -10.53 -5.18
N LYS A 96 1.66 -9.88 -4.04
CA LYS A 96 0.89 -10.52 -2.90
C LYS A 96 -0.54 -10.83 -3.36
N TRP A 97 -1.19 -9.91 -4.03
CA TRP A 97 -2.59 -10.19 -4.51
C TRP A 97 -2.60 -11.40 -5.46
N ARG A 98 -1.57 -11.56 -6.28
CA ARG A 98 -1.53 -12.74 -7.21
C ARG A 98 -1.08 -14.01 -6.46
N LYS A 99 -0.21 -13.89 -5.47
CA LYS A 99 0.25 -15.11 -4.71
C LYS A 99 -0.94 -15.94 -4.23
N THR A 100 -0.70 -17.06 -3.59
CA THR A 100 -1.82 -17.90 -3.07
C THR A 100 -1.93 -17.74 -1.55
N GLY A 101 -3.13 -17.69 -1.01
CA GLY A 101 -3.27 -17.52 0.47
C GLY A 101 -3.68 -16.06 0.79
N TYR A 102 -3.30 -15.10 -0.04
CA TYR A 102 -3.70 -13.69 0.25
C TYR A 102 -5.01 -13.34 -0.48
N GLU A 103 -6.07 -14.09 -0.22
CA GLU A 103 -7.37 -13.78 -0.92
C GLU A 103 -7.87 -12.38 -0.53
N LYS A 104 -7.70 -11.98 0.71
CA LYS A 104 -8.18 -10.63 1.13
C LYS A 104 -7.08 -9.88 1.91
N LEU A 105 -6.15 -9.24 1.22
CA LEU A 105 -5.08 -8.49 1.94
C LEU A 105 -5.22 -6.98 1.67
N CYS A 106 -4.86 -6.14 2.62
CA CYS A 106 -4.99 -4.66 2.39
C CYS A 106 -3.63 -3.95 2.24
N CYS A 107 -2.55 -4.45 2.82
CA CYS A 107 -1.23 -3.76 2.64
C CYS A 107 -0.09 -4.80 2.54
N LEU A 108 1.16 -4.39 2.63
CA LEU A 108 2.28 -5.37 2.58
C LEU A 108 2.73 -5.76 4.00
N ARG A 109 2.76 -4.81 4.92
CA ARG A 109 3.15 -5.17 6.33
C ARG A 109 1.88 -5.23 7.23
N CYS A 110 0.76 -5.63 6.68
CA CYS A 110 -0.51 -5.71 7.46
C CYS A 110 -1.13 -7.12 7.25
N ILE A 111 -0.34 -8.10 6.81
CA ILE A 111 -0.88 -9.49 6.56
C ILE A 111 0.27 -10.52 6.59
N GLN A 112 1.23 -10.37 7.49
CA GLN A 112 2.37 -11.35 7.52
C GLN A 112 2.10 -12.50 8.50
N LYS A 113 1.69 -13.65 8.01
CA LYS A 113 1.42 -14.80 8.92
C LYS A 113 2.58 -15.80 8.86
N ASN A 114 2.98 -16.22 7.67
CA ASN A 114 4.11 -17.20 7.56
C ASN A 114 5.26 -16.59 6.74
N GLU A 115 6.42 -16.43 7.33
CA GLU A 115 7.57 -15.84 6.57
C GLU A 115 8.91 -16.32 7.14
N THR A 116 10.02 -15.78 6.67
CA THR A 116 11.35 -16.22 7.20
C THR A 116 12.05 -15.04 7.91
N ASN A 117 11.33 -14.29 8.71
CA ASN A 117 11.96 -13.14 9.43
C ASN A 117 11.57 -13.15 10.91
N ASN A 118 11.78 -12.06 11.62
CA ASN A 118 11.41 -12.02 13.06
C ASN A 118 10.31 -10.98 13.30
N GLY A 119 9.13 -11.18 12.75
CA GLY A 119 8.02 -10.20 12.95
C GLY A 119 6.73 -10.94 13.30
N SER A 120 5.58 -10.35 13.03
CA SER A 120 4.30 -11.03 13.35
C SER A 120 3.24 -10.73 12.28
N THR A 121 1.97 -10.99 12.55
CA THR A 121 0.92 -10.70 11.53
C THR A 121 -0.02 -9.61 12.05
N CYS A 122 -0.73 -8.91 11.17
CA CYS A 122 -1.67 -7.86 11.65
C CYS A 122 -2.99 -8.53 12.07
N ILE A 123 -3.74 -7.94 12.97
CA ILE A 123 -5.02 -8.60 13.42
C ILE A 123 -6.14 -8.46 12.36
N CYS A 124 -6.15 -7.40 11.56
CA CYS A 124 -7.26 -7.27 10.54
C CYS A 124 -7.27 -8.47 9.58
N ARG A 125 -6.11 -9.01 9.23
CA ARG A 125 -6.10 -10.20 8.30
C ARG A 125 -6.94 -11.35 8.89
N VAL A 126 -7.01 -11.46 10.21
CA VAL A 126 -7.82 -12.57 10.83
C VAL A 126 -9.31 -12.17 10.89
N PRO A 127 -10.17 -12.99 10.31
CA PRO A 127 -11.63 -12.69 10.33
C PRO A 127 -12.17 -12.77 11.77
N ARG A 128 -13.43 -12.42 11.97
CA ARG A 128 -14.01 -12.48 13.36
C ARG A 128 -14.29 -13.94 13.76
N ALA A 129 -14.73 -14.77 12.84
CA ALA A 129 -15.02 -16.21 13.21
C ALA A 129 -13.76 -16.86 13.79
N GLN A 130 -12.60 -16.60 13.23
CA GLN A 130 -11.34 -17.21 13.79
C GLN A 130 -11.05 -16.58 15.17
N LEU A 131 -11.21 -15.28 15.30
CA LEU A 131 -10.95 -14.64 16.64
C LEU A 131 -11.98 -15.16 17.66
N GLU A 132 -13.23 -15.33 17.26
CA GLU A 132 -14.26 -15.83 18.24
C GLU A 132 -13.85 -17.22 18.75
N GLU A 133 -13.30 -18.07 17.91
CA GLU A 133 -12.88 -19.44 18.40
C GLU A 133 -11.85 -19.30 19.52
N GLU A 134 -10.92 -18.37 19.39
CA GLU A 134 -9.88 -18.21 20.47
C GLU A 134 -10.57 -17.84 21.80
N ALA A 135 -11.51 -16.91 21.76
CA ALA A 135 -12.21 -16.52 23.05
C ALA A 135 -12.92 -17.74 23.66
N ARG A 136 -13.56 -18.56 22.84
CA ARG A 136 -14.26 -19.76 23.41
C ARG A 136 -13.25 -20.73 24.05
N LYS A 137 -12.04 -20.81 23.52
CA LYS A 137 -11.02 -21.75 24.14
C LYS A 137 -10.37 -21.13 25.38
N LYS A 138 -10.23 -19.82 25.44
CA LYS A 138 -9.59 -19.20 26.66
C LYS A 138 -10.65 -18.66 27.65
N GLY A 139 -11.88 -19.18 27.63
CA GLY A 139 -12.92 -18.69 28.59
C GLY A 139 -13.01 -17.16 28.57
N THR A 140 -13.05 -16.55 27.40
CA THR A 140 -13.15 -15.05 27.35
C THR A 140 -13.95 -14.61 26.11
N GLN A 141 -13.86 -13.35 25.73
CA GLN A 141 -14.62 -12.87 24.54
C GLN A 141 -13.73 -11.98 23.65
N VAL A 142 -13.98 -11.95 22.36
CA VAL A 142 -13.14 -11.09 21.47
C VAL A 142 -14.04 -10.25 20.53
N SER A 143 -13.53 -9.19 19.96
CA SER A 143 -14.37 -8.34 19.05
C SER A 143 -13.50 -7.34 18.27
N PHE A 144 -13.06 -7.69 17.08
CA PHE A 144 -12.21 -6.75 16.28
C PHE A 144 -13.05 -6.04 15.20
N HIS A 145 -12.57 -4.92 14.70
CA HIS A 145 -13.31 -4.17 13.64
C HIS A 145 -12.30 -3.68 12.59
N GLN A 146 -11.36 -2.85 13.00
CA GLN A 146 -10.32 -2.35 12.05
C GLN A 146 -8.98 -2.24 12.78
N CYS A 147 -7.86 -2.43 12.09
CA CYS A 147 -6.54 -2.35 12.81
C CYS A 147 -5.99 -0.92 12.79
N VAL A 148 -5.17 -0.57 13.77
CA VAL A 148 -4.61 0.83 13.81
C VAL A 148 -3.55 1.04 12.71
N HIS A 149 -2.90 -0.01 12.22
CA HIS A 149 -1.86 0.18 11.14
C HIS A 149 -2.44 1.05 9.99
N CYS A 150 -3.49 0.58 9.34
CA CYS A 150 -4.10 1.38 8.24
C CYS A 150 -5.61 1.58 8.49
N GLY A 151 -6.35 2.01 7.49
CA GLY A 151 -7.82 2.19 7.66
C GLY A 151 -8.52 0.97 7.06
N CYS A 152 -8.31 -0.20 7.62
CA CYS A 152 -8.94 -1.43 7.07
C CYS A 152 -10.11 -1.87 7.96
N ARG A 153 -11.22 -2.27 7.39
CA ARG A 153 -12.38 -2.73 8.23
C ARG A 153 -12.34 -4.25 8.36
N GLY A 154 -11.24 -4.81 8.79
CA GLY A 154 -11.13 -6.28 8.94
C GLY A 154 -11.14 -6.95 7.56
N CYS A 155 -9.99 -7.29 7.02
CA CYS A 155 -9.94 -7.95 5.68
C CYS A 155 -9.63 -9.46 5.83
N ALA A 156 -10.53 -10.31 5.40
CA ALA A 156 -10.29 -11.78 5.54
C ALA A 156 -10.92 -12.52 4.34
N SER A 157 -10.41 -13.70 4.02
CA SER A 157 -10.98 -14.45 2.84
C SER A 157 -12.22 -15.25 3.28
N THR A 158 -12.25 -15.78 4.49
CA THR A 158 -13.46 -16.57 4.92
C THR A 158 -14.59 -15.61 5.36
N ASP A 159 -14.26 -14.53 6.02
CA ASP A 159 -15.31 -13.57 6.46
C ASP A 159 -14.88 -12.13 6.14
ZN ZN B . -3.69 -2.79 6.11
ZN ZN C . -6.54 -5.47 6.53
ZN ZN D . -4.09 -4.54 9.40
N GLY A 1 35.56 33.76 -7.14
CA GLY A 1 35.13 32.34 -7.05
C GLY A 1 35.83 31.53 -8.16
N GLY A 2 35.74 30.22 -8.11
CA GLY A 2 36.40 29.38 -9.16
C GLY A 2 35.51 29.32 -10.40
N SER A 3 35.18 28.13 -10.88
CA SER A 3 34.31 28.02 -12.09
C SER A 3 33.14 27.07 -11.81
N PRO A 4 32.00 27.35 -12.43
CA PRO A 4 30.81 26.48 -12.22
C PRO A 4 31.00 25.14 -12.95
N ARG A 5 30.40 24.07 -12.45
CA ARG A 5 30.56 22.75 -13.12
C ARG A 5 29.24 21.94 -13.02
N ILE A 6 28.85 21.27 -14.08
CA ILE A 6 27.58 20.47 -14.03
C ILE A 6 27.88 18.98 -14.27
N LYS A 7 28.12 18.22 -13.23
CA LYS A 7 28.41 16.77 -13.43
C LYS A 7 27.39 15.90 -12.66
N THR A 8 26.78 14.94 -13.31
CA THR A 8 25.79 14.08 -12.61
C THR A 8 26.19 12.60 -12.70
N ARG A 9 25.81 11.79 -11.74
CA ARG A 9 26.18 10.34 -11.79
C ARG A 9 24.93 9.46 -11.61
N ARG A 10 24.84 8.35 -12.32
CA ARG A 10 23.65 7.45 -12.19
C ARG A 10 22.34 8.25 -12.38
N SER A 11 21.90 8.42 -13.61
CA SER A 11 20.64 9.18 -13.86
C SER A 11 19.61 8.30 -14.59
N LYS A 12 18.34 8.41 -14.25
CA LYS A 12 17.32 7.57 -14.94
C LYS A 12 16.07 8.42 -15.27
N PRO A 13 16.10 9.06 -16.42
CA PRO A 13 14.95 9.91 -16.82
C PRO A 13 13.76 9.04 -17.27
N ALA A 14 12.56 9.58 -17.25
CA ALA A 14 11.37 8.77 -17.68
C ALA A 14 11.15 8.94 -19.20
N PRO A 15 10.68 7.89 -19.84
CA PRO A 15 10.43 7.96 -21.31
C PRO A 15 9.22 8.84 -21.62
N ASP A 16 9.11 9.32 -22.85
CA ASP A 16 7.94 10.21 -23.22
C ASP A 16 6.60 9.59 -22.75
N GLY A 17 6.48 8.27 -22.73
CA GLY A 17 5.21 7.63 -22.28
C GLY A 17 4.78 8.17 -20.91
N PHE A 18 5.72 8.50 -20.03
CA PHE A 18 5.32 9.04 -18.67
C PHE A 18 4.42 10.28 -18.83
N GLU A 19 4.62 11.08 -19.85
CA GLU A 19 3.75 12.31 -20.03
C GLU A 19 2.26 11.91 -20.02
N LYS A 20 1.92 10.78 -20.61
CA LYS A 20 0.48 10.34 -20.62
C LYS A 20 -0.02 10.15 -19.17
N ILE A 21 0.82 9.64 -18.29
CA ILE A 21 0.37 9.44 -16.87
C ILE A 21 1.20 10.34 -15.92
N LYS A 22 1.59 11.53 -16.35
CA LYS A 22 2.41 12.42 -15.45
C LYS A 22 1.55 13.27 -14.48
N PRO A 23 0.47 13.85 -14.96
CA PRO A 23 -0.36 14.72 -14.07
C PRO A 23 -1.20 13.88 -13.09
N THR A 24 -1.69 12.73 -13.49
CA THR A 24 -2.52 11.90 -12.52
C THR A 24 -1.69 11.53 -11.29
N LEU A 25 -0.45 11.13 -11.47
CA LEU A 25 0.40 10.78 -10.27
C LEU A 25 0.63 12.04 -9.44
N THR A 26 0.86 13.18 -10.06
CA THR A 26 1.09 14.44 -9.26
C THR A 26 -0.11 14.72 -8.34
N ASP A 27 -1.32 14.40 -8.79
CA ASP A 27 -2.52 14.66 -7.90
C ASP A 27 -2.37 13.92 -6.56
N PHE A 28 -1.77 12.74 -6.56
CA PHE A 28 -1.61 11.99 -5.26
C PHE A 28 -0.81 12.82 -4.25
N GLU A 29 0.22 13.53 -4.70
CA GLU A 29 1.03 14.35 -3.74
C GLU A 29 0.17 15.39 -3.04
N ILE A 30 -0.77 16.01 -3.74
CA ILE A 30 -1.63 17.05 -3.07
C ILE A 30 -2.52 16.35 -2.02
N GLN A 31 -3.06 15.19 -2.32
CA GLN A 31 -3.92 14.48 -1.31
C GLN A 31 -3.03 14.04 -0.13
N LEU A 32 -1.90 13.42 -0.43
CA LEU A 32 -0.98 13.00 0.70
C LEU A 32 -0.48 14.26 1.43
N ARG A 33 -0.24 15.34 0.73
CA ARG A 33 0.24 16.60 1.42
C ARG A 33 -0.78 17.03 2.50
N ASP A 34 -2.06 16.95 2.20
CA ASP A 34 -3.08 17.35 3.23
C ASP A 34 -2.97 16.44 4.46
N ALA A 35 -2.89 15.14 4.25
CA ALA A 35 -2.76 14.21 5.44
C ALA A 35 -1.41 14.45 6.11
N GLN A 36 -0.34 14.61 5.34
CA GLN A 36 1.00 14.85 5.97
C GLN A 36 0.97 16.13 6.82
N LYS A 37 0.21 17.15 6.42
CA LYS A 37 0.17 18.41 7.22
C LYS A 37 -1.00 18.38 8.22
N ASP A 38 -2.11 17.74 7.89
CA ASP A 38 -3.27 17.68 8.86
C ASP A 38 -2.82 17.10 10.20
N LYS A 39 -1.92 16.13 10.20
CA LYS A 39 -1.46 15.53 11.51
C LYS A 39 -0.92 16.64 12.43
N SER A 40 -0.13 17.56 11.91
CA SER A 40 0.43 18.66 12.76
C SER A 40 1.13 18.09 14.02
N SER A 41 1.41 18.92 15.01
CA SER A 41 2.08 18.41 16.24
C SER A 41 1.10 18.40 17.42
N LYS A 42 0.44 19.51 17.69
CA LYS A 42 -0.53 19.55 18.83
C LYS A 42 -1.97 19.68 18.31
N LEU A 43 -2.49 18.64 17.67
CA LEU A 43 -3.89 18.73 17.13
C LEU A 43 -4.83 17.82 17.93
N ALA A 44 -4.47 16.56 18.14
CA ALA A 44 -5.37 15.63 18.91
C ALA A 44 -6.78 15.59 18.31
N ALA A 45 -6.90 15.71 17.00
CA ALA A 45 -8.26 15.67 16.37
C ALA A 45 -8.19 14.96 15.02
N LYS A 46 -8.75 13.77 14.91
CA LYS A 46 -8.72 13.01 13.61
C LYS A 46 -7.28 12.90 13.09
N SER A 47 -6.45 12.11 13.73
CA SER A 47 -5.03 11.97 13.26
C SER A 47 -4.78 10.56 12.72
N ASN A 48 -5.05 9.54 13.50
CA ASN A 48 -4.83 8.13 13.00
C ASN A 48 -5.63 7.91 11.71
N GLU A 49 -6.83 8.43 11.62
CA GLU A 49 -7.64 8.22 10.36
C GLU A 49 -6.94 8.92 9.18
N GLN A 50 -6.39 10.10 9.39
CA GLN A 50 -5.68 10.80 8.25
C GLN A 50 -4.49 9.96 7.78
N LEU A 51 -3.74 9.37 8.69
CA LEU A 51 -2.56 8.53 8.25
C LEU A 51 -3.04 7.36 7.37
N TRP A 52 -4.16 6.74 7.71
CA TRP A 52 -4.66 5.60 6.86
C TRP A 52 -4.93 6.09 5.44
N GLU A 53 -5.46 7.30 5.27
CA GLU A 53 -5.71 7.80 3.87
C GLU A 53 -4.39 7.88 3.09
N ILE A 54 -3.27 8.14 3.76
CA ILE A 54 -1.97 8.21 3.01
C ILE A 54 -1.56 6.80 2.58
N MET A 55 -1.40 5.85 3.50
CA MET A 55 -1.02 4.47 3.06
C MET A 55 -2.12 3.89 2.14
N GLN A 56 -3.36 4.31 2.29
CA GLN A 56 -4.44 3.79 1.36
C GLN A 56 -4.20 4.34 -0.06
N LEU A 57 -3.74 5.58 -0.18
CA LEU A 57 -3.47 6.15 -1.57
C LEU A 57 -2.54 5.20 -2.35
N HIS A 58 -1.63 4.50 -1.68
CA HIS A 58 -0.72 3.56 -2.42
C HIS A 58 -1.54 2.57 -3.25
N HIS A 59 -2.67 2.10 -2.73
CA HIS A 59 -3.51 1.14 -3.54
C HIS A 59 -3.97 1.81 -4.82
N GLN A 60 -4.57 2.99 -4.73
CA GLN A 60 -5.03 3.70 -5.98
C GLN A 60 -3.84 3.90 -6.93
N ARG A 61 -2.65 4.16 -6.41
CA ARG A 61 -1.46 4.35 -7.31
C ARG A 61 -1.12 3.01 -7.98
N SER A 62 -1.00 1.94 -7.21
CA SER A 62 -0.68 0.61 -7.84
C SER A 62 -1.81 0.23 -8.81
N ARG A 63 -3.05 0.51 -8.47
CA ARG A 63 -4.17 0.14 -9.42
C ARG A 63 -4.01 0.93 -10.74
N TYR A 64 -3.62 2.19 -10.66
CA TYR A 64 -3.45 2.98 -11.93
C TYR A 64 -2.36 2.33 -12.80
N ILE A 65 -1.21 2.02 -12.24
CA ILE A 65 -0.13 1.36 -13.06
C ILE A 65 -0.52 -0.11 -13.30
N TYR A 66 -1.04 -0.78 -12.30
CA TYR A 66 -1.46 -2.22 -12.50
C TYR A 66 -2.54 -2.31 -13.59
N THR A 67 -3.40 -1.32 -13.71
CA THR A 67 -4.47 -1.39 -14.77
C THR A 67 -3.90 -1.03 -16.15
N LEU A 68 -2.98 -0.09 -16.23
CA LEU A 68 -2.43 0.29 -17.57
C LEU A 68 -1.31 -0.68 -18.05
N TYR A 69 -0.50 -1.20 -17.16
CA TYR A 69 0.61 -2.13 -17.62
C TYR A 69 0.12 -3.59 -17.75
N TYR A 70 -0.77 -4.05 -16.89
CA TYR A 70 -1.22 -5.48 -16.98
C TYR A 70 -2.56 -5.65 -17.72
N LYS A 71 -3.38 -4.61 -17.84
CA LYS A 71 -4.68 -4.78 -18.55
C LYS A 71 -4.76 -3.86 -19.78
N ARG A 72 -4.61 -2.57 -19.61
CA ARG A 72 -4.69 -1.65 -20.81
C ARG A 72 -3.52 -1.91 -21.77
N LYS A 73 -2.36 -2.33 -21.28
CA LYS A 73 -1.20 -2.58 -22.19
C LYS A 73 -0.84 -1.31 -22.97
N ALA A 74 -0.82 -0.17 -22.30
CA ALA A 74 -0.46 1.10 -23.00
C ALA A 74 0.83 1.67 -22.40
N ILE A 75 1.79 0.83 -22.06
CA ILE A 75 3.07 1.34 -21.46
C ILE A 75 4.20 0.33 -21.70
N SER A 76 5.45 0.74 -21.56
CA SER A 76 6.57 -0.21 -21.78
C SER A 76 7.23 -0.57 -20.44
N LYS A 77 7.72 -1.79 -20.28
CA LYS A 77 8.37 -2.20 -18.98
C LYS A 77 9.36 -1.13 -18.48
N ASP A 78 10.02 -0.42 -19.36
CA ASP A 78 10.98 0.64 -18.89
C ASP A 78 10.22 1.70 -18.09
N LEU A 79 9.12 2.22 -18.63
CA LEU A 79 8.33 3.23 -17.85
C LEU A 79 7.71 2.55 -16.63
N TYR A 80 7.17 1.35 -16.80
CA TYR A 80 6.58 0.62 -15.62
C TYR A 80 7.67 0.37 -14.56
N ASP A 81 8.88 0.04 -14.98
CA ASP A 81 9.98 -0.18 -13.98
C ASP A 81 10.44 1.17 -13.42
N TRP A 82 10.57 2.17 -14.28
CA TRP A 82 11.00 3.52 -13.77
C TRP A 82 9.97 4.03 -12.73
N LEU A 83 8.70 3.78 -12.95
CA LEU A 83 7.68 4.24 -11.94
C LEU A 83 7.87 3.47 -10.64
N ILE A 84 7.85 2.16 -10.68
CA ILE A 84 8.03 1.37 -9.41
C ILE A 84 9.36 1.74 -8.71
N LYS A 85 10.37 2.18 -9.45
CA LYS A 85 11.67 2.56 -8.80
C LYS A 85 11.68 4.04 -8.37
N GLU A 86 10.79 4.88 -8.86
CA GLU A 86 10.79 6.32 -8.44
C GLU A 86 9.63 6.67 -7.48
N LYS A 87 9.10 5.69 -6.76
CA LYS A 87 7.98 5.92 -5.78
C LYS A 87 6.61 6.07 -6.49
N TYR A 88 6.12 5.01 -7.09
CA TYR A 88 4.81 5.07 -7.78
C TYR A 88 3.96 3.88 -7.34
N ALA A 89 4.40 2.67 -7.61
CA ALA A 89 3.63 1.46 -7.20
C ALA A 89 4.57 0.45 -6.55
N ASP A 90 4.06 -0.57 -5.90
CA ASP A 90 4.96 -1.58 -5.26
C ASP A 90 4.71 -2.98 -5.83
N LYS A 91 5.66 -3.53 -6.56
CA LYS A 91 5.45 -4.91 -7.13
C LYS A 91 5.19 -5.92 -6.01
N LEU A 92 5.83 -5.76 -4.86
CA LEU A 92 5.59 -6.75 -3.73
C LEU A 92 4.10 -6.79 -3.38
N LEU A 93 3.42 -5.66 -3.36
CA LEU A 93 1.95 -5.68 -3.03
C LEU A 93 1.19 -6.32 -4.21
N ILE A 94 1.44 -5.85 -5.41
CA ILE A 94 0.74 -6.47 -6.60
C ILE A 94 1.12 -7.97 -6.69
N ALA A 95 2.30 -8.36 -6.26
CA ALA A 95 2.68 -9.82 -6.31
C ALA A 95 1.79 -10.60 -5.34
N LYS A 96 1.61 -10.13 -4.12
CA LYS A 96 0.73 -10.88 -3.15
C LYS A 96 -0.69 -11.01 -3.72
N TRP A 97 -1.23 -9.95 -4.28
CA TRP A 97 -2.62 -10.06 -4.87
C TRP A 97 -2.67 -11.18 -5.95
N ARG A 98 -1.59 -11.38 -6.67
CA ARG A 98 -1.60 -12.46 -7.72
C ARG A 98 -1.36 -13.84 -7.06
N LYS A 99 -0.53 -13.91 -6.04
CA LYS A 99 -0.26 -15.23 -5.36
C LYS A 99 -1.58 -15.91 -4.94
N THR A 100 -1.52 -17.06 -4.31
CA THR A 100 -2.78 -17.74 -3.87
C THR A 100 -2.92 -17.60 -2.35
N GLY A 101 -4.13 -17.36 -1.86
CA GLY A 101 -4.31 -17.20 -0.39
C GLY A 101 -4.45 -15.70 -0.04
N TYR A 102 -3.89 -14.80 -0.83
CA TYR A 102 -4.04 -13.34 -0.52
C TYR A 102 -5.25 -12.76 -1.26
N GLU A 103 -6.43 -13.30 -1.01
CA GLU A 103 -7.65 -12.75 -1.72
C GLU A 103 -8.16 -11.49 -1.02
N LYS A 104 -8.08 -11.41 0.29
CA LYS A 104 -8.56 -10.20 1.01
C LYS A 104 -7.43 -9.53 1.80
N LEU A 105 -6.43 -9.00 1.13
CA LEU A 105 -5.31 -8.33 1.87
C LEU A 105 -5.38 -6.80 1.66
N CYS A 106 -4.94 -6.02 2.63
CA CYS A 106 -5.01 -4.53 2.47
C CYS A 106 -3.62 -3.86 2.33
N CYS A 107 -2.57 -4.42 2.88
CA CYS A 107 -1.21 -3.76 2.72
C CYS A 107 -0.11 -4.84 2.61
N LEU A 108 1.14 -4.46 2.70
CA LEU A 108 2.24 -5.47 2.61
C LEU A 108 2.71 -5.87 4.03
N ARG A 109 2.76 -4.93 4.96
CA ARG A 109 3.17 -5.29 6.37
C ARG A 109 1.93 -5.34 7.28
N CYS A 110 0.80 -5.74 6.75
CA CYS A 110 -0.47 -5.81 7.56
C CYS A 110 -1.08 -7.22 7.38
N ILE A 111 -0.29 -8.22 6.97
CA ILE A 111 -0.82 -9.61 6.75
C ILE A 111 0.33 -10.64 6.85
N GLN A 112 1.27 -10.46 7.75
CA GLN A 112 2.40 -11.45 7.84
C GLN A 112 1.95 -12.73 8.56
N LYS A 113 1.16 -13.55 7.93
CA LYS A 113 0.70 -14.82 8.59
C LYS A 113 1.58 -16.01 8.17
N ASN A 114 2.03 -16.06 6.93
CA ASN A 114 2.90 -17.21 6.49
C ASN A 114 4.38 -16.79 6.50
N GLU A 115 4.71 -15.62 6.02
CA GLU A 115 6.14 -15.18 6.01
C GLU A 115 6.35 -13.99 6.97
N THR A 116 7.31 -14.08 7.87
CA THR A 116 7.55 -12.96 8.83
C THR A 116 9.06 -12.79 9.07
N ASN A 117 9.53 -11.57 9.19
CA ASN A 117 10.99 -11.34 9.42
C ASN A 117 11.21 -10.58 10.74
N ASN A 118 10.78 -9.33 10.82
CA ASN A 118 10.97 -8.55 12.08
C ASN A 118 9.63 -8.02 12.57
N GLY A 119 8.95 -8.76 13.44
CA GLY A 119 7.63 -8.28 13.96
C GLY A 119 6.64 -9.46 13.99
N SER A 120 5.36 -9.21 13.75
CA SER A 120 4.37 -10.31 13.78
C SER A 120 3.28 -10.08 12.72
N THR A 121 2.16 -10.77 12.80
CA THR A 121 1.08 -10.56 11.77
C THR A 121 0.11 -9.47 12.26
N CYS A 122 -0.71 -8.94 11.37
CA CYS A 122 -1.69 -7.91 11.81
C CYS A 122 -3.01 -8.58 12.19
N ILE A 123 -3.80 -7.98 13.06
CA ILE A 123 -5.09 -8.64 13.47
C ILE A 123 -6.19 -8.50 12.39
N CYS A 124 -6.19 -7.44 11.60
CA CYS A 124 -7.27 -7.30 10.56
C CYS A 124 -7.26 -8.50 9.59
N ARG A 125 -6.10 -9.03 9.27
CA ARG A 125 -6.07 -10.22 8.34
C ARG A 125 -6.93 -11.36 8.91
N VAL A 126 -7.01 -11.49 10.22
CA VAL A 126 -7.85 -12.58 10.83
C VAL A 126 -9.32 -12.15 10.85
N PRO A 127 -10.20 -12.94 10.26
CA PRO A 127 -11.64 -12.59 10.25
C PRO A 127 -12.22 -12.63 11.67
N ARG A 128 -13.50 -12.32 11.83
CA ARG A 128 -14.11 -12.34 13.21
C ARG A 128 -14.35 -13.80 13.65
N ALA A 129 -14.76 -14.68 12.77
CA ALA A 129 -15.00 -16.11 13.19
C ALA A 129 -13.72 -16.71 13.77
N GLN A 130 -12.57 -16.42 13.18
CA GLN A 130 -11.29 -16.99 13.73
C GLN A 130 -11.02 -16.35 15.10
N LEU A 131 -11.22 -15.05 15.24
CA LEU A 131 -10.97 -14.39 16.56
C LEU A 131 -11.94 -14.96 17.61
N GLU A 132 -13.18 -15.20 17.25
CA GLU A 132 -14.16 -15.76 18.25
C GLU A 132 -13.64 -17.12 18.77
N GLU A 133 -13.03 -17.93 17.93
CA GLU A 133 -12.51 -19.26 18.42
C GLU A 133 -11.53 -19.05 19.58
N GLU A 134 -10.71 -18.01 19.53
CA GLU A 134 -9.73 -17.78 20.65
C GLU A 134 -10.49 -17.56 21.97
N ALA A 135 -11.51 -16.72 21.97
CA ALA A 135 -12.28 -16.49 23.25
C ALA A 135 -12.89 -17.81 23.74
N ARG A 136 -13.36 -18.66 22.83
CA ARG A 136 -13.97 -19.96 23.28
C ARG A 136 -12.92 -20.82 24.00
N LYS A 137 -11.68 -20.82 23.55
CA LYS A 137 -10.63 -21.65 24.24
C LYS A 137 -9.99 -20.84 25.38
N LYS A 138 -9.76 -19.55 25.18
CA LYS A 138 -9.13 -18.74 26.29
C LYS A 138 -10.12 -18.54 27.45
N GLY A 139 -11.41 -18.60 27.20
CA GLY A 139 -12.40 -18.39 28.31
C GLY A 139 -12.74 -16.90 28.43
N THR A 140 -12.77 -16.17 27.33
CA THR A 140 -13.11 -14.72 27.39
C THR A 140 -13.92 -14.31 26.14
N GLN A 141 -14.00 -13.03 25.84
CA GLN A 141 -14.76 -12.59 24.64
C GLN A 141 -13.88 -11.74 23.72
N VAL A 142 -14.12 -11.76 22.43
CA VAL A 142 -13.29 -10.95 21.49
C VAL A 142 -14.16 -10.14 20.53
N SER A 143 -13.63 -9.10 19.92
CA SER A 143 -14.46 -8.28 18.97
C SER A 143 -13.58 -7.29 18.20
N PHE A 144 -13.18 -7.62 16.98
CA PHE A 144 -12.31 -6.68 16.20
C PHE A 144 -13.13 -5.95 15.11
N HIS A 145 -12.63 -4.84 14.63
CA HIS A 145 -13.34 -4.08 13.55
C HIS A 145 -12.30 -3.58 12.53
N GLN A 146 -11.37 -2.77 12.96
CA GLN A 146 -10.31 -2.27 12.03
C GLN A 146 -8.96 -2.22 12.79
N CYS A 147 -7.85 -2.42 12.11
CA CYS A 147 -6.53 -2.37 12.85
C CYS A 147 -5.96 -0.95 12.86
N VAL A 148 -5.13 -0.64 13.84
CA VAL A 148 -4.54 0.75 13.91
C VAL A 148 -3.47 0.96 12.82
N HIS A 149 -2.82 -0.09 12.34
CA HIS A 149 -1.76 0.09 11.27
C HIS A 149 -2.31 0.97 10.13
N CYS A 150 -3.37 0.53 9.48
CA CYS A 150 -3.96 1.35 8.37
C CYS A 150 -5.47 1.58 8.62
N GLY A 151 -6.19 2.00 7.60
CA GLY A 151 -7.66 2.22 7.77
C GLY A 151 -8.38 1.01 7.13
N CYS A 152 -8.17 -0.17 7.67
CA CYS A 152 -8.83 -1.39 7.09
C CYS A 152 -10.04 -1.78 7.95
N ARG A 153 -11.12 -2.22 7.33
CA ARG A 153 -12.32 -2.63 8.14
C ARG A 153 -12.32 -4.16 8.30
N GLY A 154 -11.20 -4.73 8.72
CA GLY A 154 -11.14 -6.21 8.90
C GLY A 154 -11.14 -6.90 7.53
N CYS A 155 -9.97 -7.28 7.03
CA CYS A 155 -9.91 -7.97 5.71
C CYS A 155 -9.54 -9.46 5.90
N ALA A 156 -10.34 -10.36 5.38
CA ALA A 156 -10.04 -11.82 5.54
C ALA A 156 -10.57 -12.62 4.34
N SER A 157 -9.95 -13.74 4.02
CA SER A 157 -10.43 -14.54 2.85
C SER A 157 -11.20 -15.79 3.33
N THR A 158 -10.65 -16.53 4.29
CA THR A 158 -11.38 -17.76 4.78
C THR A 158 -12.80 -17.40 5.24
N ASP A 159 -12.98 -16.27 5.87
CA ASP A 159 -14.35 -15.88 6.34
C ASP A 159 -14.65 -14.44 5.92
ZN ZN B . -3.63 -2.81 6.22
ZN ZN C . -6.52 -5.46 6.58
ZN ZN D . -4.05 -4.59 9.47
N GLY A 1 37.77 9.22 -17.93
CA GLY A 1 38.55 10.46 -18.19
C GLY A 1 37.77 11.37 -19.15
N GLY A 2 37.11 12.38 -18.64
CA GLY A 2 36.33 13.30 -19.53
C GLY A 2 34.83 13.09 -19.30
N SER A 3 34.25 13.76 -18.31
CA SER A 3 32.78 13.59 -18.04
C SER A 3 32.43 12.11 -17.82
N PRO A 4 31.19 11.84 -17.48
CA PRO A 4 30.77 10.43 -17.24
C PRO A 4 30.65 9.68 -18.58
N ARG A 5 30.14 8.47 -18.55
CA ARG A 5 30.00 7.69 -19.82
C ARG A 5 28.52 7.45 -20.16
N ILE A 6 27.78 6.85 -19.27
CA ILE A 6 26.33 6.60 -19.54
C ILE A 6 25.49 7.05 -18.34
N LYS A 7 24.29 7.57 -18.59
CA LYS A 7 23.43 8.03 -17.46
C LYS A 7 21.94 7.82 -17.80
N THR A 8 21.05 8.05 -16.86
CA THR A 8 19.60 7.86 -17.15
C THR A 8 18.83 9.18 -16.92
N ARG A 9 19.39 10.30 -17.35
CA ARG A 9 18.68 11.59 -17.16
C ARG A 9 18.91 12.51 -18.38
N ARG A 10 17.85 12.93 -19.03
CA ARG A 10 18.03 13.82 -20.23
C ARG A 10 16.95 14.92 -20.23
N SER A 11 17.29 16.13 -19.81
CA SER A 11 16.28 17.25 -19.79
C SER A 11 15.13 16.94 -18.80
N LYS A 12 14.25 16.02 -19.13
CA LYS A 12 13.14 15.69 -18.20
C LYS A 12 13.24 14.24 -17.72
N PRO A 13 12.78 13.97 -16.51
CA PRO A 13 12.85 12.60 -15.96
C PRO A 13 11.81 11.70 -16.64
N ALA A 14 12.01 10.39 -16.60
CA ALA A 14 11.04 9.44 -17.24
C ALA A 14 10.96 9.69 -18.76
N PRO A 15 10.67 8.65 -19.51
CA PRO A 15 10.58 8.78 -20.98
C PRO A 15 9.29 9.54 -21.37
N ASP A 16 9.21 10.01 -22.60
CA ASP A 16 7.98 10.77 -23.05
C ASP A 16 6.68 10.03 -22.66
N GLY A 17 6.70 8.71 -22.63
CA GLY A 17 5.48 7.94 -22.25
C GLY A 17 4.93 8.42 -20.89
N PHE A 18 5.81 8.82 -19.97
CA PHE A 18 5.30 9.30 -18.63
C PHE A 18 4.28 10.43 -18.81
N GLU A 19 4.42 11.26 -19.83
CA GLU A 19 3.43 12.38 -20.03
C GLU A 19 1.99 11.84 -20.04
N LYS A 20 1.78 10.67 -20.61
CA LYS A 20 0.38 10.10 -20.62
C LYS A 20 -0.15 9.93 -19.18
N ILE A 21 0.71 9.55 -18.25
CA ILE A 21 0.24 9.38 -16.84
C ILE A 21 1.02 10.33 -15.90
N LYS A 22 1.38 11.51 -16.35
CA LYS A 22 2.15 12.46 -15.46
C LYS A 22 1.26 13.30 -14.53
N PRO A 23 0.16 13.83 -15.01
CA PRO A 23 -0.69 14.68 -14.14
C PRO A 23 -1.52 13.85 -13.15
N THR A 24 -1.97 12.68 -13.53
CA THR A 24 -2.79 11.85 -12.56
C THR A 24 -1.95 11.51 -11.33
N LEU A 25 -0.72 11.09 -11.51
CA LEU A 25 0.13 10.75 -10.32
C LEU A 25 0.38 12.01 -9.47
N THR A 26 0.61 13.15 -10.10
CA THR A 26 0.83 14.40 -9.31
C THR A 26 -0.39 14.70 -8.42
N ASP A 27 -1.60 14.39 -8.90
CA ASP A 27 -2.81 14.66 -8.05
C ASP A 27 -2.71 13.92 -6.71
N PHE A 28 -2.15 12.71 -6.70
CA PHE A 28 -2.02 11.96 -5.40
C PHE A 28 -1.29 12.82 -4.36
N GLU A 29 -0.25 13.52 -4.77
CA GLU A 29 0.49 14.38 -3.78
C GLU A 29 -0.45 15.42 -3.16
N ILE A 30 -1.53 15.80 -3.83
CA ILE A 30 -2.46 16.81 -3.22
C ILE A 30 -3.20 16.17 -2.03
N GLN A 31 -3.77 14.99 -2.22
CA GLN A 31 -4.48 14.33 -1.08
C GLN A 31 -3.45 13.88 -0.04
N LEU A 32 -2.35 13.30 -0.47
CA LEU A 32 -1.29 12.89 0.52
C LEU A 32 -0.72 14.13 1.21
N ARG A 33 -0.61 15.25 0.51
CA ARG A 33 -0.07 16.49 1.17
C ARG A 33 -0.94 16.87 2.38
N ASP A 34 -2.25 16.76 2.26
CA ASP A 34 -3.13 17.13 3.43
C ASP A 34 -2.82 16.19 4.61
N ALA A 35 -2.77 14.90 4.38
CA ALA A 35 -2.45 13.96 5.52
C ALA A 35 -1.00 14.18 5.96
N GLN A 36 -0.09 14.36 5.03
CA GLN A 36 1.35 14.59 5.43
C GLN A 36 1.49 15.93 6.16
N LYS A 37 0.71 16.94 5.80
CA LYS A 37 0.82 18.27 6.51
C LYS A 37 -0.06 18.27 7.77
N ASP A 38 -1.20 17.61 7.74
CA ASP A 38 -2.09 17.61 8.97
C ASP A 38 -1.30 17.08 10.20
N LYS A 39 -0.44 16.11 10.00
CA LYS A 39 0.35 15.57 11.18
C LYS A 39 1.09 16.71 11.90
N SER A 40 1.60 17.69 11.16
CA SER A 40 2.33 18.82 11.82
C SER A 40 1.50 20.12 11.70
N SER A 41 2.04 21.24 12.13
CA SER A 41 1.30 22.55 12.05
C SER A 41 0.04 22.53 12.96
N LYS A 42 -0.96 21.73 12.65
CA LYS A 42 -2.18 21.69 13.52
C LYS A 42 -2.29 20.32 14.19
N LEU A 43 -2.73 20.27 15.43
CA LEU A 43 -2.86 18.96 16.13
C LEU A 43 -4.06 18.98 17.09
N ALA A 44 -5.27 18.74 16.60
CA ALA A 44 -6.46 18.75 17.48
C ALA A 44 -7.08 17.34 17.56
N ALA A 45 -7.62 16.85 16.47
CA ALA A 45 -8.23 15.48 16.49
C ALA A 45 -8.14 14.81 15.11
N LYS A 46 -8.65 13.60 14.97
CA LYS A 46 -8.58 12.91 13.63
C LYS A 46 -7.14 12.87 13.10
N SER A 47 -6.28 12.08 13.70
CA SER A 47 -4.86 12.02 13.21
C SER A 47 -4.54 10.62 12.67
N ASN A 48 -4.72 9.59 13.47
CA ASN A 48 -4.41 8.20 12.98
C ASN A 48 -5.24 7.90 11.71
N GLU A 49 -6.49 8.33 11.67
CA GLU A 49 -7.33 8.07 10.45
C GLU A 49 -6.71 8.77 9.23
N GLN A 50 -6.21 9.98 9.41
CA GLN A 50 -5.59 10.70 8.23
C GLN A 50 -4.38 9.90 7.70
N LEU A 51 -3.57 9.34 8.58
CA LEU A 51 -2.39 8.55 8.09
C LEU A 51 -2.86 7.37 7.24
N TRP A 52 -3.93 6.70 7.63
CA TRP A 52 -4.41 5.54 6.80
C TRP A 52 -4.75 5.99 5.37
N GLU A 53 -5.28 7.18 5.20
CA GLU A 53 -5.58 7.64 3.80
C GLU A 53 -4.30 7.71 2.96
N ILE A 54 -3.15 7.96 3.57
CA ILE A 54 -1.88 8.01 2.77
C ILE A 54 -1.49 6.59 2.34
N MET A 55 -1.29 5.68 3.29
CA MET A 55 -0.93 4.27 2.87
C MET A 55 -2.07 3.68 2.00
N GLN A 56 -3.31 4.08 2.22
CA GLN A 56 -4.42 3.54 1.35
C GLN A 56 -4.27 4.11 -0.07
N LEU A 57 -3.87 5.37 -0.21
CA LEU A 57 -3.69 5.95 -1.58
C LEU A 57 -2.74 5.07 -2.42
N HIS A 58 -1.76 4.43 -1.80
CA HIS A 58 -0.82 3.56 -2.58
C HIS A 58 -1.62 2.51 -3.38
N HIS A 59 -2.69 1.98 -2.82
CA HIS A 59 -3.50 0.96 -3.60
C HIS A 59 -4.01 1.59 -4.90
N GLN A 60 -4.59 2.78 -4.82
CA GLN A 60 -5.08 3.45 -6.08
C GLN A 60 -3.89 3.66 -7.04
N ARG A 61 -2.72 3.99 -6.53
CA ARG A 61 -1.54 4.20 -7.44
C ARG A 61 -1.15 2.86 -8.08
N SER A 62 -1.01 1.80 -7.28
CA SER A 62 -0.64 0.48 -7.88
C SER A 62 -1.75 0.03 -8.86
N ARG A 63 -3.00 0.28 -8.55
CA ARG A 63 -4.10 -0.14 -9.49
C ARG A 63 -3.98 0.69 -10.79
N TYR A 64 -3.65 1.96 -10.70
CA TYR A 64 -3.50 2.80 -11.95
C TYR A 64 -2.41 2.19 -12.85
N ILE A 65 -1.26 1.85 -12.29
CA ILE A 65 -0.18 1.24 -13.14
C ILE A 65 -0.51 -0.24 -13.38
N TYR A 66 -0.94 -0.95 -12.36
CA TYR A 66 -1.30 -2.40 -12.55
C TYR A 66 -2.42 -2.54 -13.59
N THR A 67 -3.24 -1.52 -13.78
CA THR A 67 -4.34 -1.64 -14.80
C THR A 67 -3.82 -1.22 -16.19
N LEU A 68 -2.97 -0.21 -16.27
CA LEU A 68 -2.48 0.21 -17.62
C LEU A 68 -1.30 -0.65 -18.12
N TYR A 69 -0.45 -1.15 -17.25
CA TYR A 69 0.72 -1.99 -17.74
C TYR A 69 0.32 -3.46 -17.92
N TYR A 70 -0.52 -4.00 -17.07
CA TYR A 70 -0.88 -5.46 -17.22
C TYR A 70 -2.18 -5.68 -18.04
N LYS A 71 -3.00 -4.66 -18.23
CA LYS A 71 -4.26 -4.88 -19.02
C LYS A 71 -4.36 -3.89 -20.20
N ARG A 72 -4.39 -2.60 -19.94
CA ARG A 72 -4.50 -1.61 -21.08
C ARG A 72 -3.30 -1.76 -22.03
N LYS A 73 -2.15 -2.17 -21.55
CA LYS A 73 -0.95 -2.31 -22.44
C LYS A 73 -0.63 -0.97 -23.12
N ALA A 74 -0.67 0.12 -22.37
CA ALA A 74 -0.35 1.46 -22.96
C ALA A 74 0.94 2.00 -22.34
N ILE A 75 1.91 1.15 -22.06
CA ILE A 75 3.19 1.64 -21.45
C ILE A 75 4.32 0.60 -21.69
N SER A 76 5.56 0.99 -21.55
CA SER A 76 6.67 0.01 -21.77
C SER A 76 7.34 -0.35 -20.43
N LYS A 77 7.86 -1.56 -20.30
CA LYS A 77 8.53 -1.98 -19.01
C LYS A 77 9.49 -0.88 -18.49
N ASP A 78 10.13 -0.13 -19.37
CA ASP A 78 11.06 0.95 -18.87
C ASP A 78 10.27 1.98 -18.07
N LEU A 79 9.18 2.50 -18.62
CA LEU A 79 8.36 3.49 -17.84
C LEU A 79 7.75 2.77 -16.63
N TYR A 80 7.24 1.57 -16.81
CA TYR A 80 6.65 0.83 -15.65
C TYR A 80 7.74 0.59 -14.58
N ASP A 81 8.95 0.26 -15.00
CA ASP A 81 10.05 0.05 -13.98
C ASP A 81 10.44 1.41 -13.39
N TRP A 82 10.55 2.44 -14.20
CA TRP A 82 10.91 3.79 -13.66
C TRP A 82 9.87 4.22 -12.59
N LEU A 83 8.61 3.88 -12.78
CA LEU A 83 7.59 4.27 -11.74
C LEU A 83 7.85 3.45 -10.45
N ILE A 84 7.97 2.14 -10.56
CA ILE A 84 8.23 1.31 -9.33
C ILE A 84 9.52 1.79 -8.63
N LYS A 85 10.47 2.34 -9.36
CA LYS A 85 11.74 2.82 -8.69
C LYS A 85 11.63 4.28 -8.21
N GLU A 86 10.71 5.07 -8.75
CA GLU A 86 10.60 6.50 -8.30
C GLU A 86 9.41 6.71 -7.33
N LYS A 87 8.93 5.67 -6.66
CA LYS A 87 7.78 5.78 -5.70
C LYS A 87 6.44 5.96 -6.42
N TYR A 88 5.90 4.89 -6.96
CA TYR A 88 4.60 4.98 -7.68
C TYR A 88 3.70 3.80 -7.26
N ALA A 89 4.12 2.59 -7.54
CA ALA A 89 3.32 1.40 -7.14
C ALA A 89 4.20 0.42 -6.36
N ASP A 90 3.62 -0.61 -5.79
CA ASP A 90 4.45 -1.60 -5.02
C ASP A 90 4.44 -2.96 -5.72
N LYS A 91 5.52 -3.34 -6.38
CA LYS A 91 5.54 -4.68 -7.08
C LYS A 91 5.31 -5.80 -6.05
N LEU A 92 5.87 -5.69 -4.86
CA LEU A 92 5.67 -6.78 -3.84
C LEU A 92 4.17 -6.88 -3.49
N LEU A 93 3.47 -5.77 -3.39
CA LEU A 93 2.00 -5.85 -3.06
C LEU A 93 1.27 -6.41 -4.27
N ILE A 94 1.52 -5.90 -5.47
CA ILE A 94 0.84 -6.45 -6.69
C ILE A 94 1.16 -7.96 -6.79
N ALA A 95 2.36 -8.38 -6.42
CA ALA A 95 2.68 -9.84 -6.48
C ALA A 95 1.84 -10.58 -5.42
N LYS A 96 1.66 -10.00 -4.24
CA LYS A 96 0.82 -10.69 -3.19
C LYS A 96 -0.59 -10.97 -3.75
N TRP A 97 -1.18 -10.01 -4.45
CA TRP A 97 -2.54 -10.25 -5.03
C TRP A 97 -2.49 -11.38 -6.08
N ARG A 98 -1.43 -11.43 -6.86
CA ARG A 98 -1.34 -12.53 -7.90
C ARG A 98 -0.98 -13.87 -7.24
N LYS A 99 -0.21 -13.87 -6.17
CA LYS A 99 0.16 -15.17 -5.50
C LYS A 99 -1.10 -15.97 -5.15
N THR A 100 -0.95 -17.11 -4.48
CA THR A 100 -2.15 -17.92 -4.11
C THR A 100 -2.44 -17.75 -2.60
N GLY A 101 -3.69 -17.57 -2.23
CA GLY A 101 -4.02 -17.37 -0.79
C GLY A 101 -4.12 -15.87 -0.44
N TYR A 102 -4.14 -14.98 -1.41
CA TYR A 102 -4.23 -13.52 -1.08
C TYR A 102 -5.52 -12.94 -1.70
N GLU A 103 -6.67 -13.26 -1.17
CA GLU A 103 -7.94 -12.72 -1.75
C GLU A 103 -8.42 -11.48 -0.97
N LYS A 104 -8.23 -11.45 0.33
CA LYS A 104 -8.70 -10.26 1.12
C LYS A 104 -7.53 -9.65 1.91
N LEU A 105 -6.54 -9.08 1.24
CA LEU A 105 -5.41 -8.46 1.97
C LEU A 105 -5.40 -6.94 1.74
N CYS A 106 -4.86 -6.16 2.67
CA CYS A 106 -4.86 -4.68 2.47
C CYS A 106 -3.45 -4.07 2.33
N CYS A 107 -2.41 -4.64 2.91
CA CYS A 107 -1.04 -4.04 2.73
C CYS A 107 0.01 -5.16 2.63
N LEU A 108 1.29 -4.83 2.71
CA LEU A 108 2.35 -5.90 2.62
C LEU A 108 2.77 -6.32 4.05
N ARG A 109 2.88 -5.39 4.98
CA ARG A 109 3.25 -5.77 6.38
C ARG A 109 1.99 -5.75 7.28
N CYS A 110 0.83 -6.05 6.74
CA CYS A 110 -0.44 -6.05 7.53
C CYS A 110 -1.17 -7.41 7.31
N ILE A 111 -0.47 -8.43 6.82
CA ILE A 111 -1.13 -9.77 6.55
C ILE A 111 -0.08 -10.90 6.53
N GLN A 112 0.93 -10.85 7.38
CA GLN A 112 1.97 -11.94 7.35
C GLN A 112 1.39 -13.26 7.88
N LYS A 113 0.59 -13.95 7.10
CA LYS A 113 0.01 -15.25 7.58
C LYS A 113 0.63 -16.42 6.80
N ASN A 114 0.05 -17.60 6.88
CA ASN A 114 0.62 -18.78 6.14
C ASN A 114 2.10 -18.97 6.48
N GLU A 115 2.79 -19.86 5.79
CA GLU A 115 4.25 -20.08 6.08
C GLU A 115 5.09 -19.66 4.88
N THR A 116 5.68 -18.48 4.91
CA THR A 116 6.52 -18.05 3.75
C THR A 116 7.71 -17.20 4.24
N ASN A 117 7.47 -16.10 4.93
CA ASN A 117 8.60 -15.26 5.43
C ASN A 117 8.58 -15.23 6.97
N ASN A 118 9.42 -14.40 7.57
CA ASN A 118 9.45 -14.33 9.07
C ASN A 118 9.03 -12.93 9.54
N GLY A 119 8.64 -12.77 10.78
CA GLY A 119 8.23 -11.43 11.29
C GLY A 119 6.92 -11.56 12.09
N SER A 120 6.05 -10.58 12.02
CA SER A 120 4.78 -10.65 12.78
C SER A 120 3.58 -10.45 11.84
N THR A 121 2.38 -10.80 12.25
CA THR A 121 1.19 -10.63 11.37
C THR A 121 0.26 -9.56 11.96
N CYS A 122 -0.72 -9.11 11.19
CA CYS A 122 -1.67 -8.08 11.73
C CYS A 122 -2.99 -8.74 12.12
N ILE A 123 -3.76 -8.16 13.02
CA ILE A 123 -5.05 -8.79 13.44
C ILE A 123 -6.12 -8.65 12.32
N CYS A 124 -6.14 -7.53 11.61
CA CYS A 124 -7.19 -7.37 10.55
C CYS A 124 -7.19 -8.56 9.56
N ARG A 125 -6.05 -9.15 9.29
CA ARG A 125 -6.03 -10.34 8.35
C ARG A 125 -6.92 -11.46 8.93
N VAL A 126 -7.00 -11.58 10.25
CA VAL A 126 -7.87 -12.67 10.83
C VAL A 126 -9.33 -12.19 10.89
N PRO A 127 -10.24 -12.96 10.31
CA PRO A 127 -11.67 -12.56 10.33
C PRO A 127 -12.22 -12.58 11.77
N ARG A 128 -13.46 -12.17 11.97
CA ARG A 128 -14.04 -12.18 13.36
C ARG A 128 -14.40 -13.60 13.80
N ALA A 129 -14.88 -14.44 12.90
CA ALA A 129 -15.23 -15.85 13.31
C ALA A 129 -14.01 -16.55 13.91
N GLN A 130 -12.84 -16.36 13.35
CA GLN A 130 -11.62 -17.02 13.93
C GLN A 130 -11.29 -16.38 15.29
N LEU A 131 -11.39 -15.07 15.39
CA LEU A 131 -11.09 -14.41 16.71
C LEU A 131 -12.13 -14.84 17.76
N GLU A 132 -13.37 -14.99 17.38
CA GLU A 132 -14.41 -15.43 18.39
C GLU A 132 -14.05 -16.81 18.93
N GLU A 133 -13.59 -17.72 18.09
CA GLU A 133 -13.22 -19.08 18.59
C GLU A 133 -12.12 -18.98 19.66
N GLU A 134 -11.18 -18.08 19.51
CA GLU A 134 -10.09 -17.95 20.53
C GLU A 134 -10.69 -17.58 21.90
N ALA A 135 -11.63 -16.64 21.93
CA ALA A 135 -12.23 -16.25 23.25
C ALA A 135 -12.90 -17.47 23.90
N ARG A 136 -13.59 -18.29 23.13
CA ARG A 136 -14.26 -19.51 23.74
C ARG A 136 -13.22 -20.39 24.44
N LYS A 137 -11.99 -20.47 23.93
CA LYS A 137 -10.96 -21.33 24.59
C LYS A 137 -10.39 -20.64 25.85
N LYS A 138 -10.34 -19.32 25.89
CA LYS A 138 -9.78 -18.64 27.12
C LYS A 138 -10.92 -18.15 28.05
N GLY A 139 -12.11 -18.71 27.97
CA GLY A 139 -13.22 -18.26 28.87
C GLY A 139 -13.39 -16.74 28.82
N THR A 140 -13.28 -16.15 27.65
CA THR A 140 -13.44 -14.66 27.56
C THR A 140 -14.13 -14.29 26.24
N GLN A 141 -14.12 -13.02 25.87
CA GLN A 141 -14.79 -12.61 24.59
C GLN A 141 -13.86 -11.70 23.77
N VAL A 142 -14.04 -11.64 22.47
CA VAL A 142 -13.17 -10.77 21.63
C VAL A 142 -14.04 -9.91 20.69
N SER A 143 -13.50 -8.83 20.15
CA SER A 143 -14.31 -7.97 19.24
C SER A 143 -13.42 -6.97 18.47
N PHE A 144 -12.87 -7.39 17.36
CA PHE A 144 -12.00 -6.46 16.56
C PHE A 144 -12.81 -5.82 15.42
N HIS A 145 -12.34 -4.71 14.89
CA HIS A 145 -13.05 -4.04 13.76
C HIS A 145 -12.02 -3.59 12.72
N GLN A 146 -11.11 -2.71 13.10
CA GLN A 146 -10.06 -2.26 12.15
C GLN A 146 -8.70 -2.23 12.87
N CYS A 147 -7.61 -2.43 12.17
CA CYS A 147 -6.28 -2.42 12.87
C CYS A 147 -5.66 -1.00 12.87
N VAL A 148 -4.81 -0.71 13.84
CA VAL A 148 -4.17 0.65 13.89
C VAL A 148 -3.12 0.84 12.78
N HIS A 149 -2.52 -0.23 12.28
CA HIS A 149 -1.48 -0.06 11.19
C HIS A 149 -2.04 0.81 10.05
N CYS A 150 -3.11 0.39 9.41
CA CYS A 150 -3.70 1.22 8.32
C CYS A 150 -5.21 1.47 8.59
N GLY A 151 -5.94 1.92 7.59
CA GLY A 151 -7.41 2.16 7.78
C GLY A 151 -8.16 0.96 7.18
N CYS A 152 -7.96 -0.22 7.72
CA CYS A 152 -8.65 -1.44 7.17
C CYS A 152 -9.82 -1.84 8.07
N ARG A 153 -10.94 -2.22 7.51
CA ARG A 153 -12.10 -2.64 8.37
C ARG A 153 -12.09 -4.17 8.53
N GLY A 154 -10.98 -4.73 8.98
CA GLY A 154 -10.91 -6.21 9.14
C GLY A 154 -10.99 -6.89 7.77
N CYS A 155 -9.84 -7.27 7.21
CA CYS A 155 -9.86 -7.95 5.87
C CYS A 155 -9.54 -9.45 6.03
N ALA A 156 -10.38 -10.32 5.52
CA ALA A 156 -10.13 -11.78 5.65
C ALA A 156 -10.73 -12.54 4.46
N SER A 157 -10.12 -13.63 4.05
CA SER A 157 -10.68 -14.41 2.88
C SER A 157 -11.53 -15.59 3.37
N THR A 158 -11.13 -16.27 4.42
CA THR A 158 -11.94 -17.43 4.91
C THR A 158 -13.25 -16.94 5.54
N ASP A 159 -13.20 -15.86 6.30
CA ASP A 159 -14.44 -15.32 6.93
C ASP A 159 -14.41 -13.79 6.98
ZN ZN B . -3.43 -2.95 6.21
ZN ZN C . -6.39 -5.53 6.59
ZN ZN D . -3.92 -4.69 9.47
N GLY A 1 46.58 -3.48 -12.23
CA GLY A 1 46.67 -4.87 -11.69
C GLY A 1 45.74 -5.79 -12.50
N GLY A 2 45.84 -5.78 -13.82
CA GLY A 2 44.96 -6.65 -14.64
C GLY A 2 43.97 -5.79 -15.43
N SER A 3 43.23 -4.92 -14.77
CA SER A 3 42.25 -4.06 -15.49
C SER A 3 42.36 -2.60 -14.99
N PRO A 4 43.33 -1.89 -15.51
CA PRO A 4 43.52 -0.47 -15.09
C PRO A 4 42.41 0.41 -15.70
N ARG A 5 41.28 0.53 -15.04
CA ARG A 5 40.17 1.37 -15.59
C ARG A 5 39.49 2.15 -14.47
N ILE A 6 38.92 3.31 -14.75
CA ILE A 6 38.24 4.09 -13.69
C ILE A 6 36.99 4.79 -14.26
N LYS A 7 35.89 4.06 -14.41
CA LYS A 7 34.64 4.69 -14.94
C LYS A 7 33.55 4.73 -13.87
N THR A 8 32.81 5.81 -13.77
CA THR A 8 31.73 5.88 -12.74
C THR A 8 30.49 6.58 -13.32
N ARG A 9 29.44 5.83 -13.61
CA ARG A 9 28.21 6.48 -14.18
C ARG A 9 26.96 5.78 -13.63
N ARG A 10 26.06 6.52 -13.00
CA ARG A 10 24.82 5.88 -12.45
C ARG A 10 23.62 6.84 -12.57
N SER A 11 22.79 6.65 -13.58
CA SER A 11 21.60 7.57 -13.74
C SER A 11 20.41 6.78 -14.30
N LYS A 12 19.21 7.04 -13.81
CA LYS A 12 18.01 6.30 -14.34
C LYS A 12 16.83 7.27 -14.52
N PRO A 13 16.91 8.10 -15.55
CA PRO A 13 15.83 9.07 -15.82
C PRO A 13 14.59 8.35 -16.38
N ALA A 14 13.43 8.97 -16.30
CA ALA A 14 12.19 8.30 -16.84
C ALA A 14 12.12 8.52 -18.36
N PRO A 15 11.66 7.52 -19.08
CA PRO A 15 11.56 7.63 -20.56
C PRO A 15 10.42 8.58 -20.96
N ASP A 16 10.42 9.06 -22.18
CA ASP A 16 9.33 10.00 -22.63
C ASP A 16 7.93 9.44 -22.28
N GLY A 17 7.75 8.13 -22.28
CA GLY A 17 6.42 7.54 -21.95
C GLY A 17 5.91 8.10 -20.61
N PHE A 18 6.79 8.38 -19.66
CA PHE A 18 6.30 8.93 -18.34
C PHE A 18 5.44 10.20 -18.55
N GLU A 19 5.75 10.99 -19.57
CA GLU A 19 4.92 12.23 -19.81
C GLU A 19 3.43 11.88 -19.92
N LYS A 20 3.10 10.75 -20.54
CA LYS A 20 1.65 10.36 -20.66
C LYS A 20 1.02 10.26 -19.26
N ILE A 21 1.75 9.77 -18.28
CA ILE A 21 1.18 9.65 -16.90
C ILE A 21 1.95 10.56 -15.92
N LYS A 22 2.41 11.72 -16.37
CA LYS A 22 3.19 12.63 -15.45
C LYS A 22 2.28 13.52 -14.56
N PRO A 23 1.23 14.09 -15.11
CA PRO A 23 0.35 14.98 -14.31
C PRO A 23 -0.56 14.18 -13.36
N THR A 24 -1.04 13.02 -13.79
CA THR A 24 -1.94 12.22 -12.88
C THR A 24 -1.20 11.86 -11.59
N LEU A 25 0.03 11.41 -11.69
CA LEU A 25 0.81 11.06 -10.44
C LEU A 25 1.03 12.33 -9.62
N THR A 26 1.32 13.45 -10.26
CA THR A 26 1.54 14.72 -9.46
C THR A 26 0.29 15.05 -8.64
N ASP A 27 -0.90 14.77 -9.15
CA ASP A 27 -2.15 15.07 -8.37
C ASP A 27 -2.10 14.36 -7.00
N PHE A 28 -1.54 13.17 -6.93
CA PHE A 28 -1.49 12.45 -5.60
C PHE A 28 -0.76 13.32 -4.56
N GLU A 29 0.26 14.06 -4.95
CA GLU A 29 0.98 14.91 -3.95
C GLU A 29 0.02 15.89 -3.26
N ILE A 30 -0.92 16.45 -3.99
CA ILE A 30 -1.89 17.40 -3.35
C ILE A 30 -2.76 16.63 -2.33
N GLN A 31 -3.20 15.44 -2.66
CA GLN A 31 -4.03 14.65 -1.68
C GLN A 31 -3.14 14.23 -0.50
N LEU A 32 -1.95 13.72 -0.77
CA LEU A 32 -1.04 13.32 0.36
C LEU A 32 -0.68 14.57 1.18
N ARG A 33 -0.50 15.71 0.54
CA ARG A 33 -0.15 16.96 1.31
C ARG A 33 -1.24 17.25 2.37
N ASP A 34 -2.50 16.99 2.07
CA ASP A 34 -3.57 17.27 3.10
C ASP A 34 -3.34 16.39 4.33
N ALA A 35 -3.18 15.09 4.15
CA ALA A 35 -2.93 14.21 5.34
C ALA A 35 -1.53 14.52 5.89
N GLN A 36 -0.55 14.68 5.02
CA GLN A 36 0.83 15.01 5.51
C GLN A 36 0.83 16.35 6.28
N LYS A 37 0.00 17.30 5.89
CA LYS A 37 -0.02 18.61 6.62
C LYS A 37 -1.11 18.63 7.72
N ASP A 38 -2.19 17.89 7.56
CA ASP A 38 -3.27 17.88 8.63
C ASP A 38 -2.67 17.54 10.00
N LYS A 39 -1.69 16.65 10.05
CA LYS A 39 -1.07 16.28 11.38
C LYS A 39 -0.58 17.55 12.11
N SER A 40 -0.01 18.50 11.40
CA SER A 40 0.48 19.75 12.06
C SER A 40 -0.27 20.97 11.52
N SER A 41 -1.58 20.87 11.35
CA SER A 41 -2.36 22.03 10.83
C SER A 41 -3.50 22.38 11.80
N LYS A 42 -4.39 21.45 12.08
CA LYS A 42 -5.52 21.76 13.01
C LYS A 42 -5.20 21.23 14.43
N LEU A 43 -4.62 20.05 14.54
CA LEU A 43 -4.30 19.49 15.89
C LEU A 43 -5.54 19.48 16.79
N ALA A 44 -6.50 18.61 16.53
CA ALA A 44 -7.73 18.55 17.38
C ALA A 44 -8.22 17.10 17.50
N ALA A 45 -8.66 16.50 16.41
CA ALA A 45 -9.15 15.08 16.48
C ALA A 45 -8.89 14.35 15.16
N LYS A 46 -9.31 13.10 15.05
CA LYS A 46 -9.09 12.33 13.77
C LYS A 46 -7.60 12.37 13.36
N SER A 47 -6.79 11.47 13.88
CA SER A 47 -5.34 11.46 13.52
C SER A 47 -5.00 10.17 12.77
N ASN A 48 -5.25 9.03 13.37
CA ASN A 48 -4.93 7.73 12.67
C ASN A 48 -5.67 7.68 11.32
N GLU A 49 -6.89 8.15 11.27
CA GLU A 49 -7.65 8.13 9.96
C GLU A 49 -6.88 8.93 8.88
N GLN A 50 -6.21 10.00 9.26
CA GLN A 50 -5.43 10.80 8.24
C GLN A 50 -4.38 9.89 7.56
N LEU A 51 -3.64 9.12 8.33
CA LEU A 51 -2.62 8.21 7.70
C LEU A 51 -3.32 7.18 6.81
N TRP A 52 -4.48 6.68 7.21
CA TRP A 52 -5.18 5.66 6.36
C TRP A 52 -5.49 6.29 4.99
N GLU A 53 -5.78 7.58 4.92
CA GLU A 53 -6.03 8.21 3.58
C GLU A 53 -4.73 8.22 2.77
N ILE A 54 -3.58 8.38 3.40
CA ILE A 54 -2.30 8.38 2.62
C ILE A 54 -2.01 6.95 2.11
N MET A 55 -1.99 5.95 2.98
CA MET A 55 -1.73 4.56 2.47
C MET A 55 -2.81 4.17 1.45
N GLN A 56 -4.05 4.63 1.60
CA GLN A 56 -5.10 4.27 0.60
C GLN A 56 -4.70 4.80 -0.79
N LEU A 57 -4.13 5.99 -0.85
CA LEU A 57 -3.70 6.55 -2.20
C LEU A 57 -2.78 5.54 -2.91
N HIS A 58 -1.95 4.81 -2.17
CA HIS A 58 -1.05 3.81 -2.83
C HIS A 58 -1.88 2.79 -3.62
N HIS A 59 -3.01 2.36 -3.11
CA HIS A 59 -3.86 1.37 -3.86
C HIS A 59 -4.27 1.99 -5.21
N GLN A 60 -4.76 3.21 -5.20
CA GLN A 60 -5.15 3.87 -6.49
C GLN A 60 -3.91 4.01 -7.39
N ARG A 61 -2.76 4.33 -6.82
CA ARG A 61 -1.52 4.45 -7.67
C ARG A 61 -1.22 3.11 -8.36
N SER A 62 -1.31 2.02 -7.63
CA SER A 62 -1.04 0.69 -8.28
C SER A 62 -2.14 0.40 -9.31
N ARG A 63 -3.38 0.72 -9.00
CA ARG A 63 -4.48 0.46 -10.00
C ARG A 63 -4.23 1.31 -11.26
N TYR A 64 -3.79 2.55 -11.10
CA TYR A 64 -3.53 3.40 -12.30
C TYR A 64 -2.42 2.77 -13.15
N ILE A 65 -1.30 2.41 -12.55
CA ILE A 65 -0.20 1.77 -13.35
C ILE A 65 -0.63 0.35 -13.75
N TYR A 66 -1.32 -0.36 -12.90
CA TYR A 66 -1.78 -1.74 -13.27
C TYR A 66 -2.81 -1.63 -14.41
N THR A 67 -3.71 -0.69 -14.33
CA THR A 67 -4.74 -0.55 -15.43
C THR A 67 -4.04 -0.27 -16.77
N LEU A 68 -3.03 0.58 -16.79
CA LEU A 68 -2.37 0.89 -18.09
C LEU A 68 -1.29 -0.16 -18.48
N TYR A 69 -0.57 -0.72 -17.53
CA TYR A 69 0.49 -1.74 -17.92
C TYR A 69 -0.08 -3.16 -18.02
N TYR A 70 -1.06 -3.52 -17.22
CA TYR A 70 -1.61 -4.93 -17.28
C TYR A 70 -2.90 -5.04 -18.12
N LYS A 71 -3.45 -3.95 -18.64
CA LYS A 71 -4.71 -4.09 -19.46
C LYS A 71 -4.63 -3.22 -20.73
N ARG A 72 -4.44 -1.92 -20.59
CA ARG A 72 -4.36 -1.05 -21.83
C ARG A 72 -3.08 -1.34 -22.63
N LYS A 73 -2.01 -1.77 -21.98
CA LYS A 73 -0.74 -2.06 -22.72
C LYS A 73 -0.24 -0.78 -23.41
N ALA A 74 -0.25 0.33 -22.72
CA ALA A 74 0.24 1.61 -23.34
C ALA A 74 1.53 2.06 -22.63
N ILE A 75 2.37 1.13 -22.21
CA ILE A 75 3.64 1.52 -21.52
C ILE A 75 4.69 0.40 -21.67
N SER A 76 5.96 0.69 -21.43
CA SER A 76 6.99 -0.37 -21.58
C SER A 76 7.53 -0.77 -20.19
N LYS A 77 7.90 -2.02 -20.00
CA LYS A 77 8.44 -2.47 -18.65
C LYS A 77 9.49 -1.49 -18.09
N ASP A 78 10.25 -0.82 -18.95
CA ASP A 78 11.27 0.15 -18.41
C ASP A 78 10.54 1.28 -17.66
N LEU A 79 9.54 1.89 -18.26
CA LEU A 79 8.79 2.98 -17.54
C LEU A 79 8.05 2.35 -16.35
N TYR A 80 7.40 1.22 -16.57
CA TYR A 80 6.67 0.55 -15.43
C TYR A 80 7.66 0.19 -14.31
N ASP A 81 8.87 -0.25 -14.66
CA ASP A 81 9.87 -0.59 -13.59
C ASP A 81 10.40 0.72 -12.98
N TRP A 82 10.68 1.72 -13.79
CA TRP A 82 11.19 3.02 -13.24
C TRP A 82 10.17 3.58 -12.22
N LEU A 83 8.89 3.43 -12.48
CA LEU A 83 7.87 3.96 -11.49
C LEU A 83 7.93 3.11 -10.22
N ILE A 84 7.92 1.80 -10.35
CA ILE A 84 7.99 0.93 -9.12
C ILE A 84 9.24 1.28 -8.29
N LYS A 85 10.33 1.70 -8.92
CA LYS A 85 11.56 2.06 -8.13
C LYS A 85 11.57 3.53 -7.69
N GLU A 86 10.75 4.39 -8.28
CA GLU A 86 10.76 5.83 -7.85
C GLU A 86 9.54 6.20 -6.98
N LYS A 87 8.91 5.23 -6.33
CA LYS A 87 7.72 5.48 -5.44
C LYS A 87 6.45 5.74 -6.25
N TYR A 88 5.91 4.72 -6.89
CA TYR A 88 4.66 4.88 -7.69
C TYR A 88 3.69 3.73 -7.35
N ALA A 89 4.09 2.51 -7.65
CA ALA A 89 3.22 1.34 -7.34
C ALA A 89 4.03 0.30 -6.56
N ASP A 90 3.38 -0.65 -5.91
CA ASP A 90 4.14 -1.68 -5.14
C ASP A 90 4.01 -3.06 -5.80
N LYS A 91 5.06 -3.54 -6.43
CA LYS A 91 4.97 -4.90 -7.09
C LYS A 91 4.62 -5.96 -6.05
N LEU A 92 5.17 -5.87 -4.85
CA LEU A 92 4.84 -6.90 -3.80
C LEU A 92 3.34 -6.88 -3.49
N LEU A 93 2.72 -5.71 -3.44
CA LEU A 93 1.24 -5.67 -3.16
C LEU A 93 0.49 -6.23 -4.38
N ILE A 94 0.83 -5.78 -5.57
CA ILE A 94 0.14 -6.34 -6.80
C ILE A 94 0.44 -7.84 -6.88
N ALA A 95 1.65 -8.26 -6.54
CA ALA A 95 1.95 -9.73 -6.58
C ALA A 95 1.14 -10.44 -5.47
N LYS A 96 1.01 -9.84 -4.31
CA LYS A 96 0.21 -10.50 -3.20
C LYS A 96 -1.22 -10.77 -3.71
N TRP A 97 -1.81 -9.84 -4.41
CA TRP A 97 -3.21 -10.07 -4.93
C TRP A 97 -3.18 -11.17 -6.01
N ARG A 98 -2.17 -11.17 -6.86
CA ARG A 98 -2.10 -12.24 -7.92
C ARG A 98 -1.85 -13.61 -7.29
N LYS A 99 -1.07 -13.68 -6.21
CA LYS A 99 -0.83 -15.02 -5.56
C LYS A 99 -2.16 -15.71 -5.21
N THR A 100 -2.11 -16.88 -4.63
CA THR A 100 -3.38 -17.59 -4.27
C THR A 100 -3.60 -17.51 -2.75
N GLY A 101 -4.83 -17.33 -2.31
CA GLY A 101 -5.09 -17.23 -0.84
C GLY A 101 -5.23 -15.76 -0.42
N TYR A 102 -4.72 -14.80 -1.19
CA TYR A 102 -4.85 -13.36 -0.78
C TYR A 102 -6.12 -12.74 -1.40
N GLU A 103 -7.28 -13.32 -1.14
CA GLU A 103 -8.54 -12.73 -1.71
C GLU A 103 -8.91 -11.45 -0.94
N LYS A 104 -8.74 -11.43 0.37
CA LYS A 104 -9.07 -10.22 1.16
C LYS A 104 -7.78 -9.58 1.70
N LEU A 105 -7.12 -8.77 0.91
CA LEU A 105 -5.84 -8.13 1.38
C LEU A 105 -5.98 -6.59 1.33
N CYS A 106 -5.50 -5.90 2.34
CA CYS A 106 -5.60 -4.40 2.34
C CYS A 106 -4.22 -3.72 2.20
N CYS A 107 -3.17 -4.21 2.81
CA CYS A 107 -1.83 -3.54 2.65
C CYS A 107 -0.73 -4.61 2.50
N LEU A 108 0.54 -4.22 2.56
CA LEU A 108 1.64 -5.23 2.45
C LEU A 108 2.15 -5.65 3.84
N ARG A 109 2.24 -4.72 4.79
CA ARG A 109 2.68 -5.10 6.17
C ARG A 109 1.46 -5.20 7.10
N CYS A 110 0.32 -5.60 6.57
CA CYS A 110 -0.93 -5.71 7.39
C CYS A 110 -1.54 -7.13 7.21
N ILE A 111 -0.76 -8.10 6.69
CA ILE A 111 -1.29 -9.48 6.46
C ILE A 111 -0.12 -10.49 6.34
N GLN A 112 0.92 -10.34 7.14
CA GLN A 112 2.08 -11.28 7.02
C GLN A 112 2.09 -12.30 8.17
N LYS A 113 1.71 -13.53 7.91
CA LYS A 113 1.71 -14.57 8.98
C LYS A 113 2.73 -15.67 8.66
N ASN A 114 2.93 -16.63 9.54
CA ASN A 114 3.92 -17.72 9.26
C ASN A 114 3.73 -18.90 10.23
N GLU A 115 3.76 -18.65 11.52
CA GLU A 115 3.60 -19.75 12.50
C GLU A 115 2.74 -19.26 13.70
N THR A 116 2.79 -19.92 14.84
CA THR A 116 1.95 -19.47 16.00
C THR A 116 2.74 -18.45 16.87
N ASN A 117 4.03 -18.63 17.01
CA ASN A 117 4.82 -17.66 17.85
C ASN A 117 5.76 -16.81 16.97
N ASN A 118 6.30 -15.72 17.48
CA ASN A 118 7.21 -14.86 16.67
C ASN A 118 6.55 -14.47 15.33
N GLY A 119 7.27 -13.80 14.45
CA GLY A 119 6.67 -13.40 13.15
C GLY A 119 6.08 -12.00 13.27
N SER A 120 5.48 -11.47 12.21
CA SER A 120 4.89 -10.10 12.30
C SER A 120 3.63 -10.01 11.42
N THR A 121 2.46 -10.17 12.00
CA THR A 121 1.20 -10.09 11.19
C THR A 121 0.25 -9.04 11.79
N CYS A 122 -0.83 -8.72 11.11
CA CYS A 122 -1.80 -7.73 11.66
C CYS A 122 -3.06 -8.46 12.14
N ILE A 123 -3.80 -7.90 13.07
CA ILE A 123 -5.04 -8.60 13.57
C ILE A 123 -6.14 -8.58 12.48
N CYS A 124 -6.28 -7.51 11.71
CA CYS A 124 -7.37 -7.49 10.67
C CYS A 124 -7.26 -8.72 9.73
N ARG A 125 -6.06 -9.20 9.45
CA ARG A 125 -5.95 -10.42 8.57
C ARG A 125 -6.73 -11.58 9.20
N VAL A 126 -6.74 -11.69 10.52
CA VAL A 126 -7.51 -12.80 11.18
C VAL A 126 -9.00 -12.44 11.22
N PRO A 127 -9.85 -13.30 10.69
CA PRO A 127 -11.31 -13.03 10.71
C PRO A 127 -11.84 -13.00 12.15
N ARG A 128 -13.05 -12.53 12.37
CA ARG A 128 -13.61 -12.49 13.77
C ARG A 128 -14.01 -13.89 14.24
N ALA A 129 -14.54 -14.73 13.38
CA ALA A 129 -14.95 -16.11 13.82
C ALA A 129 -13.74 -16.85 14.40
N GLN A 130 -12.58 -16.72 13.79
CA GLN A 130 -11.37 -17.43 14.35
C GLN A 130 -10.99 -16.80 15.70
N LEU A 131 -11.04 -15.49 15.81
CA LEU A 131 -10.68 -14.85 17.12
C LEU A 131 -11.66 -15.30 18.22
N GLU A 132 -12.94 -15.44 17.89
CA GLU A 132 -13.92 -15.90 18.95
C GLU A 132 -13.52 -17.28 19.48
N GLU A 133 -13.07 -18.18 18.62
CA GLU A 133 -12.66 -19.53 19.13
C GLU A 133 -11.45 -19.41 20.07
N GLU A 134 -10.51 -18.53 19.75
CA GLU A 134 -9.31 -18.36 20.64
C GLU A 134 -9.76 -17.92 22.05
N ALA A 135 -10.74 -17.03 22.14
CA ALA A 135 -11.19 -16.58 23.51
C ALA A 135 -11.75 -17.77 24.29
N ARG A 136 -12.57 -18.61 23.68
CA ARG A 136 -13.12 -19.80 24.42
C ARG A 136 -11.97 -20.70 24.88
N LYS A 137 -10.95 -20.89 24.06
CA LYS A 137 -9.81 -21.77 24.47
C LYS A 137 -9.12 -21.20 25.73
N LYS A 138 -9.04 -19.90 25.88
CA LYS A 138 -8.37 -19.32 27.10
C LYS A 138 -9.39 -18.83 28.14
N GLY A 139 -10.64 -19.25 28.07
CA GLY A 139 -11.65 -18.79 29.08
C GLY A 139 -11.71 -17.26 29.11
N THR A 140 -11.75 -16.61 27.96
CA THR A 140 -11.81 -15.12 27.94
C THR A 140 -12.76 -14.64 26.83
N GLN A 141 -12.70 -13.38 26.45
CA GLN A 141 -13.60 -12.88 25.37
C GLN A 141 -12.84 -11.96 24.42
N VAL A 142 -13.16 -11.98 23.14
CA VAL A 142 -12.45 -11.09 22.17
C VAL A 142 -13.46 -10.34 21.29
N SER A 143 -13.06 -9.26 20.66
CA SER A 143 -14.01 -8.51 19.78
C SER A 143 -13.27 -7.45 18.93
N PHE A 144 -12.67 -7.86 17.83
CA PHE A 144 -11.95 -6.87 16.97
C PHE A 144 -12.87 -6.37 15.84
N HIS A 145 -12.54 -5.24 15.25
CA HIS A 145 -13.37 -4.69 14.14
C HIS A 145 -12.43 -4.19 13.03
N GLN A 146 -11.60 -3.21 13.34
CA GLN A 146 -10.64 -2.68 12.33
C GLN A 146 -9.27 -2.49 12.98
N CYS A 147 -8.20 -2.55 12.21
CA CYS A 147 -6.83 -2.37 12.83
C CYS A 147 -6.38 -0.91 12.70
N VAL A 148 -5.48 -0.47 13.57
CA VAL A 148 -4.99 0.96 13.49
C VAL A 148 -4.03 1.17 12.30
N HIS A 149 -3.34 0.13 11.84
CA HIS A 149 -2.38 0.33 10.68
C HIS A 149 -3.11 1.05 9.52
N CYS A 150 -4.31 0.62 9.19
CA CYS A 150 -5.08 1.28 8.11
C CYS A 150 -6.58 1.35 8.47
N GLY A 151 -7.41 1.88 7.60
CA GLY A 151 -8.87 1.93 7.87
C GLY A 151 -9.50 0.65 7.31
N CYS A 152 -9.11 -0.51 7.80
CA CYS A 152 -9.66 -1.79 7.28
C CYS A 152 -10.65 -2.37 8.30
N ARG A 153 -11.77 -2.91 7.85
CA ARG A 153 -12.76 -3.50 8.81
C ARG A 153 -12.48 -5.00 8.99
N GLY A 154 -11.27 -5.36 9.39
CA GLY A 154 -10.95 -6.80 9.57
C GLY A 154 -11.08 -7.53 8.23
N CYS A 155 -9.99 -7.71 7.51
CA CYS A 155 -10.07 -8.43 6.20
C CYS A 155 -9.52 -9.86 6.34
N ALA A 156 -10.26 -10.86 5.91
CA ALA A 156 -9.78 -12.27 6.02
C ALA A 156 -10.13 -13.04 4.73
N SER A 157 -9.26 -13.92 4.29
CA SER A 157 -9.56 -14.69 3.04
C SER A 157 -9.82 -16.17 3.37
N THR A 158 -8.87 -16.84 3.99
CA THR A 158 -9.07 -18.28 4.33
C THR A 158 -8.13 -18.71 5.47
N ASP A 159 -7.91 -17.88 6.46
CA ASP A 159 -7.00 -18.25 7.58
C ASP A 159 -7.51 -17.65 8.90
ZN ZN B . -4.23 -2.86 6.14
ZN ZN C . -6.91 -5.61 6.55
ZN ZN D . -4.45 -4.61 9.41
N GLY A 1 43.39 23.17 -14.01
CA GLY A 1 42.27 22.25 -14.37
C GLY A 1 41.22 23.02 -15.18
N GLY A 2 41.21 22.86 -16.49
CA GLY A 2 40.20 23.59 -17.33
C GLY A 2 38.87 22.82 -17.30
N SER A 3 37.77 23.47 -17.59
CA SER A 3 36.45 22.78 -17.60
C SER A 3 35.75 22.96 -18.94
N PRO A 4 34.87 22.03 -19.28
CA PRO A 4 34.14 22.13 -20.57
C PRO A 4 33.08 23.23 -20.50
N ARG A 5 33.32 24.37 -21.10
CA ARG A 5 32.32 25.47 -21.06
C ARG A 5 31.98 25.94 -22.49
N ILE A 6 31.53 25.04 -23.34
CA ILE A 6 31.19 25.46 -24.74
C ILE A 6 29.69 25.28 -24.99
N LYS A 7 29.16 24.09 -24.81
CA LYS A 7 27.70 23.87 -25.04
C LYS A 7 27.09 23.11 -23.85
N THR A 8 25.79 23.26 -23.62
CA THR A 8 25.15 22.55 -22.48
C THR A 8 24.07 21.58 -23.00
N ARG A 9 23.46 20.81 -22.12
CA ARG A 9 22.40 19.85 -22.58
C ARG A 9 21.26 19.79 -21.55
N ARG A 10 20.19 19.08 -21.86
CA ARG A 10 19.06 18.99 -20.89
C ARG A 10 18.70 17.52 -20.62
N SER A 11 18.52 17.15 -19.38
CA SER A 11 18.18 15.72 -19.06
C SER A 11 16.98 15.68 -18.11
N LYS A 12 16.04 14.78 -18.33
CA LYS A 12 14.85 14.70 -17.43
C LYS A 12 14.70 13.27 -16.88
N PRO A 13 14.14 13.15 -15.69
CA PRO A 13 13.96 11.82 -15.07
C PRO A 13 12.83 11.05 -15.77
N ALA A 14 12.82 9.74 -15.66
CA ALA A 14 11.75 8.91 -16.31
C ALA A 14 11.78 9.08 -17.85
N PRO A 15 11.42 8.03 -18.57
CA PRO A 15 11.43 8.10 -20.04
C PRO A 15 10.25 8.96 -20.56
N ASP A 16 10.32 9.41 -21.79
CA ASP A 16 9.20 10.27 -22.35
C ASP A 16 7.82 9.64 -22.07
N GLY A 17 7.72 8.33 -22.03
CA GLY A 17 6.40 7.68 -21.76
C GLY A 17 5.79 8.22 -20.45
N PHE A 18 6.61 8.55 -19.46
CA PHE A 18 6.04 9.08 -18.16
C PHE A 18 5.09 10.28 -18.43
N GLU A 19 5.36 11.06 -19.46
CA GLU A 19 4.45 12.24 -19.75
C GLU A 19 2.98 11.77 -19.87
N LYS A 20 2.75 10.60 -20.45
CA LYS A 20 1.34 10.10 -20.58
C LYS A 20 0.67 10.02 -19.19
N ILE A 21 1.41 9.67 -18.16
CA ILE A 21 0.80 9.58 -16.80
C ILE A 21 1.46 10.61 -15.85
N LYS A 22 1.78 11.80 -16.34
CA LYS A 22 2.45 12.82 -15.47
C LYS A 22 1.43 13.65 -14.62
N PRO A 23 0.33 14.07 -15.21
CA PRO A 23 -0.64 14.89 -14.44
C PRO A 23 -1.47 14.04 -13.46
N THR A 24 -1.88 12.85 -13.85
CA THR A 24 -2.70 12.01 -12.90
C THR A 24 -1.90 11.73 -11.62
N LEU A 25 -0.63 11.41 -11.74
CA LEU A 25 0.18 11.16 -10.50
C LEU A 25 0.27 12.45 -9.67
N THR A 26 0.37 13.60 -10.30
CA THR A 26 0.45 14.89 -9.51
C THR A 26 -0.78 15.02 -8.59
N ASP A 27 -1.94 14.56 -9.03
CA ASP A 27 -3.17 14.67 -8.14
C ASP A 27 -2.92 13.98 -6.80
N PHE A 28 -2.23 12.84 -6.79
CA PHE A 28 -1.95 12.14 -5.48
C PHE A 28 -1.20 13.08 -4.53
N GLU A 29 -0.25 13.85 -5.04
CA GLU A 29 0.51 14.79 -4.13
C GLU A 29 -0.43 15.74 -3.40
N ILE A 30 -1.59 16.07 -3.96
CA ILE A 30 -2.52 16.99 -3.23
C ILE A 30 -3.27 16.21 -2.12
N GLN A 31 -3.59 14.96 -2.35
CA GLN A 31 -4.28 14.18 -1.27
C GLN A 31 -3.23 13.71 -0.27
N LEU A 32 -2.07 13.28 -0.73
CA LEU A 32 -1.01 12.83 0.23
C LEU A 32 -0.45 14.03 1.02
N ARG A 33 -0.36 15.20 0.41
CA ARG A 33 0.18 16.38 1.19
C ARG A 33 -0.85 16.82 2.25
N ASP A 34 -2.13 16.74 1.95
CA ASP A 34 -3.15 17.17 2.98
C ASP A 34 -3.10 16.22 4.19
N ALA A 35 -2.90 14.93 3.99
CA ALA A 35 -2.82 14.01 5.17
C ALA A 35 -1.48 14.22 5.88
N GLN A 36 -0.40 14.35 5.14
CA GLN A 36 0.93 14.56 5.80
C GLN A 36 0.94 15.90 6.57
N LYS A 37 0.23 16.92 6.08
CA LYS A 37 0.21 18.23 6.83
C LYS A 37 -0.81 18.19 7.98
N ASP A 38 -1.90 17.45 7.84
CA ASP A 38 -2.91 17.40 8.96
C ASP A 38 -2.24 17.01 10.30
N LYS A 39 -1.22 16.19 10.26
CA LYS A 39 -0.53 15.78 11.54
C LYS A 39 0.63 16.74 11.84
N SER A 40 1.47 17.04 10.87
CA SER A 40 2.62 17.97 11.11
C SER A 40 3.44 17.54 12.34
N SER A 41 3.76 16.26 12.46
CA SER A 41 4.55 15.78 13.64
C SER A 41 3.90 16.23 14.96
N LYS A 42 2.92 15.49 15.47
CA LYS A 42 2.26 15.88 16.75
C LYS A 42 1.78 17.35 16.69
N LEU A 43 0.56 17.58 16.26
CA LEU A 43 0.03 18.98 16.19
C LEU A 43 -1.48 19.00 16.43
N ALA A 44 -2.25 18.31 15.62
CA ALA A 44 -3.74 18.30 15.81
C ALA A 44 -4.21 16.88 16.20
N ALA A 45 -5.50 16.61 16.09
CA ALA A 45 -6.00 15.24 16.46
C ALA A 45 -6.30 14.44 15.19
N LYS A 46 -6.93 13.28 15.31
CA LYS A 46 -7.25 12.46 14.08
C LYS A 46 -5.99 12.24 13.24
N SER A 47 -5.08 11.39 13.69
CA SER A 47 -3.83 11.13 12.90
C SER A 47 -3.90 9.76 12.22
N ASN A 48 -4.20 8.72 12.96
CA ASN A 48 -4.28 7.35 12.33
C ASN A 48 -5.31 7.35 11.20
N GLU A 49 -6.44 8.02 11.37
CA GLU A 49 -7.47 8.04 10.27
C GLU A 49 -6.90 8.81 9.06
N GLN A 50 -6.23 9.92 9.28
CA GLN A 50 -5.66 10.68 8.12
C GLN A 50 -4.51 9.87 7.50
N LEU A 51 -3.68 9.25 8.32
CA LEU A 51 -2.55 8.44 7.74
C LEU A 51 -3.11 7.27 6.92
N TRP A 52 -4.20 6.65 7.35
CA TRP A 52 -4.77 5.51 6.56
C TRP A 52 -5.09 5.97 5.13
N GLU A 53 -5.57 7.19 4.95
CA GLU A 53 -5.85 7.67 3.55
C GLU A 53 -4.53 7.74 2.76
N ILE A 54 -3.41 7.99 3.41
CA ILE A 54 -2.10 8.05 2.66
C ILE A 54 -1.74 6.64 2.18
N MET A 55 -1.58 5.68 3.08
CA MET A 55 -1.25 4.28 2.61
C MET A 55 -2.38 3.76 1.69
N GLN A 56 -3.62 4.17 1.91
CA GLN A 56 -4.71 3.68 0.99
C GLN A 56 -4.49 4.25 -0.42
N LEU A 57 -4.02 5.48 -0.55
CA LEU A 57 -3.76 6.04 -1.93
C LEU A 57 -2.85 5.10 -2.73
N HIS A 58 -1.94 4.40 -2.07
CA HIS A 58 -1.03 3.46 -2.83
C HIS A 58 -1.86 2.45 -3.64
N HIS A 59 -2.98 1.98 -3.11
CA HIS A 59 -3.83 1.02 -3.89
C HIS A 59 -4.25 1.67 -5.20
N GLN A 60 -4.74 2.89 -5.17
CA GLN A 60 -5.13 3.57 -6.45
C GLN A 60 -3.90 3.70 -7.36
N ARG A 61 -2.73 3.93 -6.81
CA ARG A 61 -1.50 4.04 -7.66
C ARG A 61 -1.25 2.70 -8.37
N SER A 62 -1.21 1.61 -7.62
CA SER A 62 -0.96 0.27 -8.28
C SER A 62 -2.07 -0.01 -9.30
N ARG A 63 -3.32 0.32 -8.99
CA ARG A 63 -4.41 0.06 -9.99
C ARG A 63 -4.17 0.94 -11.23
N TYR A 64 -3.79 2.19 -11.04
CA TYR A 64 -3.53 3.07 -12.23
C TYR A 64 -2.36 2.51 -13.05
N ILE A 65 -1.25 2.19 -12.41
CA ILE A 65 -0.09 1.63 -13.19
C ILE A 65 -0.43 0.21 -13.65
N TYR A 66 -1.12 -0.57 -12.84
CA TYR A 66 -1.49 -1.96 -13.27
C TYR A 66 -2.50 -1.88 -14.42
N THR A 67 -3.47 -0.99 -14.33
CA THR A 67 -4.48 -0.88 -15.44
C THR A 67 -3.79 -0.51 -16.75
N LEU A 68 -2.82 0.40 -16.74
CA LEU A 68 -2.17 0.78 -18.03
C LEU A 68 -1.04 -0.20 -18.43
N TYR A 69 -0.32 -0.78 -17.50
CA TYR A 69 0.79 -1.73 -17.90
C TYR A 69 0.26 -3.17 -18.11
N TYR A 70 -0.74 -3.61 -17.39
CA TYR A 70 -1.23 -5.01 -17.57
C TYR A 70 -2.47 -5.10 -18.49
N LYS A 71 -3.20 -4.02 -18.71
CA LYS A 71 -4.40 -4.12 -19.61
C LYS A 71 -4.26 -3.18 -20.81
N ARG A 72 -4.10 -1.89 -20.60
CA ARG A 72 -3.96 -0.94 -21.77
C ARG A 72 -2.67 -1.23 -22.57
N LYS A 73 -1.62 -1.72 -21.92
CA LYS A 73 -0.35 -2.02 -22.66
C LYS A 73 0.16 -0.74 -23.35
N ALA A 74 0.09 0.39 -22.68
CA ALA A 74 0.58 1.66 -23.29
C ALA A 74 1.82 2.17 -22.53
N ILE A 75 2.66 1.27 -22.05
CA ILE A 75 3.89 1.71 -21.30
C ILE A 75 4.99 0.64 -21.44
N SER A 76 6.23 0.99 -21.17
CA SER A 76 7.33 -0.01 -21.28
C SER A 76 7.84 -0.40 -19.89
N LYS A 77 8.28 -1.63 -19.72
CA LYS A 77 8.81 -2.07 -18.36
C LYS A 77 9.77 -1.03 -17.76
N ASP A 78 10.53 -0.31 -18.58
CA ASP A 78 11.47 0.72 -18.01
C ASP A 78 10.65 1.78 -17.27
N LEU A 79 9.63 2.34 -17.89
CA LEU A 79 8.79 3.36 -17.16
C LEU A 79 8.05 2.65 -16.02
N TYR A 80 7.47 1.50 -16.28
CA TYR A 80 6.75 0.76 -15.18
C TYR A 80 7.74 0.46 -14.04
N ASP A 81 8.98 0.12 -14.34
CA ASP A 81 9.96 -0.16 -13.24
C ASP A 81 10.39 1.17 -12.61
N TRP A 82 10.61 2.20 -13.40
CA TRP A 82 11.01 3.53 -12.82
C TRP A 82 9.91 4.01 -11.86
N LEU A 83 8.65 3.78 -12.19
CA LEU A 83 7.55 4.21 -11.27
C LEU A 83 7.61 3.39 -9.99
N ILE A 84 7.55 2.07 -10.09
CA ILE A 84 7.61 1.23 -8.84
C ILE A 84 8.90 1.53 -8.03
N LYS A 85 9.96 1.97 -8.68
CA LYS A 85 11.22 2.29 -7.91
C LYS A 85 11.25 3.74 -7.41
N GLU A 86 10.43 4.64 -7.95
CA GLU A 86 10.46 6.06 -7.47
C GLU A 86 9.25 6.39 -6.56
N LYS A 87 8.67 5.40 -5.89
CA LYS A 87 7.50 5.62 -4.96
C LYS A 87 6.19 5.83 -5.74
N TYR A 88 5.72 4.80 -6.42
CA TYR A 88 4.43 4.92 -7.17
C TYR A 88 3.54 3.73 -6.79
N ALA A 89 3.97 2.52 -7.11
CA ALA A 89 3.16 1.32 -6.76
C ALA A 89 4.08 0.25 -6.18
N ASP A 90 3.54 -0.84 -5.65
CA ASP A 90 4.41 -1.90 -5.07
C ASP A 90 4.19 -3.22 -5.81
N LYS A 91 5.16 -3.70 -6.56
CA LYS A 91 4.98 -5.00 -7.30
C LYS A 91 4.65 -6.13 -6.30
N LEU A 92 5.26 -6.13 -5.13
CA LEU A 92 4.95 -7.20 -4.13
C LEU A 92 3.46 -7.20 -3.78
N LEU A 93 2.83 -6.04 -3.70
CA LEU A 93 1.36 -6.01 -3.37
C LEU A 93 0.58 -6.55 -4.58
N ILE A 94 0.86 -6.06 -5.77
CA ILE A 94 0.13 -6.59 -6.98
C ILE A 94 0.38 -8.12 -7.07
N ALA A 95 1.58 -8.58 -6.75
CA ALA A 95 1.83 -10.05 -6.78
C ALA A 95 1.00 -10.72 -5.67
N LYS A 96 0.94 -10.13 -4.50
CA LYS A 96 0.12 -10.74 -3.37
C LYS A 96 -1.31 -11.01 -3.87
N TRP A 97 -1.87 -10.10 -4.65
CA TRP A 97 -3.28 -10.33 -5.15
C TRP A 97 -3.30 -11.49 -6.17
N ARG A 98 -2.21 -11.76 -6.86
CA ARG A 98 -2.22 -12.90 -7.85
C ARG A 98 -1.95 -14.24 -7.15
N LYS A 99 -1.13 -14.26 -6.10
CA LYS A 99 -0.85 -15.56 -5.38
C LYS A 99 -2.17 -16.25 -4.98
N THR A 100 -2.09 -17.38 -4.30
CA THR A 100 -3.32 -18.08 -3.86
C THR A 100 -3.56 -17.82 -2.37
N GLY A 101 -4.81 -17.74 -1.93
CA GLY A 101 -5.08 -17.48 -0.48
C GLY A 101 -5.08 -15.96 -0.19
N TYR A 102 -4.87 -15.09 -1.17
CA TYR A 102 -4.87 -13.62 -0.89
C TYR A 102 -6.11 -12.98 -1.55
N GLU A 103 -7.30 -13.30 -1.09
CA GLU A 103 -8.53 -12.70 -1.71
C GLU A 103 -8.99 -11.46 -0.93
N LYS A 104 -8.85 -11.46 0.39
CA LYS A 104 -9.32 -10.28 1.18
C LYS A 104 -8.14 -9.64 1.93
N LEU A 105 -7.15 -9.12 1.23
CA LEU A 105 -6.00 -8.48 1.92
C LEU A 105 -6.01 -6.95 1.65
N CYS A 106 -5.44 -6.16 2.53
CA CYS A 106 -5.46 -4.67 2.31
C CYS A 106 -4.05 -4.06 2.10
N CYS A 107 -3.00 -4.59 2.66
CA CYS A 107 -1.64 -3.98 2.43
C CYS A 107 -0.57 -5.08 2.31
N LEU A 108 0.71 -4.73 2.36
CA LEU A 108 1.78 -5.78 2.27
C LEU A 108 2.24 -6.18 3.68
N ARG A 109 2.37 -5.23 4.59
CA ARG A 109 2.78 -5.60 5.99
C ARG A 109 1.54 -5.61 6.93
N CYS A 110 0.37 -5.90 6.39
CA CYS A 110 -0.88 -5.92 7.20
C CYS A 110 -1.60 -7.29 6.99
N ILE A 111 -0.91 -8.29 6.44
CA ILE A 111 -1.56 -9.63 6.18
C ILE A 111 -0.48 -10.73 6.03
N GLN A 112 0.57 -10.70 6.81
CA GLN A 112 1.65 -11.74 6.66
C GLN A 112 1.67 -12.70 7.87
N LYS A 113 1.42 -13.97 7.63
CA LYS A 113 1.44 -14.96 8.77
C LYS A 113 2.68 -15.85 8.66
N ASN A 114 2.85 -16.56 7.56
CA ASN A 114 4.06 -17.46 7.41
C ASN A 114 4.22 -18.38 8.63
N GLU A 115 5.28 -19.15 8.70
CA GLU A 115 5.48 -20.06 9.87
C GLU A 115 6.91 -20.63 9.89
N THR A 116 7.85 -19.91 10.46
CA THR A 116 9.25 -20.42 10.51
C THR A 116 9.93 -20.00 11.82
N ASN A 117 10.04 -18.71 12.10
CA ASN A 117 10.69 -18.26 13.36
C ASN A 117 10.17 -16.88 13.78
N ASN A 118 10.30 -15.88 12.93
CA ASN A 118 9.81 -14.51 13.29
C ASN A 118 8.73 -14.06 12.29
N GLY A 119 7.53 -14.61 12.37
CA GLY A 119 6.45 -14.21 11.42
C GLY A 119 5.61 -13.09 12.06
N SER A 120 5.40 -12.00 11.37
CA SER A 120 4.58 -10.89 11.94
C SER A 120 3.32 -10.66 11.09
N THR A 121 2.15 -10.73 11.69
CA THR A 121 0.89 -10.51 10.89
C THR A 121 0.05 -9.40 11.52
N CYS A 122 -1.03 -9.02 10.87
CA CYS A 122 -1.91 -7.96 11.45
C CYS A 122 -3.22 -8.59 11.94
N ILE A 123 -3.90 -7.99 12.88
CA ILE A 123 -5.18 -8.60 13.39
C ILE A 123 -6.33 -8.45 12.36
N CYS A 124 -6.34 -7.39 11.55
CA CYS A 124 -7.48 -7.25 10.56
C CYS A 124 -7.51 -8.45 9.60
N ARG A 125 -6.36 -8.99 9.22
CA ARG A 125 -6.38 -10.19 8.30
C ARG A 125 -7.20 -11.34 8.94
N VAL A 126 -7.18 -11.46 10.25
CA VAL A 126 -7.98 -12.56 10.92
C VAL A 126 -9.46 -12.15 11.01
N PRO A 127 -10.34 -12.97 10.46
CA PRO A 127 -11.79 -12.65 10.52
C PRO A 127 -12.30 -12.70 11.96
N ARG A 128 -13.60 -12.49 12.17
CA ARG A 128 -14.14 -12.53 13.57
C ARG A 128 -14.25 -13.98 14.06
N ALA A 129 -14.63 -14.90 13.20
CA ALA A 129 -14.75 -16.34 13.67
C ALA A 129 -13.39 -16.84 14.19
N GLN A 130 -12.31 -16.54 13.50
CA GLN A 130 -10.97 -17.00 14.01
C GLN A 130 -10.64 -16.27 15.32
N LEU A 131 -10.92 -14.98 15.40
CA LEU A 131 -10.62 -14.24 16.68
C LEU A 131 -11.49 -14.81 17.81
N GLU A 132 -12.73 -15.16 17.55
CA GLU A 132 -13.60 -15.74 18.64
C GLU A 132 -12.94 -17.01 19.21
N GLU A 133 -12.37 -17.84 18.37
CA GLU A 133 -11.72 -19.10 18.90
C GLU A 133 -10.62 -18.75 19.92
N GLU A 134 -9.87 -17.69 19.69
CA GLU A 134 -8.79 -17.31 20.67
C GLU A 134 -9.41 -17.04 22.05
N ALA A 135 -10.53 -16.35 22.11
CA ALA A 135 -11.16 -16.07 23.45
C ALA A 135 -11.53 -17.38 24.15
N ARG A 136 -12.12 -18.32 23.43
CA ARG A 136 -12.49 -19.63 24.07
C ARG A 136 -11.22 -20.32 24.61
N LYS A 137 -10.13 -20.25 23.88
CA LYS A 137 -8.87 -20.93 24.37
C LYS A 137 -8.46 -20.35 25.75
N LYS A 138 -8.66 -19.07 25.99
CA LYS A 138 -8.27 -18.49 27.31
C LYS A 138 -9.50 -18.16 28.19
N GLY A 139 -10.64 -18.78 27.94
CA GLY A 139 -11.85 -18.49 28.77
C GLY A 139 -12.12 -16.98 28.85
N THR A 140 -12.07 -16.28 27.73
CA THR A 140 -12.33 -14.81 27.75
C THR A 140 -13.15 -14.40 26.52
N GLN A 141 -13.22 -13.12 26.22
CA GLN A 141 -14.01 -12.67 25.03
C GLN A 141 -13.14 -11.80 24.10
N VAL A 142 -13.63 -11.46 22.93
CA VAL A 142 -12.82 -10.62 22.00
C VAL A 142 -13.74 -9.88 20.99
N SER A 143 -13.25 -8.83 20.37
CA SER A 143 -14.11 -8.08 19.39
C SER A 143 -13.26 -7.10 18.56
N PHE A 144 -13.03 -7.40 17.30
CA PHE A 144 -12.20 -6.48 16.45
C PHE A 144 -13.08 -5.74 15.41
N HIS A 145 -12.59 -4.65 14.88
CA HIS A 145 -13.34 -3.88 13.85
C HIS A 145 -12.36 -3.42 12.75
N GLN A 146 -11.38 -2.62 13.12
CA GLN A 146 -10.36 -2.15 12.13
C GLN A 146 -8.99 -2.11 12.82
N CYS A 147 -7.91 -2.33 12.09
CA CYS A 147 -6.56 -2.30 12.76
C CYS A 147 -5.96 -0.89 12.73
N VAL A 148 -5.09 -0.58 13.68
CA VAL A 148 -4.48 0.80 13.70
C VAL A 148 -3.45 0.97 12.56
N HIS A 149 -2.87 -0.10 12.04
CA HIS A 149 -1.85 0.05 10.92
C HIS A 149 -2.45 0.93 9.80
N CYS A 150 -3.51 0.48 9.16
CA CYS A 150 -4.12 1.30 8.07
C CYS A 150 -5.62 1.56 8.38
N GLY A 151 -6.39 1.99 7.41
CA GLY A 151 -7.84 2.22 7.63
C GLY A 151 -8.61 1.02 7.06
N CYS A 152 -8.41 -0.15 7.62
CA CYS A 152 -9.12 -1.37 7.09
C CYS A 152 -10.27 -1.75 8.03
N ARG A 153 -11.40 -2.18 7.49
CA ARG A 153 -12.53 -2.59 8.37
C ARG A 153 -12.52 -4.11 8.55
N GLY A 154 -11.39 -4.68 8.93
CA GLY A 154 -11.31 -6.15 9.11
C GLY A 154 -11.40 -6.86 7.77
N CYS A 155 -10.28 -7.26 7.20
CA CYS A 155 -10.31 -7.97 5.88
C CYS A 155 -9.94 -9.45 6.06
N ALA A 156 -10.77 -10.36 5.60
CA ALA A 156 -10.46 -11.83 5.76
C ALA A 156 -11.06 -12.64 4.60
N SER A 157 -10.43 -13.72 4.21
CA SER A 157 -10.99 -14.54 3.08
C SER A 157 -11.69 -15.79 3.62
N THR A 158 -11.09 -16.50 4.55
CA THR A 158 -11.75 -17.74 5.11
C THR A 158 -13.16 -17.40 5.64
N ASP A 159 -13.33 -16.26 6.27
CA ASP A 159 -14.68 -15.89 6.80
C ASP A 159 -15.04 -14.47 6.37
ZN ZN B . -3.94 -2.88 5.97
ZN ZN C . -6.87 -5.46 6.50
ZN ZN D . -4.29 -4.59 9.30
N GLY A 1 20.12 -3.64 -13.81
CA GLY A 1 18.88 -3.83 -14.60
C GLY A 1 19.05 -3.25 -16.01
N GLY A 2 19.89 -3.87 -16.83
CA GLY A 2 20.10 -3.34 -18.21
C GLY A 2 18.88 -3.66 -19.08
N SER A 3 18.64 -2.89 -20.12
CA SER A 3 17.47 -3.17 -21.00
C SER A 3 17.82 -2.91 -22.47
N PRO A 4 17.19 -3.64 -23.37
CA PRO A 4 17.47 -3.48 -24.82
C PRO A 4 16.87 -2.16 -25.32
N ARG A 5 16.88 -1.93 -26.63
CA ARG A 5 16.30 -0.66 -27.19
C ARG A 5 16.91 0.57 -26.49
N ILE A 6 17.94 1.16 -27.07
CA ILE A 6 18.57 2.35 -26.44
C ILE A 6 18.99 3.37 -27.52
N LYS A 7 18.79 4.64 -27.29
CA LYS A 7 19.18 5.66 -28.30
C LYS A 7 19.89 6.84 -27.62
N THR A 8 20.14 7.92 -28.33
CA THR A 8 20.83 9.09 -27.71
C THR A 8 19.92 10.33 -27.74
N ARG A 9 18.92 10.39 -26.88
CA ARG A 9 18.01 11.57 -26.87
C ARG A 9 17.65 11.95 -25.42
N ARG A 10 17.53 13.23 -25.12
CA ARG A 10 17.18 13.64 -23.73
C ARG A 10 15.83 14.36 -23.72
N SER A 11 14.78 13.73 -23.20
CA SER A 11 13.46 14.40 -23.17
C SER A 11 12.85 14.32 -21.76
N LYS A 12 13.27 15.19 -20.86
CA LYS A 12 12.72 15.16 -19.46
C LYS A 12 12.91 13.78 -18.83
N PRO A 13 12.56 13.65 -17.57
CA PRO A 13 12.70 12.35 -16.86
C PRO A 13 11.65 11.36 -17.37
N ALA A 14 11.89 10.07 -17.19
CA ALA A 14 10.91 9.03 -17.65
C ALA A 14 10.73 9.10 -19.18
N PRO A 15 10.39 7.97 -19.78
CA PRO A 15 10.21 7.93 -21.24
C PRO A 15 8.93 8.67 -21.65
N ASP A 16 8.78 9.01 -22.92
CA ASP A 16 7.55 9.75 -23.38
C ASP A 16 6.27 9.09 -22.86
N GLY A 17 6.25 7.78 -22.69
CA GLY A 17 5.03 7.09 -22.17
C GLY A 17 4.57 7.74 -20.85
N PHE A 18 5.49 8.18 -20.01
CA PHE A 18 5.08 8.81 -18.71
C PHE A 18 4.10 9.98 -18.95
N GLU A 19 4.24 10.69 -20.05
CA GLU A 19 3.30 11.85 -20.33
C GLU A 19 1.84 11.35 -20.28
N LYS A 20 1.58 10.16 -20.77
CA LYS A 20 0.16 9.64 -20.73
C LYS A 20 -0.34 9.57 -19.28
N ILE A 21 0.52 9.24 -18.34
CA ILE A 21 0.07 9.17 -16.91
C ILE A 21 0.84 10.20 -16.05
N LYS A 22 1.12 11.38 -16.59
CA LYS A 22 1.89 12.41 -15.80
C LYS A 22 0.99 13.27 -14.87
N PRO A 23 -0.16 13.72 -15.36
CA PRO A 23 -1.02 14.58 -14.51
C PRO A 23 -1.78 13.77 -13.45
N THR A 24 -2.22 12.57 -13.76
CA THR A 24 -2.97 11.77 -12.72
C THR A 24 -2.10 11.52 -11.49
N LEU A 25 -0.84 11.21 -11.69
CA LEU A 25 0.07 10.98 -10.50
C LEU A 25 0.22 12.28 -9.71
N THR A 26 0.33 13.42 -10.39
CA THR A 26 0.47 14.72 -9.65
C THR A 26 -0.71 14.93 -8.69
N ASP A 27 -1.90 14.49 -9.06
CA ASP A 27 -3.08 14.67 -8.15
C ASP A 27 -2.81 13.99 -6.79
N PHE A 28 -2.13 12.87 -6.77
CA PHE A 28 -1.85 12.18 -5.46
C PHE A 28 -1.06 13.11 -4.52
N GLU A 29 -0.11 13.85 -5.04
CA GLU A 29 0.69 14.77 -4.15
C GLU A 29 -0.23 15.77 -3.44
N ILE A 30 -1.23 16.29 -4.13
CA ILE A 30 -2.15 17.27 -3.45
C ILE A 30 -2.92 16.53 -2.34
N GLN A 31 -3.38 15.32 -2.59
CA GLN A 31 -4.11 14.58 -1.51
C GLN A 31 -3.10 14.19 -0.42
N LEU A 32 -1.98 13.58 -0.79
CA LEU A 32 -0.94 13.22 0.24
C LEU A 32 -0.48 14.49 0.97
N ARG A 33 -0.41 15.62 0.27
CA ARG A 33 0.04 16.90 0.95
C ARG A 33 -0.88 17.22 2.14
N ASP A 34 -2.17 17.01 2.00
CA ASP A 34 -3.10 17.32 3.15
C ASP A 34 -2.76 16.42 4.34
N ALA A 35 -2.67 15.12 4.13
CA ALA A 35 -2.32 14.22 5.28
C ALA A 35 -0.86 14.47 5.70
N GLN A 36 0.02 14.69 4.75
CA GLN A 36 1.45 14.96 5.11
C GLN A 36 1.58 16.31 5.85
N LYS A 37 0.76 17.29 5.49
CA LYS A 37 0.86 18.62 6.20
C LYS A 37 0.15 18.55 7.57
N ASP A 38 -0.96 17.85 7.66
CA ASP A 38 -1.68 17.76 8.99
C ASP A 38 -0.75 17.15 10.05
N LYS A 39 0.04 16.16 9.69
CA LYS A 39 0.97 15.54 10.71
C LYS A 39 1.88 16.62 11.33
N SER A 40 2.33 17.58 10.55
CA SER A 40 3.23 18.64 11.12
C SER A 40 2.50 20.00 11.13
N SER A 41 1.29 20.04 11.66
CA SER A 41 0.54 21.33 11.69
C SER A 41 -0.27 21.44 13.00
N LYS A 42 -1.21 20.55 13.22
CA LYS A 42 -2.02 20.62 14.48
C LYS A 42 -1.74 19.40 15.36
N LEU A 43 -1.89 18.20 14.84
CA LEU A 43 -1.61 16.97 15.65
C LEU A 43 -2.44 17.00 16.96
N ALA A 44 -3.71 17.29 16.88
CA ALA A 44 -4.56 17.33 18.12
C ALA A 44 -5.71 16.32 18.01
N ALA A 45 -6.55 16.45 16.99
CA ALA A 45 -7.68 15.49 16.84
C ALA A 45 -7.72 14.93 15.41
N LYS A 46 -8.26 13.74 15.22
CA LYS A 46 -8.32 13.15 13.84
C LYS A 46 -6.93 13.14 13.18
N SER A 47 -5.97 12.46 13.77
CA SER A 47 -4.60 12.42 13.17
C SER A 47 -4.28 11.02 12.63
N ASN A 48 -4.42 9.99 13.43
CA ASN A 48 -4.13 8.60 12.94
C ASN A 48 -5.00 8.29 11.70
N GLU A 49 -6.24 8.71 11.70
CA GLU A 49 -7.12 8.44 10.50
C GLU A 49 -6.53 9.11 9.25
N GLN A 50 -6.00 10.32 9.38
CA GLN A 50 -5.42 11.00 8.18
C GLN A 50 -4.23 10.18 7.64
N LEU A 51 -3.40 9.63 8.52
CA LEU A 51 -2.24 8.82 8.02
C LEU A 51 -2.73 7.63 7.19
N TRP A 52 -3.81 6.99 7.59
CA TRP A 52 -4.32 5.82 6.79
C TRP A 52 -4.62 6.27 5.35
N GLU A 53 -5.13 7.47 5.15
CA GLU A 53 -5.40 7.94 3.75
C GLU A 53 -4.09 7.96 2.93
N ILE A 54 -2.96 8.20 3.57
CA ILE A 54 -1.68 8.22 2.78
C ILE A 54 -1.31 6.78 2.39
N MET A 55 -1.14 5.88 3.34
CA MET A 55 -0.81 4.46 2.94
C MET A 55 -1.96 3.89 2.08
N GLN A 56 -3.19 4.33 2.28
CA GLN A 56 -4.31 3.81 1.42
C GLN A 56 -4.15 4.37 0.00
N LEU A 57 -3.75 5.62 -0.14
CA LEU A 57 -3.54 6.20 -1.53
C LEU A 57 -2.61 5.30 -2.35
N HIS A 58 -1.66 4.63 -1.71
CA HIS A 58 -0.72 3.74 -2.49
C HIS A 58 -1.53 2.69 -3.28
N HIS A 59 -2.60 2.17 -2.71
CA HIS A 59 -3.42 1.15 -3.47
C HIS A 59 -3.93 1.77 -4.77
N GLN A 60 -4.50 2.95 -4.71
CA GLN A 60 -4.98 3.61 -5.97
C GLN A 60 -3.79 3.83 -6.91
N ARG A 61 -2.63 4.17 -6.38
CA ARG A 61 -1.43 4.36 -7.28
C ARG A 61 -1.04 3.02 -7.90
N SER A 62 -0.87 1.99 -7.09
CA SER A 62 -0.51 0.65 -7.66
C SER A 62 -1.66 0.16 -8.55
N ARG A 63 -2.90 0.38 -8.18
CA ARG A 63 -4.03 -0.06 -9.06
C ARG A 63 -4.00 0.73 -10.37
N TYR A 64 -3.68 2.01 -10.33
CA TYR A 64 -3.61 2.82 -11.59
C TYR A 64 -2.55 2.21 -12.53
N ILE A 65 -1.35 1.97 -12.02
CA ILE A 65 -0.29 1.38 -12.91
C ILE A 65 -0.60 -0.11 -13.12
N TYR A 66 -1.01 -0.82 -12.09
CA TYR A 66 -1.36 -2.28 -12.26
C TYR A 66 -2.51 -2.42 -13.28
N THR A 67 -3.44 -1.49 -13.31
CA THR A 67 -4.56 -1.63 -14.30
C THR A 67 -4.07 -1.28 -15.72
N LEU A 68 -3.21 -0.28 -15.86
CA LEU A 68 -2.74 0.07 -17.25
C LEU A 68 -1.58 -0.84 -17.73
N TYR A 69 -0.73 -1.33 -16.86
CA TYR A 69 0.41 -2.20 -17.34
C TYR A 69 -0.01 -3.68 -17.47
N TYR A 70 -0.91 -4.17 -16.63
CA TYR A 70 -1.31 -5.62 -16.73
C TYR A 70 -2.61 -5.81 -17.54
N LYS A 71 -3.49 -4.84 -17.58
CA LYS A 71 -4.76 -5.03 -18.36
C LYS A 71 -4.81 -4.10 -19.59
N ARG A 72 -4.75 -2.80 -19.40
CA ARG A 72 -4.81 -1.87 -20.59
C ARG A 72 -3.60 -2.11 -21.52
N LYS A 73 -2.45 -2.50 -20.97
CA LYS A 73 -1.24 -2.73 -21.83
C LYS A 73 -0.89 -1.45 -22.60
N ALA A 74 -0.91 -0.31 -21.94
CA ALA A 74 -0.56 0.97 -22.62
C ALA A 74 0.75 1.53 -22.04
N ILE A 75 1.69 0.68 -21.69
CA ILE A 75 2.98 1.17 -21.12
C ILE A 75 4.09 0.12 -21.32
N SER A 76 5.35 0.51 -21.20
CA SER A 76 6.44 -0.49 -21.38
C SER A 76 7.12 -0.79 -20.04
N LYS A 77 7.64 -1.99 -19.84
CA LYS A 77 8.32 -2.34 -18.54
C LYS A 77 9.30 -1.23 -18.10
N ASP A 78 9.93 -0.53 -19.03
CA ASP A 78 10.88 0.56 -18.60
C ASP A 78 10.10 1.65 -17.85
N LEU A 79 9.03 2.16 -18.41
CA LEU A 79 8.24 3.21 -17.68
C LEU A 79 7.63 2.57 -16.42
N TYR A 80 7.10 1.36 -16.53
CA TYR A 80 6.51 0.69 -15.31
C TYR A 80 7.62 0.50 -14.26
N ASP A 81 8.80 0.09 -14.68
CA ASP A 81 9.92 -0.07 -13.68
C ASP A 81 10.35 1.32 -13.19
N TRP A 82 10.48 2.27 -14.09
CA TRP A 82 10.87 3.66 -13.66
C TRP A 82 9.87 4.18 -12.61
N LEU A 83 8.59 3.83 -12.74
CA LEU A 83 7.60 4.31 -11.73
C LEU A 83 7.90 3.64 -10.38
N ILE A 84 7.89 2.31 -10.32
CA ILE A 84 8.19 1.64 -9.00
C ILE A 84 9.58 2.09 -8.48
N LYS A 85 10.50 2.48 -9.37
CA LYS A 85 11.85 2.93 -8.87
C LYS A 85 11.82 4.42 -8.45
N GLU A 86 10.86 5.21 -8.90
CA GLU A 86 10.83 6.65 -8.49
C GLU A 86 9.69 6.94 -7.49
N LYS A 87 9.21 5.94 -6.76
CA LYS A 87 8.10 6.13 -5.75
C LYS A 87 6.74 6.32 -6.43
N TYR A 88 6.14 5.23 -6.88
CA TYR A 88 4.83 5.34 -7.56
C TYR A 88 3.90 4.22 -7.05
N ALA A 89 4.25 2.98 -7.30
CA ALA A 89 3.39 1.84 -6.84
C ALA A 89 4.25 0.83 -6.07
N ASP A 90 3.70 -0.31 -5.70
CA ASP A 90 4.51 -1.31 -4.94
C ASP A 90 4.45 -2.68 -5.64
N LYS A 91 5.49 -3.06 -6.37
CA LYS A 91 5.47 -4.40 -7.05
C LYS A 91 5.29 -5.52 -6.01
N LEU A 92 5.92 -5.40 -4.85
CA LEU A 92 5.77 -6.48 -3.81
C LEU A 92 4.29 -6.62 -3.41
N LEU A 93 3.58 -5.52 -3.24
CA LEU A 93 2.13 -5.63 -2.87
C LEU A 93 1.35 -6.26 -4.04
N ILE A 94 1.53 -5.75 -5.24
CA ILE A 94 0.81 -6.36 -6.42
C ILE A 94 1.17 -7.86 -6.50
N ALA A 95 2.40 -8.23 -6.18
CA ALA A 95 2.77 -9.70 -6.22
C ALA A 95 1.93 -10.45 -5.18
N LYS A 96 1.70 -9.86 -4.00
CA LYS A 96 0.87 -10.56 -2.97
C LYS A 96 -0.53 -10.84 -3.55
N TRP A 97 -1.14 -9.85 -4.18
CA TRP A 97 -2.51 -10.08 -4.77
C TRP A 97 -2.45 -11.20 -5.82
N ARG A 98 -1.39 -11.28 -6.59
CA ARG A 98 -1.29 -12.37 -7.63
C ARG A 98 -0.96 -13.72 -6.97
N LYS A 99 -0.22 -13.72 -5.87
CA LYS A 99 0.12 -15.03 -5.19
C LYS A 99 -1.16 -15.82 -4.88
N THR A 100 -1.04 -16.96 -4.23
CA THR A 100 -2.27 -17.75 -3.88
C THR A 100 -2.61 -17.57 -2.40
N GLY A 101 -3.87 -17.31 -2.09
CA GLY A 101 -4.26 -17.11 -0.65
C GLY A 101 -4.31 -15.61 -0.29
N TYR A 102 -4.20 -14.70 -1.25
CA TYR A 102 -4.25 -13.25 -0.91
C TYR A 102 -5.48 -12.60 -1.56
N GLU A 103 -6.68 -12.93 -1.11
CA GLU A 103 -7.91 -12.32 -1.71
C GLU A 103 -8.40 -11.13 -0.88
N LYS A 104 -8.27 -11.18 0.44
CA LYS A 104 -8.75 -10.04 1.27
C LYS A 104 -7.59 -9.45 2.10
N LEU A 105 -6.66 -8.75 1.48
CA LEU A 105 -5.53 -8.15 2.25
C LEU A 105 -5.47 -6.63 2.01
N CYS A 106 -4.80 -5.88 2.87
CA CYS A 106 -4.75 -4.39 2.68
C CYS A 106 -3.31 -3.84 2.52
N CYS A 107 -2.29 -4.40 3.13
CA CYS A 107 -0.91 -3.83 2.93
C CYS A 107 0.12 -4.97 2.83
N LEU A 108 1.40 -4.66 2.89
CA LEU A 108 2.44 -5.75 2.83
C LEU A 108 2.87 -6.15 4.25
N ARG A 109 3.00 -5.20 5.16
CA ARG A 109 3.38 -5.56 6.58
C ARG A 109 2.12 -5.54 7.49
N CYS A 110 0.96 -5.77 6.92
CA CYS A 110 -0.31 -5.78 7.74
C CYS A 110 -1.05 -7.13 7.53
N ILE A 111 -0.38 -8.15 6.98
CA ILE A 111 -1.06 -9.48 6.75
C ILE A 111 -0.02 -10.62 6.61
N GLN A 112 1.07 -10.58 7.35
CA GLN A 112 2.09 -11.68 7.21
C GLN A 112 2.60 -12.15 8.57
N LYS A 113 3.04 -13.40 8.67
CA LYS A 113 3.57 -13.91 9.98
C LYS A 113 4.91 -14.62 9.76
N ASN A 114 5.47 -15.21 10.79
CA ASN A 114 6.78 -15.92 10.63
C ASN A 114 6.66 -17.38 11.11
N GLU A 115 7.69 -18.17 10.95
CA GLU A 115 7.63 -19.59 11.41
C GLU A 115 8.64 -19.84 12.53
N THR A 116 8.40 -20.82 13.39
CA THR A 116 9.33 -21.13 14.53
C THR A 116 9.38 -19.94 15.53
N ASN A 117 9.93 -18.80 15.15
CA ASN A 117 9.99 -17.65 16.11
C ASN A 117 9.92 -16.32 15.35
N ASN A 118 10.11 -15.19 16.02
CA ASN A 118 10.06 -13.86 15.33
C ASN A 118 8.76 -13.72 14.53
N GLY A 119 7.61 -13.96 15.15
CA GLY A 119 6.32 -13.83 14.42
C GLY A 119 5.88 -12.37 14.42
N SER A 120 5.45 -11.84 13.29
CA SER A 120 5.00 -10.41 13.24
C SER A 120 3.86 -10.22 12.23
N THR A 121 2.62 -10.26 12.68
CA THR A 121 1.48 -10.09 11.73
C THR A 121 0.47 -9.09 12.31
N CYS A 122 -0.49 -8.65 11.53
CA CYS A 122 -1.50 -7.68 12.04
C CYS A 122 -2.81 -8.42 12.39
N ILE A 123 -3.61 -7.88 13.28
CA ILE A 123 -4.89 -8.57 13.65
C ILE A 123 -5.91 -8.49 12.49
N CYS A 124 -5.98 -7.39 11.78
CA CYS A 124 -6.99 -7.29 10.66
C CYS A 124 -6.88 -8.48 9.70
N ARG A 125 -5.68 -9.01 9.48
CA ARG A 125 -5.56 -10.21 8.56
C ARG A 125 -6.44 -11.36 9.08
N VAL A 126 -6.59 -11.49 10.39
CA VAL A 126 -7.45 -12.60 10.93
C VAL A 126 -8.93 -12.19 10.87
N PRO A 127 -9.76 -13.01 10.23
CA PRO A 127 -11.20 -12.70 10.12
C PRO A 127 -11.87 -12.71 11.51
N ARG A 128 -13.12 -12.31 11.61
CA ARG A 128 -13.81 -12.31 12.95
C ARG A 128 -14.20 -13.74 13.35
N ALA A 129 -14.63 -14.57 12.40
CA ALA A 129 -15.02 -15.98 12.77
C ALA A 129 -13.83 -16.69 13.44
N GLN A 130 -12.62 -16.49 12.95
CA GLN A 130 -11.45 -17.17 13.61
C GLN A 130 -11.20 -16.55 14.99
N LEU A 131 -11.32 -15.24 15.12
CA LEU A 131 -11.11 -14.60 16.46
C LEU A 131 -12.23 -15.04 17.43
N GLU A 132 -13.46 -15.14 16.94
CA GLU A 132 -14.57 -15.56 17.86
C GLU A 132 -14.35 -17.02 18.29
N GLU A 133 -13.91 -17.88 17.40
CA GLU A 133 -13.67 -19.31 17.80
C GLU A 133 -12.57 -19.37 18.87
N GLU A 134 -11.54 -18.57 18.76
CA GLU A 134 -10.44 -18.60 19.79
C GLU A 134 -11.01 -18.24 21.17
N ALA A 135 -11.88 -17.25 21.25
CA ALA A 135 -12.45 -16.88 22.59
C ALA A 135 -13.21 -18.07 23.20
N ARG A 136 -13.95 -18.81 22.39
CA ARG A 136 -14.69 -20.00 22.96
C ARG A 136 -13.71 -21.00 23.57
N LYS A 137 -12.57 -21.22 22.94
CA LYS A 137 -11.57 -22.19 23.51
C LYS A 137 -11.09 -21.73 24.90
N LYS A 138 -10.95 -20.44 25.13
CA LYS A 138 -10.48 -19.97 26.47
C LYS A 138 -11.64 -19.41 27.33
N GLY A 139 -12.89 -19.74 27.03
CA GLY A 139 -14.03 -19.23 27.85
C GLY A 139 -13.97 -17.70 27.97
N THR A 140 -13.64 -16.99 26.90
CA THR A 140 -13.58 -15.51 26.98
C THR A 140 -14.36 -14.89 25.80
N GLN A 141 -14.14 -13.62 25.51
CA GLN A 141 -14.87 -12.98 24.37
C GLN A 141 -13.96 -12.01 23.61
N VAL A 142 -14.06 -11.97 22.30
CA VAL A 142 -13.20 -11.04 21.51
C VAL A 142 -14.05 -10.26 20.50
N SER A 143 -13.57 -9.15 19.98
CA SER A 143 -14.38 -8.37 19.00
C SER A 143 -13.53 -7.29 18.30
N PHE A 144 -12.80 -7.65 17.25
CA PHE A 144 -11.97 -6.64 16.53
C PHE A 144 -12.76 -6.06 15.34
N HIS A 145 -12.34 -4.93 14.82
CA HIS A 145 -13.04 -4.32 13.66
C HIS A 145 -12.00 -3.75 12.68
N GLN A 146 -11.18 -2.82 13.12
CA GLN A 146 -10.13 -2.26 12.22
C GLN A 146 -8.79 -2.18 12.98
N CYS A 147 -7.67 -2.26 12.28
CA CYS A 147 -6.35 -2.20 12.99
C CYS A 147 -5.77 -0.77 12.96
N VAL A 148 -4.90 -0.43 13.90
CA VAL A 148 -4.32 0.96 13.91
C VAL A 148 -3.21 1.14 12.85
N HIS A 149 -2.58 0.06 12.38
CA HIS A 149 -1.50 0.23 11.33
C HIS A 149 -2.02 1.11 10.17
N CYS A 150 -3.10 0.70 9.53
CA CYS A 150 -3.66 1.51 8.41
C CYS A 150 -5.17 1.75 8.63
N GLY A 151 -5.89 2.14 7.60
CA GLY A 151 -7.36 2.35 7.75
C GLY A 151 -8.08 1.12 7.17
N CYS A 152 -7.90 -0.04 7.78
CA CYS A 152 -8.55 -1.28 7.26
C CYS A 152 -9.77 -1.66 8.13
N ARG A 153 -10.79 -2.24 7.55
CA ARG A 153 -11.98 -2.65 8.36
C ARG A 153 -11.95 -4.17 8.60
N GLY A 154 -10.79 -4.70 8.92
CA GLY A 154 -10.69 -6.18 9.16
C GLY A 154 -10.70 -6.91 7.81
N CYS A 155 -9.54 -7.27 7.28
CA CYS A 155 -9.49 -7.99 5.98
C CYS A 155 -9.01 -9.44 6.19
N ALA A 156 -9.74 -10.40 5.67
CA ALA A 156 -9.32 -11.84 5.85
C ALA A 156 -9.89 -12.71 4.71
N SER A 157 -9.17 -13.72 4.28
CA SER A 157 -9.69 -14.59 3.19
C SER A 157 -9.83 -16.04 3.67
N THR A 158 -8.76 -16.64 4.15
CA THR A 158 -8.85 -18.06 4.63
C THR A 158 -7.80 -18.33 5.73
N ASP A 159 -7.58 -17.37 6.61
CA ASP A 159 -6.57 -17.59 7.70
C ASP A 159 -7.15 -17.16 9.05
ZN ZN B . -3.27 -2.70 6.41
ZN ZN C . -6.21 -5.33 6.76
ZN ZN D . -3.83 -4.44 9.68
N GLY A 1 43.11 6.61 -34.01
CA GLY A 1 42.08 5.59 -34.39
C GLY A 1 40.68 6.17 -34.18
N GLY A 2 39.66 5.47 -34.61
CA GLY A 2 38.27 6.01 -34.44
C GLY A 2 37.47 5.06 -33.53
N SER A 3 37.71 5.07 -32.24
CA SER A 3 36.97 4.17 -31.32
C SER A 3 36.55 4.93 -30.05
N PRO A 4 35.33 5.45 -30.06
CA PRO A 4 34.84 6.21 -28.89
C PRO A 4 34.53 5.25 -27.71
N ARG A 5 35.14 5.46 -26.57
CA ARG A 5 34.88 4.56 -25.40
C ARG A 5 34.74 5.39 -24.11
N ILE A 6 33.71 6.23 -24.03
CA ILE A 6 33.52 7.05 -22.80
C ILE A 6 32.06 6.98 -22.33
N LYS A 7 31.80 7.09 -21.04
CA LYS A 7 30.40 7.03 -20.54
C LYS A 7 30.17 8.11 -19.47
N THR A 8 28.95 8.58 -19.32
CA THR A 8 28.69 9.63 -18.29
C THR A 8 27.50 9.21 -17.41
N ARG A 9 27.60 9.37 -16.10
CA ARG A 9 26.47 8.98 -15.21
C ARG A 9 25.99 10.19 -14.40
N ARG A 10 24.75 10.60 -14.57
CA ARG A 10 24.24 11.77 -13.80
C ARG A 10 22.82 11.50 -13.27
N SER A 11 21.87 11.24 -14.15
CA SER A 11 20.48 10.97 -13.68
C SER A 11 19.63 10.33 -14.79
N LYS A 12 18.47 9.80 -14.47
CA LYS A 12 17.62 9.17 -15.52
C LYS A 12 16.19 9.74 -15.45
N PRO A 13 15.89 10.69 -16.30
CA PRO A 13 14.54 11.30 -16.30
C PRO A 13 13.49 10.31 -16.86
N ALA A 14 12.23 10.51 -16.52
CA ALA A 14 11.17 9.57 -17.04
C ALA A 14 11.06 9.71 -18.57
N PRO A 15 10.76 8.62 -19.25
CA PRO A 15 10.64 8.66 -20.73
C PRO A 15 9.38 9.42 -21.15
N ASP A 16 9.31 9.84 -22.40
CA ASP A 16 8.10 10.61 -22.88
C ASP A 16 6.79 9.89 -22.49
N GLY A 17 6.79 8.57 -22.42
CA GLY A 17 5.55 7.82 -22.04
C GLY A 17 4.97 8.37 -20.73
N PHE A 18 5.80 8.82 -19.80
CA PHE A 18 5.26 9.37 -18.50
C PHE A 18 4.25 10.50 -18.77
N GLU A 19 4.43 11.28 -19.83
CA GLU A 19 3.45 12.39 -20.12
C GLU A 19 2.01 11.85 -20.16
N LYS A 20 1.82 10.65 -20.70
CA LYS A 20 0.43 10.08 -20.75
C LYS A 20 -0.14 9.95 -19.32
N ILE A 21 0.69 9.60 -18.36
CA ILE A 21 0.17 9.46 -16.96
C ILE A 21 0.91 10.43 -16.00
N LYS A 22 1.26 11.62 -16.46
CA LYS A 22 2.01 12.57 -15.58
C LYS A 22 1.09 13.43 -14.68
N PRO A 23 0.00 13.95 -15.20
CA PRO A 23 -0.89 14.80 -14.39
C PRO A 23 -1.73 14.00 -13.38
N THR A 24 -2.18 12.80 -13.75
CA THR A 24 -3.00 12.00 -12.78
C THR A 24 -2.18 11.68 -11.52
N LEU A 25 -0.96 11.24 -11.68
CA LEU A 25 -0.11 10.94 -10.47
C LEU A 25 0.07 12.21 -9.62
N THR A 26 0.21 13.36 -10.26
CA THR A 26 0.39 14.63 -9.46
C THR A 26 -0.79 14.82 -8.49
N ASP A 27 -2.00 14.47 -8.91
CA ASP A 27 -3.19 14.64 -7.99
C ASP A 27 -2.95 13.88 -6.68
N PHE A 28 -2.36 12.70 -6.73
CA PHE A 28 -2.11 11.93 -5.46
C PHE A 28 -1.24 12.76 -4.50
N GLU A 29 -0.25 13.47 -5.00
CA GLU A 29 0.62 14.29 -4.09
C GLU A 29 -0.21 15.34 -3.32
N ILE A 30 -1.35 15.74 -3.82
CA ILE A 30 -2.16 16.76 -3.06
C ILE A 30 -2.91 16.08 -1.90
N GLN A 31 -3.38 14.87 -2.08
CA GLN A 31 -4.08 14.18 -0.94
C GLN A 31 -3.04 13.59 0.02
N LEU A 32 -1.93 13.07 -0.50
CA LEU A 32 -0.89 12.51 0.42
C LEU A 32 -0.13 13.64 1.13
N ARG A 33 0.04 14.80 0.50
CA ARG A 33 0.76 15.91 1.20
C ARG A 33 -0.12 16.48 2.33
N ASP A 34 -1.43 16.56 2.13
CA ASP A 34 -2.31 17.10 3.22
C ASP A 34 -2.24 16.15 4.43
N ALA A 35 -2.24 14.85 4.20
CA ALA A 35 -2.16 13.90 5.36
C ALA A 35 -0.76 14.00 5.99
N GLN A 36 0.28 14.06 5.18
CA GLN A 36 1.67 14.18 5.74
C GLN A 36 1.78 15.48 6.57
N LYS A 37 1.17 16.56 6.11
CA LYS A 37 1.25 17.84 6.89
C LYS A 37 0.72 17.64 8.32
N ASP A 38 -0.29 16.81 8.50
CA ASP A 38 -0.85 16.58 9.89
C ASP A 38 0.27 16.13 10.85
N LYS A 39 1.20 15.33 10.38
CA LYS A 39 2.32 14.87 11.29
C LYS A 39 3.04 16.08 11.91
N SER A 40 3.25 17.14 11.15
CA SER A 40 3.94 18.33 11.71
C SER A 40 2.98 19.54 11.73
N SER A 41 1.73 19.32 12.07
CA SER A 41 0.76 20.47 12.11
C SER A 41 -0.56 20.04 12.81
N LYS A 42 -0.80 20.51 14.02
CA LYS A 42 -2.05 20.11 14.75
C LYS A 42 -2.20 18.58 14.79
N LEU A 43 -1.74 17.94 15.85
CA LEU A 43 -1.86 16.46 15.93
C LEU A 43 -2.46 16.03 17.29
N ALA A 44 -3.71 16.37 17.53
CA ALA A 44 -4.35 15.98 18.83
C ALA A 44 -5.45 14.95 18.58
N ALA A 45 -6.41 15.26 17.72
CA ALA A 45 -7.52 14.28 17.44
C ALA A 45 -7.58 13.96 15.95
N LYS A 46 -8.18 12.85 15.57
CA LYS A 46 -8.27 12.48 14.12
C LYS A 46 -6.88 12.51 13.46
N SER A 47 -5.94 11.71 13.94
CA SER A 47 -4.58 11.70 13.33
C SER A 47 -4.30 10.35 12.66
N ASN A 48 -4.44 9.26 13.37
CA ASN A 48 -4.18 7.91 12.74
C ASN A 48 -5.06 7.73 11.50
N GLU A 49 -6.30 8.21 11.52
CA GLU A 49 -7.18 8.07 10.32
C GLU A 49 -6.55 8.78 9.11
N GLN A 50 -5.95 9.94 9.31
CA GLN A 50 -5.32 10.65 8.14
C GLN A 50 -4.19 9.79 7.54
N LEU A 51 -3.39 9.14 8.37
CA LEU A 51 -2.30 8.28 7.82
C LEU A 51 -2.88 7.15 6.95
N TRP A 52 -4.01 6.58 7.34
CA TRP A 52 -4.60 5.48 6.52
C TRP A 52 -4.88 5.97 5.09
N GLU A 53 -5.33 7.20 4.94
CA GLU A 53 -5.59 7.72 3.54
C GLU A 53 -4.27 7.73 2.74
N ILE A 54 -3.14 7.92 3.38
CA ILE A 54 -1.84 7.92 2.62
C ILE A 54 -1.51 6.48 2.20
N MET A 55 -1.38 5.55 3.12
CA MET A 55 -1.10 4.13 2.70
C MET A 55 -2.25 3.60 1.83
N GLN A 56 -3.48 4.07 2.02
CA GLN A 56 -4.59 3.58 1.14
C GLN A 56 -4.40 4.15 -0.28
N LEU A 57 -3.94 5.39 -0.41
CA LEU A 57 -3.72 5.97 -1.78
C LEU A 57 -2.81 5.05 -2.61
N HIS A 58 -1.87 4.37 -1.99
CA HIS A 58 -0.95 3.47 -2.77
C HIS A 58 -1.78 2.45 -3.57
N HIS A 59 -2.87 1.95 -3.01
CA HIS A 59 -3.71 0.95 -3.79
C HIS A 59 -4.23 1.62 -5.06
N GLN A 60 -4.82 2.80 -4.95
CA GLN A 60 -5.31 3.50 -6.19
C GLN A 60 -4.13 3.75 -7.14
N ARG A 61 -2.97 4.10 -6.60
CA ARG A 61 -1.77 4.34 -7.50
C ARG A 61 -1.40 3.02 -8.18
N SER A 62 -1.23 1.95 -7.42
CA SER A 62 -0.86 0.63 -8.06
C SER A 62 -1.97 0.21 -9.04
N ARG A 63 -3.22 0.45 -8.71
CA ARG A 63 -4.32 0.07 -9.67
C ARG A 63 -4.19 0.90 -10.96
N TYR A 64 -3.86 2.17 -10.85
CA TYR A 64 -3.72 3.00 -12.10
C TYR A 64 -2.59 2.42 -12.98
N ILE A 65 -1.44 2.15 -12.40
CA ILE A 65 -0.32 1.57 -13.23
C ILE A 65 -0.64 0.10 -13.54
N TYR A 66 -1.15 -0.63 -12.57
CA TYR A 66 -1.50 -2.07 -12.84
C TYR A 66 -2.58 -2.15 -13.91
N THR A 67 -3.56 -1.27 -13.87
CA THR A 67 -4.65 -1.32 -14.90
C THR A 67 -4.07 -0.99 -16.29
N LEU A 68 -3.20 -0.02 -16.40
CA LEU A 68 -2.66 0.34 -17.76
C LEU A 68 -1.49 -0.57 -18.19
N TYR A 69 -0.66 -1.04 -17.28
CA TYR A 69 0.51 -1.91 -17.71
C TYR A 69 0.10 -3.39 -17.81
N TYR A 70 -0.81 -3.88 -17.00
CA TYR A 70 -1.18 -5.33 -17.08
C TYR A 70 -2.46 -5.58 -17.93
N LYS A 71 -3.29 -4.57 -18.15
CA LYS A 71 -4.53 -4.81 -18.98
C LYS A 71 -4.52 -3.96 -20.25
N ARG A 72 -4.45 -2.65 -20.13
CA ARG A 72 -4.44 -1.79 -21.37
C ARG A 72 -3.15 -1.98 -22.17
N LYS A 73 -2.04 -2.32 -21.52
CA LYS A 73 -0.75 -2.51 -22.27
C LYS A 73 -0.41 -1.24 -23.06
N ALA A 74 -0.57 -0.08 -22.46
CA ALA A 74 -0.24 1.19 -23.16
C ALA A 74 1.00 1.84 -22.52
N ILE A 75 1.94 1.04 -22.04
CA ILE A 75 3.18 1.62 -21.42
C ILE A 75 4.35 0.63 -21.58
N SER A 76 5.57 1.08 -21.40
CA SER A 76 6.73 0.16 -21.56
C SER A 76 7.36 -0.15 -20.19
N LYS A 77 7.85 -1.36 -19.99
CA LYS A 77 8.48 -1.73 -18.66
C LYS A 77 9.45 -0.64 -18.18
N ASP A 78 10.12 0.06 -19.07
CA ASP A 78 11.07 1.14 -18.61
C ASP A 78 10.28 2.21 -17.85
N LEU A 79 9.20 2.70 -18.40
CA LEU A 79 8.39 3.73 -17.65
C LEU A 79 7.75 3.05 -16.44
N TYR A 80 7.19 1.88 -16.62
CA TYR A 80 6.55 1.16 -15.45
C TYR A 80 7.63 0.91 -14.37
N ASP A 81 8.85 0.60 -14.75
CA ASP A 81 9.92 0.38 -13.71
C ASP A 81 10.29 1.72 -13.09
N TRP A 82 10.41 2.77 -13.88
CA TRP A 82 10.75 4.13 -13.31
C TRP A 82 9.71 4.51 -12.24
N LEU A 83 8.44 4.22 -12.48
CA LEU A 83 7.40 4.57 -11.45
C LEU A 83 7.64 3.73 -10.19
N ILE A 84 7.77 2.42 -10.33
CA ILE A 84 8.02 1.56 -9.11
C ILE A 84 9.28 2.04 -8.36
N LYS A 85 10.29 2.53 -9.06
CA LYS A 85 11.52 3.00 -8.35
C LYS A 85 11.44 4.50 -7.97
N GLU A 86 10.42 5.23 -8.36
CA GLU A 86 10.34 6.69 -7.98
C GLU A 86 9.15 6.98 -7.05
N LYS A 87 8.65 6.00 -6.31
CA LYS A 87 7.50 6.19 -5.37
C LYS A 87 6.17 6.30 -6.11
N TYR A 88 5.69 5.20 -6.66
CA TYR A 88 4.39 5.22 -7.39
C TYR A 88 3.52 4.06 -6.91
N ALA A 89 3.97 2.84 -7.12
CA ALA A 89 3.18 1.65 -6.66
C ALA A 89 4.13 0.64 -6.01
N ASP A 90 3.60 -0.45 -5.47
CA ASP A 90 4.50 -1.46 -4.83
C ASP A 90 4.46 -2.79 -5.60
N LYS A 91 5.52 -3.13 -6.31
CA LYS A 91 5.52 -4.43 -7.08
C LYS A 91 5.27 -5.61 -6.11
N LEU A 92 5.88 -5.58 -4.93
CA LEU A 92 5.66 -6.71 -3.96
C LEU A 92 4.17 -6.81 -3.61
N LEU A 93 3.47 -5.70 -3.47
CA LEU A 93 2.01 -5.79 -3.14
C LEU A 93 1.26 -6.37 -4.35
N ILE A 94 1.48 -5.83 -5.54
CA ILE A 94 0.78 -6.40 -6.75
C ILE A 94 1.15 -7.89 -6.87
N ALA A 95 2.38 -8.27 -6.55
CA ALA A 95 2.76 -9.72 -6.63
C ALA A 95 1.97 -10.51 -5.59
N LYS A 96 1.78 -9.97 -4.39
CA LYS A 96 0.99 -10.72 -3.35
C LYS A 96 -0.41 -11.02 -3.88
N TRP A 97 -1.07 -10.05 -4.49
CA TRP A 97 -2.44 -10.32 -5.04
C TRP A 97 -2.39 -11.47 -6.08
N ARG A 98 -1.25 -11.70 -6.72
CA ARG A 98 -1.18 -12.82 -7.72
C ARG A 98 -0.34 -14.00 -7.18
N LYS A 99 -0.21 -14.16 -5.87
CA LYS A 99 0.58 -15.33 -5.34
C LYS A 99 -0.35 -16.53 -5.09
N THR A 100 -1.02 -16.60 -3.95
CA THR A 100 -1.93 -17.76 -3.68
C THR A 100 -2.64 -17.59 -2.31
N GLY A 101 -3.95 -17.71 -2.28
CA GLY A 101 -4.69 -17.55 -0.99
C GLY A 101 -4.74 -16.07 -0.55
N TYR A 102 -4.38 -15.11 -1.39
CA TYR A 102 -4.44 -13.68 -0.96
C TYR A 102 -5.71 -13.01 -1.50
N GLU A 103 -6.86 -13.65 -1.38
CA GLU A 103 -8.13 -13.02 -1.91
C GLU A 103 -8.41 -11.72 -1.14
N LYS A 104 -8.19 -11.71 0.16
CA LYS A 104 -8.42 -10.46 0.95
C LYS A 104 -7.09 -9.91 1.46
N LEU A 105 -6.55 -8.89 0.80
CA LEU A 105 -5.25 -8.32 1.24
C LEU A 105 -5.30 -6.77 1.19
N CYS A 106 -4.86 -6.10 2.23
CA CYS A 106 -4.90 -4.61 2.22
C CYS A 106 -3.48 -3.99 2.11
N CYS A 107 -2.47 -4.55 2.75
CA CYS A 107 -1.09 -3.95 2.62
C CYS A 107 -0.03 -5.08 2.52
N LEU A 108 1.24 -4.75 2.64
CA LEU A 108 2.30 -5.83 2.56
C LEU A 108 2.72 -6.28 3.97
N ARG A 109 2.81 -5.37 4.92
CA ARG A 109 3.19 -5.78 6.32
C ARG A 109 1.92 -5.81 7.21
N CYS A 110 0.78 -6.12 6.63
CA CYS A 110 -0.51 -6.16 7.41
C CYS A 110 -1.19 -7.54 7.20
N ILE A 111 -0.47 -8.55 6.68
CA ILE A 111 -1.09 -9.89 6.42
C ILE A 111 0.01 -10.99 6.34
N GLN A 112 1.05 -10.92 7.14
CA GLN A 112 2.12 -11.96 7.06
C GLN A 112 2.33 -12.67 8.41
N LYS A 113 2.48 -13.98 8.40
CA LYS A 113 2.70 -14.72 9.68
C LYS A 113 3.92 -15.65 9.56
N ASN A 114 4.55 -15.99 10.67
CA ASN A 114 5.75 -16.89 10.60
C ASN A 114 5.99 -17.55 11.97
N GLU A 115 6.17 -16.78 13.02
CA GLU A 115 6.41 -17.38 14.37
C GLU A 115 5.48 -16.75 15.41
N THR A 116 5.75 -16.93 16.69
CA THR A 116 4.87 -16.33 17.74
C THR A 116 5.73 -15.68 18.84
N ASN A 117 6.64 -14.79 18.47
CA ASN A 117 7.49 -14.12 19.50
C ASN A 117 7.21 -12.62 19.55
N ASN A 118 7.31 -11.92 18.44
CA ASN A 118 7.04 -10.45 18.44
C ASN A 118 5.97 -10.10 17.38
N GLY A 119 5.76 -8.83 17.10
CA GLY A 119 4.74 -8.43 16.09
C GLY A 119 5.08 -9.07 14.73
N SER A 120 4.32 -10.05 14.30
CA SER A 120 4.61 -10.70 12.98
C SER A 120 3.47 -10.44 11.99
N THR A 121 2.25 -10.79 12.34
CA THR A 121 1.10 -10.57 11.41
C THR A 121 0.16 -9.49 11.97
N CYS A 122 -0.83 -9.09 11.21
CA CYS A 122 -1.78 -8.05 11.71
C CYS A 122 -3.11 -8.71 12.10
N ILE A 123 -3.87 -8.10 12.99
CA ILE A 123 -5.17 -8.75 13.41
C ILE A 123 -6.20 -8.68 12.27
N CYS A 124 -6.23 -7.62 11.48
CA CYS A 124 -7.25 -7.54 10.37
C CYS A 124 -7.16 -8.78 9.46
N ARG A 125 -5.98 -9.34 9.27
CA ARG A 125 -5.89 -10.59 8.41
C ARG A 125 -6.72 -11.71 9.04
N VAL A 126 -6.78 -11.78 10.36
CA VAL A 126 -7.59 -12.87 11.02
C VAL A 126 -9.09 -12.47 11.01
N PRO A 127 -9.93 -13.33 10.48
CA PRO A 127 -11.39 -13.04 10.44
C PRO A 127 -11.98 -12.97 11.87
N ARG A 128 -13.22 -12.56 12.00
CA ARG A 128 -13.83 -12.48 13.38
C ARG A 128 -14.18 -13.89 13.90
N ALA A 129 -14.64 -14.78 13.04
CA ALA A 129 -15.00 -16.17 13.53
C ALA A 129 -13.77 -16.81 14.18
N GLN A 130 -12.59 -16.65 13.60
CA GLN A 130 -11.37 -17.27 14.23
C GLN A 130 -11.05 -16.53 15.54
N LEU A 131 -11.16 -15.22 15.56
CA LEU A 131 -10.88 -14.47 16.83
C LEU A 131 -11.93 -14.84 17.90
N GLU A 132 -13.18 -14.98 17.50
CA GLU A 132 -14.24 -15.35 18.52
C GLU A 132 -13.91 -16.71 19.14
N GLU A 133 -13.42 -17.66 18.36
CA GLU A 133 -13.09 -19.00 18.96
C GLU A 133 -12.01 -18.85 20.06
N GLU A 134 -11.06 -17.97 19.88
CA GLU A 134 -10.00 -17.79 20.93
C GLU A 134 -10.64 -17.32 22.25
N ALA A 135 -11.55 -16.37 22.19
CA ALA A 135 -12.21 -15.89 23.47
C ALA A 135 -12.93 -17.06 24.15
N ARG A 136 -13.62 -17.89 23.40
CA ARG A 136 -14.35 -19.06 24.04
C ARG A 136 -13.35 -19.95 24.80
N LYS A 137 -12.14 -20.11 24.30
CA LYS A 137 -11.14 -20.98 25.02
C LYS A 137 -10.65 -20.29 26.32
N LYS A 138 -10.55 -18.98 26.35
CA LYS A 138 -10.08 -18.30 27.61
C LYS A 138 -11.25 -17.78 28.46
N GLY A 139 -12.47 -18.27 28.26
CA GLY A 139 -13.63 -17.78 29.08
C GLY A 139 -13.75 -16.25 28.99
N THR A 140 -13.60 -15.68 27.81
CA THR A 140 -13.71 -14.19 27.68
C THR A 140 -14.41 -13.83 26.36
N GLN A 141 -14.33 -12.59 25.94
CA GLN A 141 -15.00 -12.19 24.67
C GLN A 141 -14.10 -11.27 23.84
N VAL A 142 -14.20 -11.31 22.53
CA VAL A 142 -13.33 -10.43 21.68
C VAL A 142 -14.19 -9.71 20.62
N SER A 143 -13.70 -8.63 20.04
CA SER A 143 -14.51 -7.90 19.01
C SER A 143 -13.63 -6.92 18.22
N PHE A 144 -13.04 -7.36 17.13
CA PHE A 144 -12.18 -6.44 16.31
C PHE A 144 -12.98 -5.89 15.12
N HIS A 145 -12.53 -4.79 14.55
CA HIS A 145 -13.25 -4.20 13.37
C HIS A 145 -12.20 -3.75 12.33
N GLN A 146 -11.34 -2.83 12.69
CA GLN A 146 -10.28 -2.37 11.76
C GLN A 146 -8.94 -2.32 12.50
N CYS A 147 -7.84 -2.49 11.82
CA CYS A 147 -6.51 -2.47 12.54
C CYS A 147 -5.90 -1.06 12.52
N VAL A 148 -5.09 -0.72 13.51
CA VAL A 148 -4.47 0.65 13.55
C VAL A 148 -3.40 0.81 12.45
N HIS A 149 -2.77 -0.26 12.00
CA HIS A 149 -1.71 -0.11 10.92
C HIS A 149 -2.26 0.73 9.75
N CYS A 150 -3.37 0.32 9.17
CA CYS A 150 -3.96 1.09 8.04
C CYS A 150 -5.46 1.34 8.27
N GLY A 151 -6.18 1.75 7.25
CA GLY A 151 -7.65 1.98 7.41
C GLY A 151 -8.39 0.76 6.84
N CYS A 152 -8.08 -0.43 7.33
CA CYS A 152 -8.75 -1.66 6.80
C CYS A 152 -9.89 -2.09 7.75
N ARG A 153 -10.99 -2.58 7.21
CA ARG A 153 -12.12 -3.02 8.10
C ARG A 153 -12.02 -4.53 8.34
N GLY A 154 -10.87 -5.01 8.79
CA GLY A 154 -10.72 -6.47 9.03
C GLY A 154 -10.83 -7.23 7.71
N CYS A 155 -9.71 -7.57 7.09
CA CYS A 155 -9.76 -8.33 5.81
C CYS A 155 -9.34 -9.79 6.04
N ALA A 156 -10.17 -10.74 5.66
CA ALA A 156 -9.83 -12.18 5.87
C ALA A 156 -10.13 -12.98 4.61
N SER A 157 -9.24 -13.85 4.20
CA SER A 157 -9.50 -14.68 2.97
C SER A 157 -9.87 -16.11 3.37
N THR A 158 -10.67 -16.28 4.41
CA THR A 158 -11.06 -17.65 4.84
C THR A 158 -12.38 -17.62 5.62
N ASP A 159 -12.46 -16.85 6.68
CA ASP A 159 -13.73 -16.79 7.47
C ASP A 159 -14.06 -15.33 7.81
ZN ZN B . -3.56 -3.10 6.05
ZN ZN C . -6.41 -5.75 6.33
ZN ZN D . -4.07 -4.82 9.28
N GLY A 1 41.79 16.58 -1.62
CA GLY A 1 41.39 15.15 -1.71
C GLY A 1 40.70 14.72 -0.40
N GLY A 2 41.23 13.72 0.28
CA GLY A 2 40.60 13.27 1.55
C GLY A 2 39.64 12.10 1.27
N SER A 3 38.43 12.15 1.79
CA SER A 3 37.46 11.04 1.55
C SER A 3 36.17 11.59 0.93
N PRO A 4 36.13 11.63 -0.39
CA PRO A 4 34.92 12.15 -1.09
C PRO A 4 33.77 11.13 -0.99
N ARG A 5 32.63 11.52 -0.46
CA ARG A 5 31.49 10.57 -0.34
C ARG A 5 30.27 11.10 -1.12
N ILE A 6 29.93 10.47 -2.23
CA ILE A 6 28.75 10.96 -3.02
C ILE A 6 27.78 9.79 -3.28
N LYS A 7 26.49 10.01 -3.09
CA LYS A 7 25.50 8.91 -3.33
C LYS A 7 24.22 9.47 -3.94
N THR A 8 24.31 10.27 -4.98
CA THR A 8 23.07 10.84 -5.60
C THR A 8 23.08 10.59 -7.12
N ARG A 9 22.19 9.76 -7.60
CA ARG A 9 22.15 9.49 -9.08
C ARG A 9 20.76 9.81 -9.64
N ARG A 10 20.62 10.93 -10.33
CA ARG A 10 19.29 11.29 -10.90
C ARG A 10 19.42 11.60 -12.40
N SER A 11 19.38 10.59 -13.24
CA SER A 11 19.50 10.84 -14.72
C SER A 11 18.59 9.87 -15.49
N LYS A 12 17.36 9.70 -15.07
CA LYS A 12 16.44 8.77 -15.79
C LYS A 12 15.13 9.49 -16.14
N PRO A 13 15.08 10.05 -17.34
CA PRO A 13 13.85 10.77 -17.77
C PRO A 13 12.73 9.77 -18.11
N ALA A 14 11.49 10.22 -18.09
CA ALA A 14 10.36 9.29 -18.43
C ALA A 14 10.01 9.41 -19.92
N PRO A 15 9.60 8.31 -20.51
CA PRO A 15 9.24 8.33 -21.96
C PRO A 15 7.94 9.09 -22.19
N ASP A 16 7.68 9.50 -23.42
CA ASP A 16 6.41 10.27 -23.73
C ASP A 16 5.18 9.56 -23.13
N GLY A 17 5.18 8.25 -23.06
CA GLY A 17 4.00 7.51 -22.49
C GLY A 17 3.64 8.08 -21.11
N PHE A 18 4.61 8.51 -20.32
CA PHE A 18 4.29 9.07 -18.95
C PHE A 18 3.29 10.24 -19.07
N GLU A 19 3.36 11.02 -20.13
CA GLU A 19 2.39 12.17 -20.29
C GLU A 19 0.94 11.66 -20.17
N LYS A 20 0.65 10.50 -20.70
CA LYS A 20 -0.76 9.97 -20.59
C LYS A 20 -1.15 9.81 -19.11
N ILE A 21 -0.23 9.41 -18.26
CA ILE A 21 -0.57 9.25 -16.82
C ILE A 21 0.24 10.23 -15.95
N LYS A 22 0.51 11.43 -16.45
CA LYS A 22 1.33 12.41 -15.65
C LYS A 22 0.48 13.23 -14.63
N PRO A 23 -0.69 13.70 -15.02
CA PRO A 23 -1.51 14.52 -14.10
C PRO A 23 -2.19 13.66 -13.03
N THR A 24 -2.61 12.45 -13.35
CA THR A 24 -3.28 11.61 -12.30
C THR A 24 -2.31 11.33 -11.15
N LEU A 25 -1.08 10.95 -11.44
CA LEU A 25 -0.10 10.69 -10.33
C LEU A 25 0.14 11.98 -9.55
N THR A 26 0.23 13.12 -10.22
CA THR A 26 0.45 14.41 -9.47
C THR A 26 -0.66 14.64 -8.44
N ASP A 27 -1.88 14.25 -8.75
CA ASP A 27 -3.00 14.45 -7.75
C ASP A 27 -2.67 13.74 -6.42
N PHE A 28 -2.03 12.59 -6.47
CA PHE A 28 -1.68 11.87 -5.19
C PHE A 28 -0.83 12.77 -4.28
N GLU A 29 0.10 13.51 -4.83
CA GLU A 29 0.95 14.41 -3.98
C GLU A 29 0.11 15.45 -3.22
N ILE A 30 -1.08 15.78 -3.70
CA ILE A 30 -1.91 16.79 -2.95
C ILE A 30 -2.65 16.10 -1.78
N GLN A 31 -3.05 14.86 -1.92
CA GLN A 31 -3.73 14.17 -0.77
C GLN A 31 -2.68 13.66 0.22
N LEU A 32 -1.54 13.20 -0.26
CA LEU A 32 -0.48 12.71 0.69
C LEU A 32 0.21 13.91 1.37
N ARG A 33 0.33 15.05 0.69
CA ARG A 33 1.00 16.23 1.36
C ARG A 33 0.07 16.78 2.46
N ASP A 34 -1.24 16.77 2.25
CA ASP A 34 -2.15 17.30 3.33
C ASP A 34 -2.06 16.40 4.56
N ALA A 35 -2.01 15.09 4.39
CA ALA A 35 -1.90 14.18 5.58
C ALA A 35 -0.51 14.33 6.21
N GLN A 36 0.53 14.41 5.41
CA GLN A 36 1.91 14.57 5.99
C GLN A 36 2.06 15.95 6.64
N LYS A 37 1.38 16.98 6.13
CA LYS A 37 1.52 18.34 6.75
C LYS A 37 0.44 18.58 7.82
N ASP A 38 -0.74 17.99 7.67
CA ASP A 38 -1.81 18.21 8.73
C ASP A 38 -1.28 17.83 10.12
N LYS A 39 -0.47 16.78 10.21
CA LYS A 39 0.06 16.38 11.56
C LYS A 39 0.98 17.48 12.12
N SER A 40 1.78 18.10 11.28
CA SER A 40 2.69 19.17 11.78
C SER A 40 2.32 20.53 11.17
N SER A 41 1.07 20.93 11.28
CA SER A 41 0.65 22.25 10.71
C SER A 41 -0.63 22.78 11.40
N LYS A 42 -1.69 22.00 11.39
CA LYS A 42 -2.96 22.47 12.06
C LYS A 42 -3.06 21.90 13.49
N LEU A 43 -2.58 20.70 13.73
CA LEU A 43 -2.68 20.10 15.11
C LEU A 43 -4.13 20.09 15.60
N ALA A 44 -4.91 19.10 15.21
CA ALA A 44 -6.33 19.04 15.66
C ALA A 44 -6.70 17.60 16.04
N ALA A 45 -7.98 17.28 16.12
CA ALA A 45 -8.37 15.87 16.48
C ALA A 45 -8.38 14.99 15.22
N LYS A 46 -8.69 13.71 15.36
CA LYS A 46 -8.71 12.80 14.16
C LYS A 46 -7.38 12.89 13.39
N SER A 47 -6.27 12.55 14.02
CA SER A 47 -4.95 12.62 13.31
C SER A 47 -4.53 11.23 12.82
N ASN A 48 -4.68 10.20 13.63
CA ASN A 48 -4.27 8.82 13.19
C ASN A 48 -5.02 8.44 11.90
N GLU A 49 -6.29 8.78 11.79
CA GLU A 49 -7.05 8.41 10.54
C GLU A 49 -6.39 9.05 9.31
N GLN A 50 -5.92 10.28 9.42
CA GLN A 50 -5.26 10.94 8.23
C GLN A 50 -4.05 10.11 7.77
N LEU A 51 -3.27 9.58 8.71
CA LEU A 51 -2.07 8.76 8.29
C LEU A 51 -2.51 7.56 7.43
N TRP A 52 -3.61 6.92 7.78
CA TRP A 52 -4.07 5.74 6.95
C TRP A 52 -4.30 6.18 5.49
N GLU A 53 -4.83 7.37 5.27
CA GLU A 53 -5.05 7.82 3.85
C GLU A 53 -3.72 7.85 3.08
N ILE A 54 -2.61 8.12 3.76
CA ILE A 54 -1.29 8.14 3.03
C ILE A 54 -0.91 6.70 2.64
N MET A 55 -0.78 5.81 3.61
CA MET A 55 -0.42 4.39 3.23
C MET A 55 -1.54 3.78 2.36
N GLN A 56 -2.78 4.20 2.54
CA GLN A 56 -3.88 3.63 1.67
C GLN A 56 -3.70 4.17 0.24
N LEU A 57 -3.27 5.41 0.07
CA LEU A 57 -3.06 5.96 -1.33
C LEU A 57 -2.14 5.02 -2.13
N HIS A 58 -1.20 4.34 -1.48
CA HIS A 58 -0.28 3.42 -2.24
C HIS A 58 -1.12 2.40 -3.04
N HIS A 59 -2.19 1.89 -2.47
CA HIS A 59 -3.03 0.90 -3.24
C HIS A 59 -3.61 1.58 -4.49
N GLN A 60 -4.20 2.75 -4.35
CA GLN A 60 -4.75 3.44 -5.57
C GLN A 60 -3.62 3.69 -6.58
N ARG A 61 -2.42 4.00 -6.12
CA ARG A 61 -1.28 4.21 -7.09
C ARG A 61 -0.93 2.87 -7.75
N SER A 62 -0.70 1.84 -6.96
CA SER A 62 -0.37 0.50 -7.57
C SER A 62 -1.56 0.03 -8.42
N ARG A 63 -2.78 0.27 -7.98
CA ARG A 63 -3.96 -0.17 -8.82
C ARG A 63 -3.96 0.62 -10.14
N TYR A 64 -3.60 1.89 -10.13
CA TYR A 64 -3.58 2.68 -11.41
C TYR A 64 -2.59 2.04 -12.38
N ILE A 65 -1.39 1.71 -11.94
CA ILE A 65 -0.40 1.07 -12.87
C ILE A 65 -0.76 -0.42 -13.04
N TYR A 66 -1.11 -1.08 -11.97
CA TYR A 66 -1.50 -2.54 -12.08
C TYR A 66 -2.73 -2.70 -12.99
N THR A 67 -3.55 -1.68 -13.16
CA THR A 67 -4.75 -1.84 -14.06
C THR A 67 -4.40 -1.43 -15.49
N LEU A 68 -3.61 -0.39 -15.68
CA LEU A 68 -3.27 0.03 -17.09
C LEU A 68 -2.10 -0.81 -17.67
N TYR A 69 -1.17 -1.28 -16.86
CA TYR A 69 -0.02 -2.08 -17.42
C TYR A 69 -0.38 -3.58 -17.55
N TYR A 70 -1.16 -4.12 -16.63
CA TYR A 70 -1.48 -5.60 -16.72
C TYR A 70 -2.81 -5.86 -17.43
N LYS A 71 -3.77 -4.96 -17.37
CA LYS A 71 -5.08 -5.21 -18.07
C LYS A 71 -5.19 -4.35 -19.34
N ARG A 72 -5.12 -3.03 -19.22
CA ARG A 72 -5.22 -2.16 -20.45
C ARG A 72 -4.12 -2.54 -21.46
N LYS A 73 -2.95 -2.95 -20.99
CA LYS A 73 -1.85 -3.33 -21.94
C LYS A 73 -1.51 -2.15 -22.86
N ALA A 74 -1.39 -0.96 -22.32
CA ALA A 74 -1.04 0.22 -23.17
C ALA A 74 0.38 0.70 -22.84
N ILE A 75 0.63 1.02 -21.59
CA ILE A 75 2.02 1.48 -21.20
C ILE A 75 3.07 0.42 -21.58
N SER A 76 4.33 0.79 -21.65
CA SER A 76 5.38 -0.23 -22.00
C SER A 76 6.27 -0.50 -20.77
N LYS A 77 6.81 -1.70 -20.66
CA LYS A 77 7.70 -2.04 -19.47
C LYS A 77 8.70 -0.91 -19.17
N ASP A 78 9.18 -0.19 -20.17
CA ASP A 78 10.15 0.92 -19.88
C ASP A 78 9.49 1.96 -18.98
N LEU A 79 8.31 2.44 -19.35
CA LEU A 79 7.62 3.45 -18.46
C LEU A 79 7.21 2.76 -17.16
N TYR A 80 6.68 1.55 -17.25
CA TYR A 80 6.28 0.82 -15.99
C TYR A 80 7.51 0.62 -15.10
N ASP A 81 8.67 0.33 -15.67
CA ASP A 81 9.89 0.16 -14.82
C ASP A 81 10.31 1.53 -14.27
N TRP A 82 10.26 2.56 -15.09
CA TRP A 82 10.63 3.94 -14.59
C TRP A 82 9.71 4.34 -13.43
N LEU A 83 8.43 3.99 -13.51
CA LEU A 83 7.51 4.34 -12.38
C LEU A 83 7.92 3.59 -11.11
N ILE A 84 8.10 2.28 -11.19
CA ILE A 84 8.52 1.51 -9.96
C ILE A 84 9.85 2.07 -9.41
N LYS A 85 10.74 2.56 -10.26
CA LYS A 85 12.05 3.11 -9.74
C LYS A 85 11.96 4.61 -9.40
N GLU A 86 10.88 5.30 -9.74
CA GLU A 86 10.80 6.76 -9.40
C GLU A 86 9.73 7.05 -8.31
N LYS A 87 9.37 6.07 -7.51
CA LYS A 87 8.35 6.25 -6.41
C LYS A 87 6.93 6.34 -6.97
N TYR A 88 6.37 5.22 -7.40
CA TYR A 88 4.99 5.22 -7.95
C TYR A 88 4.22 4.03 -7.36
N ALA A 89 4.65 2.83 -7.62
CA ALA A 89 3.96 1.62 -7.06
C ALA A 89 5.00 0.69 -6.44
N ASP A 90 4.59 -0.24 -5.61
CA ASP A 90 5.58 -1.17 -4.97
C ASP A 90 5.39 -2.59 -5.52
N LYS A 91 6.41 -3.13 -6.16
CA LYS A 91 6.28 -4.53 -6.71
C LYS A 91 5.95 -5.52 -5.58
N LEU A 92 6.49 -5.32 -4.39
CA LEU A 92 6.16 -6.27 -3.26
C LEU A 92 4.65 -6.24 -2.99
N LEU A 93 4.01 -5.09 -3.07
CA LEU A 93 2.52 -5.04 -2.82
C LEU A 93 1.81 -5.81 -3.95
N ILE A 94 2.03 -5.41 -5.18
CA ILE A 94 1.37 -6.15 -6.33
C ILE A 94 1.85 -7.63 -6.31
N ALA A 95 3.08 -7.89 -5.92
CA ALA A 95 3.56 -9.32 -5.87
C ALA A 95 2.79 -10.07 -4.77
N LYS A 96 2.58 -9.46 -3.62
CA LYS A 96 1.82 -10.17 -2.53
C LYS A 96 0.44 -10.59 -3.06
N TRP A 97 -0.26 -9.71 -3.76
CA TRP A 97 -1.61 -10.11 -4.31
C TRP A 97 -1.48 -11.34 -5.23
N ARG A 98 -0.34 -11.55 -5.86
CA ARG A 98 -0.20 -12.76 -6.76
C ARG A 98 0.14 -14.02 -5.94
N LYS A 99 0.93 -13.89 -4.89
CA LYS A 99 1.28 -15.11 -4.05
C LYS A 99 0.01 -15.89 -3.65
N THR A 100 0.16 -17.01 -3.00
CA THR A 100 -1.04 -17.80 -2.57
C THR A 100 -1.27 -17.60 -1.08
N GLY A 101 -2.51 -17.45 -0.65
CA GLY A 101 -2.78 -17.23 0.80
C GLY A 101 -3.09 -15.75 1.05
N TYR A 102 -2.55 -14.83 0.26
CA TYR A 102 -2.84 -13.38 0.49
C TYR A 102 -4.02 -12.94 -0.39
N GLU A 103 -5.17 -13.57 -0.26
CA GLU A 103 -6.35 -13.16 -1.12
C GLU A 103 -6.90 -11.81 -0.63
N LYS A 104 -6.94 -11.59 0.68
CA LYS A 104 -7.47 -10.30 1.20
C LYS A 104 -6.39 -9.58 2.03
N LEU A 105 -5.39 -9.02 1.41
CA LEU A 105 -4.32 -8.31 2.19
C LEU A 105 -4.42 -6.79 1.96
N CYS A 106 -4.05 -5.99 2.94
CA CYS A 106 -4.13 -4.51 2.74
C CYS A 106 -2.75 -3.82 2.65
N CYS A 107 -1.71 -4.34 3.30
CA CYS A 107 -0.36 -3.69 3.19
C CYS A 107 0.74 -4.76 3.16
N LEU A 108 1.99 -4.37 3.32
CA LEU A 108 3.11 -5.38 3.32
C LEU A 108 3.48 -5.74 4.78
N ARG A 109 3.49 -4.78 5.68
CA ARG A 109 3.80 -5.10 7.11
C ARG A 109 2.50 -5.15 7.95
N CYS A 110 1.40 -5.54 7.33
CA CYS A 110 0.08 -5.61 8.06
C CYS A 110 -0.55 -7.00 7.81
N ILE A 111 0.23 -8.00 7.39
CA ILE A 111 -0.32 -9.36 7.10
C ILE A 111 0.79 -10.44 7.21
N GLN A 112 1.71 -10.30 8.14
CA GLN A 112 2.82 -11.32 8.24
C GLN A 112 2.26 -12.69 8.67
N LYS A 113 1.65 -13.43 7.75
CA LYS A 113 1.11 -14.78 8.12
C LYS A 113 1.17 -15.73 6.91
N ASN A 114 0.93 -17.00 7.12
CA ASN A 114 0.98 -17.97 5.97
C ASN A 114 0.47 -19.35 6.41
N GLU A 115 1.12 -19.98 7.37
CA GLU A 115 0.67 -21.34 7.82
C GLU A 115 1.37 -21.76 9.13
N THR A 116 1.49 -20.86 10.08
CA THR A 116 2.16 -21.21 11.37
C THR A 116 1.42 -20.58 12.56
N ASN A 117 1.94 -20.72 13.76
CA ASN A 117 1.26 -20.12 14.95
C ASN A 117 2.24 -19.27 15.76
N ASN A 118 2.31 -17.98 15.48
CA ASN A 118 3.25 -17.10 16.24
C ASN A 118 2.59 -15.77 16.60
N GLY A 119 3.32 -14.83 17.16
CA GLY A 119 2.70 -13.52 17.53
C GLY A 119 3.43 -12.39 16.80
N SER A 120 3.65 -12.51 15.50
CA SER A 120 4.36 -11.44 14.74
C SER A 120 3.56 -11.05 13.50
N THR A 121 2.25 -10.85 13.63
CA THR A 121 1.43 -10.47 12.45
C THR A 121 0.39 -9.40 12.86
N CYS A 122 -0.23 -8.74 11.89
CA CYS A 122 -1.26 -7.71 12.26
C CYS A 122 -2.59 -8.44 12.53
N ILE A 123 -3.47 -7.86 13.34
CA ILE A 123 -4.76 -8.55 13.64
C ILE A 123 -5.81 -8.36 12.53
N CYS A 124 -5.79 -7.25 11.80
CA CYS A 124 -6.84 -7.07 10.73
C CYS A 124 -6.87 -8.27 9.77
N ARG A 125 -5.73 -8.87 9.48
CA ARG A 125 -5.74 -10.08 8.58
C ARG A 125 -6.64 -11.18 9.21
N VAL A 126 -6.80 -11.21 10.53
CA VAL A 126 -7.66 -12.26 11.16
C VAL A 126 -9.15 -11.96 10.92
N PRO A 127 -9.84 -12.86 10.24
CA PRO A 127 -11.30 -12.66 9.99
C PRO A 127 -12.08 -12.68 11.32
N ARG A 128 -13.34 -12.29 11.29
CA ARG A 128 -14.14 -12.29 12.57
C ARG A 128 -14.54 -13.73 12.94
N ALA A 129 -14.90 -14.55 11.97
CA ALA A 129 -15.29 -15.97 12.30
C ALA A 129 -14.14 -16.68 13.04
N GLN A 130 -12.92 -16.47 12.62
CA GLN A 130 -11.77 -17.15 13.33
C GLN A 130 -11.64 -16.58 14.75
N LEU A 131 -11.79 -15.28 14.92
CA LEU A 131 -11.69 -14.69 16.29
C LEU A 131 -12.83 -15.23 17.17
N GLU A 132 -14.03 -15.35 16.64
CA GLU A 132 -15.17 -15.89 17.47
C GLU A 132 -14.84 -17.30 17.96
N GLU A 133 -14.22 -18.13 17.13
CA GLU A 133 -13.88 -19.52 17.59
C GLU A 133 -12.92 -19.46 18.79
N GLU A 134 -11.97 -18.56 18.77
CA GLU A 134 -11.01 -18.46 19.93
C GLU A 134 -11.78 -18.10 21.21
N ALA A 135 -12.73 -17.18 21.13
CA ALA A 135 -13.50 -16.81 22.37
C ALA A 135 -14.25 -18.03 22.91
N ARG A 136 -14.85 -18.83 22.05
CA ARG A 136 -15.59 -20.05 22.54
C ARG A 136 -14.62 -20.97 23.31
N LYS A 137 -13.39 -21.11 22.85
CA LYS A 137 -12.42 -22.02 23.57
C LYS A 137 -12.17 -21.51 25.00
N LYS A 138 -12.14 -20.20 25.22
CA LYS A 138 -11.91 -19.68 26.61
C LYS A 138 -13.20 -19.13 27.25
N GLY A 139 -14.38 -19.54 26.78
CA GLY A 139 -15.65 -19.05 27.40
C GLY A 139 -15.66 -17.51 27.46
N THR A 140 -15.29 -16.85 26.38
CA THR A 140 -15.30 -15.34 26.39
C THR A 140 -15.85 -14.81 25.06
N GLN A 141 -15.66 -13.53 24.77
CA GLN A 141 -16.17 -12.97 23.50
C GLN A 141 -15.10 -12.12 22.81
N VAL A 142 -15.30 -11.75 21.55
CA VAL A 142 -14.28 -10.93 20.84
C VAL A 142 -14.91 -10.21 19.63
N SER A 143 -14.28 -9.17 19.12
CA SER A 143 -14.87 -8.45 17.94
C SER A 143 -13.85 -7.47 17.33
N PHE A 144 -13.40 -7.70 16.13
CA PHE A 144 -12.42 -6.76 15.49
C PHE A 144 -13.14 -5.86 14.46
N HIS A 145 -12.55 -4.73 14.14
CA HIS A 145 -13.17 -3.82 13.13
C HIS A 145 -12.06 -3.30 12.20
N GLN A 146 -11.10 -2.58 12.74
CA GLN A 146 -9.98 -2.06 11.92
C GLN A 146 -8.69 -2.01 12.77
N CYS A 147 -7.53 -2.18 12.18
CA CYS A 147 -6.28 -2.14 13.01
C CYS A 147 -5.67 -0.73 13.02
N VAL A 148 -4.91 -0.39 14.05
CA VAL A 148 -4.31 0.99 14.11
C VAL A 148 -3.18 1.17 13.08
N HIS A 149 -2.52 0.11 12.64
CA HIS A 149 -1.41 0.27 11.63
C HIS A 149 -1.89 1.13 10.44
N CYS A 150 -2.91 0.69 9.74
CA CYS A 150 -3.43 1.49 8.59
C CYS A 150 -4.95 1.74 8.74
N GLY A 151 -5.61 2.15 7.68
CA GLY A 151 -7.09 2.38 7.76
C GLY A 151 -7.78 1.17 7.12
N CYS A 152 -7.57 -0.02 7.67
CA CYS A 152 -8.20 -1.25 7.09
C CYS A 152 -9.46 -1.61 7.89
N ARG A 153 -10.53 -2.01 7.22
CA ARG A 153 -11.77 -2.38 7.97
C ARG A 153 -11.83 -3.91 8.14
N GLY A 154 -10.77 -4.52 8.60
CA GLY A 154 -10.78 -6.00 8.79
C GLY A 154 -10.67 -6.71 7.43
N CYS A 155 -9.46 -7.05 7.01
CA CYS A 155 -9.30 -7.76 5.71
C CYS A 155 -9.00 -9.25 5.95
N ALA A 156 -9.76 -10.15 5.35
CA ALA A 156 -9.51 -11.60 5.58
C ALA A 156 -10.01 -12.43 4.38
N SER A 157 -9.38 -13.55 4.10
CA SER A 157 -9.83 -14.39 2.94
C SER A 157 -10.77 -15.51 3.40
N THR A 158 -10.50 -16.11 4.55
CA THR A 158 -11.41 -17.22 5.03
C THR A 158 -12.86 -16.70 5.16
N ASP A 159 -13.04 -15.48 5.61
CA ASP A 159 -14.43 -14.93 5.75
C ASP A 159 -14.56 -13.64 4.96
ZN ZN B . -2.99 -2.68 6.53
ZN ZN C . -5.88 -5.34 6.79
ZN ZN D . -3.55 -4.43 9.80
N GLY A 1 5.81 33.65 -40.18
CA GLY A 1 6.97 34.55 -40.39
C GLY A 1 7.46 35.10 -39.04
N GLY A 2 8.73 34.98 -38.74
CA GLY A 2 9.24 35.50 -37.44
C GLY A 2 8.72 34.63 -36.29
N SER A 3 8.72 33.32 -36.46
CA SER A 3 8.23 32.43 -35.37
C SER A 3 9.09 31.16 -35.29
N PRO A 4 10.32 31.31 -34.83
CA PRO A 4 11.22 30.13 -34.72
C PRO A 4 10.79 29.23 -33.55
N ARG A 5 10.71 27.94 -33.77
CA ARG A 5 10.30 27.02 -32.66
C ARG A 5 11.42 26.00 -32.38
N ILE A 6 12.27 26.26 -31.41
CA ILE A 6 13.37 25.30 -31.10
C ILE A 6 13.54 25.16 -29.58
N LYS A 7 14.02 24.02 -29.11
CA LYS A 7 14.20 23.83 -27.64
C LYS A 7 15.46 23.00 -27.37
N THR A 8 15.71 22.64 -26.12
CA THR A 8 16.91 21.83 -25.80
C THR A 8 16.51 20.45 -25.24
N ARG A 9 17.45 19.54 -25.08
CA ARG A 9 17.09 18.19 -24.54
C ARG A 9 18.21 17.68 -23.61
N ARG A 10 18.19 18.05 -22.35
CA ARG A 10 19.25 17.58 -21.41
C ARG A 10 18.65 17.23 -20.04
N SER A 11 19.21 16.28 -19.32
CA SER A 11 18.66 15.91 -17.98
C SER A 11 17.15 15.62 -18.07
N LYS A 12 16.77 14.45 -18.57
CA LYS A 12 15.32 14.13 -18.67
C LYS A 12 15.05 12.72 -18.12
N PRO A 13 14.63 12.65 -16.87
CA PRO A 13 14.35 11.34 -16.25
C PRO A 13 13.05 10.74 -16.81
N ALA A 14 12.89 9.43 -16.72
CA ALA A 14 11.65 8.76 -17.24
C ALA A 14 11.51 8.99 -18.77
N PRO A 15 11.00 7.98 -19.46
CA PRO A 15 10.83 8.10 -20.93
C PRO A 15 9.66 9.02 -21.27
N ASP A 16 9.62 9.53 -22.48
CA ASP A 16 8.47 10.45 -22.88
C ASP A 16 7.10 9.86 -22.50
N GLY A 17 6.96 8.54 -22.52
CA GLY A 17 5.66 7.92 -22.15
C GLY A 17 5.17 8.42 -20.78
N PHE A 18 6.08 8.70 -19.85
CA PHE A 18 5.63 9.19 -18.49
C PHE A 18 4.72 10.43 -18.64
N GLU A 19 4.93 11.25 -19.64
CA GLU A 19 4.05 12.47 -19.81
C GLU A 19 2.57 12.06 -19.86
N LYS A 20 2.25 10.94 -20.48
CA LYS A 20 0.82 10.48 -20.54
C LYS A 20 0.24 10.33 -19.12
N ILE A 21 1.05 9.89 -18.17
CA ILE A 21 0.53 9.74 -16.77
C ILE A 21 1.27 10.69 -15.82
N LYS A 22 1.61 11.89 -16.26
CA LYS A 22 2.34 12.85 -15.36
C LYS A 22 1.41 13.63 -14.40
N PRO A 23 0.28 14.11 -14.89
CA PRO A 23 -0.64 14.89 -14.01
C PRO A 23 -1.41 13.98 -13.04
N THR A 24 -1.79 12.78 -13.45
CA THR A 24 -2.56 11.89 -12.51
C THR A 24 -1.71 11.59 -11.27
N LEU A 25 -0.48 11.20 -11.45
CA LEU A 25 0.39 10.90 -10.26
C LEU A 25 0.55 12.18 -9.41
N THR A 26 0.72 13.33 -10.04
CA THR A 26 0.86 14.60 -9.24
C THR A 26 -0.37 14.80 -8.33
N ASP A 27 -1.55 14.41 -8.79
CA ASP A 27 -2.78 14.60 -7.93
C ASP A 27 -2.58 13.87 -6.58
N PHE A 28 -1.95 12.71 -6.58
CA PHE A 28 -1.75 11.98 -5.28
C PHE A 28 -0.96 12.85 -4.29
N GLU A 29 0.02 13.59 -4.76
CA GLU A 29 0.83 14.45 -3.81
C GLU A 29 -0.09 15.46 -3.12
N ILE A 30 -1.04 16.04 -3.82
CA ILE A 30 -1.95 17.03 -3.14
C ILE A 30 -2.79 16.29 -2.10
N GLN A 31 -3.29 15.11 -2.41
CA GLN A 31 -4.09 14.34 -1.40
C GLN A 31 -3.15 13.91 -0.27
N LEU A 32 -2.04 13.28 -0.60
CA LEU A 32 -1.06 12.87 0.46
C LEU A 32 -0.59 14.12 1.24
N ARG A 33 -0.42 15.24 0.58
CA ARG A 33 0.02 16.49 1.30
C ARG A 33 -0.96 16.84 2.42
N ASP A 34 -2.26 16.65 2.20
CA ASP A 34 -3.24 16.99 3.29
C ASP A 34 -2.98 16.12 4.52
N ALA A 35 -2.89 14.81 4.35
CA ALA A 35 -2.61 13.93 5.53
C ALA A 35 -1.15 14.15 5.97
N GLN A 36 -0.23 14.27 5.04
CA GLN A 36 1.19 14.51 5.44
C GLN A 36 1.34 15.83 6.21
N LYS A 37 0.53 16.84 5.89
CA LYS A 37 0.64 18.14 6.63
C LYS A 37 -0.38 18.23 7.77
N ASP A 38 -1.57 17.69 7.59
CA ASP A 38 -2.59 17.76 8.70
C ASP A 38 -2.03 17.13 10.00
N LYS A 39 -1.25 16.08 9.89
CA LYS A 39 -0.68 15.44 11.14
C LYS A 39 0.10 16.48 11.96
N SER A 40 0.89 17.31 11.32
CA SER A 40 1.67 18.35 12.08
C SER A 40 2.47 17.70 13.22
N SER A 41 3.28 16.70 12.92
CA SER A 41 4.09 16.03 13.99
C SER A 41 3.18 15.57 15.15
N LYS A 42 3.73 15.24 16.29
CA LYS A 42 2.87 14.80 17.44
C LYS A 42 2.20 16.02 18.10
N LEU A 43 1.28 16.67 17.42
CA LEU A 43 0.61 17.86 18.01
C LEU A 43 -0.86 17.94 17.55
N ALA A 44 -1.56 16.82 17.53
CA ALA A 44 -2.99 16.85 17.09
C ALA A 44 -3.71 15.52 17.41
N ALA A 45 -4.97 15.40 17.07
CA ALA A 45 -5.71 14.13 17.37
C ALA A 45 -6.16 13.46 16.06
N LYS A 46 -6.75 12.29 16.13
CA LYS A 46 -7.21 11.59 14.88
C LYS A 46 -6.05 11.48 13.86
N SER A 47 -4.95 10.86 14.24
CA SER A 47 -3.80 10.74 13.29
C SER A 47 -3.84 9.39 12.56
N ASN A 48 -4.23 8.32 13.23
CA ASN A 48 -4.29 6.98 12.55
C ASN A 48 -5.27 7.04 11.37
N GLU A 49 -6.45 7.62 11.57
CA GLU A 49 -7.44 7.70 10.44
C GLU A 49 -6.83 8.48 9.27
N GLN A 50 -6.20 9.60 9.54
CA GLN A 50 -5.57 10.40 8.42
C GLN A 50 -4.45 9.56 7.78
N LEU A 51 -3.62 8.92 8.58
CA LEU A 51 -2.50 8.10 7.99
C LEU A 51 -3.09 6.97 7.13
N TRP A 52 -4.22 6.38 7.51
CA TRP A 52 -4.81 5.28 6.68
C TRP A 52 -5.08 5.79 5.26
N GLU A 53 -5.56 7.01 5.11
CA GLU A 53 -5.80 7.55 3.73
C GLU A 53 -4.47 7.60 2.95
N ILE A 54 -3.36 7.83 3.63
CA ILE A 54 -2.05 7.88 2.88
C ILE A 54 -1.67 6.46 2.44
N MET A 55 -1.54 5.52 3.36
CA MET A 55 -1.19 4.12 2.91
C MET A 55 -2.30 3.58 2.00
N GLN A 56 -3.55 4.00 2.17
CA GLN A 56 -4.63 3.51 1.26
C GLN A 56 -4.40 4.10 -0.15
N LEU A 57 -3.97 5.35 -0.24
CA LEU A 57 -3.73 5.96 -1.60
C LEU A 57 -2.78 5.06 -2.42
N HIS A 58 -1.86 4.36 -1.77
CA HIS A 58 -0.91 3.47 -2.55
C HIS A 58 -1.70 2.46 -3.39
N HIS A 59 -2.80 1.93 -2.86
CA HIS A 59 -3.61 0.94 -3.68
C HIS A 59 -4.09 1.62 -4.97
N GLN A 60 -4.65 2.81 -4.85
CA GLN A 60 -5.13 3.52 -6.10
C GLN A 60 -3.94 3.77 -7.04
N ARG A 61 -2.75 4.04 -6.51
CA ARG A 61 -1.57 4.28 -7.40
C ARG A 61 -1.23 2.97 -8.15
N SER A 62 -1.13 1.85 -7.46
CA SER A 62 -0.82 0.56 -8.17
C SER A 62 -1.95 0.25 -9.16
N ARG A 63 -3.19 0.50 -8.79
CA ARG A 63 -4.32 0.20 -9.74
C ARG A 63 -4.18 1.08 -11.00
N TYR A 64 -3.79 2.34 -10.84
CA TYR A 64 -3.63 3.22 -12.05
C TYR A 64 -2.52 2.65 -12.95
N ILE A 65 -1.36 2.36 -12.39
CA ILE A 65 -0.26 1.78 -13.25
C ILE A 65 -0.64 0.35 -13.67
N TYR A 66 -1.23 -0.42 -12.78
CA TYR A 66 -1.64 -1.81 -13.17
C TYR A 66 -2.72 -1.73 -14.26
N THR A 67 -3.67 -0.84 -14.13
CA THR A 67 -4.74 -0.74 -15.17
C THR A 67 -4.14 -0.40 -16.54
N LEU A 68 -3.18 0.51 -16.60
CA LEU A 68 -2.59 0.87 -17.94
C LEU A 68 -1.49 -0.12 -18.39
N TYR A 69 -0.71 -0.68 -17.49
CA TYR A 69 0.38 -1.63 -17.93
C TYR A 69 -0.14 -3.07 -18.08
N TYR A 70 -1.10 -3.49 -17.28
CA TYR A 70 -1.59 -4.91 -17.41
C TYR A 70 -2.90 -5.02 -18.24
N LYS A 71 -3.62 -3.93 -18.47
CA LYS A 71 -4.88 -4.05 -19.28
C LYS A 71 -4.85 -3.08 -20.49
N ARG A 72 -4.73 -1.80 -20.25
CA ARG A 72 -4.70 -0.83 -21.42
C ARG A 72 -3.49 -1.12 -22.33
N LYS A 73 -2.39 -1.61 -21.80
CA LYS A 73 -1.20 -1.89 -22.65
C LYS A 73 -0.74 -0.61 -23.36
N ALA A 74 -0.73 0.52 -22.66
CA ALA A 74 -0.29 1.79 -23.29
C ALA A 74 1.01 2.27 -22.63
N ILE A 75 1.89 1.37 -22.26
CA ILE A 75 3.18 1.78 -21.61
C ILE A 75 4.25 0.70 -21.83
N SER A 76 5.52 1.03 -21.66
CA SER A 76 6.58 -0.01 -21.87
C SER A 76 7.21 -0.40 -20.52
N LYS A 77 7.65 -1.63 -20.38
CA LYS A 77 8.28 -2.08 -19.07
C LYS A 77 9.31 -1.04 -18.56
N ASP A 78 9.98 -0.33 -19.43
CA ASP A 78 10.98 0.69 -18.93
C ASP A 78 10.24 1.76 -18.12
N LEU A 79 9.19 2.35 -18.67
CA LEU A 79 8.43 3.38 -17.89
C LEU A 79 7.79 2.71 -16.67
N TYR A 80 7.16 1.57 -16.86
CA TYR A 80 6.53 0.86 -15.68
C TYR A 80 7.62 0.52 -14.65
N ASP A 81 8.80 0.12 -15.08
CA ASP A 81 9.88 -0.19 -14.09
C ASP A 81 10.40 1.12 -13.48
N TRP A 82 10.59 2.14 -14.30
CA TRP A 82 11.08 3.46 -13.75
C TRP A 82 10.12 3.96 -12.66
N LEU A 83 8.82 3.76 -12.83
CA LEU A 83 7.85 4.22 -11.78
C LEU A 83 8.04 3.36 -10.51
N ILE A 84 8.09 2.05 -10.66
CA ILE A 84 8.29 1.17 -9.45
C ILE A 84 9.59 1.58 -8.70
N LYS A 85 10.60 2.03 -9.41
CA LYS A 85 11.87 2.45 -8.71
C LYS A 85 11.85 3.94 -8.30
N GLU A 86 10.96 4.76 -8.83
CA GLU A 86 10.94 6.21 -8.44
C GLU A 86 9.79 6.52 -7.45
N LYS A 87 9.27 5.53 -6.75
CA LYS A 87 8.15 5.74 -5.75
C LYS A 87 6.81 5.96 -6.45
N TYR A 88 6.24 4.91 -7.02
CA TYR A 88 4.92 5.03 -7.71
C TYR A 88 4.03 3.86 -7.27
N ALA A 89 4.43 2.65 -7.59
CA ALA A 89 3.61 1.46 -7.20
C ALA A 89 4.52 0.44 -6.48
N ASP A 90 3.97 -0.47 -5.72
CA ASP A 90 4.81 -1.48 -5.02
C ASP A 90 4.66 -2.86 -5.67
N LYS A 91 5.72 -3.39 -6.25
CA LYS A 91 5.61 -4.74 -6.90
C LYS A 91 5.17 -5.79 -5.85
N LEU A 92 5.65 -5.69 -4.63
CA LEU A 92 5.22 -6.69 -3.58
C LEU A 92 3.70 -6.63 -3.40
N LEU A 93 3.11 -5.45 -3.42
CA LEU A 93 1.61 -5.35 -3.26
C LEU A 93 0.94 -6.04 -4.47
N ILE A 94 1.26 -5.62 -5.68
CA ILE A 94 0.65 -6.27 -6.88
C ILE A 94 1.05 -7.76 -6.90
N ALA A 95 2.27 -8.09 -6.51
CA ALA A 95 2.67 -9.54 -6.50
C ALA A 95 1.85 -10.30 -5.45
N LYS A 96 1.59 -9.70 -4.30
CA LYS A 96 0.76 -10.42 -3.25
C LYS A 96 -0.62 -10.76 -3.83
N TRP A 97 -1.25 -9.84 -4.54
CA TRP A 97 -2.60 -10.15 -5.13
C TRP A 97 -2.48 -11.28 -6.17
N ARG A 98 -1.38 -11.35 -6.89
CA ARG A 98 -1.22 -12.44 -7.93
C ARG A 98 -0.73 -13.75 -7.26
N LYS A 99 0.04 -13.67 -6.20
CA LYS A 99 0.53 -14.94 -5.52
C LYS A 99 -0.65 -15.86 -5.17
N THR A 100 -0.38 -16.97 -4.52
CA THR A 100 -1.50 -17.90 -4.14
C THR A 100 -1.81 -17.77 -2.65
N GLY A 101 -3.07 -17.71 -2.27
CA GLY A 101 -3.43 -17.57 -0.84
C GLY A 101 -3.64 -16.09 -0.46
N TYR A 102 -3.76 -15.19 -1.43
CA TYR A 102 -3.97 -13.75 -1.09
C TYR A 102 -5.29 -13.26 -1.69
N GLU A 103 -6.43 -13.70 -1.15
CA GLU A 103 -7.74 -13.23 -1.71
C GLU A 103 -8.25 -12.00 -0.95
N LYS A 104 -8.03 -11.92 0.34
CA LYS A 104 -8.50 -10.74 1.12
C LYS A 104 -7.34 -10.07 1.86
N LEU A 105 -6.50 -9.32 1.18
CA LEU A 105 -5.36 -8.65 1.88
C LEU A 105 -5.43 -7.13 1.66
N CYS A 106 -5.01 -6.33 2.61
CA CYS A 106 -5.07 -4.85 2.44
C CYS A 106 -3.68 -4.19 2.31
N CYS A 107 -2.64 -4.70 2.95
CA CYS A 107 -1.28 -4.05 2.79
C CYS A 107 -0.19 -5.13 2.74
N LEU A 108 1.08 -4.75 2.85
CA LEU A 108 2.18 -5.77 2.84
C LEU A 108 2.58 -6.13 4.28
N ARG A 109 2.60 -5.18 5.19
CA ARG A 109 2.95 -5.51 6.62
C ARG A 109 1.66 -5.55 7.47
N CYS A 110 0.54 -5.93 6.88
CA CYS A 110 -0.76 -5.99 7.62
C CYS A 110 -1.42 -7.37 7.35
N ILE A 111 -0.65 -8.37 6.91
CA ILE A 111 -1.24 -9.72 6.61
C ILE A 111 -0.14 -10.80 6.70
N GLN A 112 0.76 -10.71 7.67
CA GLN A 112 1.86 -11.75 7.75
C GLN A 112 1.41 -12.93 8.62
N LYS A 113 0.94 -14.01 8.01
CA LYS A 113 0.51 -15.19 8.81
C LYS A 113 1.56 -16.31 8.73
N ASN A 114 2.00 -16.66 7.54
CA ASN A 114 3.02 -17.74 7.41
C ASN A 114 4.33 -17.17 6.83
N GLU A 115 5.30 -18.02 6.52
CA GLU A 115 6.60 -17.52 5.96
C GLU A 115 7.20 -16.42 6.85
N THR A 116 7.31 -16.65 8.14
CA THR A 116 7.88 -15.62 9.04
C THR A 116 8.68 -16.28 10.18
N ASN A 117 9.65 -15.58 10.75
CA ASN A 117 10.45 -16.18 11.86
C ASN A 117 10.22 -15.38 13.16
N ASN A 118 10.48 -14.09 13.16
CA ASN A 118 10.27 -13.29 14.39
C ASN A 118 9.19 -12.23 14.16
N GLY A 119 8.03 -12.38 14.77
CA GLY A 119 6.93 -11.39 14.56
C GLY A 119 5.57 -12.10 14.54
N SER A 120 4.52 -11.42 14.14
CA SER A 120 3.18 -12.08 14.10
C SER A 120 2.35 -11.53 12.93
N THR A 121 1.05 -11.76 12.92
CA THR A 121 0.20 -11.25 11.79
C THR A 121 -0.66 -10.08 12.28
N CYS A 122 -1.13 -9.23 11.38
CA CYS A 122 -1.99 -8.10 11.84
C CYS A 122 -3.34 -8.67 12.29
N ILE A 123 -4.04 -8.01 13.19
CA ILE A 123 -5.35 -8.58 13.67
C ILE A 123 -6.43 -8.51 12.56
N CYS A 124 -6.41 -7.51 11.70
CA CYS A 124 -7.48 -7.46 10.63
C CYS A 124 -7.42 -8.70 9.74
N ARG A 125 -6.23 -9.23 9.46
CA ARG A 125 -6.16 -10.48 8.62
C ARG A 125 -6.98 -11.61 9.29
N VAL A 126 -6.97 -11.68 10.60
CA VAL A 126 -7.76 -12.76 11.30
C VAL A 126 -9.27 -12.41 11.27
N PRO A 127 -10.07 -13.25 10.66
CA PRO A 127 -11.53 -12.99 10.59
C PRO A 127 -12.15 -13.00 12.00
N ARG A 128 -13.45 -12.77 12.11
CA ARG A 128 -14.09 -12.77 13.47
C ARG A 128 -14.26 -14.21 13.98
N ALA A 129 -14.58 -15.16 13.11
CA ALA A 129 -14.76 -16.58 13.59
C ALA A 129 -13.46 -17.07 14.25
N GLN A 130 -12.31 -16.74 13.69
CA GLN A 130 -11.02 -17.20 14.33
C GLN A 130 -10.81 -16.43 15.65
N LEU A 131 -11.09 -15.14 15.67
CA LEU A 131 -10.91 -14.37 16.95
C LEU A 131 -11.91 -14.88 18.00
N GLU A 132 -13.13 -15.21 17.61
CA GLU A 132 -14.12 -15.71 18.62
C GLU A 132 -13.60 -17.01 19.26
N GLU A 133 -12.96 -17.88 18.49
CA GLU A 133 -12.43 -19.16 19.09
C GLU A 133 -11.45 -18.85 20.24
N GLU A 134 -10.66 -17.80 20.10
CA GLU A 134 -9.68 -17.47 21.21
C GLU A 134 -10.45 -17.11 22.49
N ALA A 135 -11.42 -16.24 22.41
CA ALA A 135 -12.19 -15.87 23.66
C ALA A 135 -12.88 -17.13 24.22
N ARG A 136 -13.40 -17.99 23.37
CA ARG A 136 -14.08 -19.23 23.91
C ARG A 136 -13.08 -20.09 24.69
N LYS A 137 -11.83 -20.15 24.26
CA LYS A 137 -10.83 -20.98 25.02
C LYS A 137 -10.17 -20.15 26.15
N LYS A 138 -9.96 -18.86 25.95
CA LYS A 138 -9.34 -18.04 27.05
C LYS A 138 -10.40 -17.60 28.07
N GLY A 139 -11.61 -17.30 27.63
CA GLY A 139 -12.66 -16.87 28.58
C GLY A 139 -12.64 -15.34 28.73
N THR A 140 -12.31 -14.61 27.69
CA THR A 140 -12.28 -13.12 27.80
C THR A 140 -13.06 -12.44 26.65
N GLN A 141 -14.00 -13.13 26.02
CA GLN A 141 -14.79 -12.51 24.91
C GLN A 141 -13.89 -11.82 23.87
N VAL A 142 -14.46 -11.22 22.85
CA VAL A 142 -13.62 -10.53 21.80
C VAL A 142 -14.51 -9.78 20.80
N SER A 143 -13.97 -8.81 20.09
CA SER A 143 -14.81 -8.06 19.09
C SER A 143 -13.92 -7.11 18.25
N PHE A 144 -13.45 -7.57 17.11
CA PHE A 144 -12.59 -6.68 16.26
C PHE A 144 -13.41 -6.06 15.11
N HIS A 145 -12.93 -4.96 14.56
CA HIS A 145 -13.63 -4.30 13.42
C HIS A 145 -12.58 -3.84 12.40
N GLN A 146 -11.70 -2.95 12.81
CA GLN A 146 -10.62 -2.46 11.90
C GLN A 146 -9.29 -2.40 12.68
N CYS A 147 -8.16 -2.58 12.02
CA CYS A 147 -6.86 -2.52 12.78
C CYS A 147 -6.28 -1.10 12.78
N VAL A 148 -5.49 -0.76 13.77
CA VAL A 148 -4.89 0.63 13.82
C VAL A 148 -3.80 0.81 12.75
N HIS A 149 -3.17 -0.26 12.28
CA HIS A 149 -2.09 -0.08 11.23
C HIS A 149 -2.62 0.78 10.06
N CYS A 150 -3.65 0.32 9.38
CA CYS A 150 -4.22 1.12 8.25
C CYS A 150 -5.73 1.36 8.46
N GLY A 151 -6.44 1.76 7.43
CA GLY A 151 -7.91 1.97 7.56
C GLY A 151 -8.62 0.75 6.95
N CYS A 152 -8.39 -0.42 7.50
CA CYS A 152 -9.04 -1.67 6.93
C CYS A 152 -10.25 -2.05 7.78
N ARG A 153 -11.29 -2.59 7.18
CA ARG A 153 -12.49 -3.00 7.98
C ARG A 153 -12.45 -4.51 8.24
N GLY A 154 -11.31 -5.05 8.63
CA GLY A 154 -11.22 -6.50 8.89
C GLY A 154 -11.21 -7.27 7.57
N CYS A 155 -10.04 -7.63 7.06
CA CYS A 155 -9.98 -8.39 5.77
C CYS A 155 -9.54 -9.85 6.04
N ALA A 156 -10.31 -10.81 5.57
CA ALA A 156 -9.95 -12.24 5.81
C ALA A 156 -10.35 -13.09 4.60
N SER A 157 -9.57 -14.11 4.27
CA SER A 157 -9.94 -14.96 3.08
C SER A 157 -10.67 -16.24 3.54
N THR A 158 -10.31 -16.81 4.67
CA THR A 158 -11.01 -18.06 5.13
C THR A 158 -12.39 -17.71 5.71
N ASP A 159 -12.48 -16.64 6.48
CA ASP A 159 -13.79 -16.26 7.08
C ASP A 159 -13.91 -14.73 7.18
ZN ZN B . -3.83 -3.04 6.19
ZN ZN C . -6.68 -5.73 6.55
ZN ZN D . -4.31 -4.78 9.48
N GLY A 1 38.49 -14.99 -19.57
CA GLY A 1 38.69 -14.81 -21.03
C GLY A 1 37.88 -13.60 -21.51
N GLY A 2 38.40 -12.40 -21.34
CA GLY A 2 37.66 -11.19 -21.80
C GLY A 2 36.39 -11.02 -20.94
N SER A 3 36.47 -10.30 -19.84
CA SER A 3 35.26 -10.10 -18.98
C SER A 3 34.94 -8.61 -18.86
N PRO A 4 34.21 -8.08 -19.81
CA PRO A 4 33.85 -6.64 -19.78
C PRO A 4 32.78 -6.39 -18.70
N ARG A 5 33.08 -5.59 -17.70
CA ARG A 5 32.07 -5.32 -16.63
C ARG A 5 31.78 -3.81 -16.55
N ILE A 6 31.32 -3.21 -17.64
CA ILE A 6 31.03 -1.75 -17.61
C ILE A 6 29.52 -1.51 -17.86
N LYS A 7 28.93 -0.56 -17.17
CA LYS A 7 27.47 -0.29 -17.37
C LYS A 7 27.25 1.15 -17.86
N THR A 8 26.13 1.43 -18.49
CA THR A 8 25.87 2.81 -18.97
C THR A 8 24.62 3.40 -18.29
N ARG A 9 24.57 3.40 -16.98
CA ARG A 9 23.38 3.96 -16.26
C ARG A 9 23.79 5.18 -15.43
N ARG A 10 23.83 6.36 -16.02
CA ARG A 10 24.22 7.58 -15.26
C ARG A 10 23.05 8.58 -15.24
N SER A 11 22.58 9.00 -16.40
CA SER A 11 21.45 9.98 -16.43
C SER A 11 20.34 9.45 -17.36
N LYS A 12 19.30 8.85 -16.82
CA LYS A 12 18.20 8.33 -17.68
C LYS A 12 16.84 8.85 -17.18
N PRO A 13 16.37 9.93 -17.77
CA PRO A 13 15.07 10.51 -17.36
C PRO A 13 13.91 9.62 -17.84
N ALA A 14 12.75 9.72 -17.22
CA ALA A 14 11.59 8.87 -17.66
C ALA A 14 11.32 9.07 -19.17
N PRO A 15 10.84 8.03 -19.82
CA PRO A 15 10.56 8.13 -21.28
C PRO A 15 9.34 9.03 -21.54
N ASP A 16 9.19 9.53 -22.75
CA ASP A 16 8.01 10.42 -23.07
C ASP A 16 6.68 9.80 -22.59
N GLY A 17 6.57 8.48 -22.60
CA GLY A 17 5.31 7.83 -22.14
C GLY A 17 4.91 8.33 -20.73
N PHE A 18 5.87 8.66 -19.88
CA PHE A 18 5.50 9.15 -18.50
C PHE A 18 4.58 10.38 -18.60
N GLU A 19 4.75 11.21 -19.60
CA GLU A 19 3.85 12.42 -19.73
C GLU A 19 2.37 11.99 -19.74
N LYS A 20 2.06 10.87 -20.37
CA LYS A 20 0.63 10.41 -20.40
C LYS A 20 0.08 10.23 -18.97
N ILE A 21 0.92 9.79 -18.05
CA ILE A 21 0.44 9.60 -16.64
C ILE A 21 1.18 10.57 -15.69
N LYS A 22 1.47 11.78 -16.14
CA LYS A 22 2.22 12.75 -15.26
C LYS A 22 1.29 13.56 -14.31
N PRO A 23 0.16 14.04 -14.80
CA PRO A 23 -0.73 14.85 -13.93
C PRO A 23 -1.49 13.98 -12.91
N THR A 24 -1.92 12.80 -13.28
CA THR A 24 -2.68 11.94 -12.30
C THR A 24 -1.80 11.63 -11.09
N LEU A 25 -0.55 11.29 -11.30
CA LEU A 25 0.35 10.98 -10.13
C LEU A 25 0.55 12.24 -9.29
N THR A 26 0.71 13.39 -9.91
CA THR A 26 0.89 14.66 -9.10
C THR A 26 -0.31 14.88 -8.16
N ASP A 27 -1.51 14.49 -8.57
CA ASP A 27 -2.71 14.67 -7.68
C ASP A 27 -2.48 13.96 -6.33
N PHE A 28 -1.82 12.82 -6.33
CA PHE A 28 -1.58 12.10 -5.02
C PHE A 28 -0.81 13.00 -4.04
N GLU A 29 0.15 13.77 -4.52
CA GLU A 29 0.92 14.67 -3.59
C GLU A 29 0.00 15.68 -2.90
N ILE A 30 -1.15 16.01 -3.46
CA ILE A 30 -2.05 17.00 -2.77
C ILE A 30 -2.86 16.29 -1.67
N GLN A 31 -3.24 15.04 -1.86
CA GLN A 31 -4.00 14.33 -0.77
C GLN A 31 -3.00 13.77 0.25
N LEU A 32 -1.84 13.32 -0.18
CA LEU A 32 -0.84 12.78 0.81
C LEU A 32 -0.19 13.95 1.57
N ARG A 33 -0.03 15.12 0.96
CA ARG A 33 0.59 16.26 1.72
C ARG A 33 -0.37 16.76 2.81
N ASP A 34 -1.67 16.78 2.55
CA ASP A 34 -2.63 17.24 3.61
C ASP A 34 -2.57 16.28 4.80
N ALA A 35 -2.51 14.99 4.55
CA ALA A 35 -2.43 14.01 5.70
C ALA A 35 -1.06 14.16 6.38
N GLN A 36 0.01 14.30 5.61
CA GLN A 36 1.37 14.46 6.23
C GLN A 36 1.39 15.70 7.15
N LYS A 37 0.69 16.76 6.79
CA LYS A 37 0.70 17.99 7.66
C LYS A 37 -0.32 17.83 8.81
N ASP A 38 -1.48 17.26 8.53
CA ASP A 38 -2.49 17.09 9.62
C ASP A 38 -1.92 16.20 10.74
N LYS A 39 -1.17 15.17 10.41
CA LYS A 39 -0.58 14.28 11.48
C LYS A 39 0.29 15.11 12.43
N SER A 40 1.03 16.08 11.92
CA SER A 40 1.89 16.91 12.82
C SER A 40 1.33 18.33 12.93
N SER A 41 0.11 18.48 13.40
CA SER A 41 -0.49 19.85 13.52
C SER A 41 -1.42 19.92 14.73
N LYS A 42 -2.45 19.09 14.79
CA LYS A 42 -3.39 19.13 15.96
C LYS A 42 -3.10 17.95 16.90
N LEU A 43 -2.98 16.73 16.38
CA LEU A 43 -2.70 15.55 17.26
C LEU A 43 -3.76 15.46 18.38
N ALA A 44 -5.04 15.45 18.04
CA ALA A 44 -6.08 15.36 19.09
C ALA A 44 -7.26 14.49 18.60
N ALA A 45 -7.90 14.87 17.51
CA ALA A 45 -9.04 14.06 16.99
C ALA A 45 -8.94 13.92 15.47
N LYS A 46 -9.56 12.90 14.90
CA LYS A 46 -9.49 12.71 13.40
C LYS A 46 -8.03 12.70 12.92
N SER A 47 -7.17 11.93 13.54
CA SER A 47 -5.74 11.89 13.11
C SER A 47 -5.40 10.52 12.52
N ASN A 48 -5.65 9.44 13.25
CA ASN A 48 -5.33 8.08 12.70
C ASN A 48 -6.04 7.85 11.36
N GLU A 49 -7.27 8.33 11.23
CA GLU A 49 -8.00 8.15 9.92
C GLU A 49 -7.24 8.86 8.79
N GLN A 50 -6.72 10.04 9.04
CA GLN A 50 -5.97 10.76 7.95
C GLN A 50 -4.74 9.94 7.54
N LEU A 51 -4.03 9.35 8.48
CA LEU A 51 -2.83 8.53 8.12
C LEU A 51 -3.24 7.38 7.17
N TRP A 52 -4.37 6.75 7.39
CA TRP A 52 -4.79 5.64 6.47
C TRP A 52 -4.95 6.16 5.05
N GLU A 53 -5.45 7.38 4.87
CA GLU A 53 -5.58 7.91 3.47
C GLU A 53 -4.22 7.94 2.77
N ILE A 54 -3.13 8.13 3.50
CA ILE A 54 -1.79 8.13 2.83
C ILE A 54 -1.43 6.70 2.42
N MET A 55 -1.33 5.78 3.35
CA MET A 55 -1.02 4.36 2.95
C MET A 55 -2.14 3.82 2.03
N GLN A 56 -3.37 4.29 2.18
CA GLN A 56 -4.46 3.79 1.26
C GLN A 56 -4.22 4.36 -0.14
N LEU A 57 -3.77 5.60 -0.26
CA LEU A 57 -3.50 6.18 -1.63
C LEU A 57 -2.55 5.25 -2.42
N HIS A 58 -1.62 4.58 -1.75
CA HIS A 58 -0.68 3.66 -2.48
C HIS A 58 -1.49 2.64 -3.32
N HIS A 59 -2.60 2.14 -2.79
CA HIS A 59 -3.40 1.15 -3.59
C HIS A 59 -3.85 1.81 -4.90
N GLN A 60 -4.35 3.02 -4.85
CA GLN A 60 -4.77 3.71 -6.12
C GLN A 60 -3.54 3.87 -7.04
N ARG A 61 -2.37 4.15 -6.50
CA ARG A 61 -1.16 4.29 -7.37
C ARG A 61 -0.86 2.94 -8.04
N SER A 62 -0.79 1.86 -7.26
CA SER A 62 -0.51 0.52 -7.88
C SER A 62 -1.64 0.16 -8.85
N ARG A 63 -2.88 0.45 -8.49
CA ARG A 63 -4.01 0.12 -9.43
C ARG A 63 -3.87 0.97 -10.71
N TYR A 64 -3.46 2.22 -10.58
CA TYR A 64 -3.30 3.08 -11.82
C TYR A 64 -2.26 2.46 -12.75
N ILE A 65 -1.11 2.07 -12.24
CA ILE A 65 -0.07 1.43 -13.13
C ILE A 65 -0.49 -0.01 -13.41
N TYR A 66 -0.95 -0.72 -12.40
CA TYR A 66 -1.40 -2.15 -12.61
C TYR A 66 -2.56 -2.20 -13.62
N THR A 67 -3.30 -1.12 -13.81
CA THR A 67 -4.44 -1.17 -14.79
C THR A 67 -3.96 -0.74 -16.18
N LEU A 68 -3.05 0.22 -16.27
CA LEU A 68 -2.60 0.67 -17.64
C LEU A 68 -1.50 -0.24 -18.22
N TYR A 69 -0.64 -0.83 -17.39
CA TYR A 69 0.45 -1.71 -17.96
C TYR A 69 -0.05 -3.16 -18.14
N TYR A 70 -0.85 -3.67 -17.24
CA TYR A 70 -1.32 -5.09 -17.40
C TYR A 70 -2.63 -5.21 -18.22
N LYS A 71 -3.42 -4.16 -18.33
CA LYS A 71 -4.68 -4.28 -19.13
C LYS A 71 -4.70 -3.28 -20.30
N ARG A 72 -4.63 -1.99 -20.02
CA ARG A 72 -4.65 -0.99 -21.15
C ARG A 72 -3.46 -1.20 -22.11
N LYS A 73 -2.34 -1.69 -21.61
CA LYS A 73 -1.15 -1.91 -22.51
C LYS A 73 -0.76 -0.58 -23.18
N ALA A 74 -0.77 0.50 -22.45
CA ALA A 74 -0.38 1.82 -23.06
C ALA A 74 0.94 2.30 -22.44
N ILE A 75 1.85 1.40 -22.13
CA ILE A 75 3.16 1.81 -21.54
C ILE A 75 4.23 0.74 -21.81
N SER A 76 5.49 1.06 -21.68
CA SER A 76 6.55 0.04 -21.94
C SER A 76 7.22 -0.38 -20.62
N LYS A 77 7.69 -1.61 -20.53
CA LYS A 77 8.36 -2.08 -19.26
C LYS A 77 9.39 -1.05 -18.74
N ASP A 78 10.04 -0.32 -19.62
CA ASP A 78 11.04 0.70 -19.13
C ASP A 78 10.32 1.75 -18.27
N LEU A 79 9.23 2.32 -18.77
CA LEU A 79 8.50 3.34 -17.94
C LEU A 79 7.88 2.62 -16.73
N TYR A 80 7.28 1.46 -16.94
CA TYR A 80 6.68 0.71 -15.78
C TYR A 80 7.78 0.38 -14.77
N ASP A 81 8.97 0.02 -15.23
CA ASP A 81 10.08 -0.29 -14.25
C ASP A 81 10.56 1.03 -13.64
N TRP A 82 10.72 2.07 -14.44
CA TRP A 82 11.18 3.39 -13.88
C TRP A 82 10.19 3.86 -12.79
N LEU A 83 8.90 3.61 -12.96
CA LEU A 83 7.91 4.02 -11.91
C LEU A 83 8.14 3.19 -10.63
N ILE A 84 8.19 1.87 -10.77
CA ILE A 84 8.42 1.00 -9.56
C ILE A 84 9.75 1.38 -8.87
N LYS A 85 10.75 1.84 -9.62
CA LYS A 85 12.05 2.21 -8.97
C LYS A 85 12.07 3.70 -8.52
N GLU A 86 11.14 4.53 -8.95
CA GLU A 86 11.17 5.97 -8.52
C GLU A 86 10.03 6.29 -7.53
N LYS A 87 9.49 5.31 -6.82
CA LYS A 87 8.38 5.53 -5.82
C LYS A 87 7.04 5.79 -6.51
N TYR A 88 6.43 4.77 -7.06
CA TYR A 88 5.11 4.94 -7.74
C TYR A 88 4.17 3.82 -7.28
N ALA A 89 4.50 2.59 -7.58
CA ALA A 89 3.64 1.44 -7.16
C ALA A 89 4.50 0.37 -6.49
N ASP A 90 3.91 -0.55 -5.76
CA ASP A 90 4.72 -1.61 -5.10
C ASP A 90 4.51 -2.96 -5.78
N LYS A 91 5.50 -3.45 -6.51
CA LYS A 91 5.34 -4.78 -7.20
C LYS A 91 5.02 -5.89 -6.17
N LEU A 92 5.63 -5.83 -5.00
CA LEU A 92 5.34 -6.90 -3.97
C LEU A 92 3.85 -6.93 -3.63
N LEU A 93 3.20 -5.77 -3.54
CA LEU A 93 1.73 -5.78 -3.22
C LEU A 93 0.97 -6.30 -4.44
N ILE A 94 1.29 -5.83 -5.64
CA ILE A 94 0.58 -6.37 -6.86
C ILE A 94 0.85 -7.89 -6.95
N ALA A 95 2.04 -8.33 -6.65
CA ALA A 95 2.33 -9.82 -6.71
C ALA A 95 1.44 -10.53 -5.69
N LYS A 96 1.25 -9.97 -4.50
CA LYS A 96 0.38 -10.65 -3.48
C LYS A 96 -1.03 -10.83 -4.05
N TRP A 97 -1.59 -9.78 -4.63
CA TRP A 97 -2.98 -9.91 -5.22
C TRP A 97 -3.00 -10.98 -6.31
N ARG A 98 -1.93 -11.13 -7.08
CA ARG A 98 -1.91 -12.17 -8.15
C ARG A 98 -1.55 -13.54 -7.57
N LYS A 99 -0.73 -13.61 -6.54
CA LYS A 99 -0.35 -14.95 -5.94
C LYS A 99 -1.61 -15.77 -5.61
N THR A 100 -1.44 -16.98 -5.12
CA THR A 100 -2.64 -17.81 -4.76
C THR A 100 -2.79 -17.85 -3.23
N GLY A 101 -4.00 -17.79 -2.72
CA GLY A 101 -4.18 -17.80 -1.23
C GLY A 101 -4.43 -16.37 -0.70
N TYR A 102 -4.01 -15.34 -1.42
CA TYR A 102 -4.26 -13.94 -0.91
C TYR A 102 -5.60 -13.41 -1.45
N GLU A 103 -6.69 -14.07 -1.18
CA GLU A 103 -8.02 -13.58 -1.69
C GLU A 103 -8.38 -12.24 -1.01
N LYS A 104 -8.05 -12.07 0.26
CA LYS A 104 -8.39 -10.78 0.94
C LYS A 104 -7.16 -10.18 1.62
N LEU A 105 -6.49 -9.23 0.97
CA LEU A 105 -5.29 -8.61 1.60
C LEU A 105 -5.35 -7.08 1.44
N CYS A 106 -5.04 -6.33 2.47
CA CYS A 106 -5.08 -4.83 2.35
C CYS A 106 -3.68 -4.20 2.21
N CYS A 107 -2.64 -4.80 2.75
CA CYS A 107 -1.26 -4.21 2.59
C CYS A 107 -0.22 -5.33 2.48
N LEU A 108 1.06 -5.01 2.60
CA LEU A 108 2.11 -6.08 2.52
C LEU A 108 2.54 -6.48 3.95
N ARG A 109 2.80 -5.52 4.82
CA ARG A 109 3.19 -5.87 6.24
C ARG A 109 1.96 -5.91 7.19
N CYS A 110 0.76 -5.64 6.70
CA CYS A 110 -0.46 -5.70 7.59
C CYS A 110 -0.87 -7.18 7.59
N ILE A 111 -0.95 -7.79 6.42
CA ILE A 111 -1.30 -9.26 6.35
C ILE A 111 -0.09 -10.13 6.76
N GLN A 112 1.13 -9.64 6.61
CA GLN A 112 2.32 -10.46 6.98
C GLN A 112 3.14 -9.74 8.06
N LYS A 113 4.28 -10.27 8.44
CA LYS A 113 5.11 -9.60 9.49
C LYS A 113 6.55 -9.36 8.96
N ASN A 114 7.47 -9.01 9.84
CA ASN A 114 8.88 -8.76 9.37
C ASN A 114 9.88 -9.18 10.45
N GLU A 115 9.81 -8.62 11.64
CA GLU A 115 10.77 -9.02 12.71
C GLU A 115 10.02 -9.47 13.97
N THR A 116 9.07 -10.36 13.85
CA THR A 116 8.32 -10.84 15.04
C THR A 116 8.40 -12.38 15.15
N ASN A 117 7.56 -13.01 15.92
CA ASN A 117 7.62 -14.51 16.04
C ASN A 117 6.45 -15.14 15.28
N ASN A 118 6.35 -16.46 15.28
CA ASN A 118 5.22 -17.13 14.54
C ASN A 118 3.88 -16.67 15.13
N GLY A 119 2.88 -16.47 14.29
CA GLY A 119 1.55 -16.03 14.81
C GLY A 119 1.66 -14.59 15.34
N SER A 120 2.27 -13.69 14.60
CA SER A 120 2.40 -12.28 15.07
C SER A 120 2.15 -11.31 13.92
N THR A 121 0.97 -11.33 13.32
CA THR A 121 0.69 -10.39 12.19
C THR A 121 -0.43 -9.43 12.59
N CYS A 122 -0.82 -8.51 11.71
CA CYS A 122 -1.90 -7.54 12.08
C CYS A 122 -3.19 -8.32 12.43
N ILE A 123 -4.06 -7.76 13.23
CA ILE A 123 -5.32 -8.50 13.62
C ILE A 123 -6.31 -8.55 12.44
N CYS A 124 -6.38 -7.51 11.61
CA CYS A 124 -7.37 -7.54 10.48
C CYS A 124 -7.17 -8.79 9.59
N ARG A 125 -5.95 -9.27 9.43
CA ARG A 125 -5.75 -10.50 8.59
C ARG A 125 -6.53 -11.68 9.22
N VAL A 126 -6.62 -11.74 10.53
CA VAL A 126 -7.39 -12.86 11.17
C VAL A 126 -8.90 -12.55 11.12
N PRO A 127 -9.67 -13.46 10.57
CA PRO A 127 -11.14 -13.25 10.49
C PRO A 127 -11.77 -13.21 11.89
N ARG A 128 -13.07 -12.97 11.98
CA ARG A 128 -13.72 -12.91 13.34
C ARG A 128 -13.89 -14.34 13.91
N ALA A 129 -14.22 -15.31 13.08
CA ALA A 129 -14.39 -16.71 13.63
C ALA A 129 -13.09 -17.18 14.31
N GLN A 130 -11.93 -16.87 13.74
CA GLN A 130 -10.65 -17.30 14.40
C GLN A 130 -10.44 -16.48 15.67
N LEU A 131 -10.71 -15.18 15.63
CA LEU A 131 -10.53 -14.35 16.88
C LEU A 131 -11.55 -14.80 17.94
N GLU A 132 -12.77 -15.15 17.54
CA GLU A 132 -13.77 -15.60 18.57
C GLU A 132 -13.26 -16.85 19.29
N GLU A 133 -12.61 -17.76 18.59
CA GLU A 133 -12.09 -18.99 19.28
C GLU A 133 -11.13 -18.61 20.42
N GLU A 134 -10.32 -17.58 20.24
CA GLU A 134 -9.37 -17.18 21.34
C GLU A 134 -10.16 -16.81 22.61
N ALA A 135 -11.23 -16.07 22.47
CA ALA A 135 -12.03 -15.69 23.70
C ALA A 135 -12.57 -16.96 24.38
N ARG A 136 -13.14 -17.88 23.62
CA ARG A 136 -13.66 -19.15 24.25
C ARG A 136 -12.54 -19.88 25.00
N LYS A 137 -11.32 -19.83 24.51
CA LYS A 137 -10.20 -20.54 25.23
C LYS A 137 -9.75 -19.75 26.48
N LYS A 138 -9.83 -18.42 26.46
CA LYS A 138 -9.40 -17.64 27.67
C LYS A 138 -10.60 -17.24 28.55
N GLY A 139 -11.72 -17.96 28.48
CA GLY A 139 -12.89 -17.60 29.34
C GLY A 139 -13.25 -16.11 29.18
N THR A 140 -13.33 -15.61 27.96
CA THR A 140 -13.68 -14.17 27.77
C THR A 140 -14.34 -13.95 26.40
N GLN A 141 -14.55 -12.71 26.00
CA GLN A 141 -15.19 -12.44 24.67
C GLN A 141 -14.28 -11.55 23.82
N VAL A 142 -14.68 -11.27 22.59
CA VAL A 142 -13.81 -10.41 21.70
C VAL A 142 -14.66 -9.80 20.57
N SER A 143 -14.18 -8.74 19.94
CA SER A 143 -14.97 -8.12 18.83
C SER A 143 -14.09 -7.13 18.02
N PHE A 144 -13.55 -7.56 16.91
CA PHE A 144 -12.69 -6.65 16.09
C PHE A 144 -13.48 -6.09 14.89
N HIS A 145 -13.05 -4.98 14.34
CA HIS A 145 -13.74 -4.39 13.16
C HIS A 145 -12.69 -3.90 12.15
N GLN A 146 -11.84 -2.99 12.54
CA GLN A 146 -10.77 -2.49 11.62
C GLN A 146 -9.45 -2.35 12.40
N CYS A 147 -8.32 -2.53 11.77
CA CYS A 147 -7.02 -2.41 12.51
C CYS A 147 -6.51 -0.96 12.50
N VAL A 148 -5.72 -0.58 13.48
CA VAL A 148 -5.20 0.83 13.52
C VAL A 148 -4.09 1.06 12.47
N HIS A 149 -3.38 0.03 12.04
CA HIS A 149 -2.29 0.24 11.01
C HIS A 149 -2.84 1.04 9.81
N CYS A 150 -3.81 0.51 9.10
CA CYS A 150 -4.39 1.24 7.94
C CYS A 150 -5.92 1.37 8.09
N GLY A 151 -6.62 1.76 7.04
CA GLY A 151 -8.10 1.87 7.12
C GLY A 151 -8.71 0.59 6.55
N CYS A 152 -8.52 -0.54 7.20
CA CYS A 152 -9.08 -1.82 6.68
C CYS A 152 -10.33 -2.22 7.47
N ARG A 153 -11.31 -2.81 6.83
CA ARG A 153 -12.55 -3.23 7.56
C ARG A 153 -12.47 -4.72 7.88
N GLY A 154 -11.35 -5.19 8.41
CA GLY A 154 -11.21 -6.63 8.73
C GLY A 154 -11.12 -7.44 7.44
N CYS A 155 -9.92 -7.77 6.99
CA CYS A 155 -9.77 -8.56 5.73
C CYS A 155 -9.29 -9.99 6.05
N ALA A 156 -9.99 -11.00 5.56
CA ALA A 156 -9.57 -12.41 5.84
C ALA A 156 -9.80 -13.28 4.60
N SER A 157 -8.91 -14.21 4.31
CA SER A 157 -9.10 -15.08 3.11
C SER A 157 -9.53 -16.49 3.52
N THR A 158 -8.82 -17.11 4.45
CA THR A 158 -9.22 -18.52 4.87
C THR A 158 -10.70 -18.56 5.29
N ASP A 159 -11.19 -17.53 5.95
CA ASP A 159 -12.62 -17.53 6.38
C ASP A 159 -13.21 -16.13 6.24
ZN ZN B . -3.72 -3.06 6.08
ZN ZN C . -6.55 -5.79 6.47
ZN ZN D . -4.31 -4.63 9.41
N GLY A 1 20.53 5.93 19.68
CA GLY A 1 20.92 6.77 18.51
C GLY A 1 21.26 5.86 17.31
N GLY A 2 20.37 5.74 16.36
CA GLY A 2 20.66 4.87 15.18
C GLY A 2 21.25 5.71 14.05
N SER A 3 21.37 5.17 12.85
CA SER A 3 21.94 5.95 11.72
C SER A 3 20.92 6.06 10.57
N PRO A 4 21.14 6.99 9.68
CA PRO A 4 20.21 7.18 8.54
C PRO A 4 20.37 6.03 7.53
N ARG A 5 19.27 5.44 7.09
CA ARG A 5 19.38 4.31 6.11
C ARG A 5 18.69 4.70 4.79
N ILE A 6 19.32 5.55 3.99
CA ILE A 6 18.70 5.95 2.68
C ILE A 6 19.78 6.24 1.64
N LYS A 7 19.70 5.62 0.48
CA LYS A 7 20.73 5.87 -0.58
C LYS A 7 20.05 6.07 -1.95
N THR A 8 19.96 7.30 -2.41
CA THR A 8 19.31 7.55 -3.72
C THR A 8 20.32 8.17 -4.71
N ARG A 9 19.96 8.30 -5.97
CA ARG A 9 20.91 8.89 -6.96
C ARG A 9 20.18 9.90 -7.86
N ARG A 10 20.88 10.55 -8.77
CA ARG A 10 20.22 11.55 -9.66
C ARG A 10 20.50 11.20 -11.13
N SER A 11 20.34 9.95 -11.52
CA SER A 11 20.60 9.57 -12.94
C SER A 11 19.53 8.58 -13.43
N LYS A 12 18.27 8.80 -13.09
CA LYS A 12 17.19 7.88 -13.54
C LYS A 12 16.04 8.68 -14.16
N PRO A 13 16.26 9.21 -15.34
CA PRO A 13 15.20 10.01 -16.02
C PRO A 13 14.11 9.08 -16.58
N ALA A 14 12.92 9.62 -16.81
CA ALA A 14 11.82 8.76 -17.37
C ALA A 14 11.63 9.07 -18.87
N PRO A 15 11.32 8.06 -19.64
CA PRO A 15 11.13 8.25 -21.10
C PRO A 15 9.86 9.08 -21.38
N ASP A 16 9.72 9.60 -22.58
CA ASP A 16 8.51 10.43 -22.92
C ASP A 16 7.20 9.73 -22.49
N GLY A 17 7.16 8.41 -22.51
CA GLY A 17 5.91 7.68 -22.09
C GLY A 17 5.43 8.18 -20.71
N PHE A 18 6.34 8.49 -19.80
CA PHE A 18 5.89 8.99 -18.45
C PHE A 18 5.00 10.23 -18.59
N GLU A 19 5.26 11.08 -19.57
CA GLU A 19 4.40 12.32 -19.74
C GLU A 19 2.91 11.92 -19.81
N LYS A 20 2.60 10.80 -20.42
CA LYS A 20 1.16 10.37 -20.50
C LYS A 20 0.57 10.22 -19.08
N ILE A 21 1.35 9.75 -18.13
CA ILE A 21 0.83 9.59 -16.74
C ILE A 21 1.65 10.43 -15.74
N LYS A 22 2.13 11.59 -16.13
CA LYS A 22 2.95 12.43 -15.19
C LYS A 22 2.10 13.30 -14.23
N PRO A 23 1.05 13.93 -14.73
CA PRO A 23 0.23 14.81 -13.86
C PRO A 23 -0.68 14.00 -12.93
N THR A 24 -1.20 12.88 -13.37
CA THR A 24 -2.10 12.07 -12.47
C THR A 24 -1.34 11.65 -11.20
N LEU A 25 -0.11 11.20 -11.34
CA LEU A 25 0.66 10.79 -10.12
C LEU A 25 0.94 12.02 -9.24
N THR A 26 1.27 13.15 -9.84
CA THR A 26 1.52 14.39 -9.01
C THR A 26 0.27 14.75 -8.20
N ASP A 27 -0.92 14.52 -8.74
CA ASP A 27 -2.17 14.85 -7.96
C ASP A 27 -2.19 14.08 -6.62
N PHE A 28 -1.71 12.84 -6.59
CA PHE A 28 -1.71 12.08 -5.29
C PHE A 28 -0.97 12.88 -4.22
N GLU A 29 0.15 13.50 -4.56
CA GLU A 29 0.90 14.30 -3.54
C GLU A 29 0.00 15.42 -2.97
N ILE A 30 -0.99 15.88 -3.72
CA ILE A 30 -1.89 16.96 -3.16
C ILE A 30 -2.71 16.39 -2.01
N GLN A 31 -3.40 15.28 -2.22
CA GLN A 31 -4.22 14.68 -1.10
C GLN A 31 -3.27 14.18 0.00
N LEU A 32 -2.18 13.54 -0.38
CA LEU A 32 -1.21 13.06 0.68
C LEU A 32 -0.60 14.28 1.39
N ARG A 33 -0.37 15.37 0.69
CA ARG A 33 0.22 16.59 1.37
C ARG A 33 -0.70 17.04 2.52
N ASP A 34 -2.01 17.01 2.31
CA ASP A 34 -2.94 17.46 3.41
C ASP A 34 -2.77 16.54 4.63
N ALA A 35 -2.79 15.24 4.43
CA ALA A 35 -2.61 14.31 5.60
C ALA A 35 -1.17 14.42 6.13
N GLN A 36 -0.19 14.52 5.25
CA GLN A 36 1.23 14.65 5.72
C GLN A 36 1.45 16.00 6.43
N LYS A 37 0.74 17.05 6.03
CA LYS A 37 0.93 18.38 6.71
C LYS A 37 -0.08 18.56 7.85
N ASP A 38 -1.29 18.05 7.70
CA ASP A 38 -2.30 18.21 8.81
C ASP A 38 -1.75 17.61 10.12
N LYS A 39 -1.01 16.52 10.05
CA LYS A 39 -0.46 15.91 11.32
C LYS A 39 0.33 16.96 12.13
N SER A 40 1.06 17.84 11.46
CA SER A 40 1.84 18.88 12.21
C SER A 40 1.15 20.26 12.08
N SER A 41 -0.16 20.31 12.11
CA SER A 41 -0.87 21.62 11.98
C SER A 41 -2.26 21.55 12.65
N LYS A 42 -2.34 21.87 13.92
CA LYS A 42 -3.67 21.82 14.63
C LYS A 42 -4.33 20.44 14.45
N LEU A 43 -4.03 19.49 15.30
CA LEU A 43 -4.66 18.13 15.16
C LEU A 43 -4.69 17.41 16.51
N ALA A 44 -5.73 17.61 17.30
CA ALA A 44 -5.81 16.92 18.64
C ALA A 44 -6.62 15.63 18.52
N ALA A 45 -7.70 15.64 17.75
CA ALA A 45 -8.53 14.40 17.61
C ALA A 45 -8.48 13.90 16.16
N LYS A 46 -9.00 12.70 15.89
CA LYS A 46 -8.99 12.16 14.49
C LYS A 46 -7.55 12.19 13.91
N SER A 47 -6.70 11.27 14.30
CA SER A 47 -5.31 11.26 13.76
C SER A 47 -5.06 9.99 12.92
N ASN A 48 -5.28 8.83 13.49
CA ASN A 48 -5.06 7.55 12.71
C ASN A 48 -5.88 7.59 11.40
N GLU A 49 -7.08 8.12 11.43
CA GLU A 49 -7.91 8.18 10.18
C GLU A 49 -7.18 9.00 9.10
N GLN A 50 -6.51 10.07 9.48
CA GLN A 50 -5.78 10.89 8.43
C GLN A 50 -4.66 10.06 7.81
N LEU A 51 -3.93 9.29 8.60
CA LEU A 51 -2.82 8.45 8.01
C LEU A 51 -3.40 7.35 7.11
N TRP A 52 -4.55 6.78 7.45
CA TRP A 52 -5.13 5.71 6.58
C TRP A 52 -5.38 6.24 5.16
N GLU A 53 -5.80 7.48 5.03
CA GLU A 53 -6.01 8.04 3.65
C GLU A 53 -4.67 8.07 2.90
N ILE A 54 -3.56 8.29 3.59
CA ILE A 54 -2.24 8.30 2.88
C ILE A 54 -1.88 6.88 2.46
N MET A 55 -1.76 5.94 3.38
CA MET A 55 -1.43 4.53 2.95
C MET A 55 -2.54 3.99 2.01
N GLN A 56 -3.78 4.45 2.16
CA GLN A 56 -4.84 3.96 1.21
C GLN A 56 -4.57 4.52 -0.20
N LEU A 57 -4.11 5.75 -0.31
CA LEU A 57 -3.80 6.32 -1.67
C LEU A 57 -2.86 5.39 -2.45
N HIS A 58 -1.97 4.69 -1.77
CA HIS A 58 -1.02 3.77 -2.49
C HIS A 58 -1.82 2.74 -3.33
N HIS A 59 -2.95 2.27 -2.83
CA HIS A 59 -3.75 1.27 -3.64
C HIS A 59 -4.19 1.92 -4.95
N GLN A 60 -4.79 3.09 -4.90
CA GLN A 60 -5.22 3.76 -6.17
C GLN A 60 -4.00 3.97 -7.09
N ARG A 61 -2.84 4.27 -6.53
CA ARG A 61 -1.63 4.45 -7.40
C ARG A 61 -1.27 3.13 -8.08
N SER A 62 -1.18 2.03 -7.33
CA SER A 62 -0.86 0.72 -7.97
C SER A 62 -1.97 0.36 -8.97
N ARG A 63 -3.22 0.62 -8.62
CA ARG A 63 -4.32 0.29 -9.59
C ARG A 63 -4.16 1.13 -10.86
N TYR A 64 -3.75 2.38 -10.75
CA TYR A 64 -3.57 3.24 -11.97
C TYR A 64 -2.52 2.59 -12.89
N ILE A 65 -1.36 2.25 -12.36
CA ILE A 65 -0.31 1.59 -13.23
C ILE A 65 -0.73 0.15 -13.51
N TYR A 66 -1.22 -0.56 -12.51
CA TYR A 66 -1.67 -1.97 -12.73
C TYR A 66 -2.77 -2.02 -13.80
N THR A 67 -3.65 -1.03 -13.83
CA THR A 67 -4.74 -1.05 -14.87
C THR A 67 -4.18 -0.68 -16.24
N LEU A 68 -3.27 0.27 -16.32
CA LEU A 68 -2.72 0.65 -17.67
C LEU A 68 -1.58 -0.30 -18.13
N TYR A 69 -0.79 -0.85 -17.22
CA TYR A 69 0.32 -1.77 -17.67
C TYR A 69 -0.16 -3.22 -17.84
N TYR A 70 -0.98 -3.73 -16.95
CA TYR A 70 -1.42 -5.17 -17.08
C TYR A 70 -2.70 -5.33 -17.91
N LYS A 71 -3.57 -4.33 -17.97
CA LYS A 71 -4.82 -4.50 -18.78
C LYS A 71 -4.76 -3.63 -20.05
N ARG A 72 -4.60 -2.33 -19.92
CA ARG A 72 -4.54 -1.46 -21.16
C ARG A 72 -3.39 -1.91 -22.07
N LYS A 73 -2.29 -2.40 -21.51
CA LYS A 73 -1.13 -2.85 -22.36
C LYS A 73 -0.62 -1.70 -23.22
N ALA A 74 -0.41 -0.53 -22.63
CA ALA A 74 0.10 0.61 -23.44
C ALA A 74 1.52 0.97 -22.97
N ILE A 75 1.69 1.29 -21.70
CA ILE A 75 3.06 1.64 -21.17
C ILE A 75 4.05 0.51 -21.47
N SER A 76 5.34 0.76 -21.41
CA SER A 76 6.33 -0.32 -21.68
C SER A 76 7.05 -0.69 -20.37
N LYS A 77 7.44 -1.94 -20.21
CA LYS A 77 8.15 -2.38 -18.94
C LYS A 77 9.23 -1.37 -18.50
N ASP A 78 9.89 -0.71 -19.42
CA ASP A 78 10.94 0.30 -19.01
C ASP A 78 10.28 1.40 -18.16
N LEU A 79 9.17 1.96 -18.61
CA LEU A 79 8.49 3.02 -17.79
C LEU A 79 7.87 2.36 -16.56
N TYR A 80 7.26 1.20 -16.72
CA TYR A 80 6.65 0.50 -15.52
C TYR A 80 7.77 0.17 -14.52
N ASP A 81 8.96 -0.19 -14.97
CA ASP A 81 10.07 -0.51 -14.01
C ASP A 81 10.55 0.80 -13.37
N TRP A 82 10.72 1.85 -14.16
CA TRP A 82 11.17 3.16 -13.58
C TRP A 82 10.16 3.64 -12.53
N LEU A 83 8.88 3.44 -12.77
CA LEU A 83 7.85 3.88 -11.76
C LEU A 83 8.01 3.06 -10.47
N ILE A 84 8.08 1.75 -10.57
CA ILE A 84 8.25 0.91 -9.33
C ILE A 84 9.56 1.29 -8.60
N LYS A 85 10.59 1.68 -9.32
CA LYS A 85 11.87 2.05 -8.63
C LYS A 85 11.93 3.55 -8.25
N GLU A 86 10.96 4.36 -8.65
CA GLU A 86 11.02 5.82 -8.29
C GLU A 86 9.86 6.22 -7.34
N LYS A 87 9.26 5.27 -6.62
CA LYS A 87 8.13 5.56 -5.67
C LYS A 87 6.83 5.87 -6.42
N TYR A 88 6.17 4.85 -6.90
CA TYR A 88 4.88 5.06 -7.63
C TYR A 88 3.86 4.02 -7.18
N ALA A 89 4.13 2.75 -7.43
CA ALA A 89 3.18 1.68 -7.00
C ALA A 89 3.94 0.65 -6.14
N ASP A 90 3.30 -0.43 -5.77
CA ASP A 90 4.00 -1.46 -4.93
C ASP A 90 3.99 -2.82 -5.65
N LYS A 91 5.10 -3.21 -6.24
CA LYS A 91 5.14 -4.55 -6.94
C LYS A 91 4.85 -5.67 -5.93
N LEU A 92 5.39 -5.58 -4.73
CA LEU A 92 5.12 -6.66 -3.72
C LEU A 92 3.60 -6.76 -3.45
N LEU A 93 2.93 -5.63 -3.32
CA LEU A 93 1.44 -5.69 -3.06
C LEU A 93 0.75 -6.29 -4.28
N ILE A 94 1.03 -5.79 -5.48
CA ILE A 94 0.40 -6.39 -6.70
C ILE A 94 0.78 -7.89 -6.78
N ALA A 95 1.99 -8.25 -6.39
CA ALA A 95 2.39 -9.70 -6.44
C ALA A 95 1.51 -10.50 -5.45
N LYS A 96 1.32 -9.99 -4.24
CA LYS A 96 0.45 -10.74 -3.26
C LYS A 96 -0.95 -10.90 -3.83
N TRP A 97 -1.53 -9.86 -4.41
CA TRP A 97 -2.92 -10.01 -4.99
C TRP A 97 -2.92 -11.11 -6.08
N ARG A 98 -1.85 -11.23 -6.84
CA ARG A 98 -1.81 -12.30 -7.90
C ARG A 98 -1.34 -13.64 -7.30
N LYS A 99 -0.51 -13.62 -6.27
CA LYS A 99 -0.04 -14.92 -5.65
C LYS A 99 -1.24 -15.81 -5.27
N THR A 100 -0.98 -16.95 -4.66
CA THR A 100 -2.12 -17.85 -4.25
C THR A 100 -2.36 -17.69 -2.73
N GLY A 101 -3.61 -17.57 -2.32
CA GLY A 101 -3.90 -17.42 -0.86
C GLY A 101 -4.10 -15.92 -0.50
N TYR A 102 -4.19 -15.03 -1.46
CA TYR A 102 -4.39 -13.59 -1.13
C TYR A 102 -5.73 -13.10 -1.71
N GLU A 103 -6.84 -13.52 -1.15
CA GLU A 103 -8.17 -13.07 -1.68
C GLU A 103 -8.68 -11.85 -0.91
N LYS A 104 -8.41 -11.74 0.38
CA LYS A 104 -8.90 -10.55 1.15
C LYS A 104 -7.76 -9.90 1.94
N LEU A 105 -6.90 -9.13 1.29
CA LEU A 105 -5.80 -8.46 2.03
C LEU A 105 -5.83 -6.94 1.76
N CYS A 106 -5.23 -6.14 2.61
CA CYS A 106 -5.27 -4.65 2.39
C CYS A 106 -3.88 -4.00 2.24
N CYS A 107 -2.83 -4.48 2.90
CA CYS A 107 -1.49 -3.83 2.70
C CYS A 107 -0.38 -4.91 2.65
N LEU A 108 0.88 -4.50 2.73
CA LEU A 108 1.99 -5.51 2.69
C LEU A 108 2.41 -5.88 4.12
N ARG A 109 2.47 -4.92 5.03
CA ARG A 109 2.84 -5.25 6.45
C ARG A 109 1.57 -5.31 7.33
N CYS A 110 0.44 -5.65 6.75
CA CYS A 110 -0.84 -5.73 7.52
C CYS A 110 -1.47 -7.13 7.30
N ILE A 111 -0.72 -8.11 6.79
CA ILE A 111 -1.28 -9.48 6.51
C ILE A 111 -0.14 -10.54 6.46
N GLN A 112 0.88 -10.42 7.29
CA GLN A 112 2.00 -11.41 7.21
C GLN A 112 2.15 -12.20 8.52
N LYS A 113 2.31 -13.51 8.43
CA LYS A 113 2.47 -14.33 9.67
C LYS A 113 3.67 -15.27 9.53
N ASN A 114 3.84 -16.22 10.43
CA ASN A 114 5.00 -17.18 10.36
C ASN A 114 6.35 -16.44 10.43
N GLU A 115 6.77 -15.77 9.36
CA GLU A 115 8.08 -15.05 9.40
C GLU A 115 7.85 -13.54 9.32
N THR A 116 8.34 -12.78 10.28
CA THR A 116 8.15 -11.31 10.24
C THR A 116 9.45 -10.58 10.62
N ASN A 117 9.45 -9.26 10.64
CA ASN A 117 10.69 -8.52 11.01
C ASN A 117 10.46 -7.67 12.27
N ASN A 118 9.49 -6.79 12.25
CA ASN A 118 9.22 -5.94 13.46
C ASN A 118 7.76 -6.13 13.92
N GLY A 119 7.54 -6.88 14.99
CA GLY A 119 6.14 -7.08 15.47
C GLY A 119 5.60 -8.42 14.96
N SER A 120 4.33 -8.49 14.62
CA SER A 120 3.77 -9.78 14.11
C SER A 120 2.68 -9.51 13.06
N THR A 121 1.91 -10.50 12.68
CA THR A 121 0.84 -10.26 11.65
C THR A 121 -0.17 -9.22 12.16
N CYS A 122 -1.04 -8.73 11.32
CA CYS A 122 -2.05 -7.73 11.79
C CYS A 122 -3.35 -8.46 12.15
N ILE A 123 -4.15 -7.91 13.04
CA ILE A 123 -5.43 -8.61 13.43
C ILE A 123 -6.45 -8.56 12.29
N CYS A 124 -6.54 -7.48 11.54
CA CYS A 124 -7.57 -7.40 10.44
C CYS A 124 -7.43 -8.61 9.49
N ARG A 125 -6.23 -9.10 9.24
CA ARG A 125 -6.09 -10.30 8.34
C ARG A 125 -6.89 -11.49 8.93
N VAL A 126 -6.93 -11.61 10.24
CA VAL A 126 -7.71 -12.75 10.86
C VAL A 126 -9.21 -12.41 10.87
N PRO A 127 -10.02 -13.28 10.29
CA PRO A 127 -11.49 -13.04 10.27
C PRO A 127 -12.07 -13.08 11.70
N ARG A 128 -13.36 -12.85 11.85
CA ARG A 128 -13.97 -12.87 13.23
C ARG A 128 -14.10 -14.32 13.73
N ALA A 129 -14.44 -15.26 12.87
CA ALA A 129 -14.59 -16.69 13.35
C ALA A 129 -13.27 -17.17 13.97
N GLN A 130 -12.14 -16.87 13.34
CA GLN A 130 -10.83 -17.30 13.93
C GLN A 130 -10.58 -16.53 15.23
N LEU A 131 -10.85 -15.25 15.25
CA LEU A 131 -10.63 -14.45 16.51
C LEU A 131 -11.56 -14.96 17.62
N GLU A 132 -12.80 -15.32 17.28
CA GLU A 132 -13.73 -15.83 18.35
C GLU A 132 -13.15 -17.10 18.99
N GLU A 133 -12.56 -17.98 18.20
CA GLU A 133 -11.97 -19.24 18.79
C GLU A 133 -10.89 -18.88 19.83
N GLU A 134 -10.12 -17.85 19.58
CA GLU A 134 -9.05 -17.46 20.58
C GLU A 134 -9.70 -17.12 21.93
N ALA A 135 -10.76 -16.34 21.93
CA ALA A 135 -11.42 -15.99 23.24
C ALA A 135 -11.95 -17.26 23.92
N ARG A 136 -12.62 -18.13 23.18
CA ARG A 136 -13.13 -19.40 23.82
C ARG A 136 -11.95 -20.22 24.38
N LYS A 137 -10.81 -20.21 23.74
CA LYS A 137 -9.64 -21.00 24.26
C LYS A 137 -9.04 -20.31 25.51
N LYS A 138 -9.06 -19.00 25.58
CA LYS A 138 -8.48 -18.31 26.78
C LYS A 138 -9.56 -17.91 27.81
N GLY A 139 -10.72 -18.57 27.80
CA GLY A 139 -11.79 -18.22 28.79
C GLY A 139 -12.08 -16.69 28.76
N THR A 140 -12.23 -16.11 27.59
CA THR A 140 -12.52 -14.65 27.52
C THR A 140 -13.39 -14.32 26.29
N GLN A 141 -13.48 -13.06 25.91
CA GLN A 141 -14.32 -12.70 24.72
C GLN A 141 -13.52 -11.77 23.79
N VAL A 142 -13.83 -11.77 22.50
CA VAL A 142 -13.09 -10.89 21.56
C VAL A 142 -14.07 -10.10 20.66
N SER A 143 -13.63 -9.03 20.06
CA SER A 143 -14.57 -8.23 19.18
C SER A 143 -13.77 -7.19 18.36
N PHE A 144 -13.26 -7.56 17.21
CA PHE A 144 -12.47 -6.59 16.39
C PHE A 144 -13.33 -6.06 15.21
N HIS A 145 -12.92 -4.95 14.63
CA HIS A 145 -13.66 -4.38 13.47
C HIS A 145 -12.65 -3.86 12.43
N GLN A 146 -11.82 -2.91 12.80
CA GLN A 146 -10.80 -2.38 11.86
C GLN A 146 -9.46 -2.26 12.62
N CYS A 147 -8.35 -2.40 11.93
CA CYS A 147 -7.02 -2.30 12.66
C CYS A 147 -6.48 -0.86 12.63
N VAL A 148 -5.68 -0.49 13.60
CA VAL A 148 -5.12 0.91 13.64
C VAL A 148 -4.04 1.11 12.55
N HIS A 149 -3.36 0.05 12.12
CA HIS A 149 -2.29 0.23 11.05
C HIS A 149 -2.83 1.06 9.87
N CYS A 150 -3.93 0.63 9.27
CA CYS A 150 -4.50 1.39 8.13
C CYS A 150 -6.02 1.58 8.34
N GLY A 151 -6.74 1.93 7.29
CA GLY A 151 -8.22 2.10 7.42
C GLY A 151 -8.90 0.85 6.84
N CYS A 152 -8.66 -0.30 7.42
CA CYS A 152 -9.27 -1.56 6.89
C CYS A 152 -10.45 -2.00 7.77
N ARG A 153 -11.52 -2.50 7.17
CA ARG A 153 -12.68 -2.96 8.00
C ARG A 153 -12.58 -4.47 8.22
N GLY A 154 -11.45 -4.95 8.72
CA GLY A 154 -11.30 -6.41 8.97
C GLY A 154 -11.29 -7.16 7.63
N CYS A 155 -10.13 -7.47 7.08
CA CYS A 155 -10.09 -8.20 5.78
C CYS A 155 -9.65 -9.67 6.01
N ALA A 156 -10.41 -10.62 5.52
CA ALA A 156 -10.04 -12.06 5.71
C ALA A 156 -10.61 -12.92 4.58
N SER A 157 -9.94 -14.00 4.21
CA SER A 157 -10.47 -14.85 3.10
C SER A 157 -11.09 -16.14 3.66
N THR A 158 -10.43 -16.81 4.59
CA THR A 158 -11.02 -18.09 5.15
C THR A 158 -12.46 -17.85 5.66
N ASP A 159 -12.72 -16.71 6.26
CA ASP A 159 -14.10 -16.44 6.76
C ASP A 159 -14.51 -15.00 6.42
ZN ZN B . -3.98 -2.81 6.13
ZN ZN C . -6.80 -5.56 6.48
ZN ZN D . -4.46 -4.53 9.40
N GLY A 1 47.79 -9.05 -22.73
CA GLY A 1 46.48 -8.98 -22.04
C GLY A 1 45.99 -7.52 -22.00
N GLY A 2 45.05 -7.15 -22.85
CA GLY A 2 44.56 -5.74 -22.84
C GLY A 2 43.66 -5.52 -21.61
N SER A 3 43.31 -4.29 -21.32
CA SER A 3 42.44 -4.01 -20.12
C SER A 3 41.29 -3.08 -20.51
N PRO A 4 40.16 -3.66 -20.87
CA PRO A 4 38.99 -2.84 -21.26
C PRO A 4 38.37 -2.14 -20.02
N ARG A 5 37.40 -1.28 -20.21
CA ARG A 5 36.78 -0.58 -19.04
C ARG A 5 35.29 -0.97 -18.94
N ILE A 6 34.83 -1.36 -17.78
CA ILE A 6 33.39 -1.74 -17.62
C ILE A 6 32.72 -0.84 -16.58
N LYS A 7 32.12 0.25 -16.99
CA LYS A 7 31.45 1.16 -16.02
C LYS A 7 29.95 1.26 -16.32
N THR A 8 29.11 0.52 -15.62
CA THR A 8 27.64 0.58 -15.89
C THR A 8 26.87 0.68 -14.56
N ARG A 9 27.09 1.72 -13.78
CA ARG A 9 26.36 1.86 -12.49
C ARG A 9 25.53 3.15 -12.48
N ARG A 10 24.90 3.49 -13.58
CA ARG A 10 24.08 4.74 -13.62
C ARG A 10 22.64 4.41 -14.03
N SER A 11 21.78 5.40 -14.09
CA SER A 11 20.35 5.14 -14.49
C SER A 11 19.97 6.00 -15.69
N LYS A 12 18.69 6.08 -16.02
CA LYS A 12 18.27 6.91 -17.18
C LYS A 12 16.99 7.70 -16.85
N PRO A 13 16.73 8.75 -17.60
CA PRO A 13 15.53 9.58 -17.34
C PRO A 13 14.26 8.84 -17.79
N ALA A 14 13.12 9.21 -17.26
CA ALA A 14 11.84 8.50 -17.67
C ALA A 14 11.62 8.68 -19.19
N PRO A 15 11.09 7.66 -19.82
CA PRO A 15 10.83 7.74 -21.29
C PRO A 15 9.66 8.67 -21.59
N ASP A 16 9.56 9.15 -22.81
CA ASP A 16 8.42 10.09 -23.17
C ASP A 16 7.06 9.51 -22.72
N GLY A 17 6.91 8.19 -22.70
CA GLY A 17 5.61 7.58 -22.27
C GLY A 17 5.18 8.13 -20.89
N PHE A 18 6.13 8.44 -20.02
CA PHE A 18 5.73 8.97 -18.66
C PHE A 18 4.85 10.22 -18.80
N GLU A 19 5.05 11.03 -19.83
CA GLU A 19 4.19 12.26 -20.00
C GLU A 19 2.70 11.87 -20.01
N LYS A 20 2.36 10.75 -20.60
CA LYS A 20 0.91 10.32 -20.62
C LYS A 20 0.39 10.16 -19.18
N ILE A 21 1.21 9.65 -18.28
CA ILE A 21 0.74 9.48 -16.86
C ILE A 21 1.53 10.40 -15.91
N LYS A 22 1.93 11.58 -16.34
CA LYS A 22 2.71 12.50 -15.45
C LYS A 22 1.82 13.34 -14.50
N PRO A 23 0.73 13.89 -15.00
CA PRO A 23 -0.14 14.73 -14.13
C PRO A 23 -0.98 13.88 -13.17
N THR A 24 -1.42 12.71 -13.59
CA THR A 24 -2.25 11.86 -12.66
C THR A 24 -1.46 11.55 -11.38
N LEU A 25 -0.20 11.24 -11.51
CA LEU A 25 0.62 10.94 -10.28
C LEU A 25 0.79 12.23 -9.45
N THR A 26 1.04 13.36 -10.10
CA THR A 26 1.18 14.64 -9.32
C THR A 26 -0.11 14.93 -8.55
N ASP A 27 -1.26 14.58 -9.10
CA ASP A 27 -2.56 14.85 -8.36
C ASP A 27 -2.52 14.20 -6.96
N PHE A 28 -1.87 13.05 -6.82
CA PHE A 28 -1.81 12.40 -5.46
C PHE A 28 -1.22 13.37 -4.42
N GLU A 29 -0.26 14.19 -4.81
CA GLU A 29 0.35 15.15 -3.81
C GLU A 29 -0.74 16.04 -3.19
N ILE A 30 -1.72 16.47 -3.96
CA ILE A 30 -2.80 17.34 -3.38
C ILE A 30 -3.61 16.52 -2.35
N GLN A 31 -3.91 15.28 -2.65
CA GLN A 31 -4.68 14.45 -1.65
C GLN A 31 -3.78 14.14 -0.45
N LEU A 32 -2.55 13.72 -0.69
CA LEU A 32 -1.62 13.44 0.46
C LEU A 32 -1.38 14.74 1.24
N ARG A 33 -1.32 15.88 0.56
CA ARG A 33 -1.09 17.18 1.31
C ARG A 33 -2.17 17.39 2.37
N ASP A 34 -3.41 16.99 2.10
CA ASP A 34 -4.49 17.19 3.14
C ASP A 34 -4.15 16.38 4.39
N ALA A 35 -3.88 15.11 4.25
CA ALA A 35 -3.52 14.29 5.47
C ALA A 35 -2.14 14.76 5.97
N GLN A 36 -1.21 14.99 5.07
CA GLN A 36 0.15 15.46 5.52
C GLN A 36 0.03 16.80 6.27
N LYS A 37 -0.92 17.65 5.91
CA LYS A 37 -1.06 18.96 6.62
C LYS A 37 -2.08 18.87 7.76
N ASP A 38 -3.09 18.01 7.65
CA ASP A 38 -4.10 17.90 8.76
C ASP A 38 -3.41 17.61 10.10
N LYS A 39 -2.34 16.83 10.09
CA LYS A 39 -1.64 16.52 11.40
C LYS A 39 -1.23 17.83 12.10
N SER A 40 -0.61 18.75 11.40
CA SER A 40 -0.19 20.04 12.03
C SER A 40 0.65 19.79 13.30
N SER A 41 1.10 20.83 13.97
CA SER A 41 1.91 20.63 15.21
C SER A 41 1.19 21.22 16.43
N LYS A 42 1.56 20.83 17.63
CA LYS A 42 0.87 21.37 18.86
C LYS A 42 -0.66 21.23 18.74
N LEU A 43 -1.13 20.12 18.19
CA LEU A 43 -2.61 19.93 18.04
C LEU A 43 -3.03 18.57 18.63
N ALA A 44 -2.46 17.48 18.15
CA ALA A 44 -2.84 16.12 18.68
C ALA A 44 -4.36 15.91 18.60
N ALA A 45 -4.84 15.28 17.56
CA ALA A 45 -6.32 15.03 17.42
C ALA A 45 -6.61 14.14 16.21
N LYS A 46 -6.92 12.87 16.42
CA LYS A 46 -7.21 11.95 15.26
C LYS A 46 -6.08 12.02 14.21
N SER A 47 -4.86 11.68 14.59
CA SER A 47 -3.73 11.74 13.60
C SER A 47 -3.49 10.36 12.97
N ASN A 48 -3.58 9.30 13.74
CA ASN A 48 -3.35 7.93 13.14
C ASN A 48 -4.39 7.66 12.05
N GLU A 49 -5.64 8.04 12.26
CA GLU A 49 -6.68 7.81 11.19
C GLU A 49 -6.29 8.56 9.91
N GLN A 50 -5.77 9.77 10.04
CA GLN A 50 -5.38 10.54 8.80
C GLN A 50 -4.32 9.74 8.01
N LEU A 51 -3.33 9.19 8.69
CA LEU A 51 -2.28 8.41 7.93
C LEU A 51 -2.93 7.24 7.17
N TRP A 52 -3.95 6.60 7.73
CA TRP A 52 -4.61 5.48 6.99
C TRP A 52 -5.03 5.94 5.58
N GLU A 53 -5.51 7.16 5.46
CA GLU A 53 -5.91 7.67 4.10
C GLU A 53 -4.65 7.84 3.22
N ILE A 54 -3.53 8.28 3.80
CA ILE A 54 -2.29 8.44 2.96
C ILE A 54 -1.81 7.06 2.50
N MET A 55 -1.82 6.06 3.37
CA MET A 55 -1.35 4.71 2.91
C MET A 55 -2.37 4.12 1.89
N GLN A 56 -3.64 4.47 2.01
CA GLN A 56 -4.65 3.93 1.03
C GLN A 56 -4.35 4.49 -0.37
N LEU A 57 -3.94 5.75 -0.46
CA LEU A 57 -3.62 6.33 -1.83
C LEU A 57 -2.62 5.41 -2.57
N HIS A 58 -1.72 4.76 -1.85
CA HIS A 58 -0.74 3.84 -2.54
C HIS A 58 -1.50 2.77 -3.35
N HIS A 59 -2.62 2.28 -2.85
CA HIS A 59 -3.40 1.24 -3.64
C HIS A 59 -3.80 1.85 -4.99
N GLN A 60 -4.37 3.03 -4.99
CA GLN A 60 -4.76 3.67 -6.30
C GLN A 60 -3.51 3.82 -7.19
N ARG A 61 -2.36 4.12 -6.60
CA ARG A 61 -1.11 4.26 -7.44
C ARG A 61 -0.81 2.91 -8.10
N SER A 62 -0.75 1.84 -7.33
CA SER A 62 -0.47 0.50 -7.95
C SER A 62 -1.60 0.14 -8.91
N ARG A 63 -2.85 0.43 -8.55
CA ARG A 63 -3.98 0.10 -9.49
C ARG A 63 -3.84 0.93 -10.78
N TYR A 64 -3.41 2.17 -10.68
CA TYR A 64 -3.25 3.00 -11.94
C TYR A 64 -2.21 2.36 -12.86
N ILE A 65 -1.04 2.02 -12.32
CA ILE A 65 0.00 1.37 -13.19
C ILE A 65 -0.38 -0.09 -13.45
N TYR A 66 -0.89 -0.78 -12.44
CA TYR A 66 -1.30 -2.22 -12.65
C TYR A 66 -2.45 -2.30 -13.67
N THR A 67 -3.20 -1.24 -13.88
CA THR A 67 -4.31 -1.31 -14.88
C THR A 67 -3.82 -0.90 -16.27
N LEU A 68 -2.92 0.06 -16.37
CA LEU A 68 -2.44 0.48 -17.73
C LEU A 68 -1.32 -0.45 -18.27
N TYR A 69 -0.48 -1.01 -17.43
CA TYR A 69 0.61 -1.91 -17.96
C TYR A 69 0.11 -3.35 -18.14
N TYR A 70 -0.72 -3.86 -17.24
CA TYR A 70 -1.19 -5.28 -17.39
C TYR A 70 -2.47 -5.40 -18.24
N LYS A 71 -3.27 -4.35 -18.37
CA LYS A 71 -4.52 -4.47 -19.19
C LYS A 71 -4.51 -3.49 -20.37
N ARG A 72 -4.45 -2.20 -20.12
CA ARG A 72 -4.45 -1.21 -21.26
C ARG A 72 -3.27 -1.47 -22.20
N LYS A 73 -2.15 -1.97 -21.70
CA LYS A 73 -0.96 -2.22 -22.58
C LYS A 73 -0.55 -0.92 -23.30
N ALA A 74 -0.56 0.20 -22.59
CA ALA A 74 -0.14 1.48 -23.22
C ALA A 74 1.17 1.99 -22.59
N ILE A 75 2.07 1.09 -22.23
CA ILE A 75 3.35 1.52 -21.60
C ILE A 75 4.44 0.45 -21.84
N SER A 76 5.69 0.79 -21.69
CA SER A 76 6.77 -0.22 -21.92
C SER A 76 7.41 -0.61 -20.58
N LYS A 77 7.88 -1.85 -20.45
CA LYS A 77 8.53 -2.29 -19.16
C LYS A 77 9.54 -1.24 -18.64
N ASP A 78 10.21 -0.52 -19.52
CA ASP A 78 11.19 0.51 -19.03
C ASP A 78 10.46 1.57 -18.22
N LEU A 79 9.37 2.13 -18.74
CA LEU A 79 8.62 3.15 -17.95
C LEU A 79 8.00 2.46 -16.73
N TYR A 80 7.38 1.30 -16.92
CA TYR A 80 6.78 0.57 -15.75
C TYR A 80 7.87 0.26 -14.72
N ASP A 81 9.07 -0.10 -15.16
CA ASP A 81 10.17 -0.38 -14.17
C ASP A 81 10.66 0.94 -13.57
N TRP A 82 10.82 1.96 -14.40
CA TRP A 82 11.28 3.30 -13.86
C TRP A 82 10.28 3.79 -12.78
N LEU A 83 9.00 3.53 -12.95
CA LEU A 83 8.02 3.99 -11.90
C LEU A 83 8.22 3.14 -10.63
N ILE A 84 8.25 1.83 -10.76
CA ILE A 84 8.46 0.96 -9.55
C ILE A 84 9.78 1.34 -8.84
N LYS A 85 10.78 1.82 -9.56
CA LYS A 85 12.08 2.19 -8.89
C LYS A 85 12.09 3.66 -8.43
N GLU A 86 11.26 4.52 -8.97
CA GLU A 86 11.27 5.96 -8.52
C GLU A 86 10.11 6.27 -7.56
N LYS A 87 9.55 5.28 -6.89
CA LYS A 87 8.43 5.49 -5.91
C LYS A 87 7.11 5.82 -6.62
N TYR A 88 6.46 4.81 -7.15
CA TYR A 88 5.16 5.04 -7.86
C TYR A 88 4.15 3.97 -7.41
N ALA A 89 4.39 2.72 -7.72
CA ALA A 89 3.46 1.64 -7.31
C ALA A 89 4.20 0.63 -6.42
N ASP A 90 3.56 -0.46 -6.05
CA ASP A 90 4.25 -1.46 -5.18
C ASP A 90 4.23 -2.85 -5.84
N LYS A 91 5.33 -3.28 -6.42
CA LYS A 91 5.34 -4.64 -7.08
C LYS A 91 5.03 -5.72 -6.03
N LEU A 92 5.56 -5.60 -4.82
CA LEU A 92 5.28 -6.64 -3.77
C LEU A 92 3.77 -6.70 -3.49
N LEU A 93 3.08 -5.57 -3.49
CA LEU A 93 1.60 -5.62 -3.23
C LEU A 93 0.90 -6.25 -4.45
N ILE A 94 1.21 -5.78 -5.65
CA ILE A 94 0.58 -6.40 -6.86
C ILE A 94 0.93 -7.91 -6.91
N ALA A 95 2.10 -8.29 -6.46
CA ALA A 95 2.46 -9.76 -6.48
C ALA A 95 1.54 -10.51 -5.50
N LYS A 96 1.37 -10.00 -4.29
CA LYS A 96 0.46 -10.71 -3.31
C LYS A 96 -0.95 -10.79 -3.89
N TRP A 97 -1.46 -9.71 -4.45
CA TRP A 97 -2.85 -9.78 -5.04
C TRP A 97 -2.92 -10.87 -6.13
N ARG A 98 -1.81 -11.16 -6.80
CA ARG A 98 -1.83 -12.24 -7.84
C ARG A 98 -1.25 -13.56 -7.28
N LYS A 99 -1.25 -13.76 -5.97
CA LYS A 99 -0.71 -15.03 -5.39
C LYS A 99 -1.87 -15.87 -4.83
N THR A 100 -1.56 -16.99 -4.18
CA THR A 100 -2.66 -17.83 -3.60
C THR A 100 -2.70 -17.63 -2.08
N GLY A 101 -3.88 -17.51 -1.50
CA GLY A 101 -3.96 -17.29 -0.03
C GLY A 101 -4.26 -15.82 0.28
N TYR A 102 -3.90 -14.90 -0.61
CA TYR A 102 -4.19 -13.44 -0.33
C TYR A 102 -5.55 -13.05 -0.93
N GLU A 103 -6.62 -13.71 -0.55
CA GLU A 103 -7.96 -13.35 -1.12
C GLU A 103 -8.45 -12.01 -0.55
N LYS A 104 -8.19 -11.73 0.72
CA LYS A 104 -8.64 -10.44 1.32
C LYS A 104 -7.48 -9.74 2.03
N LEU A 105 -6.64 -9.02 1.31
CA LEU A 105 -5.49 -8.33 1.98
C LEU A 105 -5.59 -6.80 1.75
N CYS A 106 -5.12 -6.01 2.69
CA CYS A 106 -5.21 -4.51 2.51
C CYS A 106 -3.83 -3.84 2.37
N CYS A 107 -2.75 -4.39 2.89
CA CYS A 107 -1.41 -3.72 2.71
C CYS A 107 -0.32 -4.80 2.54
N LEU A 108 0.95 -4.41 2.63
CA LEU A 108 2.04 -5.44 2.48
C LEU A 108 2.53 -5.90 3.87
N ARG A 109 2.61 -5.02 4.84
CA ARG A 109 3.05 -5.45 6.21
C ARG A 109 1.81 -5.53 7.14
N CYS A 110 0.66 -5.87 6.60
CA CYS A 110 -0.59 -5.97 7.42
C CYS A 110 -1.25 -7.37 7.18
N ILE A 111 -0.51 -8.33 6.62
CA ILE A 111 -1.09 -9.69 6.33
C ILE A 111 0.03 -10.75 6.20
N GLN A 112 1.07 -10.68 7.00
CA GLN A 112 2.19 -11.68 6.85
C GLN A 112 2.28 -12.59 8.09
N LYS A 113 2.31 -13.90 7.89
CA LYS A 113 2.42 -14.83 9.06
C LYS A 113 3.60 -15.79 8.86
N ASN A 114 4.06 -16.43 9.92
CA ASN A 114 5.21 -17.38 9.78
C ASN A 114 5.12 -18.50 10.83
N GLU A 115 5.09 -18.17 12.10
CA GLU A 115 5.01 -19.22 13.15
C GLU A 115 3.94 -18.85 14.20
N THR A 116 3.92 -19.53 15.33
CA THR A 116 2.89 -19.19 16.38
C THR A 116 3.48 -18.21 17.41
N ASN A 117 4.75 -18.36 17.77
CA ASN A 117 5.35 -17.42 18.77
C ASN A 117 6.29 -16.44 18.06
N ASN A 118 6.35 -15.20 18.51
CA ASN A 118 7.25 -14.19 17.85
C ASN A 118 6.97 -14.12 16.34
N GLY A 119 5.72 -13.99 15.95
CA GLY A 119 5.40 -13.92 14.49
C GLY A 119 5.36 -12.46 14.05
N SER A 120 4.85 -12.18 12.86
CA SER A 120 4.80 -10.77 12.38
C SER A 120 3.56 -10.55 11.47
N THR A 121 2.37 -10.77 11.98
CA THR A 121 1.15 -10.57 11.14
C THR A 121 0.24 -9.51 11.76
N CYS A 122 -0.81 -9.11 11.06
CA CYS A 122 -1.72 -8.08 11.64
C CYS A 122 -3.04 -8.75 12.07
N ILE A 123 -3.76 -8.18 13.01
CA ILE A 123 -5.05 -8.82 13.47
C ILE A 123 -6.16 -8.67 12.40
N CYS A 124 -6.21 -7.57 11.68
CA CYS A 124 -7.31 -7.41 10.66
C CYS A 124 -7.34 -8.59 9.67
N ARG A 125 -6.20 -9.20 9.37
CA ARG A 125 -6.22 -10.39 8.44
C ARG A 125 -7.13 -11.49 9.03
N VAL A 126 -7.20 -11.63 10.34
CA VAL A 126 -8.08 -12.68 10.95
C VAL A 126 -9.54 -12.17 11.00
N PRO A 127 -10.45 -12.93 10.44
CA PRO A 127 -11.88 -12.53 10.46
C PRO A 127 -12.43 -12.57 11.89
N ARG A 128 -13.69 -12.21 12.09
CA ARG A 128 -14.26 -12.23 13.49
C ARG A 128 -14.54 -13.68 13.93
N ALA A 129 -15.00 -14.54 13.04
CA ALA A 129 -15.29 -15.95 13.45
C ALA A 129 -14.03 -16.62 14.02
N GLN A 130 -12.88 -16.38 13.41
CA GLN A 130 -11.61 -17.00 13.95
C GLN A 130 -11.29 -16.40 15.31
N LEU A 131 -11.46 -15.09 15.48
CA LEU A 131 -11.17 -14.46 16.81
C LEU A 131 -12.12 -15.02 17.86
N GLU A 132 -13.38 -15.22 17.53
CA GLU A 132 -14.35 -15.77 18.54
C GLU A 132 -13.88 -17.15 19.02
N GLU A 133 -13.34 -17.97 18.13
CA GLU A 133 -12.87 -19.33 18.57
C GLU A 133 -11.82 -19.21 19.68
N GLU A 134 -10.97 -18.20 19.63
CA GLU A 134 -9.93 -18.04 20.71
C GLU A 134 -10.61 -17.79 22.06
N ALA A 135 -11.54 -16.87 22.13
CA ALA A 135 -12.24 -16.60 23.44
C ALA A 135 -13.00 -17.87 23.88
N ARG A 136 -13.62 -18.59 22.96
CA ARG A 136 -14.37 -19.83 23.37
C ARG A 136 -13.40 -20.91 23.87
N LYS A 137 -12.21 -21.01 23.30
CA LYS A 137 -11.23 -22.05 23.78
C LYS A 137 -10.39 -21.50 24.96
N LYS A 138 -10.07 -20.23 24.96
CA LYS A 138 -9.26 -19.68 26.11
C LYS A 138 -10.16 -19.36 27.33
N GLY A 139 -11.45 -19.16 27.14
CA GLY A 139 -12.33 -18.85 28.31
C GLY A 139 -12.39 -17.32 28.52
N THR A 140 -12.30 -16.54 27.46
CA THR A 140 -12.35 -15.05 27.62
C THR A 140 -13.28 -14.45 26.55
N GLN A 141 -13.16 -13.16 26.28
CA GLN A 141 -14.04 -12.53 25.24
C GLN A 141 -13.20 -11.70 24.27
N VAL A 142 -13.54 -11.69 23.01
CA VAL A 142 -12.74 -10.90 22.01
C VAL A 142 -13.68 -10.02 21.17
N SER A 143 -13.15 -8.99 20.54
CA SER A 143 -14.02 -8.10 19.71
C SER A 143 -13.17 -7.11 18.87
N PHE A 144 -12.74 -7.51 17.69
CA PHE A 144 -11.91 -6.59 16.85
C PHE A 144 -12.78 -5.91 15.77
N HIS A 145 -12.31 -4.80 15.24
CA HIS A 145 -13.08 -4.09 14.17
C HIS A 145 -12.09 -3.61 13.08
N GLN A 146 -11.13 -2.80 13.44
CA GLN A 146 -10.13 -2.31 12.46
C GLN A 146 -8.74 -2.30 13.12
N CYS A 147 -7.68 -2.48 12.35
CA CYS A 147 -6.31 -2.48 12.98
C CYS A 147 -5.70 -1.07 12.98
N VAL A 148 -4.80 -0.79 13.90
CA VAL A 148 -4.17 0.58 13.95
C VAL A 148 -3.17 0.79 12.80
N HIS A 149 -2.58 -0.27 12.25
CA HIS A 149 -1.60 -0.08 11.11
C HIS A 149 -2.22 0.79 10.01
N CYS A 150 -3.41 0.44 9.55
CA CYS A 150 -4.07 1.25 8.47
C CYS A 150 -5.56 1.49 8.79
N GLY A 151 -6.32 1.99 7.84
CA GLY A 151 -7.77 2.22 8.09
C GLY A 151 -8.53 1.03 7.48
N CYS A 152 -8.27 -0.17 7.95
CA CYS A 152 -8.97 -1.38 7.39
C CYS A 152 -10.12 -1.80 8.32
N ARG A 153 -11.22 -2.26 7.77
CA ARG A 153 -12.36 -2.71 8.63
C ARG A 153 -12.30 -4.24 8.80
N GLY A 154 -11.16 -4.76 9.20
CA GLY A 154 -11.04 -6.24 9.39
C GLY A 154 -11.16 -6.93 8.02
N CYS A 155 -10.05 -7.26 7.39
CA CYS A 155 -10.11 -7.95 6.06
C CYS A 155 -9.72 -9.42 6.21
N ALA A 156 -10.57 -10.33 5.78
CA ALA A 156 -10.24 -11.79 5.89
C ALA A 156 -10.89 -12.57 4.74
N SER A 157 -10.31 -13.68 4.34
CA SER A 157 -10.91 -14.47 3.22
C SER A 157 -11.76 -15.63 3.76
N THR A 158 -11.31 -16.30 4.81
CA THR A 158 -12.13 -17.43 5.36
C THR A 158 -13.52 -16.93 5.79
N ASP A 159 -13.60 -15.76 6.37
CA ASP A 159 -14.93 -15.24 6.81
C ASP A 159 -15.03 -13.73 6.51
ZN ZN B . -3.76 -2.88 6.29
ZN ZN C . -6.70 -5.46 6.68
ZN ZN D . -4.12 -4.72 9.49
N GLY A 1 51.98 4.65 -6.74
CA GLY A 1 50.50 4.64 -6.59
C GLY A 1 49.90 5.91 -7.19
N GLY A 2 49.05 5.78 -8.20
CA GLY A 2 48.44 6.98 -8.82
C GLY A 2 46.95 7.04 -8.48
N SER A 3 46.16 7.76 -9.26
CA SER A 3 44.70 7.84 -8.98
C SER A 3 43.89 7.24 -10.13
N PRO A 4 42.69 6.78 -9.84
CA PRO A 4 41.83 6.19 -10.90
C PRO A 4 41.30 7.29 -11.83
N ARG A 5 41.35 7.08 -13.13
CA ARG A 5 40.84 8.12 -14.08
C ARG A 5 39.72 7.53 -14.95
N ILE A 6 38.50 7.52 -14.47
CA ILE A 6 37.38 6.96 -15.29
C ILE A 6 36.19 7.95 -15.30
N LYS A 7 35.54 8.11 -16.44
CA LYS A 7 34.38 9.05 -16.50
C LYS A 7 33.16 8.36 -17.12
N THR A 8 32.06 8.27 -16.41
CA THR A 8 30.84 7.61 -16.97
C THR A 8 29.61 8.50 -16.79
N ARG A 9 28.81 8.68 -17.83
CA ARG A 9 27.61 9.55 -17.69
C ARG A 9 26.34 8.72 -17.93
N ARG A 10 25.72 8.21 -16.89
CA ARG A 10 24.48 7.40 -17.07
C ARG A 10 23.29 8.08 -16.37
N SER A 11 22.13 8.07 -16.99
CA SER A 11 20.94 8.72 -16.36
C SER A 11 19.70 7.81 -16.48
N LYS A 12 18.54 8.27 -16.06
CA LYS A 12 17.31 7.42 -16.16
C LYS A 12 16.05 8.30 -16.28
N PRO A 13 15.99 9.10 -17.33
CA PRO A 13 14.81 9.97 -17.54
C PRO A 13 13.59 9.14 -17.96
N ALA A 14 12.40 9.67 -17.78
CA ALA A 14 11.17 8.90 -18.19
C ALA A 14 10.87 9.14 -19.68
N PRO A 15 10.41 8.11 -20.36
CA PRO A 15 10.10 8.25 -21.81
C PRO A 15 8.85 9.11 -22.02
N ASP A 16 8.65 9.61 -23.22
CA ASP A 16 7.43 10.47 -23.50
C ASP A 16 6.14 9.81 -22.98
N GLY A 17 6.07 8.49 -22.99
CA GLY A 17 4.84 7.78 -22.49
C GLY A 17 4.47 8.30 -21.08
N PHE A 18 5.44 8.62 -20.24
CA PHE A 18 5.10 9.13 -18.86
C PHE A 18 4.16 10.35 -18.95
N GLU A 19 4.27 11.16 -19.98
CA GLU A 19 3.36 12.36 -20.10
C GLU A 19 1.89 11.92 -20.00
N LYS A 20 1.55 10.79 -20.59
CA LYS A 20 0.12 10.32 -20.51
C LYS A 20 -0.32 10.15 -19.05
N ILE A 21 0.57 9.67 -18.19
CA ILE A 21 0.20 9.51 -16.75
C ILE A 21 1.04 10.45 -15.86
N LYS A 22 1.38 11.63 -16.35
CA LYS A 22 2.21 12.57 -15.52
C LYS A 22 1.37 13.41 -14.53
N PRO A 23 0.24 13.94 -14.96
CA PRO A 23 -0.58 14.78 -14.05
C PRO A 23 -1.36 13.92 -13.03
N THR A 24 -1.83 12.75 -13.43
CA THR A 24 -2.60 11.89 -12.46
C THR A 24 -1.73 11.56 -11.24
N LEU A 25 -0.47 11.25 -11.44
CA LEU A 25 0.42 10.92 -10.27
C LEU A 25 0.61 12.19 -9.41
N THR A 26 0.78 13.34 -10.04
CA THR A 26 0.95 14.60 -9.23
C THR A 26 -0.28 14.83 -8.34
N ASP A 27 -1.46 14.50 -8.80
CA ASP A 27 -2.70 14.70 -7.95
C ASP A 27 -2.54 13.95 -6.62
N PHE A 28 -1.93 12.79 -6.61
CA PHE A 28 -1.76 12.04 -5.31
C PHE A 28 -1.02 12.89 -4.27
N GLU A 29 -0.07 13.69 -4.69
CA GLU A 29 0.69 14.53 -3.69
C GLU A 29 -0.24 15.49 -2.96
N ILE A 30 -1.21 16.08 -3.64
CA ILE A 30 -2.14 17.03 -2.93
C ILE A 30 -2.91 16.26 -1.84
N GLN A 31 -3.34 15.04 -2.10
CA GLN A 31 -4.08 14.28 -1.03
C GLN A 31 -3.10 13.94 0.09
N LEU A 32 -1.99 13.30 -0.23
CA LEU A 32 -0.99 12.97 0.86
C LEU A 32 -0.53 14.28 1.53
N ARG A 33 -0.42 15.37 0.78
CA ARG A 33 0.02 16.67 1.40
C ARG A 33 -0.91 17.05 2.56
N ASP A 34 -2.21 16.89 2.38
CA ASP A 34 -3.15 17.25 3.50
C ASP A 34 -2.87 16.37 4.71
N ALA A 35 -2.81 15.07 4.52
CA ALA A 35 -2.51 14.17 5.70
C ALA A 35 -1.09 14.47 6.22
N GLN A 36 -0.15 14.69 5.33
CA GLN A 36 1.25 14.99 5.80
C GLN A 36 1.26 16.24 6.70
N LYS A 37 0.40 17.22 6.43
CA LYS A 37 0.39 18.44 7.31
C LYS A 37 -0.66 18.29 8.43
N ASP A 38 -1.80 17.71 8.14
CA ASP A 38 -2.86 17.55 9.21
C ASP A 38 -2.30 16.74 10.40
N LYS A 39 -1.42 15.78 10.15
CA LYS A 39 -0.85 14.98 11.30
C LYS A 39 0.32 15.72 11.94
N SER A 40 1.14 16.40 11.16
CA SER A 40 2.31 17.14 11.77
C SER A 40 1.82 18.41 12.48
N SER A 41 0.83 19.10 11.94
CA SER A 41 0.33 20.35 12.61
C SER A 41 -0.46 19.97 13.87
N LYS A 42 -1.24 18.91 13.84
CA LYS A 42 -2.02 18.51 15.05
C LYS A 42 -1.51 17.16 15.59
N LEU A 43 -1.19 17.08 16.87
CA LEU A 43 -0.69 15.79 17.43
C LEU A 43 -1.48 15.44 18.70
N ALA A 44 -2.78 15.30 18.61
CA ALA A 44 -3.59 14.95 19.82
C ALA A 44 -4.67 13.92 19.45
N ALA A 45 -5.63 14.29 18.63
CA ALA A 45 -6.70 13.33 18.24
C ALA A 45 -6.81 13.23 16.71
N LYS A 46 -7.56 12.27 16.19
CA LYS A 46 -7.70 12.13 14.71
C LYS A 46 -6.31 12.05 14.04
N SER A 47 -5.47 11.12 14.45
CA SER A 47 -4.12 11.01 13.82
C SER A 47 -4.02 9.73 13.00
N ASN A 48 -4.30 8.59 13.59
CA ASN A 48 -4.22 7.30 12.82
C ASN A 48 -5.12 7.37 11.57
N GLU A 49 -6.29 7.95 11.69
CA GLU A 49 -7.21 8.05 10.49
C GLU A 49 -6.52 8.85 9.38
N GLN A 50 -5.80 9.91 9.71
CA GLN A 50 -5.11 10.70 8.64
C GLN A 50 -4.06 9.83 7.93
N LEU A 51 -3.24 9.12 8.68
CA LEU A 51 -2.21 8.24 8.03
C LEU A 51 -2.87 7.18 7.13
N TRP A 52 -4.02 6.67 7.52
CA TRP A 52 -4.70 5.64 6.65
C TRP A 52 -4.97 6.21 5.26
N GLU A 53 -5.36 7.47 5.18
CA GLU A 53 -5.59 8.07 3.81
C GLU A 53 -4.25 8.11 3.05
N ILE A 54 -3.13 8.30 3.74
CA ILE A 54 -1.82 8.32 3.00
C ILE A 54 -1.48 6.91 2.51
N MET A 55 -1.38 5.93 3.40
CA MET A 55 -1.08 4.54 2.90
C MET A 55 -2.17 4.08 1.91
N GLN A 56 -3.38 4.61 1.99
CA GLN A 56 -4.45 4.19 1.01
C GLN A 56 -4.04 4.66 -0.40
N LEU A 57 -3.47 5.84 -0.54
CA LEU A 57 -3.04 6.31 -1.91
C LEU A 57 -2.12 5.27 -2.58
N HIS A 58 -1.31 4.55 -1.80
CA HIS A 58 -0.39 3.53 -2.42
C HIS A 58 -1.21 2.50 -3.22
N HIS A 59 -2.34 2.08 -2.71
CA HIS A 59 -3.18 1.08 -3.48
C HIS A 59 -3.65 1.72 -4.79
N GLN A 60 -4.29 2.87 -4.71
CA GLN A 60 -4.76 3.54 -5.98
C GLN A 60 -3.58 3.77 -6.92
N ARG A 61 -2.39 4.07 -6.41
CA ARG A 61 -1.22 4.28 -7.32
C ARG A 61 -0.87 2.95 -8.01
N SER A 62 -0.74 1.87 -7.26
CA SER A 62 -0.42 0.56 -7.92
C SER A 62 -1.57 0.16 -8.84
N ARG A 63 -2.81 0.36 -8.43
CA ARG A 63 -3.96 0.00 -9.32
C ARG A 63 -3.89 0.85 -10.61
N TYR A 64 -3.54 2.11 -10.51
CA TYR A 64 -3.45 2.96 -11.76
C TYR A 64 -2.37 2.39 -12.69
N ILE A 65 -1.17 2.13 -12.19
CA ILE A 65 -0.10 1.56 -13.07
C ILE A 65 -0.45 0.10 -13.41
N TYR A 66 -1.02 -0.65 -12.48
CA TYR A 66 -1.39 -2.07 -12.79
C TYR A 66 -2.52 -2.07 -13.83
N THR A 67 -3.49 -1.20 -13.68
CA THR A 67 -4.63 -1.18 -14.68
C THR A 67 -4.08 -0.86 -16.09
N LEU A 68 -3.14 0.06 -16.20
CA LEU A 68 -2.61 0.39 -17.57
C LEU A 68 -1.51 -0.60 -18.03
N TYR A 69 -0.65 -1.06 -17.15
CA TYR A 69 0.44 -2.02 -17.60
C TYR A 69 -0.05 -3.49 -17.60
N TYR A 70 -0.89 -3.87 -16.66
CA TYR A 70 -1.34 -5.31 -16.63
C TYR A 70 -2.72 -5.53 -17.29
N LYS A 71 -3.41 -4.50 -17.75
CA LYS A 71 -4.74 -4.73 -18.39
C LYS A 71 -4.91 -3.84 -19.63
N ARG A 72 -4.83 -2.53 -19.48
CA ARG A 72 -4.99 -1.64 -20.69
C ARG A 72 -3.87 -1.88 -21.71
N LYS A 73 -2.69 -2.30 -21.26
CA LYS A 73 -1.56 -2.55 -22.23
C LYS A 73 -1.22 -1.27 -22.99
N ALA A 74 -1.17 -0.14 -22.30
CA ALA A 74 -0.82 1.14 -22.98
C ALA A 74 0.51 1.69 -22.43
N ILE A 75 1.46 0.82 -22.14
CA ILE A 75 2.78 1.30 -21.60
C ILE A 75 3.87 0.26 -21.88
N SER A 76 5.13 0.64 -21.79
CA SER A 76 6.23 -0.34 -22.04
C SER A 76 6.97 -0.65 -20.73
N LYS A 77 7.47 -1.86 -20.57
CA LYS A 77 8.21 -2.23 -19.30
C LYS A 77 9.21 -1.13 -18.88
N ASP A 78 9.81 -0.42 -19.82
CA ASP A 78 10.78 0.66 -19.43
C ASP A 78 10.04 1.74 -18.61
N LEU A 79 8.92 2.23 -19.09
CA LEU A 79 8.17 3.26 -18.29
C LEU A 79 7.65 2.61 -17.01
N TYR A 80 7.05 1.44 -17.11
CA TYR A 80 6.55 0.76 -15.87
C TYR A 80 7.72 0.49 -14.91
N ASP A 81 8.89 0.14 -15.42
CA ASP A 81 10.06 -0.11 -14.51
C ASP A 81 10.56 1.24 -13.96
N TRP A 82 10.64 2.25 -14.81
CA TRP A 82 11.11 3.60 -14.31
C TRP A 82 10.18 4.10 -13.19
N LEU A 83 8.89 3.82 -13.28
CA LEU A 83 7.96 4.28 -12.19
C LEU A 83 8.25 3.47 -10.91
N ILE A 84 8.35 2.16 -11.02
CA ILE A 84 8.64 1.33 -9.79
C ILE A 84 9.97 1.80 -9.14
N LYS A 85 10.93 2.25 -9.92
CA LYS A 85 12.23 2.71 -9.31
C LYS A 85 12.16 4.18 -8.85
N GLU A 86 11.26 4.98 -9.38
CA GLU A 86 11.19 6.42 -8.93
C GLU A 86 10.04 6.66 -7.92
N LYS A 87 9.55 5.61 -7.26
CA LYS A 87 8.44 5.74 -6.25
C LYS A 87 7.10 6.02 -6.93
N TYR A 88 6.43 4.99 -7.39
CA TYR A 88 5.11 5.18 -8.07
C TYR A 88 4.13 4.09 -7.65
N ALA A 89 4.41 2.85 -7.96
CA ALA A 89 3.49 1.75 -7.56
C ALA A 89 4.18 0.82 -6.55
N ASP A 90 3.56 -0.30 -6.22
CA ASP A 90 4.19 -1.24 -5.23
C ASP A 90 4.37 -2.62 -5.85
N LYS A 91 5.56 -2.99 -6.27
CA LYS A 91 5.76 -4.36 -6.87
C LYS A 91 5.62 -5.43 -5.79
N LEU A 92 6.14 -5.20 -4.59
CA LEU A 92 6.01 -6.24 -3.52
C LEU A 92 4.52 -6.45 -3.18
N LEU A 93 3.76 -5.38 -3.01
CA LEU A 93 2.30 -5.56 -2.70
C LEU A 93 1.61 -6.19 -3.92
N ILE A 94 1.89 -5.72 -5.12
CA ILE A 94 1.25 -6.34 -6.34
C ILE A 94 1.61 -7.84 -6.37
N ALA A 95 2.82 -8.20 -5.98
CA ALA A 95 3.20 -9.67 -5.99
C ALA A 95 2.31 -10.42 -4.99
N LYS A 96 2.02 -9.84 -3.83
CA LYS A 96 1.14 -10.55 -2.84
C LYS A 96 -0.23 -10.82 -3.47
N TRP A 97 -0.82 -9.83 -4.11
CA TRP A 97 -2.17 -10.05 -4.76
C TRP A 97 -2.06 -11.17 -5.81
N ARG A 98 -0.93 -11.30 -6.49
CA ARG A 98 -0.80 -12.38 -7.53
C ARG A 98 -0.42 -13.72 -6.87
N LYS A 99 0.30 -13.71 -5.76
CA LYS A 99 0.68 -15.01 -5.08
C LYS A 99 -0.57 -15.87 -4.81
N THR A 100 -0.41 -17.01 -4.17
CA THR A 100 -1.60 -17.87 -3.88
C THR A 100 -1.98 -17.73 -2.40
N GLY A 101 -3.26 -17.58 -2.09
CA GLY A 101 -3.69 -17.42 -0.68
C GLY A 101 -3.83 -15.93 -0.30
N TYR A 102 -3.80 -15.01 -1.25
CA TYR A 102 -3.95 -13.57 -0.90
C TYR A 102 -5.22 -13.00 -1.57
N GLU A 103 -6.40 -13.38 -1.10
CA GLU A 103 -7.65 -12.84 -1.72
C GLU A 103 -8.16 -11.62 -0.94
N LYS A 104 -8.03 -11.61 0.37
CA LYS A 104 -8.52 -10.43 1.16
C LYS A 104 -7.38 -9.80 1.98
N LEU A 105 -6.45 -9.11 1.34
CA LEU A 105 -5.34 -8.48 2.11
C LEU A 105 -5.33 -6.95 1.86
N CYS A 106 -4.81 -6.17 2.77
CA CYS A 106 -4.79 -4.68 2.57
C CYS A 106 -3.37 -4.09 2.46
N CYS A 107 -2.36 -4.63 3.11
CA CYS A 107 -0.98 -4.04 2.97
C CYS A 107 0.07 -5.16 2.93
N LEU A 108 1.34 -4.83 3.05
CA LEU A 108 2.40 -5.89 3.03
C LEU A 108 2.79 -6.29 4.47
N ARG A 109 2.85 -5.34 5.39
CA ARG A 109 3.17 -5.70 6.82
C ARG A 109 1.88 -5.70 7.66
N CYS A 110 0.74 -5.97 7.06
CA CYS A 110 -0.57 -5.98 7.80
C CYS A 110 -1.29 -7.33 7.54
N ILE A 111 -0.59 -8.35 7.02
CA ILE A 111 -1.25 -9.68 6.73
C ILE A 111 -0.21 -10.81 6.64
N GLN A 112 0.83 -10.80 7.46
CA GLN A 112 1.86 -11.88 7.35
C GLN A 112 2.16 -12.51 8.72
N LYS A 113 2.38 -13.82 8.76
CA LYS A 113 2.68 -14.49 10.06
C LYS A 113 3.82 -15.52 9.87
N ASN A 114 4.11 -16.31 10.88
CA ASN A 114 5.21 -17.32 10.74
C ASN A 114 4.89 -18.57 11.57
N GLU A 115 4.72 -18.43 12.87
CA GLU A 115 4.41 -19.62 13.73
C GLU A 115 3.39 -19.24 14.81
N THR A 116 3.26 -20.04 15.85
CA THR A 116 2.26 -19.68 16.93
C THR A 116 2.89 -18.70 17.93
N ASN A 117 4.16 -18.86 18.25
CA ASN A 117 4.81 -17.92 19.22
C ASN A 117 5.85 -17.05 18.49
N ASN A 118 6.16 -15.89 19.01
CA ASN A 118 7.17 -14.99 18.34
C ASN A 118 6.80 -14.75 16.86
N GLY A 119 5.57 -14.38 16.59
CA GLY A 119 5.15 -14.14 15.17
C GLY A 119 4.97 -12.64 14.94
N SER A 120 4.65 -12.23 13.73
CA SER A 120 4.46 -10.78 13.45
C SER A 120 3.36 -10.56 12.40
N THR A 121 2.11 -10.60 12.80
CA THR A 121 1.00 -10.41 11.82
C THR A 121 0.01 -9.36 12.35
N CYS A 122 -0.92 -8.91 11.53
CA CYS A 122 -1.91 -7.90 12.01
C CYS A 122 -3.24 -8.61 12.34
N ILE A 123 -4.05 -8.04 13.21
CA ILE A 123 -5.35 -8.72 13.56
C ILE A 123 -6.35 -8.64 12.39
N CYS A 124 -6.38 -7.54 11.66
CA CYS A 124 -7.37 -7.44 10.53
C CYS A 124 -7.24 -8.64 9.57
N ARG A 125 -6.05 -9.18 9.38
CA ARG A 125 -5.93 -10.38 8.47
C ARG A 125 -6.77 -11.54 9.03
N VAL A 126 -6.87 -11.67 10.34
CA VAL A 126 -7.69 -12.78 10.92
C VAL A 126 -9.19 -12.40 10.90
N PRO A 127 -10.01 -13.23 10.31
CA PRO A 127 -11.47 -12.94 10.26
C PRO A 127 -12.09 -12.96 11.66
N ARG A 128 -13.35 -12.63 11.79
CA ARG A 128 -14.00 -12.62 13.16
C ARG A 128 -14.28 -14.06 13.62
N ALA A 129 -14.66 -14.95 12.73
CA ALA A 129 -14.95 -16.38 13.18
C ALA A 129 -13.72 -16.98 13.86
N GLN A 130 -12.54 -16.73 13.35
CA GLN A 130 -11.30 -17.30 14.01
C GLN A 130 -11.08 -16.57 15.35
N LEU A 131 -11.26 -15.27 15.39
CA LEU A 131 -11.07 -14.53 16.69
C LEU A 131 -12.14 -14.98 17.70
N GLU A 132 -13.36 -15.20 17.26
CA GLU A 132 -14.42 -15.64 18.23
C GLU A 132 -14.03 -17.00 18.85
N GLU A 133 -13.46 -17.89 18.08
CA GLU A 133 -13.05 -19.23 18.66
C GLU A 133 -12.04 -19.03 19.80
N GLU A 134 -11.13 -18.09 19.66
CA GLU A 134 -10.12 -17.86 20.75
C GLU A 134 -10.84 -17.46 22.05
N ALA A 135 -11.81 -16.57 21.98
CA ALA A 135 -12.54 -16.17 23.24
C ALA A 135 -13.24 -17.39 23.85
N ARG A 136 -13.90 -18.20 23.06
CA ARG A 136 -14.58 -19.41 23.62
C ARG A 136 -13.57 -20.32 24.34
N LYS A 137 -12.35 -20.40 23.85
CA LYS A 137 -11.33 -21.28 24.53
C LYS A 137 -10.80 -20.62 25.82
N LYS A 138 -10.71 -19.30 25.87
CA LYS A 138 -10.21 -18.64 27.12
C LYS A 138 -11.36 -18.13 28.01
N GLY A 139 -12.56 -18.69 27.90
CA GLY A 139 -13.69 -18.21 28.75
C GLY A 139 -13.85 -16.68 28.68
N THR A 140 -13.82 -16.11 27.49
CA THR A 140 -13.96 -14.63 27.37
C THR A 140 -14.69 -14.26 26.06
N GLN A 141 -14.63 -13.01 25.65
CA GLN A 141 -15.32 -12.61 24.39
C GLN A 141 -14.42 -11.69 23.56
N VAL A 142 -14.55 -11.70 22.24
CA VAL A 142 -13.69 -10.82 21.40
C VAL A 142 -14.56 -10.05 20.39
N SER A 143 -14.05 -8.98 19.83
CA SER A 143 -14.88 -8.19 18.84
C SER A 143 -14.02 -7.15 18.10
N PHE A 144 -13.29 -7.57 17.08
CA PHE A 144 -12.43 -6.60 16.32
C PHE A 144 -13.21 -6.06 15.10
N HIS A 145 -12.77 -4.95 14.55
CA HIS A 145 -13.45 -4.37 13.36
C HIS A 145 -12.39 -3.84 12.38
N GLN A 146 -11.58 -2.90 12.81
CA GLN A 146 -10.51 -2.35 11.93
C GLN A 146 -9.18 -2.29 12.72
N CYS A 147 -8.06 -2.38 12.06
CA CYS A 147 -6.76 -2.33 12.80
C CYS A 147 -6.16 -0.91 12.78
N VAL A 148 -5.32 -0.57 13.74
CA VAL A 148 -4.73 0.81 13.77
C VAL A 148 -3.60 0.98 12.72
N HIS A 149 -2.95 -0.11 12.29
CA HIS A 149 -1.84 0.05 11.27
C HIS A 149 -2.33 0.89 10.08
N CYS A 150 -3.44 0.53 9.46
CA CYS A 150 -3.95 1.32 8.30
C CYS A 150 -5.46 1.57 8.45
N GLY A 151 -6.14 1.94 7.38
CA GLY A 151 -7.62 2.16 7.46
C GLY A 151 -8.32 0.92 6.89
N CYS A 152 -8.14 -0.22 7.53
CA CYS A 152 -8.80 -1.47 7.02
C CYS A 152 -10.00 -1.84 7.89
N ARG A 153 -11.05 -2.38 7.30
CA ARG A 153 -12.25 -2.77 8.11
C ARG A 153 -12.24 -4.27 8.36
N GLY A 154 -11.10 -4.84 8.71
CA GLY A 154 -11.03 -6.31 8.96
C GLY A 154 -11.01 -7.06 7.62
N CYS A 155 -9.85 -7.40 7.12
CA CYS A 155 -9.79 -8.14 5.81
C CYS A 155 -9.37 -9.61 6.03
N ALA A 156 -10.15 -10.55 5.55
CA ALA A 156 -9.81 -11.99 5.74
C ALA A 156 -10.29 -12.83 4.54
N SER A 157 -9.62 -13.92 4.23
CA SER A 157 -10.06 -14.75 3.07
C SER A 157 -10.61 -16.10 3.55
N THR A 158 -9.88 -16.83 4.37
CA THR A 158 -10.39 -18.16 4.86
C THR A 158 -11.79 -18.02 5.47
N ASP A 159 -12.05 -16.96 6.20
CA ASP A 159 -13.39 -16.76 6.82
C ASP A 159 -13.72 -15.28 6.95
ZN ZN B . -3.51 -2.91 6.34
ZN ZN C . -6.45 -5.55 6.61
ZN ZN D . -4.15 -4.63 9.59
N GLY A 1 34.99 27.11 4.69
CA GLY A 1 33.63 26.52 4.88
C GLY A 1 33.32 25.57 3.72
N GLY A 2 33.18 24.29 3.97
CA GLY A 2 32.88 23.33 2.88
C GLY A 2 31.44 22.81 3.04
N SER A 3 30.82 22.35 1.98
CA SER A 3 29.42 21.83 2.09
C SER A 3 29.33 20.40 1.51
N PRO A 4 28.44 19.61 2.05
CA PRO A 4 28.29 18.22 1.55
C PRO A 4 27.59 18.22 0.17
N ARG A 5 28.01 17.36 -0.73
CA ARG A 5 27.37 17.32 -2.08
C ARG A 5 26.69 15.96 -2.30
N ILE A 6 25.38 15.89 -2.17
CA ILE A 6 24.67 14.60 -2.38
C ILE A 6 23.31 14.83 -3.07
N LYS A 7 23.30 15.34 -4.29
CA LYS A 7 22.01 15.59 -4.99
C LYS A 7 22.15 15.29 -6.49
N THR A 8 22.38 14.03 -6.85
CA THR A 8 22.52 13.68 -8.29
C THR A 8 21.57 12.53 -8.65
N ARG A 9 20.50 12.81 -9.37
CA ARG A 9 19.55 11.72 -9.75
C ARG A 9 19.25 11.78 -11.26
N ARG A 10 20.27 11.78 -12.09
CA ARG A 10 20.03 11.83 -13.57
C ARG A 10 20.55 10.55 -14.24
N SER A 11 19.87 9.44 -14.06
CA SER A 11 20.34 8.16 -14.70
C SER A 11 19.26 7.61 -15.63
N LYS A 12 18.07 7.34 -15.13
CA LYS A 12 16.99 6.80 -16.00
C LYS A 12 15.78 7.74 -15.99
N PRO A 13 15.74 8.66 -16.92
CA PRO A 13 14.60 9.61 -16.99
C PRO A 13 13.36 8.93 -17.57
N ALA A 14 12.19 9.49 -17.34
CA ALA A 14 10.93 8.87 -17.90
C ALA A 14 10.79 9.25 -19.37
N PRO A 15 10.40 8.30 -20.20
CA PRO A 15 10.23 8.59 -21.65
C PRO A 15 9.01 9.47 -21.90
N ASP A 16 8.89 10.02 -23.09
CA ASP A 16 7.69 10.91 -23.40
C ASP A 16 6.37 10.25 -22.96
N GLY A 17 6.28 8.94 -23.01
CA GLY A 17 5.01 8.25 -22.59
C GLY A 17 4.61 8.70 -21.17
N PHE A 18 5.56 9.01 -20.30
CA PHE A 18 5.20 9.45 -18.90
C PHE A 18 4.17 10.61 -18.95
N GLU A 19 4.24 11.46 -19.96
CA GLU A 19 3.26 12.60 -20.05
C GLU A 19 1.82 12.06 -19.99
N LYS A 20 1.56 10.89 -20.56
CA LYS A 20 0.17 10.32 -20.51
C LYS A 20 -0.27 10.14 -19.05
N ILE A 21 0.62 9.70 -18.18
CA ILE A 21 0.22 9.52 -16.74
C ILE A 21 0.97 10.53 -15.85
N LYS A 22 1.24 11.72 -16.33
CA LYS A 22 1.99 12.73 -15.49
C LYS A 22 1.09 13.54 -14.53
N PRO A 23 -0.06 14.00 -14.99
CA PRO A 23 -0.93 14.81 -14.11
C PRO A 23 -1.66 13.94 -13.07
N THR A 24 -2.09 12.74 -13.44
CA THR A 24 -2.81 11.88 -12.43
C THR A 24 -1.90 11.60 -11.23
N LEU A 25 -0.64 11.30 -11.46
CA LEU A 25 0.28 11.03 -10.29
C LEU A 25 0.45 12.31 -9.47
N THR A 26 0.55 13.46 -10.11
CA THR A 26 0.71 14.73 -9.33
C THR A 26 -0.48 14.92 -8.37
N ASP A 27 -1.67 14.53 -8.78
CA ASP A 27 -2.87 14.69 -7.86
C ASP A 27 -2.61 13.97 -6.52
N PHE A 28 -1.94 12.83 -6.54
CA PHE A 28 -1.67 12.10 -5.24
C PHE A 28 -0.91 13.01 -4.25
N GLU A 29 0.02 13.80 -4.73
CA GLU A 29 0.79 14.70 -3.80
C GLU A 29 -0.12 15.73 -3.11
N ILE A 30 -1.27 16.06 -3.68
CA ILE A 30 -2.17 17.06 -2.99
C ILE A 30 -3.00 16.36 -1.90
N GLN A 31 -3.37 15.12 -2.08
CA GLN A 31 -4.15 14.42 -1.01
C GLN A 31 -3.18 13.88 0.06
N LEU A 32 -2.00 13.42 -0.35
CA LEU A 32 -1.02 12.92 0.68
C LEU A 32 -0.39 14.10 1.43
N ARG A 33 -0.22 15.24 0.79
CA ARG A 33 0.39 16.41 1.53
C ARG A 33 -0.58 16.92 2.61
N ASP A 34 -1.88 16.90 2.34
CA ASP A 34 -2.85 17.39 3.39
C ASP A 34 -2.81 16.44 4.60
N ALA A 35 -2.76 15.15 4.38
CA ALA A 35 -2.70 14.20 5.54
C ALA A 35 -1.35 14.37 6.27
N GLN A 36 -0.27 14.52 5.54
CA GLN A 36 1.07 14.69 6.21
C GLN A 36 1.05 15.93 7.12
N LYS A 37 0.34 16.99 6.74
CA LYS A 37 0.31 18.21 7.61
C LYS A 37 -0.88 18.15 8.57
N ASP A 38 -2.02 17.67 8.12
CA ASP A 38 -3.22 17.61 9.03
C ASP A 38 -2.90 16.72 10.25
N LYS A 39 -2.19 15.62 10.06
CA LYS A 39 -1.85 14.73 11.23
C LYS A 39 -1.08 15.53 12.30
N SER A 40 -0.19 16.41 11.90
CA SER A 40 0.57 17.21 12.91
C SER A 40 0.15 18.69 12.86
N SER A 41 -1.14 18.96 12.85
CA SER A 41 -1.59 20.39 12.81
C SER A 41 -1.91 20.85 14.25
N LYS A 42 -0.97 21.49 14.92
CA LYS A 42 -1.21 21.95 16.33
C LYS A 42 -1.68 20.77 17.20
N LEU A 43 -1.27 19.55 16.90
CA LEU A 43 -1.71 18.37 17.73
C LEU A 43 -3.23 18.37 17.94
N ALA A 44 -3.97 17.79 17.02
CA ALA A 44 -5.46 17.75 17.17
C ALA A 44 -5.94 16.30 17.37
N ALA A 45 -7.22 16.03 17.20
CA ALA A 45 -7.72 14.63 17.37
C ALA A 45 -7.95 13.97 16.01
N LYS A 46 -8.34 12.71 15.98
CA LYS A 46 -8.57 12.02 14.66
C LYS A 46 -7.34 12.15 13.76
N SER A 47 -6.16 11.82 14.25
CA SER A 47 -4.92 11.94 13.41
C SER A 47 -4.54 10.57 12.81
N ASN A 48 -4.66 9.50 13.57
CA ASN A 48 -4.28 8.15 13.03
C ASN A 48 -5.13 7.84 11.78
N GLU A 49 -6.40 8.19 11.79
CA GLU A 49 -7.27 7.89 10.58
C GLU A 49 -6.70 8.61 9.35
N GLN A 50 -6.23 9.84 9.49
CA GLN A 50 -5.68 10.57 8.30
C GLN A 50 -4.47 9.80 7.72
N LEU A 51 -3.60 9.27 8.56
CA LEU A 51 -2.41 8.51 8.01
C LEU A 51 -2.89 7.30 7.20
N TRP A 52 -3.95 6.63 7.62
CA TRP A 52 -4.43 5.44 6.82
C TRP A 52 -4.74 5.87 5.38
N GLU A 53 -5.34 7.04 5.20
CA GLU A 53 -5.64 7.51 3.79
C GLU A 53 -4.32 7.65 3.00
N ILE A 54 -3.24 8.08 3.65
CA ILE A 54 -1.94 8.21 2.89
C ILE A 54 -1.47 6.83 2.43
N MET A 55 -1.40 5.86 3.31
CA MET A 55 -0.95 4.50 2.85
C MET A 55 -1.99 3.92 1.86
N GLN A 56 -3.26 4.26 2.00
CA GLN A 56 -4.28 3.73 1.03
C GLN A 56 -3.99 4.29 -0.37
N LEU A 57 -3.56 5.54 -0.47
CA LEU A 57 -3.24 6.12 -1.83
C LEU A 57 -2.28 5.19 -2.59
N HIS A 58 -1.38 4.52 -1.89
CA HIS A 58 -0.43 3.58 -2.61
C HIS A 58 -1.23 2.54 -3.40
N HIS A 59 -2.34 2.05 -2.86
CA HIS A 59 -3.16 1.04 -3.61
C HIS A 59 -3.62 1.66 -4.94
N GLN A 60 -4.18 2.85 -4.90
CA GLN A 60 -4.63 3.51 -6.17
C GLN A 60 -3.42 3.69 -7.12
N ARG A 61 -2.26 4.03 -6.57
CA ARG A 61 -1.05 4.19 -7.46
C ARG A 61 -0.72 2.83 -8.11
N SER A 62 -0.66 1.77 -7.33
CA SER A 62 -0.36 0.43 -7.93
C SER A 62 -1.51 0.04 -8.86
N ARG A 63 -2.75 0.27 -8.45
CA ARG A 63 -3.90 -0.07 -9.36
C ARG A 63 -3.80 0.77 -10.64
N TYR A 64 -3.43 2.04 -10.53
CA TYR A 64 -3.31 2.89 -11.77
C TYR A 64 -2.24 2.30 -12.71
N ILE A 65 -1.07 1.99 -12.18
CA ILE A 65 0.00 1.40 -13.06
C ILE A 65 -0.39 -0.06 -13.41
N TYR A 66 -0.94 -0.79 -12.46
CA TYR A 66 -1.36 -2.20 -12.77
C TYR A 66 -2.46 -2.18 -13.84
N THR A 67 -3.39 -1.25 -13.77
CA THR A 67 -4.47 -1.21 -14.81
C THR A 67 -3.90 -0.82 -16.18
N LEU A 68 -2.94 0.08 -16.23
CA LEU A 68 -2.39 0.49 -17.57
C LEU A 68 -1.30 -0.48 -18.08
N TYR A 69 -0.47 -1.03 -17.23
CA TYR A 69 0.61 -1.97 -17.74
C TYR A 69 0.09 -3.42 -17.84
N TYR A 70 -0.76 -3.86 -16.95
CA TYR A 70 -1.25 -5.29 -17.03
C TYR A 70 -2.63 -5.43 -17.71
N LYS A 71 -3.28 -4.34 -18.10
CA LYS A 71 -4.62 -4.50 -18.77
C LYS A 71 -4.77 -3.51 -19.94
N ARG A 72 -4.69 -2.22 -19.69
CA ARG A 72 -4.85 -1.23 -20.83
C ARG A 72 -3.75 -1.46 -21.89
N LYS A 73 -2.59 -1.95 -21.50
CA LYS A 73 -1.49 -2.17 -22.51
C LYS A 73 -1.12 -0.86 -23.19
N ALA A 74 -1.01 0.21 -22.43
CA ALA A 74 -0.65 1.53 -23.04
C ALA A 74 0.69 2.02 -22.45
N ILE A 75 1.63 1.13 -22.21
CA ILE A 75 2.94 1.56 -21.63
C ILE A 75 4.03 0.51 -21.95
N SER A 76 5.29 0.87 -21.85
CA SER A 76 6.37 -0.12 -22.13
C SER A 76 7.10 -0.49 -20.83
N LYS A 77 7.61 -1.69 -20.72
CA LYS A 77 8.34 -2.12 -19.46
C LYS A 77 9.32 -1.03 -18.97
N ASP A 78 9.92 -0.28 -19.87
CA ASP A 78 10.88 0.80 -19.42
C ASP A 78 10.11 1.84 -18.59
N LEU A 79 8.98 2.32 -19.08
CA LEU A 79 8.20 3.33 -18.27
C LEU A 79 7.70 2.63 -16.99
N TYR A 80 7.11 1.46 -17.13
CA TYR A 80 6.61 0.73 -15.90
C TYR A 80 7.78 0.45 -14.94
N ASP A 81 8.95 0.11 -15.46
CA ASP A 81 10.11 -0.13 -14.54
C ASP A 81 10.56 1.21 -13.93
N TRP A 82 10.59 2.26 -14.72
CA TRP A 82 11.01 3.60 -14.15
C TRP A 82 10.05 3.98 -13.01
N LEU A 83 8.77 3.71 -13.14
CA LEU A 83 7.82 4.06 -12.03
C LEU A 83 8.15 3.22 -10.78
N ILE A 84 8.24 1.91 -10.93
CA ILE A 84 8.58 1.06 -9.73
C ILE A 84 9.94 1.47 -9.15
N LYS A 85 10.87 1.92 -9.96
CA LYS A 85 12.21 2.34 -9.41
C LYS A 85 12.22 3.80 -8.93
N GLU A 86 11.23 4.61 -9.27
CA GLU A 86 11.22 6.03 -8.80
C GLU A 86 10.14 6.29 -7.72
N LYS A 87 9.66 5.26 -7.04
CA LYS A 87 8.61 5.41 -5.97
C LYS A 87 7.24 5.71 -6.56
N TYR A 88 6.57 4.71 -7.07
CA TYR A 88 5.23 4.91 -7.67
C TYR A 88 4.24 3.84 -7.17
N ALA A 89 4.48 2.59 -7.51
CA ALA A 89 3.57 1.51 -7.03
C ALA A 89 4.36 0.48 -6.22
N ASP A 90 3.74 -0.60 -5.81
CA ASP A 90 4.46 -1.63 -5.00
C ASP A 90 4.49 -2.96 -5.76
N LYS A 91 5.67 -3.49 -6.05
CA LYS A 91 5.73 -4.81 -6.78
C LYS A 91 5.33 -5.95 -5.84
N LEU A 92 5.79 -5.92 -4.60
CA LEU A 92 5.42 -7.03 -3.65
C LEU A 92 3.90 -7.04 -3.45
N LEU A 93 3.28 -5.89 -3.29
CA LEU A 93 1.78 -5.87 -3.11
C LEU A 93 1.11 -6.41 -4.37
N ILE A 94 1.50 -5.94 -5.54
CA ILE A 94 0.88 -6.49 -6.80
C ILE A 94 1.20 -8.00 -6.88
N ALA A 95 2.39 -8.42 -6.46
CA ALA A 95 2.70 -9.88 -6.47
C ALA A 95 1.86 -10.59 -5.40
N LYS A 96 1.69 -9.97 -4.23
CA LYS A 96 0.85 -10.62 -3.16
C LYS A 96 -0.56 -10.86 -3.70
N TRP A 97 -1.15 -9.87 -4.36
CA TRP A 97 -2.54 -10.08 -4.92
C TRP A 97 -2.52 -11.18 -5.99
N ARG A 98 -1.46 -11.28 -6.77
CA ARG A 98 -1.39 -12.36 -7.82
C ARG A 98 -0.97 -13.72 -7.20
N LYS A 99 -0.18 -13.70 -6.13
CA LYS A 99 0.25 -15.00 -5.49
C LYS A 99 -0.97 -15.87 -5.16
N THR A 100 -0.76 -17.02 -4.53
CA THR A 100 -1.93 -17.89 -4.17
C THR A 100 -2.22 -17.76 -2.66
N GLY A 101 -3.46 -17.55 -2.29
CA GLY A 101 -3.79 -17.41 -0.84
C GLY A 101 -3.94 -15.93 -0.44
N TYR A 102 -3.95 -15.00 -1.40
CA TYR A 102 -4.10 -13.56 -1.03
C TYR A 102 -5.38 -12.99 -1.64
N GLU A 103 -6.53 -13.37 -1.14
CA GLU A 103 -7.81 -12.83 -1.71
C GLU A 103 -8.31 -11.62 -0.91
N LYS A 104 -8.07 -11.58 0.39
CA LYS A 104 -8.55 -10.42 1.20
C LYS A 104 -7.39 -9.79 1.99
N LEU A 105 -6.45 -9.16 1.33
CA LEU A 105 -5.32 -8.52 2.08
C LEU A 105 -5.35 -6.99 1.86
N CYS A 106 -4.79 -6.21 2.77
CA CYS A 106 -4.82 -4.72 2.60
C CYS A 106 -3.42 -4.10 2.44
N CYS A 107 -2.38 -4.60 3.09
CA CYS A 107 -1.02 -3.97 2.92
C CYS A 107 0.06 -5.07 2.82
N LEU A 108 1.32 -4.70 2.92
CA LEU A 108 2.40 -5.74 2.85
C LEU A 108 2.84 -6.13 4.27
N ARG A 109 2.94 -5.18 5.19
CA ARG A 109 3.32 -5.55 6.60
C ARG A 109 2.06 -5.58 7.50
N CYS A 110 0.90 -5.88 6.93
CA CYS A 110 -0.37 -5.94 7.71
C CYS A 110 -1.05 -7.33 7.48
N ILE A 111 -0.32 -8.31 6.93
CA ILE A 111 -0.93 -9.66 6.66
C ILE A 111 0.16 -10.75 6.56
N GLN A 112 1.21 -10.67 7.35
CA GLN A 112 2.29 -11.72 7.23
C GLN A 112 2.67 -12.27 8.61
N LYS A 113 3.13 -13.52 8.67
CA LYS A 113 3.52 -14.11 9.98
C LYS A 113 4.88 -14.83 9.87
N ASN A 114 5.58 -15.00 10.97
CA ASN A 114 6.91 -15.68 10.91
C ASN A 114 7.00 -16.77 11.98
N GLU A 115 7.93 -17.69 11.86
CA GLU A 115 8.06 -18.76 12.89
C GLU A 115 9.47 -18.75 13.49
N THR A 116 10.04 -17.58 13.72
CA THR A 116 11.42 -17.52 14.30
C THR A 116 11.59 -16.25 15.17
N ASN A 117 10.58 -15.90 15.95
CA ASN A 117 10.68 -14.68 16.82
C ASN A 117 11.05 -13.45 15.97
N ASN A 118 11.13 -12.27 16.58
CA ASN A 118 11.49 -11.04 15.81
C ASN A 118 10.56 -10.87 14.59
N GLY A 119 9.33 -10.45 14.79
CA GLY A 119 8.41 -10.27 13.64
C GLY A 119 7.04 -10.89 13.96
N SER A 120 5.96 -10.23 13.64
CA SER A 120 4.61 -10.79 13.94
C SER A 120 3.62 -10.45 12.81
N THR A 121 2.35 -10.77 12.98
CA THR A 121 1.36 -10.46 11.91
C THR A 121 0.33 -9.45 12.43
N CYS A 122 -0.45 -8.85 11.55
CA CYS A 122 -1.47 -7.86 12.01
C CYS A 122 -2.76 -8.60 12.40
N ILE A 123 -3.57 -8.03 13.27
CA ILE A 123 -4.84 -8.73 13.69
C ILE A 123 -5.93 -8.61 12.60
N CYS A 124 -5.97 -7.55 11.81
CA CYS A 124 -7.05 -7.45 10.77
C CYS A 124 -7.01 -8.66 9.81
N ARG A 125 -5.84 -9.18 9.50
CA ARG A 125 -5.78 -10.39 8.58
C ARG A 125 -6.64 -11.54 9.17
N VAL A 126 -6.72 -11.64 10.48
CA VAL A 126 -7.55 -12.75 11.08
C VAL A 126 -9.05 -12.35 11.06
N PRO A 127 -9.87 -13.20 10.47
CA PRO A 127 -11.33 -12.89 10.40
C PRO A 127 -11.96 -12.91 11.80
N ARG A 128 -13.24 -12.65 11.91
CA ARG A 128 -13.90 -12.65 13.27
C ARG A 128 -14.11 -14.09 13.75
N ALA A 129 -14.44 -15.02 12.86
CA ALA A 129 -14.67 -16.45 13.32
C ALA A 129 -13.41 -16.97 14.02
N GLN A 130 -12.23 -16.66 13.50
CA GLN A 130 -10.98 -17.16 14.18
C GLN A 130 -10.82 -16.43 15.53
N LEU A 131 -11.06 -15.13 15.56
CA LEU A 131 -10.93 -14.39 16.86
C LEU A 131 -11.98 -14.90 17.86
N GLU A 132 -13.18 -15.20 17.41
CA GLU A 132 -14.22 -15.72 18.36
C GLU A 132 -13.74 -17.02 19.01
N GLU A 133 -13.09 -17.90 18.26
CA GLU A 133 -12.60 -19.19 18.87
C GLU A 133 -11.65 -18.90 20.03
N GLU A 134 -10.81 -17.89 19.92
CA GLU A 134 -9.87 -17.57 21.05
C GLU A 134 -10.66 -17.16 22.30
N ALA A 135 -11.72 -16.39 22.14
CA ALA A 135 -12.52 -15.96 23.34
C ALA A 135 -13.15 -17.20 24.01
N ARG A 136 -13.67 -18.14 23.24
CA ARG A 136 -14.28 -19.36 23.86
C ARG A 136 -13.22 -20.11 24.68
N LYS A 137 -11.99 -20.17 24.20
CA LYS A 137 -10.92 -20.90 24.98
C LYS A 137 -10.77 -20.29 26.39
N LYS A 138 -10.92 -18.99 26.54
CA LYS A 138 -10.79 -18.38 27.90
C LYS A 138 -12.15 -18.00 28.51
N GLY A 139 -13.26 -18.52 27.99
CA GLY A 139 -14.59 -18.17 28.58
C GLY A 139 -14.81 -16.65 28.54
N THR A 140 -14.49 -16.00 27.43
CA THR A 140 -14.68 -14.52 27.34
C THR A 140 -15.27 -14.15 25.98
N GLN A 141 -15.19 -12.89 25.58
CA GLN A 141 -15.76 -12.49 24.25
C GLN A 141 -14.79 -11.54 23.53
N VAL A 142 -14.73 -11.60 22.21
CA VAL A 142 -13.80 -10.70 21.46
C VAL A 142 -14.53 -10.05 20.27
N SER A 143 -13.99 -8.97 19.73
CA SER A 143 -14.67 -8.31 18.57
C SER A 143 -13.70 -7.34 17.86
N PHE A 144 -13.30 -7.65 16.66
CA PHE A 144 -12.36 -6.75 15.92
C PHE A 144 -13.10 -5.96 14.82
N HIS A 145 -12.81 -4.68 14.70
CA HIS A 145 -13.46 -3.86 13.62
C HIS A 145 -12.39 -3.46 12.59
N GLN A 146 -11.35 -2.81 13.03
CA GLN A 146 -10.25 -2.39 12.10
C GLN A 146 -8.91 -2.31 12.86
N CYS A 147 -7.79 -2.45 12.19
CA CYS A 147 -6.49 -2.38 12.94
C CYS A 147 -5.90 -0.95 12.89
N VAL A 148 -5.07 -0.60 13.86
CA VAL A 148 -4.48 0.79 13.87
C VAL A 148 -3.42 0.96 12.77
N HIS A 149 -2.79 -0.11 12.29
CA HIS A 149 -1.74 0.06 11.22
C HIS A 149 -2.31 0.87 10.05
N CYS A 150 -3.44 0.48 9.50
CA CYS A 150 -4.04 1.24 8.36
C CYS A 150 -5.55 1.44 8.57
N GLY A 151 -6.26 1.82 7.53
CA GLY A 151 -7.74 2.00 7.65
C GLY A 151 -8.42 0.75 7.07
N CYS A 152 -8.13 -0.42 7.62
CA CYS A 152 -8.74 -1.68 7.09
C CYS A 152 -9.92 -2.10 7.98
N ARG A 153 -11.01 -2.54 7.40
CA ARG A 153 -12.17 -2.99 8.24
C ARG A 153 -12.13 -4.52 8.42
N GLY A 154 -11.00 -5.05 8.84
CA GLY A 154 -10.90 -6.52 9.04
C GLY A 154 -10.86 -7.24 7.68
N CYS A 155 -9.69 -7.61 7.21
CA CYS A 155 -9.60 -8.33 5.90
C CYS A 155 -9.19 -9.79 6.11
N ALA A 156 -9.94 -10.73 5.58
CA ALA A 156 -9.58 -12.18 5.78
C ALA A 156 -10.10 -13.02 4.60
N SER A 157 -9.41 -14.08 4.27
CA SER A 157 -9.86 -14.94 3.12
C SER A 157 -10.32 -16.31 3.63
N THR A 158 -9.46 -17.04 4.30
CA THR A 158 -9.87 -18.40 4.82
C THR A 158 -8.86 -18.92 5.85
N ASP A 159 -8.40 -18.08 6.76
CA ASP A 159 -7.43 -18.54 7.79
C ASP A 159 -7.88 -18.10 9.18
ZN ZN B . -3.48 -2.97 6.37
ZN ZN C . -6.29 -5.70 6.73
ZN ZN D . -3.92 -4.67 9.65
N GLY A 1 16.45 7.22 8.42
CA GLY A 1 16.98 6.29 7.39
C GLY A 1 17.12 7.02 6.05
N GLY A 2 18.33 7.21 5.57
CA GLY A 2 18.53 7.92 4.26
C GLY A 2 18.33 9.42 4.48
N SER A 3 19.33 10.11 5.02
CA SER A 3 19.20 11.58 5.24
C SER A 3 20.47 12.30 4.79
N PRO A 4 20.87 12.09 3.55
CA PRO A 4 22.09 12.75 3.04
C PRO A 4 21.84 14.25 2.83
N ARG A 5 22.84 15.09 3.08
CA ARG A 5 22.64 16.56 2.88
C ARG A 5 23.93 17.20 2.36
N ILE A 6 24.52 16.65 1.32
CA ILE A 6 25.78 17.25 0.78
C ILE A 6 25.56 17.73 -0.66
N LYS A 7 25.16 16.84 -1.55
CA LYS A 7 24.92 17.25 -2.97
C LYS A 7 23.46 16.99 -3.36
N THR A 8 22.95 17.72 -4.33
CA THR A 8 21.52 17.50 -4.74
C THR A 8 21.44 17.33 -6.27
N ARG A 9 21.97 16.24 -6.81
CA ARG A 9 21.92 16.03 -8.28
C ARG A 9 21.52 14.58 -8.59
N ARG A 10 20.53 14.35 -9.42
CA ARG A 10 20.11 12.95 -9.74
C ARG A 10 20.22 12.71 -11.26
N SER A 11 20.00 11.49 -11.70
CA SER A 11 20.08 11.21 -13.18
C SER A 11 19.01 10.18 -13.58
N LYS A 12 19.13 9.59 -14.75
CA LYS A 12 18.11 8.58 -15.20
C LYS A 12 16.69 9.17 -15.12
N PRO A 13 16.40 10.12 -15.97
CA PRO A 13 15.06 10.76 -15.98
C PRO A 13 14.01 9.79 -16.55
N ALA A 14 12.76 9.99 -16.23
CA ALA A 14 11.69 9.08 -16.77
C ALA A 14 11.64 9.20 -18.31
N PRO A 15 11.28 8.12 -18.97
CA PRO A 15 11.21 8.15 -20.46
C PRO A 15 10.01 8.99 -20.92
N ASP A 16 10.00 9.42 -22.17
CA ASP A 16 8.86 10.25 -22.70
C ASP A 16 7.50 9.63 -22.34
N GLY A 17 7.41 8.32 -22.27
CA GLY A 17 6.10 7.67 -21.92
C GLY A 17 5.53 8.25 -20.61
N PHE A 18 6.37 8.61 -19.66
CA PHE A 18 5.83 9.19 -18.38
C PHE A 18 4.91 10.40 -18.66
N GLU A 19 5.15 11.14 -19.71
CA GLU A 19 4.26 12.33 -20.02
C GLU A 19 2.78 11.87 -20.08
N LYS A 20 2.52 10.70 -20.61
CA LYS A 20 1.09 10.22 -20.69
C LYS A 20 0.49 10.14 -19.27
N ILE A 21 1.27 9.75 -18.28
CA ILE A 21 0.73 9.67 -16.89
C ILE A 21 1.46 10.66 -15.95
N LYS A 22 1.81 11.83 -16.46
CA LYS A 22 2.55 12.82 -15.59
C LYS A 22 1.60 13.69 -14.71
N PRO A 23 0.50 14.16 -15.27
CA PRO A 23 -0.41 15.02 -14.47
C PRO A 23 -1.25 14.20 -13.47
N THR A 24 -1.70 13.02 -13.85
CA THR A 24 -2.53 12.21 -12.88
C THR A 24 -1.71 11.90 -11.62
N LEU A 25 -0.46 11.52 -11.77
CA LEU A 25 0.39 11.22 -10.56
C LEU A 25 0.54 12.49 -9.71
N THR A 26 0.69 13.65 -10.34
CA THR A 26 0.83 14.92 -9.53
C THR A 26 -0.38 15.10 -8.60
N ASP A 27 -1.57 14.76 -9.05
CA ASP A 27 -2.78 14.92 -8.16
C ASP A 27 -2.59 14.12 -6.86
N PHE A 28 -2.00 12.94 -6.93
CA PHE A 28 -1.79 12.13 -5.68
C PHE A 28 -0.96 12.93 -4.66
N GLU A 29 0.04 13.67 -5.11
CA GLU A 29 0.88 14.46 -4.15
C GLU A 29 0.04 15.52 -3.39
N ILE A 30 -1.10 15.94 -3.91
CA ILE A 30 -1.91 16.97 -3.17
C ILE A 30 -2.73 16.29 -2.06
N GLN A 31 -3.19 15.07 -2.26
CA GLN A 31 -3.96 14.39 -1.16
C GLN A 31 -2.98 13.78 -0.14
N LEU A 32 -1.83 13.31 -0.58
CA LEU A 32 -0.85 12.74 0.41
C LEU A 32 -0.14 13.89 1.16
N ARG A 33 0.09 15.03 0.52
CA ARG A 33 0.77 16.16 1.26
C ARG A 33 -0.17 16.71 2.34
N ASP A 34 -1.47 16.75 2.10
CA ASP A 34 -2.40 17.28 3.16
C ASP A 34 -2.44 16.32 4.35
N ALA A 35 -2.47 15.02 4.10
CA ALA A 35 -2.49 14.04 5.25
C ALA A 35 -1.17 14.14 6.03
N GLN A 36 -0.05 14.26 5.34
CA GLN A 36 1.27 14.36 6.06
C GLN A 36 1.27 15.57 7.02
N LYS A 37 0.61 16.66 6.66
CA LYS A 37 0.60 17.85 7.59
C LYS A 37 -0.66 17.84 8.46
N ASP A 38 -1.80 17.47 7.92
CA ASP A 38 -3.06 17.46 8.76
C ASP A 38 -2.89 16.51 9.96
N LYS A 39 -2.25 15.37 9.76
CA LYS A 39 -2.06 14.41 10.91
C LYS A 39 -1.28 15.10 12.05
N SER A 40 -0.27 15.89 11.73
CA SER A 40 0.53 16.58 12.79
C SER A 40 1.00 15.60 13.87
N SER A 41 1.56 16.08 14.96
CA SER A 41 2.03 15.17 16.03
C SER A 41 1.28 15.44 17.34
N LYS A 42 1.33 16.66 17.85
CA LYS A 42 0.60 16.98 19.12
C LYS A 42 -0.43 18.09 18.88
N LEU A 43 -1.58 17.76 18.31
CA LEU A 43 -2.61 18.81 18.05
C LEU A 43 -3.87 18.50 18.88
N ALA A 44 -4.48 17.35 18.70
CA ALA A 44 -5.71 17.01 19.48
C ALA A 44 -6.09 15.52 19.32
N ALA A 45 -6.47 15.11 18.13
CA ALA A 45 -6.86 13.67 17.93
C ALA A 45 -7.00 13.34 16.44
N LYS A 46 -7.61 12.21 16.09
CA LYS A 46 -7.78 11.84 14.65
C LYS A 46 -6.43 11.88 13.91
N SER A 47 -5.52 10.99 14.23
CA SER A 47 -4.20 10.97 13.54
C SER A 47 -4.07 9.72 12.66
N ASN A 48 -4.26 8.55 13.23
CA ASN A 48 -4.14 7.29 12.40
C ASN A 48 -5.08 7.37 11.19
N GLU A 49 -6.25 7.94 11.34
CA GLU A 49 -7.20 8.04 10.17
C GLU A 49 -6.54 8.82 9.03
N GLN A 50 -5.80 9.88 9.32
CA GLN A 50 -5.14 10.66 8.23
C GLN A 50 -4.14 9.75 7.47
N LEU A 51 -3.40 8.92 8.18
CA LEU A 51 -2.43 8.02 7.48
C LEU A 51 -3.17 6.99 6.61
N TRP A 52 -4.34 6.53 7.04
CA TRP A 52 -5.08 5.53 6.19
C TRP A 52 -5.36 6.14 4.80
N GLU A 53 -5.65 7.42 4.73
CA GLU A 53 -5.89 8.05 3.38
C GLU A 53 -4.56 8.04 2.58
N ILE A 54 -3.43 8.18 3.24
CA ILE A 54 -2.12 8.17 2.49
C ILE A 54 -1.85 6.74 1.99
N MET A 55 -1.84 5.74 2.86
CA MET A 55 -1.60 4.34 2.37
C MET A 55 -2.70 3.96 1.35
N GLN A 56 -3.92 4.45 1.53
CA GLN A 56 -5.01 4.10 0.53
C GLN A 56 -4.60 4.59 -0.87
N LEU A 57 -3.99 5.76 -0.96
CA LEU A 57 -3.56 6.26 -2.32
C LEU A 57 -2.66 5.22 -3.01
N HIS A 58 -1.86 4.48 -2.26
CA HIS A 58 -0.98 3.44 -2.91
C HIS A 58 -1.86 2.45 -3.71
N HIS A 59 -3.01 2.08 -3.18
CA HIS A 59 -3.91 1.13 -3.94
C HIS A 59 -4.31 1.79 -5.27
N GLN A 60 -4.78 3.03 -5.22
CA GLN A 60 -5.15 3.72 -6.50
C GLN A 60 -3.91 3.86 -7.38
N ARG A 61 -2.76 4.20 -6.79
CA ARG A 61 -1.51 4.33 -7.63
C ARG A 61 -1.20 2.98 -8.28
N SER A 62 -1.26 1.89 -7.52
CA SER A 62 -0.98 0.55 -8.14
C SER A 62 -2.06 0.22 -9.17
N ARG A 63 -3.31 0.54 -8.89
CA ARG A 63 -4.39 0.23 -9.91
C ARG A 63 -4.16 1.09 -11.16
N TYR A 64 -3.74 2.34 -11.00
CA TYR A 64 -3.51 3.21 -12.20
C TYR A 64 -2.41 2.59 -13.07
N ILE A 65 -1.29 2.19 -12.47
CA ILE A 65 -0.20 1.56 -13.30
C ILE A 65 -0.58 0.11 -13.63
N TYR A 66 -1.14 -0.61 -12.68
CA TYR A 66 -1.56 -2.03 -12.96
C TYR A 66 -2.59 -2.05 -14.10
N THR A 67 -3.41 -1.02 -14.23
CA THR A 67 -4.43 -1.01 -15.34
C THR A 67 -3.77 -0.59 -16.66
N LEU A 68 -2.84 0.35 -16.65
CA LEU A 68 -2.22 0.79 -17.93
C LEU A 68 -1.07 -0.14 -18.38
N TYR A 69 -0.32 -0.73 -17.47
CA TYR A 69 0.82 -1.63 -17.89
C TYR A 69 0.34 -3.08 -18.14
N TYR A 70 -0.61 -3.58 -17.39
CA TYR A 70 -1.05 -5.01 -17.60
C TYR A 70 -2.34 -5.12 -18.45
N LYS A 71 -3.16 -4.10 -18.51
CA LYS A 71 -4.42 -4.21 -19.33
C LYS A 71 -4.40 -3.24 -20.51
N ARG A 72 -4.23 -1.95 -20.26
CA ARG A 72 -4.22 -0.97 -21.42
C ARG A 72 -2.97 -1.19 -22.29
N LYS A 73 -1.86 -1.62 -21.72
CA LYS A 73 -0.62 -1.85 -22.52
C LYS A 73 -0.18 -0.53 -23.20
N ALA A 74 -0.20 0.56 -22.47
CA ALA A 74 0.22 1.87 -23.07
C ALA A 74 1.50 2.36 -22.38
N ILE A 75 2.40 1.46 -22.03
CA ILE A 75 3.67 1.88 -21.36
C ILE A 75 4.76 0.81 -21.55
N SER A 76 6.01 1.15 -21.33
CA SER A 76 7.09 0.14 -21.50
C SER A 76 7.67 -0.27 -20.14
N LYS A 77 8.12 -1.51 -19.99
CA LYS A 77 8.70 -1.96 -18.67
C LYS A 77 9.68 -0.93 -18.09
N ASP A 78 10.40 -0.20 -18.92
CA ASP A 78 11.36 0.83 -18.36
C ASP A 78 10.58 1.89 -17.59
N LEU A 79 9.55 2.47 -18.18
CA LEU A 79 8.74 3.49 -17.43
C LEU A 79 8.04 2.79 -16.25
N TYR A 80 7.46 1.62 -16.49
CA TYR A 80 6.77 0.89 -15.38
C TYR A 80 7.79 0.59 -14.26
N ASP A 81 9.01 0.20 -14.61
CA ASP A 81 10.04 -0.07 -13.56
C ASP A 81 10.49 1.27 -12.95
N TRP A 82 10.71 2.28 -13.78
CA TRP A 82 11.12 3.62 -13.23
C TRP A 82 10.06 4.11 -12.23
N LEU A 83 8.79 3.83 -12.48
CA LEU A 83 7.73 4.27 -11.51
C LEU A 83 7.91 3.50 -10.20
N ILE A 84 7.83 2.18 -10.23
CA ILE A 84 8.01 1.40 -8.95
C ILE A 84 9.37 1.73 -8.30
N LYS A 85 10.37 2.14 -9.08
CA LYS A 85 11.69 2.50 -8.46
C LYS A 85 11.68 3.96 -7.93
N GLU A 86 10.75 4.80 -8.36
CA GLU A 86 10.73 6.21 -7.84
C GLU A 86 9.52 6.46 -6.90
N LYS A 87 8.97 5.42 -6.28
CA LYS A 87 7.80 5.57 -5.32
C LYS A 87 6.49 5.79 -6.07
N TYR A 88 5.98 4.76 -6.74
CA TYR A 88 4.68 4.89 -7.47
C TYR A 88 3.79 3.70 -7.15
N ALA A 89 4.23 2.50 -7.50
CA ALA A 89 3.42 1.28 -7.21
C ALA A 89 4.31 0.21 -6.54
N ASP A 90 3.72 -0.78 -5.90
CA ASP A 90 4.55 -1.83 -5.23
C ASP A 90 4.30 -3.19 -5.92
N LYS A 91 5.31 -3.73 -6.59
CA LYS A 91 5.11 -5.06 -7.27
C LYS A 91 4.69 -6.13 -6.25
N LEU A 92 5.24 -6.08 -5.04
CA LEU A 92 4.85 -7.13 -4.02
C LEU A 92 3.35 -7.05 -3.73
N LEU A 93 2.76 -5.87 -3.70
CA LEU A 93 1.27 -5.80 -3.43
C LEU A 93 0.53 -6.34 -4.66
N ILE A 94 0.86 -5.87 -5.84
CA ILE A 94 0.16 -6.40 -7.07
C ILE A 94 0.46 -7.90 -7.18
N ALA A 95 1.68 -8.33 -6.87
CA ALA A 95 1.99 -9.80 -6.93
C ALA A 95 1.19 -10.53 -5.83
N LYS A 96 1.03 -9.93 -4.66
CA LYS A 96 0.25 -10.61 -3.56
C LYS A 96 -1.17 -10.91 -4.05
N TRP A 97 -1.80 -9.97 -4.75
CA TRP A 97 -3.20 -10.23 -5.24
C TRP A 97 -3.21 -11.34 -6.31
N ARG A 98 -2.16 -11.48 -7.09
CA ARG A 98 -2.16 -12.58 -8.13
C ARG A 98 -1.84 -13.93 -7.47
N LYS A 99 -1.04 -13.96 -6.42
CA LYS A 99 -0.72 -15.27 -5.73
C LYS A 99 -2.02 -15.99 -5.33
N THR A 100 -1.92 -17.12 -4.66
CA THR A 100 -3.16 -17.85 -4.22
C THR A 100 -3.35 -17.68 -2.71
N GLY A 101 -4.56 -17.49 -2.26
CA GLY A 101 -4.78 -17.31 -0.79
C GLY A 101 -4.94 -15.81 -0.43
N TYR A 102 -4.44 -14.90 -1.25
CA TYR A 102 -4.59 -13.44 -0.92
C TYR A 102 -5.86 -12.87 -1.57
N GLU A 103 -7.01 -13.43 -1.25
CA GLU A 103 -8.29 -12.89 -1.86
C GLU A 103 -8.71 -11.61 -1.12
N LYS A 104 -8.55 -11.56 0.19
CA LYS A 104 -8.93 -10.34 0.95
C LYS A 104 -7.68 -9.68 1.55
N LEU A 105 -6.94 -8.93 0.76
CA LEU A 105 -5.71 -8.27 1.28
C LEU A 105 -5.87 -6.73 1.23
N CYS A 106 -5.45 -6.03 2.27
CA CYS A 106 -5.58 -4.54 2.26
C CYS A 106 -4.20 -3.84 2.11
N CYS A 107 -3.15 -4.33 2.72
CA CYS A 107 -1.81 -3.66 2.55
C CYS A 107 -0.70 -4.72 2.41
N LEU A 108 0.56 -4.33 2.44
CA LEU A 108 1.66 -5.34 2.31
C LEU A 108 2.21 -5.72 3.70
N ARG A 109 2.28 -4.80 4.64
CA ARG A 109 2.77 -5.15 6.01
C ARG A 109 1.55 -5.27 6.96
N CYS A 110 0.43 -5.73 6.47
CA CYS A 110 -0.81 -5.86 7.29
C CYS A 110 -1.38 -7.31 7.13
N ILE A 111 -0.59 -8.26 6.63
CA ILE A 111 -1.09 -9.66 6.43
C ILE A 111 0.08 -10.67 6.36
N GLN A 112 1.14 -10.49 7.12
CA GLN A 112 2.30 -11.44 7.04
C GLN A 112 2.85 -11.77 8.44
N LYS A 113 3.06 -13.05 8.74
CA LYS A 113 3.60 -13.42 10.08
C LYS A 113 5.12 -13.63 9.99
N ASN A 114 5.61 -14.38 9.03
CA ASN A 114 7.08 -14.61 8.90
C ASN A 114 7.66 -15.15 10.22
N GLU A 115 8.98 -15.17 10.36
CA GLU A 115 9.58 -15.69 11.64
C GLU A 115 10.39 -14.57 12.32
N THR A 116 9.79 -13.85 13.24
CA THR A 116 10.54 -12.76 13.94
C THR A 116 10.04 -12.61 15.40
N ASN A 117 10.53 -11.64 16.12
CA ASN A 117 10.08 -11.46 17.55
C ASN A 117 9.67 -10.00 17.79
N ASN A 118 9.03 -9.36 16.84
CA ASN A 118 8.60 -7.94 17.04
C ASN A 118 7.38 -7.62 16.18
N GLY A 119 6.18 -7.75 16.70
CA GLY A 119 4.97 -7.46 15.89
C GLY A 119 4.89 -8.44 14.71
N SER A 120 4.03 -9.44 14.78
CA SER A 120 3.94 -10.43 13.66
C SER A 120 2.56 -10.36 13.01
N THR A 121 2.50 -10.17 11.70
CA THR A 121 1.17 -10.11 10.99
C THR A 121 0.26 -9.04 11.63
N CYS A 122 -0.89 -8.80 11.04
CA CYS A 122 -1.82 -7.78 11.60
C CYS A 122 -3.10 -8.50 12.08
N ILE A 123 -3.83 -7.90 13.01
CA ILE A 123 -5.08 -8.59 13.51
C ILE A 123 -6.22 -8.51 12.49
N CYS A 124 -6.29 -7.47 11.66
CA CYS A 124 -7.43 -7.41 10.66
C CYS A 124 -7.44 -8.69 9.81
N ARG A 125 -6.29 -9.27 9.51
CA ARG A 125 -6.28 -10.56 8.73
C ARG A 125 -7.08 -11.62 9.54
N VAL A 126 -7.01 -11.58 10.86
CA VAL A 126 -7.77 -12.57 11.69
C VAL A 126 -9.29 -12.32 11.56
N PRO A 127 -10.02 -13.27 11.01
CA PRO A 127 -11.49 -13.09 10.87
C PRO A 127 -12.16 -13.05 12.25
N ARG A 128 -13.47 -12.89 12.29
CA ARG A 128 -14.17 -12.85 13.64
C ARG A 128 -14.26 -14.26 14.23
N ALA A 129 -14.54 -15.27 13.42
CA ALA A 129 -14.64 -16.66 13.98
C ALA A 129 -13.30 -17.05 14.63
N GLN A 130 -12.19 -16.73 14.01
CA GLN A 130 -10.86 -17.10 14.61
C GLN A 130 -10.68 -16.38 15.95
N LEU A 131 -11.07 -15.12 16.04
CA LEU A 131 -10.92 -14.38 17.34
C LEU A 131 -11.76 -15.06 18.42
N GLU A 132 -12.97 -15.50 18.10
CA GLU A 132 -13.83 -16.17 19.13
C GLU A 132 -13.10 -17.40 19.71
N GLU A 133 -12.37 -18.13 18.89
CA GLU A 133 -11.65 -19.34 19.42
C GLU A 133 -10.69 -18.94 20.55
N GLU A 134 -10.04 -17.80 20.43
CA GLU A 134 -9.09 -17.37 21.53
C GLU A 134 -9.88 -17.04 22.81
N ALA A 135 -11.01 -16.39 22.68
CA ALA A 135 -11.82 -16.06 23.92
C ALA A 135 -12.37 -17.34 24.53
N ARG A 136 -12.80 -18.30 23.74
CA ARG A 136 -13.34 -19.58 24.33
C ARG A 136 -12.21 -20.38 25.01
N LYS A 137 -10.99 -20.30 24.52
CA LYS A 137 -9.87 -21.07 25.18
C LYS A 137 -9.37 -20.35 26.44
N LYS A 138 -9.41 -19.03 26.48
CA LYS A 138 -8.92 -18.32 27.71
C LYS A 138 -10.08 -17.87 28.62
N GLY A 139 -11.24 -18.49 28.53
CA GLY A 139 -12.39 -18.11 29.42
C GLY A 139 -12.64 -16.59 29.36
N THR A 140 -12.66 -15.99 28.20
CA THR A 140 -12.90 -14.52 28.11
C THR A 140 -13.69 -14.17 26.84
N GLN A 141 -13.77 -12.90 26.49
CA GLN A 141 -14.54 -12.52 25.26
C GLN A 141 -13.63 -11.73 24.29
N VAL A 142 -14.10 -11.47 23.09
CA VAL A 142 -13.25 -10.72 22.10
C VAL A 142 -14.13 -10.06 21.03
N SER A 143 -13.62 -9.06 20.33
CA SER A 143 -14.44 -8.39 19.27
C SER A 143 -13.58 -7.45 18.41
N PHE A 144 -13.17 -7.86 17.23
CA PHE A 144 -12.34 -6.97 16.37
C PHE A 144 -13.22 -6.26 15.32
N HIS A 145 -12.78 -5.13 14.82
CA HIS A 145 -13.56 -4.40 13.79
C HIS A 145 -12.60 -3.93 12.69
N GLN A 146 -11.65 -3.09 13.04
CA GLN A 146 -10.66 -2.61 12.04
C GLN A 146 -9.29 -2.41 12.72
N CYS A 147 -8.20 -2.63 12.01
CA CYS A 147 -6.85 -2.46 12.67
C CYS A 147 -6.36 -1.00 12.56
N VAL A 148 -5.47 -0.59 13.45
CA VAL A 148 -4.96 0.83 13.38
C VAL A 148 -3.97 1.03 12.23
N HIS A 149 -3.29 -0.01 11.76
CA HIS A 149 -2.32 0.18 10.61
C HIS A 149 -3.03 0.91 9.46
N CYS A 150 -4.23 0.50 9.12
CA CYS A 150 -4.99 1.16 8.02
C CYS A 150 -6.49 1.23 8.37
N GLY A 151 -7.31 1.76 7.48
CA GLY A 151 -8.77 1.82 7.75
C GLY A 151 -9.40 0.55 7.13
N CYS A 152 -9.01 -0.61 7.60
CA CYS A 152 -9.57 -1.88 7.04
C CYS A 152 -10.66 -2.42 7.97
N ARG A 153 -11.76 -2.91 7.43
CA ARG A 153 -12.84 -3.46 8.33
C ARG A 153 -12.64 -4.97 8.51
N GLY A 154 -11.48 -5.38 8.98
CA GLY A 154 -11.24 -6.83 9.20
C GLY A 154 -11.28 -7.57 7.85
N CYS A 155 -10.14 -7.81 7.23
CA CYS A 155 -10.14 -8.54 5.93
C CYS A 155 -9.66 -9.99 6.13
N ALA A 156 -10.49 -10.97 5.85
CA ALA A 156 -10.08 -12.40 6.04
C ALA A 156 -10.11 -13.14 4.70
N SER A 157 -9.10 -13.94 4.41
CA SER A 157 -9.09 -14.69 3.11
C SER A 157 -9.13 -16.20 3.37
N THR A 158 -8.18 -16.73 4.11
CA THR A 158 -8.17 -18.20 4.39
C THR A 158 -7.67 -18.47 5.82
N ASP A 159 -8.19 -17.77 6.80
CA ASP A 159 -7.72 -18.01 8.21
C ASP A 159 -8.89 -18.50 9.08
ZN ZN B . -4.17 -3.02 6.06
ZN ZN C . -6.89 -5.77 6.47
ZN ZN D . -4.41 -4.74 9.30
N GLY A 1 22.56 37.10 -26.68
CA GLY A 1 23.01 36.42 -25.44
C GLY A 1 21.80 36.15 -24.53
N GLY A 2 21.50 34.90 -24.26
CA GLY A 2 20.32 34.59 -23.39
C GLY A 2 20.81 33.98 -22.07
N SER A 3 20.50 32.72 -21.81
CA SER A 3 20.96 32.08 -20.55
C SER A 3 21.69 30.76 -20.85
N PRO A 4 23.00 30.84 -20.96
CA PRO A 4 23.80 29.62 -21.25
C PRO A 4 23.85 28.71 -20.01
N ARG A 5 23.19 27.57 -20.06
CA ARG A 5 23.21 26.64 -18.89
C ARG A 5 23.88 25.32 -19.27
N ILE A 6 24.30 24.53 -18.30
CA ILE A 6 24.96 23.23 -18.62
C ILE A 6 24.35 22.09 -17.77
N LYS A 7 24.43 20.86 -18.23
CA LYS A 7 23.84 19.73 -17.45
C LYS A 7 24.83 18.56 -17.38
N THR A 8 25.20 18.11 -16.20
CA THR A 8 26.16 16.97 -16.09
C THR A 8 25.77 16.05 -14.93
N ARG A 9 24.52 15.64 -14.85
CA ARG A 9 24.10 14.75 -13.73
C ARG A 9 23.09 13.70 -14.25
N ARG A 10 23.42 12.42 -14.15
CA ARG A 10 22.47 11.37 -14.64
C ARG A 10 22.52 10.15 -13.72
N SER A 11 21.37 9.62 -13.33
CA SER A 11 21.37 8.42 -12.44
C SER A 11 20.23 7.47 -12.83
N LYS A 12 18.99 7.90 -12.69
CA LYS A 12 17.84 7.02 -13.06
C LYS A 12 16.73 7.86 -13.74
N PRO A 13 17.00 8.31 -14.94
CA PRO A 13 16.00 9.12 -15.67
C PRO A 13 14.84 8.24 -16.18
N ALA A 14 13.70 8.83 -16.45
CA ALA A 14 12.54 8.03 -16.95
C ALA A 14 12.40 8.20 -18.48
N PRO A 15 11.90 7.18 -19.14
CA PRO A 15 11.74 7.25 -20.61
C PRO A 15 10.62 8.22 -20.99
N ASP A 16 10.62 8.70 -22.22
CA ASP A 16 9.54 9.68 -22.66
C ASP A 16 8.14 9.17 -22.28
N GLY A 17 7.92 7.86 -22.26
CA GLY A 17 6.57 7.33 -21.90
C GLY A 17 6.09 7.92 -20.55
N PHE A 18 6.99 8.21 -19.63
CA PHE A 18 6.55 8.79 -18.30
C PHE A 18 5.72 10.07 -18.53
N GLU A 19 6.02 10.84 -19.54
CA GLU A 19 5.22 12.10 -19.79
C GLU A 19 3.72 11.77 -19.88
N LYS A 20 3.37 10.65 -20.47
CA LYS A 20 1.91 10.28 -20.56
C LYS A 20 1.28 10.19 -19.17
N ILE A 21 2.01 9.72 -18.18
CA ILE A 21 1.45 9.63 -16.80
C ILE A 21 2.23 10.54 -15.83
N LYS A 22 2.67 11.70 -16.28
CA LYS A 22 3.45 12.62 -15.37
C LYS A 22 2.56 13.50 -14.48
N PRO A 23 1.51 14.10 -15.02
CA PRO A 23 0.65 14.98 -14.20
C PRO A 23 -0.27 14.19 -13.26
N THR A 24 -0.78 13.04 -13.68
CA THR A 24 -1.68 12.26 -12.77
C THR A 24 -0.95 11.89 -11.47
N LEU A 25 0.30 11.50 -11.57
CA LEU A 25 1.07 11.15 -10.31
C LEU A 25 1.25 12.41 -9.46
N THR A 26 1.55 13.55 -10.08
CA THR A 26 1.74 14.81 -9.27
C THR A 26 0.45 15.11 -8.48
N ASP A 27 -0.71 14.82 -9.01
CA ASP A 27 -1.99 15.09 -8.26
C ASP A 27 -1.97 14.38 -6.89
N PHE A 28 -1.40 13.19 -6.82
CA PHE A 28 -1.37 12.47 -5.50
C PHE A 28 -0.64 13.32 -4.44
N GLU A 29 0.41 14.01 -4.81
CA GLU A 29 1.15 14.85 -3.80
C GLU A 29 0.21 15.89 -3.17
N ILE A 30 -0.73 16.42 -3.92
CA ILE A 30 -1.67 17.44 -3.32
C ILE A 30 -2.61 16.72 -2.33
N GLN A 31 -3.08 15.53 -2.66
CA GLN A 31 -3.98 14.80 -1.70
C GLN A 31 -3.14 14.36 -0.49
N LEU A 32 -1.98 13.77 -0.72
CA LEU A 32 -1.12 13.35 0.45
C LEU A 32 -0.75 14.58 1.29
N ARG A 33 -0.51 15.72 0.65
CA ARG A 33 -0.15 16.96 1.44
C ARG A 33 -1.25 17.28 2.47
N ASP A 34 -2.51 17.08 2.12
CA ASP A 34 -3.60 17.39 3.12
C ASP A 34 -3.46 16.47 4.34
N ALA A 35 -3.33 15.18 4.14
CA ALA A 35 -3.18 14.27 5.33
C ALA A 35 -1.81 14.53 5.97
N GLN A 36 -0.77 14.72 5.17
CA GLN A 36 0.58 14.99 5.76
C GLN A 36 0.55 16.27 6.60
N LYS A 37 -0.25 17.26 6.23
CA LYS A 37 -0.29 18.53 7.04
C LYS A 37 -1.44 18.47 8.07
N ASP A 38 -2.56 17.88 7.72
CA ASP A 38 -3.70 17.82 8.72
C ASP A 38 -3.25 17.10 10.00
N LYS A 39 -2.39 16.11 9.91
CA LYS A 39 -1.93 15.40 11.15
C LYS A 39 -0.61 16.02 11.66
N SER A 40 0.29 16.39 10.79
CA SER A 40 1.59 16.99 11.25
C SER A 40 1.33 18.20 12.17
N SER A 41 0.30 18.98 11.90
CA SER A 41 0.01 20.17 12.78
C SER A 41 -1.02 19.80 13.86
N LYS A 42 -2.01 18.98 13.53
CA LYS A 42 -3.03 18.59 14.56
C LYS A 42 -2.82 17.13 14.98
N LEU A 43 -2.29 16.90 16.18
CA LEU A 43 -2.07 15.49 16.63
C LEU A 43 -2.94 15.19 17.86
N ALA A 44 -4.18 15.61 17.86
CA ALA A 44 -5.07 15.33 19.03
C ALA A 44 -6.34 14.60 18.59
N ALA A 45 -7.12 15.17 17.69
CA ALA A 45 -8.37 14.49 17.24
C ALA A 45 -8.28 14.18 15.73
N LYS A 46 -8.92 13.12 15.27
CA LYS A 46 -8.87 12.77 13.81
C LYS A 46 -7.41 12.70 13.31
N SER A 47 -6.62 11.80 13.86
CA SER A 47 -5.19 11.69 13.41
C SER A 47 -4.96 10.33 12.72
N ASN A 48 -5.23 9.24 13.40
CA ASN A 48 -5.03 7.88 12.76
C ASN A 48 -5.87 7.79 11.48
N GLU A 49 -7.08 8.31 11.48
CA GLU A 49 -7.93 8.24 10.24
C GLU A 49 -7.23 9.00 9.09
N GLN A 50 -6.58 10.11 9.38
CA GLN A 50 -5.88 10.87 8.28
C GLN A 50 -4.82 9.98 7.62
N LEU A 51 -4.04 9.25 8.40
CA LEU A 51 -2.99 8.37 7.79
C LEU A 51 -3.66 7.32 6.87
N TRP A 52 -4.80 6.80 7.26
CA TRP A 52 -5.48 5.79 6.38
C TRP A 52 -5.77 6.41 5.00
N GLU A 53 -6.07 7.70 4.93
CA GLU A 53 -6.31 8.32 3.59
C GLU A 53 -5.00 8.32 2.79
N ILE A 54 -3.85 8.47 3.44
CA ILE A 54 -2.56 8.46 2.67
C ILE A 54 -2.28 7.04 2.15
N MET A 55 -2.25 6.04 3.02
CA MET A 55 -1.99 4.64 2.52
C MET A 55 -3.08 4.26 1.49
N GLN A 56 -4.30 4.74 1.64
CA GLN A 56 -5.37 4.39 0.63
C GLN A 56 -4.94 4.89 -0.75
N LEU A 57 -4.37 6.08 -0.83
CA LEU A 57 -3.92 6.60 -2.18
C LEU A 57 -2.97 5.60 -2.85
N HIS A 58 -2.19 4.85 -2.08
CA HIS A 58 -1.27 3.84 -2.72
C HIS A 58 -2.07 2.84 -3.56
N HIS A 59 -3.23 2.41 -3.11
CA HIS A 59 -4.05 1.45 -3.92
C HIS A 59 -4.38 2.08 -5.28
N GLN A 60 -4.83 3.32 -5.28
CA GLN A 60 -5.14 4.00 -6.60
C GLN A 60 -3.84 4.12 -7.42
N ARG A 61 -2.72 4.41 -6.77
CA ARG A 61 -1.43 4.52 -7.56
C ARG A 61 -1.11 3.18 -8.20
N SER A 62 -1.20 2.08 -7.47
CA SER A 62 -0.90 0.75 -8.09
C SER A 62 -1.97 0.43 -9.14
N ARG A 63 -3.23 0.74 -8.86
CA ARG A 63 -4.29 0.47 -9.88
C ARG A 63 -4.04 1.33 -11.14
N TYR A 64 -3.58 2.56 -10.97
CA TYR A 64 -3.31 3.42 -12.17
C TYR A 64 -2.21 2.76 -13.03
N ILE A 65 -1.08 2.43 -12.44
CA ILE A 65 0.01 1.77 -13.24
C ILE A 65 -0.40 0.33 -13.58
N TYR A 66 -1.04 -0.36 -12.66
CA TYR A 66 -1.49 -1.77 -12.96
C TYR A 66 -2.52 -1.76 -14.09
N THR A 67 -3.40 -0.77 -14.12
CA THR A 67 -4.43 -0.74 -15.22
C THR A 67 -3.79 -0.38 -16.56
N LEU A 68 -2.81 0.51 -16.59
CA LEU A 68 -2.19 0.89 -17.90
C LEU A 68 -1.11 -0.12 -18.35
N TYR A 69 -0.40 -0.75 -17.42
CA TYR A 69 0.67 -1.73 -17.86
C TYR A 69 0.09 -3.13 -18.10
N TYR A 70 -0.91 -3.55 -17.36
CA TYR A 70 -1.46 -4.94 -17.57
C TYR A 70 -2.69 -4.94 -18.49
N LYS A 71 -3.46 -3.88 -18.56
CA LYS A 71 -4.66 -3.87 -19.46
C LYS A 71 -4.49 -2.91 -20.64
N ARG A 72 -4.31 -1.63 -20.39
CA ARG A 72 -4.15 -0.66 -21.54
C ARG A 72 -2.92 -1.02 -22.38
N LYS A 73 -1.88 -1.58 -21.78
CA LYS A 73 -0.65 -1.95 -22.56
C LYS A 73 -0.10 -0.71 -23.28
N ALA A 74 -0.09 0.43 -22.62
CA ALA A 74 0.46 1.66 -23.26
C ALA A 74 1.76 2.11 -22.55
N ILE A 75 2.56 1.17 -22.10
CA ILE A 75 3.83 1.54 -21.39
C ILE A 75 4.86 0.41 -21.54
N SER A 76 6.13 0.68 -21.29
CA SER A 76 7.16 -0.39 -21.44
C SER A 76 7.66 -0.83 -20.05
N LYS A 77 8.01 -2.10 -19.89
CA LYS A 77 8.51 -2.60 -18.56
C LYS A 77 9.58 -1.65 -17.96
N ASP A 78 10.37 -0.99 -18.79
CA ASP A 78 11.41 -0.05 -18.22
C ASP A 78 10.70 1.07 -17.45
N LEU A 79 9.71 1.71 -18.05
CA LEU A 79 8.99 2.80 -17.30
C LEU A 79 8.20 2.17 -16.16
N TYR A 80 7.54 1.05 -16.41
CA TYR A 80 6.77 0.38 -15.31
C TYR A 80 7.73 -0.02 -14.17
N ASP A 81 8.93 -0.47 -14.50
CA ASP A 81 9.90 -0.85 -13.41
C ASP A 81 10.48 0.43 -12.81
N TRP A 82 10.81 1.41 -13.63
CA TRP A 82 11.37 2.71 -13.08
C TRP A 82 10.34 3.32 -12.12
N LEU A 83 9.06 3.26 -12.45
CA LEU A 83 8.02 3.83 -11.52
C LEU A 83 8.00 3.02 -10.23
N ILE A 84 7.81 1.72 -10.30
CA ILE A 84 7.78 0.90 -9.04
C ILE A 84 9.08 1.09 -8.23
N LYS A 85 10.19 1.41 -8.87
CA LYS A 85 11.47 1.62 -8.10
C LYS A 85 11.62 3.09 -7.64
N GLU A 86 10.93 4.04 -8.25
CA GLU A 86 11.08 5.47 -7.81
C GLU A 86 9.88 5.92 -6.93
N LYS A 87 9.18 5.00 -6.28
CA LYS A 87 8.01 5.34 -5.40
C LYS A 87 6.76 5.70 -6.20
N TYR A 88 6.15 4.72 -6.84
CA TYR A 88 4.92 4.98 -7.64
C TYR A 88 3.87 3.92 -7.31
N ALA A 89 4.16 2.67 -7.60
CA ALA A 89 3.20 1.58 -7.29
C ALA A 89 3.92 0.46 -6.51
N ASP A 90 3.25 -0.62 -6.20
CA ASP A 90 3.93 -1.71 -5.44
C ASP A 90 3.68 -3.07 -6.12
N LYS A 91 4.70 -3.65 -6.75
CA LYS A 91 4.50 -4.99 -7.41
C LYS A 91 4.13 -6.04 -6.34
N LEU A 92 4.73 -5.98 -5.17
CA LEU A 92 4.39 -7.00 -4.12
C LEU A 92 2.89 -6.96 -3.79
N LEU A 93 2.29 -5.78 -3.76
CA LEU A 93 0.81 -5.72 -3.47
C LEU A 93 0.04 -6.26 -4.69
N ILE A 94 0.37 -5.80 -5.88
CA ILE A 94 -0.34 -6.35 -7.09
C ILE A 94 -0.08 -7.86 -7.19
N ALA A 95 1.11 -8.31 -6.83
CA ALA A 95 1.39 -9.80 -6.86
C ALA A 95 0.58 -10.48 -5.75
N LYS A 96 0.47 -9.87 -4.58
CA LYS A 96 -0.33 -10.52 -3.48
C LYS A 96 -1.77 -10.77 -3.96
N TRP A 97 -2.36 -9.82 -4.68
CA TRP A 97 -3.77 -10.03 -5.16
C TRP A 97 -3.81 -11.13 -6.25
N ARG A 98 -2.76 -11.27 -7.05
CA ARG A 98 -2.76 -12.35 -8.09
C ARG A 98 -2.34 -13.69 -7.49
N LYS A 99 -1.50 -13.70 -6.47
CA LYS A 99 -1.08 -15.01 -5.84
C LYS A 99 -2.31 -15.84 -5.43
N THR A 100 -2.10 -16.98 -4.80
CA THR A 100 -3.26 -17.82 -4.37
C THR A 100 -3.45 -17.70 -2.85
N GLY A 101 -4.66 -17.51 -2.39
CA GLY A 101 -4.90 -17.37 -0.92
C GLY A 101 -5.01 -15.89 -0.50
N TYR A 102 -5.01 -14.95 -1.43
CA TYR A 102 -5.12 -13.51 -1.02
C TYR A 102 -6.47 -12.94 -1.51
N GLU A 103 -7.57 -13.61 -1.24
CA GLU A 103 -8.90 -13.08 -1.70
C GLU A 103 -9.21 -11.75 -0.98
N LYS A 104 -8.91 -11.65 0.30
CA LYS A 104 -9.19 -10.38 1.04
C LYS A 104 -7.88 -9.75 1.52
N LEU A 105 -7.47 -8.64 0.93
CA LEU A 105 -6.19 -8.00 1.36
C LEU A 105 -6.33 -6.46 1.29
N CYS A 106 -5.86 -5.75 2.29
CA CYS A 106 -5.97 -4.24 2.26
C CYS A 106 -4.59 -3.57 2.09
N CYS A 107 -3.54 -4.07 2.70
CA CYS A 107 -2.19 -3.42 2.51
C CYS A 107 -1.11 -4.50 2.35
N LEU A 108 0.16 -4.13 2.34
CA LEU A 108 1.24 -5.18 2.21
C LEU A 108 1.79 -5.55 3.59
N ARG A 109 1.89 -4.62 4.52
CA ARG A 109 2.39 -4.98 5.89
C ARG A 109 1.18 -5.07 6.86
N CYS A 110 0.03 -5.50 6.37
CA CYS A 110 -1.19 -5.61 7.22
C CYS A 110 -1.80 -7.03 7.07
N ILE A 111 -1.03 -8.01 6.58
CA ILE A 111 -1.57 -9.39 6.39
C ILE A 111 -0.42 -10.42 6.33
N GLN A 112 0.62 -10.25 7.12
CA GLN A 112 1.77 -11.23 7.06
C GLN A 112 1.44 -12.51 7.86
N LYS A 113 0.47 -13.29 7.42
CA LYS A 113 0.11 -14.54 8.16
C LYS A 113 0.74 -15.76 7.47
N ASN A 114 0.65 -15.85 6.15
CA ASN A 114 1.25 -17.05 5.44
C ASN A 114 2.74 -17.17 5.78
N GLU A 115 3.46 -16.07 5.86
CA GLU A 115 4.91 -16.13 6.18
C GLU A 115 5.20 -15.39 7.49
N THR A 116 6.11 -15.89 8.31
CA THR A 116 6.43 -15.21 9.59
C THR A 116 7.95 -15.18 9.81
N ASN A 117 8.67 -14.37 9.05
CA ASN A 117 10.15 -14.31 9.22
C ASN A 117 10.58 -12.89 9.64
N ASN A 118 10.23 -11.88 8.87
CA ASN A 118 10.63 -10.49 9.23
C ASN A 118 9.38 -9.65 9.59
N GLY A 119 9.26 -9.20 10.82
CA GLY A 119 8.06 -8.38 11.20
C GLY A 119 6.97 -9.30 11.75
N SER A 120 5.76 -8.81 11.91
CA SER A 120 4.66 -9.67 12.44
C SER A 120 3.43 -9.58 11.53
N THR A 121 2.27 -10.02 12.00
CA THR A 121 1.05 -9.95 11.14
C THR A 121 0.05 -8.94 11.73
N CYS A 122 -0.97 -8.57 10.99
CA CYS A 122 -1.97 -7.60 11.53
C CYS A 122 -3.22 -8.37 11.99
N ILE A 123 -3.99 -7.83 12.92
CA ILE A 123 -5.21 -8.58 13.41
C ILE A 123 -6.32 -8.55 12.33
N CYS A 124 -6.48 -7.47 11.59
CA CYS A 124 -7.58 -7.43 10.56
C CYS A 124 -7.48 -8.65 9.61
N ARG A 125 -6.28 -9.11 9.29
CA ARG A 125 -6.17 -10.32 8.39
C ARG A 125 -6.90 -11.51 9.03
N VAL A 126 -6.84 -11.65 10.34
CA VAL A 126 -7.54 -12.80 11.00
C VAL A 126 -9.04 -12.49 11.12
N PRO A 127 -9.88 -13.37 10.60
CA PRO A 127 -11.34 -13.15 10.69
C PRO A 127 -11.82 -13.18 12.15
N ARG A 128 -13.09 -12.89 12.39
CA ARG A 128 -13.60 -12.91 13.81
C ARG A 128 -13.76 -14.36 14.32
N ALA A 129 -14.20 -15.27 13.47
CA ALA A 129 -14.37 -16.70 13.94
C ALA A 129 -13.04 -17.24 14.48
N GLN A 130 -11.94 -16.94 13.83
CA GLN A 130 -10.62 -17.45 14.34
C GLN A 130 -10.27 -16.73 15.65
N LEU A 131 -10.51 -15.44 15.73
CA LEU A 131 -10.20 -14.70 17.00
C LEU A 131 -11.09 -15.24 18.14
N GLU A 132 -12.36 -15.54 17.86
CA GLU A 132 -13.24 -16.07 18.95
C GLU A 132 -12.68 -17.39 19.49
N GLU A 133 -12.16 -18.25 18.63
CA GLU A 133 -11.60 -19.56 19.13
C GLU A 133 -10.46 -19.30 20.12
N GLU A 134 -9.63 -18.30 19.87
CA GLU A 134 -8.49 -18.02 20.82
C GLU A 134 -9.05 -17.62 22.19
N ALA A 135 -10.05 -16.76 22.23
CA ALA A 135 -10.61 -16.34 23.56
C ALA A 135 -11.23 -17.55 24.27
N ARG A 136 -11.90 -18.44 23.56
CA ARG A 136 -12.51 -19.64 24.23
C ARG A 136 -11.39 -20.57 24.73
N LYS A 137 -10.32 -20.74 23.98
CA LYS A 137 -9.21 -21.64 24.44
C LYS A 137 -8.45 -21.00 25.62
N LYS A 138 -8.30 -19.68 25.62
CA LYS A 138 -7.57 -19.03 26.77
C LYS A 138 -8.49 -18.80 27.99
N GLY A 139 -9.81 -18.85 27.81
CA GLY A 139 -10.72 -18.62 28.97
C GLY A 139 -11.09 -17.14 29.07
N THR A 140 -11.16 -16.42 27.96
CA THR A 140 -11.53 -14.97 28.02
C THR A 140 -12.44 -14.62 26.84
N GLN A 141 -12.57 -13.35 26.49
CA GLN A 141 -13.46 -12.98 25.36
C GLN A 141 -12.74 -11.97 24.44
N VAL A 142 -13.02 -11.99 23.15
CA VAL A 142 -12.34 -11.04 22.22
C VAL A 142 -13.37 -10.37 21.29
N SER A 143 -13.03 -9.25 20.69
CA SER A 143 -14.00 -8.57 19.77
C SER A 143 -13.30 -7.50 18.92
N PHE A 144 -12.76 -7.86 17.78
CA PHE A 144 -12.06 -6.85 16.91
C PHE A 144 -13.01 -6.34 15.81
N HIS A 145 -12.69 -5.20 15.23
CA HIS A 145 -13.54 -4.64 14.14
C HIS A 145 -12.63 -4.09 13.03
N GLN A 146 -11.78 -3.13 13.34
CA GLN A 146 -10.85 -2.58 12.32
C GLN A 146 -9.46 -2.39 12.94
N CYS A 147 -8.40 -2.51 12.16
CA CYS A 147 -7.03 -2.34 12.77
C CYS A 147 -6.56 -0.87 12.66
N VAL A 148 -5.67 -0.46 13.53
CA VAL A 148 -5.19 0.97 13.47
C VAL A 148 -4.25 1.21 12.28
N HIS A 149 -3.56 0.19 11.78
CA HIS A 149 -2.63 0.41 10.61
C HIS A 149 -3.39 1.15 9.47
N CYS A 150 -4.58 0.72 9.16
CA CYS A 150 -5.37 1.38 8.09
C CYS A 150 -6.86 1.43 8.46
N GLY A 151 -7.70 1.98 7.60
CA GLY A 151 -9.16 2.02 7.89
C GLY A 151 -9.79 0.75 7.30
N CYS A 152 -9.41 -0.40 7.80
CA CYS A 152 -9.97 -1.68 7.26
C CYS A 152 -10.97 -2.27 8.26
N ARG A 153 -12.08 -2.81 7.78
CA ARG A 153 -13.08 -3.41 8.74
C ARG A 153 -12.79 -4.91 8.91
N GLY A 154 -11.58 -5.26 9.33
CA GLY A 154 -11.25 -6.69 9.51
C GLY A 154 -11.38 -7.44 8.18
N CYS A 155 -10.30 -7.59 7.44
CA CYS A 155 -10.39 -8.32 6.14
C CYS A 155 -9.82 -9.75 6.28
N ALA A 156 -10.58 -10.76 5.89
CA ALA A 156 -10.09 -12.16 6.01
C ALA A 156 -10.55 -12.98 4.80
N SER A 157 -9.72 -13.87 4.30
CA SER A 157 -10.14 -14.69 3.12
C SER A 157 -10.62 -16.08 3.55
N THR A 158 -9.95 -16.71 4.49
CA THR A 158 -10.40 -18.08 4.96
C THR A 158 -11.87 -18.04 5.41
N ASP A 159 -12.29 -16.98 6.07
CA ASP A 159 -13.71 -16.89 6.53
C ASP A 159 -14.41 -15.70 5.87
ZN ZN B . -4.52 -2.73 6.05
ZN ZN C . -7.21 -5.49 6.48
ZN ZN D . -4.70 -4.52 9.28
N GLY A 1 22.88 27.24 0.53
CA GLY A 1 22.06 26.69 1.65
C GLY A 1 20.61 26.49 1.17
N GLY A 2 20.07 25.30 1.33
CA GLY A 2 18.66 25.06 0.90
C GLY A 2 18.62 24.88 -0.63
N SER A 3 17.66 25.47 -1.30
CA SER A 3 17.58 25.31 -2.79
C SER A 3 17.57 26.68 -3.47
N PRO A 4 18.75 27.19 -3.77
CA PRO A 4 18.84 28.53 -4.43
C PRO A 4 18.40 28.43 -5.90
N ARG A 5 18.53 29.50 -6.66
CA ARG A 5 18.11 29.45 -8.09
C ARG A 5 19.13 30.22 -8.96
N ILE A 6 19.88 29.53 -9.79
CA ILE A 6 20.87 30.23 -10.66
C ILE A 6 20.82 29.67 -12.09
N LYS A 7 21.14 30.47 -13.09
CA LYS A 7 21.11 29.98 -14.51
C LYS A 7 19.75 29.34 -14.82
N THR A 8 19.58 28.82 -16.02
CA THR A 8 18.28 28.18 -16.39
C THR A 8 18.51 26.90 -17.20
N ARG A 9 18.37 25.74 -16.58
CA ARG A 9 18.59 24.47 -17.32
C ARG A 9 17.29 23.65 -17.37
N ARG A 10 17.15 22.74 -18.31
CA ARG A 10 15.91 21.93 -18.41
C ARG A 10 16.24 20.43 -18.30
N SER A 11 15.41 19.65 -17.65
CA SER A 11 15.69 18.18 -17.53
C SER A 11 14.45 17.37 -17.94
N LYS A 12 14.63 16.17 -18.44
CA LYS A 12 13.46 15.34 -18.85
C LYS A 12 13.57 13.93 -18.25
N PRO A 13 13.16 13.78 -17.01
CA PRO A 13 13.23 12.46 -16.34
C PRO A 13 12.14 11.53 -16.90
N ALA A 14 12.32 10.22 -16.77
CA ALA A 14 11.29 9.25 -17.28
C ALA A 14 11.12 9.40 -18.81
N PRO A 15 10.76 8.31 -19.47
CA PRO A 15 10.58 8.35 -20.94
C PRO A 15 9.33 9.16 -21.31
N ASP A 16 9.22 9.58 -22.56
CA ASP A 16 8.01 10.38 -22.99
C ASP A 16 6.69 9.70 -22.55
N GLY A 17 6.66 8.39 -22.47
CA GLY A 17 5.41 7.68 -22.04
C GLY A 17 4.91 8.24 -20.70
N PHE A 18 5.80 8.64 -19.81
CA PHE A 18 5.35 9.19 -18.48
C PHE A 18 4.37 10.37 -18.68
N GLU A 19 4.54 11.15 -19.75
CA GLU A 19 3.59 12.31 -19.98
C GLU A 19 2.14 11.80 -19.99
N LYS A 20 1.90 10.64 -20.56
CA LYS A 20 0.48 10.11 -20.59
C LYS A 20 -0.07 9.98 -19.16
N ILE A 21 0.75 9.63 -18.20
CA ILE A 21 0.26 9.50 -16.79
C ILE A 21 0.94 10.54 -15.88
N LYS A 22 1.22 11.73 -16.38
CA LYS A 22 1.90 12.77 -15.52
C LYS A 22 0.91 13.53 -14.61
N PRO A 23 -0.24 13.93 -15.12
CA PRO A 23 -1.20 14.70 -14.28
C PRO A 23 -1.92 13.79 -13.28
N THR A 24 -2.27 12.57 -13.66
CA THR A 24 -2.99 11.67 -12.70
C THR A 24 -2.10 11.40 -11.48
N LEU A 25 -0.83 11.14 -11.68
CA LEU A 25 0.07 10.88 -10.49
C LEU A 25 0.15 12.13 -9.62
N THR A 26 0.26 13.30 -10.20
CA THR A 26 0.34 14.55 -9.37
C THR A 26 -0.92 14.67 -8.48
N ASP A 27 -2.07 14.26 -8.97
CA ASP A 27 -3.32 14.36 -8.12
C ASP A 27 -3.12 13.57 -6.80
N PHE A 28 -2.41 12.46 -6.83
CA PHE A 28 -2.20 11.69 -5.54
C PHE A 28 -1.55 12.59 -4.50
N GLU A 29 -0.55 13.35 -4.87
CA GLU A 29 0.11 14.26 -3.87
C GLU A 29 -0.92 15.21 -3.24
N ILE A 30 -2.00 15.53 -3.94
CA ILE A 30 -3.02 16.45 -3.33
C ILE A 30 -3.66 15.77 -2.12
N GLN A 31 -4.10 14.52 -2.26
CA GLN A 31 -4.71 13.81 -1.08
C GLN A 31 -3.62 13.57 -0.03
N LEU A 32 -2.51 12.98 -0.42
CA LEU A 32 -1.39 12.75 0.57
C LEU A 32 -0.94 14.11 1.17
N ARG A 33 -1.00 15.19 0.40
CA ARG A 33 -0.58 16.53 0.96
C ARG A 33 -1.44 16.88 2.18
N ASP A 34 -2.74 16.68 2.12
CA ASP A 34 -3.61 17.03 3.30
C ASP A 34 -3.18 16.20 4.52
N ALA A 35 -2.97 14.91 4.35
CA ALA A 35 -2.53 14.08 5.53
C ALA A 35 -1.08 14.46 5.88
N GLN A 36 -0.22 14.64 4.89
CA GLN A 36 1.20 15.02 5.20
C GLN A 36 1.24 16.37 5.93
N LYS A 37 0.31 17.27 5.65
CA LYS A 37 0.33 18.60 6.35
C LYS A 37 -0.54 18.55 7.62
N ASP A 38 -1.63 17.81 7.61
CA ASP A 38 -2.50 17.75 8.85
C ASP A 38 -1.68 17.29 10.06
N LYS A 39 -0.75 16.36 9.88
CA LYS A 39 0.07 15.90 11.05
C LYS A 39 0.83 17.09 11.67
N SER A 40 1.55 17.85 10.87
CA SER A 40 2.31 19.03 11.41
C SER A 40 3.19 18.62 12.61
N SER A 41 3.73 19.57 13.34
CA SER A 41 4.59 19.21 14.51
C SER A 41 3.92 19.67 15.82
N LYS A 42 4.23 19.05 16.94
CA LYS A 42 3.59 19.44 18.24
C LYS A 42 2.06 19.45 18.10
N LEU A 43 1.50 18.48 17.40
CA LEU A 43 0.02 18.43 17.23
C LEU A 43 -0.46 16.98 17.10
N ALA A 44 -0.71 16.31 18.20
CA ALA A 44 -1.18 14.88 18.13
C ALA A 44 -2.71 14.81 18.29
N ALA A 45 -3.44 14.57 17.22
CA ALA A 45 -4.93 14.49 17.32
C ALA A 45 -5.53 13.88 16.05
N LYS A 46 -6.18 12.74 16.14
CA LYS A 46 -6.78 12.10 14.92
C LYS A 46 -5.72 11.96 13.82
N SER A 47 -4.57 11.42 14.13
CA SER A 47 -3.49 11.25 13.10
C SER A 47 -3.54 9.85 12.48
N ASN A 48 -3.84 8.84 13.26
CA ASN A 48 -3.90 7.44 12.67
C ASN A 48 -4.92 7.39 11.54
N GLU A 49 -6.07 8.04 11.70
CA GLU A 49 -7.10 8.02 10.60
C GLU A 49 -6.55 8.79 9.38
N GLN A 50 -5.95 9.94 9.60
CA GLN A 50 -5.38 10.71 8.44
C GLN A 50 -4.20 9.92 7.84
N LEU A 51 -3.36 9.34 8.67
CA LEU A 51 -2.20 8.54 8.12
C LEU A 51 -2.73 7.39 7.26
N TRP A 52 -3.83 6.77 7.65
CA TRP A 52 -4.38 5.64 6.81
C TRP A 52 -4.71 6.14 5.41
N GLU A 53 -5.19 7.36 5.27
CA GLU A 53 -5.49 7.88 3.89
C GLU A 53 -4.21 7.94 3.06
N ILE A 54 -3.05 8.16 3.68
CA ILE A 54 -1.78 8.21 2.87
C ILE A 54 -1.42 6.80 2.40
N MET A 55 -1.23 5.84 3.31
CA MET A 55 -0.90 4.46 2.81
C MET A 55 -2.02 3.96 1.88
N GLN A 56 -3.25 4.44 2.02
CA GLN A 56 -4.33 4.00 1.07
C GLN A 56 -3.94 4.38 -0.37
N LEU A 57 -3.31 5.53 -0.57
CA LEU A 57 -2.89 5.92 -1.98
C LEU A 57 -2.07 4.77 -2.60
N HIS A 58 -1.28 4.05 -1.81
CA HIS A 58 -0.47 2.92 -2.38
C HIS A 58 -1.35 1.98 -3.21
N HIS A 59 -2.56 1.71 -2.75
CA HIS A 59 -3.46 0.81 -3.56
C HIS A 59 -3.90 1.54 -4.84
N GLN A 60 -4.45 2.73 -4.71
CA GLN A 60 -4.86 3.48 -5.95
C GLN A 60 -3.64 3.73 -6.85
N ARG A 61 -2.45 3.88 -6.28
CA ARG A 61 -1.25 4.10 -7.16
C ARG A 61 -0.87 2.79 -7.86
N SER A 62 -0.82 1.68 -7.13
CA SER A 62 -0.49 0.38 -7.80
C SER A 62 -1.62 0.00 -8.74
N ARG A 63 -2.87 0.25 -8.38
CA ARG A 63 -4.00 -0.11 -9.31
C ARG A 63 -3.89 0.73 -10.59
N TYR A 64 -3.50 1.99 -10.49
CA TYR A 64 -3.38 2.83 -11.73
C TYR A 64 -2.29 2.24 -12.65
N ILE A 65 -1.12 1.97 -12.11
CA ILE A 65 -0.03 1.37 -12.98
C ILE A 65 -0.38 -0.10 -13.28
N TYR A 66 -0.88 -0.83 -12.31
CA TYR A 66 -1.27 -2.26 -12.57
C TYR A 66 -2.35 -2.34 -13.67
N THR A 67 -3.20 -1.34 -13.77
CA THR A 67 -4.26 -1.39 -14.84
C THR A 67 -3.69 -0.95 -16.20
N LEU A 68 -2.79 0.01 -16.23
CA LEU A 68 -2.23 0.45 -17.56
C LEU A 68 -1.09 -0.46 -18.06
N TYR A 69 -0.27 -1.02 -17.17
CA TYR A 69 0.85 -1.90 -17.65
C TYR A 69 0.39 -3.36 -17.87
N TYR A 70 -0.49 -3.87 -17.04
CA TYR A 70 -0.91 -5.31 -17.22
C TYR A 70 -2.24 -5.46 -18.00
N LYS A 71 -3.08 -4.45 -18.05
CA LYS A 71 -4.38 -4.60 -18.79
C LYS A 71 -4.46 -3.63 -19.97
N ARG A 72 -4.35 -2.34 -19.75
CA ARG A 72 -4.44 -1.37 -20.90
C ARG A 72 -3.27 -1.57 -21.88
N LYS A 73 -2.11 -1.99 -21.39
CA LYS A 73 -0.93 -2.21 -22.30
C LYS A 73 -0.60 -0.89 -23.02
N ALA A 74 -0.60 0.22 -22.32
CA ALA A 74 -0.26 1.52 -22.96
C ALA A 74 1.04 2.09 -22.34
N ILE A 75 1.99 1.24 -22.03
CA ILE A 75 3.27 1.73 -21.42
C ILE A 75 4.41 0.74 -21.68
N SER A 76 5.65 1.15 -21.53
CA SER A 76 6.78 0.19 -21.76
C SER A 76 7.44 -0.19 -20.43
N LYS A 77 7.93 -1.41 -20.31
CA LYS A 77 8.58 -1.85 -19.01
C LYS A 77 9.56 -0.78 -18.47
N ASP A 78 10.22 -0.04 -19.34
CA ASP A 78 11.17 1.02 -18.83
C ASP A 78 10.39 2.05 -18.00
N LEU A 79 9.30 2.56 -18.51
CA LEU A 79 8.50 3.55 -17.70
C LEU A 79 7.87 2.82 -16.52
N TYR A 80 7.34 1.63 -16.74
CA TYR A 80 6.73 0.86 -15.59
C TYR A 80 7.83 0.58 -14.53
N ASP A 81 9.04 0.28 -14.95
CA ASP A 81 10.13 0.03 -13.94
C ASP A 81 10.58 1.37 -13.35
N TRP A 82 10.71 2.40 -14.16
CA TRP A 82 11.13 3.74 -13.62
C TRP A 82 10.09 4.21 -12.57
N LEU A 83 8.82 3.96 -12.82
CA LEU A 83 7.77 4.38 -11.82
C LEU A 83 7.95 3.57 -10.53
N ILE A 84 7.94 2.26 -10.62
CA ILE A 84 8.10 1.43 -9.37
C ILE A 84 9.41 1.80 -8.63
N LYS A 85 10.42 2.30 -9.33
CA LYS A 85 11.69 2.68 -8.63
C LYS A 85 11.65 4.15 -8.14
N GLU A 86 10.80 5.00 -8.70
CA GLU A 86 10.74 6.43 -8.22
C GLU A 86 9.54 6.68 -7.27
N LYS A 87 9.03 5.65 -6.61
CA LYS A 87 7.88 5.80 -5.66
C LYS A 87 6.54 5.98 -6.39
N TYR A 88 6.05 4.92 -7.01
CA TYR A 88 4.75 5.00 -7.74
C TYR A 88 3.89 3.78 -7.37
N ALA A 89 4.35 2.59 -7.71
CA ALA A 89 3.58 1.36 -7.38
C ALA A 89 4.51 0.33 -6.73
N ASP A 90 3.99 -0.77 -6.24
CA ASP A 90 4.87 -1.79 -5.59
C ASP A 90 4.64 -3.18 -6.21
N LYS A 91 5.70 -3.83 -6.64
CA LYS A 91 5.53 -5.21 -7.25
C LYS A 91 5.23 -6.24 -6.15
N LEU A 92 5.81 -6.09 -4.97
CA LEU A 92 5.52 -7.08 -3.87
C LEU A 92 4.03 -7.08 -3.53
N LEU A 93 3.39 -5.93 -3.51
CA LEU A 93 1.91 -5.91 -3.20
C LEU A 93 1.15 -6.48 -4.41
N ILE A 94 1.44 -5.98 -5.61
CA ILE A 94 0.74 -6.54 -6.82
C ILE A 94 1.05 -8.05 -6.92
N ALA A 95 2.24 -8.48 -6.54
CA ALA A 95 2.55 -9.94 -6.58
C ALA A 95 1.73 -10.66 -5.49
N LYS A 96 1.57 -10.05 -4.32
CA LYS A 96 0.76 -10.70 -3.23
C LYS A 96 -0.65 -11.02 -3.76
N TRP A 97 -1.25 -10.09 -4.49
CA TRP A 97 -2.63 -10.36 -5.03
C TRP A 97 -2.56 -11.49 -6.08
N ARG A 98 -1.52 -11.54 -6.88
CA ARG A 98 -1.41 -12.65 -7.90
C ARG A 98 -1.11 -13.99 -7.21
N LYS A 99 -0.34 -13.98 -6.14
CA LYS A 99 -0.02 -15.28 -5.42
C LYS A 99 -1.32 -16.01 -5.04
N THR A 100 -1.21 -17.12 -4.35
CA THR A 100 -2.44 -17.87 -3.93
C THR A 100 -2.72 -17.64 -2.44
N GLY A 101 -3.95 -17.45 -2.05
CA GLY A 101 -4.27 -17.21 -0.61
C GLY A 101 -4.32 -15.69 -0.30
N TYR A 102 -4.28 -14.83 -1.29
CA TYR A 102 -4.34 -13.36 -1.01
C TYR A 102 -5.61 -12.75 -1.63
N GLU A 103 -6.77 -13.07 -1.10
CA GLU A 103 -8.04 -12.52 -1.69
C GLU A 103 -8.52 -11.29 -0.89
N LYS A 104 -8.36 -11.27 0.42
CA LYS A 104 -8.83 -10.10 1.22
C LYS A 104 -7.66 -9.47 2.00
N LEU A 105 -6.64 -9.00 1.32
CA LEU A 105 -5.50 -8.35 2.05
C LEU A 105 -5.53 -6.83 1.80
N CYS A 106 -5.01 -6.03 2.72
CA CYS A 106 -5.05 -4.55 2.52
C CYS A 106 -3.65 -3.92 2.33
N CYS A 107 -2.58 -4.49 2.86
CA CYS A 107 -1.22 -3.87 2.64
C CYS A 107 -0.16 -4.96 2.50
N LEU A 108 1.12 -4.61 2.56
CA LEU A 108 2.19 -5.66 2.45
C LEU A 108 2.66 -6.08 3.86
N ARG A 109 2.78 -5.14 4.79
CA ARG A 109 3.20 -5.52 6.19
C ARG A 109 1.96 -5.55 7.12
N CYS A 110 0.79 -5.82 6.59
CA CYS A 110 -0.47 -5.87 7.42
C CYS A 110 -1.17 -7.23 7.19
N ILE A 111 -0.48 -8.24 6.66
CA ILE A 111 -1.12 -9.58 6.40
C ILE A 111 -0.03 -10.67 6.26
N GLN A 112 1.02 -10.62 7.07
CA GLN A 112 2.10 -11.66 6.94
C GLN A 112 1.97 -12.73 8.03
N LYS A 113 1.36 -13.86 7.71
CA LYS A 113 1.22 -14.94 8.74
C LYS A 113 2.07 -16.16 8.34
N ASN A 114 1.87 -16.69 7.14
CA ASN A 114 2.67 -17.88 6.69
C ASN A 114 2.62 -19.01 7.73
N GLU A 115 3.30 -20.12 7.48
CA GLU A 115 3.28 -21.24 8.46
C GLU A 115 4.70 -21.82 8.62
N THR A 116 5.00 -22.44 9.75
CA THR A 116 6.36 -23.04 9.96
C THR A 116 7.46 -21.99 9.68
N ASN A 117 7.25 -20.75 10.07
CA ASN A 117 8.29 -19.70 9.83
C ASN A 117 8.27 -18.66 10.96
N ASN A 118 9.10 -17.64 10.88
CA ASN A 118 9.13 -16.61 11.96
C ASN A 118 8.75 -15.24 11.38
N GLY A 119 8.40 -14.29 12.23
CA GLY A 119 8.02 -12.94 11.73
C GLY A 119 6.82 -12.41 12.53
N SER A 120 6.07 -11.47 11.98
CA SER A 120 4.90 -10.92 12.72
C SER A 120 3.74 -10.64 11.75
N THR A 121 2.50 -10.81 12.18
CA THR A 121 1.35 -10.55 11.28
C THR A 121 0.45 -9.46 11.87
N CYS A 122 -0.53 -8.97 11.12
CA CYS A 122 -1.45 -7.93 11.67
C CYS A 122 -2.76 -8.60 12.10
N ILE A 123 -3.49 -8.02 13.03
CA ILE A 123 -4.78 -8.67 13.47
C ILE A 123 -5.91 -8.46 12.45
N CYS A 124 -5.94 -7.37 11.70
CA CYS A 124 -7.08 -7.18 10.72
C CYS A 124 -7.19 -8.39 9.79
N ARG A 125 -6.08 -9.01 9.41
CA ARG A 125 -6.18 -10.23 8.53
C ARG A 125 -7.04 -11.31 9.24
N VAL A 126 -7.08 -11.32 10.56
CA VAL A 126 -7.90 -12.35 11.30
C VAL A 126 -9.40 -12.03 11.16
N PRO A 127 -10.16 -12.93 10.56
CA PRO A 127 -11.62 -12.71 10.42
C PRO A 127 -12.30 -12.67 11.80
N ARG A 128 -13.57 -12.32 11.86
CA ARG A 128 -14.27 -12.27 13.20
C ARG A 128 -14.59 -13.69 13.69
N ALA A 129 -14.97 -14.59 12.82
CA ALA A 129 -15.28 -16.00 13.27
C ALA A 129 -14.06 -16.63 13.94
N GLN A 130 -12.88 -16.44 13.38
CA GLN A 130 -11.65 -17.04 14.02
C GLN A 130 -11.43 -16.39 15.40
N LEU A 131 -11.60 -15.09 15.51
CA LEU A 131 -11.40 -14.42 16.84
C LEU A 131 -12.38 -15.00 17.87
N GLU A 132 -13.61 -15.26 17.48
CA GLU A 132 -14.61 -15.82 18.47
C GLU A 132 -14.10 -17.16 19.02
N GLU A 133 -13.50 -17.99 18.19
CA GLU A 133 -12.98 -19.32 18.70
C GLU A 133 -11.94 -19.09 19.80
N GLU A 134 -11.09 -18.10 19.67
CA GLU A 134 -10.06 -17.85 20.74
C GLU A 134 -10.75 -17.46 22.05
N ALA A 135 -11.78 -16.64 22.00
CA ALA A 135 -12.47 -16.23 23.28
C ALA A 135 -13.19 -17.45 23.89
N ARG A 136 -13.80 -18.29 23.08
CA ARG A 136 -14.49 -19.51 23.66
C ARG A 136 -13.45 -20.48 24.25
N LYS A 137 -12.27 -20.57 23.67
CA LYS A 137 -11.24 -21.52 24.23
C LYS A 137 -10.60 -20.96 25.52
N LYS A 138 -10.48 -19.65 25.65
CA LYS A 138 -9.86 -19.09 26.90
C LYS A 138 -10.94 -18.54 27.87
N GLY A 139 -12.18 -19.00 27.78
CA GLY A 139 -13.23 -18.50 28.72
C GLY A 139 -13.26 -16.95 28.75
N THR A 140 -13.24 -16.32 27.60
CA THR A 140 -13.28 -14.81 27.59
C THR A 140 -14.06 -14.32 26.36
N GLN A 141 -13.90 -13.06 25.98
CA GLN A 141 -14.65 -12.53 24.80
C GLN A 141 -13.69 -11.77 23.86
N VAL A 142 -14.07 -11.56 22.62
CA VAL A 142 -13.17 -10.83 21.67
C VAL A 142 -14.01 -10.03 20.65
N SER A 143 -13.42 -9.05 20.00
CA SER A 143 -14.19 -8.26 18.99
C SER A 143 -13.26 -7.30 18.21
N PHE A 144 -12.99 -7.59 16.95
CA PHE A 144 -12.10 -6.68 16.16
C PHE A 144 -12.92 -5.81 15.19
N HIS A 145 -12.37 -4.69 14.78
CA HIS A 145 -13.09 -3.80 13.82
C HIS A 145 -12.07 -3.31 12.76
N GLN A 146 -11.06 -2.60 13.19
CA GLN A 146 -10.02 -2.11 12.24
C GLN A 146 -8.65 -2.08 12.96
N CYS A 147 -7.56 -2.29 12.25
CA CYS A 147 -6.23 -2.28 12.94
C CYS A 147 -5.60 -0.88 12.92
N VAL A 148 -4.74 -0.57 13.87
CA VAL A 148 -4.11 0.81 13.89
C VAL A 148 -3.07 0.98 12.76
N HIS A 149 -2.46 -0.10 12.26
CA HIS A 149 -1.43 0.05 11.17
C HIS A 149 -2.00 0.94 10.04
N CYS A 150 -3.09 0.55 9.42
CA CYS A 150 -3.69 1.37 8.34
C CYS A 150 -5.18 1.63 8.62
N GLY A 151 -5.93 2.06 7.62
CA GLY A 151 -7.40 2.30 7.83
C GLY A 151 -8.16 1.11 7.23
N CYS A 152 -7.96 -0.07 7.79
CA CYS A 152 -8.66 -1.28 7.23
C CYS A 152 -9.90 -1.59 8.09
N ARG A 153 -10.97 -2.06 7.47
CA ARG A 153 -12.20 -2.38 8.27
C ARG A 153 -12.29 -3.90 8.49
N GLY A 154 -11.19 -4.53 8.85
CA GLY A 154 -11.20 -6.00 9.09
C GLY A 154 -11.21 -6.74 7.75
N CYS A 155 -10.04 -7.13 7.25
CA CYS A 155 -9.99 -7.87 5.95
C CYS A 155 -9.64 -9.35 6.20
N ALA A 156 -10.41 -10.27 5.66
CA ALA A 156 -10.12 -11.72 5.87
C ALA A 156 -10.55 -12.54 4.65
N SER A 157 -9.85 -13.62 4.35
CA SER A 157 -10.24 -14.45 3.16
C SER A 157 -10.76 -15.81 3.61
N THR A 158 -9.97 -16.58 4.33
CA THR A 158 -10.44 -17.94 4.79
C THR A 158 -9.67 -18.38 6.04
N ASP A 159 -9.58 -17.54 7.06
CA ASP A 159 -8.84 -17.92 8.29
C ASP A 159 -9.80 -17.93 9.49
ZN ZN B . -3.54 -2.81 6.21
ZN ZN C . -6.48 -5.41 6.70
ZN ZN D . -3.88 -4.58 9.49
N GLY A 1 39.72 18.27 -28.66
CA GLY A 1 38.57 17.33 -28.64
C GLY A 1 38.47 16.67 -27.27
N GLY A 2 37.97 15.44 -27.19
CA GLY A 2 37.85 14.77 -25.87
C GLY A 2 36.38 14.46 -25.58
N SER A 3 35.95 13.23 -25.80
CA SER A 3 34.51 12.88 -25.53
C SER A 3 34.43 11.57 -24.75
N PRO A 4 34.37 11.67 -23.44
CA PRO A 4 34.28 10.45 -22.59
C PRO A 4 32.89 9.82 -22.70
N ARG A 5 32.81 8.52 -22.91
CA ARG A 5 31.47 7.86 -23.03
C ARG A 5 31.43 6.59 -22.17
N ILE A 6 31.59 6.72 -20.87
CA ILE A 6 31.56 5.50 -19.99
C ILE A 6 30.74 5.78 -18.72
N LYS A 7 30.03 4.80 -18.21
CA LYS A 7 29.22 5.03 -16.98
C LYS A 7 29.29 3.80 -16.06
N THR A 8 29.44 3.99 -14.76
CA THR A 8 29.52 2.83 -13.83
C THR A 8 28.44 2.96 -12.74
N ARG A 9 27.25 3.40 -13.09
CA ARG A 9 26.18 3.53 -12.06
C ARG A 9 24.81 3.18 -12.66
N ARG A 10 23.73 3.35 -11.93
CA ARG A 10 22.38 3.03 -12.47
C ARG A 10 21.35 4.08 -12.03
N SER A 11 21.40 5.27 -12.60
CA SER A 11 20.43 6.33 -12.20
C SER A 11 20.00 7.16 -13.43
N LYS A 12 18.74 7.15 -13.78
CA LYS A 12 18.29 7.94 -14.97
C LYS A 12 16.88 8.50 -14.74
N PRO A 13 16.59 9.61 -15.39
CA PRO A 13 15.25 10.25 -15.23
C PRO A 13 14.17 9.42 -15.95
N ALA A 14 12.92 9.59 -15.57
CA ALA A 14 11.82 8.79 -16.24
C ALA A 14 11.86 9.02 -17.76
N PRO A 15 11.53 8.00 -18.52
CA PRO A 15 11.55 8.13 -20.00
C PRO A 15 10.37 8.98 -20.48
N ASP A 16 10.42 9.47 -21.70
CA ASP A 16 9.29 10.34 -22.23
C ASP A 16 7.92 9.69 -21.97
N GLY A 17 7.83 8.37 -21.97
CA GLY A 17 6.52 7.70 -21.71
C GLY A 17 5.89 8.21 -20.40
N PHE A 18 6.69 8.56 -19.41
CA PHE A 18 6.10 9.08 -18.11
C PHE A 18 5.16 10.27 -18.39
N GLU A 19 5.43 11.07 -19.40
CA GLU A 19 4.53 12.25 -19.69
C GLU A 19 3.07 11.77 -19.85
N LYS A 20 2.86 10.60 -20.43
CA LYS A 20 1.45 10.09 -20.60
C LYS A 20 0.74 10.00 -19.25
N ILE A 21 1.46 9.66 -18.19
CA ILE A 21 0.81 9.56 -16.84
C ILE A 21 1.45 10.58 -15.86
N LYS A 22 1.81 11.76 -16.33
CA LYS A 22 2.44 12.77 -15.42
C LYS A 22 1.41 13.58 -14.60
N PRO A 23 0.32 14.02 -15.21
CA PRO A 23 -0.68 14.83 -14.46
C PRO A 23 -1.53 13.95 -13.54
N THR A 24 -1.91 12.76 -13.96
CA THR A 24 -2.74 11.89 -13.05
C THR A 24 -1.98 11.62 -11.73
N LEU A 25 -0.70 11.37 -11.80
CA LEU A 25 0.08 11.13 -10.53
C LEU A 25 0.10 12.41 -9.70
N THR A 26 0.23 13.57 -10.32
CA THR A 26 0.24 14.85 -9.52
C THR A 26 -1.06 14.97 -8.71
N ASP A 27 -2.18 14.52 -9.24
CA ASP A 27 -3.48 14.62 -8.46
C ASP A 27 -3.34 13.90 -7.11
N PHE A 28 -2.58 12.82 -7.04
CA PHE A 28 -2.43 12.10 -5.72
C PHE A 28 -1.87 13.05 -4.65
N GLU A 29 -0.98 13.95 -5.02
CA GLU A 29 -0.40 14.89 -4.00
C GLU A 29 -1.52 15.68 -3.30
N ILE A 30 -2.58 16.04 -3.99
CA ILE A 30 -3.69 16.79 -3.30
C ILE A 30 -4.30 15.89 -2.22
N GLN A 31 -4.51 14.62 -2.51
CA GLN A 31 -5.08 13.71 -1.46
C GLN A 31 -4.04 13.53 -0.35
N LEU A 32 -2.86 13.07 -0.68
CA LEU A 32 -1.78 12.93 0.38
C LEU A 32 -1.58 14.28 1.10
N ARG A 33 -1.74 15.39 0.40
CA ARG A 33 -1.56 16.73 1.07
C ARG A 33 -2.50 16.86 2.26
N ASP A 34 -3.71 16.33 2.19
CA ASP A 34 -4.65 16.45 3.36
C ASP A 34 -4.05 15.72 4.57
N ALA A 35 -3.67 14.48 4.42
CA ALA A 35 -3.04 13.76 5.59
C ALA A 35 -1.67 14.37 5.85
N GLN A 36 -0.90 14.64 4.82
CA GLN A 36 0.45 15.27 5.04
C GLN A 36 0.30 16.63 5.74
N LYS A 37 -0.75 17.38 5.46
CA LYS A 37 -0.92 18.71 6.13
C LYS A 37 -1.66 18.55 7.47
N ASP A 38 -2.60 17.63 7.58
CA ASP A 38 -3.33 17.44 8.88
C ASP A 38 -2.33 17.20 10.02
N LYS A 39 -1.23 16.49 9.77
CA LYS A 39 -0.23 16.24 10.87
C LYS A 39 0.22 17.57 11.51
N SER A 40 0.37 18.62 10.72
CA SER A 40 0.80 19.93 11.31
C SER A 40 -0.38 20.92 11.32
N SER A 41 -1.58 20.45 11.63
CA SER A 41 -2.76 21.37 11.64
C SER A 41 -3.93 20.74 12.43
N LYS A 42 -4.15 21.15 13.66
CA LYS A 42 -5.28 20.57 14.47
C LYS A 42 -5.19 19.03 14.49
N LEU A 43 -4.58 18.45 15.52
CA LEU A 43 -4.47 16.97 15.58
C LEU A 43 -4.52 16.49 17.04
N ALA A 44 -5.71 16.32 17.60
CA ALA A 44 -5.80 15.86 19.02
C ALA A 44 -6.33 14.41 19.06
N ALA A 45 -7.45 14.14 18.42
CA ALA A 45 -8.00 12.74 18.45
C ALA A 45 -8.12 12.21 17.01
N LYS A 46 -7.13 12.46 16.18
CA LYS A 46 -7.19 11.96 14.77
C LYS A 46 -5.78 11.89 14.16
N SER A 47 -5.00 10.88 14.48
CA SER A 47 -3.62 10.77 13.91
C SER A 47 -3.50 9.52 13.03
N ASN A 48 -3.79 8.35 13.56
CA ASN A 48 -3.68 7.10 12.72
C ASN A 48 -4.55 7.23 11.47
N GLU A 49 -5.73 7.82 11.57
CA GLU A 49 -6.60 7.97 10.36
C GLU A 49 -5.86 8.83 9.30
N GLN A 50 -5.15 9.86 9.71
CA GLN A 50 -4.42 10.72 8.71
C GLN A 50 -3.45 9.86 7.89
N LEU A 51 -2.76 8.93 8.53
CA LEU A 51 -1.81 8.06 7.76
C LEU A 51 -2.57 7.01 6.92
N TRP A 52 -3.70 6.53 7.40
CA TRP A 52 -4.48 5.50 6.60
C TRP A 52 -4.84 6.09 5.24
N GLU A 53 -5.20 7.35 5.18
CA GLU A 53 -5.53 7.96 3.84
C GLU A 53 -4.26 8.01 2.98
N ILE A 54 -3.09 8.18 3.57
CA ILE A 54 -1.83 8.22 2.74
C ILE A 54 -1.51 6.80 2.23
N MET A 55 -1.38 5.82 3.11
CA MET A 55 -1.09 4.44 2.58
C MET A 55 -2.22 3.97 1.65
N GLN A 56 -3.43 4.50 1.78
CA GLN A 56 -4.53 4.09 0.85
C GLN A 56 -4.20 4.53 -0.59
N LEU A 57 -3.56 5.68 -0.76
CA LEU A 57 -3.22 6.12 -2.17
C LEU A 57 -2.41 5.02 -2.89
N HIS A 58 -1.55 4.30 -2.16
CA HIS A 58 -0.74 3.21 -2.83
C HIS A 58 -1.66 2.25 -3.61
N HIS A 59 -2.83 1.96 -3.09
CA HIS A 59 -3.76 1.04 -3.84
C HIS A 59 -4.24 1.72 -5.12
N GLN A 60 -4.70 2.95 -5.04
CA GLN A 60 -5.16 3.66 -6.28
C GLN A 60 -3.98 3.81 -7.27
N ARG A 61 -2.78 4.05 -6.77
CA ARG A 61 -1.60 4.18 -7.70
C ARG A 61 -1.33 2.83 -8.38
N SER A 62 -1.31 1.74 -7.63
CA SER A 62 -1.05 0.40 -8.27
C SER A 62 -2.17 0.10 -9.26
N ARG A 63 -3.41 0.42 -8.94
CA ARG A 63 -4.51 0.13 -9.92
C ARG A 63 -4.31 0.98 -11.18
N TYR A 64 -3.94 2.24 -11.04
CA TYR A 64 -3.71 3.09 -12.25
C TYR A 64 -2.53 2.52 -13.07
N ILE A 65 -1.42 2.22 -12.44
CA ILE A 65 -0.26 1.64 -13.21
C ILE A 65 -0.63 0.22 -13.66
N TYR A 66 -1.30 -0.56 -12.84
CA TYR A 66 -1.68 -1.94 -13.27
C TYR A 66 -2.69 -1.84 -14.42
N THR A 67 -3.64 -0.94 -14.33
CA THR A 67 -4.66 -0.82 -15.43
C THR A 67 -3.97 -0.48 -16.76
N LEU A 68 -2.99 0.41 -16.76
CA LEU A 68 -2.32 0.76 -18.06
C LEU A 68 -1.22 -0.24 -18.46
N TYR A 69 -0.49 -0.81 -17.51
CA TYR A 69 0.60 -1.78 -17.90
C TYR A 69 0.06 -3.22 -18.05
N TYR A 70 -0.93 -3.63 -17.29
CA TYR A 70 -1.43 -5.04 -17.41
C TYR A 70 -2.69 -5.17 -18.29
N LYS A 71 -3.33 -4.08 -18.71
CA LYS A 71 -4.55 -4.22 -19.56
C LYS A 71 -4.42 -3.36 -20.84
N ARG A 72 -4.24 -2.07 -20.70
CA ARG A 72 -4.11 -1.20 -21.93
C ARG A 72 -2.78 -1.48 -22.65
N LYS A 73 -1.74 -1.89 -21.96
CA LYS A 73 -0.43 -2.16 -22.62
C LYS A 73 0.07 -0.89 -23.33
N ALA A 74 -0.03 0.25 -22.67
CA ALA A 74 0.45 1.51 -23.30
C ALA A 74 1.70 2.02 -22.56
N ILE A 75 2.54 1.14 -22.08
CA ILE A 75 3.78 1.57 -21.34
C ILE A 75 4.87 0.49 -21.47
N SER A 76 6.11 0.83 -21.21
CA SER A 76 7.20 -0.19 -21.32
C SER A 76 7.70 -0.57 -19.92
N LYS A 77 8.12 -1.81 -19.73
CA LYS A 77 8.63 -2.26 -18.38
C LYS A 77 9.62 -1.23 -17.79
N ASP A 78 10.38 -0.53 -18.61
CA ASP A 78 11.35 0.48 -18.05
C ASP A 78 10.58 1.57 -17.30
N LEU A 79 9.58 2.16 -17.93
CA LEU A 79 8.77 3.22 -17.21
C LEU A 79 8.02 2.55 -16.05
N TYR A 80 7.42 1.41 -16.28
CA TYR A 80 6.68 0.72 -15.17
C TYR A 80 7.67 0.37 -14.04
N ASP A 81 8.87 -0.04 -14.36
CA ASP A 81 9.87 -0.35 -13.29
C ASP A 81 10.35 0.96 -12.65
N TRP A 82 10.61 1.98 -13.46
CA TRP A 82 11.05 3.30 -12.89
C TRP A 82 10.01 3.80 -11.87
N LEU A 83 8.73 3.58 -12.11
CA LEU A 83 7.70 4.04 -11.13
C LEU A 83 7.80 3.17 -9.87
N ILE A 84 7.87 1.86 -10.02
CA ILE A 84 7.99 0.96 -8.82
C ILE A 84 9.20 1.38 -7.96
N LYS A 85 10.26 1.88 -8.57
CA LYS A 85 11.47 2.29 -7.76
C LYS A 85 11.38 3.77 -7.32
N GLU A 86 10.51 4.58 -7.89
CA GLU A 86 10.44 6.03 -7.46
C GLU A 86 9.21 6.32 -6.59
N LYS A 87 8.64 5.31 -5.93
CA LYS A 87 7.44 5.49 -5.03
C LYS A 87 6.14 5.67 -5.84
N TYR A 88 5.70 4.63 -6.51
CA TYR A 88 4.44 4.70 -7.30
C TYR A 88 3.57 3.48 -6.95
N ALA A 89 4.05 2.30 -7.27
CA ALA A 89 3.28 1.06 -6.94
C ALA A 89 4.25 -0.01 -6.39
N ASP A 90 3.75 -1.02 -5.73
CA ASP A 90 4.66 -2.06 -5.18
C ASP A 90 4.44 -3.41 -5.88
N LYS A 91 5.42 -3.92 -6.58
CA LYS A 91 5.23 -5.25 -7.28
C LYS A 91 4.87 -6.33 -6.26
N LEU A 92 5.46 -6.31 -5.08
CA LEU A 92 5.11 -7.36 -4.05
C LEU A 92 3.60 -7.28 -3.72
N LEU A 93 3.05 -6.08 -3.62
CA LEU A 93 1.58 -5.98 -3.31
C LEU A 93 0.79 -6.52 -4.51
N ILE A 94 1.06 -6.02 -5.70
CA ILE A 94 0.34 -6.56 -6.91
C ILE A 94 0.59 -8.07 -7.02
N ALA A 95 1.75 -8.56 -6.62
CA ALA A 95 2.00 -10.04 -6.69
C ALA A 95 1.11 -10.77 -5.68
N LYS A 96 0.98 -10.25 -4.47
CA LYS A 96 0.09 -10.94 -3.46
C LYS A 96 -1.34 -11.04 -3.99
N TRP A 97 -1.85 -9.99 -4.61
CA TRP A 97 -3.26 -10.06 -5.14
C TRP A 97 -3.34 -11.12 -6.26
N ARG A 98 -2.34 -11.21 -7.12
CA ARG A 98 -2.38 -12.24 -8.21
C ARG A 98 -2.05 -13.64 -7.64
N LYS A 99 -1.26 -13.73 -6.59
CA LYS A 99 -0.94 -15.09 -6.00
C LYS A 99 -2.23 -15.86 -5.68
N THR A 100 -2.12 -17.04 -5.09
CA THR A 100 -3.35 -17.82 -4.74
C THR A 100 -3.59 -17.75 -3.22
N GLY A 101 -4.81 -17.44 -2.80
CA GLY A 101 -5.09 -17.34 -1.34
C GLY A 101 -5.10 -15.87 -0.87
N TYR A 102 -5.05 -14.89 -1.78
CA TYR A 102 -5.06 -13.47 -1.34
C TYR A 102 -6.35 -12.79 -1.83
N GLU A 103 -7.50 -13.16 -1.32
CA GLU A 103 -8.77 -12.50 -1.80
C GLU A 103 -9.01 -11.20 -1.01
N LYS A 104 -8.71 -11.19 0.27
CA LYS A 104 -8.94 -9.94 1.07
C LYS A 104 -7.59 -9.42 1.60
N LEU A 105 -6.92 -8.57 0.86
CA LEU A 105 -5.61 -8.03 1.31
C LEU A 105 -5.63 -6.48 1.27
N CYS A 106 -5.14 -5.82 2.30
CA CYS A 106 -5.15 -4.32 2.30
C CYS A 106 -3.74 -3.72 2.14
N CYS A 107 -2.70 -4.30 2.73
CA CYS A 107 -1.32 -3.72 2.55
C CYS A 107 -0.30 -4.86 2.39
N LEU A 108 0.99 -4.55 2.46
CA LEU A 108 2.03 -5.63 2.33
C LEU A 108 2.52 -6.09 3.71
N ARG A 109 2.67 -5.18 4.66
CA ARG A 109 3.11 -5.60 6.03
C ARG A 109 1.89 -5.61 6.98
N CYS A 110 0.72 -5.95 6.46
CA CYS A 110 -0.52 -5.97 7.29
C CYS A 110 -1.23 -7.34 7.10
N ILE A 111 -0.53 -8.36 6.58
CA ILE A 111 -1.16 -9.72 6.35
C ILE A 111 -0.06 -10.81 6.26
N GLN A 112 0.98 -10.74 7.07
CA GLN A 112 2.06 -11.78 6.97
C GLN A 112 1.96 -12.78 8.13
N LYS A 113 1.51 -13.99 7.86
CA LYS A 113 1.41 -15.01 8.97
C LYS A 113 2.53 -16.05 8.84
N ASN A 114 2.72 -16.64 7.68
CA ASN A 114 3.80 -17.65 7.53
C ASN A 114 4.90 -17.13 6.57
N GLU A 115 6.11 -16.99 7.04
CA GLU A 115 7.21 -16.48 6.16
C GLU A 115 8.57 -17.04 6.60
N THR A 116 9.66 -16.47 6.14
CA THR A 116 11.01 -16.99 6.55
C THR A 116 11.76 -15.92 7.35
N ASN A 117 12.82 -16.30 8.07
CA ASN A 117 13.61 -15.31 8.87
C ASN A 117 12.75 -14.70 9.99
N ASN A 118 11.79 -13.87 9.68
CA ASN A 118 10.93 -13.25 10.74
C ASN A 118 9.47 -13.72 10.59
N GLY A 119 8.66 -13.55 11.61
CA GLY A 119 7.23 -13.97 11.51
C GLY A 119 6.34 -12.94 12.21
N SER A 120 5.76 -12.01 11.48
CA SER A 120 4.88 -10.98 12.12
C SER A 120 3.62 -10.77 11.27
N THR A 121 2.45 -10.78 11.86
CA THR A 121 1.20 -10.57 11.07
C THR A 121 0.36 -9.44 11.67
N CYS A 122 -0.71 -9.04 11.00
CA CYS A 122 -1.57 -7.96 11.56
C CYS A 122 -2.90 -8.59 12.04
N ILE A 123 -3.58 -7.96 12.98
CA ILE A 123 -4.87 -8.57 13.46
C ILE A 123 -5.97 -8.46 12.38
N CYS A 124 -6.02 -7.39 11.62
CA CYS A 124 -7.09 -7.29 10.57
C CYS A 124 -7.06 -8.50 9.62
N ARG A 125 -5.89 -9.06 9.34
CA ARG A 125 -5.85 -10.27 8.45
C ARG A 125 -6.69 -11.40 9.07
N VAL A 126 -6.73 -11.50 10.38
CA VAL A 126 -7.55 -12.59 11.02
C VAL A 126 -9.03 -12.18 11.07
N PRO A 127 -9.90 -13.00 10.52
CA PRO A 127 -11.35 -12.68 10.53
C PRO A 127 -11.90 -12.67 11.97
N ARG A 128 -13.12 -12.21 12.17
CA ARG A 128 -13.69 -12.19 13.56
C ARG A 128 -14.09 -13.60 14.01
N ALA A 129 -14.60 -14.43 13.11
CA ALA A 129 -15.02 -15.82 13.54
C ALA A 129 -13.82 -16.56 14.14
N GLN A 130 -12.64 -16.42 13.56
CA GLN A 130 -11.44 -17.13 14.13
C GLN A 130 -11.09 -16.50 15.48
N LEU A 131 -11.15 -15.18 15.59
CA LEU A 131 -10.81 -14.52 16.90
C LEU A 131 -11.84 -14.95 17.96
N GLU A 132 -13.11 -15.07 17.61
CA GLU A 132 -14.13 -15.50 18.62
C GLU A 132 -13.76 -16.89 19.18
N GLU A 133 -13.29 -17.78 18.35
CA GLU A 133 -12.91 -19.15 18.87
C GLU A 133 -11.82 -19.03 19.94
N GLU A 134 -10.88 -18.12 19.77
CA GLU A 134 -9.79 -17.97 20.80
C GLU A 134 -10.40 -17.56 22.15
N ALA A 135 -11.30 -16.60 22.16
CA ALA A 135 -11.92 -16.18 23.48
C ALA A 135 -12.67 -17.36 24.10
N ARG A 136 -13.39 -18.14 23.30
CA ARG A 136 -14.14 -19.31 23.88
C ARG A 136 -13.15 -20.36 24.45
N LYS A 137 -11.97 -20.49 23.90
CA LYS A 137 -10.99 -21.50 24.43
C LYS A 137 -10.15 -20.92 25.59
N LYS A 138 -9.91 -19.62 25.62
CA LYS A 138 -9.10 -19.04 26.75
C LYS A 138 -9.98 -18.42 27.84
N GLY A 139 -11.23 -18.84 27.96
CA GLY A 139 -12.13 -18.27 29.02
C GLY A 139 -12.11 -16.73 28.99
N THR A 140 -12.23 -16.12 27.83
CA THR A 140 -12.22 -14.63 27.76
C THR A 140 -13.10 -14.13 26.61
N GLN A 141 -12.96 -12.88 26.20
CA GLN A 141 -13.79 -12.36 25.08
C GLN A 141 -12.95 -11.46 24.16
N VAL A 142 -13.27 -11.41 22.89
CA VAL A 142 -12.47 -10.55 21.94
C VAL A 142 -13.41 -9.72 21.06
N SER A 143 -12.91 -8.65 20.46
CA SER A 143 -13.81 -7.80 19.60
C SER A 143 -12.97 -6.79 18.78
N PHE A 144 -12.47 -7.21 17.63
CA PHE A 144 -11.66 -6.26 16.79
C PHE A 144 -12.52 -5.67 15.66
N HIS A 145 -12.08 -4.57 15.09
CA HIS A 145 -12.84 -3.92 13.98
C HIS A 145 -11.86 -3.48 12.89
N GLN A 146 -10.95 -2.58 13.22
CA GLN A 146 -9.94 -2.12 12.23
C GLN A 146 -8.56 -2.11 12.90
N CYS A 147 -7.49 -2.28 12.14
CA CYS A 147 -6.13 -2.28 12.79
C CYS A 147 -5.51 -0.88 12.76
N VAL A 148 -4.64 -0.58 13.71
CA VAL A 148 -4.01 0.79 13.75
C VAL A 148 -3.00 0.96 12.59
N HIS A 149 -2.41 -0.10 12.07
CA HIS A 149 -1.43 0.06 10.93
C HIS A 149 -2.05 0.91 9.80
N CYS A 150 -3.17 0.50 9.26
CA CYS A 150 -3.81 1.30 8.17
C CYS A 150 -5.30 1.57 8.50
N GLY A 151 -6.07 2.03 7.54
CA GLY A 151 -7.52 2.27 7.80
C GLY A 151 -8.30 1.09 7.24
N CYS A 152 -8.00 -0.11 7.70
CA CYS A 152 -8.72 -1.33 7.19
C CYS A 152 -9.80 -1.76 8.21
N ARG A 153 -10.94 -2.23 7.74
CA ARG A 153 -12.01 -2.67 8.70
C ARG A 153 -11.92 -4.18 8.89
N GLY A 154 -10.76 -4.71 9.22
CA GLY A 154 -10.61 -6.17 9.43
C GLY A 154 -10.80 -6.90 8.09
N CYS A 155 -9.72 -7.27 7.42
CA CYS A 155 -9.85 -7.99 6.12
C CYS A 155 -9.39 -9.45 6.27
N ALA A 156 -10.17 -10.41 5.81
CA ALA A 156 -9.77 -11.83 5.93
C ALA A 156 -10.19 -12.61 4.68
N SER A 157 -9.36 -13.53 4.21
CA SER A 157 -9.75 -14.31 2.99
C SER A 157 -10.10 -15.76 3.37
N THR A 158 -11.21 -15.96 4.06
CA THR A 158 -11.63 -17.35 4.47
C THR A 158 -10.46 -18.13 5.08
N ASP A 159 -9.78 -17.58 6.06
CA ASP A 159 -8.64 -18.31 6.68
C ASP A 159 -8.90 -18.55 8.17
ZN ZN B . -3.60 -2.84 6.08
ZN ZN C . -6.48 -5.42 6.50
ZN ZN D . -3.93 -4.61 9.33
N GLY A 1 33.63 25.82 -0.76
CA GLY A 1 34.61 26.87 -0.40
C GLY A 1 35.15 27.54 -1.68
N GLY A 2 34.45 28.53 -2.19
CA GLY A 2 34.92 29.21 -3.44
C GLY A 2 34.94 28.20 -4.59
N SER A 3 33.79 27.88 -5.15
CA SER A 3 33.76 26.91 -6.29
C SER A 3 32.83 27.43 -7.40
N PRO A 4 32.81 26.73 -8.51
CA PRO A 4 31.95 27.15 -9.65
C PRO A 4 30.47 26.86 -9.34
N ARG A 5 30.17 25.74 -8.71
CA ARG A 5 28.75 25.42 -8.38
C ARG A 5 28.55 25.43 -6.86
N ILE A 6 27.38 25.02 -6.38
CA ILE A 6 27.13 25.01 -4.91
C ILE A 6 27.07 23.57 -4.40
N LYS A 7 26.20 22.74 -4.97
CA LYS A 7 26.10 21.32 -4.50
C LYS A 7 25.49 20.44 -5.61
N THR A 8 25.74 19.14 -5.56
CA THR A 8 25.18 18.23 -6.61
C THR A 8 24.54 17.00 -5.96
N ARG A 9 23.63 16.34 -6.63
CA ARG A 9 22.98 15.13 -6.03
C ARG A 9 22.72 14.08 -7.12
N ARG A 10 22.11 12.96 -6.77
CA ARG A 10 21.82 11.91 -7.78
C ARG A 10 20.31 11.73 -7.96
N SER A 11 19.81 11.70 -9.17
CA SER A 11 18.35 11.53 -9.39
C SER A 11 18.09 10.48 -10.49
N LYS A 12 16.84 10.27 -10.86
CA LYS A 12 16.53 9.28 -11.92
C LYS A 12 15.45 9.81 -12.88
N PRO A 13 15.84 10.18 -14.08
CA PRO A 13 14.86 10.72 -15.06
C PRO A 13 13.95 9.59 -15.58
N ALA A 14 12.79 9.95 -16.08
CA ALA A 14 11.86 8.90 -16.62
C ALA A 14 11.80 8.99 -18.16
N PRO A 15 11.50 7.87 -18.79
CA PRO A 15 11.43 7.85 -20.28
C PRO A 15 10.21 8.65 -20.78
N ASP A 16 10.19 8.97 -22.06
CA ASP A 16 9.02 9.77 -22.62
C ASP A 16 7.67 9.18 -22.17
N GLY A 17 7.58 7.88 -21.99
CA GLY A 17 6.29 7.26 -21.56
C GLY A 17 5.77 7.94 -20.28
N PHE A 18 6.65 8.35 -19.38
CA PHE A 18 6.17 9.04 -18.12
C PHE A 18 5.30 10.25 -18.46
N GLU A 19 5.59 10.95 -19.55
CA GLU A 19 4.75 12.15 -19.91
C GLU A 19 3.26 11.75 -20.00
N LYS A 20 2.97 10.58 -20.52
CA LYS A 20 1.53 10.14 -20.61
C LYS A 20 0.89 10.12 -19.22
N ILE A 21 1.64 9.74 -18.20
CA ILE A 21 1.06 9.70 -16.81
C ILE A 21 1.78 10.71 -15.90
N LYS A 22 2.17 11.87 -16.41
CA LYS A 22 2.88 12.87 -15.54
C LYS A 22 1.92 13.74 -14.70
N PRO A 23 0.84 14.22 -15.29
CA PRO A 23 -0.10 15.08 -14.52
C PRO A 23 -0.98 14.25 -13.56
N THR A 24 -1.39 13.06 -13.96
CA THR A 24 -2.26 12.23 -13.03
C THR A 24 -1.52 11.96 -11.72
N LEU A 25 -0.26 11.63 -11.77
CA LEU A 25 0.50 11.36 -10.50
C LEU A 25 0.52 12.64 -9.64
N THR A 26 0.62 13.81 -10.23
CA THR A 26 0.64 15.07 -9.40
C THR A 26 -0.64 15.16 -8.55
N ASP A 27 -1.78 14.73 -9.08
CA ASP A 27 -3.05 14.80 -8.28
C ASP A 27 -2.90 14.01 -6.96
N PHE A 28 -2.15 12.91 -6.97
CA PHE A 28 -1.99 12.13 -5.69
C PHE A 28 -1.42 13.03 -4.59
N GLU A 29 -0.43 13.85 -4.91
CA GLU A 29 0.13 14.77 -3.86
C GLU A 29 -0.97 15.65 -3.26
N ILE A 30 -2.04 15.93 -3.99
CA ILE A 30 -3.13 16.79 -3.40
C ILE A 30 -3.80 16.01 -2.27
N GLN A 31 -4.21 14.77 -2.52
CA GLN A 31 -4.84 13.97 -1.41
C GLN A 31 -3.79 13.73 -0.32
N LEU A 32 -2.62 13.22 -0.67
CA LEU A 32 -1.56 13.00 0.38
C LEU A 32 -1.26 14.33 1.10
N ARG A 33 -1.28 15.45 0.39
CA ARG A 33 -0.99 16.77 1.06
C ARG A 33 -1.98 17.00 2.22
N ASP A 34 -3.24 16.61 2.06
CA ASP A 34 -4.22 16.82 3.16
C ASP A 34 -3.78 16.02 4.39
N ALA A 35 -3.50 14.74 4.23
CA ALA A 35 -3.03 13.93 5.42
C ALA A 35 -1.66 14.44 5.86
N GLN A 36 -0.77 14.69 4.92
CA GLN A 36 0.59 15.20 5.31
C GLN A 36 0.47 16.54 6.05
N LYS A 37 -0.51 17.37 5.71
CA LYS A 37 -0.66 18.69 6.40
C LYS A 37 -1.67 18.62 7.56
N ASP A 38 -2.57 17.65 7.58
CA ASP A 38 -3.58 17.57 8.71
C ASP A 38 -2.86 17.58 10.07
N LYS A 39 -1.69 16.97 10.16
CA LYS A 39 -0.96 16.95 11.48
C LYS A 39 -0.78 18.38 12.02
N SER A 40 -0.35 19.31 11.19
CA SER A 40 -0.16 20.73 11.65
C SER A 40 0.70 20.78 12.93
N SER A 41 0.72 21.90 13.62
CA SER A 41 1.55 22.00 14.87
C SER A 41 0.65 21.90 16.12
N LYS A 42 -0.43 22.64 16.16
CA LYS A 42 -1.34 22.57 17.36
C LYS A 42 -2.63 21.84 16.99
N LEU A 43 -2.63 20.52 17.03
CA LEU A 43 -3.87 19.76 16.68
C LEU A 43 -3.95 18.44 17.48
N ALA A 44 -2.95 17.59 17.38
CA ALA A 44 -2.98 16.29 18.13
C ALA A 44 -4.26 15.51 17.83
N ALA A 45 -4.41 14.31 18.37
CA ALA A 45 -5.64 13.49 18.10
C ALA A 45 -5.80 13.24 16.59
N LYS A 46 -6.59 12.26 16.21
CA LYS A 46 -6.79 11.95 14.75
C LYS A 46 -5.42 11.79 14.05
N SER A 47 -4.66 10.76 14.39
CA SER A 47 -3.33 10.57 13.74
C SER A 47 -3.36 9.33 12.83
N ASN A 48 -3.76 8.19 13.35
CA ASN A 48 -3.80 6.94 12.49
C ASN A 48 -4.70 7.19 11.27
N GLU A 49 -5.83 7.85 11.45
CA GLU A 49 -6.74 8.11 10.27
C GLU A 49 -5.98 8.94 9.21
N GLN A 50 -5.17 9.90 9.62
CA GLN A 50 -4.41 10.71 8.60
C GLN A 50 -3.52 9.81 7.73
N LEU A 51 -2.89 8.81 8.31
CA LEU A 51 -2.01 7.91 7.50
C LEU A 51 -2.85 6.94 6.66
N TRP A 52 -4.02 6.54 7.14
CA TRP A 52 -4.87 5.60 6.32
C TRP A 52 -5.18 6.25 4.97
N GLU A 53 -5.45 7.54 4.94
CA GLU A 53 -5.69 8.21 3.62
C GLU A 53 -4.39 8.21 2.82
N ILE A 54 -3.24 8.33 3.46
CA ILE A 54 -1.95 8.31 2.68
C ILE A 54 -1.68 6.89 2.18
N MET A 55 -1.62 5.90 3.06
CA MET A 55 -1.38 4.49 2.55
C MET A 55 -2.50 4.11 1.55
N GLN A 56 -3.68 4.69 1.66
CA GLN A 56 -4.77 4.34 0.67
C GLN A 56 -4.30 4.75 -0.74
N LEU A 57 -3.60 5.86 -0.89
CA LEU A 57 -3.12 6.26 -2.28
C LEU A 57 -2.34 5.10 -2.91
N HIS A 58 -1.59 4.34 -2.13
CA HIS A 58 -0.81 3.18 -2.71
C HIS A 58 -1.73 2.28 -3.57
N HIS A 59 -2.97 2.10 -3.15
CA HIS A 59 -3.90 1.24 -3.96
C HIS A 59 -4.27 1.99 -5.24
N GLN A 60 -4.64 3.25 -5.14
CA GLN A 60 -4.98 4.02 -6.38
C GLN A 60 -3.74 4.12 -7.28
N ARG A 61 -2.55 4.24 -6.71
CA ARG A 61 -1.32 4.32 -7.57
C ARG A 61 -1.09 2.97 -8.27
N SER A 62 -1.13 1.88 -7.52
CA SER A 62 -0.93 0.54 -8.17
C SER A 62 -2.07 0.29 -9.17
N ARG A 63 -3.29 0.67 -8.84
CA ARG A 63 -4.41 0.44 -9.81
C ARG A 63 -4.18 1.30 -11.05
N TYR A 64 -3.75 2.54 -10.88
CA TYR A 64 -3.51 3.41 -12.09
C TYR A 64 -2.39 2.80 -12.94
N ILE A 65 -1.28 2.42 -12.33
CA ILE A 65 -0.16 1.81 -13.14
C ILE A 65 -0.58 0.40 -13.58
N TYR A 66 -1.24 -0.36 -12.73
CA TYR A 66 -1.68 -1.73 -13.15
C TYR A 66 -2.72 -1.60 -14.27
N THR A 67 -3.64 -0.66 -14.15
CA THR A 67 -4.68 -0.51 -15.23
C THR A 67 -4.01 -0.17 -16.57
N LEU A 68 -3.03 0.69 -16.59
CA LEU A 68 -2.39 1.05 -17.91
C LEU A 68 -1.32 0.02 -18.34
N TYR A 69 -0.60 -0.60 -17.41
CA TYR A 69 0.46 -1.59 -17.83
C TYR A 69 -0.13 -3.00 -18.02
N TYR A 70 -1.14 -3.39 -17.27
CA TYR A 70 -1.69 -4.78 -17.43
C TYR A 70 -2.96 -4.81 -18.31
N LYS A 71 -3.72 -3.73 -18.41
CA LYS A 71 -4.95 -3.77 -19.27
C LYS A 71 -4.74 -2.93 -20.54
N ARG A 72 -4.43 -1.66 -20.41
CA ARG A 72 -4.24 -0.79 -21.62
C ARG A 72 -2.92 -1.13 -22.33
N LYS A 73 -1.90 -1.57 -21.62
CA LYS A 73 -0.59 -1.90 -22.26
C LYS A 73 -0.07 -0.68 -23.03
N ALA A 74 -0.17 0.50 -22.45
CA ALA A 74 0.35 1.73 -23.14
C ALA A 74 1.61 2.23 -22.43
N ILE A 75 2.43 1.34 -21.90
CA ILE A 75 3.68 1.76 -21.20
C ILE A 75 4.77 0.69 -21.36
N SER A 76 6.02 1.01 -21.12
CA SER A 76 7.09 -0.02 -21.27
C SER A 76 7.60 -0.46 -19.89
N LYS A 77 7.96 -1.73 -19.73
CA LYS A 77 8.47 -2.22 -18.40
C LYS A 77 9.52 -1.26 -17.81
N ASP A 78 10.31 -0.58 -18.63
CA ASP A 78 11.32 0.38 -18.06
C ASP A 78 10.59 1.48 -17.29
N LEU A 79 9.61 2.12 -17.89
CA LEU A 79 8.86 3.20 -17.15
C LEU A 79 8.09 2.53 -16.00
N TYR A 80 7.45 1.40 -16.26
CA TYR A 80 6.70 0.71 -15.15
C TYR A 80 7.68 0.36 -14.01
N ASP A 81 8.87 -0.10 -14.34
CA ASP A 81 9.87 -0.40 -13.26
C ASP A 81 10.38 0.92 -12.68
N TRP A 82 10.66 1.90 -13.53
CA TRP A 82 11.12 3.24 -13.00
C TRP A 82 10.08 3.78 -12.00
N LEU A 83 8.80 3.57 -12.25
CA LEU A 83 7.77 4.07 -11.28
C LEU A 83 7.92 3.30 -9.97
N ILE A 84 7.77 1.99 -9.99
CA ILE A 84 7.92 1.21 -8.71
C ILE A 84 9.31 1.49 -8.07
N LYS A 85 10.32 1.83 -8.86
CA LYS A 85 11.66 2.15 -8.25
C LYS A 85 11.69 3.60 -7.71
N GLU A 86 10.83 4.48 -8.19
CA GLU A 86 10.86 5.90 -7.68
C GLU A 86 9.67 6.19 -6.71
N LYS A 87 9.10 5.17 -6.08
CA LYS A 87 7.96 5.34 -5.11
C LYS A 87 6.62 5.60 -5.81
N TYR A 88 6.11 4.61 -6.52
CA TYR A 88 4.80 4.77 -7.23
C TYR A 88 3.90 3.58 -6.87
N ALA A 89 4.30 2.38 -7.24
CA ALA A 89 3.49 1.17 -6.93
C ALA A 89 4.39 0.09 -6.31
N ASP A 90 3.81 -0.95 -5.74
CA ASP A 90 4.65 -2.02 -5.13
C ASP A 90 4.37 -3.37 -5.80
N LYS A 91 5.35 -3.93 -6.49
CA LYS A 91 5.12 -5.25 -7.17
C LYS A 91 4.70 -6.31 -6.14
N LEU A 92 5.28 -6.28 -4.95
CA LEU A 92 4.89 -7.31 -3.91
C LEU A 92 3.38 -7.21 -3.61
N LEU A 93 2.82 -6.01 -3.58
CA LEU A 93 1.34 -5.89 -3.31
C LEU A 93 0.57 -6.45 -4.51
N ILE A 94 0.87 -5.98 -5.71
CA ILE A 94 0.14 -6.53 -6.91
C ILE A 94 0.44 -8.05 -7.01
N ALA A 95 1.61 -8.50 -6.60
CA ALA A 95 1.90 -9.98 -6.66
C ALA A 95 0.98 -10.72 -5.67
N LYS A 96 0.90 -10.26 -4.43
CA LYS A 96 -0.02 -10.96 -3.44
C LYS A 96 -1.45 -10.99 -4.00
N TRP A 97 -1.91 -9.90 -4.58
CA TRP A 97 -3.30 -9.92 -5.16
C TRP A 97 -3.38 -10.97 -6.28
N ARG A 98 -2.30 -11.23 -7.00
CA ARG A 98 -2.35 -12.26 -8.08
C ARG A 98 -1.75 -13.61 -7.59
N LYS A 99 -1.72 -13.87 -6.29
CA LYS A 99 -1.17 -15.17 -5.80
C LYS A 99 -2.32 -16.11 -5.43
N THR A 100 -2.04 -17.26 -4.86
CA THR A 100 -3.13 -18.19 -4.45
C THR A 100 -3.35 -18.11 -2.94
N GLY A 101 -4.58 -17.88 -2.51
CA GLY A 101 -4.85 -17.77 -1.05
C GLY A 101 -4.94 -16.29 -0.60
N TYR A 102 -4.96 -15.33 -1.52
CA TYR A 102 -5.06 -13.89 -1.10
C TYR A 102 -6.43 -13.32 -1.49
N GLU A 103 -7.52 -14.00 -1.18
CA GLU A 103 -8.87 -13.46 -1.54
C GLU A 103 -9.09 -12.09 -0.89
N LYS A 104 -8.63 -11.92 0.34
CA LYS A 104 -8.81 -10.60 1.03
C LYS A 104 -7.45 -10.02 1.44
N LEU A 105 -7.11 -8.85 0.98
CA LEU A 105 -5.79 -8.24 1.35
C LEU A 105 -5.86 -6.70 1.27
N CYS A 106 -5.40 -6.01 2.30
CA CYS A 106 -5.45 -4.51 2.26
C CYS A 106 -4.05 -3.87 2.10
N CYS A 107 -3.00 -4.42 2.70
CA CYS A 107 -1.64 -3.81 2.51
C CYS A 107 -0.58 -4.92 2.39
N LEU A 108 0.70 -4.57 2.45
CA LEU A 108 1.77 -5.63 2.36
C LEU A 108 2.25 -6.03 3.75
N ARG A 109 2.37 -5.10 4.68
CA ARG A 109 2.81 -5.47 6.07
C ARG A 109 1.57 -5.51 7.01
N CYS A 110 0.41 -5.86 6.48
CA CYS A 110 -0.83 -5.91 7.30
C CYS A 110 -1.51 -7.30 7.11
N ILE A 111 -0.78 -8.30 6.60
CA ILE A 111 -1.37 -9.67 6.37
C ILE A 111 -0.26 -10.74 6.27
N GLN A 112 0.79 -10.63 7.06
CA GLN A 112 1.89 -11.64 6.97
C GLN A 112 1.89 -12.60 8.17
N LYS A 113 1.52 -13.85 7.97
CA LYS A 113 1.51 -14.82 9.10
C LYS A 113 2.61 -15.88 8.90
N ASN A 114 2.61 -16.57 7.77
CA ASN A 114 3.65 -17.62 7.51
C ASN A 114 3.71 -18.63 8.67
N GLU A 115 4.71 -19.49 8.69
CA GLU A 115 4.81 -20.49 9.81
C GLU A 115 6.09 -20.24 10.62
N THR A 116 6.00 -19.48 11.69
CA THR A 116 7.22 -19.22 12.51
C THR A 116 6.85 -19.18 14.01
N ASN A 117 7.79 -18.84 14.87
CA ASN A 117 7.47 -18.79 16.34
C ASN A 117 7.11 -17.34 16.74
N ASN A 118 7.87 -16.37 16.28
CA ASN A 118 7.56 -14.95 16.64
C ASN A 118 7.46 -14.09 15.38
N GLY A 119 6.69 -14.53 14.40
CA GLY A 119 6.55 -13.73 13.14
C GLY A 119 5.85 -12.40 13.45
N SER A 120 5.35 -11.71 12.44
CA SER A 120 4.66 -10.41 12.70
C SER A 120 3.49 -10.23 11.73
N THR A 121 2.27 -10.47 12.18
CA THR A 121 1.09 -10.30 11.28
C THR A 121 0.15 -9.24 11.84
N CYS A 122 -0.87 -8.86 11.10
CA CYS A 122 -1.84 -7.84 11.62
C CYS A 122 -3.13 -8.55 12.05
N ILE A 123 -3.89 -7.98 12.96
CA ILE A 123 -5.15 -8.65 13.41
C ILE A 123 -6.23 -8.60 12.31
N CYS A 124 -6.32 -7.54 11.54
CA CYS A 124 -7.38 -7.48 10.48
C CYS A 124 -7.29 -8.71 9.55
N ARG A 125 -6.10 -9.24 9.31
CA ARG A 125 -6.00 -10.47 8.43
C ARG A 125 -6.84 -11.61 9.05
N VAL A 126 -6.88 -11.70 10.37
CA VAL A 126 -7.69 -12.79 11.02
C VAL A 126 -9.18 -12.37 11.06
N PRO A 127 -10.04 -13.20 10.52
CA PRO A 127 -11.51 -12.88 10.53
C PRO A 127 -12.05 -12.87 11.96
N ARG A 128 -13.32 -12.56 12.13
CA ARG A 128 -13.90 -12.52 13.53
C ARG A 128 -14.12 -13.95 14.05
N ALA A 129 -14.55 -14.87 13.21
CA ALA A 129 -14.78 -16.28 13.70
C ALA A 129 -13.49 -16.86 14.29
N GLN A 130 -12.35 -16.62 13.65
CA GLN A 130 -11.06 -17.15 14.21
C GLN A 130 -10.74 -16.41 15.53
N LEU A 131 -10.94 -15.11 15.56
CA LEU A 131 -10.64 -14.34 16.82
C LEU A 131 -11.59 -14.82 17.94
N GLU A 132 -12.84 -15.09 17.64
CA GLU A 132 -13.79 -15.57 18.71
C GLU A 132 -13.29 -16.90 19.30
N GLU A 133 -12.79 -17.80 18.47
CA GLU A 133 -12.28 -19.11 19.02
C GLU A 133 -11.13 -18.86 20.00
N GLU A 134 -10.26 -17.91 19.72
CA GLU A 134 -9.12 -17.63 20.68
C GLU A 134 -9.67 -17.23 22.05
N ALA A 135 -10.71 -16.42 22.10
CA ALA A 135 -11.28 -16.01 23.43
C ALA A 135 -11.78 -17.25 24.19
N ARG A 136 -12.51 -18.13 23.53
CA ARG A 136 -13.01 -19.36 24.24
C ARG A 136 -11.82 -20.17 24.79
N LYS A 137 -10.73 -20.26 24.05
CA LYS A 137 -9.54 -21.04 24.56
C LYS A 137 -9.07 -20.48 25.90
N LYS A 138 -9.13 -19.17 26.10
CA LYS A 138 -8.66 -18.59 27.41
C LYS A 138 -9.84 -18.16 28.30
N GLY A 139 -11.05 -18.64 28.06
CA GLY A 139 -12.20 -18.25 28.93
C GLY A 139 -12.35 -16.72 28.96
N THR A 140 -12.26 -16.06 27.81
CA THR A 140 -12.40 -14.58 27.80
C THR A 140 -13.29 -14.14 26.62
N GLN A 141 -13.25 -12.88 26.23
CA GLN A 141 -14.10 -12.41 25.10
C GLN A 141 -13.30 -11.48 24.18
N VAL A 142 -13.54 -11.52 22.88
CA VAL A 142 -12.79 -10.63 21.95
C VAL A 142 -13.76 -9.92 20.98
N SER A 143 -13.33 -8.85 20.36
CA SER A 143 -14.24 -8.14 19.41
C SER A 143 -13.46 -7.11 18.56
N PHE A 144 -12.82 -7.55 17.49
CA PHE A 144 -12.05 -6.58 16.64
C PHE A 144 -12.92 -6.10 15.46
N HIS A 145 -12.54 -5.00 14.84
CA HIS A 145 -13.31 -4.47 13.68
C HIS A 145 -12.32 -3.94 12.62
N GLN A 146 -11.53 -2.95 12.98
CA GLN A 146 -10.53 -2.39 12.02
C GLN A 146 -9.16 -2.31 12.71
N CYS A 147 -8.08 -2.40 11.98
CA CYS A 147 -6.73 -2.33 12.64
C CYS A 147 -6.16 -0.90 12.56
N VAL A 148 -5.28 -0.56 13.49
CA VAL A 148 -4.70 0.85 13.46
C VAL A 148 -3.67 1.02 12.33
N HIS A 149 -3.02 -0.05 11.88
CA HIS A 149 -2.00 0.11 10.77
C HIS A 149 -2.60 0.93 9.60
N CYS A 150 -3.76 0.54 9.11
CA CYS A 150 -4.38 1.29 7.99
C CYS A 150 -5.88 1.52 8.26
N GLY A 151 -6.64 1.91 7.25
CA GLY A 151 -8.11 2.11 7.45
C GLY A 151 -8.84 0.86 6.94
N CYS A 152 -8.53 -0.30 7.49
CA CYS A 152 -9.19 -1.56 7.03
C CYS A 152 -10.25 -1.99 8.04
N ARG A 153 -11.36 -2.54 7.58
CA ARG A 153 -12.42 -2.99 8.54
C ARG A 153 -12.30 -4.50 8.76
N GLY A 154 -11.11 -5.00 9.05
CA GLY A 154 -10.92 -6.45 9.29
C GLY A 154 -11.07 -7.22 7.96
N CYS A 155 -9.98 -7.56 7.33
CA CYS A 155 -10.07 -8.31 6.04
C CYS A 155 -9.53 -9.75 6.21
N ALA A 156 -10.30 -10.75 5.82
CA ALA A 156 -9.82 -12.15 5.98
C ALA A 156 -10.25 -12.99 4.77
N SER A 157 -9.45 -13.96 4.37
CA SER A 157 -9.83 -14.80 3.19
C SER A 157 -10.20 -16.22 3.65
N THR A 158 -9.30 -16.91 4.32
CA THR A 158 -9.61 -18.29 4.78
C THR A 158 -8.89 -18.59 6.11
N ASP A 159 -9.01 -17.72 7.09
CA ASP A 159 -8.33 -17.96 8.40
C ASP A 159 -9.37 -18.09 9.51
ZN ZN B . -3.99 -2.91 6.03
ZN ZN C . -6.78 -5.59 6.43
ZN ZN D . -4.33 -4.67 9.29
N GLY A 1 24.92 35.40 -13.76
CA GLY A 1 25.16 34.03 -14.30
C GLY A 1 24.34 33.01 -13.50
N GLY A 2 24.59 32.88 -12.22
CA GLY A 2 23.82 31.90 -11.40
C GLY A 2 24.24 30.47 -11.79
N SER A 3 25.52 30.18 -11.83
CA SER A 3 25.97 28.81 -12.19
C SER A 3 27.12 28.36 -11.29
N PRO A 4 26.80 27.66 -10.22
CA PRO A 4 27.85 27.19 -9.29
C PRO A 4 28.65 26.04 -9.91
N ARG A 5 29.88 25.84 -9.50
CA ARG A 5 30.70 24.74 -10.08
C ARG A 5 31.13 23.75 -8.97
N ILE A 6 30.25 22.88 -8.55
CA ILE A 6 30.62 21.90 -7.48
C ILE A 6 30.37 20.46 -7.96
N LYS A 7 31.39 19.78 -8.46
CA LYS A 7 31.20 18.38 -8.94
C LYS A 7 30.02 18.29 -9.93
N THR A 8 29.69 17.10 -10.40
CA THR A 8 28.56 16.96 -11.37
C THR A 8 27.47 16.05 -10.78
N ARG A 9 26.26 16.12 -11.29
CA ARG A 9 25.17 15.26 -10.75
C ARG A 9 24.36 14.63 -11.90
N ARG A 10 23.77 13.47 -11.69
CA ARG A 10 22.97 12.83 -12.78
C ARG A 10 21.51 12.66 -12.34
N SER A 11 20.63 12.27 -13.24
CA SER A 11 19.20 12.10 -12.85
C SER A 11 18.58 10.92 -13.62
N LYS A 12 17.42 10.43 -13.19
CA LYS A 12 16.78 9.29 -13.90
C LYS A 12 15.41 9.71 -14.46
N PRO A 13 15.44 10.38 -15.60
CA PRO A 13 14.17 10.84 -16.22
C PRO A 13 13.40 9.65 -16.83
N ALA A 14 12.11 9.82 -17.07
CA ALA A 14 11.32 8.70 -17.67
C ALA A 14 11.64 8.60 -19.18
N PRO A 15 11.85 7.40 -19.68
CA PRO A 15 12.20 7.23 -21.11
C PRO A 15 10.96 7.38 -22.02
N ASP A 16 10.55 8.61 -22.30
CA ASP A 16 9.39 8.84 -23.21
C ASP A 16 8.18 7.95 -22.84
N GLY A 17 7.31 8.42 -21.98
CA GLY A 17 6.12 7.58 -21.60
C GLY A 17 5.46 8.13 -20.33
N PHE A 18 6.24 8.53 -19.34
CA PHE A 18 5.62 9.07 -18.07
C PHE A 18 4.68 10.25 -18.38
N GLU A 19 4.93 11.00 -19.44
CA GLU A 19 4.02 12.15 -19.78
C GLU A 19 2.57 11.66 -19.90
N LYS A 20 2.34 10.48 -20.45
CA LYS A 20 0.94 9.96 -20.56
C LYS A 20 0.28 9.88 -19.17
N ILE A 21 1.03 9.55 -18.14
CA ILE A 21 0.43 9.47 -16.77
C ILE A 21 1.20 10.38 -15.79
N LYS A 22 1.64 11.55 -16.24
CA LYS A 22 2.41 12.46 -15.32
C LYS A 22 1.50 13.35 -14.44
N PRO A 23 0.44 13.92 -14.99
CA PRO A 23 -0.43 14.81 -14.18
C PRO A 23 -1.30 14.03 -13.19
N THR A 24 -1.75 12.83 -13.55
CA THR A 24 -2.62 12.07 -12.58
C THR A 24 -1.86 11.83 -11.26
N LEU A 25 -0.59 11.51 -11.32
CA LEU A 25 0.18 11.29 -10.04
C LEU A 25 0.21 12.59 -9.21
N THR A 26 0.32 13.74 -9.84
CA THR A 26 0.35 15.02 -9.05
C THR A 26 -0.92 15.15 -8.19
N ASP A 27 -2.06 14.71 -8.69
CA ASP A 27 -3.31 14.80 -7.86
C ASP A 27 -3.15 14.00 -6.55
N PHE A 28 -2.45 12.88 -6.58
CA PHE A 28 -2.27 12.08 -5.32
C PHE A 28 -1.61 12.96 -4.23
N GLU A 29 -0.61 13.72 -4.59
CA GLU A 29 0.06 14.60 -3.57
C GLU A 29 -0.98 15.55 -2.94
N ILE A 30 -2.04 15.89 -3.64
CA ILE A 30 -3.06 16.81 -3.01
C ILE A 30 -3.72 16.11 -1.82
N GLN A 31 -4.17 14.88 -1.99
CA GLN A 31 -4.78 14.16 -0.83
C GLN A 31 -3.71 13.88 0.22
N LEU A 32 -2.59 13.28 -0.19
CA LEU A 32 -1.49 13.02 0.80
C LEU A 32 -1.03 14.35 1.44
N ARG A 33 -1.07 15.46 0.70
CA ARG A 33 -0.63 16.77 1.31
C ARG A 33 -1.53 17.12 2.50
N ASP A 34 -2.84 16.97 2.37
CA ASP A 34 -3.74 17.32 3.53
C ASP A 34 -3.40 16.45 4.74
N ALA A 35 -3.17 15.17 4.54
CA ALA A 35 -2.81 14.30 5.72
C ALA A 35 -1.38 14.64 6.16
N GLN A 36 -0.47 14.83 5.23
CA GLN A 36 0.94 15.17 5.63
C GLN A 36 0.97 16.51 6.39
N LYS A 37 0.09 17.45 6.05
CA LYS A 37 0.10 18.77 6.79
C LYS A 37 -0.91 18.75 7.94
N ASP A 38 -2.07 18.15 7.76
CA ASP A 38 -3.08 18.12 8.88
C ASP A 38 -2.47 17.45 10.13
N LYS A 39 -1.70 16.40 9.95
CA LYS A 39 -1.07 15.72 11.15
C LYS A 39 -0.16 16.71 11.89
N SER A 40 0.73 17.39 11.20
CA SER A 40 1.64 18.38 11.88
C SER A 40 2.33 17.74 13.10
N SER A 41 2.99 18.54 13.91
CA SER A 41 3.67 17.98 15.11
C SER A 41 3.00 18.51 16.39
N LYS A 42 3.07 17.77 17.48
CA LYS A 42 2.43 18.24 18.77
C LYS A 42 0.96 18.61 18.53
N LEU A 43 0.19 17.74 17.88
CA LEU A 43 -1.25 18.05 17.62
C LEU A 43 -2.12 16.84 18.00
N ALA A 44 -2.35 16.63 19.28
CA ALA A 44 -3.21 15.44 19.70
C ALA A 44 -4.58 15.50 19.01
N ALA A 45 -4.81 14.68 18.01
CA ALA A 45 -6.14 14.70 17.31
C ALA A 45 -6.27 13.50 16.35
N LYS A 46 -7.24 13.52 15.46
CA LYS A 46 -7.40 12.36 14.50
C LYS A 46 -6.12 12.20 13.66
N SER A 47 -5.16 11.42 14.13
CA SER A 47 -3.90 11.23 13.33
C SER A 47 -3.92 9.88 12.62
N ASN A 48 -4.22 8.80 13.33
CA ASN A 48 -4.26 7.45 12.67
C ASN A 48 -5.29 7.47 11.53
N GLU A 49 -6.43 8.13 11.72
CA GLU A 49 -7.44 8.17 10.62
C GLU A 49 -6.89 8.97 9.43
N GLN A 50 -6.28 10.11 9.68
CA GLN A 50 -5.70 10.91 8.55
C GLN A 50 -4.52 10.13 7.94
N LEU A 51 -3.68 9.53 8.77
CA LEU A 51 -2.54 8.74 8.22
C LEU A 51 -3.05 7.59 7.35
N TRP A 52 -4.16 6.95 7.73
CA TRP A 52 -4.69 5.83 6.89
C TRP A 52 -5.00 6.33 5.47
N GLU A 53 -5.47 7.55 5.31
CA GLU A 53 -5.73 8.05 3.92
C GLU A 53 -4.42 8.13 3.13
N ILE A 54 -3.29 8.37 3.79
CA ILE A 54 -1.99 8.43 3.03
C ILE A 54 -1.60 7.03 2.55
N MET A 55 -1.44 6.06 3.45
CA MET A 55 -1.08 4.69 2.95
C MET A 55 -2.16 4.18 1.96
N GLN A 56 -3.39 4.66 2.07
CA GLN A 56 -4.44 4.21 1.08
C GLN A 56 -4.04 4.65 -0.34
N LEU A 57 -3.42 5.81 -0.49
CA LEU A 57 -3.00 6.26 -1.88
C LEU A 57 -2.14 5.17 -2.54
N HIS A 58 -1.31 4.48 -1.79
CA HIS A 58 -0.45 3.39 -2.40
C HIS A 58 -1.32 2.41 -3.20
N HIS A 59 -2.50 2.08 -2.71
CA HIS A 59 -3.37 1.12 -3.48
C HIS A 59 -3.84 1.79 -4.77
N GLN A 60 -4.45 2.95 -4.69
CA GLN A 60 -4.90 3.65 -5.95
C GLN A 60 -3.68 3.86 -6.88
N ARG A 61 -2.49 4.07 -6.35
CA ARG A 61 -1.30 4.26 -7.24
C ARG A 61 -1.00 2.93 -7.97
N SER A 62 -0.88 1.84 -7.23
CA SER A 62 -0.60 0.53 -7.91
C SER A 62 -1.80 0.17 -8.81
N ARG A 63 -3.01 0.46 -8.39
CA ARG A 63 -4.19 0.14 -9.27
C ARG A 63 -4.13 1.00 -10.54
N TYR A 64 -3.73 2.25 -10.44
CA TYR A 64 -3.64 3.11 -11.67
C TYR A 64 -2.61 2.51 -12.64
N ILE A 65 -1.41 2.22 -12.17
CA ILE A 65 -0.39 1.61 -13.08
C ILE A 65 -0.78 0.16 -13.40
N TYR A 66 -1.27 -0.59 -12.43
CA TYR A 66 -1.68 -1.99 -12.72
C TYR A 66 -2.85 -1.99 -13.71
N THR A 67 -3.81 -1.10 -13.54
CA THR A 67 -4.96 -1.08 -14.48
C THR A 67 -4.48 -0.77 -15.91
N LEU A 68 -3.57 0.17 -16.08
CA LEU A 68 -3.11 0.49 -17.48
C LEU A 68 -2.01 -0.48 -17.98
N TYR A 69 -1.15 -1.00 -17.10
CA TYR A 69 -0.08 -1.94 -17.58
C TYR A 69 -0.58 -3.39 -17.67
N TYR A 70 -1.46 -3.81 -16.79
CA TYR A 70 -1.93 -5.25 -16.83
C TYR A 70 -3.28 -5.41 -17.57
N LYS A 71 -4.07 -4.36 -17.73
CA LYS A 71 -5.37 -4.52 -18.45
C LYS A 71 -5.44 -3.62 -19.69
N ARG A 72 -5.32 -2.31 -19.52
CA ARG A 72 -5.40 -1.40 -20.72
C ARG A 72 -4.24 -1.68 -21.69
N LYS A 73 -3.08 -2.12 -21.20
CA LYS A 73 -1.93 -2.40 -22.11
C LYS A 73 -1.56 -1.14 -22.90
N ALA A 74 -1.56 0.01 -22.26
CA ALA A 74 -1.20 1.27 -22.98
C ALA A 74 0.14 1.81 -22.45
N ILE A 75 1.06 0.94 -22.10
CA ILE A 75 2.39 1.41 -21.59
C ILE A 75 3.47 0.34 -21.85
N SER A 76 4.73 0.70 -21.80
CA SER A 76 5.80 -0.32 -22.05
C SER A 76 6.51 -0.68 -20.74
N LYS A 77 6.92 -1.93 -20.58
CA LYS A 77 7.63 -2.35 -19.30
C LYS A 77 8.73 -1.34 -18.91
N ASP A 78 9.36 -0.67 -19.86
CA ASP A 78 10.44 0.31 -19.47
C ASP A 78 9.83 1.41 -18.59
N LEU A 79 8.74 2.02 -19.01
CA LEU A 79 8.11 3.07 -18.14
C LEU A 79 7.53 2.39 -16.90
N TYR A 80 6.84 1.27 -17.07
CA TYR A 80 6.28 0.54 -15.88
C TYR A 80 7.42 0.21 -14.90
N ASP A 81 8.58 -0.17 -15.41
CA ASP A 81 9.73 -0.46 -14.48
C ASP A 81 10.29 0.87 -13.97
N TRP A 82 10.42 1.86 -14.84
CA TRP A 82 10.93 3.21 -14.39
C TRP A 82 10.04 3.72 -13.24
N LEU A 83 8.75 3.50 -13.30
CA LEU A 83 7.86 3.97 -12.18
C LEU A 83 8.17 3.14 -10.92
N ILE A 84 8.19 1.84 -11.03
CA ILE A 84 8.51 0.99 -9.82
C ILE A 84 9.88 1.39 -9.22
N LYS A 85 10.81 1.86 -10.04
CA LYS A 85 12.15 2.27 -9.49
C LYS A 85 12.16 3.75 -9.06
N GLU A 86 11.28 4.58 -9.57
CA GLU A 86 11.29 6.03 -9.16
C GLU A 86 10.23 6.33 -8.07
N LYS A 87 9.78 5.32 -7.34
CA LYS A 87 8.74 5.52 -6.25
C LYS A 87 7.35 5.76 -6.81
N TYR A 88 6.71 4.73 -7.33
CA TYR A 88 5.34 4.88 -7.90
C TYR A 88 4.44 3.76 -7.37
N ALA A 89 4.77 2.52 -7.68
CA ALA A 89 3.95 1.37 -7.19
C ALA A 89 4.86 0.36 -6.50
N ASP A 90 4.32 -0.53 -5.70
CA ASP A 90 5.18 -1.54 -5.01
C ASP A 90 4.97 -2.94 -5.61
N LYS A 91 5.96 -3.47 -6.30
CA LYS A 91 5.79 -4.84 -6.90
C LYS A 91 5.46 -5.86 -5.80
N LEU A 92 6.05 -5.73 -4.62
CA LEU A 92 5.75 -6.72 -3.52
C LEU A 92 4.25 -6.73 -3.21
N LEU A 93 3.60 -5.58 -3.23
CA LEU A 93 2.12 -5.57 -2.94
C LEU A 93 1.39 -6.22 -4.13
N ILE A 94 1.63 -5.76 -5.34
CA ILE A 94 0.95 -6.41 -6.52
C ILE A 94 1.34 -7.90 -6.58
N ALA A 95 2.53 -8.26 -6.14
CA ALA A 95 2.92 -9.72 -6.17
C ALA A 95 2.03 -10.52 -5.21
N LYS A 96 1.82 -10.03 -4.00
CA LYS A 96 0.93 -10.79 -3.04
C LYS A 96 -0.48 -10.92 -3.63
N TRP A 97 -1.03 -9.86 -4.18
CA TRP A 97 -2.42 -9.97 -4.77
C TRP A 97 -2.42 -11.04 -5.87
N ARG A 98 -1.37 -11.14 -6.65
CA ARG A 98 -1.33 -12.20 -7.72
C ARG A 98 -1.03 -13.58 -7.09
N LYS A 99 -0.18 -13.62 -6.08
CA LYS A 99 0.14 -14.94 -5.42
C LYS A 99 -1.15 -15.64 -4.96
N THR A 100 -1.04 -16.78 -4.32
CA THR A 100 -2.28 -17.48 -3.83
C THR A 100 -2.35 -17.38 -2.31
N GLY A 101 -3.53 -17.18 -1.76
CA GLY A 101 -3.66 -17.05 -0.28
C GLY A 101 -3.93 -15.58 0.10
N TYR A 102 -3.46 -14.63 -0.69
CA TYR A 102 -3.73 -13.19 -0.34
C TYR A 102 -5.00 -12.71 -1.05
N GLU A 103 -6.13 -13.35 -0.84
CA GLU A 103 -7.39 -12.89 -1.51
C GLU A 103 -7.84 -11.56 -0.91
N LYS A 104 -7.71 -11.38 0.39
CA LYS A 104 -8.14 -10.10 1.02
C LYS A 104 -6.93 -9.43 1.71
N LEU A 105 -6.10 -8.73 0.97
CA LEU A 105 -4.92 -8.07 1.59
C LEU A 105 -5.06 -6.53 1.50
N CYS A 106 -4.74 -5.81 2.56
CA CYS A 106 -4.84 -4.31 2.52
C CYS A 106 -3.45 -3.65 2.42
N CYS A 107 -2.39 -4.24 2.96
CA CYS A 107 -1.04 -3.60 2.84
C CYS A 107 0.04 -4.70 2.71
N LEU A 108 1.31 -4.36 2.84
CA LEU A 108 2.38 -5.40 2.74
C LEU A 108 2.84 -5.83 4.15
N ARG A 109 2.91 -4.91 5.10
CA ARG A 109 3.33 -5.31 6.50
C ARG A 109 2.09 -5.36 7.41
N CYS A 110 0.95 -5.76 6.88
CA CYS A 110 -0.32 -5.82 7.67
C CYS A 110 -0.95 -7.22 7.48
N ILE A 111 -0.16 -8.23 7.07
CA ILE A 111 -0.72 -9.60 6.84
C ILE A 111 0.40 -10.68 6.96
N GLN A 112 1.34 -10.51 7.87
CA GLN A 112 2.45 -11.54 7.97
C GLN A 112 1.90 -12.90 8.43
N LYS A 113 1.29 -13.66 7.54
CA LYS A 113 0.76 -14.99 7.93
C LYS A 113 0.80 -15.97 6.75
N ASN A 114 0.52 -17.23 6.97
CA ASN A 114 0.56 -18.22 5.84
C ASN A 114 -0.31 -19.46 6.16
N GLU A 115 -0.02 -20.16 7.24
CA GLU A 115 -0.86 -21.36 7.58
C GLU A 115 -0.66 -21.76 9.06
N THR A 116 0.57 -22.00 9.47
CA THR A 116 0.82 -22.38 10.89
C THR A 116 2.06 -21.66 11.43
N ASN A 117 1.93 -20.42 11.85
CA ASN A 117 3.11 -19.68 12.38
C ASN A 117 2.73 -18.90 13.65
N ASN A 118 1.77 -17.99 13.57
CA ASN A 118 1.34 -17.21 14.77
C ASN A 118 2.56 -16.55 15.45
N GLY A 119 3.11 -15.51 14.86
CA GLY A 119 4.29 -14.82 15.47
C GLY A 119 4.14 -13.31 15.33
N SER A 120 4.52 -12.74 14.20
CA SER A 120 4.40 -11.27 14.02
C SER A 120 3.44 -10.97 12.86
N THR A 121 2.16 -10.80 13.14
CA THR A 121 1.17 -10.51 12.05
C THR A 121 0.17 -9.44 12.50
N CYS A 122 -0.59 -8.88 11.59
CA CYS A 122 -1.60 -7.85 11.99
C CYS A 122 -2.93 -8.55 12.33
N ILE A 123 -3.75 -7.97 13.18
CA ILE A 123 -5.04 -8.64 13.56
C ILE A 123 -6.07 -8.56 12.40
N CYS A 124 -6.10 -7.47 11.65
CA CYS A 124 -7.11 -7.37 10.54
C CYS A 124 -7.00 -8.56 9.57
N ARG A 125 -5.80 -9.05 9.30
CA ARG A 125 -5.67 -10.23 8.39
C ARG A 125 -6.47 -11.43 8.94
N VAL A 126 -6.54 -11.58 10.25
CA VAL A 126 -7.30 -12.73 10.83
C VAL A 126 -8.82 -12.45 10.76
N PRO A 127 -9.56 -13.36 10.16
CA PRO A 127 -11.04 -13.17 10.05
C PRO A 127 -11.70 -13.20 11.44
N ARG A 128 -12.99 -12.97 11.51
CA ARG A 128 -13.67 -12.98 12.85
C ARG A 128 -13.85 -14.42 13.35
N ALA A 129 -14.13 -15.37 12.47
CA ALA A 129 -14.31 -16.79 12.93
C ALA A 129 -13.05 -17.26 13.67
N GLN A 130 -11.87 -16.92 13.18
CA GLN A 130 -10.62 -17.35 13.90
C GLN A 130 -10.51 -16.61 15.23
N LEU A 131 -10.81 -15.32 15.25
CA LEU A 131 -10.74 -14.57 16.55
C LEU A 131 -11.84 -15.09 17.50
N GLU A 132 -13.02 -15.37 16.99
CA GLU A 132 -14.12 -15.88 17.89
C GLU A 132 -13.67 -17.21 18.54
N GLU A 133 -12.97 -18.06 17.81
CA GLU A 133 -12.52 -19.36 18.42
C GLU A 133 -11.67 -19.10 19.67
N GLU A 134 -10.85 -18.07 19.66
CA GLU A 134 -10.00 -17.78 20.87
C GLU A 134 -10.91 -17.45 22.07
N ALA A 135 -11.85 -16.54 21.90
CA ALA A 135 -12.76 -16.19 23.05
C ALA A 135 -13.56 -17.44 23.48
N ARG A 136 -14.00 -18.25 22.54
CA ARG A 136 -14.77 -19.48 22.93
C ARG A 136 -13.86 -20.49 23.65
N LYS A 137 -12.62 -20.61 23.24
CA LYS A 137 -11.70 -21.58 23.92
C LYS A 137 -11.17 -20.99 25.25
N LYS A 138 -10.96 -19.70 25.33
CA LYS A 138 -10.46 -19.10 26.62
C LYS A 138 -11.60 -18.81 27.60
N GLY A 139 -12.84 -18.73 27.15
CA GLY A 139 -13.96 -18.45 28.08
C GLY A 139 -14.17 -16.92 28.20
N THR A 140 -13.92 -16.17 27.14
CA THR A 140 -14.11 -14.69 27.21
C THR A 140 -14.83 -14.20 25.94
N GLN A 141 -14.74 -12.92 25.63
CA GLN A 141 -15.43 -12.41 24.41
C GLN A 141 -14.47 -11.52 23.59
N VAL A 142 -14.52 -11.60 22.27
CA VAL A 142 -13.61 -10.74 21.45
C VAL A 142 -14.44 -9.93 20.44
N SER A 143 -13.89 -8.86 19.90
CA SER A 143 -14.65 -8.03 18.92
C SER A 143 -13.75 -7.03 18.19
N PHE A 144 -13.06 -7.46 17.15
CA PHE A 144 -12.16 -6.51 16.40
C PHE A 144 -12.94 -5.87 15.22
N HIS A 145 -12.46 -4.75 14.73
CA HIS A 145 -13.14 -4.08 13.58
C HIS A 145 -12.07 -3.60 12.58
N GLN A 146 -11.21 -2.72 13.00
CA GLN A 146 -10.13 -2.22 12.09
C GLN A 146 -8.80 -2.20 12.85
N CYS A 147 -7.68 -2.35 12.16
CA CYS A 147 -6.37 -2.34 12.88
C CYS A 147 -5.77 -0.92 12.90
N VAL A 148 -4.94 -0.62 13.89
CA VAL A 148 -4.33 0.76 13.97
C VAL A 148 -3.28 0.96 12.88
N HIS A 149 -2.63 -0.09 12.38
CA HIS A 149 -1.59 0.11 11.30
C HIS A 149 -2.16 0.96 10.16
N CYS A 150 -3.28 0.57 9.58
CA CYS A 150 -3.88 1.36 8.47
C CYS A 150 -5.38 1.58 8.72
N GLY A 151 -6.10 2.10 7.75
CA GLY A 151 -7.57 2.30 7.91
C GLY A 151 -8.29 1.10 7.27
N CYS A 152 -8.00 -0.10 7.72
CA CYS A 152 -8.66 -1.31 7.11
C CYS A 152 -9.85 -1.75 7.97
N ARG A 153 -10.91 -2.26 7.37
CA ARG A 153 -12.09 -2.71 8.18
C ARG A 153 -12.00 -4.24 8.40
N GLY A 154 -10.87 -4.73 8.85
CA GLY A 154 -10.73 -6.19 9.09
C GLY A 154 -10.77 -6.93 7.75
N CYS A 155 -9.63 -7.28 7.19
CA CYS A 155 -9.63 -8.02 5.88
C CYS A 155 -9.16 -9.47 6.08
N ALA A 156 -9.90 -10.44 5.59
CA ALA A 156 -9.48 -11.85 5.76
C ALA A 156 -9.82 -12.67 4.50
N SER A 157 -9.01 -13.63 4.15
CA SER A 157 -9.31 -14.44 2.92
C SER A 157 -9.87 -15.83 3.30
N THR A 158 -9.23 -16.53 4.22
CA THR A 158 -9.74 -17.89 4.61
C THR A 158 -11.21 -17.81 5.06
N ASP A 159 -11.58 -16.78 5.79
CA ASP A 159 -12.99 -16.65 6.24
C ASP A 159 -13.42 -15.18 6.25
ZN ZN B . -3.46 -2.78 6.35
ZN ZN C . -6.33 -5.40 6.61
ZN ZN D . -3.92 -4.59 9.55
N GLY A 1 14.68 38.41 -4.54
CA GLY A 1 16.08 37.93 -4.60
C GLY A 1 16.09 36.45 -5.04
N GLY A 2 16.06 36.19 -6.33
CA GLY A 2 16.07 34.78 -6.81
C GLY A 2 17.52 34.31 -7.03
N SER A 3 17.89 33.15 -6.51
CA SER A 3 19.28 32.67 -6.70
C SER A 3 19.28 31.34 -7.46
N PRO A 4 20.36 31.06 -8.17
CA PRO A 4 20.45 29.79 -8.94
C PRO A 4 20.63 28.60 -7.99
N ARG A 5 19.67 27.70 -7.92
CA ARG A 5 19.80 26.52 -7.02
C ARG A 5 19.63 25.22 -7.80
N ILE A 6 20.66 24.75 -8.49
CA ILE A 6 20.52 23.48 -9.27
C ILE A 6 21.69 22.55 -8.95
N LYS A 7 21.43 21.29 -8.63
CA LYS A 7 22.54 20.34 -8.31
C LYS A 7 22.36 19.04 -9.11
N THR A 8 23.35 18.67 -9.91
CA THR A 8 23.22 17.42 -10.71
C THR A 8 24.44 16.50 -10.44
N ARG A 9 24.20 15.29 -9.97
CA ARG A 9 25.34 14.36 -9.69
C ARG A 9 25.03 12.96 -10.24
N ARG A 10 24.03 12.29 -9.69
CA ARG A 10 23.69 10.91 -10.20
C ARG A 10 22.18 10.66 -10.05
N SER A 11 21.40 10.99 -11.06
CA SER A 11 19.92 10.76 -10.98
C SER A 11 19.43 10.05 -12.25
N LYS A 12 18.29 9.38 -12.18
CA LYS A 12 17.76 8.68 -13.39
C LYS A 12 16.33 9.16 -13.70
N PRO A 13 16.22 10.10 -14.61
CA PRO A 13 14.88 10.62 -14.98
C PRO A 13 14.12 9.60 -15.82
N ALA A 14 12.81 9.73 -15.90
CA ALA A 14 12.01 8.74 -16.73
C ALA A 14 12.46 8.84 -18.20
N PRO A 15 12.68 7.71 -18.84
CA PRO A 15 13.15 7.72 -20.25
C PRO A 15 12.00 7.89 -21.25
N ASP A 16 11.56 9.11 -21.50
CA ASP A 16 10.47 9.34 -22.49
C ASP A 16 9.27 8.41 -22.25
N GLY A 17 8.31 8.84 -21.48
CA GLY A 17 7.11 7.97 -21.22
C GLY A 17 6.37 8.41 -19.95
N PHE A 18 7.08 8.80 -18.91
CA PHE A 18 6.38 9.25 -17.66
C PHE A 18 5.44 10.43 -17.97
N GLU A 19 5.77 11.28 -18.93
CA GLU A 19 4.85 12.44 -19.25
C GLU A 19 3.42 11.93 -19.51
N LYS A 20 3.27 10.75 -20.08
CA LYS A 20 1.89 10.20 -20.33
C LYS A 20 1.10 10.11 -19.02
N ILE A 21 1.75 9.74 -17.94
CA ILE A 21 1.03 9.63 -16.62
C ILE A 21 1.61 10.64 -15.60
N LYS A 22 2.00 11.82 -16.05
CA LYS A 22 2.61 12.82 -15.09
C LYS A 22 1.56 13.65 -14.32
N PRO A 23 0.51 14.11 -15.00
CA PRO A 23 -0.50 14.96 -14.31
C PRO A 23 -1.42 14.14 -13.39
N THR A 24 -1.77 12.93 -13.78
CA THR A 24 -2.67 12.11 -12.87
C THR A 24 -1.97 11.84 -11.54
N LEU A 25 -0.73 11.40 -11.57
CA LEU A 25 0.01 11.14 -10.28
C LEU A 25 0.10 12.45 -9.47
N THR A 26 0.25 13.59 -10.12
CA THR A 26 0.32 14.88 -9.34
C THR A 26 -0.93 15.04 -8.44
N ASP A 27 -2.09 14.62 -8.91
CA ASP A 27 -3.33 14.74 -8.06
C ASP A 27 -3.12 14.01 -6.72
N PHE A 28 -2.46 12.87 -6.73
CA PHE A 28 -2.23 12.11 -5.44
C PHE A 28 -1.44 13.00 -4.46
N GLU A 29 -0.46 13.72 -4.95
CA GLU A 29 0.34 14.60 -4.02
C GLU A 29 -0.55 15.62 -3.30
N ILE A 30 -1.68 16.00 -3.87
CA ILE A 30 -2.57 16.99 -3.17
C ILE A 30 -3.37 16.28 -2.05
N GLN A 31 -3.77 15.05 -2.24
CA GLN A 31 -4.52 14.34 -1.15
C GLN A 31 -3.51 13.79 -0.13
N LEU A 32 -2.36 13.32 -0.56
CA LEU A 32 -1.36 12.80 0.42
C LEU A 32 -0.70 13.97 1.17
N ARG A 33 -0.53 15.13 0.54
CA ARG A 33 0.10 16.27 1.28
C ARG A 33 -0.86 16.79 2.37
N ASP A 34 -2.16 16.80 2.12
CA ASP A 34 -3.11 17.28 3.17
C ASP A 34 -3.01 16.36 4.39
N ALA A 35 -2.93 15.06 4.18
CA ALA A 35 -2.81 14.13 5.36
C ALA A 35 -1.42 14.31 5.99
N GLN A 36 -0.39 14.42 5.18
CA GLN A 36 1.00 14.61 5.75
C GLN A 36 1.04 15.89 6.60
N LYS A 37 0.32 16.92 6.23
CA LYS A 37 0.34 18.18 7.05
C LYS A 37 -0.76 18.13 8.12
N ASP A 38 -1.92 17.62 7.79
CA ASP A 38 -3.03 17.56 8.82
C ASP A 38 -2.57 16.75 10.05
N LYS A 39 -1.76 15.73 9.86
CA LYS A 39 -1.28 14.93 11.04
C LYS A 39 -0.04 15.59 11.67
N SER A 40 0.93 15.98 10.85
CA SER A 40 2.16 16.65 11.41
C SER A 40 2.77 15.81 12.55
N SER A 41 3.35 14.67 12.24
CA SER A 41 3.97 13.81 13.30
C SER A 41 2.98 13.58 14.47
N LYS A 42 3.45 13.14 15.61
CA LYS A 42 2.51 12.91 16.76
C LYS A 42 2.27 14.24 17.51
N LEU A 43 1.37 15.07 17.02
CA LEU A 43 1.10 16.37 17.70
C LEU A 43 -0.32 16.39 18.27
N ALA A 44 -1.34 16.12 17.46
CA ALA A 44 -2.74 16.13 17.98
C ALA A 44 -3.31 14.70 18.00
N ALA A 45 -4.61 14.55 18.12
CA ALA A 45 -5.19 13.17 18.12
C ALA A 45 -5.78 12.83 16.75
N LYS A 46 -6.47 11.71 16.61
CA LYS A 46 -7.05 11.33 15.29
C LYS A 46 -5.96 11.33 14.20
N SER A 47 -4.85 10.66 14.44
CA SER A 47 -3.76 10.64 13.40
C SER A 47 -3.84 9.38 12.54
N ASN A 48 -4.19 8.24 13.11
CA ASN A 48 -4.29 6.99 12.29
C ASN A 48 -5.29 7.19 11.14
N GLU A 49 -6.41 7.85 11.39
CA GLU A 49 -7.41 8.07 10.29
C GLU A 49 -6.77 8.89 9.17
N GLN A 50 -5.97 9.89 9.49
CA GLN A 50 -5.32 10.71 8.41
C GLN A 50 -4.29 9.86 7.66
N LEU A 51 -3.55 9.02 8.35
CA LEU A 51 -2.53 8.16 7.64
C LEU A 51 -3.23 7.08 6.79
N TRP A 52 -4.37 6.57 7.21
CA TRP A 52 -5.06 5.52 6.38
C TRP A 52 -5.35 6.06 4.98
N GLU A 53 -5.76 7.31 4.87
CA GLU A 53 -6.02 7.89 3.50
C GLU A 53 -4.70 7.93 2.72
N ILE A 54 -3.57 8.15 3.37
CA ILE A 54 -2.28 8.17 2.62
C ILE A 54 -1.92 6.74 2.19
N MET A 55 -1.83 5.80 3.10
CA MET A 55 -1.51 4.39 2.66
C MET A 55 -2.63 3.86 1.75
N GLN A 56 -3.87 4.29 1.93
CA GLN A 56 -4.96 3.80 1.01
C GLN A 56 -4.69 4.34 -0.40
N LEU A 57 -4.24 5.58 -0.53
CA LEU A 57 -3.95 6.14 -1.91
C LEU A 57 -2.99 5.20 -2.67
N HIS A 58 -2.09 4.53 -1.98
CA HIS A 58 -1.14 3.58 -2.69
C HIS A 58 -1.94 2.57 -3.52
N HIS A 59 -3.06 2.09 -3.01
CA HIS A 59 -3.86 1.10 -3.81
C HIS A 59 -4.31 1.74 -5.13
N GLN A 60 -4.87 2.93 -5.08
CA GLN A 60 -5.28 3.61 -6.35
C GLN A 60 -4.04 3.82 -7.25
N ARG A 61 -2.89 4.12 -6.66
CA ARG A 61 -1.65 4.32 -7.51
C ARG A 61 -1.33 3.00 -8.24
N SER A 62 -1.28 1.89 -7.52
CA SER A 62 -0.98 0.60 -8.22
C SER A 62 -2.12 0.28 -9.20
N ARG A 63 -3.35 0.52 -8.83
CA ARG A 63 -4.48 0.25 -9.78
C ARG A 63 -4.33 1.14 -11.02
N TYR A 64 -3.95 2.40 -10.83
CA TYR A 64 -3.77 3.30 -12.02
C TYR A 64 -2.63 2.77 -12.91
N ILE A 65 -1.46 2.54 -12.34
CA ILE A 65 -0.33 2.00 -13.18
C ILE A 65 -0.68 0.57 -13.64
N TYR A 66 -1.37 -0.20 -12.82
CA TYR A 66 -1.74 -1.59 -13.25
C TYR A 66 -2.78 -1.50 -14.37
N THR A 67 -3.75 -0.62 -14.24
CA THR A 67 -4.79 -0.50 -15.33
C THR A 67 -4.14 -0.13 -16.67
N LEU A 68 -3.15 0.72 -16.68
CA LEU A 68 -2.53 1.09 -18.00
C LEU A 68 -1.47 0.05 -18.46
N TYR A 69 -0.72 -0.55 -17.55
CA TYR A 69 0.32 -1.55 -17.99
C TYR A 69 -0.27 -2.97 -18.14
N TYR A 70 -1.26 -3.34 -17.35
CA TYR A 70 -1.82 -4.74 -17.46
C TYR A 70 -3.10 -4.81 -18.31
N LYS A 71 -3.80 -3.70 -18.54
CA LYS A 71 -5.04 -3.78 -19.38
C LYS A 71 -4.91 -2.95 -20.65
N ARG A 72 -4.64 -1.65 -20.52
CA ARG A 72 -4.52 -0.80 -21.76
C ARG A 72 -3.26 -1.16 -22.56
N LYS A 73 -2.21 -1.65 -21.91
CA LYS A 73 -0.96 -2.02 -22.66
C LYS A 73 -0.42 -0.79 -23.41
N ALA A 74 -0.43 0.36 -22.78
CA ALA A 74 0.08 1.59 -23.46
C ALA A 74 1.36 2.08 -22.74
N ILE A 75 2.18 1.17 -22.24
CA ILE A 75 3.44 1.58 -21.55
C ILE A 75 4.50 0.47 -21.67
N SER A 76 5.75 0.77 -21.44
CA SER A 76 6.81 -0.29 -21.56
C SER A 76 7.33 -0.66 -20.16
N LYS A 77 7.76 -1.90 -19.97
CA LYS A 77 8.28 -2.33 -18.62
C LYS A 77 9.28 -1.31 -18.05
N ASP A 78 10.04 -0.63 -18.90
CA ASP A 78 11.02 0.39 -18.35
C ASP A 78 10.23 1.51 -17.67
N LEU A 79 9.21 2.05 -18.31
CA LEU A 79 8.41 3.15 -17.64
C LEU A 79 7.66 2.56 -16.45
N TYR A 80 7.11 1.36 -16.58
CA TYR A 80 6.39 0.74 -15.42
C TYR A 80 7.40 0.43 -14.30
N ASP A 81 8.57 -0.08 -14.64
CA ASP A 81 9.59 -0.36 -13.58
C ASP A 81 10.17 0.96 -13.07
N TRP A 82 10.44 1.90 -13.96
CA TRP A 82 10.99 3.24 -13.50
C TRP A 82 10.01 3.85 -12.47
N LEU A 83 8.71 3.69 -12.65
CA LEU A 83 7.75 4.25 -11.65
C LEU A 83 7.91 3.49 -10.34
N ILE A 84 7.68 2.18 -10.34
CA ILE A 84 7.84 1.40 -9.06
C ILE A 84 9.27 1.59 -8.50
N LYS A 85 10.26 1.87 -9.33
CA LYS A 85 11.65 2.09 -8.79
C LYS A 85 11.80 3.53 -8.23
N GLU A 86 10.94 4.46 -8.60
CA GLU A 86 11.08 5.86 -8.06
C GLU A 86 9.95 6.20 -7.06
N LYS A 87 9.34 5.21 -6.42
CA LYS A 87 8.24 5.44 -5.40
C LYS A 87 6.90 5.79 -6.07
N TYR A 88 6.30 4.83 -6.75
CA TYR A 88 4.99 5.07 -7.41
C TYR A 88 4.02 3.93 -7.04
N ALA A 89 4.34 2.72 -7.42
CA ALA A 89 3.45 1.56 -7.08
C ALA A 89 4.28 0.46 -6.41
N ASP A 90 3.66 -0.60 -5.93
CA ASP A 90 4.43 -1.70 -5.28
C ASP A 90 4.20 -3.02 -6.01
N LYS A 91 5.19 -3.52 -6.73
CA LYS A 91 5.01 -4.82 -7.46
C LYS A 91 4.65 -5.94 -6.47
N LEU A 92 5.26 -5.96 -5.30
CA LEU A 92 4.94 -7.04 -4.31
C LEU A 92 3.45 -7.01 -3.95
N LEU A 93 2.86 -5.83 -3.81
CA LEU A 93 1.39 -5.79 -3.47
C LEU A 93 0.58 -6.31 -4.66
N ILE A 94 0.84 -5.84 -5.86
CA ILE A 94 0.08 -6.36 -7.05
C ILE A 94 0.32 -7.88 -7.16
N ALA A 95 1.51 -8.35 -6.87
CA ALA A 95 1.76 -9.84 -6.94
C ALA A 95 0.95 -10.52 -5.83
N LYS A 96 0.87 -9.94 -4.65
CA LYS A 96 0.08 -10.57 -3.54
C LYS A 96 -1.37 -10.80 -4.00
N TRP A 97 -1.96 -9.82 -4.67
CA TRP A 97 -3.37 -10.00 -5.16
C TRP A 97 -3.45 -11.16 -6.18
N ARG A 98 -2.42 -11.36 -6.98
CA ARG A 98 -2.46 -12.49 -7.98
C ARG A 98 -2.04 -13.81 -7.31
N LYS A 99 -1.14 -13.78 -6.36
CA LYS A 99 -0.71 -15.07 -5.68
C LYS A 99 -1.93 -15.88 -5.20
N THR A 100 -1.71 -17.05 -4.66
CA THR A 100 -2.87 -17.87 -4.15
C THR A 100 -2.93 -17.77 -2.62
N GLY A 101 -4.12 -17.68 -2.06
CA GLY A 101 -4.22 -17.57 -0.57
C GLY A 101 -4.51 -16.11 -0.17
N TYR A 102 -4.12 -15.13 -0.97
CA TYR A 102 -4.39 -13.71 -0.59
C TYR A 102 -5.72 -13.25 -1.21
N GLU A 103 -6.81 -13.92 -0.91
CA GLU A 103 -8.13 -13.49 -1.49
C GLU A 103 -8.56 -12.15 -0.88
N LYS A 104 -8.31 -11.92 0.38
CA LYS A 104 -8.70 -10.63 1.02
C LYS A 104 -7.48 -9.94 1.67
N LEU A 105 -6.67 -9.25 0.91
CA LEU A 105 -5.48 -8.57 1.51
C LEU A 105 -5.61 -7.04 1.36
N CYS A 106 -5.23 -6.28 2.36
CA CYS A 106 -5.35 -4.79 2.24
C CYS A 106 -3.98 -4.10 2.08
N CYS A 107 -2.90 -4.62 2.62
CA CYS A 107 -1.56 -3.96 2.43
C CYS A 107 -0.45 -5.02 2.36
N LEU A 108 0.80 -4.60 2.39
CA LEU A 108 1.94 -5.59 2.35
C LEU A 108 2.49 -5.85 3.77
N ARG A 109 2.51 -4.85 4.64
CA ARG A 109 3.01 -5.07 6.04
C ARG A 109 1.79 -5.11 7.01
N CYS A 110 0.69 -5.67 6.57
CA CYS A 110 -0.55 -5.75 7.40
C CYS A 110 -0.98 -7.23 7.38
N ILE A 111 -1.26 -7.79 6.20
CA ILE A 111 -1.62 -9.25 6.12
C ILE A 111 -0.41 -10.15 6.47
N GLN A 112 0.81 -9.66 6.32
CA GLN A 112 2.00 -10.50 6.63
C GLN A 112 2.87 -9.81 7.70
N LYS A 113 3.77 -10.53 8.33
CA LYS A 113 4.63 -9.91 9.38
C LYS A 113 6.08 -9.75 8.86
N ASN A 114 6.84 -8.84 9.43
CA ASN A 114 8.25 -8.65 8.97
C ASN A 114 9.25 -8.71 10.13
N GLU A 115 8.93 -9.39 11.21
CA GLU A 115 9.88 -9.47 12.36
C GLU A 115 10.52 -10.87 12.42
N THR A 116 11.58 -11.02 13.19
CA THR A 116 12.24 -12.36 13.28
C THR A 116 12.13 -12.92 14.71
N ASN A 117 10.93 -13.19 15.17
CA ASN A 117 10.77 -13.73 16.56
C ASN A 117 9.64 -14.78 16.58
N ASN A 118 8.43 -14.39 16.23
CA ASN A 118 7.30 -15.38 16.25
C ASN A 118 6.25 -15.00 15.19
N GLY A 119 5.28 -15.87 14.95
CA GLY A 119 4.24 -15.55 13.93
C GLY A 119 3.36 -14.39 14.43
N SER A 120 3.74 -13.16 14.15
CA SER A 120 2.92 -12.00 14.62
C SER A 120 2.50 -11.13 13.44
N THR A 121 1.28 -11.27 12.95
CA THR A 121 0.84 -10.43 11.79
C THR A 121 -0.27 -9.48 12.25
N CYS A 122 -0.68 -8.55 11.40
CA CYS A 122 -1.77 -7.59 11.81
C CYS A 122 -3.04 -8.38 12.20
N ILE A 123 -3.88 -7.81 13.04
CA ILE A 123 -5.13 -8.56 13.46
C ILE A 123 -6.18 -8.57 12.33
N CYS A 124 -6.29 -7.51 11.55
CA CYS A 124 -7.35 -7.50 10.47
C CYS A 124 -7.22 -8.74 9.55
N ARG A 125 -6.02 -9.23 9.30
CA ARG A 125 -5.89 -10.46 8.44
C ARG A 125 -6.67 -11.63 9.08
N VAL A 126 -6.70 -11.71 10.40
CA VAL A 126 -7.46 -12.83 11.05
C VAL A 126 -8.97 -12.50 11.08
N PRO A 127 -9.78 -13.39 10.55
CA PRO A 127 -11.25 -13.15 10.53
C PRO A 127 -11.81 -13.14 11.97
N ARG A 128 -13.09 -12.88 12.13
CA ARG A 128 -13.67 -12.86 13.52
C ARG A 128 -13.85 -14.28 14.05
N ALA A 129 -14.22 -15.23 13.21
CA ALA A 129 -14.40 -16.64 13.72
C ALA A 129 -13.09 -17.14 14.36
N GLN A 130 -11.96 -16.83 13.77
CA GLN A 130 -10.66 -17.28 14.38
C GLN A 130 -10.41 -16.48 15.67
N LEU A 131 -10.69 -15.19 15.66
CA LEU A 131 -10.47 -14.38 16.91
C LEU A 131 -11.45 -14.86 18.00
N GLU A 132 -12.68 -15.18 17.63
CA GLU A 132 -13.67 -15.66 18.68
C GLU A 132 -13.13 -16.93 19.35
N GLU A 133 -12.52 -17.84 18.59
CA GLU A 133 -11.99 -19.10 19.21
C GLU A 133 -10.96 -18.75 20.31
N GLU A 134 -10.15 -17.73 20.10
CA GLU A 134 -9.14 -17.36 21.15
C GLU A 134 -9.85 -17.02 22.47
N ALA A 135 -10.92 -16.26 22.43
CA ALA A 135 -11.65 -15.91 23.71
C ALA A 135 -12.12 -17.19 24.41
N ARG A 136 -12.60 -18.17 23.66
CA ARG A 136 -13.07 -19.44 24.32
C ARG A 136 -11.88 -20.19 24.95
N LYS A 137 -10.73 -20.21 24.29
CA LYS A 137 -9.55 -20.92 24.88
C LYS A 137 -9.02 -20.15 26.10
N LYS A 138 -9.07 -18.83 26.09
CA LYS A 138 -8.57 -18.05 27.26
C LYS A 138 -9.65 -17.89 28.34
N GLY A 139 -10.93 -18.01 27.99
CA GLY A 139 -12.01 -17.85 29.00
C GLY A 139 -12.47 -16.39 29.06
N THR A 140 -12.43 -15.67 27.94
CA THR A 140 -12.89 -14.25 27.95
C THR A 140 -13.66 -13.94 26.65
N GLN A 141 -13.82 -12.69 26.29
CA GLN A 141 -14.57 -12.35 25.05
C GLN A 141 -13.69 -11.51 24.11
N VAL A 142 -14.13 -11.26 22.89
CA VAL A 142 -13.30 -10.45 21.94
C VAL A 142 -14.20 -9.79 20.88
N SER A 143 -13.72 -8.74 20.22
CA SER A 143 -14.56 -8.07 19.18
C SER A 143 -13.72 -7.08 18.36
N PHE A 144 -13.11 -7.53 17.28
CA PHE A 144 -12.28 -6.60 16.45
C PHE A 144 -13.12 -6.05 15.27
N HIS A 145 -12.72 -4.94 14.70
CA HIS A 145 -13.46 -4.36 13.55
C HIS A 145 -12.45 -3.89 12.48
N GLN A 146 -11.60 -2.96 12.83
CA GLN A 146 -10.57 -2.47 11.85
C GLN A 146 -9.21 -2.36 12.57
N CYS A 147 -8.12 -2.52 11.87
CA CYS A 147 -6.78 -2.42 12.56
C CYS A 147 -6.26 -0.97 12.54
N VAL A 148 -5.44 -0.61 13.51
CA VAL A 148 -4.91 0.80 13.56
C VAL A 148 -3.89 1.05 12.44
N HIS A 149 -3.20 0.03 11.95
CA HIS A 149 -2.18 0.27 10.85
C HIS A 149 -2.83 1.04 9.69
N CYS A 150 -3.85 0.50 9.07
CA CYS A 150 -4.51 1.21 7.94
C CYS A 150 -6.03 1.36 8.19
N GLY A 151 -6.78 1.80 7.21
CA GLY A 151 -8.26 1.94 7.39
C GLY A 151 -8.93 0.67 6.84
N CYS A 152 -8.59 -0.48 7.37
CA CYS A 152 -9.20 -1.76 6.86
C CYS A 152 -10.32 -2.20 7.81
N ARG A 153 -11.42 -2.72 7.29
CA ARG A 153 -12.52 -3.18 8.18
C ARG A 153 -12.40 -4.70 8.41
N GLY A 154 -11.24 -5.15 8.84
CA GLY A 154 -11.05 -6.61 9.08
C GLY A 154 -11.10 -7.37 7.76
N CYS A 155 -9.96 -7.70 7.18
CA CYS A 155 -9.96 -8.44 5.89
C CYS A 155 -9.49 -9.89 6.10
N ALA A 156 -10.26 -10.86 5.65
CA ALA A 156 -9.86 -12.29 5.83
C ALA A 156 -10.26 -13.11 4.59
N SER A 157 -9.50 -14.13 4.26
CA SER A 157 -9.84 -14.95 3.05
C SER A 157 -10.42 -16.31 3.47
N THR A 158 -9.76 -17.02 4.38
CA THR A 158 -10.31 -18.37 4.81
C THR A 158 -11.76 -18.24 5.29
N ASP A 159 -12.08 -17.18 5.99
CA ASP A 159 -13.49 -17.01 6.49
C ASP A 159 -14.08 -15.70 5.95
ZN ZN B . -3.93 -3.02 5.95
ZN ZN C . -6.69 -5.74 6.44
ZN ZN D . -4.28 -4.62 9.27
N GLY A 1 22.30 11.28 12.84
CA GLY A 1 23.49 11.03 11.98
C GLY A 1 23.26 9.78 11.12
N GLY A 2 24.22 8.88 11.06
CA GLY A 2 24.03 7.64 10.23
C GLY A 2 23.92 8.04 8.74
N SER A 3 24.35 7.17 7.85
CA SER A 3 24.28 7.52 6.39
C SER A 3 23.55 6.40 5.62
N PRO A 4 22.79 6.77 4.61
CA PRO A 4 22.05 5.77 3.82
C PRO A 4 23.01 4.99 2.92
N ARG A 5 22.49 4.17 2.01
CA ARG A 5 23.39 3.39 1.10
C ARG A 5 22.69 3.09 -0.23
N ILE A 6 23.38 3.24 -1.34
CA ILE A 6 22.75 2.97 -2.67
C ILE A 6 23.46 1.80 -3.37
N LYS A 7 22.74 0.98 -4.11
CA LYS A 7 23.39 -0.16 -4.81
C LYS A 7 23.10 -0.11 -6.32
N THR A 8 23.92 -0.72 -7.14
CA THR A 8 23.68 -0.70 -8.63
C THR A 8 23.49 0.74 -9.13
N ARG A 9 23.17 0.92 -10.39
CA ARG A 9 22.98 2.30 -10.93
C ARG A 9 21.78 2.34 -11.88
N ARG A 10 20.58 2.51 -11.37
CA ARG A 10 19.38 2.56 -12.25
C ARG A 10 18.61 3.87 -12.03
N SER A 11 19.29 5.00 -12.11
CA SER A 11 18.59 6.31 -11.90
C SER A 11 18.63 7.14 -13.20
N LYS A 12 17.59 7.09 -14.00
CA LYS A 12 17.58 7.88 -15.27
C LYS A 12 16.26 8.64 -15.42
N PRO A 13 16.18 9.49 -16.43
CA PRO A 13 14.95 10.26 -16.66
C PRO A 13 13.82 9.36 -17.19
N ALA A 14 12.58 9.79 -17.08
CA ALA A 14 11.44 8.94 -17.57
C ALA A 14 11.25 9.18 -19.09
N PRO A 15 10.87 8.14 -19.80
CA PRO A 15 10.67 8.27 -21.26
C PRO A 15 9.40 9.09 -21.57
N ASP A 16 9.26 9.57 -22.79
CA ASP A 16 8.04 10.38 -23.15
C ASP A 16 6.74 9.68 -22.69
N GLY A 17 6.70 8.37 -22.68
CA GLY A 17 5.46 7.65 -22.23
C GLY A 17 4.98 8.18 -20.87
N PHE A 18 5.89 8.55 -19.99
CA PHE A 18 5.45 9.08 -18.64
C PHE A 18 4.48 10.27 -18.82
N GLU A 19 4.65 11.07 -19.86
CA GLU A 19 3.72 12.24 -20.06
C GLU A 19 2.26 11.76 -20.08
N LYS A 20 1.99 10.61 -20.66
CA LYS A 20 0.58 10.09 -20.68
C LYS A 20 0.03 9.96 -19.25
N ILE A 21 0.85 9.58 -18.30
CA ILE A 21 0.37 9.44 -16.89
C ILE A 21 1.12 10.44 -15.98
N LYS A 22 1.45 11.62 -16.47
CA LYS A 22 2.20 12.60 -15.60
C LYS A 22 1.28 13.46 -14.71
N PRO A 23 0.16 13.95 -15.23
CA PRO A 23 -0.73 14.80 -14.41
C PRO A 23 -1.56 13.97 -13.41
N THR A 24 -2.00 12.78 -13.80
CA THR A 24 -2.82 11.95 -12.83
C THR A 24 -1.99 11.65 -11.57
N LEU A 25 -0.73 11.34 -11.73
CA LEU A 25 0.12 11.06 -10.51
C LEU A 25 0.26 12.33 -9.67
N THR A 26 0.41 13.49 -10.30
CA THR A 26 0.53 14.76 -9.52
C THR A 26 -0.70 14.95 -8.61
N ASP A 27 -1.88 14.53 -9.06
CA ASP A 27 -3.10 14.70 -8.20
C ASP A 27 -2.90 14.01 -6.84
N PHE A 28 -2.21 12.88 -6.80
CA PHE A 28 -2.00 12.18 -5.49
C PHE A 28 -1.31 13.11 -4.48
N GLU A 29 -0.39 13.95 -4.92
CA GLU A 29 0.33 14.86 -3.95
C GLU A 29 -0.66 15.78 -3.24
N ILE A 30 -1.68 16.27 -3.93
CA ILE A 30 -2.67 17.18 -3.23
C ILE A 30 -3.37 16.38 -2.12
N GLN A 31 -3.72 15.14 -2.36
CA GLN A 31 -4.39 14.34 -1.27
C GLN A 31 -3.35 14.04 -0.18
N LEU A 32 -2.23 13.43 -0.53
CA LEU A 32 -1.17 13.16 0.52
C LEU A 32 -0.75 14.48 1.18
N ARG A 33 -0.79 15.60 0.47
CA ARG A 33 -0.39 16.91 1.09
C ARG A 33 -1.26 17.20 2.32
N ASP A 34 -2.54 16.88 2.27
CA ASP A 34 -3.40 17.17 3.48
C ASP A 34 -2.93 16.31 4.66
N ALA A 35 -2.77 15.02 4.46
CA ALA A 35 -2.30 14.16 5.60
C ALA A 35 -0.83 14.47 5.90
N GLN A 36 -0.02 14.73 4.89
CA GLN A 36 1.43 15.05 5.14
C GLN A 36 1.55 16.46 5.77
N LYS A 37 0.66 17.38 5.45
CA LYS A 37 0.75 18.75 6.06
C LYS A 37 -0.07 18.84 7.35
N ASP A 38 -1.20 18.16 7.42
CA ASP A 38 -2.01 18.22 8.69
C ASP A 38 -1.27 17.47 9.81
N LYS A 39 -0.65 16.34 9.50
CA LYS A 39 0.10 15.60 10.57
C LYS A 39 1.22 16.48 11.15
N SER A 40 1.87 17.29 10.34
CA SER A 40 2.96 18.17 10.88
C SER A 40 2.45 19.62 11.01
N SER A 41 1.22 19.81 11.41
CA SER A 41 0.68 21.21 11.56
C SER A 41 -0.44 21.25 12.59
N LYS A 42 -1.50 20.48 12.39
CA LYS A 42 -2.62 20.47 13.37
C LYS A 42 -3.04 19.03 13.69
N LEU A 43 -2.65 18.50 14.83
CA LEU A 43 -3.03 17.09 15.18
C LEU A 43 -3.77 17.06 16.53
N ALA A 44 -5.01 17.52 16.57
CA ALA A 44 -5.77 17.50 17.86
C ALA A 44 -6.87 16.44 17.79
N ALA A 45 -7.72 16.48 16.78
CA ALA A 45 -8.82 15.47 16.68
C ALA A 45 -8.63 14.61 15.42
N LYS A 46 -8.98 13.34 15.46
CA LYS A 46 -8.81 12.46 14.26
C LYS A 46 -7.36 12.52 13.73
N SER A 47 -6.49 11.66 14.24
CA SER A 47 -5.07 11.68 13.76
C SER A 47 -4.73 10.38 13.04
N ASN A 48 -4.92 9.24 13.68
CA ASN A 48 -4.59 7.93 13.00
C ASN A 48 -5.37 7.82 11.67
N GLU A 49 -6.61 8.26 11.64
CA GLU A 49 -7.40 8.19 10.36
C GLU A 49 -6.69 8.98 9.25
N GLN A 50 -6.08 10.11 9.59
CA GLN A 50 -5.37 10.91 8.52
C GLN A 50 -4.22 10.07 7.91
N LEU A 51 -3.40 9.45 8.74
CA LEU A 51 -2.28 8.61 8.18
C LEU A 51 -2.83 7.51 7.27
N TRP A 52 -3.96 6.92 7.62
CA TRP A 52 -4.53 5.84 6.74
C TRP A 52 -4.82 6.40 5.33
N GLU A 53 -5.21 7.65 5.22
CA GLU A 53 -5.46 8.24 3.86
C GLU A 53 -4.16 8.22 3.04
N ILE A 54 -3.00 8.37 3.68
CA ILE A 54 -1.72 8.35 2.88
C ILE A 54 -1.46 6.93 2.37
N MET A 55 -1.33 5.95 3.26
CA MET A 55 -1.09 4.54 2.74
C MET A 55 -2.24 4.13 1.79
N GLN A 56 -3.43 4.69 1.92
CA GLN A 56 -4.54 4.32 0.97
C GLN A 56 -4.16 4.75 -0.46
N LEU A 57 -3.55 5.93 -0.62
CA LEU A 57 -3.15 6.37 -2.01
C LEU A 57 -2.26 5.29 -2.67
N HIS A 58 -1.44 4.59 -1.89
CA HIS A 58 -0.55 3.54 -2.50
C HIS A 58 -1.40 2.51 -3.29
N HIS A 59 -2.55 2.13 -2.77
CA HIS A 59 -3.40 1.15 -3.53
C HIS A 59 -3.86 1.76 -4.85
N GLN A 60 -4.43 2.96 -4.81
CA GLN A 60 -4.88 3.60 -6.10
C GLN A 60 -3.69 3.73 -7.06
N ARG A 61 -2.49 3.98 -6.56
CA ARG A 61 -1.31 4.09 -7.50
C ARG A 61 -1.07 2.73 -8.18
N SER A 62 -0.98 1.66 -7.41
CA SER A 62 -0.75 0.31 -8.05
C SER A 62 -1.89 -0.01 -9.02
N ARG A 63 -3.12 0.30 -8.66
CA ARG A 63 -4.25 0.01 -9.61
C ARG A 63 -4.07 0.84 -10.88
N TYR A 64 -3.69 2.09 -10.76
CA TYR A 64 -3.49 2.94 -11.99
C TYR A 64 -2.36 2.34 -12.85
N ILE A 65 -1.21 2.05 -12.27
CA ILE A 65 -0.10 1.46 -13.08
C ILE A 65 -0.45 0.00 -13.46
N TYR A 66 -1.10 -0.74 -12.60
CA TYR A 66 -1.47 -2.15 -12.96
C TYR A 66 -2.55 -2.12 -14.04
N THR A 67 -3.52 -1.23 -13.93
CA THR A 67 -4.60 -1.17 -14.99
C THR A 67 -3.96 -0.82 -16.35
N LEU A 68 -3.00 0.08 -16.39
CA LEU A 68 -2.39 0.44 -17.71
C LEU A 68 -1.27 -0.55 -18.14
N TYR A 69 -0.49 -1.07 -17.21
CA TYR A 69 0.61 -2.02 -17.61
C TYR A 69 0.10 -3.48 -17.69
N TYR A 70 -0.81 -3.89 -16.84
CA TYR A 70 -1.29 -5.31 -16.89
C TYR A 70 -2.62 -5.48 -17.66
N LYS A 71 -3.26 -4.42 -18.12
CA LYS A 71 -4.55 -4.60 -18.88
C LYS A 71 -4.61 -3.66 -20.09
N ARG A 72 -4.51 -2.36 -19.89
CA ARG A 72 -4.56 -1.43 -21.07
C ARG A 72 -3.37 -1.67 -22.02
N LYS A 73 -2.24 -2.13 -21.50
CA LYS A 73 -1.04 -2.38 -22.39
C LYS A 73 -0.64 -1.09 -23.11
N ALA A 74 -0.64 0.03 -22.42
CA ALA A 74 -0.25 1.33 -23.07
C ALA A 74 1.05 1.85 -22.43
N ILE A 75 1.96 0.97 -22.08
CA ILE A 75 3.25 1.43 -21.44
C ILE A 75 4.35 0.39 -21.66
N SER A 76 5.61 0.75 -21.50
CA SER A 76 6.70 -0.25 -21.69
C SER A 76 7.35 -0.59 -20.34
N LYS A 77 7.81 -1.81 -20.16
CA LYS A 77 8.46 -2.20 -18.84
C LYS A 77 9.45 -1.13 -18.35
N ASP A 78 10.12 -0.43 -19.24
CA ASP A 78 11.08 0.64 -18.77
C ASP A 78 10.31 1.71 -17.99
N LEU A 79 9.23 2.23 -18.54
CA LEU A 79 8.44 3.27 -17.78
C LEU A 79 7.81 2.59 -16.56
N TYR A 80 7.24 1.41 -16.73
CA TYR A 80 6.61 0.70 -15.56
C TYR A 80 7.70 0.44 -14.49
N ASP A 81 8.92 0.10 -14.89
CA ASP A 81 10.00 -0.13 -13.88
C ASP A 81 10.47 1.22 -13.32
N TRP A 82 10.61 2.22 -14.17
CA TRP A 82 11.05 3.58 -13.66
C TRP A 82 10.01 4.08 -12.63
N LEU A 83 8.74 3.83 -12.85
CA LEU A 83 7.72 4.29 -11.85
C LEU A 83 7.90 3.53 -10.55
N ILE A 84 7.87 2.21 -10.60
CA ILE A 84 8.04 1.41 -9.32
C ILE A 84 9.37 1.78 -8.61
N LYS A 85 10.38 2.24 -9.35
CA LYS A 85 11.67 2.60 -8.68
C LYS A 85 11.68 4.09 -8.23
N GLU A 86 10.81 4.93 -8.78
CA GLU A 86 10.82 6.38 -8.35
C GLU A 86 9.64 6.69 -7.39
N LYS A 87 9.12 5.71 -6.68
CA LYS A 87 7.98 5.91 -5.70
C LYS A 87 6.64 6.09 -6.42
N TYR A 88 6.14 5.03 -7.02
CA TYR A 88 4.82 5.10 -7.72
C TYR A 88 3.94 3.93 -7.29
N ALA A 89 4.35 2.72 -7.61
CA ALA A 89 3.56 1.52 -7.21
C ALA A 89 4.46 0.50 -6.51
N ASP A 90 3.94 -0.64 -6.10
CA ASP A 90 4.79 -1.66 -5.42
C ASP A 90 4.59 -3.04 -6.04
N LYS A 91 5.65 -3.68 -6.50
CA LYS A 91 5.50 -5.05 -7.11
C LYS A 91 5.25 -6.09 -6.00
N LEU A 92 5.88 -5.94 -4.85
CA LEU A 92 5.65 -6.94 -3.75
C LEU A 92 4.17 -6.96 -3.36
N LEU A 93 3.54 -5.80 -3.23
CA LEU A 93 2.08 -5.80 -2.87
C LEU A 93 1.28 -6.39 -4.04
N ILE A 94 1.54 -5.93 -5.26
CA ILE A 94 0.80 -6.52 -6.43
C ILE A 94 1.07 -8.03 -6.49
N ALA A 95 2.30 -8.45 -6.22
CA ALA A 95 2.60 -9.92 -6.24
C ALA A 95 1.75 -10.64 -5.16
N LYS A 96 1.59 -10.03 -4.00
CA LYS A 96 0.75 -10.70 -2.93
C LYS A 96 -0.67 -10.93 -3.47
N TRP A 97 -1.26 -9.96 -4.12
CA TRP A 97 -2.65 -10.16 -4.67
C TRP A 97 -2.63 -11.25 -5.75
N ARG A 98 -1.63 -11.23 -6.61
CA ARG A 98 -1.56 -12.28 -7.69
C ARG A 98 -1.34 -13.68 -7.07
N LYS A 99 -0.65 -13.78 -5.95
CA LYS A 99 -0.41 -15.14 -5.32
C LYS A 99 -1.76 -15.85 -5.09
N THR A 100 -1.73 -17.03 -4.49
CA THR A 100 -3.02 -17.76 -4.24
C THR A 100 -3.34 -17.72 -2.74
N GLY A 101 -4.58 -17.41 -2.38
CA GLY A 101 -4.95 -17.35 -0.93
C GLY A 101 -4.97 -15.89 -0.43
N TYR A 102 -4.76 -14.90 -1.28
CA TYR A 102 -4.79 -13.47 -0.79
C TYR A 102 -6.03 -12.76 -1.33
N GLU A 103 -7.19 -13.37 -1.26
CA GLU A 103 -8.43 -12.70 -1.78
C GLU A 103 -8.67 -11.38 -1.01
N LYS A 104 -8.45 -11.38 0.28
CA LYS A 104 -8.67 -10.13 1.07
C LYS A 104 -7.33 -9.65 1.66
N LEU A 105 -6.71 -8.64 1.07
CA LEU A 105 -5.41 -8.13 1.59
C LEU A 105 -5.41 -6.59 1.56
N CYS A 106 -4.86 -5.94 2.56
CA CYS A 106 -4.86 -4.44 2.58
C CYS A 106 -3.43 -3.85 2.43
N CYS A 107 -2.40 -4.44 3.03
CA CYS A 107 -1.02 -3.85 2.87
C CYS A 107 0.03 -4.97 2.77
N LEU A 108 1.31 -4.63 2.83
CA LEU A 108 2.37 -5.69 2.76
C LEU A 108 2.83 -6.09 4.17
N ARG A 109 2.95 -5.14 5.09
CA ARG A 109 3.36 -5.50 6.49
C ARG A 109 2.11 -5.53 7.41
N CYS A 110 0.95 -5.83 6.86
CA CYS A 110 -0.32 -5.86 7.67
C CYS A 110 -1.02 -7.25 7.46
N ILE A 111 -0.32 -8.25 6.92
CA ILE A 111 -0.95 -9.60 6.68
C ILE A 111 0.14 -10.68 6.51
N GLN A 112 1.23 -10.62 7.25
CA GLN A 112 2.30 -11.66 7.08
C GLN A 112 2.68 -12.31 8.42
N LYS A 113 3.01 -13.59 8.41
CA LYS A 113 3.40 -14.27 9.68
C LYS A 113 4.82 -14.85 9.56
N ASN A 114 5.07 -15.70 8.58
CA ASN A 114 6.44 -16.30 8.40
C ASN A 114 6.95 -16.94 9.72
N GLU A 115 6.06 -17.42 10.57
CA GLU A 115 6.53 -18.04 11.85
C GLU A 115 5.52 -19.11 12.31
N THR A 116 5.69 -19.64 13.51
CA THR A 116 4.74 -20.68 14.01
C THR A 116 4.15 -20.25 15.36
N ASN A 117 2.86 -20.45 15.57
CA ASN A 117 2.22 -20.05 16.87
C ASN A 117 2.27 -18.53 17.08
N ASN A 118 3.43 -17.97 17.33
CA ASN A 118 3.53 -16.49 17.53
C ASN A 118 4.61 -15.89 16.61
N GLY A 119 4.22 -15.08 15.65
CA GLY A 119 5.24 -14.47 14.73
C GLY A 119 5.00 -12.96 14.62
N SER A 120 5.23 -12.38 13.46
CA SER A 120 5.00 -10.92 13.30
C SER A 120 3.90 -10.65 12.27
N THR A 121 2.65 -10.59 12.69
CA THR A 121 1.54 -10.34 11.72
C THR A 121 0.58 -9.28 12.27
N CYS A 122 -0.35 -8.81 11.47
CA CYS A 122 -1.32 -7.79 11.97
C CYS A 122 -2.62 -8.50 12.38
N ILE A 123 -3.41 -7.93 13.27
CA ILE A 123 -4.68 -8.63 13.68
C ILE A 123 -5.79 -8.47 12.63
N CYS A 124 -5.82 -7.41 11.85
CA CYS A 124 -6.93 -7.27 10.83
C CYS A 124 -6.97 -8.51 9.92
N ARG A 125 -5.82 -9.09 9.59
CA ARG A 125 -5.83 -10.33 8.74
C ARG A 125 -6.66 -11.43 9.45
N VAL A 126 -6.72 -11.42 10.77
CA VAL A 126 -7.52 -12.46 11.52
C VAL A 126 -9.03 -12.18 11.37
N PRO A 127 -9.75 -13.10 10.77
CA PRO A 127 -11.22 -12.92 10.61
C PRO A 127 -11.92 -12.89 11.98
N ARG A 128 -13.18 -12.51 12.04
CA ARG A 128 -13.89 -12.47 13.37
C ARG A 128 -14.24 -13.90 13.82
N ALA A 129 -14.65 -14.77 12.91
CA ALA A 129 -15.01 -16.18 13.32
C ALA A 129 -13.81 -16.85 14.00
N GLN A 130 -12.61 -16.65 13.49
CA GLN A 130 -11.41 -17.29 14.13
C GLN A 130 -11.19 -16.68 15.52
N LEU A 131 -11.35 -15.38 15.68
CA LEU A 131 -11.15 -14.77 17.03
C LEU A 131 -12.22 -15.30 18.00
N GLU A 132 -13.45 -15.44 17.54
CA GLU A 132 -14.53 -15.97 18.46
C GLU A 132 -14.16 -17.37 18.97
N GLU A 133 -13.59 -18.21 18.13
CA GLU A 133 -13.22 -19.59 18.60
C GLU A 133 -12.15 -19.50 19.69
N GLU A 134 -11.20 -18.60 19.56
CA GLU A 134 -10.13 -18.49 20.63
C GLU A 134 -10.76 -18.02 21.95
N ALA A 135 -11.68 -17.09 21.91
CA ALA A 135 -12.32 -16.62 23.19
C ALA A 135 -13.14 -17.77 23.81
N ARG A 136 -13.86 -18.53 23.00
CA ARG A 136 -14.67 -19.67 23.57
C ARG A 136 -13.74 -20.69 24.25
N LYS A 137 -12.53 -20.87 23.75
CA LYS A 137 -11.60 -21.87 24.40
C LYS A 137 -10.93 -21.26 25.65
N LYS A 138 -10.73 -19.97 25.70
CA LYS A 138 -10.08 -19.37 26.93
C LYS A 138 -11.11 -18.80 27.91
N GLY A 139 -12.36 -19.23 27.87
CA GLY A 139 -13.39 -18.71 28.82
C GLY A 139 -13.41 -17.17 28.80
N THR A 140 -13.42 -16.56 27.63
CA THR A 140 -13.45 -15.07 27.56
C THR A 140 -14.18 -14.60 26.30
N GLN A 141 -14.04 -13.34 25.92
CA GLN A 141 -14.75 -12.84 24.70
C GLN A 141 -13.79 -12.02 23.84
N VAL A 142 -14.12 -11.79 22.57
CA VAL A 142 -13.21 -11.00 21.69
C VAL A 142 -14.02 -10.27 20.60
N SER A 143 -13.47 -9.26 19.98
CA SER A 143 -14.23 -8.52 18.91
C SER A 143 -13.31 -7.53 18.16
N PHE A 144 -13.01 -7.81 16.90
CA PHE A 144 -12.13 -6.88 16.12
C PHE A 144 -12.95 -6.08 15.10
N HIS A 145 -12.43 -4.95 14.66
CA HIS A 145 -13.16 -4.13 13.65
C HIS A 145 -12.14 -3.61 12.61
N GLN A 146 -11.17 -2.85 13.05
CA GLN A 146 -10.12 -2.33 12.12
C GLN A 146 -8.78 -2.21 12.87
N CYS A 147 -7.66 -2.38 12.20
CA CYS A 147 -6.35 -2.27 12.92
C CYS A 147 -5.77 -0.85 12.84
N VAL A 148 -4.93 -0.47 13.78
CA VAL A 148 -4.36 0.92 13.76
C VAL A 148 -3.30 1.09 12.65
N HIS A 149 -2.64 0.02 12.22
CA HIS A 149 -1.59 0.16 11.12
C HIS A 149 -2.16 0.97 9.94
N CYS A 150 -3.31 0.58 9.41
CA CYS A 150 -3.90 1.32 8.27
C CYS A 150 -5.42 1.54 8.50
N GLY A 151 -6.15 1.90 7.47
CA GLY A 151 -7.62 2.08 7.63
C GLY A 151 -8.31 0.82 7.07
N CYS A 152 -8.05 -0.32 7.66
CA CYS A 152 -8.67 -1.59 7.16
C CYS A 152 -9.82 -2.01 8.09
N ARG A 153 -10.94 -2.44 7.53
CA ARG A 153 -12.09 -2.87 8.41
C ARG A 153 -12.04 -4.40 8.59
N GLY A 154 -10.92 -4.94 9.02
CA GLY A 154 -10.82 -6.41 9.21
C GLY A 154 -10.83 -7.12 7.86
N CYS A 155 -9.66 -7.47 7.33
CA CYS A 155 -9.62 -8.18 6.02
C CYS A 155 -9.24 -9.66 6.23
N ALA A 156 -10.04 -10.59 5.73
CA ALA A 156 -9.72 -12.04 5.92
C ALA A 156 -10.01 -12.80 4.62
N SER A 157 -9.15 -13.71 4.23
CA SER A 157 -9.42 -14.48 2.96
C SER A 157 -9.80 -15.93 3.28
N THR A 158 -9.03 -16.62 4.10
CA THR A 158 -9.39 -18.06 4.44
C THR A 158 -10.78 -18.12 5.07
N ASP A 159 -11.11 -17.18 5.94
CA ASP A 159 -12.45 -17.19 6.59
C ASP A 159 -12.95 -15.76 6.83
ZN ZN B . -3.41 -2.91 6.34
ZN ZN C . -6.21 -5.60 6.73
ZN ZN D . -3.80 -4.61 9.64
#